data_2Q40
#
_entry.id   2Q40
#
_cell.length_a   40.174
_cell.length_b   43.280
_cell.length_c   52.644
_cell.angle_alpha   74.570
_cell.angle_beta   74.600
_cell.angle_gamma   84.040
#
_symmetry.space_group_name_H-M   'P 1'
#
loop_
_entity.id
_entity.type
_entity.pdbx_description
1 polymer 'Protein At2g17340'
2 non-polymer 'MAGNESIUM ION'
3 water water
#
_entity_poly.entity_id   1
_entity_poly.type   'polypeptide(L)'
_entity_poly.pdbx_seq_one_letter_code
;SESDSEMVPFPQLPMPIENNYRACTIPYRFPSDDPKKATPNEISWINVFANSIPSFKKRAESDITVPDAPARAEKFAERY
AGILEDLKKDPESHGGPPDGILLCRLREQVLRELGFRDIFKKVKDEENAKAISLFPQVVSLSDAIEDDGKRLENLVRGIF
AGNIFDLGSAQLAEVFSRDGMSFLASCQNLVPRPWVIDDLENFQAKWINKSWKKAVIFVDNSGADIILGILPFARELLRR
GAQVVLAANELPSINDITCTELTEILSQLKDENGQLLGVDTSKLLIANSGNDLPVIDLSRVSQELAYLSSDADLVIVEGM
GRGIETNLYAQFKCDSLKIGMVKHLEVAEFLGGRLYDCVFKFNEVQS
;
_entity_poly.pdbx_strand_id   A
#
loop_
_chem_comp.id
_chem_comp.type
_chem_comp.name
_chem_comp.formula
MG non-polymer 'MAGNESIUM ION' 'Mg 2'
#
# COMPACT_ATOMS: atom_id res chain seq x y z
N GLU A 6 1.30 -17.30 15.79
CA GLU A 6 2.27 -16.88 14.74
C GLU A 6 2.22 -15.35 14.58
N MET A 7 1.09 -14.85 14.08
CA MET A 7 0.91 -13.41 13.88
C MET A 7 0.34 -12.80 15.16
N VAL A 8 0.60 -11.51 15.33
CA VAL A 8 0.10 -10.79 16.50
C VAL A 8 -0.48 -9.45 16.05
N PRO A 9 -1.39 -8.87 16.84
CA PRO A 9 -2.03 -7.59 16.55
C PRO A 9 -1.08 -6.41 16.54
N PHE A 10 -1.14 -5.58 15.50
CA PHE A 10 -0.29 -4.39 15.43
C PHE A 10 -0.46 -3.66 16.77
N PRO A 11 0.66 -3.35 17.46
CA PRO A 11 0.62 -2.69 18.76
C PRO A 11 -0.15 -1.39 18.93
N GLN A 12 -0.31 -0.63 17.85
CA GLN A 12 -1.04 0.62 17.95
C GLN A 12 -2.56 0.50 17.80
N LEU A 13 -3.05 -0.73 17.65
CA LEU A 13 -4.49 -0.95 17.58
C LEU A 13 -5.03 -1.10 19.01
N PRO A 14 -5.90 -0.18 19.46
CA PRO A 14 -6.46 -0.26 20.83
C PRO A 14 -7.09 -1.63 21.07
N MET A 15 -6.88 -2.17 22.27
CA MET A 15 -7.42 -3.48 22.62
C MET A 15 -8.74 -3.28 23.40
N PRO A 16 -9.69 -4.21 23.26
CA PRO A 16 -9.66 -5.42 22.44
C PRO A 16 -9.98 -5.08 20.98
N ILE A 17 -9.41 -5.82 20.05
CA ILE A 17 -9.64 -5.58 18.63
C ILE A 17 -10.81 -6.42 18.13
N GLU A 18 -11.14 -7.49 18.87
CA GLU A 18 -12.24 -8.36 18.50
C GLU A 18 -13.55 -7.58 18.42
N ASN A 19 -14.33 -7.87 17.38
CA ASN A 19 -15.62 -7.22 17.18
C ASN A 19 -15.52 -5.69 17.10
N ASN A 20 -14.31 -5.18 16.89
CA ASN A 20 -14.10 -3.74 16.78
C ASN A 20 -13.30 -3.42 15.52
N TYR A 21 -12.06 -3.90 15.44
CA TYR A 21 -11.27 -3.67 14.24
C TYR A 21 -11.77 -4.61 13.15
N ARG A 22 -12.05 -4.06 11.98
CA ARG A 22 -12.48 -4.85 10.82
C ARG A 22 -11.60 -4.27 9.73
N ALA A 23 -10.69 -5.07 9.20
CA ALA A 23 -9.75 -4.58 8.19
C ALA A 23 -10.41 -3.94 6.95
N CYS A 24 -11.42 -4.61 6.41
CA CYS A 24 -12.09 -4.13 5.20
C CYS A 24 -12.76 -2.78 5.39
N THR A 25 -12.81 -1.99 4.33
CA THR A 25 -13.40 -0.66 4.45
C THR A 25 -14.80 -0.56 3.88
N ILE A 26 -15.06 -1.35 2.85
CA ILE A 26 -16.35 -1.31 2.18
C ILE A 26 -17.13 -2.62 2.32
N PRO A 27 -18.28 -2.59 3.00
CA PRO A 27 -19.06 -3.83 3.15
C PRO A 27 -19.87 -4.09 1.88
N TYR A 28 -20.01 -5.35 1.48
CA TYR A 28 -20.81 -5.65 0.29
C TYR A 28 -22.05 -6.42 0.70
N ARG A 29 -22.15 -6.72 1.99
CA ARG A 29 -23.27 -7.51 2.51
C ARG A 29 -23.64 -7.18 3.96
N PHE A 30 -24.94 -7.21 4.26
CA PHE A 30 -25.43 -6.98 5.62
C PHE A 30 -26.03 -8.31 6.07
N PRO A 31 -26.07 -8.56 7.39
CA PRO A 31 -26.63 -9.79 7.96
C PRO A 31 -28.03 -10.12 7.42
N SER A 32 -28.82 -9.08 7.16
CA SER A 32 -30.18 -9.26 6.66
C SER A 32 -30.28 -9.78 5.24
N ASP A 33 -29.18 -9.76 4.49
CA ASP A 33 -29.24 -10.23 3.11
C ASP A 33 -29.34 -11.76 3.01
N ASP A 34 -30.00 -12.23 1.96
CA ASP A 34 -30.15 -13.67 1.73
C ASP A 34 -28.76 -14.26 1.59
N PRO A 35 -28.40 -15.22 2.46
CA PRO A 35 -27.08 -15.83 2.38
C PRO A 35 -26.76 -16.70 1.16
N LYS A 36 -27.78 -17.09 0.40
CA LYS A 36 -27.60 -17.94 -0.76
C LYS A 36 -27.64 -17.20 -2.11
N LYS A 37 -27.72 -15.88 -2.08
CA LYS A 37 -27.74 -15.08 -3.30
C LYS A 37 -26.72 -13.94 -3.21
N ALA A 38 -25.88 -13.82 -4.23
CA ALA A 38 -24.88 -12.75 -4.23
C ALA A 38 -25.55 -11.38 -4.29
N THR A 39 -25.05 -10.43 -3.51
CA THR A 39 -25.61 -9.08 -3.49
C THR A 39 -25.10 -8.29 -4.69
N PRO A 40 -25.84 -7.25 -5.11
CA PRO A 40 -25.43 -6.42 -6.24
C PRO A 40 -23.99 -5.97 -6.07
N ASN A 41 -23.66 -5.55 -4.86
CA ASN A 41 -22.32 -5.08 -4.54
C ASN A 41 -21.27 -6.17 -4.67
N GLU A 42 -21.48 -7.31 -4.02
CA GLU A 42 -20.51 -8.41 -4.15
C GLU A 42 -20.32 -8.64 -5.64
N ILE A 43 -21.42 -8.77 -6.36
CA ILE A 43 -21.37 -9.02 -7.80
C ILE A 43 -20.51 -7.99 -8.53
N SER A 44 -20.71 -6.72 -8.22
CA SER A 44 -19.94 -5.66 -8.88
C SER A 44 -18.50 -5.62 -8.42
N TRP A 45 -18.22 -6.05 -7.19
CA TRP A 45 -16.87 -6.03 -6.70
C TRP A 45 -16.03 -7.18 -7.23
N ILE A 46 -16.67 -8.31 -7.48
CA ILE A 46 -15.95 -9.44 -8.04
C ILE A 46 -15.52 -9.03 -9.46
N ASN A 47 -16.31 -8.17 -10.11
CA ASN A 47 -15.96 -7.70 -11.46
C ASN A 47 -14.61 -6.96 -11.40
N VAL A 48 -14.36 -6.27 -10.28
CA VAL A 48 -13.08 -5.57 -10.11
C VAL A 48 -11.96 -6.62 -10.14
N PHE A 49 -12.25 -7.81 -9.60
CA PHE A 49 -11.26 -8.86 -9.62
C PHE A 49 -11.29 -9.65 -10.92
N ALA A 50 -12.47 -9.80 -11.52
CA ALA A 50 -12.54 -10.51 -12.80
C ALA A 50 -11.83 -9.67 -13.88
N ASN A 51 -11.95 -8.36 -13.77
CA ASN A 51 -11.30 -7.49 -14.74
C ASN A 51 -9.80 -7.37 -14.47
N SER A 52 -9.31 -8.04 -13.43
CA SER A 52 -7.88 -8.01 -13.14
C SER A 52 -7.16 -9.15 -13.85
N ILE A 53 -7.90 -10.19 -14.21
CA ILE A 53 -7.30 -11.36 -14.87
C ILE A 53 -6.56 -11.06 -16.19
N PRO A 54 -7.28 -10.58 -17.23
CA PRO A 54 -6.55 -10.30 -18.48
C PRO A 54 -5.17 -9.65 -18.29
N SER A 55 -5.05 -8.75 -17.32
CA SER A 55 -3.78 -8.07 -17.06
C SER A 55 -2.81 -8.92 -16.21
N PHE A 56 -3.34 -9.85 -15.43
CA PHE A 56 -2.50 -10.72 -14.61
C PHE A 56 -2.03 -11.90 -15.48
N LYS A 57 -2.92 -12.41 -16.32
CA LYS A 57 -2.57 -13.54 -17.19
C LYS A 57 -1.46 -13.13 -18.15
N LYS A 58 -1.13 -11.84 -18.19
CA LYS A 58 -0.09 -11.36 -19.09
C LYS A 58 1.27 -11.37 -18.40
N ARG A 59 1.33 -10.77 -17.22
CA ARG A 59 2.56 -10.68 -16.44
C ARG A 59 2.98 -12.08 -16.01
N ALA A 60 2.08 -13.04 -16.19
CA ALA A 60 2.34 -14.43 -15.82
C ALA A 60 2.72 -15.30 -17.02
N GLU A 61 2.04 -15.08 -18.14
CA GLU A 61 2.29 -15.87 -19.34
C GLU A 61 3.63 -15.52 -19.98
N SER A 62 4.05 -14.27 -19.81
CA SER A 62 5.32 -13.85 -20.39
C SER A 62 6.43 -13.93 -19.35
N ASP A 63 6.15 -14.59 -18.23
CA ASP A 63 7.15 -14.76 -17.17
C ASP A 63 8.10 -15.86 -17.65
N ILE A 64 9.16 -15.45 -18.34
CA ILE A 64 10.11 -16.40 -18.90
C ILE A 64 10.85 -17.25 -17.87
N THR A 65 10.81 -16.87 -16.59
CA THR A 65 11.48 -17.65 -15.57
C THR A 65 10.72 -18.93 -15.32
N VAL A 66 9.44 -18.94 -15.71
CA VAL A 66 8.59 -20.09 -15.53
C VAL A 66 8.54 -20.88 -16.85
N PRO A 67 8.83 -22.18 -16.78
CA PRO A 67 8.80 -22.97 -18.02
C PRO A 67 7.36 -23.23 -18.45
N ASP A 68 7.06 -23.00 -19.72
CA ASP A 68 5.71 -23.25 -20.23
C ASP A 68 4.73 -22.27 -19.56
N ALA A 69 5.20 -21.05 -19.36
CA ALA A 69 4.39 -20.00 -18.72
C ALA A 69 3.02 -19.77 -19.40
N PRO A 70 3.00 -19.63 -20.74
CA PRO A 70 1.74 -19.40 -21.44
C PRO A 70 0.62 -20.39 -21.08
N ALA A 71 0.94 -21.67 -21.01
CA ALA A 71 -0.06 -22.68 -20.67
C ALA A 71 -0.53 -22.49 -19.23
N ARG A 72 0.43 -22.32 -18.33
CA ARG A 72 0.12 -22.12 -16.92
C ARG A 72 -0.72 -20.88 -16.66
N ALA A 73 -0.52 -19.84 -17.46
CA ALA A 73 -1.28 -18.60 -17.30
C ALA A 73 -2.74 -18.87 -17.62
N GLU A 74 -2.98 -19.84 -18.51
CA GLU A 74 -4.34 -20.22 -18.87
C GLU A 74 -4.98 -20.89 -17.66
N LYS A 75 -4.22 -21.76 -16.99
CA LYS A 75 -4.71 -22.44 -15.80
C LYS A 75 -5.03 -21.38 -14.74
N PHE A 76 -4.30 -20.28 -14.77
CA PHE A 76 -4.55 -19.19 -13.82
C PHE A 76 -5.89 -18.53 -14.14
N ALA A 77 -5.99 -17.96 -15.33
CA ALA A 77 -7.22 -17.27 -15.73
C ALA A 77 -8.42 -18.18 -15.51
N GLU A 78 -8.28 -19.44 -15.91
CA GLU A 78 -9.34 -20.44 -15.77
C GLU A 78 -9.77 -20.68 -14.33
N ARG A 79 -8.81 -21.05 -13.48
CA ARG A 79 -9.14 -21.34 -12.08
C ARG A 79 -9.64 -20.11 -11.33
N TYR A 80 -9.07 -18.95 -11.62
CA TYR A 80 -9.50 -17.74 -10.91
C TYR A 80 -10.91 -17.32 -11.36
N ALA A 81 -11.17 -17.33 -12.66
CA ALA A 81 -12.51 -16.97 -13.15
C ALA A 81 -13.53 -17.94 -12.57
N GLY A 82 -13.20 -19.22 -12.57
CA GLY A 82 -14.12 -20.22 -12.04
C GLY A 82 -14.51 -19.96 -10.58
N ILE A 83 -13.52 -19.62 -9.77
CA ILE A 83 -13.73 -19.33 -8.35
C ILE A 83 -14.66 -18.12 -8.23
N LEU A 84 -14.37 -17.12 -9.05
CA LEU A 84 -15.19 -15.90 -9.05
C LEU A 84 -16.65 -16.22 -9.41
N GLU A 85 -16.85 -17.18 -10.31
CA GLU A 85 -18.21 -17.59 -10.68
C GLU A 85 -18.79 -18.39 -9.52
N ASP A 86 -17.97 -19.21 -8.87
CA ASP A 86 -18.47 -19.96 -7.71
C ASP A 86 -19.06 -19.01 -6.67
N LEU A 87 -18.33 -17.93 -6.37
CA LEU A 87 -18.77 -16.95 -5.38
C LEU A 87 -20.07 -16.23 -5.79
N LYS A 88 -20.22 -15.90 -7.06
CA LYS A 88 -21.45 -15.24 -7.51
C LYS A 88 -22.63 -16.21 -7.34
N LYS A 89 -22.39 -17.51 -7.48
CA LYS A 89 -23.47 -18.50 -7.35
C LYS A 89 -23.74 -18.94 -5.91
N ASP A 90 -22.68 -19.00 -5.10
CA ASP A 90 -22.81 -19.41 -3.71
C ASP A 90 -21.75 -18.65 -2.90
N PRO A 91 -22.11 -17.45 -2.45
CA PRO A 91 -21.22 -16.59 -1.66
C PRO A 91 -20.69 -17.22 -0.38
N GLU A 92 -21.17 -18.41 -0.04
CA GLU A 92 -20.72 -19.06 1.19
C GLU A 92 -19.53 -19.99 0.99
N SER A 93 -19.23 -20.33 -0.26
CA SER A 93 -18.10 -21.21 -0.54
C SER A 93 -16.80 -20.43 -0.59
N HIS A 94 -15.70 -21.15 -0.73
CA HIS A 94 -14.37 -20.55 -0.79
C HIS A 94 -14.06 -19.63 0.40
N GLY A 95 -14.77 -19.86 1.49
CA GLY A 95 -14.54 -19.05 2.69
C GLY A 95 -15.33 -17.76 2.77
N GLY A 96 -16.37 -17.65 1.95
CA GLY A 96 -17.18 -16.45 1.95
C GLY A 96 -18.12 -16.36 3.15
N PRO A 97 -18.93 -15.29 3.26
CA PRO A 97 -19.08 -14.13 2.35
C PRO A 97 -17.74 -13.51 1.97
N PRO A 98 -17.61 -13.07 0.71
CA PRO A 98 -16.30 -12.50 0.39
C PRO A 98 -16.10 -11.03 0.67
N ASP A 99 -14.87 -10.69 1.04
CA ASP A 99 -14.50 -9.30 1.25
C ASP A 99 -13.28 -9.07 0.37
N GLY A 100 -12.73 -7.85 0.39
CA GLY A 100 -11.58 -7.59 -0.44
C GLY A 100 -10.37 -8.47 -0.15
N ILE A 101 -10.16 -8.77 1.12
CA ILE A 101 -9.02 -9.60 1.49
C ILE A 101 -9.13 -10.99 0.85
N LEU A 102 -10.31 -11.62 0.94
CA LEU A 102 -10.47 -12.95 0.37
C LEU A 102 -10.25 -12.96 -1.14
N LEU A 103 -10.84 -12.00 -1.84
CA LEU A 103 -10.69 -11.94 -3.28
C LEU A 103 -9.22 -11.79 -3.68
N CYS A 104 -8.48 -10.95 -2.95
CA CYS A 104 -7.06 -10.77 -3.24
C CYS A 104 -6.30 -12.07 -3.02
N ARG A 105 -6.61 -12.74 -1.91
CA ARG A 105 -5.93 -13.99 -1.57
C ARG A 105 -6.19 -15.09 -2.59
N LEU A 106 -7.42 -15.17 -3.09
CA LEU A 106 -7.73 -16.19 -4.09
C LEU A 106 -6.91 -15.95 -5.36
N ARG A 107 -6.61 -14.69 -5.67
CA ARG A 107 -5.84 -14.41 -6.87
C ARG A 107 -4.39 -14.88 -6.68
N GLU A 108 -3.81 -14.56 -5.53
CA GLU A 108 -2.45 -14.96 -5.22
C GLU A 108 -2.31 -16.47 -5.12
N GLN A 109 -3.39 -17.13 -4.69
CA GLN A 109 -3.34 -18.58 -4.53
C GLN A 109 -3.40 -19.32 -5.84
N VAL A 110 -4.24 -18.88 -6.76
CA VAL A 110 -4.32 -19.56 -8.05
C VAL A 110 -2.95 -19.49 -8.72
N LEU A 111 -2.32 -18.32 -8.65
CA LEU A 111 -1.01 -18.10 -9.23
C LEU A 111 0.10 -18.91 -8.54
N ARG A 112 0.19 -18.82 -7.23
CA ARG A 112 1.25 -19.52 -6.51
C ARG A 112 1.17 -21.03 -6.66
N GLU A 113 -0.05 -21.57 -6.59
CA GLU A 113 -0.21 -23.02 -6.73
C GLU A 113 0.40 -23.49 -8.05
N LEU A 114 0.34 -22.62 -9.04
CA LEU A 114 0.89 -22.89 -10.37
C LEU A 114 2.41 -22.77 -10.39
N GLY A 115 2.98 -22.36 -9.26
CA GLY A 115 4.43 -22.25 -9.17
C GLY A 115 5.03 -20.86 -9.24
N PHE A 116 4.18 -19.84 -9.19
CA PHE A 116 4.66 -18.46 -9.23
C PHE A 116 4.99 -17.93 -7.83
N ARG A 117 6.04 -17.11 -7.76
CA ARG A 117 6.48 -16.53 -6.49
C ARG A 117 6.60 -15.01 -6.58
N ASP A 118 7.11 -14.53 -7.71
CA ASP A 118 7.22 -13.09 -7.96
C ASP A 118 7.00 -12.81 -9.44
N ILE A 119 5.74 -12.89 -9.86
CA ILE A 119 5.43 -12.65 -11.26
C ILE A 119 5.66 -11.21 -11.69
N PHE A 120 5.89 -10.34 -10.73
CA PHE A 120 6.16 -8.95 -11.04
C PHE A 120 7.64 -8.75 -10.76
N LYS A 121 8.50 -9.36 -11.57
CA LYS A 121 9.93 -9.19 -11.35
C LYS A 121 10.59 -8.23 -12.32
N LYS A 122 10.45 -8.50 -13.62
CA LYS A 122 11.08 -7.62 -14.58
C LYS A 122 10.51 -6.21 -14.44
N VAL A 123 9.25 -6.11 -14.04
CA VAL A 123 8.59 -4.82 -13.85
C VAL A 123 9.22 -4.07 -12.67
N LYS A 124 9.25 -4.72 -11.50
CA LYS A 124 9.84 -4.11 -10.30
C LYS A 124 11.30 -3.74 -10.58
N ASP A 125 12.00 -4.58 -11.34
CA ASP A 125 13.40 -4.28 -11.63
C ASP A 125 13.59 -3.02 -12.46
N GLU A 126 12.80 -2.87 -13.51
CA GLU A 126 12.93 -1.69 -14.35
C GLU A 126 12.36 -0.51 -13.57
N GLU A 127 11.43 -0.80 -12.67
CA GLU A 127 10.82 0.27 -11.87
C GLU A 127 11.90 0.91 -11.03
N ASN A 128 12.50 0.13 -10.15
CA ASN A 128 13.55 0.67 -9.31
C ASN A 128 14.64 1.17 -10.25
N ALA A 129 14.84 0.45 -11.35
CA ALA A 129 15.85 0.81 -12.36
C ALA A 129 15.79 2.27 -12.73
N LYS A 130 14.62 2.73 -13.14
CA LYS A 130 14.45 4.12 -13.53
C LYS A 130 14.41 5.03 -12.33
N ALA A 131 13.70 4.61 -11.29
CA ALA A 131 13.60 5.46 -10.10
C ALA A 131 14.99 5.73 -9.54
N ILE A 132 15.81 4.70 -9.43
CA ILE A 132 17.16 4.88 -8.88
C ILE A 132 17.96 5.94 -9.64
N SER A 133 17.69 6.08 -10.94
CA SER A 133 18.39 7.07 -11.75
C SER A 133 17.80 8.47 -11.60
N LEU A 134 16.87 8.63 -10.67
CA LEU A 134 16.26 9.94 -10.47
C LEU A 134 16.16 10.37 -9.02
N PHE A 135 16.69 9.56 -8.10
CA PHE A 135 16.57 9.89 -6.69
C PHE A 135 17.30 11.20 -6.30
N PRO A 136 18.58 11.34 -6.66
CA PRO A 136 19.28 12.58 -6.29
C PRO A 136 18.59 13.86 -6.75
N GLN A 137 18.07 13.84 -7.97
CA GLN A 137 17.38 15.01 -8.53
C GLN A 137 16.12 15.35 -7.73
N VAL A 138 15.33 14.32 -7.44
CA VAL A 138 14.10 14.52 -6.69
C VAL A 138 14.39 14.95 -5.27
N VAL A 139 15.40 14.33 -4.66
CA VAL A 139 15.78 14.70 -3.28
C VAL A 139 16.35 16.11 -3.18
N SER A 140 17.27 16.48 -4.08
CA SER A 140 17.89 17.81 -4.02
C SER A 140 16.83 18.91 -3.96
N LEU A 141 15.83 18.78 -4.83
CA LEU A 141 14.75 19.76 -4.88
C LEU A 141 14.16 19.99 -3.50
N SER A 142 13.51 18.98 -2.94
CA SER A 142 12.91 19.13 -1.61
C SER A 142 13.82 19.85 -0.64
N ASP A 143 15.11 19.56 -0.70
CA ASP A 143 16.06 20.21 0.18
C ASP A 143 16.15 21.68 -0.15
N ALA A 144 16.10 21.99 -1.44
CA ALA A 144 16.19 23.38 -1.91
C ALA A 144 15.01 24.19 -1.39
N ILE A 145 13.97 23.50 -0.91
CA ILE A 145 12.81 24.20 -0.35
C ILE A 145 13.14 24.56 1.09
N GLU A 146 13.47 25.83 1.30
CA GLU A 146 13.82 26.33 2.63
C GLU A 146 12.74 26.16 3.69
N ASP A 147 11.49 26.54 3.38
CA ASP A 147 10.46 26.40 4.40
C ASP A 147 10.10 24.95 4.67
N ASP A 148 10.01 24.58 5.93
CA ASP A 148 9.69 23.19 6.27
C ASP A 148 8.29 22.76 5.84
N GLY A 149 7.28 23.56 6.20
CA GLY A 149 5.91 23.22 5.83
C GLY A 149 5.70 23.30 4.34
N LYS A 150 6.23 24.37 3.73
CA LYS A 150 6.10 24.52 2.29
C LYS A 150 6.70 23.27 1.63
N ARG A 151 7.75 22.74 2.26
CA ARG A 151 8.44 21.55 1.78
C ARG A 151 7.61 20.30 2.04
N LEU A 152 7.02 20.21 3.23
CA LEU A 152 6.20 19.06 3.57
C LEU A 152 5.20 18.78 2.48
N GLU A 153 4.57 19.83 1.97
CA GLU A 153 3.59 19.64 0.91
C GLU A 153 4.25 18.98 -0.30
N ASN A 154 5.40 19.51 -0.73
CA ASN A 154 6.10 18.94 -1.88
C ASN A 154 6.23 17.43 -1.73
N LEU A 155 6.76 16.98 -0.60
CA LEU A 155 6.95 15.54 -0.33
C LEU A 155 5.61 14.82 -0.30
N VAL A 156 4.60 15.42 0.32
CA VAL A 156 3.27 14.80 0.35
C VAL A 156 2.74 14.63 -1.07
N ARG A 157 2.92 15.63 -1.94
CA ARG A 157 2.48 15.48 -3.32
C ARG A 157 3.30 14.40 -4.02
N GLY A 158 4.58 14.27 -3.61
CA GLY A 158 5.43 13.24 -4.20
C GLY A 158 4.93 11.85 -3.85
N ILE A 159 4.37 11.69 -2.65
CA ILE A 159 3.84 10.39 -2.24
C ILE A 159 2.70 10.04 -3.19
N PHE A 160 1.80 10.99 -3.41
CA PHE A 160 0.69 10.76 -4.32
C PHE A 160 1.17 10.48 -5.74
N ALA A 161 2.18 11.22 -6.21
CA ALA A 161 2.71 11.00 -7.55
C ALA A 161 3.38 9.63 -7.66
N GLY A 162 4.05 9.20 -6.59
CA GLY A 162 4.67 7.90 -6.62
C GLY A 162 3.67 6.80 -6.97
N ASN A 163 2.38 7.06 -6.73
CA ASN A 163 1.30 6.09 -7.01
C ASN A 163 1.13 5.79 -8.52
N ILE A 164 0.38 6.62 -9.24
CA ILE A 164 0.20 6.39 -10.67
C ILE A 164 1.50 6.31 -11.46
N PHE A 165 2.46 7.18 -11.13
CA PHE A 165 3.74 7.18 -11.83
C PHE A 165 4.84 6.64 -10.93
N MET A 181 6.20 13.73 -19.78
CA MET A 181 5.67 12.78 -18.81
C MET A 181 6.79 12.28 -17.89
N SER A 182 6.59 12.38 -16.58
CA SER A 182 7.58 11.93 -15.61
C SER A 182 7.03 12.06 -14.20
N PHE A 183 7.70 11.41 -13.25
CA PHE A 183 7.31 11.48 -11.84
C PHE A 183 7.19 12.94 -11.42
N LEU A 184 8.19 13.74 -11.74
CA LEU A 184 8.14 15.15 -11.34
C LEU A 184 6.97 15.88 -12.00
N ALA A 185 6.68 15.54 -13.26
CA ALA A 185 5.56 16.17 -13.95
C ALA A 185 4.27 15.72 -13.26
N SER A 186 4.16 14.42 -13.02
CA SER A 186 2.97 13.88 -12.35
C SER A 186 2.79 14.48 -10.95
N CYS A 187 3.88 14.97 -10.37
CA CYS A 187 3.81 15.58 -9.03
C CYS A 187 3.03 16.90 -9.04
N GLN A 188 3.02 17.60 -10.16
CA GLN A 188 2.35 18.88 -10.23
C GLN A 188 1.00 18.82 -10.96
N ASN A 189 0.51 17.61 -11.20
CA ASN A 189 -0.74 17.47 -11.91
C ASN A 189 -1.78 16.57 -11.22
N LEU A 190 -1.85 16.64 -9.90
CA LEU A 190 -2.82 15.84 -9.15
C LEU A 190 -4.19 16.50 -9.24
N VAL A 191 -5.24 15.75 -8.96
CA VAL A 191 -6.59 16.33 -9.00
C VAL A 191 -6.60 17.53 -8.03
N PRO A 192 -7.36 18.57 -8.38
CA PRO A 192 -7.45 19.78 -7.54
C PRO A 192 -7.97 19.57 -6.13
N ARG A 193 -7.52 20.43 -5.21
CA ARG A 193 -7.97 20.36 -3.83
C ARG A 193 -9.23 21.20 -3.71
N PRO A 194 -10.05 20.97 -2.69
CA PRO A 194 -9.86 19.98 -1.61
C PRO A 194 -9.86 18.53 -2.11
N TRP A 195 -8.88 17.76 -1.63
CA TRP A 195 -8.82 16.35 -2.02
C TRP A 195 -9.94 15.60 -1.30
N VAL A 196 -10.36 14.46 -1.82
CA VAL A 196 -11.44 13.67 -1.23
C VAL A 196 -11.42 13.80 0.29
N ILE A 197 -10.34 13.34 0.91
CA ILE A 197 -10.15 13.52 2.36
C ILE A 197 -8.90 14.41 2.38
N ASP A 198 -9.02 15.56 3.03
CA ASP A 198 -7.92 16.54 3.03
C ASP A 198 -7.59 17.07 4.42
N ASP A 199 -6.78 16.33 5.15
CA ASP A 199 -6.39 16.71 6.51
C ASP A 199 -4.97 17.26 6.53
N LEU A 200 -4.48 17.71 5.38
CA LEU A 200 -3.12 18.22 5.28
C LEU A 200 -2.83 19.43 6.18
N GLU A 201 -3.76 20.38 6.23
CA GLU A 201 -3.57 21.57 7.06
C GLU A 201 -3.36 21.16 8.52
N ASN A 202 -4.25 20.32 9.04
CA ASN A 202 -4.12 19.89 10.43
C ASN A 202 -2.84 19.12 10.67
N PHE A 203 -2.37 18.41 9.66
CA PHE A 203 -1.16 17.62 9.78
C PHE A 203 0.09 18.49 9.75
N GLN A 204 0.09 19.45 8.84
CA GLN A 204 1.23 20.36 8.71
C GLN A 204 1.40 21.16 9.99
N ALA A 205 0.28 21.50 10.62
CA ALA A 205 0.32 22.26 11.86
C ALA A 205 1.13 21.50 12.91
N LYS A 206 0.82 20.22 13.10
CA LYS A 206 1.56 19.43 14.08
C LYS A 206 3.00 19.12 13.65
N TRP A 207 3.18 18.92 12.35
CA TRP A 207 4.50 18.64 11.77
C TRP A 207 5.51 19.73 12.15
N ILE A 208 5.05 20.98 12.17
CA ILE A 208 5.93 22.09 12.52
C ILE A 208 6.32 22.09 14.00
N ASN A 209 5.56 21.38 14.83
CA ASN A 209 5.89 21.28 16.25
C ASN A 209 6.93 20.18 16.44
N LYS A 210 7.00 19.30 15.45
CA LYS A 210 7.92 18.16 15.44
C LYS A 210 7.99 17.41 16.76
N SER A 211 6.90 16.70 17.05
CA SER A 211 6.77 15.93 18.28
C SER A 211 6.77 14.41 18.06
N TRP A 212 6.95 13.95 16.82
CA TRP A 212 6.98 12.52 16.53
C TRP A 212 8.41 11.99 16.55
N LYS A 213 8.61 10.83 17.14
CA LYS A 213 9.95 10.26 17.21
C LYS A 213 10.01 8.79 16.78
N LYS A 214 8.85 8.20 16.53
CA LYS A 214 8.77 6.79 16.13
C LYS A 214 7.75 6.53 15.02
N ALA A 215 8.18 6.71 13.76
CA ALA A 215 7.31 6.47 12.60
C ALA A 215 7.52 5.10 11.95
N VAL A 216 6.41 4.46 11.57
CA VAL A 216 6.45 3.16 10.91
C VAL A 216 5.67 3.43 9.62
N ILE A 217 6.04 2.78 8.53
CA ILE A 217 5.36 3.00 7.24
C ILE A 217 5.16 1.69 6.46
N PHE A 218 3.91 1.39 6.14
CA PHE A 218 3.56 0.21 5.37
C PHE A 218 3.55 0.65 3.91
N VAL A 219 4.64 0.34 3.21
CA VAL A 219 4.80 0.72 1.83
C VAL A 219 3.99 -0.15 0.88
N ASP A 220 3.91 0.28 -0.38
CA ASP A 220 3.10 -0.42 -1.37
C ASP A 220 3.89 -0.80 -2.62
N ASN A 221 3.93 0.10 -3.60
CA ASN A 221 4.61 -0.22 -4.85
C ASN A 221 6.09 0.04 -4.90
N SER A 222 6.76 -0.74 -5.75
CA SER A 222 8.20 -0.59 -5.97
C SER A 222 8.43 0.66 -6.81
N GLY A 223 9.66 0.80 -7.29
CA GLY A 223 10.00 1.92 -8.13
C GLY A 223 9.86 3.33 -7.56
N ALA A 224 9.24 4.21 -8.34
CA ALA A 224 9.07 5.61 -7.95
C ALA A 224 8.24 5.81 -6.69
N ASP A 225 7.24 4.95 -6.52
CA ASP A 225 6.39 5.09 -5.36
C ASP A 225 7.22 4.93 -4.09
N ILE A 226 8.08 3.91 -4.03
CA ILE A 226 8.91 3.72 -2.85
C ILE A 226 10.18 4.57 -2.89
N ILE A 227 10.84 4.63 -4.05
CA ILE A 227 12.11 5.38 -4.18
C ILE A 227 12.01 6.89 -4.24
N LEU A 228 11.06 7.42 -5.01
CA LEU A 228 10.95 8.86 -5.16
C LEU A 228 9.87 9.48 -4.29
N GLY A 229 8.87 8.69 -3.91
CA GLY A 229 7.80 9.21 -3.07
C GLY A 229 8.10 9.01 -1.59
N ILE A 230 8.09 7.76 -1.15
CA ILE A 230 8.31 7.46 0.27
C ILE A 230 9.71 7.75 0.81
N LEU A 231 10.76 7.31 0.14
CA LEU A 231 12.08 7.52 0.71
C LEU A 231 12.44 8.99 0.95
N PRO A 232 12.12 9.89 0.00
CA PRO A 232 12.47 11.29 0.29
C PRO A 232 11.70 11.79 1.52
N PHE A 233 10.45 11.32 1.66
CA PHE A 233 9.61 11.70 2.79
C PHE A 233 10.24 11.17 4.08
N ALA A 234 10.63 9.89 4.05
CA ALA A 234 11.26 9.26 5.21
C ALA A 234 12.53 10.02 5.61
N ARG A 235 13.27 10.48 4.60
CA ARG A 235 14.50 11.23 4.81
C ARG A 235 14.25 12.57 5.51
N GLU A 236 13.13 13.21 5.17
CA GLU A 236 12.78 14.49 5.78
C GLU A 236 12.44 14.27 7.26
N LEU A 237 11.75 13.18 7.57
CA LEU A 237 11.43 12.87 8.97
C LEU A 237 12.72 12.68 9.78
N LEU A 238 13.64 11.92 9.21
CA LEU A 238 14.93 11.67 9.88
C LEU A 238 15.66 12.99 10.08
N ARG A 239 15.54 13.88 9.11
CA ARG A 239 16.20 15.17 9.15
C ARG A 239 15.54 16.12 10.16
N ARG A 240 14.39 15.73 10.68
CA ARG A 240 13.66 16.54 11.66
C ARG A 240 13.69 15.91 13.06
N GLY A 241 14.31 14.74 13.18
CA GLY A 241 14.43 14.10 14.47
C GLY A 241 13.61 12.87 14.79
N ALA A 242 13.29 12.05 13.80
CA ALA A 242 12.50 10.85 14.05
C ALA A 242 13.13 9.53 13.59
N GLN A 243 12.71 8.43 14.21
CA GLN A 243 13.14 7.09 13.81
C GLN A 243 12.08 6.67 12.76
N VAL A 244 12.48 5.91 11.74
CA VAL A 244 11.52 5.48 10.73
C VAL A 244 11.67 4.01 10.39
N VAL A 245 10.57 3.27 10.51
CA VAL A 245 10.53 1.85 10.22
C VAL A 245 9.69 1.67 8.94
N LEU A 246 10.25 1.05 7.90
CA LEU A 246 9.48 0.82 6.68
C LEU A 246 9.07 -0.66 6.65
N ALA A 247 7.76 -0.91 6.74
CA ALA A 247 7.21 -2.26 6.74
C ALA A 247 6.77 -2.68 5.35
N ALA A 248 7.40 -3.74 4.85
CA ALA A 248 7.11 -4.25 3.50
C ALA A 248 6.71 -5.71 3.46
N ASN A 249 5.97 -6.08 2.41
CA ASN A 249 5.51 -7.44 2.18
C ASN A 249 6.61 -8.46 2.32
N GLU A 250 6.21 -9.61 2.83
CA GLU A 250 7.15 -10.72 2.97
C GLU A 250 7.23 -11.42 1.62
N LEU A 251 6.09 -11.52 0.94
CA LEU A 251 6.02 -12.19 -0.35
C LEU A 251 5.52 -11.26 -1.43
N PRO A 252 6.00 -11.47 -2.66
CA PRO A 252 5.60 -10.65 -3.81
C PRO A 252 4.09 -10.71 -4.03
N SER A 253 3.50 -9.54 -4.22
CA SER A 253 2.07 -9.42 -4.52
C SER A 253 2.03 -8.18 -5.43
N ILE A 254 1.62 -8.38 -6.69
CA ILE A 254 1.59 -7.34 -7.70
C ILE A 254 3.01 -6.72 -7.75
N ASN A 255 3.10 -5.41 -7.98
CA ASN A 255 4.42 -4.76 -8.04
C ASN A 255 4.81 -4.20 -6.68
N ASP A 256 4.15 -4.69 -5.63
CA ASP A 256 4.45 -4.22 -4.29
C ASP A 256 5.87 -4.53 -3.87
N ILE A 257 6.45 -3.63 -3.09
CA ILE A 257 7.83 -3.83 -2.64
C ILE A 257 7.87 -4.72 -1.40
N THR A 258 8.74 -5.73 -1.42
CA THR A 258 8.89 -6.66 -0.30
C THR A 258 10.07 -6.20 0.54
N CYS A 259 10.14 -6.67 1.78
CA CYS A 259 11.24 -6.28 2.65
C CYS A 259 12.58 -6.63 1.99
N THR A 260 12.67 -7.82 1.42
CA THR A 260 13.90 -8.26 0.78
C THR A 260 14.42 -7.30 -0.30
N GLU A 261 13.52 -6.82 -1.15
CA GLU A 261 13.93 -5.93 -2.23
C GLU A 261 14.23 -4.52 -1.69
N LEU A 262 13.51 -4.09 -0.66
CA LEU A 262 13.72 -2.76 -0.09
C LEU A 262 15.10 -2.69 0.57
N THR A 263 15.54 -3.80 1.14
CA THR A 263 16.84 -3.82 1.77
C THR A 263 17.90 -3.64 0.68
N GLU A 264 17.68 -4.23 -0.48
CA GLU A 264 18.61 -4.10 -1.59
C GLU A 264 18.61 -2.66 -2.13
N ILE A 265 17.43 -2.07 -2.21
CA ILE A 265 17.30 -0.68 -2.70
C ILE A 265 18.06 0.32 -1.81
N LEU A 266 17.82 0.25 -0.50
CA LEU A 266 18.48 1.17 0.43
C LEU A 266 19.99 0.88 0.46
N SER A 267 20.35 -0.38 0.39
CA SER A 267 21.76 -0.79 0.38
C SER A 267 22.48 -0.04 -0.74
N GLN A 268 21.81 0.13 -1.87
CA GLN A 268 22.40 0.84 -3.00
C GLN A 268 22.38 2.34 -2.77
N LEU A 269 21.25 2.86 -2.28
CA LEU A 269 21.12 4.28 -2.03
C LEU A 269 22.18 4.78 -1.02
N LYS A 270 22.27 4.14 0.15
CA LYS A 270 23.24 4.56 1.15
C LYS A 270 24.66 4.50 0.61
N ASN A 273 29.04 6.84 3.56
CA ASN A 273 28.89 7.06 5.00
C ASN A 273 27.59 6.43 5.48
N GLY A 274 26.98 5.63 4.60
CA GLY A 274 25.72 5.00 4.95
C GLY A 274 24.63 6.04 5.04
N GLN A 275 24.89 7.20 4.42
CA GLN A 275 23.92 8.30 4.44
C GLN A 275 23.10 8.34 3.16
N LEU A 276 21.90 8.91 3.26
CA LEU A 276 21.04 9.06 2.08
C LEU A 276 21.22 10.50 1.65
N LEU A 277 22.08 10.72 0.67
CA LEU A 277 22.37 12.06 0.17
C LEU A 277 22.66 13.02 1.30
N GLY A 278 23.60 12.64 2.17
CA GLY A 278 23.97 13.48 3.28
C GLY A 278 23.20 13.31 4.57
N VAL A 279 22.21 12.41 4.59
CA VAL A 279 21.44 12.17 5.80
C VAL A 279 21.72 10.81 6.42
N ASP A 280 21.98 10.83 7.73
CA ASP A 280 22.27 9.62 8.48
C ASP A 280 21.06 8.68 8.53
N THR A 281 21.31 7.40 8.30
CA THR A 281 20.24 6.40 8.28
C THR A 281 20.27 5.41 9.45
N SER A 282 21.03 5.72 10.49
CA SER A 282 21.10 4.83 11.65
C SER A 282 19.72 4.62 12.27
N LYS A 283 18.78 5.53 12.02
CA LYS A 283 17.44 5.40 12.56
C LYS A 283 16.44 4.91 11.52
N LEU A 284 16.94 4.57 10.33
CA LEU A 284 16.09 4.02 9.27
C LEU A 284 16.06 2.50 9.42
N LEU A 285 14.91 1.99 9.84
CA LEU A 285 14.75 0.54 10.03
C LEU A 285 13.76 -0.06 9.03
N ILE A 286 14.04 -1.27 8.58
CA ILE A 286 13.18 -1.99 7.63
C ILE A 286 12.56 -3.19 8.37
N ALA A 287 11.25 -3.39 8.18
CA ALA A 287 10.54 -4.48 8.82
C ALA A 287 9.77 -5.35 7.82
N ASN A 288 9.61 -6.62 8.16
CA ASN A 288 8.87 -7.59 7.34
C ASN A 288 7.48 -7.75 7.96
N SER A 289 6.51 -7.01 7.44
CA SER A 289 5.15 -7.06 7.97
C SER A 289 4.55 -8.45 8.02
N GLY A 290 5.16 -9.38 7.29
CA GLY A 290 4.64 -10.73 7.22
C GLY A 290 3.52 -10.80 6.21
N ASN A 291 3.16 -9.64 5.64
CA ASN A 291 2.06 -9.55 4.67
C ASN A 291 2.38 -10.20 3.34
N ASP A 292 1.36 -10.67 2.63
CA ASP A 292 1.57 -11.34 1.35
C ASP A 292 0.52 -10.93 0.33
N LEU A 293 -0.19 -9.85 0.62
CA LEU A 293 -1.25 -9.35 -0.26
C LEU A 293 -0.96 -7.88 -0.57
N PRO A 294 -1.73 -7.28 -1.51
CA PRO A 294 -1.52 -5.87 -1.84
C PRO A 294 -2.29 -5.00 -0.85
N VAL A 295 -3.14 -5.66 -0.06
CA VAL A 295 -3.92 -5.03 0.99
C VAL A 295 -3.30 -5.63 2.26
N ILE A 296 -3.94 -5.44 3.41
CA ILE A 296 -3.37 -6.01 4.64
C ILE A 296 -4.33 -6.03 5.84
N ASP A 297 -4.29 -7.13 6.57
CA ASP A 297 -5.09 -7.29 7.79
C ASP A 297 -4.11 -6.98 8.93
N LEU A 298 -4.36 -5.88 9.65
CA LEU A 298 -3.46 -5.42 10.72
C LEU A 298 -3.61 -6.19 12.03
N SER A 299 -4.66 -6.99 12.15
CA SER A 299 -4.82 -7.76 13.39
C SER A 299 -3.88 -8.96 13.39
N ARG A 300 -3.34 -9.29 12.21
CA ARG A 300 -2.42 -10.43 12.07
C ARG A 300 -1.19 -10.08 11.23
N VAL A 301 -0.06 -9.88 11.92
CA VAL A 301 1.18 -9.54 11.27
C VAL A 301 2.36 -10.29 11.89
N SER A 302 3.54 -10.09 11.34
CA SER A 302 4.73 -10.76 11.84
C SER A 302 4.96 -10.35 13.30
N GLN A 303 5.87 -11.06 13.97
CA GLN A 303 6.19 -10.67 15.33
C GLN A 303 7.32 -9.65 15.29
N GLU A 304 8.15 -9.74 14.25
CA GLU A 304 9.24 -8.80 14.05
C GLU A 304 8.63 -7.41 13.88
N LEU A 305 7.68 -7.30 12.95
CA LEU A 305 7.08 -6.00 12.69
C LEU A 305 6.66 -5.30 13.98
N ALA A 306 5.91 -6.00 14.83
CA ALA A 306 5.43 -5.45 16.09
C ALA A 306 6.55 -5.04 17.05
N TYR A 307 7.59 -5.85 17.15
CA TYR A 307 8.71 -5.51 18.02
C TYR A 307 9.24 -4.15 17.61
N LEU A 308 9.41 -3.95 16.31
CA LEU A 308 9.93 -2.69 15.79
C LEU A 308 8.95 -1.54 15.91
N SER A 309 7.66 -1.87 15.88
CA SER A 309 6.63 -0.85 15.97
C SER A 309 5.99 -0.88 17.34
N SER A 310 6.60 -1.59 18.28
CA SER A 310 6.06 -1.71 19.62
C SER A 310 5.96 -0.37 20.35
N ASP A 311 6.80 0.59 19.96
CA ASP A 311 6.79 1.91 20.58
C ASP A 311 6.58 3.03 19.55
N ALA A 312 5.76 2.78 18.53
CA ALA A 312 5.55 3.81 17.50
C ALA A 312 4.50 4.85 17.87
N ASP A 313 4.73 6.09 17.44
CA ASP A 313 3.81 7.19 17.66
C ASP A 313 3.46 7.85 16.31
N LEU A 314 3.74 7.13 15.22
CA LEU A 314 3.40 7.56 13.85
C LEU A 314 3.42 6.37 12.90
N VAL A 315 2.23 5.89 12.57
CA VAL A 315 2.02 4.76 11.69
C VAL A 315 1.53 5.32 10.34
N ILE A 316 1.88 4.63 9.25
CA ILE A 316 1.49 5.04 7.89
C ILE A 316 1.40 3.81 6.96
N VAL A 317 0.21 3.60 6.41
CA VAL A 317 -0.12 2.49 5.51
C VAL A 317 -0.33 3.05 4.11
N GLU A 318 0.63 2.86 3.21
CA GLU A 318 0.53 3.40 1.85
C GLU A 318 -0.10 2.45 0.83
N GLY A 319 -0.65 3.02 -0.25
CA GLY A 319 -1.29 2.24 -1.31
C GLY A 319 -2.80 2.26 -1.19
N MET A 320 -3.53 2.21 -2.30
CA MET A 320 -4.98 2.21 -2.19
C MET A 320 -5.47 1.06 -1.33
N GLY A 321 -4.77 -0.07 -1.40
CA GLY A 321 -5.17 -1.22 -0.63
C GLY A 321 -5.04 -1.09 0.88
N ARG A 322 -3.83 -0.74 1.34
CA ARG A 322 -3.51 -0.60 2.77
C ARG A 322 -4.05 0.60 3.55
N GLY A 323 -4.40 1.68 2.83
CA GLY A 323 -4.90 2.88 3.48
C GLY A 323 -6.36 3.24 3.25
N ILE A 324 -6.92 2.79 2.13
CA ILE A 324 -8.31 3.07 1.80
C ILE A 324 -9.21 1.81 1.78
N GLU A 325 -8.85 0.81 0.96
CA GLU A 325 -9.65 -0.43 0.91
C GLU A 325 -9.60 -1.05 2.29
N THR A 326 -8.45 -0.94 2.96
CA THR A 326 -8.37 -1.41 4.33
C THR A 326 -7.88 -0.23 5.17
N ASN A 327 -8.15 -0.31 6.47
CA ASN A 327 -7.72 0.64 7.47
C ASN A 327 -8.13 2.10 7.41
N LEU A 328 -8.73 2.55 6.32
CA LEU A 328 -9.14 3.95 6.24
C LEU A 328 -9.75 4.49 7.53
N TYR A 329 -10.64 3.70 8.14
CA TYR A 329 -11.28 4.11 9.39
C TYR A 329 -10.71 3.37 10.60
N ALA A 330 -9.54 2.75 10.47
CA ALA A 330 -8.97 2.05 11.62
C ALA A 330 -8.61 3.05 12.71
N GLN A 331 -8.84 2.64 13.95
CA GLN A 331 -8.53 3.49 15.10
C GLN A 331 -7.18 3.07 15.66
N PHE A 332 -6.35 4.06 15.97
CA PHE A 332 -5.02 3.81 16.52
C PHE A 332 -4.84 4.51 17.87
N LYS A 333 -3.87 4.02 18.65
CA LYS A 333 -3.54 4.58 19.96
C LYS A 333 -2.73 5.87 19.82
N CYS A 334 -2.07 6.01 18.67
CA CYS A 334 -1.24 7.18 18.38
C CYS A 334 -1.77 7.89 17.14
N ASP A 335 -1.24 9.07 16.88
CA ASP A 335 -1.67 9.84 15.71
C ASP A 335 -1.68 8.94 14.49
N SER A 336 -2.59 9.19 13.56
CA SER A 336 -2.61 8.35 12.36
C SER A 336 -2.82 9.15 11.09
N LEU A 337 -2.43 8.55 9.97
CA LEU A 337 -2.55 9.17 8.65
C LEU A 337 -2.56 8.09 7.57
N LYS A 338 -3.65 7.99 6.79
CA LYS A 338 -3.70 7.04 5.69
C LYS A 338 -3.55 7.90 4.44
N ILE A 339 -2.66 7.48 3.54
CA ILE A 339 -2.40 8.28 2.35
C ILE A 339 -2.27 7.42 1.09
N GLY A 340 -3.11 7.69 0.09
CA GLY A 340 -3.01 6.92 -1.13
C GLY A 340 -3.88 7.47 -2.22
N MET A 341 -3.51 7.19 -3.46
CA MET A 341 -4.29 7.64 -4.61
C MET A 341 -5.41 6.64 -4.93
N VAL A 342 -6.60 7.14 -5.25
CA VAL A 342 -7.75 6.27 -5.59
C VAL A 342 -7.63 5.81 -7.03
N LYS A 343 -7.53 4.50 -7.24
CA LYS A 343 -7.36 3.94 -8.58
C LYS A 343 -8.54 3.09 -9.11
N HIS A 344 -9.49 2.79 -8.24
CA HIS A 344 -10.68 2.02 -8.63
C HIS A 344 -11.86 2.97 -8.73
N LEU A 345 -12.59 2.92 -9.84
CA LEU A 345 -13.76 3.76 -9.97
C LEU A 345 -14.71 3.41 -8.81
N GLU A 346 -14.74 2.14 -8.43
CA GLU A 346 -15.60 1.68 -7.35
C GLU A 346 -15.21 2.31 -6.02
N VAL A 347 -13.90 2.45 -5.80
CA VAL A 347 -13.44 3.06 -4.56
C VAL A 347 -13.84 4.54 -4.59
N ALA A 348 -13.67 5.20 -5.74
CA ALA A 348 -14.06 6.59 -5.85
C ALA A 348 -15.53 6.74 -5.51
N GLU A 349 -16.35 5.81 -6.01
CA GLU A 349 -17.78 5.86 -5.79
C GLU A 349 -18.12 5.79 -4.29
N PHE A 350 -17.59 4.77 -3.61
CA PHE A 350 -17.81 4.60 -2.17
C PHE A 350 -17.43 5.88 -1.41
N LEU A 351 -16.38 6.56 -1.87
CA LEU A 351 -15.90 7.78 -1.22
C LEU A 351 -16.54 9.07 -1.73
N GLY A 352 -17.18 8.98 -2.89
CA GLY A 352 -17.79 10.16 -3.50
C GLY A 352 -16.71 11.04 -4.11
N GLY A 353 -15.60 10.41 -4.48
CA GLY A 353 -14.50 11.15 -5.08
C GLY A 353 -14.28 10.93 -6.57
N ARG A 354 -13.18 11.50 -7.07
CA ARG A 354 -12.79 11.41 -8.47
C ARG A 354 -11.81 10.27 -8.69
N LEU A 355 -11.68 9.78 -9.93
CA LEU A 355 -10.69 8.74 -10.17
C LEU A 355 -9.37 9.51 -10.02
N TYR A 356 -8.38 8.88 -9.39
CA TYR A 356 -7.07 9.49 -9.15
C TYR A 356 -7.10 10.57 -8.08
N ASP A 357 -8.15 10.58 -7.27
CA ASP A 357 -8.23 11.57 -6.19
C ASP A 357 -7.19 11.15 -5.15
N CYS A 358 -6.75 12.09 -4.33
CA CYS A 358 -5.80 11.78 -3.28
C CYS A 358 -6.44 12.03 -1.95
N VAL A 359 -6.40 11.01 -1.09
CA VAL A 359 -6.98 11.17 0.24
C VAL A 359 -5.80 11.36 1.15
N PHE A 360 -5.95 12.27 2.11
CA PHE A 360 -4.90 12.53 3.10
C PHE A 360 -5.72 12.62 4.39
N LYS A 361 -5.90 11.47 5.03
CA LYS A 361 -6.69 11.40 6.24
C LYS A 361 -5.75 11.34 7.43
N PHE A 362 -5.87 12.32 8.30
CA PHE A 362 -5.04 12.43 9.48
C PHE A 362 -5.90 12.55 10.73
N ASN A 363 -5.64 11.67 11.69
CA ASN A 363 -6.37 11.66 12.95
C ASN A 363 -5.37 11.83 14.09
N GLU A 364 -5.41 12.98 14.74
CA GLU A 364 -4.51 13.29 15.84
C GLU A 364 -5.06 12.66 17.11
N VAL A 365 -4.16 12.09 17.92
CA VAL A 365 -4.50 11.44 19.19
C VAL A 365 -5.22 10.13 18.94
MG MG B . 0.62 -1.88 -4.95
MG MG C . -6.56 -4.60 -4.64
N GLU A 6 1.33 -17.43 15.75
CA GLU A 6 2.22 -16.99 14.64
C GLU A 6 2.07 -15.48 14.44
N MET A 7 1.25 -15.10 13.48
CA MET A 7 1.00 -13.69 13.21
C MET A 7 0.37 -13.11 14.47
N VAL A 8 0.83 -11.93 14.87
CA VAL A 8 0.28 -11.28 16.05
C VAL A 8 -0.39 -9.98 15.63
N PRO A 9 -1.48 -9.61 16.31
CA PRO A 9 -2.15 -8.36 15.94
C PRO A 9 -1.10 -7.26 15.93
N PHE A 10 -1.22 -6.30 15.01
CA PHE A 10 -0.27 -5.21 15.01
C PHE A 10 -0.50 -4.73 16.43
N PRO A 11 0.56 -4.63 17.25
CA PRO A 11 0.42 -4.18 18.64
C PRO A 11 -0.20 -2.79 18.82
N GLN A 12 -0.40 -2.07 17.72
CA GLN A 12 -0.96 -0.72 17.80
C GLN A 12 -2.48 -0.60 17.62
N LEU A 13 -3.18 -1.72 17.55
CA LEU A 13 -4.64 -1.67 17.45
C LEU A 13 -5.14 -1.63 18.89
N PRO A 14 -6.12 -0.76 19.20
CA PRO A 14 -6.64 -0.69 20.56
C PRO A 14 -7.18 -2.04 20.98
N MET A 15 -7.24 -2.26 22.28
CA MET A 15 -7.76 -3.53 22.80
C MET A 15 -9.14 -3.28 23.41
N PRO A 16 -10.08 -4.21 23.22
CA PRO A 16 -9.91 -5.47 22.47
C PRO A 16 -9.90 -5.21 20.97
N ILE A 17 -9.23 -6.08 20.22
CA ILE A 17 -9.16 -5.95 18.77
C ILE A 17 -10.44 -6.49 18.11
N GLU A 18 -10.83 -7.70 18.50
CA GLU A 18 -12.04 -8.32 17.96
C GLU A 18 -13.27 -7.48 18.28
N ASN A 19 -14.16 -7.36 17.31
CA ASN A 19 -15.38 -6.58 17.49
C ASN A 19 -15.08 -5.09 17.56
N ASN A 20 -13.81 -4.74 17.33
CA ASN A 20 -13.38 -3.35 17.35
C ASN A 20 -12.57 -3.03 16.08
N TYR A 21 -11.72 -3.97 15.66
CA TYR A 21 -10.96 -3.77 14.43
C TYR A 21 -11.77 -4.40 13.30
N ARG A 22 -11.98 -3.65 12.22
CA ARG A 22 -12.70 -4.09 11.05
C ARG A 22 -11.78 -3.60 9.92
N ALA A 23 -10.91 -4.48 9.45
CA ALA A 23 -9.96 -4.11 8.42
C ALA A 23 -10.60 -3.68 7.12
N CYS A 24 -11.53 -4.48 6.63
CA CYS A 24 -12.18 -4.17 5.36
C CYS A 24 -13.13 -2.98 5.46
N THR A 25 -12.72 -1.89 4.79
CA THR A 25 -13.48 -0.65 4.80
C THR A 25 -14.87 -0.79 4.19
N ILE A 26 -14.89 -1.12 2.91
CA ILE A 26 -16.15 -1.25 2.17
C ILE A 26 -16.88 -2.54 2.45
N PRO A 27 -17.96 -2.50 3.27
CA PRO A 27 -18.68 -3.75 3.55
C PRO A 27 -19.47 -4.21 2.32
N TYR A 28 -19.49 -5.52 2.06
CA TYR A 28 -20.23 -6.01 0.91
C TYR A 28 -21.54 -6.64 1.36
N ARG A 29 -21.55 -7.11 2.61
CA ARG A 29 -22.73 -7.83 3.09
C ARG A 29 -23.11 -7.53 4.54
N PHE A 30 -24.40 -7.55 4.79
CA PHE A 30 -24.95 -7.31 6.12
C PHE A 30 -25.54 -8.67 6.51
N PRO A 31 -25.60 -8.96 7.82
CA PRO A 31 -26.14 -10.24 8.32
C PRO A 31 -27.56 -10.57 7.84
N SER A 32 -28.43 -9.57 7.80
CA SER A 32 -29.81 -9.80 7.37
C SER A 32 -29.93 -9.98 5.87
N ASP A 33 -28.81 -9.96 5.19
CA ASP A 33 -28.82 -10.15 3.75
C ASP A 33 -29.18 -11.58 3.37
N ASP A 34 -29.88 -11.71 2.24
CA ASP A 34 -30.28 -13.01 1.73
C ASP A 34 -28.99 -13.80 1.44
N PRO A 35 -28.85 -14.96 2.05
CA PRO A 35 -27.66 -15.82 1.88
C PRO A 35 -27.44 -16.39 0.47
N LYS A 36 -28.51 -16.76 -0.20
CA LYS A 36 -28.39 -17.34 -1.54
C LYS A 36 -28.62 -16.37 -2.69
N LYS A 37 -27.95 -15.23 -2.62
CA LYS A 37 -28.06 -14.20 -3.65
C LYS A 37 -26.87 -13.28 -3.57
N ALA A 38 -26.05 -13.28 -4.63
CA ALA A 38 -24.88 -12.43 -4.66
C ALA A 38 -25.32 -10.97 -4.59
N THR A 39 -24.97 -10.29 -3.50
CA THR A 39 -25.34 -8.88 -3.30
C THR A 39 -24.68 -7.96 -4.33
N PRO A 40 -25.21 -6.74 -4.50
CA PRO A 40 -24.63 -5.79 -5.46
C PRO A 40 -23.14 -5.49 -5.25
N ASN A 41 -22.75 -5.22 -4.01
CA ASN A 41 -21.36 -4.93 -3.74
C ASN A 41 -20.52 -6.17 -3.98
N GLU A 42 -21.09 -7.35 -3.77
CA GLU A 42 -20.32 -8.56 -4.05
C GLU A 42 -20.16 -8.73 -5.56
N ILE A 43 -21.28 -8.78 -6.27
CA ILE A 43 -21.21 -8.96 -7.72
C ILE A 43 -20.34 -7.89 -8.34
N SER A 44 -20.54 -6.64 -7.94
CA SER A 44 -19.74 -5.55 -8.48
C SER A 44 -18.25 -5.74 -8.19
N TRP A 45 -17.93 -6.08 -6.95
CA TRP A 45 -16.53 -6.26 -6.61
C TRP A 45 -15.94 -7.56 -7.16
N ILE A 46 -16.74 -8.61 -7.24
CA ILE A 46 -16.23 -9.86 -7.81
C ILE A 46 -15.84 -9.55 -9.26
N ASN A 47 -16.59 -8.67 -9.91
CA ASN A 47 -16.30 -8.28 -11.28
C ASN A 47 -15.01 -7.48 -11.38
N VAL A 48 -14.78 -6.54 -10.45
CA VAL A 48 -13.54 -5.77 -10.48
C VAL A 48 -12.36 -6.76 -10.53
N PHE A 49 -12.40 -7.77 -9.67
CA PHE A 49 -11.33 -8.75 -9.66
C PHE A 49 -11.27 -9.60 -10.92
N ALA A 50 -12.43 -9.96 -11.47
CA ALA A 50 -12.42 -10.74 -12.71
C ALA A 50 -11.87 -9.86 -13.86
N ASN A 51 -12.15 -8.57 -13.80
CA ASN A 51 -11.68 -7.66 -14.83
C ASN A 51 -10.16 -7.50 -14.85
N SER A 52 -9.50 -7.89 -13.76
CA SER A 52 -8.05 -7.81 -13.73
C SER A 52 -7.45 -9.11 -14.28
N ILE A 53 -8.31 -10.06 -14.65
CA ILE A 53 -7.80 -11.34 -15.14
C ILE A 53 -6.93 -11.20 -16.40
N PRO A 54 -7.37 -10.39 -17.38
CA PRO A 54 -6.57 -10.23 -18.59
C PRO A 54 -5.13 -9.77 -18.28
N SER A 55 -5.01 -8.68 -17.52
CA SER A 55 -3.69 -8.16 -17.17
C SER A 55 -2.82 -9.18 -16.42
N PHE A 56 -3.39 -9.83 -15.40
CA PHE A 56 -2.62 -10.83 -14.67
C PHE A 56 -2.25 -11.98 -15.61
N LYS A 57 -3.10 -12.25 -16.61
CA LYS A 57 -2.82 -13.34 -17.55
C LYS A 57 -1.60 -12.99 -18.39
N LYS A 58 -1.62 -11.81 -19.01
CA LYS A 58 -0.52 -11.38 -19.87
C LYS A 58 0.79 -11.28 -19.10
N ARG A 59 0.70 -10.84 -17.85
CA ARG A 59 1.91 -10.71 -17.06
C ARG A 59 2.47 -12.10 -16.76
N ALA A 60 1.58 -13.04 -16.40
CA ALA A 60 2.02 -14.39 -16.06
C ALA A 60 2.67 -15.12 -17.24
N GLU A 61 1.98 -15.12 -18.37
CA GLU A 61 2.47 -15.80 -19.55
C GLU A 61 3.78 -15.26 -20.06
N SER A 62 4.12 -14.04 -19.66
CA SER A 62 5.36 -13.42 -20.10
C SER A 62 6.52 -13.76 -19.18
N ASP A 63 6.22 -14.31 -18.00
CA ASP A 63 7.27 -14.66 -17.06
C ASP A 63 8.14 -15.71 -17.72
N ILE A 64 9.34 -15.30 -18.16
CA ILE A 64 10.23 -16.23 -18.83
C ILE A 64 11.08 -17.04 -17.86
N THR A 65 10.76 -16.95 -16.57
CA THR A 65 11.51 -17.72 -15.58
C THR A 65 10.76 -19.01 -15.32
N VAL A 66 9.45 -18.99 -15.52
CA VAL A 66 8.61 -20.14 -15.29
C VAL A 66 8.51 -21.00 -16.55
N PRO A 67 8.77 -22.31 -16.41
CA PRO A 67 8.70 -23.19 -17.58
C PRO A 67 7.27 -23.36 -18.07
N ASP A 68 7.05 -23.15 -19.36
CA ASP A 68 5.72 -23.31 -19.93
C ASP A 68 4.75 -22.34 -19.24
N ALA A 69 5.26 -21.15 -18.92
CA ALA A 69 4.45 -20.11 -18.26
C ALA A 69 3.11 -19.88 -18.96
N PRO A 70 3.10 -19.85 -20.31
CA PRO A 70 1.83 -19.62 -21.00
C PRO A 70 0.71 -20.59 -20.61
N ALA A 71 1.04 -21.88 -20.50
CA ALA A 71 0.04 -22.88 -20.11
C ALA A 71 -0.47 -22.63 -18.70
N ARG A 72 0.45 -22.28 -17.79
CA ARG A 72 0.08 -22.01 -16.42
C ARG A 72 -0.77 -20.75 -16.33
N ALA A 73 -0.35 -19.70 -17.03
CA ALA A 73 -1.10 -18.43 -17.01
C ALA A 73 -2.54 -18.73 -17.37
N GLU A 74 -2.74 -19.77 -18.18
CA GLU A 74 -4.07 -20.20 -18.61
C GLU A 74 -4.75 -20.86 -17.41
N LYS A 75 -4.03 -21.76 -16.75
CA LYS A 75 -4.57 -22.46 -15.59
C LYS A 75 -4.96 -21.44 -14.52
N PHE A 76 -4.10 -20.46 -14.29
CA PHE A 76 -4.40 -19.40 -13.31
C PHE A 76 -5.70 -18.67 -13.68
N ALA A 77 -5.80 -18.22 -14.93
CA ALA A 77 -6.98 -17.49 -15.38
C ALA A 77 -8.23 -18.32 -15.16
N GLU A 78 -8.17 -19.59 -15.55
CA GLU A 78 -9.28 -20.53 -15.41
C GLU A 78 -9.68 -20.78 -13.96
N ARG A 79 -8.71 -21.16 -13.13
CA ARG A 79 -9.01 -21.44 -11.72
C ARG A 79 -9.51 -20.20 -10.99
N TYR A 80 -8.87 -19.06 -11.23
CA TYR A 80 -9.31 -17.86 -10.54
C TYR A 80 -10.64 -17.32 -11.07
N ALA A 81 -10.86 -17.40 -12.39
CA ALA A 81 -12.12 -16.93 -12.94
C ALA A 81 -13.26 -17.86 -12.52
N GLY A 82 -12.93 -19.12 -12.28
CA GLY A 82 -13.93 -20.09 -11.88
C GLY A 82 -14.36 -19.91 -10.44
N ILE A 83 -13.40 -19.55 -9.59
CA ILE A 83 -13.64 -19.33 -8.17
C ILE A 83 -14.57 -18.12 -8.07
N LEU A 84 -14.33 -17.12 -8.93
CA LEU A 84 -15.15 -15.92 -8.94
C LEU A 84 -16.60 -16.19 -9.38
N GLU A 85 -16.77 -16.92 -10.48
CA GLU A 85 -18.11 -17.25 -10.95
C GLU A 85 -18.81 -18.11 -9.89
N ASP A 86 -18.04 -18.92 -9.16
CA ASP A 86 -18.65 -19.74 -8.11
C ASP A 86 -19.18 -18.82 -6.99
N LEU A 87 -18.38 -17.84 -6.59
CA LEU A 87 -18.78 -16.90 -5.56
C LEU A 87 -20.07 -16.16 -5.91
N LYS A 88 -20.27 -15.84 -7.18
CA LYS A 88 -21.50 -15.18 -7.60
C LYS A 88 -22.69 -16.13 -7.36
N LYS A 89 -22.50 -17.41 -7.68
CA LYS A 89 -23.57 -18.39 -7.50
C LYS A 89 -23.94 -18.65 -6.04
N ASP A 90 -22.93 -18.92 -5.21
CA ASP A 90 -23.15 -19.17 -3.79
C ASP A 90 -22.08 -18.45 -2.98
N PRO A 91 -22.48 -17.39 -2.26
CA PRO A 91 -21.59 -16.57 -1.43
C PRO A 91 -20.78 -17.35 -0.37
N GLU A 92 -21.30 -18.47 0.10
CA GLU A 92 -20.61 -19.24 1.13
C GLU A 92 -19.48 -20.11 0.57
N SER A 93 -19.36 -20.21 -0.75
CA SER A 93 -18.32 -21.05 -1.33
C SER A 93 -16.93 -20.42 -1.20
N HIS A 94 -15.91 -21.21 -1.51
CA HIS A 94 -14.52 -20.76 -1.46
C HIS A 94 -14.12 -19.94 -0.23
N GLY A 95 -14.81 -20.17 0.88
CA GLY A 95 -14.51 -19.46 2.12
C GLY A 95 -15.26 -18.16 2.28
N GLY A 96 -16.23 -17.92 1.40
CA GLY A 96 -17.01 -16.71 1.46
C GLY A 96 -18.03 -16.66 2.60
N PRO A 97 -18.90 -15.63 2.64
CA PRO A 97 -19.02 -14.50 1.71
C PRO A 97 -17.70 -13.76 1.50
N PRO A 98 -17.51 -13.20 0.30
CA PRO A 98 -16.26 -12.50 0.04
C PRO A 98 -16.12 -11.06 0.51
N ASP A 99 -14.87 -10.66 0.71
CA ASP A 99 -14.52 -9.29 1.06
C ASP A 99 -13.26 -8.99 0.30
N GLY A 100 -12.77 -7.76 0.38
CA GLY A 100 -11.55 -7.41 -0.35
C GLY A 100 -10.38 -8.32 -0.07
N ILE A 101 -10.17 -8.64 1.20
CA ILE A 101 -9.07 -9.51 1.55
C ILE A 101 -9.19 -10.87 0.87
N LEU A 102 -10.38 -11.49 0.94
CA LEU A 102 -10.56 -12.80 0.32
C LEU A 102 -10.32 -12.81 -1.18
N LEU A 103 -10.90 -11.85 -1.90
CA LEU A 103 -10.70 -11.83 -3.34
C LEU A 103 -9.22 -11.71 -3.67
N CYS A 104 -8.49 -10.91 -2.90
CA CYS A 104 -7.05 -10.75 -3.13
C CYS A 104 -6.30 -12.04 -2.85
N ARG A 105 -6.56 -12.64 -1.70
CA ARG A 105 -5.87 -13.86 -1.33
C ARG A 105 -6.14 -14.98 -2.34
N LEU A 106 -7.41 -15.19 -2.71
CA LEU A 106 -7.69 -16.22 -3.69
C LEU A 106 -6.81 -16.05 -4.92
N ARG A 107 -6.61 -14.79 -5.34
CA ARG A 107 -5.77 -14.50 -6.51
C ARG A 107 -4.33 -14.93 -6.24
N GLU A 108 -3.83 -14.60 -5.06
CA GLU A 108 -2.47 -14.96 -4.66
C GLU A 108 -2.35 -16.48 -4.52
N GLN A 109 -3.35 -17.09 -3.88
CA GLN A 109 -3.31 -18.54 -3.70
C GLN A 109 -3.22 -19.28 -5.03
N VAL A 110 -4.08 -18.93 -5.98
CA VAL A 110 -4.06 -19.61 -7.29
C VAL A 110 -2.69 -19.47 -7.96
N LEU A 111 -2.14 -18.27 -7.94
CA LEU A 111 -0.83 -18.05 -8.55
C LEU A 111 0.26 -18.89 -7.89
N ARG A 112 0.36 -18.79 -6.57
CA ARG A 112 1.40 -19.50 -5.83
C ARG A 112 1.29 -20.99 -5.94
N GLU A 113 0.07 -21.51 -5.76
CA GLU A 113 -0.14 -22.95 -5.87
C GLU A 113 0.39 -23.46 -7.19
N LEU A 114 0.25 -22.66 -8.25
CA LEU A 114 0.71 -23.05 -9.59
C LEU A 114 2.22 -22.93 -9.72
N GLY A 115 2.88 -22.38 -8.69
CA GLY A 115 4.32 -22.27 -8.72
C GLY A 115 4.92 -20.87 -8.85
N PHE A 116 4.14 -19.93 -9.39
CA PHE A 116 4.63 -18.56 -9.54
C PHE A 116 5.01 -17.98 -8.18
N ARG A 117 6.04 -17.14 -8.16
CA ARG A 117 6.47 -16.53 -6.91
C ARG A 117 6.56 -15.01 -6.99
N ASP A 118 6.61 -14.50 -8.21
CA ASP A 118 6.65 -13.04 -8.43
C ASP A 118 6.58 -12.76 -9.93
N ILE A 119 5.37 -12.74 -10.48
CA ILE A 119 5.27 -12.49 -11.92
C ILE A 119 5.52 -11.04 -12.31
N PHE A 120 5.82 -10.20 -11.33
CA PHE A 120 6.08 -8.78 -11.61
C PHE A 120 7.54 -8.39 -11.38
N LYS A 121 8.39 -9.38 -11.10
CA LYS A 121 9.79 -9.11 -10.81
C LYS A 121 10.55 -8.35 -11.89
N LYS A 122 10.30 -8.68 -13.14
CA LYS A 122 11.00 -7.98 -14.22
C LYS A 122 10.64 -6.49 -14.27
N VAL A 123 9.34 -6.19 -14.32
CA VAL A 123 8.88 -4.82 -14.39
C VAL A 123 9.25 -4.02 -13.14
N LYS A 124 9.27 -4.70 -11.99
CA LYS A 124 9.66 -4.07 -10.74
C LYS A 124 11.13 -3.69 -10.81
N ASP A 125 11.92 -4.43 -11.59
CA ASP A 125 13.34 -4.10 -11.70
C ASP A 125 13.63 -2.90 -12.59
N GLU A 126 12.87 -2.75 -13.67
CA GLU A 126 13.09 -1.64 -14.59
C GLU A 126 12.76 -0.33 -13.89
N GLU A 127 11.62 -0.29 -13.20
CA GLU A 127 11.20 0.91 -12.50
C GLU A 127 12.03 1.16 -11.26
N ASN A 128 12.55 0.10 -10.64
CA ASN A 128 13.39 0.26 -9.45
C ASN A 128 14.69 0.94 -9.85
N ALA A 129 15.36 0.38 -10.86
CA ALA A 129 16.62 0.94 -11.34
C ALA A 129 16.44 2.37 -11.85
N LYS A 130 15.37 2.60 -12.62
CA LYS A 130 15.10 3.94 -13.15
C LYS A 130 14.87 4.94 -12.04
N ALA A 131 14.01 4.60 -11.07
CA ALA A 131 13.75 5.52 -9.98
C ALA A 131 15.05 5.91 -9.26
N ILE A 132 15.91 4.90 -9.02
CA ILE A 132 17.17 5.15 -8.33
C ILE A 132 18.01 6.24 -9.01
N SER A 133 18.01 6.28 -10.34
CA SER A 133 18.77 7.29 -11.06
C SER A 133 18.23 8.70 -10.89
N LEU A 134 16.98 8.83 -10.44
CA LEU A 134 16.37 10.14 -10.26
C LEU A 134 16.32 10.58 -8.81
N PHE A 135 16.67 9.69 -7.89
CA PHE A 135 16.61 10.02 -6.48
C PHE A 135 17.35 11.32 -6.16
N PRO A 136 18.54 11.55 -6.75
CA PRO A 136 19.22 12.80 -6.42
C PRO A 136 18.47 14.06 -6.87
N GLN A 137 17.96 14.02 -8.10
CA GLN A 137 17.22 15.14 -8.68
C GLN A 137 15.92 15.42 -7.91
N VAL A 138 15.09 14.39 -7.81
CA VAL A 138 13.82 14.50 -7.10
C VAL A 138 13.99 15.05 -5.68
N VAL A 139 15.03 14.61 -4.99
CA VAL A 139 15.30 15.09 -3.63
C VAL A 139 15.78 16.56 -3.62
N SER A 140 16.59 16.94 -4.61
CA SER A 140 17.09 18.33 -4.67
C SER A 140 15.96 19.34 -4.81
N LEU A 141 14.90 18.95 -5.52
CA LEU A 141 13.77 19.83 -5.71
C LEU A 141 13.12 20.13 -4.36
N SER A 142 12.98 19.11 -3.52
CA SER A 142 12.39 19.34 -2.21
C SER A 142 13.42 20.03 -1.32
N ASP A 143 14.70 19.69 -1.52
CA ASP A 143 15.73 20.33 -0.71
C ASP A 143 15.81 21.81 -1.05
N ALA A 144 15.57 22.14 -2.31
CA ALA A 144 15.63 23.56 -2.69
C ALA A 144 14.60 24.40 -1.97
N ILE A 145 13.44 23.82 -1.68
CA ILE A 145 12.38 24.55 -1.01
C ILE A 145 12.82 24.95 0.38
N GLU A 146 12.84 26.27 0.61
CA GLU A 146 13.27 26.86 1.86
C GLU A 146 12.41 26.54 3.08
N ASP A 147 11.12 26.87 3.02
CA ASP A 147 10.24 26.65 4.19
C ASP A 147 9.95 25.18 4.46
N ASP A 148 10.04 24.78 5.72
CA ASP A 148 9.80 23.40 6.10
C ASP A 148 8.39 22.89 5.80
N GLY A 149 7.39 23.75 5.97
CA GLY A 149 6.01 23.36 5.72
C GLY A 149 5.73 23.10 4.23
N LYS A 150 6.07 24.06 3.39
CA LYS A 150 5.86 23.88 1.96
C LYS A 150 6.66 22.69 1.45
N ARG A 151 7.78 22.39 2.11
CA ARG A 151 8.58 21.24 1.69
C ARG A 151 7.80 19.97 2.00
N LEU A 152 6.94 20.06 3.01
CA LEU A 152 6.11 18.92 3.39
C LEU A 152 5.08 18.70 2.30
N GLU A 153 4.36 19.76 1.96
CA GLU A 153 3.34 19.62 0.93
C GLU A 153 3.95 19.07 -0.36
N ASN A 154 5.22 19.39 -0.60
CA ASN A 154 5.89 18.91 -1.80
C ASN A 154 6.25 17.43 -1.64
N LEU A 155 6.59 16.99 -0.44
CA LEU A 155 6.92 15.58 -0.22
C LEU A 155 5.66 14.73 -0.23
N VAL A 156 4.56 15.31 0.27
CA VAL A 156 3.26 14.61 0.26
C VAL A 156 2.78 14.51 -1.19
N ARG A 157 2.84 15.61 -1.94
CA ARG A 157 2.43 15.54 -3.34
C ARG A 157 3.34 14.54 -4.07
N GLY A 158 4.56 14.36 -3.55
CA GLY A 158 5.47 13.41 -4.15
C GLY A 158 5.06 11.97 -3.82
N ILE A 159 4.28 11.78 -2.76
CA ILE A 159 3.86 10.44 -2.39
C ILE A 159 2.65 10.04 -3.24
N PHE A 160 1.74 10.98 -3.49
CA PHE A 160 0.58 10.69 -4.32
C PHE A 160 0.96 10.36 -5.77
N ALA A 161 1.86 11.14 -6.35
CA ALA A 161 2.30 10.93 -7.73
C ALA A 161 3.08 9.64 -7.91
N GLY A 162 3.92 9.29 -6.93
CA GLY A 162 4.67 8.06 -7.06
C GLY A 162 3.79 6.85 -6.82
N ASN A 163 2.74 7.03 -6.03
CA ASN A 163 1.82 5.93 -5.71
C ASN A 163 0.93 5.60 -6.90
N ILE A 164 1.24 6.22 -8.04
CA ILE A 164 0.52 5.97 -9.29
C ILE A 164 1.48 6.02 -10.50
N PHE A 165 2.72 6.45 -10.27
CA PHE A 165 3.71 6.49 -11.34
C PHE A 165 4.69 5.34 -11.12
N MET A 181 6.77 12.24 -20.30
CA MET A 181 6.18 11.80 -19.04
C MET A 181 7.27 11.45 -18.02
N SER A 182 6.98 11.68 -16.74
CA SER A 182 7.94 11.38 -15.68
C SER A 182 7.30 11.44 -14.31
N PHE A 183 8.05 11.00 -13.30
CA PHE A 183 7.56 11.05 -11.94
C PHE A 183 7.27 12.53 -11.69
N LEU A 184 8.22 13.40 -12.02
CA LEU A 184 8.02 14.83 -11.80
C LEU A 184 6.85 15.35 -12.64
N ALA A 185 6.53 14.65 -13.72
CA ALA A 185 5.43 15.05 -14.60
C ALA A 185 4.09 14.78 -13.94
N SER A 186 4.13 14.12 -12.79
CA SER A 186 2.90 13.79 -12.08
C SER A 186 2.70 14.57 -10.78
N CYS A 187 3.80 14.97 -10.14
CA CYS A 187 3.70 15.73 -8.89
C CYS A 187 2.91 17.02 -9.11
N GLN A 188 2.98 17.57 -10.31
CA GLN A 188 2.29 18.81 -10.64
C GLN A 188 0.94 18.61 -11.30
N ASN A 189 0.60 17.36 -11.61
CA ASN A 189 -0.66 17.07 -12.28
C ASN A 189 -1.70 16.39 -11.39
N LEU A 190 -1.55 16.52 -10.07
CA LEU A 190 -2.53 15.93 -9.15
C LEU A 190 -3.76 16.82 -9.08
N VAL A 191 -4.92 16.20 -8.83
CA VAL A 191 -6.16 16.95 -8.70
C VAL A 191 -5.98 18.08 -7.67
N PRO A 192 -6.39 19.30 -8.02
CA PRO A 192 -6.26 20.45 -7.13
C PRO A 192 -6.94 20.28 -5.78
N ARG A 193 -6.27 20.73 -4.72
CA ARG A 193 -6.85 20.68 -3.39
C ARG A 193 -8.05 21.63 -3.38
N PRO A 194 -9.01 21.42 -2.47
CA PRO A 194 -9.00 20.36 -1.48
C PRO A 194 -9.07 18.95 -2.06
N TRP A 195 -8.40 18.03 -1.39
CA TRP A 195 -8.46 16.64 -1.82
C TRP A 195 -9.79 16.13 -1.26
N VAL A 196 -10.18 14.91 -1.57
CA VAL A 196 -11.47 14.41 -1.09
C VAL A 196 -11.55 14.32 0.44
N ILE A 197 -10.37 14.23 1.07
CA ILE A 197 -10.23 14.21 2.53
C ILE A 197 -8.90 14.90 2.85
N ASP A 198 -8.81 16.18 2.50
CA ASP A 198 -7.63 17.02 2.70
C ASP A 198 -7.43 17.36 4.19
N ASP A 199 -6.83 16.44 4.93
CA ASP A 199 -6.56 16.66 6.35
C ASP A 199 -5.14 17.18 6.49
N LEU A 200 -4.60 17.70 5.39
CA LEU A 200 -3.23 18.21 5.36
C LEU A 200 -2.98 19.37 6.34
N GLU A 201 -3.92 20.30 6.42
CA GLU A 201 -3.77 21.43 7.34
C GLU A 201 -3.52 20.92 8.75
N ASN A 202 -4.37 19.99 9.20
CA ASN A 202 -4.25 19.43 10.54
C ASN A 202 -2.84 18.86 10.75
N PHE A 203 -2.41 18.00 9.83
CA PHE A 203 -1.10 17.36 9.90
C PHE A 203 0.04 18.36 9.83
N GLN A 204 0.06 19.13 8.75
CA GLN A 204 1.09 20.13 8.51
C GLN A 204 1.23 21.10 9.67
N ALA A 205 0.19 21.19 10.50
CA ALA A 205 0.23 22.07 11.66
C ALA A 205 1.05 21.42 12.77
N LYS A 206 0.79 20.14 13.06
CA LYS A 206 1.55 19.45 14.10
C LYS A 206 2.98 19.17 13.67
N TRP A 207 3.14 18.92 12.37
CA TRP A 207 4.46 18.67 11.79
C TRP A 207 5.47 19.75 12.15
N ILE A 208 5.03 21.00 12.14
CA ILE A 208 5.91 22.12 12.45
C ILE A 208 6.29 22.16 13.95
N ASN A 209 5.51 21.50 14.79
CA ASN A 209 5.81 21.46 16.22
C ASN A 209 6.90 20.40 16.45
N LYS A 210 7.16 19.61 15.41
CA LYS A 210 8.14 18.54 15.44
C LYS A 210 7.95 17.70 16.69
N SER A 211 6.70 17.30 16.90
CA SER A 211 6.30 16.50 18.04
C SER A 211 6.32 14.99 17.77
N TRP A 212 6.57 14.60 16.53
CA TRP A 212 6.61 13.17 16.18
C TRP A 212 8.04 12.65 16.19
N LYS A 213 8.30 11.67 17.05
CA LYS A 213 9.64 11.09 17.16
C LYS A 213 9.70 9.61 16.76
N LYS A 214 8.54 8.96 16.65
CA LYS A 214 8.49 7.55 16.31
C LYS A 214 7.42 7.24 15.25
N ALA A 215 7.80 7.36 13.98
CA ALA A 215 6.87 7.11 12.87
C ALA A 215 6.99 5.70 12.34
N VAL A 216 5.85 5.12 11.98
CA VAL A 216 5.79 3.78 11.41
C VAL A 216 5.01 3.94 10.11
N ILE A 217 5.69 3.77 8.97
CA ILE A 217 5.07 3.95 7.64
C ILE A 217 4.94 2.64 6.86
N PHE A 218 3.70 2.23 6.57
CA PHE A 218 3.47 1.00 5.81
C PHE A 218 3.58 1.34 4.33
N VAL A 219 4.69 0.95 3.70
CA VAL A 219 4.89 1.24 2.28
C VAL A 219 4.04 0.39 1.34
N ASP A 220 4.05 0.75 0.06
CA ASP A 220 3.22 0.06 -0.94
C ASP A 220 3.97 -0.41 -2.19
N ASN A 221 4.10 0.46 -3.18
CA ASN A 221 4.72 0.03 -4.44
C ASN A 221 6.22 0.21 -4.63
N SER A 222 6.76 -0.58 -5.56
CA SER A 222 8.16 -0.52 -5.93
C SER A 222 8.39 0.72 -6.78
N GLY A 223 9.57 0.77 -7.40
CA GLY A 223 9.91 1.87 -8.27
C GLY A 223 9.83 3.28 -7.71
N ALA A 224 9.20 4.17 -8.46
CA ALA A 224 9.09 5.58 -8.06
C ALA A 224 8.30 5.75 -6.77
N ASP A 225 7.43 4.79 -6.49
CA ASP A 225 6.61 4.89 -5.29
C ASP A 225 7.50 4.87 -4.06
N ILE A 226 8.18 3.76 -3.84
CA ILE A 226 9.04 3.67 -2.66
C ILE A 226 10.29 4.55 -2.75
N ILE A 227 10.87 4.67 -3.95
CA ILE A 227 12.11 5.44 -4.13
C ILE A 227 11.99 6.96 -4.23
N LEU A 228 11.00 7.45 -4.97
CA LEU A 228 10.86 8.89 -5.17
C LEU A 228 9.76 9.53 -4.34
N GLY A 229 8.83 8.71 -3.85
CA GLY A 229 7.75 9.26 -3.04
C GLY A 229 8.04 9.09 -1.55
N ILE A 230 8.08 7.86 -1.07
CA ILE A 230 8.30 7.58 0.34
C ILE A 230 9.67 7.95 0.92
N LEU A 231 10.76 7.49 0.31
CA LEU A 231 12.08 7.77 0.87
C LEU A 231 12.33 9.26 1.12
N PRO A 232 12.18 10.12 0.10
CA PRO A 232 12.41 11.55 0.37
C PRO A 232 11.65 12.03 1.61
N PHE A 233 10.43 11.53 1.77
CA PHE A 233 9.58 11.87 2.91
C PHE A 233 10.20 11.29 4.17
N ALA A 234 10.60 10.01 4.09
CA ALA A 234 11.23 9.34 5.23
C ALA A 234 12.51 10.07 5.64
N ARG A 235 13.21 10.59 4.63
CA ARG A 235 14.45 11.34 4.85
C ARG A 235 14.20 12.66 5.58
N GLU A 236 13.11 13.33 5.21
CA GLU A 236 12.75 14.59 5.86
C GLU A 236 12.46 14.29 7.34
N LEU A 237 11.77 13.20 7.61
CA LEU A 237 11.47 12.80 9.00
C LEU A 237 12.77 12.56 9.78
N LEU A 238 13.68 11.80 9.18
CA LEU A 238 14.95 11.51 9.86
C LEU A 238 15.65 12.82 10.19
N ARG A 239 15.81 13.65 9.18
CA ARG A 239 16.47 14.95 9.32
C ARG A 239 15.86 15.81 10.41
N ARG A 240 14.56 15.68 10.64
CA ARG A 240 13.88 16.46 11.66
C ARG A 240 14.01 15.81 13.03
N GLY A 241 14.81 14.74 13.08
CA GLY A 241 15.07 14.05 14.33
C GLY A 241 14.17 12.87 14.69
N ALA A 242 13.15 12.63 13.87
CA ALA A 242 12.27 11.51 14.18
C ALA A 242 12.93 10.20 13.79
N GLN A 243 12.43 9.13 14.38
CA GLN A 243 12.87 7.78 14.05
C GLN A 243 11.81 7.33 13.04
N VAL A 244 12.20 6.60 12.00
CA VAL A 244 11.25 6.16 10.99
C VAL A 244 11.27 4.67 10.76
N VAL A 245 10.14 4.01 10.97
CA VAL A 245 10.02 2.58 10.70
C VAL A 245 9.24 2.43 9.39
N LEU A 246 9.88 1.85 8.37
CA LEU A 246 9.23 1.62 7.09
C LEU A 246 8.80 0.16 7.09
N ALA A 247 7.51 -0.08 7.24
CA ALA A 247 7.01 -1.46 7.27
C ALA A 247 6.78 -1.86 5.83
N ALA A 248 7.07 -3.11 5.49
CA ALA A 248 6.87 -3.60 4.12
C ALA A 248 6.65 -5.12 4.11
N ASN A 249 5.76 -5.60 3.23
CA ASN A 249 5.46 -7.04 3.11
C ASN A 249 6.60 -8.00 3.33
N GLU A 250 6.25 -9.21 3.71
CA GLU A 250 7.23 -10.26 3.91
C GLU A 250 7.35 -10.91 2.55
N LEU A 251 6.18 -11.24 1.97
CA LEU A 251 6.05 -11.88 0.67
C LEU A 251 5.55 -10.92 -0.42
N PRO A 252 5.92 -11.17 -1.67
CA PRO A 252 5.46 -10.28 -2.74
C PRO A 252 4.00 -10.45 -3.17
N SER A 253 3.43 -9.35 -3.64
CA SER A 253 2.05 -9.29 -4.15
C SER A 253 2.15 -8.21 -5.22
N ILE A 254 1.55 -8.46 -6.39
CA ILE A 254 1.61 -7.54 -7.53
C ILE A 254 3.02 -6.92 -7.62
N ASN A 255 3.10 -5.60 -7.79
CA ASN A 255 4.39 -4.93 -7.89
C ASN A 255 4.80 -4.29 -6.58
N ASP A 256 4.20 -4.71 -5.48
CA ASP A 256 4.53 -4.12 -4.19
C ASP A 256 5.93 -4.45 -3.73
N ILE A 257 6.51 -3.51 -3.00
CA ILE A 257 7.87 -3.68 -2.50
C ILE A 257 7.87 -4.61 -1.28
N THR A 258 8.81 -5.55 -1.24
CA THR A 258 8.93 -6.49 -0.12
C THR A 258 10.09 -6.05 0.75
N CYS A 259 10.11 -6.54 1.98
CA CYS A 259 11.16 -6.19 2.93
C CYS A 259 12.55 -6.45 2.35
N THR A 260 12.74 -7.63 1.75
CA THR A 260 14.02 -8.01 1.15
C THR A 260 14.50 -7.05 0.07
N GLU A 261 13.63 -6.69 -0.86
CA GLU A 261 14.00 -5.80 -1.95
C GLU A 261 14.29 -4.39 -1.42
N LEU A 262 13.52 -3.94 -0.43
CA LEU A 262 13.70 -2.61 0.14
C LEU A 262 15.08 -2.48 0.79
N THR A 263 15.50 -3.54 1.45
CA THR A 263 16.83 -3.53 2.08
C THR A 263 17.88 -3.38 0.97
N GLU A 264 17.67 -4.09 -0.14
CA GLU A 264 18.61 -4.03 -1.27
C GLU A 264 18.62 -2.61 -1.87
N ILE A 265 17.43 -2.01 -2.00
CA ILE A 265 17.31 -0.65 -2.54
C ILE A 265 18.09 0.37 -1.71
N LEU A 266 17.89 0.32 -0.39
CA LEU A 266 18.57 1.26 0.50
C LEU A 266 20.09 1.15 0.34
N SER A 267 20.58 -0.09 0.30
CA SER A 267 22.03 -0.33 0.12
C SER A 267 22.44 0.05 -1.30
N GLN A 268 21.46 0.33 -2.15
CA GLN A 268 21.71 0.70 -3.53
C GLN A 268 21.58 2.21 -3.72
N LEU A 269 21.14 2.90 -2.67
CA LEU A 269 20.98 4.36 -2.72
C LEU A 269 21.97 5.07 -1.80
N LYS A 270 22.34 4.43 -0.70
CA LYS A 270 23.26 5.01 0.27
C LYS A 270 24.67 5.02 -0.32
N ASN A 273 29.25 7.78 1.85
CA ASN A 273 29.47 7.73 3.29
C ASN A 273 28.47 6.82 4.01
N GLY A 274 27.54 6.25 3.24
CA GLY A 274 26.55 5.36 3.82
C GLY A 274 25.35 6.16 4.29
N GLN A 275 25.18 7.35 3.72
CA GLN A 275 24.09 8.25 4.07
C GLN A 275 23.17 8.48 2.87
N LEU A 276 22.03 9.12 3.12
CA LEU A 276 21.08 9.45 2.05
C LEU A 276 21.21 10.95 1.81
N LEU A 277 22.07 11.34 0.88
CA LEU A 277 22.29 12.74 0.56
C LEU A 277 22.51 13.57 1.82
N GLY A 278 23.52 13.18 2.60
CA GLY A 278 23.87 13.90 3.80
C GLY A 278 23.00 13.69 5.04
N VAL A 279 22.16 12.64 5.02
CA VAL A 279 21.31 12.36 6.17
C VAL A 279 21.60 10.95 6.69
N ASP A 280 21.94 10.86 7.97
CA ASP A 280 22.25 9.60 8.61
C ASP A 280 21.03 8.67 8.60
N THR A 281 21.28 7.38 8.39
CA THR A 281 20.21 6.38 8.34
C THR A 281 20.23 5.37 9.49
N SER A 282 20.89 5.72 10.59
CA SER A 282 20.96 4.82 11.74
C SER A 282 19.58 4.58 12.37
N LYS A 283 18.65 5.52 12.18
CA LYS A 283 17.31 5.39 12.73
C LYS A 283 16.34 4.76 11.72
N LEU A 284 16.73 4.76 10.45
CA LEU A 284 15.91 4.15 9.41
C LEU A 284 15.82 2.65 9.73
N LEU A 285 14.63 2.21 10.16
CA LEU A 285 14.42 0.82 10.55
C LEU A 285 13.38 0.08 9.70
N ILE A 286 13.86 -0.66 8.71
CA ILE A 286 13.02 -1.45 7.81
C ILE A 286 12.46 -2.62 8.62
N ALA A 287 11.15 -2.79 8.57
CA ALA A 287 10.52 -3.86 9.32
C ALA A 287 9.66 -4.77 8.48
N ASN A 288 9.89 -6.08 8.60
CA ASN A 288 9.10 -7.08 7.89
C ASN A 288 7.71 -6.98 8.53
N SER A 289 6.69 -6.63 7.74
CA SER A 289 5.33 -6.52 8.28
C SER A 289 4.68 -7.90 8.43
N GLY A 290 5.17 -8.85 7.64
CA GLY A 290 4.63 -10.20 7.64
C GLY A 290 3.48 -10.42 6.68
N ASN A 291 3.14 -9.40 5.89
CA ASN A 291 2.01 -9.52 4.97
C ASN A 291 2.38 -10.12 3.62
N ASP A 292 1.38 -10.54 2.86
CA ASP A 292 1.62 -11.17 1.56
C ASP A 292 0.58 -10.78 0.53
N LEU A 293 -0.11 -9.66 0.78
CA LEU A 293 -1.19 -9.21 -0.11
C LEU A 293 -1.01 -7.72 -0.49
N PRO A 294 -1.92 -7.20 -1.35
CA PRO A 294 -1.89 -5.80 -1.79
C PRO A 294 -2.72 -4.94 -0.84
N VAL A 295 -3.39 -5.61 0.09
CA VAL A 295 -4.18 -4.97 1.14
C VAL A 295 -3.60 -5.61 2.40
N ILE A 296 -3.88 -5.05 3.58
CA ILE A 296 -3.30 -5.66 4.78
C ILE A 296 -4.28 -5.74 5.96
N ASP A 297 -4.40 -6.95 6.51
CA ASP A 297 -5.23 -7.22 7.69
C ASP A 297 -4.26 -7.12 8.85
N LEU A 298 -4.29 -5.99 9.55
CA LEU A 298 -3.36 -5.73 10.65
C LEU A 298 -3.60 -6.62 11.86
N SER A 299 -4.60 -7.50 11.79
CA SER A 299 -4.83 -8.39 12.92
C SER A 299 -3.87 -9.58 12.76
N ARG A 300 -3.03 -9.54 11.74
CA ARG A 300 -2.09 -10.63 11.49
C ARG A 300 -0.76 -10.18 10.88
N VAL A 301 0.12 -9.65 11.73
CA VAL A 301 1.43 -9.17 11.28
C VAL A 301 2.55 -9.97 11.97
N SER A 302 3.72 -9.97 11.35
CA SER A 302 4.86 -10.69 11.91
C SER A 302 5.20 -10.19 13.31
N GLN A 303 6.00 -10.95 14.04
CA GLN A 303 6.39 -10.50 15.36
C GLN A 303 7.50 -9.45 15.25
N GLU A 304 8.21 -9.49 14.13
CA GLU A 304 9.27 -8.52 13.84
C GLU A 304 8.68 -7.10 13.83
N LEU A 305 7.59 -6.92 13.10
CA LEU A 305 6.96 -5.61 13.03
C LEU A 305 6.28 -5.23 14.34
N ALA A 306 5.72 -6.23 15.03
CA ALA A 306 5.07 -5.98 16.31
C ALA A 306 6.08 -5.39 17.31
N TYR A 307 7.26 -5.99 17.39
CA TYR A 307 8.30 -5.48 18.28
C TYR A 307 8.65 -4.02 18.00
N LEU A 308 9.05 -3.70 16.77
CA LEU A 308 9.43 -2.34 16.41
C LEU A 308 8.30 -1.30 16.57
N SER A 309 7.06 -1.71 16.36
CA SER A 309 5.94 -0.78 16.48
C SER A 309 5.35 -0.79 17.89
N SER A 310 6.24 -0.64 18.88
CA SER A 310 5.83 -0.61 20.28
C SER A 310 5.74 0.77 20.92
N ASP A 311 6.55 1.72 20.44
CA ASP A 311 6.54 3.07 20.99
C ASP A 311 6.25 4.11 19.90
N ALA A 312 5.41 3.71 18.94
CA ALA A 312 5.06 4.59 17.83
C ALA A 312 4.16 5.73 18.28
N ASP A 313 4.30 6.90 17.67
CA ASP A 313 3.46 8.05 17.99
C ASP A 313 2.83 8.64 16.74
N LEU A 314 3.21 8.09 15.59
CA LEU A 314 2.66 8.50 14.29
C LEU A 314 2.80 7.33 13.33
N VAL A 315 1.68 6.76 12.89
CA VAL A 315 1.74 5.66 11.95
C VAL A 315 1.21 6.19 10.62
N ILE A 316 1.80 5.75 9.53
CA ILE A 316 1.38 6.17 8.18
C ILE A 316 1.14 4.92 7.34
N VAL A 317 -0.04 4.81 6.73
CA VAL A 317 -0.36 3.62 5.93
C VAL A 317 -0.57 4.13 4.51
N GLU A 318 0.28 3.67 3.58
CA GLU A 318 0.22 4.12 2.20
C GLU A 318 -0.45 3.20 1.18
N GLY A 319 -1.14 3.80 0.22
CA GLY A 319 -1.75 3.01 -0.83
C GLY A 319 -3.24 2.74 -0.72
N MET A 320 -3.86 2.43 -1.85
CA MET A 320 -5.29 2.16 -1.87
C MET A 320 -5.69 0.81 -1.28
N GLY A 321 -4.87 -0.22 -1.48
CA GLY A 321 -5.24 -1.51 -0.92
C GLY A 321 -5.07 -1.63 0.58
N ARG A 322 -3.93 -1.16 1.09
CA ARG A 322 -3.61 -1.24 2.51
C ARG A 322 -4.21 -0.14 3.38
N GLY A 323 -4.41 1.04 2.80
CA GLY A 323 -4.92 2.17 3.54
C GLY A 323 -6.27 2.68 3.10
N ILE A 324 -6.77 2.18 1.97
CA ILE A 324 -8.06 2.64 1.48
C ILE A 324 -9.12 1.53 1.40
N GLU A 325 -8.76 0.37 0.82
CA GLU A 325 -9.71 -0.74 0.74
C GLU A 325 -9.75 -1.51 2.06
N THR A 326 -8.65 -1.44 2.78
CA THR A 326 -8.61 -2.02 4.11
C THR A 326 -8.11 -0.89 4.98
N ASN A 327 -8.46 -0.96 6.26
CA ASN A 327 -7.95 0.00 7.23
C ASN A 327 -8.25 1.50 7.17
N LEU A 328 -9.25 1.93 6.41
CA LEU A 328 -9.57 3.35 6.37
C LEU A 328 -9.91 3.88 7.76
N TYR A 329 -11.01 3.37 8.30
CA TYR A 329 -11.47 3.80 9.61
C TYR A 329 -10.90 2.99 10.78
N ALA A 330 -9.75 2.34 10.58
CA ALA A 330 -9.15 1.57 11.67
C ALA A 330 -8.69 2.53 12.75
N GLN A 331 -9.00 2.22 13.99
CA GLN A 331 -8.58 3.05 15.11
C GLN A 331 -7.24 2.55 15.64
N PHE A 332 -6.36 3.49 15.94
CA PHE A 332 -5.04 3.19 16.49
C PHE A 332 -4.92 3.92 17.83
N LYS A 333 -3.94 3.52 18.65
CA LYS A 333 -3.71 4.15 19.94
C LYS A 333 -2.79 5.37 19.78
N CYS A 334 -2.24 5.55 18.58
CA CYS A 334 -1.34 6.68 18.30
C CYS A 334 -1.81 7.43 17.05
N ASP A 335 -1.13 8.52 16.72
CA ASP A 335 -1.46 9.31 15.53
C ASP A 335 -1.46 8.41 14.30
N SER A 336 -2.36 8.69 13.36
CA SER A 336 -2.41 7.89 12.15
C SER A 336 -2.69 8.73 10.92
N LEU A 337 -1.99 8.40 9.85
CA LEU A 337 -2.12 9.07 8.55
C LEU A 337 -2.19 8.02 7.45
N LYS A 338 -3.31 7.95 6.73
CA LYS A 338 -3.44 7.01 5.62
C LYS A 338 -3.39 7.88 4.36
N ILE A 339 -2.50 7.50 3.46
CA ILE A 339 -2.30 8.25 2.23
C ILE A 339 -2.40 7.26 1.06
N GLY A 340 -2.31 7.75 -0.16
CA GLY A 340 -2.39 6.88 -1.31
C GLY A 340 -3.42 7.37 -2.32
N MET A 341 -3.08 7.30 -3.58
CA MET A 341 -4.02 7.75 -4.63
C MET A 341 -5.09 6.69 -4.92
N VAL A 342 -6.26 7.14 -5.39
CA VAL A 342 -7.37 6.23 -5.70
C VAL A 342 -7.30 5.72 -7.15
N LYS A 343 -7.38 4.41 -7.33
CA LYS A 343 -7.27 3.82 -8.66
C LYS A 343 -8.49 3.06 -9.21
N HIS A 344 -9.46 2.75 -8.35
CA HIS A 344 -10.68 2.06 -8.80
C HIS A 344 -11.82 3.08 -8.81
N LEU A 345 -12.58 3.14 -9.91
CA LEU A 345 -13.72 4.05 -9.96
C LEU A 345 -14.67 3.69 -8.80
N GLU A 346 -14.71 2.40 -8.46
CA GLU A 346 -15.57 1.89 -7.38
C GLU A 346 -15.13 2.40 -6.03
N VAL A 347 -13.82 2.55 -5.86
CA VAL A 347 -13.31 3.07 -4.59
C VAL A 347 -13.66 4.56 -4.59
N ALA A 348 -13.32 5.27 -5.67
CA ALA A 348 -13.68 6.68 -5.73
C ALA A 348 -15.19 6.83 -5.48
N GLU A 349 -15.97 5.93 -6.08
CA GLU A 349 -17.43 5.96 -5.94
C GLU A 349 -17.88 5.86 -4.48
N PHE A 350 -17.58 4.74 -3.83
CA PHE A 350 -17.94 4.53 -2.44
C PHE A 350 -17.51 5.71 -1.55
N LEU A 351 -16.43 6.38 -1.94
CA LEU A 351 -15.92 7.53 -1.18
C LEU A 351 -16.62 8.84 -1.50
N GLY A 352 -17.34 8.84 -2.62
CA GLY A 352 -18.05 10.04 -3.05
C GLY A 352 -17.04 11.03 -3.60
N GLY A 353 -15.99 10.50 -4.24
CA GLY A 353 -14.94 11.31 -4.82
C GLY A 353 -14.76 11.07 -6.31
N ARG A 354 -13.56 11.33 -6.82
CA ARG A 354 -13.21 11.20 -8.24
C ARG A 354 -12.19 10.09 -8.46
N LEU A 355 -12.11 9.55 -9.67
CA LEU A 355 -11.09 8.55 -9.96
C LEU A 355 -9.78 9.33 -9.87
N TYR A 356 -8.73 8.69 -9.36
CA TYR A 356 -7.41 9.31 -9.17
C TYR A 356 -7.44 10.37 -8.07
N ASP A 357 -8.48 10.34 -7.24
CA ASP A 357 -8.57 11.30 -6.13
C ASP A 357 -7.47 10.99 -5.11
N CYS A 358 -7.10 11.98 -4.31
CA CYS A 358 -6.07 11.81 -3.28
C CYS A 358 -6.67 11.72 -1.90
N VAL A 359 -6.25 10.71 -1.13
CA VAL A 359 -6.73 10.59 0.25
C VAL A 359 -5.53 10.86 1.14
N PHE A 360 -5.62 11.91 1.96
CA PHE A 360 -4.55 12.26 2.91
C PHE A 360 -5.23 12.36 4.28
N LYS A 361 -5.71 11.22 4.78
CA LYS A 361 -6.42 11.20 6.06
C LYS A 361 -5.47 11.28 7.25
N PHE A 362 -5.89 12.04 8.26
CA PHE A 362 -5.10 12.25 9.48
C PHE A 362 -5.99 12.27 10.71
N ASN A 363 -5.64 11.46 11.70
CA ASN A 363 -6.39 11.37 12.95
C ASN A 363 -5.38 11.31 14.08
N GLU A 364 -5.26 12.42 14.82
CA GLU A 364 -4.31 12.53 15.92
C GLU A 364 -4.78 11.82 17.19
N VAL A 365 -3.83 11.58 18.09
CA VAL A 365 -4.06 10.94 19.39
C VAL A 365 -4.25 9.42 19.30
MG MG B . 0.93 -1.43 -4.41
MG MG C . -6.56 -4.60 -4.64
N GLU A 6 4.46 -16.73 15.67
CA GLU A 6 3.63 -16.78 14.43
C GLU A 6 2.87 -15.45 14.27
N MET A 7 2.09 -15.36 13.20
CA MET A 7 1.31 -14.16 12.91
C MET A 7 0.56 -13.67 14.14
N VAL A 8 0.87 -12.46 14.57
CA VAL A 8 0.23 -11.84 15.71
C VAL A 8 -0.52 -10.56 15.32
N PRO A 9 -1.38 -10.06 16.22
CA PRO A 9 -2.12 -8.84 15.92
C PRO A 9 -1.17 -7.64 15.99
N PHE A 10 -1.28 -6.68 15.07
CA PHE A 10 -0.40 -5.52 15.10
C PHE A 10 -0.66 -4.96 16.48
N PRO A 11 0.41 -4.84 17.31
CA PRO A 11 0.34 -4.32 18.69
C PRO A 11 -0.26 -2.93 18.88
N GLN A 12 -0.43 -2.20 17.78
CA GLN A 12 -0.97 -0.84 17.86
C GLN A 12 -2.47 -0.72 17.62
N LEU A 13 -3.15 -1.85 17.59
CA LEU A 13 -4.60 -1.86 17.43
C LEU A 13 -5.19 -1.93 18.83
N PRO A 14 -6.23 -1.12 19.12
CA PRO A 14 -6.86 -1.14 20.44
C PRO A 14 -7.24 -2.56 20.81
N MET A 15 -6.87 -2.96 22.03
CA MET A 15 -7.20 -4.29 22.51
C MET A 15 -8.23 -4.10 23.61
N PRO A 16 -9.35 -4.84 23.56
CA PRO A 16 -9.68 -5.81 22.51
C PRO A 16 -9.99 -5.25 21.12
N ILE A 17 -9.43 -5.88 20.09
CA ILE A 17 -9.67 -5.46 18.72
C ILE A 17 -10.92 -6.20 18.25
N GLU A 18 -11.26 -7.26 18.97
CA GLU A 18 -12.44 -8.08 18.67
C GLU A 18 -13.68 -7.19 18.58
N ASN A 19 -14.48 -7.43 17.54
CA ASN A 19 -15.71 -6.67 17.33
C ASN A 19 -15.50 -5.16 17.21
N ASN A 20 -14.24 -4.74 17.04
CA ASN A 20 -13.91 -3.33 16.91
C ASN A 20 -13.08 -3.06 15.66
N TYR A 21 -11.91 -3.67 15.55
CA TYR A 21 -11.11 -3.49 14.33
C TYR A 21 -11.61 -4.47 13.27
N ARG A 22 -12.08 -3.95 12.14
CA ARG A 22 -12.51 -4.80 11.04
C ARG A 22 -11.70 -4.29 9.85
N ALA A 23 -10.81 -5.11 9.34
CA ALA A 23 -9.96 -4.68 8.24
C ALA A 23 -10.81 -4.27 7.04
N CYS A 24 -11.80 -5.09 6.71
CA CYS A 24 -12.65 -4.83 5.54
C CYS A 24 -13.34 -3.47 5.58
N THR A 25 -12.80 -2.54 4.76
CA THR A 25 -13.27 -1.15 4.69
C THR A 25 -14.69 -0.94 4.17
N ILE A 26 -15.02 -1.58 3.07
CA ILE A 26 -16.33 -1.43 2.43
C ILE A 26 -17.21 -2.69 2.53
N PRO A 27 -18.44 -2.55 3.04
CA PRO A 27 -19.30 -3.73 3.15
C PRO A 27 -19.90 -4.10 1.80
N TYR A 28 -20.06 -5.39 1.54
CA TYR A 28 -20.64 -5.86 0.27
C TYR A 28 -22.13 -6.21 0.45
N ARG A 29 -22.51 -6.48 1.70
CA ARG A 29 -23.89 -6.85 2.07
C ARG A 29 -24.02 -6.73 3.59
N PHE A 30 -25.23 -6.98 4.10
CA PHE A 30 -25.46 -6.97 5.56
C PHE A 30 -26.00 -8.35 5.94
N PRO A 31 -25.77 -8.78 7.20
CA PRO A 31 -26.22 -10.08 7.71
C PRO A 31 -27.70 -10.37 7.42
N SER A 32 -28.44 -9.35 7.01
CA SER A 32 -29.87 -9.51 6.71
C SER A 32 -30.22 -9.77 5.24
N ASP A 33 -29.24 -9.68 4.33
CA ASP A 33 -29.52 -9.93 2.91
C ASP A 33 -29.65 -11.43 2.67
N ASP A 34 -30.31 -11.82 1.59
CA ASP A 34 -30.45 -13.25 1.27
C ASP A 34 -29.06 -13.87 1.39
N PRO A 35 -28.92 -14.93 2.20
CA PRO A 35 -27.62 -15.59 2.38
C PRO A 35 -27.12 -16.52 1.27
N LYS A 36 -27.99 -16.87 0.32
CA LYS A 36 -27.60 -17.77 -0.76
C LYS A 36 -27.65 -17.07 -2.13
N LYS A 37 -27.75 -15.75 -2.09
CA LYS A 37 -27.81 -14.95 -3.32
C LYS A 37 -26.75 -13.84 -3.29
N ALA A 38 -25.98 -13.72 -4.37
CA ALA A 38 -24.96 -12.68 -4.43
C ALA A 38 -25.61 -11.31 -4.44
N THR A 39 -25.12 -10.40 -3.62
CA THR A 39 -25.67 -9.04 -3.57
C THR A 39 -25.02 -8.18 -4.66
N PRO A 40 -25.74 -7.17 -5.16
CA PRO A 40 -25.22 -6.26 -6.19
C PRO A 40 -23.79 -5.83 -5.94
N ASN A 41 -23.48 -5.55 -4.68
CA ASN A 41 -22.14 -5.12 -4.31
C ASN A 41 -21.09 -6.21 -4.41
N GLU A 42 -21.42 -7.42 -3.96
CA GLU A 42 -20.43 -8.49 -4.09
C GLU A 42 -20.16 -8.67 -5.59
N ILE A 43 -21.23 -8.84 -6.36
CA ILE A 43 -21.08 -9.03 -7.81
C ILE A 43 -20.27 -7.87 -8.37
N SER A 44 -20.54 -6.67 -7.88
CA SER A 44 -19.81 -5.49 -8.32
C SER A 44 -18.32 -5.61 -8.10
N TRP A 45 -17.95 -6.03 -6.90
CA TRP A 45 -16.53 -6.17 -6.59
C TRP A 45 -15.87 -7.41 -7.18
N ILE A 46 -16.65 -8.45 -7.39
CA ILE A 46 -16.11 -9.66 -8.00
C ILE A 46 -15.65 -9.24 -9.42
N ASN A 47 -16.40 -8.33 -10.04
CA ASN A 47 -16.03 -7.84 -11.38
C ASN A 47 -14.69 -7.09 -11.34
N VAL A 48 -14.44 -6.32 -10.28
CA VAL A 48 -13.17 -5.60 -10.18
C VAL A 48 -12.05 -6.64 -10.22
N PHE A 49 -12.27 -7.79 -9.59
CA PHE A 49 -11.25 -8.83 -9.61
C PHE A 49 -11.27 -9.62 -10.92
N ALA A 50 -12.44 -9.74 -11.55
CA ALA A 50 -12.51 -10.45 -12.83
C ALA A 50 -11.87 -9.60 -13.94
N ASN A 51 -12.09 -8.29 -13.88
CA ASN A 51 -11.51 -7.42 -14.91
C ASN A 51 -9.99 -7.36 -14.85
N SER A 52 -9.42 -7.83 -13.74
CA SER A 52 -7.96 -7.84 -13.62
C SER A 52 -7.41 -9.15 -14.20
N ILE A 53 -8.28 -10.05 -14.64
CA ILE A 53 -7.79 -11.33 -15.15
C ILE A 53 -6.94 -11.18 -16.41
N PRO A 54 -7.37 -10.36 -17.38
CA PRO A 54 -6.56 -10.21 -18.60
C PRO A 54 -5.12 -9.76 -18.28
N SER A 55 -4.98 -8.68 -17.52
CA SER A 55 -3.64 -8.19 -17.17
C SER A 55 -2.79 -9.21 -16.42
N PHE A 56 -3.36 -9.86 -15.40
CA PHE A 56 -2.60 -10.86 -14.67
C PHE A 56 -2.18 -11.99 -15.63
N LYS A 57 -3.07 -12.36 -16.55
CA LYS A 57 -2.75 -13.43 -17.50
C LYS A 57 -1.55 -13.01 -18.33
N LYS A 58 -1.60 -11.81 -18.90
CA LYS A 58 -0.51 -11.30 -19.72
C LYS A 58 0.82 -11.28 -18.98
N ARG A 59 0.77 -10.81 -17.73
CA ARG A 59 1.99 -10.75 -16.95
C ARG A 59 2.52 -12.16 -16.69
N ALA A 60 1.62 -13.07 -16.34
CA ALA A 60 2.03 -14.44 -16.04
C ALA A 60 2.65 -15.16 -17.23
N GLU A 61 1.98 -15.09 -18.37
CA GLU A 61 2.45 -15.77 -19.57
C GLU A 61 3.77 -15.23 -20.09
N SER A 62 4.13 -14.03 -19.65
CA SER A 62 5.37 -13.41 -20.09
C SER A 62 6.53 -13.74 -19.16
N ASP A 63 6.23 -14.32 -18.00
CA ASP A 63 7.27 -14.67 -17.05
C ASP A 63 8.14 -15.73 -17.70
N ILE A 64 9.33 -15.34 -18.16
CA ILE A 64 10.21 -16.29 -18.83
C ILE A 64 10.99 -17.16 -17.84
N THR A 65 10.84 -16.91 -16.55
CA THR A 65 11.55 -17.71 -15.57
C THR A 65 10.77 -19.00 -15.37
N VAL A 66 9.48 -18.96 -15.69
CA VAL A 66 8.61 -20.12 -15.56
C VAL A 66 8.56 -20.85 -16.89
N PRO A 67 8.86 -22.16 -16.89
CA PRO A 67 8.83 -22.89 -18.15
C PRO A 67 7.38 -23.19 -18.55
N ASP A 68 7.05 -22.96 -19.81
CA ASP A 68 5.70 -23.24 -20.30
C ASP A 68 4.72 -22.27 -19.61
N ALA A 69 5.18 -21.04 -19.40
CA ALA A 69 4.37 -20.00 -18.77
C ALA A 69 3.01 -19.80 -19.41
N PRO A 70 2.96 -19.67 -20.75
CA PRO A 70 1.68 -19.46 -21.44
C PRO A 70 0.56 -20.43 -21.06
N ALA A 71 0.87 -21.72 -21.00
CA ALA A 71 -0.14 -22.73 -20.66
C ALA A 71 -0.58 -22.54 -19.21
N ARG A 72 0.39 -22.29 -18.33
CA ARG A 72 0.11 -22.09 -16.92
C ARG A 72 -0.71 -20.83 -16.67
N ALA A 73 -0.44 -19.78 -17.45
CA ALA A 73 -1.18 -18.53 -17.30
C ALA A 73 -2.62 -18.71 -17.77
N GLU A 74 -2.80 -19.59 -18.76
CA GLU A 74 -4.13 -19.90 -19.28
C GLU A 74 -4.92 -20.59 -18.16
N LYS A 75 -4.25 -21.46 -17.42
CA LYS A 75 -4.87 -22.19 -16.31
C LYS A 75 -5.25 -21.23 -15.17
N PHE A 76 -4.39 -20.27 -14.88
CA PHE A 76 -4.67 -19.28 -13.83
C PHE A 76 -5.93 -18.50 -14.19
N ALA A 77 -5.90 -17.84 -15.33
CA ALA A 77 -7.04 -17.03 -15.77
C ALA A 77 -8.31 -17.88 -15.74
N GLU A 78 -8.18 -19.13 -16.19
CA GLU A 78 -9.30 -20.05 -16.22
C GLU A 78 -9.83 -20.41 -14.85
N ARG A 79 -8.94 -20.84 -13.95
CA ARG A 79 -9.35 -21.23 -12.60
C ARG A 79 -9.94 -20.09 -11.79
N TYR A 80 -9.24 -18.96 -11.76
CA TYR A 80 -9.70 -17.81 -10.99
C TYR A 80 -11.03 -17.27 -11.55
N ALA A 81 -11.13 -17.19 -12.87
CA ALA A 81 -12.38 -16.71 -13.46
C ALA A 81 -13.54 -17.58 -13.02
N GLY A 82 -13.30 -18.89 -13.00
CA GLY A 82 -14.35 -19.82 -12.59
C GLY A 82 -14.71 -19.64 -11.14
N ILE A 83 -13.69 -19.44 -10.31
CA ILE A 83 -13.86 -19.24 -8.87
C ILE A 83 -14.74 -18.00 -8.66
N LEU A 84 -14.44 -16.95 -9.41
CA LEU A 84 -15.23 -15.73 -9.31
C LEU A 84 -16.67 -15.98 -9.76
N GLU A 85 -16.84 -16.75 -10.84
CA GLU A 85 -18.19 -17.08 -11.32
C GLU A 85 -18.94 -17.86 -10.23
N ASP A 86 -18.22 -18.74 -9.53
CA ASP A 86 -18.85 -19.53 -8.46
C ASP A 86 -19.29 -18.64 -7.30
N LEU A 87 -18.46 -17.67 -6.93
CA LEU A 87 -18.78 -16.77 -5.84
C LEU A 87 -20.08 -16.01 -6.14
N LYS A 88 -20.35 -15.77 -7.42
CA LYS A 88 -21.59 -15.08 -7.81
C LYS A 88 -22.78 -16.03 -7.63
N LYS A 89 -22.54 -17.33 -7.77
CA LYS A 89 -23.61 -18.32 -7.62
C LYS A 89 -23.95 -18.66 -6.18
N ASP A 90 -22.94 -18.76 -5.32
CA ASP A 90 -23.17 -19.08 -3.92
C ASP A 90 -22.11 -18.39 -3.05
N PRO A 91 -22.52 -17.32 -2.34
CA PRO A 91 -21.65 -16.54 -1.47
C PRO A 91 -20.80 -17.35 -0.48
N GLU A 92 -21.25 -18.54 -0.12
CA GLU A 92 -20.52 -19.36 0.84
C GLU A 92 -19.43 -20.23 0.20
N SER A 93 -19.31 -20.21 -1.12
CA SER A 93 -18.30 -21.01 -1.79
C SER A 93 -16.90 -20.40 -1.70
N HIS A 94 -15.88 -21.22 -1.96
CA HIS A 94 -14.49 -20.76 -1.96
C HIS A 94 -14.03 -19.94 -0.75
N GLY A 95 -14.63 -20.22 0.41
CA GLY A 95 -14.25 -19.52 1.62
C GLY A 95 -15.10 -18.30 1.95
N GLY A 96 -16.09 -18.01 1.09
CA GLY A 96 -16.95 -16.86 1.29
C GLY A 96 -17.81 -16.82 2.54
N PRO A 97 -18.64 -15.78 2.72
CA PRO A 97 -18.85 -14.62 1.83
C PRO A 97 -17.57 -13.83 1.51
N PRO A 98 -17.51 -13.24 0.32
CA PRO A 98 -16.30 -12.48 -0.02
C PRO A 98 -16.12 -11.11 0.61
N ASP A 99 -14.93 -10.57 0.34
CA ASP A 99 -14.49 -9.24 0.75
C ASP A 99 -13.13 -9.04 0.11
N GLY A 100 -12.63 -7.81 0.13
CA GLY A 100 -11.35 -7.52 -0.50
C GLY A 100 -10.21 -8.47 -0.16
N ILE A 101 -10.01 -8.72 1.13
CA ILE A 101 -8.93 -9.62 1.53
C ILE A 101 -9.09 -11.01 0.91
N LEU A 102 -10.27 -11.61 1.04
CA LEU A 102 -10.48 -12.95 0.49
C LEU A 102 -10.25 -12.98 -1.02
N LEU A 103 -10.82 -12.01 -1.73
CA LEU A 103 -10.66 -11.97 -3.18
C LEU A 103 -9.19 -11.80 -3.55
N CYS A 104 -8.48 -10.95 -2.82
CA CYS A 104 -7.05 -10.76 -3.10
C CYS A 104 -6.27 -12.04 -2.85
N ARG A 105 -6.52 -12.64 -1.69
CA ARG A 105 -5.82 -13.87 -1.33
C ARG A 105 -6.09 -14.98 -2.34
N LEU A 106 -7.36 -15.23 -2.66
CA LEU A 106 -7.67 -16.26 -3.62
C LEU A 106 -6.83 -16.12 -4.90
N ARG A 107 -6.71 -14.90 -5.41
CA ARG A 107 -5.95 -14.64 -6.62
C ARG A 107 -4.48 -15.02 -6.45
N GLU A 108 -3.90 -14.65 -5.31
CA GLU A 108 -2.52 -14.97 -5.01
C GLU A 108 -2.32 -16.48 -4.91
N GLN A 109 -3.25 -17.14 -4.23
CA GLN A 109 -3.12 -18.58 -4.05
C GLN A 109 -3.19 -19.37 -5.34
N VAL A 110 -4.04 -18.96 -6.28
CA VAL A 110 -4.10 -19.70 -7.54
C VAL A 110 -2.76 -19.55 -8.26
N LEU A 111 -2.24 -18.32 -8.31
CA LEU A 111 -0.97 -18.07 -8.97
C LEU A 111 0.17 -18.89 -8.35
N ARG A 112 0.29 -18.84 -7.03
CA ARG A 112 1.38 -19.53 -6.34
C ARG A 112 1.30 -21.04 -6.47
N GLU A 113 0.09 -21.57 -6.61
CA GLU A 113 -0.10 -23.01 -6.75
C GLU A 113 0.43 -23.51 -8.09
N LEU A 114 0.24 -22.67 -9.11
CA LEU A 114 0.68 -22.98 -10.47
C LEU A 114 2.19 -22.79 -10.63
N GLY A 115 2.86 -22.41 -9.56
CA GLY A 115 4.31 -22.26 -9.63
C GLY A 115 4.86 -20.86 -9.78
N PHE A 116 3.99 -19.89 -10.02
CA PHE A 116 4.47 -18.51 -10.17
C PHE A 116 4.85 -18.01 -8.77
N ARG A 117 5.86 -17.14 -8.71
CA ARG A 117 6.30 -16.61 -7.43
C ARG A 117 6.39 -15.10 -7.45
N ASP A 118 6.65 -14.52 -8.63
CA ASP A 118 6.73 -13.07 -8.76
C ASP A 118 6.64 -12.72 -10.22
N ILE A 119 5.43 -12.74 -10.78
CA ILE A 119 5.28 -12.44 -12.20
C ILE A 119 5.57 -10.98 -12.52
N PHE A 120 5.81 -10.18 -11.49
CA PHE A 120 6.10 -8.75 -11.66
C PHE A 120 7.57 -8.40 -11.38
N LYS A 121 8.38 -9.39 -11.06
CA LYS A 121 9.78 -9.14 -10.71
C LYS A 121 10.59 -8.41 -11.78
N LYS A 122 10.45 -8.82 -13.03
CA LYS A 122 11.20 -8.17 -14.09
C LYS A 122 10.87 -6.67 -14.15
N VAL A 123 9.58 -6.34 -14.27
CA VAL A 123 9.17 -4.95 -14.36
C VAL A 123 9.53 -4.18 -13.09
N LYS A 124 9.30 -4.79 -11.92
CA LYS A 124 9.67 -4.14 -10.67
C LYS A 124 11.12 -3.70 -10.78
N ASP A 125 12.00 -4.64 -11.12
CA ASP A 125 13.42 -4.32 -11.26
C ASP A 125 13.67 -3.20 -12.28
N GLU A 126 12.89 -3.17 -13.34
CA GLU A 126 13.09 -2.17 -14.38
C GLU A 126 12.58 -0.78 -13.98
N GLU A 127 11.58 -0.76 -13.12
CA GLU A 127 11.01 0.51 -12.69
C GLU A 127 11.85 1.07 -11.54
N ASN A 128 12.46 0.17 -10.78
CA ASN A 128 13.32 0.59 -9.68
C ASN A 128 14.58 1.18 -10.29
N ALA A 129 15.13 0.52 -11.32
CA ALA A 129 16.36 1.01 -11.96
C ALA A 129 16.18 2.46 -12.40
N LYS A 130 15.01 2.76 -12.95
CA LYS A 130 14.72 4.12 -13.40
C LYS A 130 14.63 5.04 -12.20
N ALA A 131 13.82 4.67 -11.22
CA ALA A 131 13.68 5.51 -10.04
C ALA A 131 15.04 5.79 -9.43
N ILE A 132 15.91 4.78 -9.42
CA ILE A 132 17.24 4.97 -8.86
C ILE A 132 17.96 6.11 -9.58
N SER A 133 17.92 6.12 -10.90
CA SER A 133 18.58 7.17 -11.67
C SER A 133 18.03 8.57 -11.37
N LEU A 134 16.87 8.63 -10.72
CA LEU A 134 16.25 9.92 -10.42
C LEU A 134 16.26 10.33 -8.96
N PHE A 135 16.68 9.44 -8.07
CA PHE A 135 16.65 9.78 -6.65
C PHE A 135 17.36 11.11 -6.34
N PRO A 136 18.60 11.29 -6.81
CA PRO A 136 19.27 12.56 -6.51
C PRO A 136 18.49 13.81 -6.87
N GLN A 137 18.05 13.90 -8.13
CA GLN A 137 17.31 15.07 -8.61
C GLN A 137 16.05 15.34 -7.79
N VAL A 138 15.28 14.28 -7.56
CA VAL A 138 14.05 14.42 -6.80
C VAL A 138 14.32 14.89 -5.39
N VAL A 139 15.34 14.33 -4.75
CA VAL A 139 15.70 14.75 -3.40
C VAL A 139 16.31 16.15 -3.45
N SER A 140 16.78 16.57 -4.63
CA SER A 140 17.37 17.90 -4.78
C SER A 140 16.30 18.98 -4.74
N LEU A 141 15.21 18.74 -5.46
CA LEU A 141 14.11 19.69 -5.54
C LEU A 141 13.44 19.95 -4.20
N SER A 142 13.26 18.91 -3.39
CA SER A 142 12.64 19.16 -2.09
C SER A 142 13.62 19.89 -1.19
N ASP A 143 14.92 19.61 -1.33
CA ASP A 143 15.87 20.30 -0.48
C ASP A 143 15.93 21.77 -0.87
N ALA A 144 15.77 22.07 -2.15
CA ALA A 144 15.84 23.47 -2.59
C ALA A 144 14.73 24.30 -1.94
N ILE A 145 13.82 23.63 -1.23
CA ILE A 145 12.72 24.32 -0.56
C ILE A 145 13.09 24.66 0.88
N GLU A 146 13.37 25.95 1.08
CA GLU A 146 13.74 26.49 2.38
C GLU A 146 12.72 26.24 3.49
N ASP A 147 11.47 26.61 3.27
CA ASP A 147 10.47 26.42 4.33
C ASP A 147 10.15 24.96 4.58
N ASP A 148 10.12 24.56 5.84
CA ASP A 148 9.86 23.16 6.17
C ASP A 148 8.46 22.69 5.76
N GLY A 149 7.43 23.44 6.14
CA GLY A 149 6.06 23.07 5.82
C GLY A 149 5.82 23.03 4.32
N LYS A 150 6.19 24.09 3.63
CA LYS A 150 6.03 24.12 2.18
C LYS A 150 6.77 22.93 1.58
N ARG A 151 7.84 22.51 2.22
CA ARG A 151 8.60 21.36 1.75
C ARG A 151 7.74 20.12 1.95
N LEU A 152 7.03 20.08 3.09
CA LEU A 152 6.16 18.95 3.40
C LEU A 152 5.11 18.74 2.33
N GLU A 153 4.35 19.79 2.03
CA GLU A 153 3.32 19.65 1.00
C GLU A 153 3.91 19.08 -0.29
N ASN A 154 5.13 19.47 -0.60
CA ASN A 154 5.79 18.98 -1.80
C ASN A 154 6.21 17.52 -1.61
N LEU A 155 6.46 17.10 -0.37
CA LEU A 155 6.85 15.72 -0.12
C LEU A 155 5.61 14.83 -0.16
N VAL A 156 4.48 15.39 0.28
CA VAL A 156 3.20 14.66 0.27
C VAL A 156 2.70 14.53 -1.18
N ARG A 157 2.87 15.56 -2.01
CA ARG A 157 2.45 15.44 -3.41
C ARG A 157 3.28 14.36 -4.13
N GLY A 158 4.54 14.21 -3.73
CA GLY A 158 5.38 13.19 -4.35
C GLY A 158 4.89 11.79 -4.04
N ILE A 159 4.50 11.53 -2.79
CA ILE A 159 4.01 10.20 -2.43
C ILE A 159 2.85 9.82 -3.36
N PHE A 160 1.95 10.78 -3.58
CA PHE A 160 0.80 10.59 -4.47
C PHE A 160 1.25 10.28 -5.90
N ALA A 161 2.13 11.12 -6.46
CA ALA A 161 2.61 10.91 -7.81
C ALA A 161 3.39 9.58 -7.91
N GLY A 162 4.06 9.21 -6.82
CA GLY A 162 4.80 7.97 -6.83
C GLY A 162 3.87 6.78 -6.73
N ASN A 163 2.72 6.97 -6.08
CA ASN A 163 1.75 5.89 -5.88
C ASN A 163 0.96 5.62 -7.17
N ILE A 164 0.97 6.59 -8.10
CA ILE A 164 0.29 6.42 -9.38
C ILE A 164 1.28 6.09 -10.50
N PHE A 165 2.42 6.76 -10.50
CA PHE A 165 3.45 6.54 -11.52
C PHE A 165 4.04 5.15 -11.39
N MET A 181 5.75 10.34 -19.70
CA MET A 181 6.04 9.41 -18.62
C MET A 181 7.06 10.05 -17.68
N SER A 182 6.57 10.91 -16.80
CA SER A 182 7.45 11.60 -15.86
C SER A 182 6.92 11.58 -14.44
N PHE A 183 7.82 11.37 -13.48
CA PHE A 183 7.43 11.36 -12.08
C PHE A 183 7.25 12.81 -11.62
N LEU A 184 8.22 13.66 -11.91
CA LEU A 184 8.12 15.06 -11.49
C LEU A 184 6.92 15.77 -12.12
N ALA A 185 6.56 15.38 -13.33
CA ALA A 185 5.41 15.98 -14.00
C ALA A 185 4.14 15.62 -13.24
N SER A 186 3.98 14.33 -12.94
CA SER A 186 2.80 13.86 -12.22
C SER A 186 2.63 14.60 -10.89
N CYS A 187 3.74 14.94 -10.24
CA CYS A 187 3.67 15.67 -8.98
C CYS A 187 2.88 16.96 -9.16
N GLN A 188 2.88 17.48 -10.38
CA GLN A 188 2.18 18.73 -10.68
C GLN A 188 0.86 18.53 -11.39
N ASN A 189 0.46 17.27 -11.57
CA ASN A 189 -0.80 16.98 -12.25
C ASN A 189 -1.84 16.26 -11.41
N LEU A 190 -1.75 16.37 -10.09
CA LEU A 190 -2.72 15.74 -9.19
C LEU A 190 -4.05 16.48 -9.27
N VAL A 191 -5.14 15.76 -9.02
CA VAL A 191 -6.45 16.41 -9.04
C VAL A 191 -6.36 17.62 -8.09
N PRO A 192 -7.09 18.69 -8.40
CA PRO A 192 -7.03 19.87 -7.53
C PRO A 192 -7.71 19.71 -6.17
N ARG A 193 -7.19 20.41 -5.17
CA ARG A 193 -7.77 20.35 -3.83
C ARG A 193 -9.02 21.21 -3.80
N PRO A 194 -9.89 21.00 -2.81
CA PRO A 194 -9.79 20.03 -1.72
C PRO A 194 -9.77 18.58 -2.18
N TRP A 195 -8.80 17.80 -1.71
CA TRP A 195 -8.72 16.40 -2.07
C TRP A 195 -9.85 15.66 -1.34
N VAL A 196 -10.26 14.50 -1.85
CA VAL A 196 -11.35 13.70 -1.24
C VAL A 196 -11.31 13.85 0.28
N ILE A 197 -10.23 13.37 0.90
CA ILE A 197 -10.04 13.55 2.34
C ILE A 197 -8.80 14.43 2.36
N ASP A 198 -8.93 15.59 3.01
CA ASP A 198 -7.86 16.58 3.02
C ASP A 198 -7.54 17.10 4.42
N ASP A 199 -6.76 16.31 5.16
CA ASP A 199 -6.38 16.70 6.53
C ASP A 199 -4.96 17.25 6.55
N LEU A 200 -4.47 17.69 5.40
CA LEU A 200 -3.09 18.19 5.30
C LEU A 200 -2.82 19.45 6.13
N GLU A 201 -3.84 20.26 6.37
CA GLU A 201 -3.66 21.48 7.16
C GLU A 201 -3.31 21.12 8.61
N ASN A 202 -4.03 20.15 9.16
CA ASN A 202 -3.78 19.75 10.54
C ASN A 202 -2.44 19.03 10.68
N PHE A 203 -2.14 18.17 9.73
CA PHE A 203 -0.90 17.41 9.79
C PHE A 203 0.30 18.29 9.48
N GLN A 204 0.08 19.35 8.72
CA GLN A 204 1.16 20.25 8.35
C GLN A 204 1.48 21.20 9.50
N ALA A 205 0.58 21.23 10.48
CA ALA A 205 0.76 22.08 11.65
C ALA A 205 1.54 21.29 12.69
N LYS A 206 1.07 20.10 13.04
CA LYS A 206 1.76 19.28 14.04
C LYS A 206 3.17 18.86 13.64
N TRP A 207 3.37 18.64 12.34
CA TRP A 207 4.67 18.25 11.81
C TRP A 207 5.74 19.31 12.11
N ILE A 208 5.30 20.54 12.33
CA ILE A 208 6.22 21.63 12.62
C ILE A 208 6.40 21.80 14.14
N ASN A 209 5.98 20.78 14.87
CA ASN A 209 6.09 20.74 16.33
C ASN A 209 7.07 19.65 16.75
N LYS A 210 7.67 18.99 15.76
CA LYS A 210 8.64 17.92 16.00
C LYS A 210 8.22 17.03 17.18
N SER A 211 6.95 16.66 17.16
CA SER A 211 6.36 15.84 18.21
C SER A 211 6.50 14.34 17.98
N TRP A 212 6.61 13.92 16.72
CA TRP A 212 6.75 12.50 16.39
C TRP A 212 8.22 12.09 16.36
N LYS A 213 8.54 11.01 17.07
CA LYS A 213 9.92 10.53 17.12
C LYS A 213 10.07 9.09 16.64
N LYS A 214 8.95 8.43 16.33
CA LYS A 214 8.99 7.04 15.87
C LYS A 214 7.88 6.72 14.84
N ALA A 215 8.22 6.79 13.55
CA ALA A 215 7.26 6.48 12.48
C ALA A 215 7.44 5.07 11.91
N VAL A 216 6.32 4.43 11.57
CA VAL A 216 6.30 3.10 10.97
C VAL A 216 5.46 3.24 9.71
N ILE A 217 6.05 2.99 8.55
CA ILE A 217 5.33 3.12 7.26
C ILE A 217 5.13 1.78 6.56
N PHE A 218 3.89 1.51 6.16
CA PHE A 218 3.54 0.31 5.42
C PHE A 218 3.58 0.72 3.95
N VAL A 219 4.73 0.48 3.31
CA VAL A 219 4.93 0.84 1.93
C VAL A 219 4.05 0.10 0.94
N ASP A 220 4.07 0.55 -0.31
CA ASP A 220 3.20 -0.04 -1.32
C ASP A 220 3.97 -0.54 -2.53
N ASN A 221 4.02 0.27 -3.58
CA ASN A 221 4.69 -0.19 -4.80
C ASN A 221 6.18 0.05 -4.90
N SER A 222 6.81 -0.71 -5.78
CA SER A 222 8.24 -0.59 -6.05
C SER A 222 8.44 0.71 -6.84
N GLY A 223 9.48 0.72 -7.66
CA GLY A 223 9.77 1.85 -8.52
C GLY A 223 9.63 3.26 -7.96
N ALA A 224 8.98 4.13 -8.71
CA ALA A 224 8.81 5.53 -8.29
C ALA A 224 8.19 5.63 -6.91
N ASP A 225 7.27 4.72 -6.63
CA ASP A 225 6.57 4.76 -5.35
C ASP A 225 7.56 4.75 -4.18
N ILE A 226 8.27 3.64 -4.01
CA ILE A 226 9.20 3.55 -2.89
C ILE A 226 10.44 4.43 -3.04
N ILE A 227 10.92 4.60 -4.27
CA ILE A 227 12.15 5.37 -4.49
C ILE A 227 11.98 6.88 -4.75
N LEU A 228 10.81 7.30 -5.22
CA LEU A 228 10.60 8.73 -5.48
C LEU A 228 9.55 9.36 -4.58
N GLY A 229 8.89 8.54 -3.77
CA GLY A 229 7.87 9.06 -2.87
C GLY A 229 8.13 8.78 -1.40
N ILE A 230 7.99 7.52 -0.99
CA ILE A 230 8.18 7.12 0.41
C ILE A 230 9.66 7.04 0.77
N LEU A 231 10.47 7.95 0.21
CA LEU A 231 11.90 7.96 0.47
C LEU A 231 12.36 9.38 0.82
N PRO A 232 11.82 10.40 0.15
CA PRO A 232 12.26 11.76 0.49
C PRO A 232 11.64 12.09 1.84
N PHE A 233 10.45 11.53 2.04
CA PHE A 233 9.66 11.66 3.26
C PHE A 233 10.44 10.92 4.36
N ALA A 234 10.85 9.69 4.04
CA ALA A 234 11.64 8.89 4.97
C ALA A 234 12.96 9.60 5.25
N ARG A 235 13.57 10.13 4.19
CA ARG A 235 14.81 10.86 4.32
C ARG A 235 14.59 12.14 5.13
N GLU A 236 13.50 12.86 4.85
CA GLU A 236 13.18 14.08 5.58
C GLU A 236 12.89 13.76 7.05
N LEU A 237 12.15 12.69 7.31
CA LEU A 237 11.87 12.33 8.71
C LEU A 237 13.20 12.03 9.41
N LEU A 238 14.15 11.49 8.66
CA LEU A 238 15.46 11.18 9.27
C LEU A 238 16.25 12.48 9.43
N ARG A 239 15.60 13.60 9.19
CA ARG A 239 16.25 14.91 9.31
C ARG A 239 15.79 15.64 10.57
N ARG A 240 14.48 15.83 10.69
CA ARG A 240 13.90 16.52 11.84
C ARG A 240 14.15 15.77 13.15
N GLY A 241 14.67 14.55 13.03
CA GLY A 241 14.99 13.77 14.21
C GLY A 241 14.17 12.54 14.52
N ALA A 242 13.50 11.97 13.52
CA ALA A 242 12.70 10.77 13.78
C ALA A 242 13.35 9.44 13.39
N GLN A 243 12.85 8.36 13.98
CA GLN A 243 13.31 7.01 13.68
C GLN A 243 12.24 6.47 12.70
N VAL A 244 12.64 5.71 11.68
CA VAL A 244 11.66 5.20 10.73
C VAL A 244 11.82 3.72 10.43
N VAL A 245 10.69 3.01 10.41
CA VAL A 245 10.64 1.60 10.13
C VAL A 245 9.85 1.45 8.82
N LEU A 246 10.30 0.56 7.94
CA LEU A 246 9.57 0.35 6.68
C LEU A 246 9.09 -1.11 6.68
N ALA A 247 7.78 -1.32 6.70
CA ALA A 247 7.19 -2.65 6.70
C ALA A 247 6.73 -3.05 5.30
N ALA A 248 7.27 -4.16 4.81
CA ALA A 248 6.94 -4.62 3.48
C ALA A 248 6.59 -6.10 3.38
N ASN A 249 5.86 -6.41 2.31
CA ASN A 249 5.41 -7.77 2.02
C ASN A 249 6.55 -8.78 2.11
N GLU A 250 6.21 -9.99 2.53
CA GLU A 250 7.21 -11.04 2.61
C GLU A 250 7.13 -11.89 1.34
N LEU A 251 6.04 -11.72 0.61
CA LEU A 251 5.83 -12.47 -0.61
C LEU A 251 5.32 -11.58 -1.71
N PRO A 252 5.84 -11.74 -2.93
CA PRO A 252 5.39 -10.91 -4.04
C PRO A 252 3.87 -10.90 -4.18
N SER A 253 3.39 -9.80 -4.73
CA SER A 253 1.98 -9.55 -4.97
C SER A 253 1.98 -8.21 -5.69
N ILE A 254 1.62 -8.25 -6.98
CA ILE A 254 1.65 -7.08 -7.85
C ILE A 254 3.09 -6.54 -7.81
N ASN A 255 3.24 -5.23 -7.82
CA ASN A 255 4.59 -4.65 -7.79
C ASN A 255 4.93 -4.04 -6.43
N ASP A 256 4.32 -4.58 -5.37
CA ASP A 256 4.55 -4.08 -4.03
C ASP A 256 5.93 -4.43 -3.52
N ILE A 257 6.64 -3.42 -3.03
CA ILE A 257 8.00 -3.62 -2.53
C ILE A 257 7.99 -4.53 -1.30
N THR A 258 8.93 -5.48 -1.24
CA THR A 258 9.02 -6.40 -0.12
C THR A 258 10.14 -5.94 0.83
N CYS A 259 10.16 -6.49 2.03
CA CYS A 259 11.16 -6.14 3.02
C CYS A 259 12.60 -6.38 2.55
N THR A 260 12.81 -7.50 1.85
CA THR A 260 14.13 -7.85 1.33
C THR A 260 14.58 -6.88 0.24
N GLU A 261 13.73 -6.69 -0.77
CA GLU A 261 14.06 -5.81 -1.88
C GLU A 261 14.34 -4.39 -1.37
N LEU A 262 13.55 -3.94 -0.38
CA LEU A 262 13.72 -2.60 0.18
C LEU A 262 15.09 -2.45 0.84
N THR A 263 15.46 -3.44 1.66
CA THR A 263 16.77 -3.41 2.30
C THR A 263 17.85 -3.28 1.22
N GLU A 264 17.65 -3.99 0.10
CA GLU A 264 18.60 -3.96 -1.02
C GLU A 264 18.62 -2.58 -1.68
N ILE A 265 17.44 -1.97 -1.81
CA ILE A 265 17.32 -0.65 -2.41
C ILE A 265 18.09 0.40 -1.61
N LEU A 266 17.89 0.41 -0.30
CA LEU A 266 18.59 1.37 0.56
C LEU A 266 20.10 1.22 0.43
N SER A 267 20.58 -0.01 0.53
CA SER A 267 22.02 -0.27 0.39
C SER A 267 22.48 -0.06 -1.05
N GLN A 268 21.58 0.45 -1.89
CA GLN A 268 21.90 0.69 -3.30
C GLN A 268 21.70 2.16 -3.66
N LEU A 269 21.23 2.95 -2.69
CA LEU A 269 20.99 4.37 -2.89
C LEU A 269 21.83 5.23 -1.96
N LYS A 270 22.46 4.58 -0.98
CA LYS A 270 23.27 5.28 0.02
C LYS A 270 24.46 6.03 -0.55
N ASN A 273 29.08 6.86 3.53
CA ASN A 273 28.92 7.08 4.97
C ASN A 273 27.62 6.45 5.44
N GLY A 274 27.02 5.64 4.55
CA GLY A 274 25.76 5.00 4.89
C GLY A 274 24.67 6.04 5.00
N GLN A 275 24.90 7.19 4.37
CA GLN A 275 23.93 8.27 4.41
C GLN A 275 23.11 8.36 3.14
N LEU A 276 21.93 8.96 3.24
CA LEU A 276 21.07 9.16 2.08
C LEU A 276 21.21 10.63 1.71
N LEU A 277 22.10 10.90 0.77
CA LEU A 277 22.35 12.28 0.34
C LEU A 277 22.62 13.19 1.51
N GLY A 278 23.58 12.80 2.35
CA GLY A 278 23.95 13.60 3.50
C GLY A 278 23.18 13.35 4.79
N VAL A 279 22.20 12.45 4.76
CA VAL A 279 21.41 12.14 5.95
C VAL A 279 21.71 10.76 6.50
N ASP A 280 21.99 10.70 7.80
CA ASP A 280 22.30 9.45 8.47
C ASP A 280 21.09 8.50 8.49
N THR A 281 21.34 7.23 8.20
CA THR A 281 20.26 6.24 8.17
C THR A 281 20.34 5.21 9.30
N SER A 282 20.95 5.59 10.42
CA SER A 282 21.07 4.69 11.57
C SER A 282 19.70 4.38 12.18
N LYS A 283 18.79 5.34 12.13
CA LYS A 283 17.45 5.14 12.68
C LYS A 283 16.42 4.82 11.61
N LEU A 284 16.89 4.22 10.51
CA LEU A 284 16.03 3.81 9.40
C LEU A 284 16.09 2.29 9.31
N LEU A 285 15.01 1.64 9.74
CA LEU A 285 14.93 0.19 9.73
C LEU A 285 13.94 -0.34 8.70
N ILE A 286 14.32 -1.41 8.00
CA ILE A 286 13.45 -2.04 7.00
C ILE A 286 12.89 -3.30 7.67
N ALA A 287 11.58 -3.34 7.84
CA ALA A 287 10.92 -4.46 8.49
C ALA A 287 10.03 -5.30 7.59
N ASN A 288 9.90 -6.58 7.94
CA ASN A 288 9.04 -7.52 7.24
C ASN A 288 7.72 -7.52 7.99
N SER A 289 6.62 -7.40 7.26
CA SER A 289 5.30 -7.38 7.88
C SER A 289 4.63 -8.74 7.86
N GLY A 290 5.21 -9.65 7.08
CA GLY A 290 4.66 -10.98 6.95
C GLY A 290 3.51 -11.00 5.95
N ASN A 291 3.25 -9.86 5.31
CA ASN A 291 2.12 -9.76 4.36
C ASN A 291 2.43 -10.36 2.98
N ASP A 292 1.39 -10.77 2.26
CA ASP A 292 1.58 -11.38 0.95
C ASP A 292 0.44 -11.03 -0.02
N LEU A 293 -0.32 -9.99 0.32
CA LEU A 293 -1.44 -9.56 -0.53
C LEU A 293 -1.30 -8.06 -0.78
N PRO A 294 -2.13 -7.52 -1.72
CA PRO A 294 -2.04 -6.08 -1.97
C PRO A 294 -2.96 -5.33 -1.00
N VAL A 295 -3.53 -6.06 -0.06
CA VAL A 295 -4.35 -5.50 1.00
C VAL A 295 -3.65 -6.12 2.20
N ILE A 296 -3.70 -5.47 3.35
CA ILE A 296 -3.01 -6.04 4.50
C ILE A 296 -3.90 -6.08 5.74
N ASP A 297 -4.22 -7.29 6.21
CA ASP A 297 -5.02 -7.48 7.43
C ASP A 297 -4.02 -7.33 8.58
N LEU A 298 -4.20 -6.31 9.41
CA LEU A 298 -3.25 -6.07 10.49
C LEU A 298 -3.54 -6.89 11.72
N SER A 299 -4.57 -7.73 11.67
CA SER A 299 -4.85 -8.57 12.83
C SER A 299 -3.85 -9.71 12.73
N ARG A 300 -3.13 -9.79 11.61
CA ARG A 300 -2.15 -10.85 11.40
C ARG A 300 -0.84 -10.39 10.79
N VAL A 301 0.09 -9.99 11.65
CA VAL A 301 1.40 -9.51 11.21
C VAL A 301 2.56 -10.29 11.82
N SER A 302 3.75 -10.11 11.28
CA SER A 302 4.93 -10.81 11.79
C SER A 302 5.33 -10.32 13.17
N GLN A 303 6.16 -11.12 13.84
CA GLN A 303 6.65 -10.71 15.15
C GLN A 303 7.71 -9.64 14.93
N GLU A 304 8.40 -9.73 13.80
CA GLU A 304 9.42 -8.73 13.45
C GLU A 304 8.73 -7.37 13.56
N LEU A 305 7.57 -7.25 12.93
CA LEU A 305 6.85 -5.98 12.97
C LEU A 305 6.14 -5.76 14.30
N ALA A 306 5.68 -6.86 14.90
CA ALA A 306 5.01 -6.80 16.20
C ALA A 306 5.93 -6.16 17.25
N TYR A 307 7.19 -6.55 17.24
CA TYR A 307 8.18 -6.00 18.18
C TYR A 307 8.51 -4.53 17.93
N LEU A 308 8.86 -4.18 16.70
CA LEU A 308 9.23 -2.81 16.36
C LEU A 308 8.16 -1.74 16.62
N SER A 309 6.90 -2.03 16.29
CA SER A 309 5.82 -1.07 16.49
C SER A 309 5.15 -1.09 17.86
N SER A 310 5.95 -0.93 18.93
CA SER A 310 5.40 -0.90 20.28
C SER A 310 5.42 0.50 20.90
N ASP A 311 6.33 1.36 20.45
CA ASP A 311 6.42 2.73 20.96
C ASP A 311 6.25 3.76 19.84
N ALA A 312 5.98 3.29 18.63
CA ALA A 312 5.82 4.23 17.52
C ALA A 312 4.84 5.34 17.91
N ASP A 313 5.07 6.55 17.41
CA ASP A 313 4.16 7.66 17.69
C ASP A 313 3.39 8.05 16.43
N LEU A 314 3.75 7.47 15.29
CA LEU A 314 3.05 7.71 14.03
C LEU A 314 3.15 6.50 13.11
N VAL A 315 1.99 6.02 12.66
CA VAL A 315 1.89 4.88 11.76
C VAL A 315 1.23 5.37 10.47
N ILE A 316 1.97 5.33 9.36
CA ILE A 316 1.45 5.76 8.05
C ILE A 316 1.07 4.53 7.25
N VAL A 317 -0.15 4.50 6.72
CA VAL A 317 -0.60 3.35 5.93
C VAL A 317 -0.75 3.88 4.50
N GLU A 318 0.07 3.35 3.58
CA GLU A 318 0.08 3.82 2.20
C GLU A 318 -0.61 2.95 1.16
N GLY A 319 -1.29 3.59 0.21
CA GLY A 319 -1.94 2.83 -0.85
C GLY A 319 -3.41 2.54 -0.68
N MET A 320 -4.13 2.56 -1.80
CA MET A 320 -5.56 2.29 -1.78
C MET A 320 -5.89 0.96 -1.10
N GLY A 321 -5.09 -0.06 -1.36
CA GLY A 321 -5.34 -1.37 -0.78
C GLY A 321 -5.15 -1.47 0.72
N ARG A 322 -4.04 -0.92 1.21
CA ARG A 322 -3.70 -0.96 2.63
C ARG A 322 -4.36 0.13 3.49
N GLY A 323 -4.58 1.31 2.89
CA GLY A 323 -5.16 2.43 3.62
C GLY A 323 -6.60 2.75 3.29
N ILE A 324 -7.05 2.32 2.12
CA ILE A 324 -8.44 2.58 1.71
C ILE A 324 -9.29 1.31 1.72
N GLU A 325 -9.05 0.39 0.78
CA GLU A 325 -9.85 -0.84 0.74
C GLU A 325 -9.81 -1.58 2.07
N THR A 326 -8.77 -1.31 2.85
CA THR A 326 -8.67 -1.83 4.21
C THR A 326 -8.16 -0.68 5.05
N ASN A 327 -8.51 -0.68 6.33
CA ASN A 327 -8.00 0.29 7.29
C ASN A 327 -8.35 1.78 7.23
N LEU A 328 -9.26 2.22 6.36
CA LEU A 328 -9.58 3.66 6.32
C LEU A 328 -10.19 4.17 7.62
N TYR A 329 -10.89 3.29 8.33
CA TYR A 329 -11.51 3.69 9.58
C TYR A 329 -10.96 2.93 10.79
N ALA A 330 -9.84 2.24 10.60
CA ALA A 330 -9.24 1.52 11.71
C ALA A 330 -8.57 2.52 12.63
N GLN A 331 -8.91 2.46 13.90
CA GLN A 331 -8.31 3.38 14.87
C GLN A 331 -7.27 2.59 15.65
N PHE A 332 -6.08 3.17 15.79
CA PHE A 332 -4.99 2.55 16.53
C PHE A 332 -4.89 3.32 17.84
N LYS A 333 -3.93 2.93 18.67
CA LYS A 333 -3.69 3.59 19.93
C LYS A 333 -2.74 4.78 19.68
N CYS A 334 -2.10 4.77 18.51
CA CYS A 334 -1.20 5.86 18.10
C CYS A 334 -1.83 6.57 16.89
N ASP A 335 -1.55 7.87 16.74
CA ASP A 335 -2.11 8.62 15.61
C ASP A 335 -1.81 7.88 14.30
N SER A 336 -2.79 7.82 13.40
CA SER A 336 -2.64 7.16 12.11
C SER A 336 -2.92 8.06 10.92
N LEU A 337 -2.42 7.63 9.76
CA LEU A 337 -2.60 8.35 8.51
C LEU A 337 -2.95 7.36 7.44
N LYS A 338 -4.05 7.61 6.74
CA LYS A 338 -4.47 6.81 5.61
C LYS A 338 -4.09 7.74 4.46
N ILE A 339 -3.22 7.28 3.58
CA ILE A 339 -2.75 8.15 2.49
C ILE A 339 -2.50 7.41 1.17
N GLY A 340 -3.09 7.89 0.06
CA GLY A 340 -2.81 7.22 -1.19
C GLY A 340 -3.52 7.80 -2.39
N MET A 341 -3.53 7.00 -3.47
CA MET A 341 -4.19 7.37 -4.72
C MET A 341 -5.32 6.40 -5.06
N VAL A 342 -6.52 6.93 -5.30
CA VAL A 342 -7.71 6.11 -5.63
C VAL A 342 -7.66 5.65 -7.09
N LYS A 343 -7.66 4.33 -7.29
CA LYS A 343 -7.57 3.78 -8.64
C LYS A 343 -8.84 3.03 -9.12
N HIS A 344 -9.73 2.67 -8.19
CA HIS A 344 -10.98 1.98 -8.55
C HIS A 344 -12.12 2.99 -8.56
N LEU A 345 -13.15 2.73 -9.37
CA LEU A 345 -14.31 3.62 -9.45
C LEU A 345 -15.23 3.43 -8.26
N GLU A 346 -15.38 2.17 -7.85
CA GLU A 346 -16.23 1.82 -6.71
C GLU A 346 -15.72 2.60 -5.51
N VAL A 347 -14.42 2.49 -5.28
CA VAL A 347 -13.77 3.20 -4.18
C VAL A 347 -14.02 4.70 -4.29
N ALA A 348 -13.67 5.29 -5.44
CA ALA A 348 -13.89 6.71 -5.65
C ALA A 348 -15.37 7.01 -5.40
N GLU A 349 -16.23 6.11 -5.87
CA GLU A 349 -17.67 6.28 -5.69
C GLU A 349 -18.03 6.12 -4.21
N PHE A 350 -17.36 5.18 -3.55
CA PHE A 350 -17.59 4.92 -2.13
C PHE A 350 -17.21 6.14 -1.29
N LEU A 351 -16.23 6.92 -1.76
CA LEU A 351 -15.75 8.09 -1.02
C LEU A 351 -16.36 9.41 -1.48
N GLY A 352 -17.07 9.37 -2.60
CA GLY A 352 -17.67 10.58 -3.14
C GLY A 352 -16.59 11.47 -3.75
N GLY A 353 -15.61 10.86 -4.40
CA GLY A 353 -14.53 11.63 -5.01
C GLY A 353 -14.24 11.33 -6.46
N ARG A 354 -13.17 11.93 -6.99
CA ARG A 354 -12.75 11.74 -8.37
C ARG A 354 -11.87 10.51 -8.56
N LEU A 355 -11.72 10.07 -9.81
CA LEU A 355 -10.83 8.96 -10.06
C LEU A 355 -9.46 9.64 -10.00
N TYR A 356 -8.51 9.01 -9.31
CA TYR A 356 -7.15 9.54 -9.12
C TYR A 356 -7.08 10.66 -8.09
N ASP A 357 -8.09 10.77 -7.23
CA ASP A 357 -8.07 11.80 -6.20
C ASP A 357 -7.04 11.39 -5.16
N CYS A 358 -6.64 12.35 -4.33
CA CYS A 358 -5.68 12.09 -3.27
C CYS A 358 -6.43 12.13 -1.95
N VAL A 359 -6.24 11.11 -1.13
CA VAL A 359 -6.90 11.06 0.17
C VAL A 359 -5.79 11.28 1.16
N PHE A 360 -6.04 12.11 2.16
CA PHE A 360 -5.05 12.39 3.21
C PHE A 360 -5.91 12.37 4.48
N LYS A 361 -5.97 11.22 5.12
CA LYS A 361 -6.77 11.05 6.32
C LYS A 361 -5.87 10.92 7.54
N PHE A 362 -5.76 12.03 8.27
CA PHE A 362 -4.93 12.12 9.47
C PHE A 362 -5.78 12.29 10.72
N ASN A 363 -5.61 11.37 11.68
CA ASN A 363 -6.35 11.42 12.94
C ASN A 363 -5.35 11.64 14.08
N GLU A 364 -5.56 12.72 14.82
CA GLU A 364 -4.68 13.10 15.93
C GLU A 364 -5.38 12.81 17.25
N VAL A 365 -4.88 11.82 17.99
CA VAL A 365 -5.44 11.44 19.29
C VAL A 365 -6.83 10.78 19.20
MG MG B . 0.61 -1.88 -4.94
MG MG C . -6.56 -4.60 -4.64
N GLU A 6 1.83 -17.34 15.13
CA GLU A 6 3.12 -16.62 14.89
C GLU A 6 2.86 -15.13 14.78
N MET A 7 1.81 -14.77 14.06
CA MET A 7 1.43 -13.37 13.87
C MET A 7 0.74 -12.83 15.12
N VAL A 8 0.79 -11.52 15.27
CA VAL A 8 0.18 -10.85 16.41
C VAL A 8 -0.42 -9.52 15.94
N PRO A 9 -1.36 -8.97 16.71
CA PRO A 9 -2.01 -7.70 16.38
C PRO A 9 -1.03 -6.53 16.39
N PHE A 10 -1.07 -5.70 15.35
CA PHE A 10 -0.19 -4.53 15.30
C PHE A 10 -0.40 -3.82 16.64
N PRO A 11 0.70 -3.56 17.39
CA PRO A 11 0.63 -2.91 18.70
C PRO A 11 -0.19 -1.63 18.90
N GLN A 12 -0.37 -0.86 17.83
CA GLN A 12 -1.14 0.37 17.96
C GLN A 12 -2.65 0.16 17.82
N LEU A 13 -3.08 -1.06 17.54
CA LEU A 13 -4.52 -1.30 17.48
C LEU A 13 -5.01 -1.44 18.92
N PRO A 14 -5.94 -0.56 19.35
CA PRO A 14 -6.46 -0.63 20.73
C PRO A 14 -7.07 -2.01 20.99
N MET A 15 -6.97 -2.46 22.23
CA MET A 15 -7.51 -3.77 22.59
C MET A 15 -8.75 -3.54 23.45
N PRO A 16 -9.77 -4.40 23.32
CA PRO A 16 -9.84 -5.55 22.42
C PRO A 16 -10.10 -5.11 20.98
N ILE A 17 -9.46 -5.77 20.03
CA ILE A 17 -9.65 -5.43 18.62
C ILE A 17 -10.91 -6.08 18.08
N GLU A 18 -11.29 -7.22 18.66
CA GLU A 18 -12.49 -7.93 18.26
C GLU A 18 -13.71 -7.02 18.40
N ASN A 19 -14.64 -7.12 17.45
CA ASN A 19 -15.86 -6.32 17.45
C ASN A 19 -15.62 -4.83 17.27
N ASN A 20 -14.36 -4.44 17.10
CA ASN A 20 -14.01 -3.04 16.92
C ASN A 20 -13.19 -2.84 15.64
N TYR A 21 -11.94 -3.29 15.64
CA TYR A 21 -11.13 -3.16 14.42
C TYR A 21 -11.62 -4.14 13.35
N ARG A 22 -12.07 -3.63 12.21
CA ARG A 22 -12.49 -4.46 11.09
C ARG A 22 -11.61 -3.98 9.94
N ALA A 23 -10.86 -4.90 9.35
CA ALA A 23 -9.97 -4.50 8.27
C ALA A 23 -10.70 -3.94 7.06
N CYS A 24 -11.39 -4.81 6.33
CA CYS A 24 -12.09 -4.41 5.11
C CYS A 24 -13.03 -3.24 5.32
N THR A 25 -12.75 -2.15 4.61
CA THR A 25 -13.51 -0.90 4.73
C THR A 25 -14.91 -0.92 4.15
N ILE A 26 -14.98 -1.22 2.87
CA ILE A 26 -16.25 -1.23 2.14
C ILE A 26 -16.94 -2.59 2.26
N PRO A 27 -18.10 -2.66 2.95
CA PRO A 27 -18.83 -3.92 3.11
C PRO A 27 -19.75 -4.17 1.91
N TYR A 28 -19.92 -5.42 1.51
CA TYR A 28 -20.82 -5.71 0.38
C TYR A 28 -21.93 -6.64 0.83
N ARG A 29 -22.11 -6.75 2.15
CA ARG A 29 -23.13 -7.63 2.71
C ARG A 29 -23.42 -7.33 4.17
N PHE A 30 -24.68 -7.46 4.56
CA PHE A 30 -25.10 -7.24 5.94
C PHE A 30 -25.57 -8.61 6.41
N PRO A 31 -25.80 -8.77 7.72
CA PRO A 31 -26.26 -10.05 8.27
C PRO A 31 -27.67 -10.43 7.78
N SER A 32 -28.54 -9.43 7.65
CA SER A 32 -29.92 -9.66 7.23
C SER A 32 -30.03 -9.97 5.74
N ASP A 33 -28.91 -9.91 5.04
CA ASP A 33 -28.91 -10.19 3.61
C ASP A 33 -29.22 -11.65 3.30
N ASP A 34 -29.95 -11.85 2.21
CA ASP A 34 -30.31 -13.18 1.72
C ASP A 34 -28.99 -13.92 1.56
N PRO A 35 -28.67 -14.86 2.47
CA PRO A 35 -27.41 -15.59 2.35
C PRO A 35 -27.24 -16.55 1.19
N LYS A 36 -28.32 -16.85 0.48
CA LYS A 36 -28.26 -17.80 -0.62
C LYS A 36 -27.54 -17.28 -1.85
N LYS A 37 -27.89 -16.09 -2.31
CA LYS A 37 -27.25 -15.51 -3.48
C LYS A 37 -26.33 -14.37 -3.12
N ALA A 38 -25.46 -13.99 -4.05
CA ALA A 38 -24.56 -12.87 -3.81
C ALA A 38 -25.38 -11.59 -3.95
N THR A 39 -24.83 -10.47 -3.49
CA THR A 39 -25.52 -9.17 -3.56
C THR A 39 -24.97 -8.30 -4.71
N PRO A 40 -25.74 -7.28 -5.14
CA PRO A 40 -25.28 -6.41 -6.22
C PRO A 40 -23.85 -5.93 -5.99
N ASN A 41 -23.56 -5.60 -4.74
CA ASN A 41 -22.23 -5.11 -4.36
C ASN A 41 -21.15 -6.17 -4.51
N GLU A 42 -21.36 -7.36 -3.94
CA GLU A 42 -20.36 -8.42 -4.07
C GLU A 42 -20.12 -8.60 -5.57
N ILE A 43 -21.19 -8.54 -6.36
CA ILE A 43 -21.09 -8.70 -7.81
C ILE A 43 -20.10 -7.67 -8.34
N SER A 44 -20.27 -6.43 -7.89
CA SER A 44 -19.38 -5.35 -8.32
C SER A 44 -17.91 -5.66 -8.06
N TRP A 45 -17.60 -6.02 -6.82
CA TRP A 45 -16.21 -6.32 -6.51
C TRP A 45 -15.72 -7.61 -7.12
N ILE A 46 -16.58 -8.61 -7.24
CA ILE A 46 -16.17 -9.85 -7.88
C ILE A 46 -15.76 -9.48 -9.31
N ASN A 47 -16.51 -8.58 -9.93
CA ASN A 47 -16.21 -8.14 -11.30
C ASN A 47 -14.90 -7.34 -11.36
N VAL A 48 -14.66 -6.45 -10.40
CA VAL A 48 -13.41 -5.71 -10.39
C VAL A 48 -12.24 -6.70 -10.48
N PHE A 49 -12.24 -7.68 -9.58
CA PHE A 49 -11.16 -8.67 -9.59
C PHE A 49 -11.14 -9.48 -10.88
N ALA A 50 -12.30 -9.72 -11.48
CA ALA A 50 -12.34 -10.46 -12.75
C ALA A 50 -11.71 -9.62 -13.87
N ASN A 51 -11.88 -8.30 -13.79
CA ASN A 51 -11.31 -7.43 -14.81
C ASN A 51 -9.79 -7.32 -14.70
N SER A 52 -9.23 -7.83 -13.60
CA SER A 52 -7.78 -7.79 -13.41
C SER A 52 -7.16 -9.05 -14.03
N ILE A 53 -7.99 -9.98 -14.47
CA ILE A 53 -7.47 -11.23 -15.03
C ILE A 53 -6.62 -11.06 -16.29
N PRO A 54 -7.05 -10.18 -17.22
CA PRO A 54 -6.21 -10.03 -18.42
C PRO A 54 -4.79 -9.55 -18.12
N SER A 55 -4.68 -8.56 -17.21
CA SER A 55 -3.37 -8.02 -16.85
C SER A 55 -2.50 -9.08 -16.19
N PHE A 56 -3.03 -9.75 -15.17
CA PHE A 56 -2.28 -10.81 -14.50
C PHE A 56 -1.96 -11.95 -15.49
N LYS A 57 -2.91 -12.29 -16.38
CA LYS A 57 -2.66 -13.36 -17.35
C LYS A 57 -1.49 -12.99 -18.27
N LYS A 58 -1.61 -11.85 -18.94
CA LYS A 58 -0.56 -11.41 -19.85
C LYS A 58 0.78 -11.28 -19.14
N ARG A 59 0.71 -10.87 -17.87
CA ARG A 59 1.93 -10.72 -17.10
C ARG A 59 2.47 -12.09 -16.75
N ALA A 60 1.59 -13.03 -16.41
CA ALA A 60 2.02 -14.38 -16.04
C ALA A 60 2.62 -15.17 -17.19
N GLU A 61 1.97 -15.08 -18.35
CA GLU A 61 2.43 -15.82 -19.52
C GLU A 61 3.79 -15.41 -20.03
N SER A 62 4.20 -14.18 -19.74
CA SER A 62 5.50 -13.71 -20.20
C SER A 62 6.59 -13.95 -19.16
N ASP A 63 6.22 -14.54 -18.03
CA ASP A 63 7.21 -14.82 -16.99
C ASP A 63 8.12 -15.92 -17.51
N ILE A 64 9.15 -15.53 -18.24
CA ILE A 64 10.07 -16.49 -18.84
C ILE A 64 10.82 -17.34 -17.82
N THR A 65 10.83 -16.93 -16.56
CA THR A 65 11.53 -17.70 -15.54
C THR A 65 10.74 -18.99 -15.31
N VAL A 66 9.45 -18.95 -15.61
CA VAL A 66 8.59 -20.11 -15.42
C VAL A 66 8.57 -20.91 -16.72
N PRO A 67 8.82 -22.23 -16.62
CA PRO A 67 8.84 -23.08 -17.80
C PRO A 67 7.48 -23.15 -18.49
N ASP A 68 7.41 -22.65 -19.71
CA ASP A 68 6.16 -22.68 -20.47
C ASP A 68 5.05 -21.93 -19.73
N ALA A 69 5.32 -20.66 -19.43
CA ALA A 69 4.36 -19.82 -18.71
C ALA A 69 2.99 -19.66 -19.39
N PRO A 70 2.97 -19.51 -20.73
CA PRO A 70 1.69 -19.35 -21.42
C PRO A 70 0.60 -20.36 -21.05
N ALA A 71 0.95 -21.65 -21.00
CA ALA A 71 -0.03 -22.68 -20.66
C ALA A 71 -0.50 -22.52 -19.22
N ARG A 72 0.45 -22.27 -18.32
CA ARG A 72 0.15 -22.09 -16.91
C ARG A 72 -0.67 -20.82 -16.65
N ALA A 73 -0.37 -19.76 -17.39
CA ALA A 73 -1.07 -18.49 -17.23
C ALA A 73 -2.54 -18.64 -17.62
N GLU A 74 -2.79 -19.45 -18.65
CA GLU A 74 -4.17 -19.69 -19.09
C GLU A 74 -4.93 -20.48 -18.03
N LYS A 75 -4.23 -21.41 -17.38
CA LYS A 75 -4.86 -22.21 -16.32
C LYS A 75 -5.23 -21.25 -15.18
N PHE A 76 -4.42 -20.22 -15.00
CA PHE A 76 -4.69 -19.21 -13.96
C PHE A 76 -5.99 -18.49 -14.29
N ALA A 77 -6.04 -17.89 -15.46
CA ALA A 77 -7.24 -17.15 -15.88
C ALA A 77 -8.45 -18.04 -15.73
N GLU A 78 -8.33 -19.28 -16.20
CA GLU A 78 -9.40 -20.26 -16.14
C GLU A 78 -9.85 -20.51 -14.71
N ARG A 79 -8.93 -20.90 -13.84
CA ARG A 79 -9.25 -21.19 -12.44
C ARG A 79 -9.73 -19.96 -11.69
N TYR A 80 -9.21 -18.78 -12.05
CA TYR A 80 -9.62 -17.59 -11.33
C TYR A 80 -11.02 -17.17 -11.74
N ALA A 81 -11.28 -17.18 -13.04
CA ALA A 81 -12.61 -16.84 -13.52
C ALA A 81 -13.66 -17.78 -12.94
N GLY A 82 -13.36 -19.08 -12.98
CA GLY A 82 -14.31 -20.04 -12.45
C GLY A 82 -14.68 -19.78 -11.00
N ILE A 83 -13.67 -19.53 -10.19
CA ILE A 83 -13.86 -19.26 -8.76
C ILE A 83 -14.74 -18.02 -8.59
N LEU A 84 -14.43 -16.98 -9.36
CA LEU A 84 -15.22 -15.76 -9.28
C LEU A 84 -16.66 -16.02 -9.73
N GLU A 85 -16.84 -16.77 -10.83
CA GLU A 85 -18.20 -17.09 -11.30
C GLU A 85 -18.93 -17.88 -10.21
N ASP A 86 -18.22 -18.78 -9.51
CA ASP A 86 -18.85 -19.56 -8.44
C ASP A 86 -19.30 -18.66 -7.29
N LEU A 87 -18.45 -17.70 -6.92
CA LEU A 87 -18.77 -16.79 -5.83
C LEU A 87 -20.07 -16.04 -6.12
N LYS A 88 -20.34 -15.77 -7.40
CA LYS A 88 -21.58 -15.09 -7.77
C LYS A 88 -22.75 -16.05 -7.53
N LYS A 89 -22.57 -17.32 -7.89
CA LYS A 89 -23.63 -18.32 -7.71
C LYS A 89 -24.01 -18.51 -6.25
N ASP A 90 -23.03 -18.79 -5.41
CA ASP A 90 -23.27 -19.00 -3.98
C ASP A 90 -22.16 -18.33 -3.15
N PRO A 91 -22.53 -17.30 -2.38
CA PRO A 91 -21.60 -16.54 -1.53
C PRO A 91 -20.76 -17.38 -0.56
N GLU A 92 -21.28 -18.53 -0.14
CA GLU A 92 -20.56 -19.37 0.81
C GLU A 92 -19.46 -20.23 0.17
N SER A 93 -19.35 -20.20 -1.15
CA SER A 93 -18.33 -21.02 -1.82
C SER A 93 -16.95 -20.40 -1.71
N HIS A 94 -15.92 -21.23 -1.89
CA HIS A 94 -14.54 -20.77 -1.85
C HIS A 94 -14.11 -19.97 -0.61
N GLY A 95 -14.82 -20.18 0.49
CA GLY A 95 -14.50 -19.49 1.73
C GLY A 95 -15.22 -18.17 1.97
N GLY A 96 -16.20 -17.86 1.14
CA GLY A 96 -16.94 -16.61 1.28
C GLY A 96 -18.13 -16.65 2.22
N PRO A 97 -19.04 -15.65 2.15
CA PRO A 97 -19.07 -14.45 1.32
C PRO A 97 -17.76 -13.66 1.36
N PRO A 98 -16.96 -13.77 0.30
CA PRO A 98 -15.67 -13.08 0.20
C PRO A 98 -15.71 -11.56 0.27
N ASP A 99 -14.73 -11.00 0.96
CA ASP A 99 -14.60 -9.54 1.06
C ASP A 99 -13.38 -9.17 0.24
N GLY A 100 -12.88 -7.94 0.38
CA GLY A 100 -11.71 -7.57 -0.40
C GLY A 100 -10.47 -8.37 -0.10
N ILE A 101 -10.22 -8.62 1.19
CA ILE A 101 -9.04 -9.39 1.58
C ILE A 101 -9.08 -10.81 1.05
N LEU A 102 -10.26 -11.35 0.80
CA LEU A 102 -10.37 -12.71 0.31
C LEU A 102 -10.31 -12.83 -1.22
N LEU A 103 -10.81 -11.83 -1.93
CA LEU A 103 -10.80 -11.88 -3.39
C LEU A 103 -9.42 -11.73 -4.05
N CYS A 104 -8.54 -10.96 -3.41
CA CYS A 104 -7.20 -10.77 -3.94
C CYS A 104 -6.35 -11.98 -3.56
N ARG A 105 -6.70 -12.64 -2.45
CA ARG A 105 -5.90 -13.80 -2.04
C ARG A 105 -6.11 -14.99 -2.98
N LEU A 106 -7.34 -15.18 -3.43
CA LEU A 106 -7.66 -16.24 -4.36
C LEU A 106 -6.84 -16.02 -5.63
N ARG A 107 -6.71 -14.77 -6.04
CA ARG A 107 -5.96 -14.47 -7.25
C ARG A 107 -4.49 -14.81 -7.06
N GLU A 108 -4.01 -14.63 -5.83
CA GLU A 108 -2.63 -14.92 -5.48
C GLU A 108 -2.37 -16.43 -5.46
N GLN A 109 -3.25 -17.17 -4.80
CA GLN A 109 -3.09 -18.60 -4.68
C GLN A 109 -3.26 -19.34 -6.00
N VAL A 110 -4.13 -18.85 -6.88
CA VAL A 110 -4.31 -19.50 -8.17
C VAL A 110 -3.04 -19.35 -9.01
N LEU A 111 -2.27 -18.30 -8.73
CA LEU A 111 -1.02 -18.06 -9.44
C LEU A 111 0.14 -18.84 -8.80
N ARG A 112 0.17 -18.86 -7.48
CA ARG A 112 1.24 -19.55 -6.78
C ARG A 112 1.09 -21.05 -6.93
N GLU A 113 -0.14 -21.55 -6.82
CA GLU A 113 -0.35 -22.98 -6.96
C GLU A 113 0.08 -23.50 -8.32
N LEU A 114 0.22 -22.59 -9.26
CA LEU A 114 0.62 -22.91 -10.61
C LEU A 114 2.13 -22.71 -10.81
N GLY A 115 2.80 -22.33 -9.73
CA GLY A 115 4.24 -22.16 -9.81
C GLY A 115 4.77 -20.76 -10.08
N PHE A 116 3.87 -19.79 -10.18
CA PHE A 116 4.30 -18.41 -10.43
C PHE A 116 4.68 -17.81 -9.09
N ARG A 117 5.90 -17.28 -8.98
CA ARG A 117 6.36 -16.69 -7.73
C ARG A 117 6.32 -15.17 -7.74
N ASP A 118 6.85 -14.57 -8.80
CA ASP A 118 6.79 -13.10 -8.89
C ASP A 118 6.77 -12.68 -10.35
N ILE A 119 5.57 -12.72 -10.93
CA ILE A 119 5.41 -12.37 -12.33
C ILE A 119 5.79 -10.92 -12.61
N PHE A 120 5.80 -10.08 -11.58
CA PHE A 120 6.16 -8.67 -11.75
C PHE A 120 7.62 -8.38 -11.41
N LYS A 121 8.41 -9.42 -11.15
CA LYS A 121 9.80 -9.20 -10.74
C LYS A 121 10.64 -8.39 -11.71
N LYS A 122 10.56 -8.69 -13.00
CA LYS A 122 11.36 -7.93 -13.96
C LYS A 122 10.95 -6.46 -14.02
N VAL A 123 9.65 -6.19 -14.12
CA VAL A 123 9.17 -4.81 -14.20
C VAL A 123 9.49 -4.02 -12.93
N LYS A 124 9.45 -4.71 -11.78
CA LYS A 124 9.78 -4.06 -10.51
C LYS A 124 11.25 -3.62 -10.56
N ASP A 125 12.16 -4.59 -10.72
CA ASP A 125 13.58 -4.28 -10.77
C ASP A 125 13.86 -3.14 -11.76
N GLU A 126 13.16 -3.16 -12.89
CA GLU A 126 13.36 -2.12 -13.92
C GLU A 126 12.92 -0.75 -13.42
N GLU A 127 11.74 -0.69 -12.82
CA GLU A 127 11.23 0.58 -12.32
C GLU A 127 12.04 1.11 -11.14
N ASN A 128 12.64 0.20 -10.39
CA ASN A 128 13.46 0.62 -9.25
C ASN A 128 14.75 1.24 -9.75
N ALA A 129 15.30 0.67 -10.81
CA ALA A 129 16.55 1.18 -11.38
C ALA A 129 16.36 2.55 -12.01
N LYS A 130 15.19 2.78 -12.59
CA LYS A 130 14.90 4.06 -13.23
C LYS A 130 14.54 5.14 -12.20
N ALA A 131 14.31 4.73 -10.95
CA ALA A 131 13.98 5.67 -9.89
C ALA A 131 15.20 5.98 -9.02
N ILE A 132 15.99 4.96 -8.71
CA ILE A 132 17.18 5.12 -7.89
C ILE A 132 18.17 6.17 -8.44
N SER A 133 18.33 6.21 -9.76
CA SER A 133 19.25 7.17 -10.36
C SER A 133 18.73 8.61 -10.29
N LEU A 134 17.45 8.77 -9.94
CA LEU A 134 16.83 10.09 -9.83
C LEU A 134 16.65 10.53 -8.39
N PHE A 135 17.03 9.67 -7.45
CA PHE A 135 16.87 10.02 -6.03
C PHE A 135 17.56 11.34 -5.68
N PRO A 136 18.88 11.46 -5.94
CA PRO A 136 19.50 12.74 -5.59
C PRO A 136 18.80 13.92 -6.24
N GLN A 137 18.33 13.71 -7.47
CA GLN A 137 17.64 14.78 -8.20
C GLN A 137 16.36 15.18 -7.47
N VAL A 138 15.49 14.20 -7.27
CA VAL A 138 14.21 14.48 -6.61
C VAL A 138 14.38 15.06 -5.22
N VAL A 139 15.33 14.53 -4.46
CA VAL A 139 15.59 15.03 -3.12
C VAL A 139 16.12 16.47 -3.18
N SER A 140 17.01 16.76 -4.14
CA SER A 140 17.55 18.11 -4.28
C SER A 140 16.45 19.15 -4.39
N LEU A 141 15.41 18.82 -5.18
CA LEU A 141 14.29 19.74 -5.37
C LEU A 141 13.55 20.02 -4.07
N SER A 142 13.31 18.99 -3.27
CA SER A 142 12.62 19.23 -2.01
C SER A 142 13.51 20.01 -1.04
N ASP A 143 14.79 19.68 -1.01
CA ASP A 143 15.70 20.37 -0.09
C ASP A 143 15.80 21.85 -0.42
N ALA A 144 15.53 22.22 -1.66
CA ALA A 144 15.62 23.63 -2.08
C ALA A 144 14.47 24.51 -1.62
N ILE A 145 13.48 23.90 -0.98
CA ILE A 145 12.33 24.65 -0.49
C ILE A 145 12.63 25.18 0.91
N GLU A 146 12.61 26.50 1.03
CA GLU A 146 12.91 27.20 2.28
C GLU A 146 11.93 26.95 3.42
N ASP A 147 10.64 27.13 3.15
CA ASP A 147 9.62 26.94 4.17
C ASP A 147 9.41 25.46 4.48
N ASP A 148 9.47 25.08 5.76
CA ASP A 148 9.29 23.69 6.15
C ASP A 148 7.92 23.14 5.78
N GLY A 149 6.87 23.91 6.02
CA GLY A 149 5.53 23.46 5.68
C GLY A 149 5.40 23.26 4.18
N LYS A 150 5.95 24.20 3.41
CA LYS A 150 5.88 24.09 1.96
C LYS A 150 6.66 22.87 1.49
N ARG A 151 7.76 22.54 2.16
CA ARG A 151 8.55 21.37 1.76
C ARG A 151 7.74 20.11 2.07
N LEU A 152 7.05 20.12 3.20
CA LEU A 152 6.23 18.97 3.58
C LEU A 152 5.22 18.72 2.48
N GLU A 153 4.63 19.78 1.96
CA GLU A 153 3.65 19.63 0.90
C GLU A 153 4.25 19.01 -0.36
N ASN A 154 5.45 19.44 -0.74
CA ASN A 154 6.08 18.90 -1.92
C ASN A 154 6.23 17.39 -1.77
N LEU A 155 6.77 16.95 -0.62
CA LEU A 155 6.95 15.52 -0.34
C LEU A 155 5.62 14.77 -0.32
N VAL A 156 4.60 15.38 0.29
CA VAL A 156 3.28 14.75 0.32
C VAL A 156 2.75 14.60 -1.11
N ARG A 157 2.93 15.61 -1.96
CA ARG A 157 2.48 15.46 -3.34
C ARG A 157 3.33 14.38 -4.04
N GLY A 158 4.59 14.25 -3.62
CA GLY A 158 5.45 13.24 -4.20
C GLY A 158 4.95 11.84 -3.86
N ILE A 159 4.52 11.62 -2.62
CA ILE A 159 4.00 10.31 -2.24
C ILE A 159 2.87 9.97 -3.21
N PHE A 160 1.92 10.87 -3.32
CA PHE A 160 0.80 10.68 -4.24
C PHE A 160 1.32 10.46 -5.66
N ALA A 161 2.29 11.27 -6.08
CA ALA A 161 2.85 11.12 -7.42
C ALA A 161 3.48 9.73 -7.58
N GLY A 162 4.23 9.29 -6.58
CA GLY A 162 4.85 7.99 -6.67
C GLY A 162 3.87 6.82 -6.65
N ASN A 163 2.72 7.00 -6.01
CA ASN A 163 1.72 5.94 -5.88
C ASN A 163 1.02 5.62 -7.22
N ILE A 164 0.99 6.58 -8.14
CA ILE A 164 0.39 6.36 -9.46
C ILE A 164 1.47 6.07 -10.51
N PHE A 165 2.70 6.53 -10.25
CA PHE A 165 3.79 6.32 -11.18
C PHE A 165 4.66 5.14 -10.74
N MET A 181 5.59 13.30 -18.36
CA MET A 181 5.42 11.85 -18.46
C MET A 181 6.25 11.06 -17.46
N SER A 182 7.14 11.75 -16.73
CA SER A 182 7.97 11.05 -15.74
C SER A 182 7.34 11.18 -14.36
N PHE A 183 8.14 10.92 -13.33
CA PHE A 183 7.67 11.04 -11.96
C PHE A 183 7.35 12.51 -11.71
N LEU A 184 8.33 13.39 -11.95
CA LEU A 184 8.09 14.81 -11.72
C LEU A 184 6.90 15.31 -12.53
N ALA A 185 6.57 14.57 -13.60
CA ALA A 185 5.44 14.93 -14.46
C ALA A 185 4.13 14.54 -13.78
N SER A 186 4.21 13.60 -12.84
CA SER A 186 3.01 13.15 -12.13
C SER A 186 2.67 14.17 -11.05
N CYS A 187 3.67 14.66 -10.35
CA CYS A 187 3.45 15.63 -9.29
C CYS A 187 2.64 16.80 -9.84
N GLN A 188 2.90 17.14 -11.10
CA GLN A 188 2.21 18.25 -11.74
C GLN A 188 0.95 17.81 -12.47
N ASN A 189 0.25 16.83 -11.88
CA ASN A 189 -0.99 16.34 -12.46
C ASN A 189 -1.99 15.73 -11.49
N LEU A 190 -1.96 16.13 -10.22
CA LEU A 190 -2.89 15.62 -9.21
C LEU A 190 -4.23 16.35 -9.28
N VAL A 191 -5.32 15.65 -8.96
CA VAL A 191 -6.63 16.29 -8.97
C VAL A 191 -6.62 17.49 -8.01
N PRO A 192 -7.30 18.59 -8.38
CA PRO A 192 -7.33 19.79 -7.54
C PRO A 192 -7.92 19.59 -6.14
N ARG A 193 -7.43 20.39 -5.20
CA ARG A 193 -7.92 20.32 -3.83
C ARG A 193 -9.19 21.17 -3.74
N PRO A 194 -10.01 20.96 -2.70
CA PRO A 194 -9.85 20.00 -1.62
C PRO A 194 -9.87 18.53 -2.07
N TRP A 195 -9.00 17.72 -1.47
CA TRP A 195 -8.96 16.29 -1.80
C TRP A 195 -10.17 15.60 -1.15
N VAL A 196 -10.60 14.46 -1.72
CA VAL A 196 -11.78 13.75 -1.22
C VAL A 196 -11.72 13.59 0.30
N ILE A 197 -10.50 13.37 0.79
CA ILE A 197 -10.22 13.30 2.22
C ILE A 197 -8.99 14.18 2.31
N ASP A 198 -9.13 15.33 2.98
CA ASP A 198 -8.05 16.30 3.04
C ASP A 198 -7.82 16.83 4.45
N ASP A 199 -6.75 16.35 5.09
CA ASP A 199 -6.41 16.76 6.44
C ASP A 199 -4.97 17.22 6.54
N LEU A 200 -4.40 17.62 5.41
CA LEU A 200 -3.00 18.05 5.36
C LEU A 200 -2.73 19.37 6.08
N GLU A 201 -3.72 20.26 6.12
CA GLU A 201 -3.55 21.54 6.80
C GLU A 201 -3.41 21.25 8.29
N ASN A 202 -4.30 20.43 8.83
CA ASN A 202 -4.24 20.09 10.24
C ASN A 202 -3.00 19.27 10.56
N PHE A 203 -2.43 18.65 9.53
CA PHE A 203 -1.26 17.80 9.71
C PHE A 203 0.03 18.61 9.64
N GLN A 204 0.04 19.63 8.81
CA GLN A 204 1.23 20.48 8.67
C GLN A 204 1.42 21.24 9.98
N ALA A 205 0.31 21.57 10.62
CA ALA A 205 0.36 22.28 11.89
C ALA A 205 1.11 21.47 12.95
N LYS A 206 0.82 20.18 13.05
CA LYS A 206 1.51 19.35 14.05
C LYS A 206 2.90 18.90 13.62
N TRP A 207 3.16 18.98 12.32
CA TRP A 207 4.47 18.60 11.78
C TRP A 207 5.52 19.62 12.21
N ILE A 208 5.17 20.90 12.15
CA ILE A 208 6.10 21.95 12.54
C ILE A 208 6.23 21.99 14.07
N ASN A 209 5.36 21.27 14.76
CA ASN A 209 5.41 21.19 16.22
C ASN A 209 6.04 19.86 16.59
N LYS A 210 7.03 19.44 15.80
CA LYS A 210 7.78 18.20 15.98
C LYS A 210 7.22 17.29 17.06
N SER A 211 5.96 16.90 16.89
CA SER A 211 5.31 16.04 17.87
C SER A 211 5.45 14.56 17.59
N TRP A 212 6.24 14.20 16.59
CA TRP A 212 6.44 12.79 16.25
C TRP A 212 7.90 12.38 16.26
N LYS A 213 8.23 11.40 17.09
CA LYS A 213 9.60 10.91 17.20
C LYS A 213 9.70 9.41 16.86
N LYS A 214 8.55 8.75 16.77
CA LYS A 214 8.47 7.32 16.47
C LYS A 214 7.42 7.07 15.38
N ALA A 215 7.75 7.41 14.14
CA ALA A 215 6.83 7.24 13.03
C ALA A 215 7.02 5.89 12.34
N VAL A 216 5.91 5.25 11.98
CA VAL A 216 5.96 3.96 11.30
C VAL A 216 5.22 4.14 9.97
N ILE A 217 5.88 3.80 8.86
CA ILE A 217 5.29 3.96 7.51
C ILE A 217 5.03 2.65 6.81
N PHE A 218 3.75 2.32 6.57
CA PHE A 218 3.38 1.09 5.88
C PHE A 218 3.47 1.32 4.38
N VAL A 219 4.65 1.06 3.81
CA VAL A 219 4.88 1.26 2.38
C VAL A 219 4.03 0.39 1.44
N ASP A 220 4.04 0.73 0.15
CA ASP A 220 3.23 0.03 -0.85
C ASP A 220 3.98 -0.42 -2.12
N ASN A 221 4.10 0.45 -3.11
CA ASN A 221 4.72 0.04 -4.38
C ASN A 221 6.23 0.21 -4.57
N SER A 222 6.74 -0.56 -5.51
CA SER A 222 8.15 -0.51 -5.89
C SER A 222 8.38 0.71 -6.77
N GLY A 223 9.56 0.77 -7.36
CA GLY A 223 9.90 1.86 -8.26
C GLY A 223 9.79 3.28 -7.72
N ALA A 224 9.17 4.16 -8.50
CA ALA A 224 9.03 5.57 -8.10
C ALA A 224 8.29 5.74 -6.80
N ASP A 225 7.39 4.81 -6.51
CA ASP A 225 6.60 4.92 -5.29
C ASP A 225 7.52 4.87 -4.07
N ILE A 226 8.16 3.74 -3.85
CA ILE A 226 9.05 3.63 -2.69
C ILE A 226 10.28 4.53 -2.79
N ILE A 227 10.87 4.61 -3.99
CA ILE A 227 12.10 5.38 -4.19
C ILE A 227 11.97 6.91 -4.26
N LEU A 228 11.01 7.39 -5.06
CA LEU A 228 10.87 8.83 -5.22
C LEU A 228 9.79 9.45 -4.36
N GLY A 229 8.81 8.65 -3.95
CA GLY A 229 7.75 9.17 -3.10
C GLY A 229 8.06 8.98 -1.63
N ILE A 230 8.08 7.72 -1.18
CA ILE A 230 8.33 7.42 0.22
C ILE A 230 9.73 7.71 0.76
N LEU A 231 10.77 7.25 0.07
CA LEU A 231 12.09 7.46 0.66
C LEU A 231 12.47 8.92 0.89
N PRO A 232 12.13 9.83 -0.03
CA PRO A 232 12.49 11.23 0.25
C PRO A 232 11.71 11.74 1.49
N PHE A 233 10.47 11.27 1.63
CA PHE A 233 9.65 11.66 2.77
C PHE A 233 10.29 11.13 4.05
N ALA A 234 10.69 9.85 4.02
CA ALA A 234 11.34 9.23 5.17
C ALA A 234 12.62 9.99 5.55
N ARG A 235 13.36 10.42 4.53
CA ARG A 235 14.59 11.17 4.73
C ARG A 235 14.32 12.50 5.44
N GLU A 236 13.26 13.18 5.05
CA GLU A 236 12.90 14.44 5.67
C GLU A 236 12.56 14.20 7.15
N LEU A 237 11.98 13.04 7.45
CA LEU A 237 11.66 12.69 8.84
C LEU A 237 12.94 12.37 9.63
N LEU A 238 13.86 11.64 8.99
CA LEU A 238 15.12 11.30 9.65
C LEU A 238 15.90 12.56 10.02
N ARG A 239 16.01 13.46 9.06
CA ARG A 239 16.74 14.71 9.27
C ARG A 239 16.09 15.60 10.32
N ARG A 240 14.77 15.45 10.50
CA ARG A 240 14.05 16.25 11.49
C ARG A 240 14.09 15.58 12.86
N GLY A 241 15.01 14.64 13.01
CA GLY A 241 15.19 13.95 14.29
C GLY A 241 14.25 12.81 14.61
N ALA A 242 13.28 12.54 13.74
CA ALA A 242 12.38 11.44 14.03
C ALA A 242 13.00 10.12 13.64
N GLN A 243 12.53 9.05 14.28
CA GLN A 243 12.96 7.70 13.96
C GLN A 243 11.83 7.26 13.00
N VAL A 244 12.14 6.43 12.02
CA VAL A 244 11.14 5.98 11.06
C VAL A 244 11.29 4.50 10.76
N VAL A 245 10.18 3.76 10.86
CA VAL A 245 10.17 2.34 10.54
C VAL A 245 9.37 2.13 9.23
N LEU A 246 10.02 1.56 8.22
CA LEU A 246 9.34 1.29 6.95
C LEU A 246 8.96 -0.19 6.98
N ALA A 247 7.67 -0.47 6.90
CA ALA A 247 7.18 -1.85 6.97
C ALA A 247 6.74 -2.30 5.59
N ALA A 248 7.36 -3.38 5.09
CA ALA A 248 7.04 -3.90 3.75
C ALA A 248 6.65 -5.37 3.75
N ASN A 249 5.94 -5.80 2.69
CA ASN A 249 5.52 -7.19 2.51
C ASN A 249 6.66 -8.17 2.65
N GLU A 250 6.28 -9.40 2.94
CA GLU A 250 7.22 -10.51 3.06
C GLU A 250 7.33 -11.18 1.69
N LEU A 251 6.17 -11.40 1.07
CA LEU A 251 6.09 -12.06 -0.24
C LEU A 251 5.60 -11.11 -1.32
N PRO A 252 5.94 -11.42 -2.57
CA PRO A 252 5.50 -10.58 -3.70
C PRO A 252 3.98 -10.58 -3.87
N SER A 253 3.44 -9.40 -4.14
CA SER A 253 2.02 -9.20 -4.41
C SER A 253 2.00 -8.09 -5.47
N ILE A 254 1.52 -8.41 -6.67
CA ILE A 254 1.50 -7.47 -7.79
C ILE A 254 2.93 -6.88 -7.86
N ASN A 255 3.05 -5.56 -7.76
CA ASN A 255 4.36 -4.92 -7.80
C ASN A 255 4.76 -4.27 -6.48
N ASP A 256 4.16 -4.71 -5.38
CA ASP A 256 4.49 -4.12 -4.09
C ASP A 256 5.87 -4.49 -3.60
N ILE A 257 6.54 -3.51 -3.02
CA ILE A 257 7.90 -3.70 -2.52
C ILE A 257 7.89 -4.74 -1.39
N THR A 258 8.86 -5.66 -1.41
CA THR A 258 8.99 -6.69 -0.39
C THR A 258 10.13 -6.28 0.53
N CYS A 259 10.19 -6.87 1.71
CA CYS A 259 11.25 -6.53 2.64
C CYS A 259 12.61 -6.74 2.00
N THR A 260 12.82 -7.90 1.40
CA THR A 260 14.09 -8.21 0.77
C THR A 260 14.50 -7.21 -0.31
N GLU A 261 13.55 -6.81 -1.14
CA GLU A 261 13.84 -5.87 -2.20
C GLU A 261 14.19 -4.48 -1.64
N LEU A 262 13.44 -4.02 -0.65
CA LEU A 262 13.68 -2.71 -0.06
C LEU A 262 15.07 -2.67 0.60
N THR A 263 15.57 -3.85 0.95
CA THR A 263 16.88 -3.92 1.56
C THR A 263 17.93 -3.70 0.48
N GLU A 264 17.73 -4.32 -0.67
CA GLU A 264 18.68 -4.15 -1.78
C GLU A 264 18.65 -2.69 -2.23
N ILE A 265 17.45 -2.10 -2.29
CA ILE A 265 17.30 -0.71 -2.71
C ILE A 265 18.01 0.27 -1.76
N LEU A 266 17.81 0.10 -0.45
CA LEU A 266 18.44 1.01 0.51
C LEU A 266 19.95 0.83 0.52
N SER A 267 20.40 -0.41 0.35
CA SER A 267 21.82 -0.72 0.30
C SER A 267 22.47 0.04 -0.85
N GLN A 268 21.75 0.15 -1.96
CA GLN A 268 22.27 0.85 -3.12
C GLN A 268 22.27 2.36 -2.93
N LEU A 269 21.17 2.91 -2.41
CA LEU A 269 21.09 4.35 -2.18
C LEU A 269 22.11 4.80 -1.14
N LYS A 270 22.32 3.98 -0.12
CA LYS A 270 23.28 4.31 0.95
C LYS A 270 24.66 4.60 0.36
N ASN A 273 29.05 6.85 3.55
CA ASN A 273 28.90 7.07 4.98
C ASN A 273 27.59 6.45 5.45
N GLY A 274 26.97 5.65 4.57
CA GLY A 274 25.72 5.02 4.91
C GLY A 274 24.63 6.07 5.01
N GLN A 275 24.88 7.23 4.40
CA GLN A 275 23.92 8.32 4.44
C GLN A 275 23.09 8.41 3.16
N LEU A 276 21.94 9.05 3.28
CA LEU A 276 21.06 9.26 2.13
C LEU A 276 21.18 10.74 1.78
N LEU A 277 22.09 11.05 0.88
CA LEU A 277 22.31 12.44 0.47
C LEU A 277 22.56 13.34 1.67
N GLY A 278 23.55 12.96 2.48
CA GLY A 278 23.91 13.75 3.64
C GLY A 278 23.12 13.53 4.92
N VAL A 279 22.15 12.60 4.89
CA VAL A 279 21.35 12.33 6.08
C VAL A 279 21.64 10.93 6.62
N ASP A 280 21.93 10.86 7.92
CA ASP A 280 22.22 9.60 8.58
C ASP A 280 21.02 8.67 8.57
N THR A 281 21.27 7.38 8.38
CA THR A 281 20.19 6.39 8.33
C THR A 281 20.26 5.34 9.44
N SER A 282 20.94 5.66 10.54
CA SER A 282 21.06 4.75 11.67
C SER A 282 19.69 4.44 12.27
N LYS A 283 18.77 5.40 12.18
CA LYS A 283 17.43 5.21 12.72
C LYS A 283 16.40 4.88 11.64
N LEU A 284 16.87 4.28 10.55
CA LEU A 284 16.01 3.86 9.45
C LEU A 284 16.05 2.34 9.38
N LEU A 285 14.95 1.71 9.80
CA LEU A 285 14.85 0.26 9.81
C LEU A 285 13.88 -0.25 8.74
N ILE A 286 14.27 -1.32 8.05
CA ILE A 286 13.43 -1.92 7.02
C ILE A 286 12.88 -3.20 7.65
N ALA A 287 11.55 -3.27 7.81
CA ALA A 287 10.91 -4.41 8.45
C ALA A 287 10.03 -5.24 7.53
N ASN A 288 9.88 -6.52 7.90
CA ASN A 288 9.05 -7.48 7.18
C ASN A 288 7.72 -7.53 7.94
N SER A 289 6.62 -7.21 7.27
CA SER A 289 5.32 -7.22 7.92
C SER A 289 4.65 -8.58 7.93
N GLY A 290 5.23 -9.51 7.19
CA GLY A 290 4.67 -10.84 7.10
C GLY A 290 3.60 -10.87 6.02
N ASN A 291 3.20 -9.69 5.53
CA ASN A 291 2.14 -9.56 4.53
C ASN A 291 2.43 -10.25 3.19
N ASP A 292 1.38 -10.62 2.47
CA ASP A 292 1.54 -11.32 1.21
C ASP A 292 0.41 -10.96 0.24
N LEU A 293 -0.21 -9.80 0.45
CA LEU A 293 -1.34 -9.37 -0.38
C LEU A 293 -1.18 -7.88 -0.71
N PRO A 294 -2.11 -7.33 -1.53
CA PRO A 294 -2.06 -5.89 -1.88
C PRO A 294 -2.85 -5.04 -0.89
N VAL A 295 -3.46 -5.70 0.08
CA VAL A 295 -4.20 -5.03 1.15
C VAL A 295 -3.58 -5.61 2.43
N ILE A 296 -3.97 -5.12 3.59
CA ILE A 296 -3.36 -5.68 4.81
C ILE A 296 -4.30 -5.69 6.02
N ASP A 297 -4.31 -6.82 6.71
CA ASP A 297 -5.10 -7.02 7.93
C ASP A 297 -4.11 -6.71 9.05
N LEU A 298 -4.35 -5.60 9.77
CA LEU A 298 -3.46 -5.15 10.84
C LEU A 298 -3.52 -5.96 12.12
N SER A 299 -4.57 -6.76 12.29
CA SER A 299 -4.64 -7.59 13.50
C SER A 299 -3.68 -8.78 13.37
N ARG A 300 -2.97 -8.85 12.24
CA ARG A 300 -2.01 -9.93 12.00
C ARG A 300 -0.72 -9.41 11.36
N VAL A 301 0.25 -9.03 12.18
CA VAL A 301 1.53 -8.55 11.66
C VAL A 301 2.66 -9.35 12.31
N SER A 302 3.69 -9.67 11.53
CA SER A 302 4.80 -10.44 12.04
C SER A 302 5.28 -9.95 13.41
N GLN A 303 5.96 -10.82 14.16
CA GLN A 303 6.45 -10.40 15.46
C GLN A 303 7.57 -9.38 15.25
N GLU A 304 8.29 -9.53 14.15
CA GLU A 304 9.36 -8.60 13.79
C GLU A 304 8.79 -7.19 13.73
N LEU A 305 7.75 -7.02 12.93
CA LEU A 305 7.14 -5.71 12.78
C LEU A 305 6.57 -5.18 14.09
N ALA A 306 5.87 -6.03 14.84
CA ALA A 306 5.29 -5.62 16.12
C ALA A 306 6.36 -5.14 17.11
N TYR A 307 7.47 -5.87 17.21
CA TYR A 307 8.54 -5.45 18.10
C TYR A 307 9.05 -4.07 17.69
N LEU A 308 9.27 -3.89 16.38
CA LEU A 308 9.78 -2.63 15.86
C LEU A 308 8.77 -1.49 15.90
N SER A 309 7.50 -1.82 16.09
CA SER A 309 6.46 -0.79 16.11
C SER A 309 5.72 -0.75 17.45
N SER A 310 6.12 -1.61 18.38
CA SER A 310 5.45 -1.66 19.68
C SER A 310 5.59 -0.34 20.41
N ASP A 311 6.48 0.52 19.91
CA ASP A 311 6.71 1.82 20.54
C ASP A 311 6.67 3.02 19.57
N ALA A 312 5.53 3.26 18.91
CA ALA A 312 5.44 4.38 17.95
C ALA A 312 4.39 5.44 18.28
N ASP A 313 4.54 6.64 17.71
CA ASP A 313 3.57 7.73 17.95
C ASP A 313 2.90 8.27 16.68
N LEU A 314 3.27 7.72 15.53
CA LEU A 314 2.66 8.11 14.25
C LEU A 314 2.60 6.85 13.39
N VAL A 315 1.41 6.51 12.91
CA VAL A 315 1.24 5.35 12.06
C VAL A 315 0.72 5.85 10.70
N ILE A 316 1.55 5.73 9.68
CA ILE A 316 1.19 6.18 8.31
C ILE A 316 1.01 4.93 7.44
N VAL A 317 -0.18 4.77 6.84
CA VAL A 317 -0.43 3.59 6.00
C VAL A 317 -0.59 4.14 4.58
N GLU A 318 0.14 3.55 3.62
CA GLU A 318 0.10 4.06 2.25
C GLU A 318 -0.63 3.26 1.20
N GLY A 319 -1.28 3.98 0.28
CA GLY A 319 -1.95 3.36 -0.85
C GLY A 319 -3.35 2.82 -0.69
N MET A 320 -4.13 2.91 -1.76
CA MET A 320 -5.50 2.43 -1.76
C MET A 320 -5.59 1.02 -1.18
N GLY A 321 -4.64 0.16 -1.55
CA GLY A 321 -4.67 -1.19 -1.04
C GLY A 321 -4.66 -1.25 0.48
N ARG A 322 -3.61 -0.71 1.09
CA ARG A 322 -3.47 -0.75 2.56
C ARG A 322 -4.16 0.31 3.42
N GLY A 323 -4.63 1.42 2.82
CA GLY A 323 -5.24 2.46 3.63
C GLY A 323 -6.62 3.00 3.25
N ILE A 324 -7.18 2.51 2.15
CA ILE A 324 -8.50 2.95 1.71
C ILE A 324 -9.56 1.82 1.66
N GLU A 325 -9.32 0.78 0.87
CA GLU A 325 -10.24 -0.38 0.76
C GLU A 325 -10.13 -1.22 2.02
N THR A 326 -9.49 -0.64 3.02
CA THR A 326 -9.25 -1.30 4.29
C THR A 326 -8.44 -0.32 5.12
N ASN A 327 -8.59 -0.42 6.44
CA ASN A 327 -7.82 0.40 7.36
C ASN A 327 -8.14 1.89 7.37
N LEU A 328 -8.70 2.42 6.28
CA LEU A 328 -9.03 3.84 6.23
C LEU A 328 -9.66 4.37 7.53
N TYR A 329 -10.56 3.58 8.11
CA TYR A 329 -11.22 3.98 9.35
C TYR A 329 -10.70 3.21 10.57
N ALA A 330 -9.55 2.54 10.43
CA ALA A 330 -9.03 1.81 11.60
C ALA A 330 -8.64 2.76 12.72
N GLN A 331 -8.96 2.36 13.94
CA GLN A 331 -8.60 3.17 15.10
C GLN A 331 -7.26 2.69 15.65
N PHE A 332 -6.37 3.65 15.91
CA PHE A 332 -5.05 3.38 16.44
C PHE A 332 -4.89 4.04 17.80
N LYS A 333 -3.88 3.61 18.55
CA LYS A 333 -3.56 4.15 19.87
C LYS A 333 -2.74 5.44 19.75
N CYS A 334 -2.09 5.61 18.60
CA CYS A 334 -1.28 6.80 18.34
C CYS A 334 -1.76 7.48 17.06
N ASP A 335 -1.14 8.61 16.72
CA ASP A 335 -1.50 9.35 15.51
C ASP A 335 -1.39 8.45 14.28
N SER A 336 -2.33 8.58 13.35
CA SER A 336 -2.30 7.78 12.14
C SER A 336 -2.68 8.56 10.90
N LEU A 337 -1.99 8.23 9.81
CA LEU A 337 -2.21 8.85 8.51
C LEU A 337 -2.37 7.77 7.44
N LYS A 338 -3.46 7.84 6.68
CA LYS A 338 -3.70 6.91 5.58
C LYS A 338 -3.52 7.80 4.36
N ILE A 339 -2.65 7.39 3.45
CA ILE A 339 -2.36 8.23 2.29
C ILE A 339 -2.15 7.42 1.00
N GLY A 340 -2.81 7.85 -0.08
CA GLY A 340 -2.62 7.13 -1.33
C GLY A 340 -3.44 7.72 -2.45
N MET A 341 -3.33 7.11 -3.62
CA MET A 341 -4.08 7.55 -4.80
C MET A 341 -5.27 6.62 -5.00
N VAL A 342 -6.46 7.19 -5.26
CA VAL A 342 -7.68 6.38 -5.48
C VAL A 342 -7.67 5.91 -6.93
N LYS A 343 -7.51 4.60 -7.14
CA LYS A 343 -7.41 4.03 -8.49
C LYS A 343 -8.49 3.00 -8.87
N HIS A 344 -9.62 3.02 -8.18
CA HIS A 344 -10.75 2.14 -8.47
C HIS A 344 -12.01 2.98 -8.59
N LEU A 345 -12.67 2.94 -9.74
CA LEU A 345 -13.91 3.70 -9.88
C LEU A 345 -14.85 3.30 -8.74
N GLU A 346 -14.79 2.04 -8.32
CA GLU A 346 -15.64 1.55 -7.24
C GLU A 346 -15.25 2.19 -5.91
N VAL A 347 -13.95 2.50 -5.75
CA VAL A 347 -13.50 3.14 -4.53
C VAL A 347 -13.86 4.62 -4.58
N ALA A 348 -13.64 5.25 -5.73
CA ALA A 348 -14.00 6.67 -5.85
C ALA A 348 -15.47 6.84 -5.51
N GLU A 349 -16.29 5.93 -6.00
CA GLU A 349 -17.74 6.01 -5.75
C GLU A 349 -18.04 5.89 -4.26
N PHE A 350 -17.31 5.01 -3.57
CA PHE A 350 -17.50 4.83 -2.13
C PHE A 350 -17.20 6.13 -1.38
N LEU A 351 -16.08 6.78 -1.72
CA LEU A 351 -15.65 8.00 -1.05
C LEU A 351 -16.44 9.23 -1.45
N GLY A 352 -17.27 9.08 -2.48
CA GLY A 352 -18.06 10.20 -2.97
C GLY A 352 -17.19 11.04 -3.87
N GLY A 353 -15.94 10.59 -4.06
CA GLY A 353 -14.98 11.29 -4.90
C GLY A 353 -14.99 10.78 -6.34
N ARG A 354 -13.86 10.92 -7.03
CA ARG A 354 -13.69 10.52 -8.42
C ARG A 354 -12.39 9.72 -8.61
N LEU A 355 -12.16 9.19 -9.81
CA LEU A 355 -10.92 8.44 -10.07
C LEU A 355 -9.74 9.40 -9.86
N TYR A 356 -8.60 8.83 -9.48
CA TYR A 356 -7.37 9.57 -9.18
C TYR A 356 -7.53 10.58 -8.06
N ASP A 357 -8.58 10.41 -7.25
CA ASP A 357 -8.78 11.30 -6.12
C ASP A 357 -7.75 10.91 -5.07
N CYS A 358 -7.42 11.85 -4.19
CA CYS A 358 -6.42 11.58 -3.16
C CYS A 358 -7.05 11.46 -1.78
N VAL A 359 -6.55 10.52 -0.97
CA VAL A 359 -7.05 10.37 0.40
C VAL A 359 -5.90 10.71 1.34
N PHE A 360 -6.07 11.74 2.17
CA PHE A 360 -5.07 12.13 3.17
C PHE A 360 -5.90 12.19 4.45
N LYS A 361 -6.03 11.04 5.10
CA LYS A 361 -6.83 10.94 6.31
C LYS A 361 -5.95 10.88 7.55
N PHE A 362 -5.92 12.00 8.27
CA PHE A 362 -5.10 12.14 9.49
C PHE A 362 -5.99 12.14 10.73
N ASN A 363 -5.72 11.22 11.64
CA ASN A 363 -6.46 11.09 12.90
C ASN A 363 -5.42 11.04 14.03
N GLU A 364 -5.20 12.18 14.67
CA GLU A 364 -4.22 12.30 15.75
C GLU A 364 -4.45 11.38 16.94
N VAL A 365 -4.56 11.98 18.12
CA VAL A 365 -4.77 11.27 19.39
C VAL A 365 -4.12 9.89 19.43
MG MG B . 0.29 -1.14 -4.24
MG MG C . -6.56 -4.60 -4.64
N GLU A 6 1.46 -17.28 15.81
CA GLU A 6 2.38 -16.85 14.72
C GLU A 6 2.33 -15.33 14.57
N MET A 7 1.22 -14.83 14.03
CA MET A 7 1.02 -13.40 13.85
C MET A 7 0.39 -12.82 15.11
N VAL A 8 0.56 -11.51 15.30
CA VAL A 8 0.00 -10.83 16.45
C VAL A 8 -0.59 -9.50 16.01
N PRO A 9 -1.47 -8.91 16.83
CA PRO A 9 -2.13 -7.63 16.56
C PRO A 9 -1.19 -6.45 16.57
N PHE A 10 -1.22 -5.64 15.50
CA PHE A 10 -0.38 -4.44 15.41
C PHE A 10 -0.54 -3.72 16.77
N PRO A 11 0.59 -3.43 17.44
CA PRO A 11 0.57 -2.75 18.75
C PRO A 11 -0.18 -1.44 18.92
N GLN A 12 -0.30 -0.66 17.83
CA GLN A 12 -1.00 0.61 17.93
C GLN A 12 -2.52 0.49 17.77
N LEU A 13 -3.02 -0.74 17.64
CA LEU A 13 -4.46 -0.96 17.56
C LEU A 13 -4.97 -1.12 18.99
N PRO A 14 -5.90 -0.26 19.44
CA PRO A 14 -6.43 -0.36 20.81
C PRO A 14 -6.95 -1.78 21.04
N MET A 15 -6.46 -2.44 22.08
CA MET A 15 -6.86 -3.80 22.42
C MET A 15 -7.83 -3.74 23.60
N PRO A 16 -8.89 -4.57 23.59
CA PRO A 16 -9.24 -5.55 22.55
C PRO A 16 -9.68 -4.98 21.21
N ILE A 17 -9.21 -5.60 20.13
CA ILE A 17 -9.56 -5.17 18.78
C ILE A 17 -10.87 -5.82 18.37
N GLU A 18 -11.29 -6.81 19.15
CA GLU A 18 -12.53 -7.52 18.88
C GLU A 18 -13.69 -6.52 18.87
N ASN A 19 -14.53 -6.60 17.84
CA ASN A 19 -15.68 -5.72 17.70
C ASN A 19 -15.37 -4.26 17.44
N ASN A 20 -14.08 -3.90 17.44
CA ASN A 20 -13.68 -2.52 17.20
C ASN A 20 -12.95 -2.41 15.85
N TYR A 21 -11.79 -3.05 15.73
CA TYR A 21 -11.05 -3.01 14.47
C TYR A 21 -11.76 -3.86 13.41
N ARG A 22 -11.73 -3.37 12.17
CA ARG A 22 -12.33 -4.06 11.05
C ARG A 22 -11.44 -3.59 9.91
N ALA A 23 -10.56 -4.46 9.44
CA ALA A 23 -9.61 -4.11 8.39
C ALA A 23 -10.23 -3.56 7.10
N CYS A 24 -11.28 -4.24 6.63
CA CYS A 24 -11.94 -3.89 5.37
C CYS A 24 -12.78 -2.61 5.47
N THR A 25 -12.64 -1.74 4.49
CA THR A 25 -13.37 -0.48 4.52
C THR A 25 -14.77 -0.53 3.93
N ILE A 26 -14.93 -1.26 2.85
CA ILE A 26 -16.21 -1.32 2.16
C ILE A 26 -16.99 -2.64 2.36
N PRO A 27 -18.15 -2.59 3.05
CA PRO A 27 -18.93 -3.81 3.26
C PRO A 27 -19.73 -4.13 2.00
N TYR A 28 -19.85 -5.41 1.64
CA TYR A 28 -20.64 -5.75 0.44
C TYR A 28 -21.93 -6.45 0.85
N ARG A 29 -21.99 -6.88 2.10
CA ARG A 29 -23.14 -7.62 2.61
C ARG A 29 -23.52 -7.27 4.05
N PHE A 30 -24.83 -7.31 4.33
CA PHE A 30 -25.33 -7.06 5.68
C PHE A 30 -25.90 -8.39 6.15
N PRO A 31 -26.04 -8.58 7.47
CA PRO A 31 -26.59 -9.81 8.04
C PRO A 31 -27.97 -10.18 7.50
N SER A 32 -28.79 -9.16 7.23
CA SER A 32 -30.15 -9.39 6.74
C SER A 32 -30.24 -9.85 5.28
N ASP A 33 -29.13 -9.84 4.56
CA ASP A 33 -29.18 -10.27 3.17
C ASP A 33 -29.31 -11.80 3.04
N ASP A 34 -29.98 -12.24 1.98
CA ASP A 34 -30.15 -13.68 1.72
C ASP A 34 -28.76 -14.28 1.59
N PRO A 35 -28.40 -15.22 2.47
CA PRO A 35 -27.07 -15.82 2.41
C PRO A 35 -26.75 -16.69 1.20
N LYS A 36 -27.77 -17.06 0.42
CA LYS A 36 -27.58 -17.91 -0.76
C LYS A 36 -27.62 -17.15 -2.09
N LYS A 37 -27.69 -15.83 -2.02
CA LYS A 37 -27.72 -14.99 -3.22
C LYS A 37 -26.67 -13.89 -3.14
N ALA A 38 -25.86 -13.74 -4.19
CA ALA A 38 -24.84 -12.70 -4.20
C ALA A 38 -25.47 -11.31 -4.23
N THR A 39 -24.94 -10.40 -3.42
CA THR A 39 -25.45 -9.02 -3.36
C THR A 39 -24.82 -8.13 -4.44
N PRO A 40 -25.48 -7.03 -4.79
CA PRO A 40 -24.95 -6.11 -5.81
C PRO A 40 -23.51 -5.66 -5.53
N ASN A 41 -23.18 -5.44 -4.26
CA ASN A 41 -21.84 -5.01 -3.90
C ASN A 41 -20.85 -6.14 -4.19
N GLU A 42 -21.16 -7.35 -3.77
CA GLU A 42 -20.25 -8.47 -4.05
C GLU A 42 -20.04 -8.57 -5.56
N ILE A 43 -21.10 -8.43 -6.33
CA ILE A 43 -21.00 -8.51 -7.79
C ILE A 43 -20.06 -7.42 -8.30
N SER A 44 -20.25 -6.21 -7.79
CA SER A 44 -19.41 -5.09 -8.20
C SER A 44 -17.93 -5.37 -7.97
N TRP A 45 -17.62 -6.01 -6.84
CA TRP A 45 -16.23 -6.28 -6.55
C TRP A 45 -15.71 -7.57 -7.17
N ILE A 46 -16.58 -8.56 -7.31
CA ILE A 46 -16.15 -9.80 -7.96
C ILE A 46 -15.73 -9.41 -9.39
N ASN A 47 -16.45 -8.46 -9.99
CA ASN A 47 -16.12 -7.99 -11.33
C ASN A 47 -14.78 -7.22 -11.35
N VAL A 48 -14.56 -6.36 -10.35
CA VAL A 48 -13.28 -5.64 -10.30
C VAL A 48 -12.15 -6.65 -10.42
N PHE A 49 -12.18 -7.67 -9.56
CA PHE A 49 -11.13 -8.69 -9.61
C PHE A 49 -11.18 -9.46 -10.93
N ALA A 50 -12.36 -9.57 -11.54
CA ALA A 50 -12.46 -10.27 -12.83
C ALA A 50 -11.72 -9.44 -13.89
N ASN A 51 -11.74 -8.13 -13.72
CA ASN A 51 -11.06 -7.24 -14.67
C ASN A 51 -9.55 -7.21 -14.45
N SER A 52 -9.07 -7.89 -13.42
CA SER A 52 -7.63 -7.93 -13.15
C SER A 52 -6.97 -9.13 -13.82
N ILE A 53 -7.78 -10.10 -14.23
CA ILE A 53 -7.25 -11.32 -14.84
C ILE A 53 -6.46 -11.14 -16.15
N PRO A 54 -6.92 -10.25 -17.04
CA PRO A 54 -6.12 -10.13 -18.27
C PRO A 54 -4.69 -9.62 -18.02
N SER A 55 -4.56 -8.67 -17.10
CA SER A 55 -3.25 -8.09 -16.78
C SER A 55 -2.37 -9.14 -16.09
N PHE A 56 -2.92 -9.80 -15.07
CA PHE A 56 -2.19 -10.85 -14.38
C PHE A 56 -1.80 -11.96 -15.36
N LYS A 57 -2.73 -12.42 -16.20
CA LYS A 57 -2.42 -13.47 -17.17
C LYS A 57 -1.39 -12.96 -18.18
N LYS A 58 -1.64 -11.78 -18.76
CA LYS A 58 -0.72 -11.19 -19.75
C LYS A 58 0.68 -11.10 -19.14
N ARG A 59 0.71 -10.86 -17.84
CA ARG A 59 1.98 -10.75 -17.14
C ARG A 59 2.54 -12.14 -16.85
N ALA A 60 1.70 -13.02 -16.34
CA ALA A 60 2.11 -14.38 -16.00
C ALA A 60 2.72 -15.15 -17.18
N GLU A 61 2.12 -14.97 -18.35
CA GLU A 61 2.58 -15.69 -19.53
C GLU A 61 4.03 -15.37 -19.90
N SER A 62 4.51 -14.21 -19.47
CA SER A 62 5.87 -13.79 -19.79
C SER A 62 6.88 -14.10 -18.67
N ASP A 63 6.41 -14.72 -17.61
CA ASP A 63 7.30 -15.07 -16.49
C ASP A 63 8.14 -16.26 -16.90
N ILE A 64 9.19 -16.00 -17.68
CA ILE A 64 10.10 -17.03 -18.18
C ILE A 64 10.74 -17.90 -17.11
N THR A 65 10.89 -17.38 -15.90
CA THR A 65 11.49 -18.15 -14.81
C THR A 65 10.58 -19.30 -14.43
N VAL A 66 9.46 -19.39 -15.15
CA VAL A 66 8.49 -20.44 -14.92
C VAL A 66 8.37 -21.27 -16.20
N PRO A 67 8.74 -22.55 -16.12
CA PRO A 67 8.65 -23.38 -17.32
C PRO A 67 7.21 -23.50 -17.81
N ASP A 68 7.01 -23.29 -19.11
CA ASP A 68 5.67 -23.39 -19.70
C ASP A 68 4.75 -22.39 -18.99
N ALA A 69 5.17 -21.13 -18.95
CA ALA A 69 4.37 -20.08 -18.32
C ALA A 69 3.03 -19.84 -19.03
N PRO A 70 3.03 -19.83 -20.38
CA PRO A 70 1.78 -19.59 -21.12
C PRO A 70 0.63 -20.54 -20.76
N ALA A 71 0.89 -21.85 -20.72
CA ALA A 71 -0.14 -22.82 -20.38
C ALA A 71 -0.60 -22.62 -18.93
N ARG A 72 0.37 -22.33 -18.06
CA ARG A 72 0.07 -22.12 -16.65
C ARG A 72 -0.72 -20.82 -16.45
N ALA A 73 -0.38 -19.79 -17.22
CA ALA A 73 -1.06 -18.51 -17.12
C ALA A 73 -2.48 -18.64 -17.66
N GLU A 74 -2.63 -19.45 -18.70
CA GLU A 74 -3.94 -19.68 -19.30
C GLU A 74 -4.82 -20.40 -18.28
N LYS A 75 -4.23 -21.33 -17.54
CA LYS A 75 -4.95 -22.08 -16.51
C LYS A 75 -5.39 -21.12 -15.40
N PHE A 76 -4.47 -20.25 -14.96
CA PHE A 76 -4.78 -19.27 -13.92
C PHE A 76 -6.00 -18.46 -14.30
N ALA A 77 -6.01 -17.95 -15.52
CA ALA A 77 -7.13 -17.14 -15.99
C ALA A 77 -8.44 -17.92 -15.91
N GLU A 78 -8.50 -19.05 -16.62
CA GLU A 78 -9.71 -19.87 -16.63
C GLU A 78 -10.10 -20.30 -15.24
N ARG A 79 -9.10 -20.56 -14.40
CA ARG A 79 -9.33 -21.01 -13.04
C ARG A 79 -9.83 -19.92 -12.09
N TYR A 80 -9.21 -18.75 -12.13
CA TYR A 80 -9.65 -17.68 -11.21
C TYR A 80 -11.09 -17.30 -11.52
N ALA A 81 -11.45 -17.32 -12.80
CA ALA A 81 -12.81 -17.00 -13.20
C ALA A 81 -13.76 -17.98 -12.51
N GLY A 82 -13.47 -19.27 -12.64
CA GLY A 82 -14.30 -20.28 -12.03
C GLY A 82 -14.60 -20.04 -10.55
N ILE A 83 -13.56 -19.67 -9.79
CA ILE A 83 -13.70 -19.40 -8.36
C ILE A 83 -14.59 -18.17 -8.17
N LEU A 84 -14.29 -17.12 -8.93
CA LEU A 84 -15.08 -15.90 -8.85
C LEU A 84 -16.57 -16.17 -9.06
N GLU A 85 -16.91 -16.92 -10.12
CA GLU A 85 -18.31 -17.25 -10.38
C GLU A 85 -18.81 -18.18 -9.29
N ASP A 86 -17.94 -19.07 -8.79
CA ASP A 86 -18.36 -19.95 -7.70
C ASP A 86 -18.94 -19.10 -6.56
N LEU A 87 -18.26 -18.00 -6.23
CA LEU A 87 -18.74 -17.12 -5.18
C LEU A 87 -20.08 -16.53 -5.61
N LYS A 88 -20.12 -15.82 -6.74
CA LYS A 88 -21.36 -15.24 -7.24
C LYS A 88 -22.56 -16.21 -7.12
N LYS A 89 -22.34 -17.50 -7.34
CA LYS A 89 -23.43 -18.47 -7.28
C LYS A 89 -23.70 -18.99 -5.86
N ASP A 90 -22.65 -19.02 -5.04
CA ASP A 90 -22.75 -19.48 -3.66
C ASP A 90 -21.77 -18.64 -2.84
N PRO A 91 -22.21 -17.47 -2.40
CA PRO A 91 -21.41 -16.53 -1.60
C PRO A 91 -20.87 -17.07 -0.28
N GLU A 92 -21.08 -18.36 0.00
CA GLU A 92 -20.59 -18.92 1.25
C GLU A 92 -19.45 -19.90 1.05
N SER A 93 -19.19 -20.28 -0.20
CA SER A 93 -18.10 -21.19 -0.50
C SER A 93 -16.79 -20.43 -0.57
N HIS A 94 -15.69 -21.17 -0.71
CA HIS A 94 -14.36 -20.57 -0.79
C HIS A 94 -14.06 -19.65 0.40
N GLY A 95 -14.78 -19.84 1.50
CA GLY A 95 -14.55 -19.04 2.69
C GLY A 95 -15.34 -17.76 2.78
N GLY A 96 -16.38 -17.64 1.97
CA GLY A 96 -17.21 -16.43 1.98
C GLY A 96 -18.13 -16.35 3.18
N PRO A 97 -18.96 -15.28 3.29
CA PRO A 97 -19.09 -14.12 2.40
C PRO A 97 -17.75 -13.52 2.02
N PRO A 98 -17.60 -13.09 0.76
CA PRO A 98 -16.28 -12.52 0.46
C PRO A 98 -16.07 -11.04 0.71
N ASP A 99 -14.83 -10.71 1.04
CA ASP A 99 -14.45 -9.31 1.23
C ASP A 99 -13.24 -9.09 0.35
N GLY A 100 -12.68 -7.89 0.37
CA GLY A 100 -11.52 -7.62 -0.48
C GLY A 100 -10.32 -8.50 -0.18
N ILE A 101 -10.11 -8.79 1.10
CA ILE A 101 -8.98 -9.63 1.47
C ILE A 101 -9.11 -11.02 0.86
N LEU A 102 -10.27 -11.65 0.98
CA LEU A 102 -10.45 -12.99 0.42
C LEU A 102 -10.24 -13.00 -1.08
N LEU A 103 -10.82 -12.04 -1.78
CA LEU A 103 -10.68 -11.99 -3.23
C LEU A 103 -9.22 -11.82 -3.64
N CYS A 104 -8.49 -10.96 -2.96
CA CYS A 104 -7.07 -10.76 -3.27
C CYS A 104 -6.30 -12.04 -3.07
N ARG A 105 -6.61 -12.74 -1.97
CA ARG A 105 -5.89 -13.97 -1.64
C ARG A 105 -6.14 -15.06 -2.66
N LEU A 106 -7.39 -15.23 -3.09
CA LEU A 106 -7.71 -16.23 -4.09
C LEU A 106 -6.92 -16.00 -5.37
N ARG A 107 -6.68 -14.73 -5.72
CA ARG A 107 -5.94 -14.45 -6.94
C ARG A 107 -4.48 -14.85 -6.79
N GLU A 108 -3.91 -14.59 -5.62
CA GLU A 108 -2.52 -14.93 -5.35
C GLU A 108 -2.31 -16.45 -5.29
N GLN A 109 -3.19 -17.13 -4.57
CA GLN A 109 -3.05 -18.58 -4.40
C GLN A 109 -3.19 -19.37 -5.69
N VAL A 110 -4.07 -18.94 -6.59
CA VAL A 110 -4.17 -19.68 -7.85
C VAL A 110 -2.84 -19.56 -8.57
N LEU A 111 -2.31 -18.35 -8.64
CA LEU A 111 -1.03 -18.10 -9.31
C LEU A 111 0.12 -18.87 -8.66
N ARG A 112 0.18 -18.86 -7.33
CA ARG A 112 1.26 -19.54 -6.64
C ARG A 112 1.16 -21.05 -6.79
N GLU A 113 -0.05 -21.58 -6.70
CA GLU A 113 -0.22 -23.02 -6.85
C GLU A 113 0.28 -23.52 -8.20
N LEU A 114 0.14 -22.66 -9.20
CA LEU A 114 0.57 -22.98 -10.55
C LEU A 114 2.06 -22.75 -10.77
N GLY A 115 2.77 -22.40 -9.72
CA GLY A 115 4.21 -22.22 -9.84
C GLY A 115 4.73 -20.81 -10.03
N PHE A 116 3.85 -19.84 -10.14
CA PHE A 116 4.29 -18.45 -10.31
C PHE A 116 4.65 -17.92 -8.92
N ARG A 117 5.71 -17.14 -8.83
CA ARG A 117 6.13 -16.60 -7.55
C ARG A 117 6.22 -15.08 -7.56
N ASP A 118 6.58 -14.52 -8.71
CA ASP A 118 6.66 -13.07 -8.85
C ASP A 118 6.62 -12.70 -10.32
N ILE A 119 5.42 -12.72 -10.90
CA ILE A 119 5.30 -12.42 -12.33
C ILE A 119 5.60 -10.96 -12.64
N PHE A 120 5.79 -10.16 -11.60
CA PHE A 120 6.09 -8.74 -11.77
C PHE A 120 7.55 -8.40 -11.45
N LYS A 121 8.36 -9.41 -11.17
CA LYS A 121 9.76 -9.17 -10.78
C LYS A 121 10.62 -8.39 -11.76
N LYS A 122 10.55 -8.75 -13.05
CA LYS A 122 11.36 -8.04 -14.03
C LYS A 122 11.06 -6.54 -14.01
N VAL A 123 9.78 -6.19 -14.03
CA VAL A 123 9.41 -4.77 -14.05
C VAL A 123 9.67 -4.03 -12.74
N LYS A 124 9.60 -4.73 -11.60
CA LYS A 124 9.88 -4.09 -10.32
C LYS A 124 11.36 -3.69 -10.30
N ASP A 125 12.23 -4.60 -10.73
CA ASP A 125 13.65 -4.29 -10.76
C ASP A 125 13.92 -3.14 -11.73
N GLU A 126 13.24 -3.15 -12.87
CA GLU A 126 13.43 -2.10 -13.87
C GLU A 126 13.01 -0.74 -13.32
N GLU A 127 11.97 -0.76 -12.48
CA GLU A 127 11.47 0.48 -11.90
C GLU A 127 12.31 1.03 -10.75
N ASN A 128 12.87 0.16 -9.92
CA ASN A 128 13.70 0.63 -8.80
C ASN A 128 14.93 1.30 -9.40
N ALA A 129 15.54 0.62 -10.36
CA ALA A 129 16.73 1.13 -11.03
C ALA A 129 16.48 2.51 -11.65
N LYS A 130 15.44 2.63 -12.48
CA LYS A 130 15.13 3.92 -13.10
C LYS A 130 14.85 4.99 -12.06
N ALA A 131 14.15 4.61 -10.98
CA ALA A 131 13.84 5.58 -9.94
C ALA A 131 15.10 5.96 -9.16
N ILE A 132 15.94 4.98 -8.86
CA ILE A 132 17.18 5.22 -8.12
C ILE A 132 18.06 6.32 -8.76
N SER A 133 18.04 6.40 -10.08
CA SER A 133 18.83 7.40 -10.81
C SER A 133 18.31 8.83 -10.66
N LEU A 134 17.05 8.99 -10.25
CA LEU A 134 16.45 10.31 -10.10
C LEU A 134 16.37 10.75 -8.64
N PHE A 135 16.71 9.84 -7.74
CA PHE A 135 16.63 10.12 -6.31
C PHE A 135 17.33 11.45 -5.95
N PRO A 136 18.57 11.68 -6.44
CA PRO A 136 19.19 12.96 -6.07
C PRO A 136 18.44 14.19 -6.59
N GLN A 137 18.00 14.11 -7.85
CA GLN A 137 17.27 15.19 -8.51
C GLN A 137 15.99 15.57 -7.77
N VAL A 138 15.10 14.60 -7.61
CA VAL A 138 13.82 14.80 -6.93
C VAL A 138 14.01 15.36 -5.51
N VAL A 139 15.03 14.88 -4.81
CA VAL A 139 15.34 15.36 -3.45
C VAL A 139 15.87 16.80 -3.50
N SER A 140 16.58 17.16 -4.58
CA SER A 140 17.11 18.52 -4.70
C SER A 140 15.97 19.52 -4.80
N LEU A 141 14.90 19.13 -5.47
CA LEU A 141 13.73 19.98 -5.62
C LEU A 141 13.10 20.26 -4.27
N SER A 142 12.87 19.22 -3.48
CA SER A 142 12.27 19.42 -2.17
C SER A 142 13.27 20.15 -1.28
N ASP A 143 14.55 19.79 -1.38
CA ASP A 143 15.55 20.45 -0.56
C ASP A 143 15.64 21.93 -0.90
N ALA A 144 15.36 22.27 -2.16
CA ALA A 144 15.45 23.69 -2.55
C ALA A 144 14.34 24.56 -1.94
N ILE A 145 13.31 23.94 -1.38
CA ILE A 145 12.23 24.71 -0.78
C ILE A 145 12.66 25.20 0.58
N GLU A 146 12.42 26.49 0.82
CA GLU A 146 12.82 27.14 2.06
C GLU A 146 11.88 26.93 3.23
N ASP A 147 10.59 27.12 3.00
CA ASP A 147 9.59 26.96 4.06
C ASP A 147 9.37 25.49 4.42
N ASP A 148 9.41 25.16 5.71
CA ASP A 148 9.22 23.80 6.17
C ASP A 148 7.85 23.22 5.81
N GLY A 149 6.81 24.02 6.00
CA GLY A 149 5.48 23.56 5.68
C GLY A 149 5.34 23.34 4.18
N LYS A 150 5.89 24.27 3.40
CA LYS A 150 5.83 24.15 1.95
C LYS A 150 6.59 22.92 1.47
N ARG A 151 7.68 22.58 2.15
CA ARG A 151 8.45 21.40 1.75
C ARG A 151 7.68 20.13 2.07
N LEU A 152 6.93 20.16 3.17
CA LEU A 152 6.12 19.01 3.55
C LEU A 152 5.08 18.77 2.47
N GLU A 153 4.36 19.81 2.10
CA GLU A 153 3.34 19.66 1.07
C GLU A 153 3.95 19.06 -0.19
N ASN A 154 5.09 19.59 -0.61
CA ASN A 154 5.75 19.08 -1.79
C ASN A 154 6.08 17.60 -1.64
N LEU A 155 6.49 17.20 -0.44
CA LEU A 155 6.81 15.79 -0.20
C LEU A 155 5.54 14.95 -0.22
N VAL A 156 4.42 15.56 0.18
CA VAL A 156 3.13 14.86 0.15
C VAL A 156 2.68 14.64 -1.30
N ARG A 157 2.89 15.61 -2.18
CA ARG A 157 2.52 15.39 -3.58
C ARG A 157 3.33 14.21 -4.15
N GLY A 158 4.61 14.16 -3.82
CA GLY A 158 5.45 13.07 -4.30
C GLY A 158 4.91 11.71 -3.88
N ILE A 159 4.33 11.62 -2.68
CA ILE A 159 3.77 10.35 -2.23
C ILE A 159 2.66 9.96 -3.20
N PHE A 160 1.68 10.87 -3.37
CA PHE A 160 0.59 10.62 -4.30
C PHE A 160 1.11 10.38 -5.73
N ALA A 161 2.07 11.18 -6.16
CA ALA A 161 2.64 11.02 -7.50
C ALA A 161 3.32 9.67 -7.63
N GLY A 162 4.11 9.28 -6.63
CA GLY A 162 4.77 7.99 -6.70
C GLY A 162 3.77 6.85 -6.78
N ASN A 163 2.60 7.02 -6.17
CA ASN A 163 1.56 5.99 -6.15
C ASN A 163 1.04 5.64 -7.55
N ILE A 164 0.99 6.63 -8.44
CA ILE A 164 0.55 6.40 -9.83
C ILE A 164 1.70 6.13 -10.80
N PHE A 165 2.82 6.83 -10.61
CA PHE A 165 3.98 6.67 -11.49
C PHE A 165 5.05 5.78 -10.87
N MET A 181 6.39 13.47 -19.94
CA MET A 181 5.85 12.59 -18.91
C MET A 181 6.97 12.03 -18.02
N SER A 182 6.75 12.04 -16.71
CA SER A 182 7.73 11.54 -15.75
C SER A 182 7.12 11.52 -14.36
N PHE A 183 7.97 11.24 -13.36
CA PHE A 183 7.51 11.25 -11.98
C PHE A 183 7.32 12.72 -11.59
N LEU A 184 8.31 13.55 -11.88
CA LEU A 184 8.19 14.97 -11.53
C LEU A 184 6.99 15.63 -12.21
N ALA A 185 6.60 15.11 -13.36
CA ALA A 185 5.45 15.65 -14.08
C ALA A 185 4.18 15.26 -13.31
N SER A 186 4.14 14.03 -12.80
CA SER A 186 2.97 13.58 -12.04
C SER A 186 2.74 14.47 -10.82
N CYS A 187 3.81 14.84 -10.15
CA CYS A 187 3.69 15.69 -8.96
C CYS A 187 2.91 16.95 -9.30
N GLN A 188 2.95 17.35 -10.58
CA GLN A 188 2.26 18.55 -11.03
C GLN A 188 0.85 18.28 -11.51
N ASN A 189 0.63 17.12 -12.11
CA ASN A 189 -0.68 16.78 -12.64
C ASN A 189 -1.67 16.24 -11.60
N LEU A 190 -1.34 16.35 -10.32
CA LEU A 190 -2.24 15.87 -9.28
C LEU A 190 -3.45 16.79 -9.20
N VAL A 191 -4.62 16.21 -8.98
CA VAL A 191 -5.85 16.99 -8.86
C VAL A 191 -5.71 18.05 -7.75
N PRO A 192 -6.12 19.30 -8.03
CA PRO A 192 -6.04 20.40 -7.07
C PRO A 192 -6.78 20.18 -5.75
N ARG A 193 -6.22 20.73 -4.68
CA ARG A 193 -6.83 20.66 -3.37
C ARG A 193 -8.04 21.60 -3.37
N PRO A 194 -9.00 21.38 -2.46
CA PRO A 194 -8.99 20.32 -1.46
C PRO A 194 -9.09 18.93 -2.06
N TRP A 195 -8.81 17.93 -1.22
CA TRP A 195 -8.92 16.54 -1.65
C TRP A 195 -10.23 16.01 -1.05
N VAL A 196 -10.64 14.82 -1.45
CA VAL A 196 -11.92 14.25 -0.99
C VAL A 196 -11.96 14.11 0.54
N ILE A 197 -10.75 14.07 1.12
CA ILE A 197 -10.49 14.01 2.55
C ILE A 197 -9.08 14.60 2.56
N ASP A 198 -8.92 15.80 3.11
CA ASP A 198 -7.62 16.48 3.10
C ASP A 198 -7.28 17.07 4.48
N ASP A 199 -6.47 16.35 5.24
CA ASP A 199 -6.09 16.80 6.58
C ASP A 199 -4.63 17.25 6.62
N LEU A 200 -4.09 17.62 5.47
CA LEU A 200 -2.70 18.04 5.38
C LEU A 200 -2.40 19.30 6.20
N GLU A 201 -3.29 20.27 6.19
CA GLU A 201 -3.08 21.50 6.96
C GLU A 201 -2.86 21.14 8.42
N ASN A 202 -3.81 20.40 8.99
CA ASN A 202 -3.69 20.00 10.39
C ASN A 202 -2.46 19.14 10.65
N PHE A 203 -2.14 18.27 9.70
CA PHE A 203 -1.00 17.38 9.85
C PHE A 203 0.27 18.22 9.96
N GLN A 204 0.38 19.18 9.05
CA GLN A 204 1.52 20.08 8.99
C GLN A 204 1.73 20.76 10.34
N ALA A 205 0.63 21.15 10.99
CA ALA A 205 0.70 21.82 12.28
C ALA A 205 1.59 21.04 13.23
N LYS A 206 1.27 19.76 13.44
CA LYS A 206 2.07 18.95 14.35
C LYS A 206 3.45 18.61 13.77
N TRP A 207 3.55 18.63 12.45
CA TRP A 207 4.81 18.34 11.77
C TRP A 207 5.88 19.41 12.00
N ILE A 208 5.44 20.65 12.21
CA ILE A 208 6.39 21.75 12.43
C ILE A 208 6.74 21.89 13.93
N ASN A 209 6.15 21.05 14.76
CA ASN A 209 6.42 21.08 16.19
C ASN A 209 7.30 19.89 16.58
N LYS A 210 7.78 19.15 15.58
CA LYS A 210 8.62 17.98 15.78
C LYS A 210 8.15 17.14 16.96
N SER A 211 6.84 16.96 17.02
CA SER A 211 6.19 16.20 18.08
C SER A 211 6.23 14.70 17.85
N TRP A 212 6.57 14.27 16.63
CA TRP A 212 6.65 12.84 16.31
C TRP A 212 8.08 12.35 16.31
N LYS A 213 8.37 11.34 17.13
CA LYS A 213 9.73 10.79 17.21
C LYS A 213 9.81 9.31 16.83
N LYS A 214 8.66 8.66 16.72
CA LYS A 214 8.59 7.24 16.38
C LYS A 214 7.52 6.99 15.30
N ALA A 215 7.84 7.29 14.05
CA ALA A 215 6.91 7.10 12.94
C ALA A 215 7.09 5.75 12.24
N VAL A 216 5.97 5.09 11.93
CA VAL A 216 6.01 3.81 11.23
C VAL A 216 5.26 4.00 9.92
N ILE A 217 5.86 3.59 8.81
CA ILE A 217 5.26 3.75 7.46
C ILE A 217 5.05 2.42 6.73
N PHE A 218 3.78 2.08 6.42
CA PHE A 218 3.48 0.84 5.71
C PHE A 218 3.57 1.15 4.21
N VAL A 219 4.73 0.89 3.62
CA VAL A 219 4.93 1.17 2.20
C VAL A 219 4.05 0.35 1.27
N ASP A 220 4.07 0.70 -0.02
CA ASP A 220 3.21 0.04 -1.00
C ASP A 220 3.95 -0.43 -2.26
N ASN A 221 4.08 0.46 -3.24
CA ASN A 221 4.69 0.02 -4.51
C ASN A 221 6.19 0.19 -4.68
N SER A 222 6.75 -0.64 -5.55
CA SER A 222 8.17 -0.59 -5.89
C SER A 222 8.42 0.66 -6.73
N GLY A 223 9.61 0.74 -7.31
CA GLY A 223 9.95 1.85 -8.16
C GLY A 223 9.87 3.24 -7.53
N ALA A 224 9.13 4.14 -8.20
CA ALA A 224 8.99 5.53 -7.73
C ALA A 224 8.24 5.65 -6.40
N ASP A 225 7.01 5.16 -6.39
CA ASP A 225 6.18 5.25 -5.19
C ASP A 225 7.00 5.09 -3.91
N ILE A 226 7.96 4.17 -3.91
CA ILE A 226 8.80 3.93 -2.73
C ILE A 226 10.12 4.74 -2.74
N ILE A 227 10.77 4.83 -3.90
CA ILE A 227 12.07 5.51 -3.99
C ILE A 227 12.03 7.03 -4.17
N LEU A 228 11.01 7.53 -4.84
CA LEU A 228 10.92 8.96 -5.10
C LEU A 228 9.81 9.61 -4.29
N GLY A 229 8.87 8.80 -3.79
CA GLY A 229 7.79 9.34 -3.00
C GLY A 229 8.06 9.14 -1.51
N ILE A 230 8.08 7.89 -1.07
CA ILE A 230 8.30 7.57 0.35
C ILE A 230 9.67 7.94 0.92
N LEU A 231 10.75 7.47 0.31
CA LEU A 231 12.08 7.73 0.87
C LEU A 231 12.35 9.22 1.12
N PRO A 232 12.18 10.08 0.10
CA PRO A 232 12.43 11.51 0.37
C PRO A 232 11.66 12.00 1.61
N PHE A 233 10.43 11.50 1.75
CA PHE A 233 9.57 11.86 2.88
C PHE A 233 10.19 11.28 4.16
N ALA A 234 10.58 10.01 4.10
CA ALA A 234 11.21 9.34 5.24
C ALA A 234 12.49 10.07 5.65
N ARG A 235 13.19 10.59 4.65
CA ARG A 235 14.43 11.33 4.88
C ARG A 235 14.18 12.65 5.59
N GLU A 236 13.08 13.32 5.25
CA GLU A 236 12.72 14.58 5.89
C GLU A 236 12.41 14.31 7.37
N LEU A 237 11.64 13.26 7.65
CA LEU A 237 11.32 12.91 9.05
C LEU A 237 12.60 12.78 9.86
N LEU A 238 13.54 11.99 9.34
CA LEU A 238 14.80 11.78 10.02
C LEU A 238 15.48 13.12 10.23
N ARG A 239 15.52 13.92 9.15
CA ARG A 239 16.15 15.23 9.18
C ARG A 239 15.44 16.19 10.13
N ARG A 240 14.33 15.76 10.71
CA ARG A 240 13.57 16.59 11.63
C ARG A 240 13.60 16.03 13.06
N GLY A 241 14.33 14.94 13.25
CA GLY A 241 14.48 14.38 14.58
C GLY A 241 13.66 13.15 14.96
N ALA A 242 13.17 12.40 13.98
CA ALA A 242 12.39 11.22 14.31
C ALA A 242 13.00 9.93 13.77
N GLN A 243 12.60 8.81 14.37
CA GLN A 243 13.02 7.48 13.94
C GLN A 243 11.98 7.11 12.87
N VAL A 244 12.41 6.44 11.81
CA VAL A 244 11.48 6.04 10.74
C VAL A 244 11.45 4.55 10.52
N VAL A 245 10.32 3.92 10.83
CA VAL A 245 10.16 2.48 10.59
C VAL A 245 9.35 2.31 9.29
N LEU A 246 9.97 1.74 8.27
CA LEU A 246 9.29 1.50 7.00
C LEU A 246 8.85 0.05 6.98
N ALA A 247 7.57 -0.18 7.25
CA ALA A 247 7.04 -1.54 7.26
C ALA A 247 6.77 -1.92 5.81
N ALA A 248 7.10 -3.16 5.44
CA ALA A 248 6.88 -3.63 4.08
C ALA A 248 6.64 -5.15 4.03
N ASN A 249 5.76 -5.60 3.11
CA ASN A 249 5.43 -7.02 2.96
C ASN A 249 6.59 -7.99 3.15
N GLU A 250 6.24 -9.18 3.65
CA GLU A 250 7.24 -10.21 3.83
C GLU A 250 7.36 -10.89 2.48
N LEU A 251 6.19 -11.20 1.91
CA LEU A 251 6.06 -11.86 0.61
C LEU A 251 5.54 -10.94 -0.49
N PRO A 252 5.94 -11.20 -1.74
CA PRO A 252 5.47 -10.34 -2.83
C PRO A 252 3.99 -10.49 -3.22
N SER A 253 3.43 -9.39 -3.68
CA SER A 253 2.05 -9.31 -4.15
C SER A 253 2.13 -8.20 -5.19
N ILE A 254 1.58 -8.44 -6.39
CA ILE A 254 1.62 -7.48 -7.49
C ILE A 254 3.02 -6.85 -7.54
N ASN A 255 3.10 -5.54 -7.71
CA ASN A 255 4.40 -4.88 -7.76
C ASN A 255 4.83 -4.32 -6.41
N ASP A 256 4.14 -4.72 -5.34
CA ASP A 256 4.51 -4.21 -4.03
C ASP A 256 5.88 -4.72 -3.64
N ILE A 257 6.78 -3.77 -3.43
CA ILE A 257 8.16 -4.06 -3.06
C ILE A 257 8.17 -4.75 -1.69
N THR A 258 8.78 -5.93 -1.61
CA THR A 258 8.87 -6.65 -0.34
C THR A 258 10.13 -6.18 0.37
N CYS A 259 10.33 -6.68 1.58
CA CYS A 259 11.51 -6.28 2.34
C CYS A 259 12.79 -6.67 1.62
N THR A 260 12.83 -7.90 1.10
CA THR A 260 14.00 -8.37 0.37
C THR A 260 14.51 -7.29 -0.58
N GLU A 261 13.59 -6.65 -1.30
CA GLU A 261 13.95 -5.62 -2.25
C GLU A 261 14.35 -4.29 -1.57
N LEU A 262 13.49 -3.79 -0.68
CA LEU A 262 13.75 -2.53 0.02
C LEU A 262 15.11 -2.57 0.72
N THR A 263 15.46 -3.73 1.27
CA THR A 263 16.75 -3.88 1.95
C THR A 263 17.86 -3.53 0.97
N GLU A 264 17.79 -4.04 -0.25
CA GLU A 264 18.80 -3.74 -1.25
C GLU A 264 18.75 -2.26 -1.60
N ILE A 265 17.53 -1.77 -1.84
CA ILE A 265 17.34 -0.36 -2.17
C ILE A 265 17.98 0.58 -1.16
N LEU A 266 17.87 0.24 0.12
CA LEU A 266 18.44 1.08 1.18
C LEU A 266 19.92 1.35 0.90
N SER A 267 20.64 0.29 0.57
CA SER A 267 22.07 0.39 0.27
C SER A 267 22.32 0.87 -1.16
N GLN A 268 21.47 0.46 -2.08
CA GLN A 268 21.59 0.86 -3.48
C GLN A 268 21.60 2.37 -3.61
N LEU A 269 21.07 3.05 -2.60
CA LEU A 269 21.01 4.51 -2.59
C LEU A 269 21.99 5.13 -1.59
N LYS A 270 22.36 4.37 -0.56
CA LYS A 270 23.28 4.84 0.48
C LYS A 270 24.73 4.68 0.03
N ASN A 273 29.25 7.79 1.86
CA ASN A 273 29.47 7.74 3.30
C ASN A 273 28.47 6.83 4.01
N GLY A 274 27.57 6.23 3.24
CA GLY A 274 26.58 5.34 3.83
C GLY A 274 25.37 6.12 4.29
N GLN A 275 25.22 7.33 3.74
CA GLN A 275 24.13 8.23 4.08
C GLN A 275 23.21 8.43 2.88
N LEU A 276 22.07 9.07 3.12
CA LEU A 276 21.12 9.37 2.04
C LEU A 276 21.19 10.86 1.80
N LEU A 277 22.05 11.26 0.86
CA LEU A 277 22.24 12.68 0.54
C LEU A 277 22.49 13.52 1.78
N GLY A 278 23.53 13.13 2.53
CA GLY A 278 23.90 13.87 3.73
C GLY A 278 23.06 13.67 4.97
N VAL A 279 22.14 12.70 4.95
CA VAL A 279 21.31 12.43 6.11
C VAL A 279 21.60 11.05 6.67
N ASP A 280 21.90 11.01 7.97
CA ASP A 280 22.21 9.77 8.66
C ASP A 280 20.99 8.85 8.67
N THR A 281 21.22 7.55 8.52
CA THR A 281 20.16 6.55 8.49
C THR A 281 20.12 5.59 9.68
N SER A 282 20.91 5.88 10.71
CA SER A 282 20.91 5.01 11.88
C SER A 282 19.55 4.98 12.61
N LYS A 283 18.66 5.92 12.29
CA LYS A 283 17.34 5.97 12.91
C LYS A 283 16.21 5.50 11.99
N LEU A 284 16.62 4.95 10.84
CA LEU A 284 15.70 4.39 9.85
C LEU A 284 15.74 2.87 10.04
N LEU A 285 14.59 2.22 10.15
CA LEU A 285 14.54 0.78 10.34
C LEU A 285 13.52 0.06 9.45
N ILE A 286 14.01 -0.87 8.61
CA ILE A 286 13.16 -1.65 7.71
C ILE A 286 12.54 -2.79 8.53
N ALA A 287 11.23 -2.88 8.53
CA ALA A 287 10.53 -3.91 9.28
C ALA A 287 9.68 -4.82 8.43
N ASN A 288 9.88 -6.12 8.57
CA ASN A 288 9.10 -7.14 7.85
C ASN A 288 7.67 -7.08 8.40
N SER A 289 6.69 -6.92 7.52
CA SER A 289 5.29 -6.84 7.95
C SER A 289 4.62 -8.20 8.12
N GLY A 290 5.13 -9.21 7.42
CA GLY A 290 4.55 -10.53 7.49
C GLY A 290 3.40 -10.69 6.52
N ASN A 291 3.13 -9.65 5.72
CA ASN A 291 2.01 -9.67 4.78
C ASN A 291 2.43 -10.07 3.38
N ASP A 292 1.53 -10.73 2.65
CA ASP A 292 1.78 -11.22 1.30
C ASP A 292 0.61 -10.83 0.40
N LEU A 293 0.07 -9.64 0.60
CA LEU A 293 -1.10 -9.20 -0.18
C LEU A 293 -1.02 -7.72 -0.58
N PRO A 294 -1.95 -7.25 -1.42
CA PRO A 294 -1.99 -5.85 -1.86
C PRO A 294 -2.81 -5.00 -0.89
N VAL A 295 -3.48 -5.70 0.03
CA VAL A 295 -4.25 -5.08 1.09
C VAL A 295 -3.62 -5.71 2.33
N ILE A 296 -3.84 -5.14 3.51
CA ILE A 296 -3.21 -5.74 4.69
C ILE A 296 -4.16 -5.80 5.89
N ASP A 297 -4.32 -7.02 6.42
CA ASP A 297 -5.13 -7.26 7.62
C ASP A 297 -4.15 -7.15 8.78
N LEU A 298 -4.24 -6.06 9.52
CA LEU A 298 -3.30 -5.81 10.61
C LEU A 298 -3.57 -6.67 11.84
N SER A 299 -4.56 -7.54 11.76
CA SER A 299 -4.83 -8.42 12.89
C SER A 299 -3.88 -9.62 12.76
N ARG A 300 -3.08 -9.62 11.70
CA ARG A 300 -2.14 -10.73 11.46
C ARG A 300 -0.82 -10.28 10.84
N VAL A 301 0.11 -9.84 11.69
CA VAL A 301 1.42 -9.37 11.24
C VAL A 301 2.57 -10.18 11.86
N SER A 302 3.75 -10.05 11.28
CA SER A 302 4.90 -10.78 11.79
C SER A 302 5.30 -10.30 13.18
N GLN A 303 6.11 -11.11 13.87
CA GLN A 303 6.59 -10.71 15.18
C GLN A 303 7.65 -9.65 14.98
N GLU A 304 8.40 -9.74 13.88
CA GLU A 304 9.42 -8.75 13.57
C GLU A 304 8.76 -7.37 13.61
N LEU A 305 7.66 -7.23 12.88
CA LEU A 305 6.97 -5.94 12.84
C LEU A 305 6.33 -5.55 14.16
N ALA A 306 5.75 -6.52 14.86
CA ALA A 306 5.13 -6.25 16.15
C ALA A 306 6.14 -5.65 17.14
N TYR A 307 7.34 -6.21 17.21
CA TYR A 307 8.37 -5.69 18.09
C TYR A 307 8.88 -4.33 17.63
N LEU A 308 9.05 -4.16 16.32
CA LEU A 308 9.56 -2.92 15.75
C LEU A 308 8.52 -1.80 15.64
N SER A 309 7.31 -2.04 16.14
CA SER A 309 6.27 -1.03 16.07
C SER A 309 5.56 -0.84 17.40
N SER A 310 5.77 -1.77 18.33
CA SER A 310 5.11 -1.70 19.64
C SER A 310 5.51 -0.43 20.37
N ASP A 311 6.49 0.29 19.82
CA ASP A 311 6.94 1.54 20.41
C ASP A 311 7.02 2.71 19.42
N ALA A 312 5.87 3.12 18.88
CA ALA A 312 5.81 4.24 17.91
C ALA A 312 4.65 5.20 18.17
N ASP A 313 4.80 6.44 17.69
CA ASP A 313 3.74 7.44 17.87
C ASP A 313 3.12 7.96 16.57
N LEU A 314 3.55 7.40 15.44
CA LEU A 314 2.98 7.77 14.13
C LEU A 314 2.77 6.48 13.34
N VAL A 315 1.56 6.30 12.85
CA VAL A 315 1.21 5.14 12.04
C VAL A 315 0.69 5.68 10.71
N ILE A 316 1.52 5.63 9.67
CA ILE A 316 1.16 6.11 8.33
C ILE A 316 0.95 4.88 7.44
N VAL A 317 -0.24 4.73 6.87
CA VAL A 317 -0.50 3.58 6.02
C VAL A 317 -0.65 4.14 4.60
N GLU A 318 -0.04 3.50 3.61
CA GLU A 318 -0.09 4.07 2.26
C GLU A 318 -0.78 3.32 1.16
N GLY A 319 -1.37 4.10 0.24
CA GLY A 319 -2.01 3.56 -0.94
C GLY A 319 -3.33 2.84 -0.81
N MET A 320 -4.23 3.08 -1.76
CA MET A 320 -5.54 2.44 -1.76
C MET A 320 -5.46 1.00 -1.26
N GLY A 321 -4.50 0.24 -1.78
CA GLY A 321 -4.38 -1.12 -1.31
C GLY A 321 -4.31 -1.20 0.21
N ARG A 322 -3.28 -0.61 0.80
CA ARG A 322 -3.14 -0.68 2.26
C ARG A 322 -3.73 0.44 3.12
N GLY A 323 -3.89 1.64 2.55
CA GLY A 323 -4.43 2.76 3.30
C GLY A 323 -5.83 3.20 2.98
N ILE A 324 -6.43 2.65 1.92
CA ILE A 324 -7.79 3.08 1.57
C ILE A 324 -8.80 1.94 1.53
N GLU A 325 -8.42 0.82 0.90
CA GLU A 325 -9.29 -0.34 0.84
C GLU A 325 -9.24 -1.04 2.20
N THR A 326 -8.42 -0.49 3.09
CA THR A 326 -8.35 -0.99 4.46
C THR A 326 -7.87 0.13 5.36
N ASN A 327 -8.08 -0.05 6.67
CA ASN A 327 -7.65 0.89 7.68
C ASN A 327 -8.04 2.36 7.55
N LEU A 328 -8.67 2.74 6.44
CA LEU A 328 -9.06 4.14 6.27
C LEU A 328 -9.73 4.74 7.50
N TYR A 329 -10.60 3.96 8.14
CA TYR A 329 -11.30 4.43 9.34
C TYR A 329 -10.77 3.75 10.60
N ALA A 330 -9.69 2.97 10.47
CA ALA A 330 -9.15 2.29 11.64
C ALA A 330 -8.82 3.27 12.75
N GLN A 331 -8.84 2.76 13.98
CA GLN A 331 -8.52 3.56 15.14
C GLN A 331 -7.18 3.12 15.68
N PHE A 332 -6.32 4.09 15.97
CA PHE A 332 -5.00 3.79 16.52
C PHE A 332 -4.82 4.52 17.85
N LYS A 333 -3.84 4.07 18.65
CA LYS A 333 -3.52 4.66 19.95
C LYS A 333 -2.84 6.01 19.79
N CYS A 334 -2.05 6.13 18.72
CA CYS A 334 -1.29 7.34 18.38
C CYS A 334 -1.92 7.90 17.12
N ASP A 335 -1.75 9.19 16.87
CA ASP A 335 -2.33 9.78 15.66
C ASP A 335 -1.76 9.06 14.46
N SER A 336 -2.60 8.79 13.46
CA SER A 336 -2.09 8.08 12.29
C SER A 336 -2.44 8.84 11.02
N LEU A 337 -2.17 8.18 9.90
CA LEU A 337 -2.40 8.74 8.57
C LEU A 337 -2.67 7.63 7.56
N LYS A 338 -3.71 7.80 6.75
CA LYS A 338 -4.04 6.88 5.67
C LYS A 338 -3.89 7.79 4.46
N ILE A 339 -2.91 7.46 3.62
CA ILE A 339 -2.59 8.31 2.47
C ILE A 339 -2.42 7.51 1.18
N GLY A 340 -3.27 7.78 0.18
CA GLY A 340 -3.13 7.05 -1.07
C GLY A 340 -4.03 7.62 -2.13
N MET A 341 -3.75 7.28 -3.38
CA MET A 341 -4.59 7.76 -4.48
C MET A 341 -5.68 6.75 -4.80
N VAL A 342 -6.84 7.25 -5.23
CA VAL A 342 -7.97 6.37 -5.58
C VAL A 342 -7.75 5.86 -7.01
N LYS A 343 -7.59 4.55 -7.17
CA LYS A 343 -7.33 3.96 -8.48
C LYS A 343 -8.40 2.96 -8.95
N HIS A 344 -9.51 2.90 -8.22
CA HIS A 344 -10.64 2.04 -8.56
C HIS A 344 -11.87 2.93 -8.71
N LEU A 345 -12.54 2.86 -9.85
CA LEU A 345 -13.75 3.66 -10.01
C LEU A 345 -14.70 3.30 -8.86
N GLU A 346 -14.66 2.03 -8.43
CA GLU A 346 -15.53 1.58 -7.34
C GLU A 346 -15.15 2.26 -6.03
N VAL A 347 -13.85 2.47 -5.82
CA VAL A 347 -13.41 3.12 -4.60
C VAL A 347 -13.83 4.59 -4.64
N ALA A 348 -13.68 5.24 -5.79
CA ALA A 348 -14.09 6.62 -5.89
C ALA A 348 -15.57 6.71 -5.55
N GLU A 349 -16.36 5.77 -6.05
CA GLU A 349 -17.79 5.75 -5.80
C GLU A 349 -18.05 5.79 -4.30
N PHE A 350 -17.35 4.91 -3.57
CA PHE A 350 -17.48 4.84 -2.11
C PHE A 350 -17.21 6.21 -1.49
N LEU A 351 -16.09 6.83 -1.84
CA LEU A 351 -15.70 8.11 -1.27
C LEU A 351 -16.36 9.32 -1.94
N GLY A 352 -17.21 9.07 -2.93
CA GLY A 352 -17.85 10.17 -3.63
C GLY A 352 -16.76 11.00 -4.32
N GLY A 353 -15.58 10.41 -4.42
CA GLY A 353 -14.46 11.09 -5.05
C GLY A 353 -14.33 10.89 -6.55
N ARG A 354 -13.19 11.33 -7.08
CA ARG A 354 -12.86 11.25 -8.49
C ARG A 354 -11.84 10.13 -8.71
N LEU A 355 -11.77 9.60 -9.93
CA LEU A 355 -10.76 8.57 -10.17
C LEU A 355 -9.45 9.37 -10.02
N TYR A 356 -8.45 8.74 -9.42
CA TYR A 356 -7.14 9.39 -9.17
C TYR A 356 -7.21 10.46 -8.09
N ASP A 357 -8.26 10.42 -7.27
CA ASP A 357 -8.40 11.40 -6.18
C ASP A 357 -7.28 11.10 -5.17
N CYS A 358 -7.01 12.06 -4.29
CA CYS A 358 -5.98 11.88 -3.28
C CYS A 358 -6.60 11.73 -1.89
N VAL A 359 -6.16 10.73 -1.13
CA VAL A 359 -6.69 10.55 0.21
C VAL A 359 -5.55 10.84 1.18
N PHE A 360 -5.79 11.80 2.08
CA PHE A 360 -4.83 12.18 3.11
C PHE A 360 -5.68 12.23 4.38
N LYS A 361 -5.80 11.10 5.06
CA LYS A 361 -6.64 11.01 6.25
C LYS A 361 -5.81 10.90 7.52
N PHE A 362 -5.75 12.02 8.25
CA PHE A 362 -4.98 12.13 9.49
C PHE A 362 -5.92 12.16 10.69
N ASN A 363 -5.81 11.16 11.57
CA ASN A 363 -6.63 11.07 12.77
C ASN A 363 -5.75 11.11 14.01
N GLU A 364 -5.80 12.21 14.74
CA GLU A 364 -5.01 12.38 15.96
C GLU A 364 -5.88 12.18 17.20
N VAL A 365 -5.35 11.44 18.17
CA VAL A 365 -6.03 11.16 19.44
C VAL A 365 -7.43 10.51 19.34
MG MG B . 0.76 -1.42 -4.49
MG MG C . -6.56 -4.60 -4.64
N GLU A 6 1.78 -17.15 15.90
CA GLU A 6 2.96 -16.57 15.20
C GLU A 6 2.75 -15.07 14.99
N MET A 7 1.67 -14.73 14.28
CA MET A 7 1.34 -13.34 14.01
C MET A 7 0.61 -12.74 15.22
N VAL A 8 0.85 -11.46 15.45
CA VAL A 8 0.22 -10.74 16.57
C VAL A 8 -0.36 -9.42 16.07
N PRO A 9 -1.31 -8.85 16.83
CA PRO A 9 -1.96 -7.58 16.49
C PRO A 9 -1.02 -6.40 16.49
N PHE A 10 -1.09 -5.55 15.47
CA PHE A 10 -0.25 -4.35 15.41
C PHE A 10 -0.44 -3.64 16.76
N PRO A 11 0.67 -3.33 17.46
CA PRO A 11 0.63 -2.67 18.77
C PRO A 11 -0.14 -1.37 18.93
N GLN A 12 -0.28 -0.62 17.84
CA GLN A 12 -1.00 0.65 17.94
C GLN A 12 -2.51 0.52 17.77
N LEU A 13 -3.00 -0.71 17.63
CA LEU A 13 -4.44 -0.93 17.54
C LEU A 13 -4.95 -1.11 18.97
N PRO A 14 -5.95 -0.31 19.40
CA PRO A 14 -6.48 -0.46 20.76
C PRO A 14 -6.89 -1.90 21.00
N MET A 15 -6.31 -2.52 22.04
CA MET A 15 -6.60 -3.90 22.38
C MET A 15 -7.41 -3.90 23.68
N PRO A 16 -8.49 -4.69 23.74
CA PRO A 16 -8.96 -5.60 22.69
C PRO A 16 -9.50 -4.93 21.42
N ILE A 17 -9.17 -5.51 20.27
CA ILE A 17 -9.61 -4.99 18.99
C ILE A 17 -10.99 -5.60 18.72
N GLU A 18 -11.50 -6.32 19.70
CA GLU A 18 -12.80 -6.96 19.59
C GLU A 18 -13.88 -5.90 19.45
N ASN A 19 -14.62 -5.96 18.35
CA ASN A 19 -15.68 -5.00 18.08
C ASN A 19 -15.16 -3.57 18.05
N ASN A 20 -14.11 -3.35 17.28
CA ASN A 20 -13.51 -2.03 17.12
C ASN A 20 -12.82 -2.04 15.75
N TYR A 21 -11.80 -2.87 15.61
CA TYR A 21 -11.09 -2.98 14.34
C TYR A 21 -11.87 -3.83 13.33
N ARG A 22 -11.93 -3.37 12.09
CA ARG A 22 -12.59 -4.10 11.02
C ARG A 22 -11.84 -3.64 9.78
N ALA A 23 -10.73 -4.32 9.51
CA ALA A 23 -9.86 -3.99 8.39
C ALA A 23 -10.61 -3.59 7.13
N CYS A 24 -11.51 -4.48 6.67
CA CYS A 24 -12.24 -4.23 5.44
C CYS A 24 -13.18 -3.02 5.54
N THR A 25 -12.80 -1.98 4.81
CA THR A 25 -13.54 -0.72 4.80
C THR A 25 -14.93 -0.80 4.19
N ILE A 26 -14.98 -1.23 2.95
CA ILE A 26 -16.23 -1.30 2.19
C ILE A 26 -16.97 -2.63 2.33
N PRO A 27 -18.13 -2.63 3.02
CA PRO A 27 -18.89 -3.88 3.19
C PRO A 27 -19.74 -4.13 1.94
N TYR A 28 -19.91 -5.39 1.54
CA TYR A 28 -20.72 -5.67 0.36
C TYR A 28 -21.98 -6.41 0.78
N ARG A 29 -21.98 -6.89 2.02
CA ARG A 29 -23.09 -7.66 2.57
C ARG A 29 -23.45 -7.24 4.00
N PHE A 30 -24.70 -7.50 4.38
CA PHE A 30 -25.18 -7.22 5.72
C PHE A 30 -25.66 -8.55 6.27
N PRO A 31 -26.07 -8.59 7.54
CA PRO A 31 -26.55 -9.84 8.13
C PRO A 31 -27.93 -10.29 7.62
N SER A 32 -28.83 -9.34 7.43
CA SER A 32 -30.19 -9.69 6.96
C SER A 32 -30.26 -9.88 5.47
N ASP A 33 -29.12 -9.91 4.80
CA ASP A 33 -29.11 -10.10 3.35
C ASP A 33 -29.36 -11.57 3.03
N ASP A 34 -30.10 -11.83 1.96
CA ASP A 34 -30.39 -13.19 1.51
C ASP A 34 -29.02 -13.90 1.46
N PRO A 35 -28.80 -14.90 2.32
CA PRO A 35 -27.51 -15.59 2.31
C PRO A 35 -27.18 -16.54 1.15
N LYS A 36 -28.15 -16.84 0.29
CA LYS A 36 -27.91 -17.75 -0.82
C LYS A 36 -27.81 -17.05 -2.17
N LYS A 37 -27.74 -15.73 -2.16
CA LYS A 37 -27.63 -14.95 -3.37
C LYS A 37 -26.58 -13.85 -3.19
N ALA A 38 -25.60 -13.80 -4.09
CA ALA A 38 -24.58 -12.75 -3.96
C ALA A 38 -25.26 -11.38 -4.01
N THR A 39 -24.72 -10.44 -3.24
CA THR A 39 -25.26 -9.08 -3.18
C THR A 39 -24.76 -8.20 -4.33
N PRO A 40 -25.38 -7.03 -4.54
CA PRO A 40 -24.96 -6.11 -5.61
C PRO A 40 -23.51 -5.67 -5.52
N ASN A 41 -23.03 -5.36 -4.31
CA ASN A 41 -21.64 -4.96 -4.14
C ASN A 41 -20.76 -6.17 -4.21
N GLU A 42 -21.32 -7.35 -3.96
CA GLU A 42 -20.51 -8.55 -4.07
C GLU A 42 -20.33 -8.88 -5.56
N ILE A 43 -21.41 -8.78 -6.33
CA ILE A 43 -21.30 -9.09 -7.77
C ILE A 43 -20.45 -8.04 -8.47
N SER A 44 -20.52 -6.81 -7.99
CA SER A 44 -19.71 -5.73 -8.57
C SER A 44 -18.24 -5.96 -8.29
N TRP A 45 -17.91 -6.02 -7.00
CA TRP A 45 -16.53 -6.20 -6.61
C TRP A 45 -15.90 -7.47 -7.16
N ILE A 46 -16.68 -8.54 -7.28
CA ILE A 46 -16.13 -9.77 -7.86
C ILE A 46 -15.84 -9.43 -9.33
N ASN A 47 -16.77 -8.76 -10.00
CA ASN A 47 -16.56 -8.40 -11.40
C ASN A 47 -15.44 -7.40 -11.58
N VAL A 48 -14.98 -6.83 -10.46
CA VAL A 48 -13.87 -5.90 -10.47
C VAL A 48 -12.61 -6.76 -10.58
N PHE A 49 -12.55 -7.80 -9.76
CA PHE A 49 -11.39 -8.70 -9.80
C PHE A 49 -11.35 -9.56 -11.04
N ALA A 50 -12.51 -9.96 -11.56
CA ALA A 50 -12.50 -10.77 -12.79
C ALA A 50 -11.94 -9.93 -13.95
N ASN A 51 -12.33 -8.66 -14.00
CA ASN A 51 -11.85 -7.78 -15.07
C ASN A 51 -10.35 -7.50 -14.97
N SER A 52 -9.73 -8.04 -13.93
CA SER A 52 -8.29 -7.88 -13.72
C SER A 52 -7.52 -9.08 -14.28
N ILE A 53 -8.20 -10.20 -14.47
CA ILE A 53 -7.55 -11.42 -14.95
C ILE A 53 -6.69 -11.25 -16.21
N PRO A 54 -7.15 -10.46 -17.19
CA PRO A 54 -6.33 -10.29 -18.40
C PRO A 54 -4.93 -9.72 -18.12
N SER A 55 -4.85 -8.72 -17.24
CA SER A 55 -3.56 -8.11 -16.90
C SER A 55 -2.62 -9.09 -16.22
N PHE A 56 -3.12 -9.78 -15.18
CA PHE A 56 -2.31 -10.77 -14.48
C PHE A 56 -1.95 -11.93 -15.44
N LYS A 57 -2.87 -12.31 -16.33
CA LYS A 57 -2.58 -13.40 -17.27
C LYS A 57 -1.43 -13.01 -18.20
N LYS A 58 -1.57 -11.87 -18.88
CA LYS A 58 -0.53 -11.42 -19.81
C LYS A 58 0.80 -11.29 -19.08
N ARG A 59 0.74 -10.90 -17.82
CA ARG A 59 1.95 -10.75 -17.04
C ARG A 59 2.48 -12.14 -16.67
N ALA A 60 1.58 -13.08 -16.43
CA ALA A 60 2.00 -14.42 -16.04
C ALA A 60 2.66 -15.19 -17.19
N GLU A 61 2.16 -14.96 -18.40
CA GLU A 61 2.70 -15.66 -19.57
C GLU A 61 4.07 -15.18 -20.00
N SER A 62 4.72 -14.36 -19.17
CA SER A 62 6.04 -13.86 -19.51
C SER A 62 7.04 -14.13 -18.40
N ASP A 63 6.58 -14.83 -17.37
CA ASP A 63 7.43 -15.17 -16.24
C ASP A 63 8.18 -16.44 -16.66
N ILE A 64 9.26 -16.28 -17.40
CA ILE A 64 10.04 -17.42 -17.88
C ILE A 64 10.69 -18.25 -16.77
N THR A 65 10.91 -17.66 -15.60
CA THR A 65 11.54 -18.37 -14.48
C THR A 65 10.65 -19.54 -14.02
N VAL A 66 9.49 -19.63 -14.62
CA VAL A 66 8.54 -20.69 -14.32
C VAL A 66 8.38 -21.53 -15.57
N PRO A 67 8.76 -22.81 -15.51
CA PRO A 67 8.62 -23.62 -16.72
C PRO A 67 7.15 -23.75 -17.14
N ASP A 68 6.91 -23.63 -18.44
CA ASP A 68 5.55 -23.73 -18.99
C ASP A 68 4.69 -22.60 -18.44
N ALA A 69 5.26 -21.41 -18.33
CA ALA A 69 4.52 -20.25 -17.81
C ALA A 69 3.23 -19.96 -18.58
N PRO A 70 3.27 -20.03 -19.93
CA PRO A 70 2.08 -19.76 -20.73
C PRO A 70 0.87 -20.65 -20.42
N ALA A 71 1.08 -21.97 -20.39
CA ALA A 71 -0.02 -22.89 -20.11
C ALA A 71 -0.56 -22.66 -18.69
N ARG A 72 0.35 -22.35 -17.77
CA ARG A 72 -0.04 -22.11 -16.40
C ARG A 72 -0.81 -20.78 -16.32
N ALA A 73 -0.33 -19.78 -17.05
CA ALA A 73 -0.99 -18.47 -17.05
C ALA A 73 -2.42 -18.61 -17.54
N GLU A 74 -2.61 -19.41 -18.59
CA GLU A 74 -3.94 -19.65 -19.13
C GLU A 74 -4.77 -20.43 -18.11
N LYS A 75 -4.11 -21.26 -17.32
CA LYS A 75 -4.78 -22.06 -16.29
C LYS A 75 -5.22 -21.16 -15.12
N PHE A 76 -4.30 -20.31 -14.65
CA PHE A 76 -4.64 -19.38 -13.55
C PHE A 76 -5.83 -18.53 -13.94
N ALA A 77 -5.79 -17.98 -15.15
CA ALA A 77 -6.87 -17.13 -15.64
C ALA A 77 -8.18 -17.92 -15.68
N GLU A 78 -8.09 -19.14 -16.19
CA GLU A 78 -9.25 -20.02 -16.30
C GLU A 78 -9.81 -20.40 -14.95
N ARG A 79 -8.93 -20.77 -14.02
CA ARG A 79 -9.35 -21.19 -12.68
C ARG A 79 -9.96 -20.09 -11.83
N TYR A 80 -9.22 -19.00 -11.63
CA TYR A 80 -9.70 -17.90 -10.82
C TYR A 80 -11.07 -17.41 -11.31
N ALA A 81 -11.25 -17.36 -12.63
CA ALA A 81 -12.54 -16.95 -13.18
C ALA A 81 -13.62 -17.88 -12.66
N GLY A 82 -13.31 -19.17 -12.60
CA GLY A 82 -14.27 -20.14 -12.11
C GLY A 82 -14.61 -19.93 -10.64
N ILE A 83 -13.60 -19.59 -9.84
CA ILE A 83 -13.76 -19.34 -8.41
C ILE A 83 -14.67 -18.12 -8.25
N LEU A 84 -14.36 -17.07 -9.00
CA LEU A 84 -15.18 -15.85 -8.93
C LEU A 84 -16.62 -16.15 -9.36
N GLU A 85 -16.79 -17.00 -10.37
CA GLU A 85 -18.13 -17.37 -10.81
C GLU A 85 -18.79 -18.21 -9.72
N ASP A 86 -18.01 -19.03 -9.02
CA ASP A 86 -18.58 -19.83 -7.94
C ASP A 86 -19.14 -18.90 -6.85
N LEU A 87 -18.36 -17.88 -6.48
CA LEU A 87 -18.77 -16.93 -5.46
C LEU A 87 -20.06 -16.18 -5.81
N LYS A 88 -20.26 -15.85 -7.08
CA LYS A 88 -21.50 -15.17 -7.48
C LYS A 88 -22.68 -16.09 -7.20
N LYS A 89 -22.57 -17.36 -7.59
CA LYS A 89 -23.66 -18.33 -7.39
C LYS A 89 -24.00 -18.53 -5.91
N ASP A 90 -23.01 -18.97 -5.14
CA ASP A 90 -23.19 -19.19 -3.71
C ASP A 90 -22.09 -18.46 -2.93
N PRO A 91 -22.48 -17.42 -2.19
CA PRO A 91 -21.57 -16.59 -1.37
C PRO A 91 -20.77 -17.35 -0.31
N GLU A 92 -21.32 -18.44 0.23
CA GLU A 92 -20.64 -19.18 1.28
C GLU A 92 -19.47 -20.03 0.77
N SER A 93 -19.37 -20.23 -0.54
CA SER A 93 -18.30 -21.04 -1.10
C SER A 93 -16.94 -20.39 -0.91
N HIS A 94 -15.89 -21.17 -1.13
CA HIS A 94 -14.52 -20.70 -1.02
C HIS A 94 -14.23 -19.87 0.24
N GLY A 95 -15.01 -20.12 1.29
CA GLY A 95 -14.80 -19.40 2.54
C GLY A 95 -15.42 -18.02 2.58
N GLY A 96 -16.41 -17.79 1.72
CA GLY A 96 -17.07 -16.50 1.67
C GLY A 96 -18.09 -16.30 2.78
N PRO A 97 -18.98 -15.29 2.68
CA PRO A 97 -19.09 -14.31 1.57
C PRO A 97 -17.78 -13.55 1.33
N PRO A 98 -17.62 -13.04 0.11
CA PRO A 98 -16.39 -12.31 -0.21
C PRO A 98 -16.23 -10.88 0.29
N ASP A 99 -14.97 -10.54 0.57
CA ASP A 99 -14.59 -9.19 0.97
C ASP A 99 -13.28 -8.96 0.25
N GLY A 100 -12.82 -7.72 0.22
CA GLY A 100 -11.57 -7.42 -0.48
C GLY A 100 -10.45 -8.37 -0.13
N ILE A 101 -10.36 -8.72 1.15
CA ILE A 101 -9.33 -9.64 1.59
C ILE A 101 -9.41 -10.91 0.76
N LEU A 102 -10.56 -11.58 0.83
CA LEU A 102 -10.78 -12.82 0.11
C LEU A 102 -10.43 -12.75 -1.38
N LEU A 103 -11.01 -11.80 -2.10
CA LEU A 103 -10.73 -11.71 -3.51
C LEU A 103 -9.23 -11.63 -3.76
N CYS A 104 -8.52 -10.86 -2.95
CA CYS A 104 -7.06 -10.74 -3.10
C CYS A 104 -6.33 -12.03 -2.80
N ARG A 105 -6.57 -12.60 -1.62
CA ARG A 105 -5.88 -13.82 -1.24
C ARG A 105 -6.15 -14.94 -2.24
N LEU A 106 -7.40 -15.19 -2.57
CA LEU A 106 -7.68 -16.25 -3.55
C LEU A 106 -6.77 -16.08 -4.76
N ARG A 107 -6.59 -14.83 -5.19
CA ARG A 107 -5.73 -14.51 -6.34
C ARG A 107 -4.27 -14.92 -6.06
N GLU A 108 -3.79 -14.60 -4.86
CA GLU A 108 -2.43 -14.94 -4.45
C GLU A 108 -2.28 -16.45 -4.33
N GLN A 109 -3.23 -17.10 -3.66
CA GLN A 109 -3.13 -18.54 -3.49
C GLN A 109 -3.09 -19.27 -4.82
N VAL A 110 -3.94 -18.88 -5.77
CA VAL A 110 -3.97 -19.53 -7.08
C VAL A 110 -2.61 -19.44 -7.79
N LEU A 111 -1.96 -18.30 -7.67
CA LEU A 111 -0.65 -18.11 -8.31
C LEU A 111 0.46 -18.90 -7.64
N ARG A 112 0.47 -18.90 -6.31
CA ARG A 112 1.53 -19.58 -5.58
C ARG A 112 1.41 -21.07 -5.69
N GLU A 113 0.20 -21.55 -5.91
CA GLU A 113 -0.02 -22.99 -6.07
C GLU A 113 0.51 -23.48 -7.42
N LEU A 114 0.30 -22.66 -8.46
CA LEU A 114 0.76 -23.00 -9.82
C LEU A 114 2.26 -22.86 -9.98
N GLY A 115 2.93 -22.38 -8.94
CA GLY A 115 4.38 -22.25 -9.01
C GLY A 115 4.96 -20.88 -9.29
N PHE A 116 4.12 -19.91 -9.64
CA PHE A 116 4.62 -18.56 -9.90
C PHE A 116 5.10 -17.98 -8.58
N ARG A 117 6.19 -17.23 -8.60
CA ARG A 117 6.70 -16.65 -7.37
C ARG A 117 6.86 -15.15 -7.42
N ASP A 118 6.64 -14.55 -8.58
CA ASP A 118 6.73 -13.09 -8.73
C ASP A 118 6.62 -12.74 -10.21
N ILE A 119 5.40 -12.74 -10.74
CA ILE A 119 5.24 -12.44 -12.16
C ILE A 119 5.53 -10.99 -12.52
N PHE A 120 5.78 -10.17 -11.50
CA PHE A 120 6.08 -8.74 -11.72
C PHE A 120 7.55 -8.39 -11.45
N LYS A 121 8.38 -9.39 -11.17
CA LYS A 121 9.77 -9.13 -10.83
C LYS A 121 10.56 -8.38 -11.91
N LYS A 122 10.34 -8.72 -13.17
CA LYS A 122 11.05 -8.04 -14.23
C LYS A 122 10.75 -6.53 -14.22
N VAL A 123 9.46 -6.18 -14.24
CA VAL A 123 9.06 -4.77 -14.26
C VAL A 123 9.42 -4.03 -12.97
N LYS A 124 9.34 -4.73 -11.84
CA LYS A 124 9.72 -4.13 -10.56
C LYS A 124 11.19 -3.74 -10.64
N ASP A 125 12.03 -4.65 -11.13
CA ASP A 125 13.44 -4.34 -11.26
C ASP A 125 13.67 -3.18 -12.22
N GLU A 126 12.85 -3.11 -13.26
CA GLU A 126 13.01 -2.04 -14.24
C GLU A 126 12.49 -0.70 -13.72
N GLU A 127 11.35 -0.72 -13.03
CA GLU A 127 10.78 0.49 -12.48
C GLU A 127 11.76 1.06 -11.45
N ASN A 128 12.39 0.16 -10.69
CA ASN A 128 13.35 0.58 -9.68
C ASN A 128 14.59 1.17 -10.33
N ALA A 129 15.15 0.47 -11.33
CA ALA A 129 16.36 0.96 -12.00
C ALA A 129 16.21 2.40 -12.46
N LYS A 130 15.01 2.74 -12.92
CA LYS A 130 14.75 4.10 -13.40
C LYS A 130 14.61 5.06 -12.23
N ALA A 131 13.88 4.66 -11.20
CA ALA A 131 13.70 5.53 -10.04
C ALA A 131 15.04 5.86 -9.36
N ILE A 132 15.88 4.84 -9.18
CA ILE A 132 17.17 5.06 -8.52
C ILE A 132 18.00 6.16 -9.18
N SER A 133 17.97 6.22 -10.51
CA SER A 133 18.72 7.25 -11.22
C SER A 133 18.19 8.66 -10.98
N LEU A 134 16.94 8.78 -10.53
CA LEU A 134 16.35 10.09 -10.31
C LEU A 134 16.27 10.50 -8.85
N PHE A 135 16.70 9.62 -7.95
CA PHE A 135 16.61 9.94 -6.52
C PHE A 135 17.30 11.26 -6.14
N PRO A 136 18.59 11.42 -6.45
CA PRO A 136 19.25 12.68 -6.08
C PRO A 136 18.54 13.94 -6.55
N GLN A 137 18.09 13.93 -7.80
CA GLN A 137 17.41 15.08 -8.40
C GLN A 137 16.12 15.45 -7.64
N VAL A 138 15.28 14.44 -7.42
CA VAL A 138 14.01 14.66 -6.72
C VAL A 138 14.22 15.22 -5.32
N VAL A 139 15.17 14.68 -4.58
CA VAL A 139 15.48 15.17 -3.24
C VAL A 139 16.02 16.62 -3.34
N SER A 140 16.72 16.92 -4.44
CA SER A 140 17.26 18.28 -4.62
C SER A 140 16.14 19.30 -4.64
N LEU A 141 15.09 18.99 -5.40
CA LEU A 141 13.94 19.88 -5.52
C LEU A 141 13.27 20.14 -4.17
N SER A 142 13.17 19.12 -3.33
CA SER A 142 12.54 19.32 -2.03
C SER A 142 13.47 20.06 -1.06
N ASP A 143 14.73 19.62 -0.97
CA ASP A 143 15.67 20.25 -0.05
C ASP A 143 15.85 21.74 -0.37
N ALA A 144 15.61 22.11 -1.63
CA ALA A 144 15.77 23.52 -2.04
C ALA A 144 14.61 24.41 -1.62
N ILE A 145 13.58 23.81 -1.03
CA ILE A 145 12.43 24.58 -0.58
C ILE A 145 12.71 25.12 0.81
N GLU A 146 12.69 26.46 0.92
CA GLU A 146 12.99 27.17 2.16
C GLU A 146 12.05 26.87 3.33
N ASP A 147 10.75 27.09 3.14
CA ASP A 147 9.80 26.87 4.23
C ASP A 147 9.58 25.38 4.50
N ASP A 148 9.69 24.97 5.76
CA ASP A 148 9.52 23.57 6.14
C ASP A 148 8.14 23.01 5.80
N GLY A 149 7.10 23.82 6.02
CA GLY A 149 5.75 23.37 5.73
C GLY A 149 5.56 23.15 4.23
N LYS A 150 6.13 24.04 3.43
CA LYS A 150 6.01 23.92 1.99
C LYS A 150 6.81 22.71 1.49
N ARG A 151 7.90 22.38 2.18
CA ARG A 151 8.69 21.21 1.78
C ARG A 151 7.87 19.95 2.04
N LEU A 152 7.06 20.00 3.08
CA LEU A 152 6.20 18.85 3.43
C LEU A 152 5.15 18.69 2.35
N GLU A 153 4.45 19.78 2.03
CA GLU A 153 3.42 19.71 1.01
C GLU A 153 3.99 19.12 -0.29
N ASN A 154 5.23 19.47 -0.60
CA ASN A 154 5.88 18.97 -1.80
C ASN A 154 6.16 17.47 -1.65
N LEU A 155 6.57 17.04 -0.46
CA LEU A 155 6.86 15.61 -0.23
C LEU A 155 5.58 14.79 -0.23
N VAL A 156 4.51 15.35 0.31
CA VAL A 156 3.21 14.65 0.31
C VAL A 156 2.74 14.53 -1.15
N ARG A 157 2.83 15.62 -1.92
CA ARG A 157 2.44 15.53 -3.33
C ARG A 157 3.35 14.53 -4.03
N GLY A 158 4.57 14.36 -3.52
CA GLY A 158 5.48 13.40 -4.11
C GLY A 158 5.07 11.97 -3.79
N ILE A 159 4.31 11.78 -2.71
CA ILE A 159 3.87 10.44 -2.36
C ILE A 159 2.66 10.05 -3.22
N PHE A 160 1.75 11.00 -3.43
CA PHE A 160 0.58 10.73 -4.26
C PHE A 160 0.98 10.40 -5.70
N ALA A 161 1.87 11.20 -6.28
CA ALA A 161 2.33 10.98 -7.65
C ALA A 161 2.90 9.59 -7.84
N GLY A 162 4.03 9.30 -7.19
CA GLY A 162 4.65 7.99 -7.32
C GLY A 162 3.72 6.83 -7.02
N ASN A 163 2.68 7.06 -6.21
CA ASN A 163 1.75 5.98 -5.88
C ASN A 163 0.88 5.68 -7.10
N ILE A 164 0.95 6.55 -8.10
CA ILE A 164 0.21 6.36 -9.35
C ILE A 164 1.13 6.28 -10.58
N PHE A 165 2.41 6.66 -10.40
CA PHE A 165 3.36 6.60 -11.51
C PHE A 165 3.94 5.20 -11.66
N MET A 181 6.30 13.58 -19.84
CA MET A 181 5.76 12.67 -18.83
C MET A 181 6.86 12.13 -17.93
N SER A 182 6.67 12.25 -16.61
CA SER A 182 7.64 11.76 -15.65
C SER A 182 7.08 11.88 -14.24
N PHE A 183 7.79 11.28 -13.28
CA PHE A 183 7.37 11.35 -11.89
C PHE A 183 7.25 12.83 -11.48
N LEU A 184 8.27 13.62 -11.79
CA LEU A 184 8.23 15.03 -11.42
C LEU A 184 7.07 15.76 -12.10
N ALA A 185 6.72 15.35 -13.32
CA ALA A 185 5.63 15.97 -14.03
C ALA A 185 4.32 15.50 -13.39
N SER A 186 4.20 14.20 -13.13
CA SER A 186 3.00 13.66 -12.51
C SER A 186 2.72 14.35 -11.18
N CYS A 187 3.77 14.85 -10.53
CA CYS A 187 3.63 15.55 -9.27
C CYS A 187 2.85 16.86 -9.45
N GLN A 188 2.86 17.39 -10.66
CA GLN A 188 2.18 18.64 -10.94
C GLN A 188 0.82 18.47 -11.59
N ASN A 189 0.36 17.23 -11.69
CA ASN A 189 -0.94 16.96 -12.29
C ASN A 189 -1.93 16.18 -11.43
N LEU A 190 -1.88 16.40 -10.11
CA LEU A 190 -2.82 15.74 -9.20
C LEU A 190 -4.17 16.44 -9.26
N VAL A 191 -5.24 15.70 -8.98
CA VAL A 191 -6.57 16.32 -9.00
C VAL A 191 -6.54 17.52 -8.05
N PRO A 192 -7.30 18.58 -8.39
CA PRO A 192 -7.35 19.78 -7.55
C PRO A 192 -7.91 19.59 -6.14
N ARG A 193 -7.43 20.41 -5.21
CA ARG A 193 -7.90 20.36 -3.84
C ARG A 193 -9.17 21.21 -3.76
N PRO A 194 -9.96 21.04 -2.69
CA PRO A 194 -9.77 20.13 -1.55
C PRO A 194 -9.83 18.65 -1.94
N TRP A 195 -8.87 17.87 -1.47
CA TRP A 195 -8.88 16.44 -1.76
C TRP A 195 -10.13 15.86 -1.10
N VAL A 196 -10.60 14.71 -1.60
CA VAL A 196 -11.84 14.09 -1.10
C VAL A 196 -11.86 14.00 0.43
N ILE A 197 -10.66 13.81 0.99
CA ILE A 197 -10.43 13.79 2.43
C ILE A 197 -9.04 14.43 2.47
N ASP A 198 -8.93 15.62 3.03
CA ASP A 198 -7.66 16.35 3.05
C ASP A 198 -7.33 16.95 4.41
N ASP A 199 -6.61 16.19 5.24
CA ASP A 199 -6.25 16.66 6.58
C ASP A 199 -4.84 17.24 6.60
N LEU A 200 -4.34 17.67 5.43
CA LEU A 200 -2.99 18.20 5.34
C LEU A 200 -2.72 19.44 6.22
N GLU A 201 -3.72 20.29 6.39
CA GLU A 201 -3.56 21.49 7.21
C GLU A 201 -3.27 21.08 8.66
N ASN A 202 -3.95 20.05 9.14
CA ASN A 202 -3.76 19.59 10.50
C ASN A 202 -2.41 18.89 10.68
N PHE A 203 -2.15 17.89 9.85
CA PHE A 203 -0.91 17.13 9.93
C PHE A 203 0.28 18.08 9.92
N GLN A 204 0.20 19.09 9.07
CA GLN A 204 1.24 20.10 8.92
C GLN A 204 1.35 20.95 10.19
N ALA A 205 0.21 21.42 10.68
CA ALA A 205 0.19 22.24 11.88
C ALA A 205 0.94 21.52 12.99
N LYS A 206 0.78 20.20 13.09
CA LYS A 206 1.49 19.44 14.12
C LYS A 206 2.90 19.08 13.68
N TRP A 207 3.10 19.10 12.37
CA TRP A 207 4.40 18.78 11.78
C TRP A 207 5.40 19.91 12.02
N ILE A 208 4.94 21.15 11.92
CA ILE A 208 5.83 22.30 12.10
C ILE A 208 6.38 22.39 13.53
N ASN A 209 5.65 21.86 14.51
CA ASN A 209 6.17 21.88 15.87
C ASN A 209 7.22 20.78 15.95
N LYS A 210 7.31 20.00 14.87
CA LYS A 210 8.23 18.88 14.76
C LYS A 210 8.24 18.13 16.09
N SER A 211 7.10 17.52 16.39
CA SER A 211 6.88 16.79 17.62
C SER A 211 7.01 15.27 17.49
N TRP A 212 6.62 14.71 16.34
CA TRP A 212 6.69 13.27 16.12
C TRP A 212 8.13 12.77 16.15
N LYS A 213 8.37 11.71 16.92
CA LYS A 213 9.71 11.14 17.05
C LYS A 213 9.76 9.64 16.72
N LYS A 214 8.59 9.02 16.57
CA LYS A 214 8.51 7.59 16.28
C LYS A 214 7.46 7.26 15.22
N ALA A 215 7.83 7.38 13.95
CA ALA A 215 6.91 7.12 12.84
C ALA A 215 6.97 5.66 12.38
N VAL A 216 5.82 5.14 11.98
CA VAL A 216 5.69 3.78 11.48
C VAL A 216 4.90 3.88 10.18
N ILE A 217 5.61 3.90 9.05
CA ILE A 217 5.01 4.05 7.70
C ILE A 217 4.84 2.75 6.93
N PHE A 218 3.59 2.35 6.67
CA PHE A 218 3.30 1.13 5.93
C PHE A 218 3.42 1.39 4.43
N VAL A 219 4.58 1.07 3.87
CA VAL A 219 4.83 1.29 2.44
C VAL A 219 4.01 0.42 1.48
N ASP A 220 4.02 0.77 0.19
CA ASP A 220 3.22 0.07 -0.82
C ASP A 220 3.98 -0.40 -2.07
N ASN A 221 4.08 0.45 -3.08
CA ASN A 221 4.71 0.05 -4.34
C ASN A 221 6.22 0.21 -4.54
N SER A 222 6.74 -0.55 -5.49
CA SER A 222 8.14 -0.51 -5.87
C SER A 222 8.36 0.72 -6.76
N GLY A 223 9.56 0.78 -7.35
CA GLY A 223 9.88 1.85 -8.26
C GLY A 223 9.78 3.28 -7.72
N ALA A 224 9.15 4.16 -8.51
CA ALA A 224 9.02 5.57 -8.14
C ALA A 224 8.28 5.75 -6.83
N ASP A 225 7.39 4.81 -6.53
CA ASP A 225 6.62 4.92 -5.30
C ASP A 225 7.53 4.87 -4.09
N ILE A 226 8.18 3.73 -3.87
CA ILE A 226 9.06 3.61 -2.72
C ILE A 226 10.29 4.52 -2.83
N ILE A 227 10.90 4.59 -4.01
CA ILE A 227 12.12 5.37 -4.21
C ILE A 227 11.97 6.89 -4.26
N LEU A 228 11.02 7.38 -5.07
CA LEU A 228 10.88 8.82 -5.22
C LEU A 228 9.80 9.43 -4.34
N GLY A 229 8.81 8.64 -3.96
CA GLY A 229 7.76 9.17 -3.11
C GLY A 229 8.07 8.98 -1.62
N ILE A 230 8.08 7.72 -1.18
CA ILE A 230 8.33 7.42 0.23
C ILE A 230 9.73 7.71 0.77
N LEU A 231 10.77 7.26 0.08
CA LEU A 231 12.08 7.46 0.66
C LEU A 231 12.46 8.92 0.90
N PRO A 232 12.13 9.83 -0.03
CA PRO A 232 12.49 11.23 0.25
C PRO A 232 11.71 11.74 1.49
N PHE A 233 10.47 11.27 1.63
CA PHE A 233 9.65 11.66 2.76
C PHE A 233 10.29 11.13 4.04
N ALA A 234 10.69 9.86 4.01
CA ALA A 234 11.33 9.23 5.16
C ALA A 234 12.60 10.00 5.54
N ARG A 235 13.36 10.42 4.53
CA ARG A 235 14.59 11.16 4.73
C ARG A 235 14.33 12.49 5.44
N GLU A 236 13.26 13.18 5.03
CA GLU A 236 12.90 14.44 5.66
C GLU A 236 12.56 14.19 7.14
N LEU A 237 12.00 13.02 7.45
CA LEU A 237 11.68 12.67 8.84
C LEU A 237 12.95 12.35 9.61
N LEU A 238 13.88 11.62 8.98
CA LEU A 238 15.14 11.27 9.64
C LEU A 238 15.91 12.52 10.01
N ARG A 239 16.07 13.40 9.03
CA ARG A 239 16.81 14.64 9.24
C ARG A 239 16.14 15.51 10.30
N ARG A 240 14.83 15.37 10.46
CA ARG A 240 14.09 16.13 11.46
C ARG A 240 14.08 15.37 12.78
N GLY A 241 15.15 14.63 13.03
CA GLY A 241 15.31 13.89 14.27
C GLY A 241 14.33 12.79 14.58
N ALA A 242 13.34 12.56 13.73
CA ALA A 242 12.40 11.50 14.02
C ALA A 242 13.00 10.17 13.64
N GLN A 243 12.52 9.12 14.30
CA GLN A 243 12.92 7.76 14.00
C GLN A 243 11.81 7.30 13.03
N VAL A 244 12.15 6.50 12.04
CA VAL A 244 11.15 6.04 11.07
C VAL A 244 11.27 4.57 10.78
N VAL A 245 10.15 3.85 10.92
CA VAL A 245 10.10 2.42 10.61
C VAL A 245 9.32 2.23 9.30
N LEU A 246 9.98 1.69 8.27
CA LEU A 246 9.32 1.44 6.99
C LEU A 246 8.94 -0.04 7.04
N ALA A 247 7.64 -0.30 7.03
CA ALA A 247 7.16 -1.68 7.11
C ALA A 247 6.71 -2.14 5.74
N ALA A 248 7.34 -3.21 5.23
CA ALA A 248 7.02 -3.75 3.91
C ALA A 248 6.65 -5.24 3.97
N ASN A 249 5.96 -5.74 2.94
CA ASN A 249 5.57 -7.15 2.88
C ASN A 249 6.73 -8.12 3.06
N GLU A 250 6.34 -9.39 2.95
CA GLU A 250 7.28 -10.50 3.04
C GLU A 250 7.34 -11.19 1.67
N LEU A 251 6.17 -11.40 1.09
CA LEU A 251 6.06 -12.07 -0.21
C LEU A 251 5.55 -11.16 -1.32
N PRO A 252 6.03 -11.40 -2.54
CA PRO A 252 5.61 -10.62 -3.72
C PRO A 252 4.10 -10.69 -3.95
N SER A 253 3.49 -9.52 -4.15
CA SER A 253 2.07 -9.40 -4.45
C SER A 253 2.04 -8.22 -5.43
N ILE A 254 1.57 -8.47 -6.66
CA ILE A 254 1.54 -7.47 -7.73
C ILE A 254 2.95 -6.86 -7.80
N ASN A 255 3.05 -5.53 -7.91
CA ASN A 255 4.35 -4.88 -7.99
C ASN A 255 4.77 -4.26 -6.65
N ASP A 256 4.17 -4.73 -5.56
CA ASP A 256 4.49 -4.18 -4.26
C ASP A 256 5.89 -4.49 -3.82
N ILE A 257 6.46 -3.61 -3.00
CA ILE A 257 7.83 -3.78 -2.52
C ILE A 257 7.85 -4.72 -1.30
N THR A 258 8.86 -5.58 -1.21
CA THR A 258 8.98 -6.51 -0.10
C THR A 258 10.11 -6.04 0.83
N CYS A 259 10.13 -6.57 2.04
CA CYS A 259 11.13 -6.21 3.04
C CYS A 259 12.57 -6.43 2.55
N THR A 260 12.80 -7.53 1.84
CA THR A 260 14.12 -7.87 1.31
C THR A 260 14.57 -6.89 0.24
N GLU A 261 13.73 -6.68 -0.76
CA GLU A 261 14.05 -5.77 -1.85
C GLU A 261 14.33 -4.36 -1.33
N LEU A 262 13.53 -3.91 -0.37
CA LEU A 262 13.70 -2.57 0.21
C LEU A 262 15.08 -2.45 0.85
N THR A 263 15.46 -3.46 1.60
CA THR A 263 16.79 -3.45 2.23
C THR A 263 17.85 -3.39 1.11
N GLU A 264 17.61 -4.12 0.02
CA GLU A 264 18.54 -4.16 -1.11
C GLU A 264 18.59 -2.82 -1.85
N ILE A 265 17.41 -2.22 -2.06
CA ILE A 265 17.34 -0.92 -2.74
C ILE A 265 17.94 0.19 -1.86
N LEU A 266 17.81 0.04 -0.54
CA LEU A 266 18.36 1.04 0.38
C LEU A 266 19.89 0.97 0.39
N SER A 267 20.41 -0.24 0.33
CA SER A 267 21.86 -0.45 0.30
C SER A 267 22.42 0.37 -0.85
N GLN A 268 21.84 0.22 -2.04
CA GLN A 268 22.31 0.94 -3.22
C GLN A 268 22.23 2.45 -3.10
N LEU A 269 21.17 2.96 -2.47
CA LEU A 269 21.03 4.40 -2.33
C LEU A 269 22.04 4.96 -1.32
N LYS A 270 22.41 4.14 -0.34
CA LYS A 270 23.36 4.54 0.69
C LYS A 270 24.74 4.80 0.07
N ASN A 273 28.93 7.78 5.84
CA ASN A 273 28.71 6.36 5.65
C ASN A 273 27.23 6.04 5.82
N GLY A 274 26.69 5.32 4.84
CA GLY A 274 25.28 4.95 4.90
C GLY A 274 24.35 6.14 5.00
N GLN A 275 24.72 7.23 4.33
CA GLN A 275 23.91 8.43 4.38
C GLN A 275 23.07 8.60 3.11
N LEU A 276 21.93 9.25 3.24
CA LEU A 276 21.06 9.52 2.10
C LEU A 276 21.17 11.00 1.81
N LEU A 277 22.08 11.36 0.89
CA LEU A 277 22.28 12.76 0.55
C LEU A 277 22.50 13.62 1.78
N GLY A 278 23.49 13.24 2.59
CA GLY A 278 23.83 14.00 3.78
C GLY A 278 22.98 13.81 5.02
N VAL A 279 22.10 12.81 5.02
CA VAL A 279 21.26 12.57 6.18
C VAL A 279 21.56 11.18 6.76
N ASP A 280 21.83 11.14 8.05
CA ASP A 280 22.14 9.90 8.75
C ASP A 280 20.92 8.98 8.75
N THR A 281 21.18 7.68 8.63
CA THR A 281 20.11 6.68 8.59
C THR A 281 20.08 5.70 9.76
N SER A 282 20.93 5.90 10.75
CA SER A 282 20.94 5.00 11.89
C SER A 282 19.58 4.96 12.63
N LYS A 283 18.67 5.88 12.28
CA LYS A 283 17.35 5.94 12.90
C LYS A 283 16.24 5.46 11.96
N LEU A 284 16.65 4.88 10.84
CA LEU A 284 15.75 4.32 9.83
C LEU A 284 15.86 2.79 9.89
N LEU A 285 14.72 2.10 10.00
CA LEU A 285 14.72 0.64 10.05
C LEU A 285 13.78 0.06 8.97
N ILE A 286 14.14 -1.10 8.43
CA ILE A 286 13.34 -1.78 7.40
C ILE A 286 12.78 -3.05 8.05
N ALA A 287 11.45 -3.19 8.05
CA ALA A 287 10.79 -4.33 8.68
C ALA A 287 9.91 -5.15 7.75
N ASN A 288 9.80 -6.45 8.06
CA ASN A 288 8.94 -7.37 7.31
C ASN A 288 7.62 -7.36 8.06
N SER A 289 6.55 -6.89 7.41
CA SER A 289 5.25 -6.83 8.08
C SER A 289 4.60 -8.20 8.21
N GLY A 290 5.15 -9.18 7.49
CA GLY A 290 4.59 -10.51 7.51
C GLY A 290 3.42 -10.65 6.56
N ASN A 291 3.09 -9.57 5.85
CA ASN A 291 1.95 -9.58 4.93
C ASN A 291 2.33 -10.14 3.57
N ASP A 292 1.33 -10.63 2.84
CA ASP A 292 1.58 -11.24 1.53
C ASP A 292 0.55 -10.80 0.51
N LEU A 293 -0.12 -9.70 0.79
CA LEU A 293 -1.19 -9.18 -0.08
C LEU A 293 -0.95 -7.70 -0.40
N PRO A 294 -1.80 -7.12 -1.28
CA PRO A 294 -1.70 -5.70 -1.66
C PRO A 294 -2.56 -4.82 -0.74
N VAL A 295 -3.17 -5.47 0.25
CA VAL A 295 -3.99 -4.83 1.28
C VAL A 295 -3.45 -5.43 2.57
N ILE A 296 -3.95 -5.01 3.74
CA ILE A 296 -3.43 -5.60 4.99
C ILE A 296 -4.41 -5.66 6.16
N ASP A 297 -4.25 -6.67 7.00
CA ASP A 297 -5.06 -6.87 8.19
C ASP A 297 -4.12 -6.53 9.34
N LEU A 298 -4.34 -5.38 9.97
CA LEU A 298 -3.47 -4.92 11.04
C LEU A 298 -3.64 -5.65 12.36
N SER A 299 -4.65 -6.52 12.43
CA SER A 299 -4.82 -7.30 13.67
C SER A 299 -3.86 -8.50 13.61
N ARG A 300 -3.10 -8.59 12.52
CA ARG A 300 -2.14 -9.67 12.33
C ARG A 300 -0.84 -9.22 11.65
N VAL A 301 0.15 -8.83 12.46
CA VAL A 301 1.44 -8.41 11.90
C VAL A 301 2.52 -9.31 12.51
N SER A 302 3.68 -9.34 11.88
CA SER A 302 4.78 -10.15 12.37
C SER A 302 5.30 -9.62 13.70
N GLN A 303 5.93 -10.49 14.49
CA GLN A 303 6.48 -10.05 15.77
C GLN A 303 7.61 -9.06 15.51
N GLU A 304 8.25 -9.22 14.36
CA GLU A 304 9.32 -8.33 13.94
C GLU A 304 8.76 -6.90 13.86
N LEU A 305 7.72 -6.72 13.06
CA LEU A 305 7.10 -5.40 12.90
C LEU A 305 6.68 -4.82 14.24
N ALA A 306 5.88 -5.57 15.00
CA ALA A 306 5.41 -5.13 16.30
C ALA A 306 6.57 -4.72 17.21
N TYR A 307 7.62 -5.56 17.23
CA TYR A 307 8.78 -5.25 18.06
C TYR A 307 9.31 -3.88 17.65
N LEU A 308 9.39 -3.63 16.34
CA LEU A 308 9.89 -2.35 15.86
C LEU A 308 8.85 -1.23 15.98
N SER A 309 7.60 -1.63 16.20
CA SER A 309 6.53 -0.66 16.32
C SER A 309 6.02 -0.47 17.75
N SER A 310 6.70 -1.09 18.70
CA SER A 310 6.32 -0.99 20.10
C SER A 310 6.29 0.42 20.71
N ASP A 311 7.01 1.36 20.12
CA ASP A 311 7.00 2.72 20.67
C ASP A 311 6.73 3.77 19.58
N ALA A 312 5.47 3.85 19.13
CA ALA A 312 5.14 4.79 18.06
C ALA A 312 4.20 5.92 18.45
N ASP A 313 4.31 7.06 17.76
CA ASP A 313 3.44 8.21 18.04
C ASP A 313 2.84 8.79 16.76
N LEU A 314 3.20 8.20 15.63
CA LEU A 314 2.65 8.60 14.32
C LEU A 314 2.77 7.43 13.38
N VAL A 315 1.65 6.88 12.95
CA VAL A 315 1.69 5.76 12.02
C VAL A 315 1.19 6.32 10.68
N ILE A 316 1.75 5.81 9.59
CA ILE A 316 1.34 6.25 8.24
C ILE A 316 1.09 5.02 7.38
N VAL A 317 -0.11 4.91 6.78
CA VAL A 317 -0.43 3.74 5.97
C VAL A 317 -0.70 4.25 4.55
N GLU A 318 0.20 3.88 3.64
CA GLU A 318 0.13 4.32 2.25
C GLU A 318 -0.62 3.40 1.28
N GLY A 319 -1.46 4.00 0.43
CA GLY A 319 -2.14 3.20 -0.58
C GLY A 319 -3.63 2.91 -0.45
N MET A 320 -4.23 2.61 -1.61
CA MET A 320 -5.65 2.30 -1.68
C MET A 320 -5.98 0.97 -0.98
N GLY A 321 -5.19 -0.06 -1.27
CA GLY A 321 -5.42 -1.37 -0.68
C GLY A 321 -5.19 -1.47 0.82
N ARG A 322 -4.11 -0.85 1.29
CA ARG A 322 -3.73 -0.87 2.69
C ARG A 322 -4.38 0.22 3.55
N GLY A 323 -4.64 1.38 2.93
CA GLY A 323 -5.23 2.50 3.65
C GLY A 323 -6.66 2.89 3.33
N ILE A 324 -7.16 2.43 2.17
CA ILE A 324 -8.54 2.74 1.78
C ILE A 324 -9.44 1.50 1.81
N GLU A 325 -9.17 0.52 0.94
CA GLU A 325 -9.97 -0.72 0.88
C GLU A 325 -9.95 -1.37 2.26
N THR A 326 -8.83 -1.19 2.96
CA THR A 326 -8.70 -1.64 4.33
C THR A 326 -8.12 -0.48 5.13
N ASN A 327 -8.39 -0.51 6.44
CA ASN A 327 -7.85 0.45 7.37
C ASN A 327 -8.22 1.94 7.35
N LEU A 328 -8.82 2.42 6.27
CA LEU A 328 -9.19 3.85 6.22
C LEU A 328 -9.77 4.40 7.53
N TYR A 329 -10.68 3.65 8.13
CA TYR A 329 -11.30 4.08 9.38
C TYR A 329 -10.73 3.36 10.60
N ALA A 330 -9.55 2.75 10.48
CA ALA A 330 -8.97 2.07 11.64
C ALA A 330 -8.63 3.08 12.73
N GLN A 331 -8.84 2.67 13.98
CA GLN A 331 -8.54 3.53 15.11
C GLN A 331 -7.17 3.15 15.66
N PHE A 332 -6.36 4.15 15.97
CA PHE A 332 -5.03 3.92 16.52
C PHE A 332 -4.85 4.62 17.86
N LYS A 333 -3.93 4.09 18.68
CA LYS A 333 -3.62 4.66 20.00
C LYS A 333 -2.88 5.99 19.86
N CYS A 334 -2.20 6.15 18.73
CA CYS A 334 -1.41 7.35 18.45
C CYS A 334 -1.90 8.00 17.16
N ASP A 335 -1.27 9.10 16.78
CA ASP A 335 -1.65 9.80 15.55
C ASP A 335 -1.48 8.88 14.35
N SER A 336 -2.41 8.94 13.39
CA SER A 336 -2.30 8.08 12.23
C SER A 336 -2.67 8.79 10.94
N LEU A 337 -1.88 8.54 9.91
CA LEU A 337 -2.11 9.11 8.58
C LEU A 337 -2.30 8.00 7.53
N LYS A 338 -3.40 8.08 6.77
CA LYS A 338 -3.68 7.14 5.69
C LYS A 338 -3.58 7.98 4.43
N ILE A 339 -2.65 7.61 3.56
CA ILE A 339 -2.42 8.38 2.35
C ILE A 339 -2.43 7.50 1.10
N GLY A 340 -3.39 7.75 0.20
CA GLY A 340 -3.46 6.95 -0.99
C GLY A 340 -4.13 7.65 -2.16
N MET A 341 -4.09 6.99 -3.31
CA MET A 341 -4.70 7.48 -4.54
C MET A 341 -5.90 6.63 -4.87
N VAL A 342 -7.04 7.27 -5.11
CA VAL A 342 -8.25 6.50 -5.45
C VAL A 342 -8.11 6.14 -6.93
N LYS A 343 -7.57 4.94 -7.20
CA LYS A 343 -7.33 4.48 -8.57
C LYS A 343 -8.30 3.42 -9.06
N HIS A 344 -9.51 3.42 -8.50
CA HIS A 344 -10.56 2.48 -8.88
C HIS A 344 -11.93 3.14 -8.78
N LEU A 345 -12.64 3.25 -9.89
CA LEU A 345 -13.98 3.82 -9.87
C LEU A 345 -14.86 3.26 -8.74
N GLU A 346 -14.64 2.00 -8.35
CA GLU A 346 -15.44 1.42 -7.29
C GLU A 346 -15.09 2.08 -5.96
N VAL A 347 -13.82 2.44 -5.81
CA VAL A 347 -13.37 3.11 -4.59
C VAL A 347 -13.84 4.55 -4.63
N ALA A 348 -13.74 5.20 -5.79
CA ALA A 348 -14.20 6.57 -5.89
C ALA A 348 -15.66 6.67 -5.51
N GLU A 349 -16.46 5.74 -6.01
CA GLU A 349 -17.89 5.74 -5.72
C GLU A 349 -18.15 5.70 -4.23
N PHE A 350 -17.45 4.81 -3.53
CA PHE A 350 -17.59 4.70 -2.08
C PHE A 350 -17.30 6.05 -1.41
N LEU A 351 -16.25 6.72 -1.86
CA LEU A 351 -15.84 8.00 -1.27
C LEU A 351 -16.48 9.22 -1.93
N GLY A 352 -17.28 9.00 -2.97
CA GLY A 352 -17.90 10.12 -3.67
C GLY A 352 -16.79 10.93 -4.33
N GLY A 353 -15.61 10.32 -4.42
CA GLY A 353 -14.47 10.98 -5.03
C GLY A 353 -14.40 10.85 -6.54
N ARG A 354 -13.22 11.17 -7.08
CA ARG A 354 -12.91 11.13 -8.49
C ARG A 354 -11.85 10.06 -8.74
N LEU A 355 -11.75 9.54 -9.97
CA LEU A 355 -10.69 8.57 -10.21
C LEU A 355 -9.41 9.39 -10.02
N TYR A 356 -8.37 8.76 -9.46
CA TYR A 356 -7.09 9.42 -9.19
C TYR A 356 -7.22 10.47 -8.09
N ASP A 357 -8.26 10.36 -7.28
CA ASP A 357 -8.44 11.30 -6.18
C ASP A 357 -7.34 11.04 -5.15
N CYS A 358 -7.13 12.00 -4.25
CA CYS A 358 -6.12 11.84 -3.22
C CYS A 358 -6.76 11.69 -1.85
N VAL A 359 -6.27 10.72 -1.06
CA VAL A 359 -6.80 10.54 0.29
C VAL A 359 -5.66 10.85 1.25
N PHE A 360 -5.87 11.85 2.11
CA PHE A 360 -4.88 12.24 3.14
C PHE A 360 -5.76 12.37 4.39
N LYS A 361 -5.92 11.27 5.11
CA LYS A 361 -6.77 11.25 6.30
C LYS A 361 -5.93 11.00 7.54
N PHE A 362 -5.84 12.02 8.38
CA PHE A 362 -5.05 11.98 9.60
C PHE A 362 -5.93 12.01 10.85
N ASN A 363 -5.45 11.34 11.90
CA ASN A 363 -6.15 11.28 13.19
C ASN A 363 -5.17 11.82 14.22
N GLU A 364 -5.58 12.84 14.96
CA GLU A 364 -4.71 13.46 15.97
C GLU A 364 -5.15 13.05 17.36
N VAL A 365 -4.17 12.73 18.20
CA VAL A 365 -4.37 12.31 19.60
C VAL A 365 -4.82 10.85 19.64
MG MG B . 1.10 -1.43 -4.28
MG MG C . -6.56 -4.60 -4.64
N GLU A 6 1.76 -17.19 15.95
CA GLU A 6 2.59 -16.82 14.75
C GLU A 6 2.58 -15.31 14.58
N MET A 7 1.40 -14.76 14.31
CA MET A 7 1.23 -13.32 14.12
C MET A 7 0.54 -12.72 15.33
N VAL A 8 0.73 -11.41 15.52
CA VAL A 8 0.14 -10.70 16.65
C VAL A 8 -0.51 -9.39 16.19
N PRO A 9 -1.35 -8.78 17.04
CA PRO A 9 -2.03 -7.52 16.74
C PRO A 9 -1.09 -6.32 16.69
N PHE A 10 -1.41 -5.36 15.83
CA PHE A 10 -0.61 -4.15 15.70
C PHE A 10 -0.72 -3.44 17.05
N PRO A 11 0.44 -3.10 17.66
CA PRO A 11 0.41 -2.44 18.97
C PRO A 11 -0.29 -1.10 19.10
N GLN A 12 -0.47 -0.39 17.99
CA GLN A 12 -1.11 0.91 18.04
C GLN A 12 -2.64 0.87 17.92
N LEU A 13 -3.17 -0.33 17.73
CA LEU A 13 -4.63 -0.50 17.66
C LEU A 13 -5.13 -0.56 19.10
N PRO A 14 -6.21 0.17 19.41
CA PRO A 14 -6.73 0.14 20.79
C PRO A 14 -7.25 -1.27 21.07
N MET A 15 -6.79 -1.86 22.17
CA MET A 15 -7.20 -3.21 22.55
C MET A 15 -8.43 -3.10 23.46
N PRO A 16 -9.35 -4.07 23.40
CA PRO A 16 -9.32 -5.25 22.54
C PRO A 16 -9.72 -4.89 21.10
N ILE A 17 -9.10 -5.56 20.13
CA ILE A 17 -9.42 -5.29 18.73
C ILE A 17 -10.76 -5.91 18.37
N GLU A 18 -11.18 -6.90 19.14
CA GLU A 18 -12.46 -7.55 18.91
C GLU A 18 -13.56 -6.48 19.05
N ASN A 19 -14.47 -6.44 18.08
CA ASN A 19 -15.56 -5.48 18.09
C ASN A 19 -15.09 -4.03 18.06
N ASN A 20 -14.02 -3.76 17.31
CA ASN A 20 -13.49 -2.41 17.17
C ASN A 20 -12.77 -2.33 15.82
N TYR A 21 -11.73 -3.12 15.66
CA TYR A 21 -11.00 -3.14 14.38
C TYR A 21 -11.83 -3.90 13.33
N ARG A 22 -11.90 -3.34 12.14
CA ARG A 22 -12.60 -3.94 11.03
C ARG A 22 -11.72 -3.52 9.86
N ALA A 23 -10.80 -4.39 9.47
CA ALA A 23 -9.85 -4.08 8.40
C ALA A 23 -10.53 -3.67 7.10
N CYS A 24 -11.52 -4.46 6.69
CA CYS A 24 -12.21 -4.19 5.44
C CYS A 24 -13.16 -3.00 5.52
N THR A 25 -12.79 -1.94 4.81
CA THR A 25 -13.55 -0.70 4.79
C THR A 25 -14.93 -0.82 4.17
N ILE A 26 -14.94 -1.16 2.88
CA ILE A 26 -16.16 -1.26 2.10
C ILE A 26 -17.00 -2.50 2.38
N PRO A 27 -18.16 -2.34 3.05
CA PRO A 27 -19.00 -3.52 3.33
C PRO A 27 -19.63 -4.03 2.04
N TYR A 28 -19.76 -5.35 1.90
CA TYR A 28 -20.36 -5.94 0.70
C TYR A 28 -21.77 -6.42 0.98
N ARG A 29 -22.01 -6.82 2.22
CA ARG A 29 -23.30 -7.38 2.64
C ARG A 29 -23.53 -7.22 4.14
N PHE A 30 -24.78 -7.31 4.57
CA PHE A 30 -25.12 -7.23 6.00
C PHE A 30 -25.67 -8.62 6.33
N PRO A 31 -25.53 -9.06 7.59
CA PRO A 31 -26.06 -10.38 7.99
C PRO A 31 -27.54 -10.60 7.65
N SER A 32 -28.25 -9.54 7.29
CA SER A 32 -29.67 -9.65 6.98
C SER A 32 -30.03 -9.87 5.51
N ASP A 33 -29.04 -9.84 4.62
CA ASP A 33 -29.31 -10.06 3.20
C ASP A 33 -29.49 -11.55 2.93
N ASP A 34 -30.18 -11.87 1.85
CA ASP A 34 -30.39 -13.27 1.47
C ASP A 34 -29.01 -13.94 1.46
N PRO A 35 -28.81 -14.96 2.31
CA PRO A 35 -27.49 -15.61 2.36
C PRO A 35 -27.09 -16.54 1.22
N LYS A 36 -28.01 -16.87 0.33
CA LYS A 36 -27.71 -17.78 -0.79
C LYS A 36 -27.71 -17.06 -2.13
N LYS A 37 -27.74 -15.73 -2.10
CA LYS A 37 -27.75 -14.92 -3.31
C LYS A 37 -26.68 -13.83 -3.21
N ALA A 38 -25.84 -13.70 -4.24
CA ALA A 38 -24.80 -12.68 -4.20
C ALA A 38 -25.42 -11.28 -4.23
N THR A 39 -24.91 -10.39 -3.38
CA THR A 39 -25.41 -9.01 -3.30
C THR A 39 -24.78 -8.13 -4.39
N PRO A 40 -25.43 -7.00 -4.71
CA PRO A 40 -24.91 -6.09 -5.74
C PRO A 40 -23.46 -5.64 -5.48
N ASN A 41 -23.11 -5.43 -4.22
CA ASN A 41 -21.75 -5.02 -3.88
C ASN A 41 -20.79 -6.17 -4.12
N GLU A 42 -21.18 -7.40 -3.76
CA GLU A 42 -20.30 -8.53 -4.01
C GLU A 42 -20.12 -8.69 -5.52
N ILE A 43 -21.21 -8.56 -6.28
CA ILE A 43 -21.11 -8.71 -7.73
C ILE A 43 -20.16 -7.68 -8.31
N SER A 44 -20.35 -6.42 -7.92
CA SER A 44 -19.48 -5.35 -8.40
C SER A 44 -18.01 -5.63 -8.10
N TRP A 45 -17.73 -6.01 -6.86
CA TRP A 45 -16.35 -6.27 -6.50
C TRP A 45 -15.77 -7.55 -7.08
N ILE A 46 -16.58 -8.59 -7.15
CA ILE A 46 -16.09 -9.85 -7.74
C ILE A 46 -15.74 -9.54 -9.21
N ASN A 47 -16.59 -8.78 -9.89
CA ASN A 47 -16.32 -8.44 -11.29
C ASN A 47 -15.09 -7.56 -11.43
N VAL A 48 -14.86 -6.67 -10.46
CA VAL A 48 -13.66 -5.83 -10.50
C VAL A 48 -12.43 -6.75 -10.55
N PHE A 49 -12.38 -7.71 -9.63
CA PHE A 49 -11.24 -8.63 -9.60
C PHE A 49 -11.14 -9.51 -10.84
N ALA A 50 -12.29 -9.89 -11.40
CA ALA A 50 -12.25 -10.71 -12.61
C ALA A 50 -11.63 -9.87 -13.73
N ASN A 51 -11.86 -8.56 -13.68
CA ASN A 51 -11.32 -7.66 -14.71
C ASN A 51 -9.82 -7.42 -14.57
N SER A 52 -9.21 -7.96 -13.50
CA SER A 52 -7.77 -7.79 -13.28
C SER A 52 -6.99 -8.96 -13.88
N ILE A 53 -7.69 -10.04 -14.20
CA ILE A 53 -7.06 -11.25 -14.72
C ILE A 53 -6.30 -11.09 -16.05
N PRO A 54 -6.87 -10.37 -17.03
CA PRO A 54 -6.11 -10.26 -18.28
C PRO A 54 -4.69 -9.70 -18.07
N SER A 55 -4.54 -8.81 -17.09
CA SER A 55 -3.24 -8.19 -16.81
C SER A 55 -2.34 -9.16 -16.04
N PHE A 56 -2.89 -9.80 -15.01
CA PHE A 56 -2.14 -10.77 -14.24
C PHE A 56 -1.67 -11.95 -15.10
N LYS A 57 -2.54 -12.43 -15.99
CA LYS A 57 -2.19 -13.53 -16.89
C LYS A 57 -1.13 -13.05 -17.88
N LYS A 58 -1.45 -11.99 -18.63
CA LYS A 58 -0.50 -11.44 -19.62
C LYS A 58 0.87 -11.32 -18.97
N ARG A 59 0.87 -10.90 -17.71
CA ARG A 59 2.11 -10.76 -17.00
C ARG A 59 2.64 -12.16 -16.69
N ALA A 60 1.75 -13.04 -16.25
CA ALA A 60 2.12 -14.41 -15.91
C ALA A 60 2.69 -15.21 -17.09
N GLU A 61 2.02 -15.11 -18.24
CA GLU A 61 2.43 -15.87 -19.41
C GLU A 61 3.78 -15.45 -19.97
N SER A 62 4.16 -14.21 -19.77
CA SER A 62 5.45 -13.75 -20.30
C SER A 62 6.54 -13.89 -19.25
N ASP A 63 6.21 -14.55 -18.14
CA ASP A 63 7.20 -14.78 -17.08
C ASP A 63 8.12 -15.88 -17.58
N ILE A 64 9.17 -15.49 -18.29
CA ILE A 64 10.10 -16.46 -18.87
C ILE A 64 10.85 -17.31 -17.85
N THR A 65 10.80 -16.92 -16.58
CA THR A 65 11.49 -17.69 -15.55
C THR A 65 10.70 -18.96 -15.27
N VAL A 66 9.44 -18.97 -15.66
CA VAL A 66 8.57 -20.11 -15.42
C VAL A 66 8.49 -20.97 -16.68
N PRO A 67 8.77 -22.27 -16.55
CA PRO A 67 8.71 -23.15 -17.72
C PRO A 67 7.28 -23.34 -18.19
N ASP A 68 7.05 -23.14 -19.48
CA ASP A 68 5.71 -23.31 -20.04
C ASP A 68 4.78 -22.31 -19.36
N ALA A 69 5.17 -21.03 -19.41
CA ALA A 69 4.39 -19.96 -18.80
C ALA A 69 3.01 -19.78 -19.44
N PRO A 70 2.94 -19.72 -20.78
CA PRO A 70 1.66 -19.55 -21.47
C PRO A 70 0.52 -20.47 -21.00
N ALA A 71 0.79 -21.76 -20.86
CA ALA A 71 -0.23 -22.70 -20.41
C ALA A 71 -0.44 -22.61 -18.91
N ARG A 72 0.62 -22.24 -18.19
CA ARG A 72 0.56 -22.13 -16.73
C ARG A 72 -0.15 -20.84 -16.32
N ALA A 73 -0.39 -19.96 -17.28
CA ALA A 73 -1.09 -18.71 -17.02
C ALA A 73 -2.57 -18.93 -17.28
N GLU A 74 -2.86 -19.82 -18.22
CA GLU A 74 -4.24 -20.16 -18.55
C GLU A 74 -4.87 -20.85 -17.33
N LYS A 75 -4.11 -21.75 -16.72
CA LYS A 75 -4.61 -22.47 -15.54
C LYS A 75 -4.89 -21.42 -14.46
N PHE A 76 -4.02 -20.43 -14.34
CA PHE A 76 -4.20 -19.36 -13.36
C PHE A 76 -5.59 -18.73 -13.44
N ALA A 77 -6.00 -18.35 -14.65
CA ALA A 77 -7.30 -17.73 -14.83
C ALA A 77 -8.39 -18.75 -14.51
N GLU A 78 -8.41 -19.80 -15.32
CA GLU A 78 -9.37 -20.89 -15.16
C GLU A 78 -9.76 -21.10 -13.70
N ARG A 79 -8.76 -21.30 -12.85
CA ARG A 79 -8.99 -21.52 -11.44
C ARG A 79 -9.45 -20.26 -10.71
N TYR A 80 -8.69 -19.18 -10.80
CA TYR A 80 -9.11 -17.95 -10.12
C TYR A 80 -10.47 -17.48 -10.61
N ALA A 81 -10.59 -17.29 -11.93
CA ALA A 81 -11.84 -16.84 -12.52
C ALA A 81 -12.97 -17.83 -12.24
N GLY A 82 -12.60 -19.03 -11.81
CA GLY A 82 -13.59 -20.05 -11.52
C GLY A 82 -13.99 -19.95 -10.06
N ILE A 83 -13.04 -19.52 -9.25
CA ILE A 83 -13.28 -19.35 -7.81
C ILE A 83 -14.21 -18.16 -7.65
N LEU A 84 -14.11 -17.20 -8.56
CA LEU A 84 -14.95 -15.99 -8.51
C LEU A 84 -16.38 -16.34 -8.92
N GLU A 85 -16.51 -17.32 -9.81
CA GLU A 85 -17.83 -17.75 -10.28
C GLU A 85 -18.55 -18.52 -9.18
N ASP A 86 -17.81 -19.34 -8.45
CA ASP A 86 -18.39 -20.11 -7.35
C ASP A 86 -18.98 -19.13 -6.32
N LEU A 87 -18.38 -17.94 -6.22
CA LEU A 87 -18.83 -16.91 -5.28
C LEU A 87 -20.02 -16.09 -5.81
N LYS A 88 -20.05 -15.83 -7.11
CA LYS A 88 -21.15 -15.08 -7.72
C LYS A 88 -22.41 -15.95 -7.79
N LYS A 89 -22.23 -17.26 -7.78
CA LYS A 89 -23.37 -18.18 -7.83
C LYS A 89 -23.80 -18.59 -6.43
N ASP A 90 -22.83 -18.68 -5.53
CA ASP A 90 -23.07 -19.06 -4.14
C ASP A 90 -22.03 -18.39 -3.24
N PRO A 91 -22.39 -17.26 -2.62
CA PRO A 91 -21.49 -16.50 -1.74
C PRO A 91 -20.83 -17.33 -0.63
N GLU A 92 -21.42 -18.48 -0.29
CA GLU A 92 -20.88 -19.31 0.76
C GLU A 92 -19.66 -20.14 0.36
N SER A 93 -19.41 -20.26 -0.94
CA SER A 93 -18.27 -21.06 -1.40
C SER A 93 -16.94 -20.41 -1.04
N HIS A 94 -15.87 -21.18 -1.15
CA HIS A 94 -14.52 -20.72 -0.88
C HIS A 94 -14.37 -19.92 0.42
N GLY A 95 -15.25 -20.19 1.39
CA GLY A 95 -15.17 -19.52 2.67
C GLY A 95 -15.59 -18.06 2.68
N GLY A 96 -16.61 -17.74 1.89
CA GLY A 96 -17.10 -16.38 1.83
C GLY A 96 -18.13 -16.08 2.92
N PRO A 97 -19.02 -15.09 2.71
CA PRO A 97 -19.13 -14.23 1.53
C PRO A 97 -17.83 -13.46 1.30
N PRO A 98 -17.63 -13.00 0.06
CA PRO A 98 -16.41 -12.26 -0.26
C PRO A 98 -16.21 -10.86 0.30
N ASP A 99 -14.94 -10.49 0.39
CA ASP A 99 -14.51 -9.17 0.82
C ASP A 99 -13.16 -8.96 0.17
N GLY A 100 -12.70 -7.71 0.12
CA GLY A 100 -11.43 -7.43 -0.52
C GLY A 100 -10.33 -8.41 -0.14
N ILE A 101 -10.25 -8.72 1.14
CA ILE A 101 -9.23 -9.65 1.60
C ILE A 101 -9.35 -10.93 0.78
N LEU A 102 -10.53 -11.57 0.85
CA LEU A 102 -10.76 -12.81 0.13
C LEU A 102 -10.43 -12.76 -1.36
N LEU A 103 -11.01 -11.81 -2.08
CA LEU A 103 -10.74 -11.72 -3.50
C LEU A 103 -9.23 -11.63 -3.77
N CYS A 104 -8.52 -10.87 -2.95
CA CYS A 104 -7.07 -10.75 -3.12
C CYS A 104 -6.32 -12.03 -2.84
N ARG A 105 -6.57 -12.61 -1.67
CA ARG A 105 -5.87 -13.83 -1.29
C ARG A 105 -6.14 -14.95 -2.30
N LEU A 106 -7.40 -15.20 -2.65
CA LEU A 106 -7.69 -16.24 -3.63
C LEU A 106 -6.79 -16.06 -4.85
N ARG A 107 -6.60 -14.81 -5.27
CA ARG A 107 -5.76 -14.50 -6.43
C ARG A 107 -4.30 -14.93 -6.16
N GLU A 108 -3.81 -14.59 -4.97
CA GLU A 108 -2.45 -14.95 -4.57
C GLU A 108 -2.34 -16.47 -4.44
N GLN A 109 -3.34 -17.08 -3.81
CA GLN A 109 -3.31 -18.53 -3.65
C GLN A 109 -3.21 -19.27 -4.98
N VAL A 110 -4.07 -18.92 -5.94
CA VAL A 110 -4.04 -19.59 -7.24
C VAL A 110 -2.67 -19.46 -7.91
N LEU A 111 -2.10 -18.27 -7.87
CA LEU A 111 -0.80 -18.06 -8.49
C LEU A 111 0.30 -18.89 -7.83
N ARG A 112 0.39 -18.80 -6.50
CA ARG A 112 1.42 -19.51 -5.76
C ARG A 112 1.30 -21.00 -5.87
N GLU A 113 0.08 -21.51 -5.74
CA GLU A 113 -0.14 -22.95 -5.84
C GLU A 113 0.40 -23.47 -7.18
N LEU A 114 0.25 -22.67 -8.23
CA LEU A 114 0.73 -23.05 -9.57
C LEU A 114 2.23 -22.92 -9.69
N GLY A 115 2.88 -22.38 -8.66
CA GLY A 115 4.33 -22.27 -8.69
C GLY A 115 4.91 -20.87 -8.78
N PHE A 116 4.15 -19.93 -9.34
CA PHE A 116 4.62 -18.54 -9.46
C PHE A 116 4.98 -17.97 -8.09
N ARG A 117 5.97 -17.10 -8.07
CA ARG A 117 6.39 -16.50 -6.81
C ARG A 117 6.48 -14.98 -6.89
N ASP A 118 6.57 -14.46 -8.11
CA ASP A 118 6.63 -13.01 -8.34
C ASP A 118 6.60 -12.74 -9.84
N ILE A 119 5.40 -12.71 -10.42
CA ILE A 119 5.34 -12.46 -11.86
C ILE A 119 5.64 -11.03 -12.27
N PHE A 120 5.83 -10.14 -11.30
CA PHE A 120 6.15 -8.73 -11.60
C PHE A 120 7.61 -8.38 -11.35
N LYS A 121 8.43 -9.39 -11.06
CA LYS A 121 9.84 -9.14 -10.74
C LYS A 121 10.62 -8.35 -11.79
N LYS A 122 10.42 -8.68 -13.06
CA LYS A 122 11.16 -7.96 -14.10
C LYS A 122 10.79 -6.48 -14.15
N VAL A 123 9.48 -6.18 -14.22
CA VAL A 123 9.04 -4.79 -14.29
C VAL A 123 9.39 -4.01 -13.02
N LYS A 124 9.35 -4.69 -11.88
CA LYS A 124 9.71 -4.07 -10.61
C LYS A 124 11.19 -3.72 -10.65
N ASP A 125 11.98 -4.51 -11.39
CA ASP A 125 13.41 -4.23 -11.49
C ASP A 125 13.71 -3.02 -12.37
N GLU A 126 12.96 -2.86 -13.47
CA GLU A 126 13.20 -1.74 -14.37
C GLU A 126 12.85 -0.41 -13.71
N GLU A 127 11.68 -0.38 -13.07
CA GLU A 127 11.23 0.84 -12.42
C GLU A 127 12.06 1.15 -11.17
N ASN A 128 12.57 0.11 -10.53
CA ASN A 128 13.42 0.32 -9.34
C ASN A 128 14.72 0.98 -9.75
N ALA A 129 15.38 0.41 -10.76
CA ALA A 129 16.64 0.96 -11.25
C ALA A 129 16.45 2.39 -11.78
N LYS A 130 15.40 2.61 -12.55
CA LYS A 130 15.13 3.93 -13.11
C LYS A 130 14.89 4.97 -12.01
N ALA A 131 14.08 4.63 -11.01
CA ALA A 131 13.81 5.56 -9.94
C ALA A 131 15.09 5.94 -9.18
N ILE A 132 15.93 4.94 -8.91
CA ILE A 132 17.18 5.18 -8.18
C ILE A 132 18.06 6.28 -8.81
N SER A 133 18.06 6.37 -10.14
CA SER A 133 18.86 7.39 -10.83
C SER A 133 18.32 8.81 -10.69
N LEU A 134 17.06 8.96 -10.26
CA LEU A 134 16.45 10.28 -10.10
C LEU A 134 16.37 10.72 -8.65
N PHE A 135 16.71 9.81 -7.75
CA PHE A 135 16.63 10.10 -6.33
C PHE A 135 17.33 11.41 -5.95
N PRO A 136 18.59 11.62 -6.39
CA PRO A 136 19.24 12.89 -6.00
C PRO A 136 18.50 14.13 -6.53
N GLN A 137 18.06 14.06 -7.79
CA GLN A 137 17.35 15.16 -8.43
C GLN A 137 16.07 15.54 -7.69
N VAL A 138 15.23 14.53 -7.43
CA VAL A 138 13.96 14.75 -6.73
C VAL A 138 14.20 15.28 -5.32
N VAL A 139 15.19 14.74 -4.63
CA VAL A 139 15.52 15.18 -3.28
C VAL A 139 16.08 16.62 -3.32
N SER A 140 16.82 16.96 -4.38
CA SER A 140 17.37 18.31 -4.48
C SER A 140 16.25 19.34 -4.58
N LEU A 141 15.20 19.01 -5.32
CA LEU A 141 14.06 19.90 -5.49
C LEU A 141 13.37 20.17 -4.15
N SER A 142 13.22 19.13 -3.33
CA SER A 142 12.58 19.33 -2.04
C SER A 142 13.53 20.01 -1.05
N ASP A 143 14.78 19.59 -1.02
CA ASP A 143 15.75 20.19 -0.09
C ASP A 143 15.94 21.67 -0.41
N ALA A 144 15.77 22.03 -1.68
CA ALA A 144 15.94 23.42 -2.10
C ALA A 144 14.80 24.29 -1.57
N ILE A 145 13.80 23.65 -0.97
CA ILE A 145 12.66 24.37 -0.42
C ILE A 145 12.95 24.85 0.99
N GLU A 146 13.11 26.17 1.13
CA GLU A 146 13.40 26.82 2.40
C GLU A 146 12.31 26.62 3.46
N ASP A 147 11.08 26.98 3.11
CA ASP A 147 9.97 26.89 4.05
C ASP A 147 9.59 25.44 4.36
N ASP A 148 9.84 25.00 5.60
CA ASP A 148 9.54 23.64 6.01
C ASP A 148 8.05 23.33 5.90
N GLY A 149 7.23 24.37 5.90
CA GLY A 149 5.79 24.19 5.80
C GLY A 149 5.39 23.86 4.37
N LYS A 150 6.33 24.03 3.45
CA LYS A 150 6.10 23.74 2.04
C LYS A 150 6.97 22.58 1.57
N ARG A 151 8.05 22.29 2.31
CA ARG A 151 8.89 21.16 1.93
C ARG A 151 7.94 19.96 2.01
N LEU A 152 7.40 19.73 3.20
CA LEU A 152 6.45 18.63 3.43
C LEU A 152 5.27 18.63 2.45
N GLU A 153 4.57 19.75 2.33
CA GLU A 153 3.43 19.83 1.42
C GLU A 153 3.83 19.28 0.05
N ASN A 154 5.03 19.64 -0.39
CA ASN A 154 5.54 19.16 -1.66
C ASN A 154 6.04 17.74 -1.51
N LEU A 155 6.23 17.27 -0.27
CA LEU A 155 6.68 15.91 -0.05
C LEU A 155 5.48 14.96 -0.16
N VAL A 156 4.30 15.48 0.19
CA VAL A 156 3.06 14.71 0.10
C VAL A 156 2.64 14.52 -1.36
N ARG A 157 2.75 15.55 -2.19
CA ARG A 157 2.39 15.39 -3.61
C ARG A 157 3.23 14.26 -4.24
N GLY A 158 4.51 14.19 -3.88
CA GLY A 158 5.37 13.15 -4.43
C GLY A 158 4.84 11.76 -4.10
N ILE A 159 4.52 11.50 -2.84
CA ILE A 159 4.00 10.18 -2.46
C ILE A 159 2.80 9.84 -3.34
N PHE A 160 1.87 10.79 -3.47
CA PHE A 160 0.69 10.61 -4.31
C PHE A 160 1.09 10.32 -5.76
N ALA A 161 1.97 11.16 -6.31
CA ALA A 161 2.43 10.98 -7.69
C ALA A 161 3.01 9.58 -7.88
N GLY A 162 4.06 9.27 -7.13
CA GLY A 162 4.68 7.96 -7.27
C GLY A 162 3.73 6.80 -7.00
N ASN A 163 2.68 7.03 -6.21
CA ASN A 163 1.73 5.97 -5.90
C ASN A 163 0.91 5.67 -7.15
N ILE A 164 0.91 6.60 -8.11
CA ILE A 164 0.19 6.41 -9.38
C ILE A 164 1.17 6.27 -10.55
N PHE A 165 2.42 6.67 -10.34
CA PHE A 165 3.41 6.56 -11.40
C PHE A 165 3.96 5.14 -11.45
N MET A 181 5.21 10.71 -19.42
CA MET A 181 5.14 11.56 -18.24
C MET A 181 6.14 11.10 -17.19
N SER A 182 6.87 12.04 -16.60
CA SER A 182 7.85 11.71 -15.58
C SER A 182 7.22 11.82 -14.20
N PHE A 183 7.91 11.29 -13.21
CA PHE A 183 7.44 11.36 -11.83
C PHE A 183 7.28 12.83 -11.45
N LEU A 184 8.27 13.65 -11.79
CA LEU A 184 8.18 15.06 -11.45
C LEU A 184 7.00 15.74 -12.12
N ALA A 185 6.64 15.28 -13.31
CA ALA A 185 5.50 15.83 -14.03
C ALA A 185 4.23 15.42 -13.30
N SER A 186 4.15 14.16 -12.91
CA SER A 186 2.97 13.67 -12.20
C SER A 186 2.73 14.46 -10.93
N CYS A 187 3.80 14.90 -10.28
CA CYS A 187 3.67 15.69 -9.06
C CYS A 187 2.87 16.96 -9.31
N GLN A 188 2.90 17.44 -10.55
CA GLN A 188 2.19 18.67 -10.91
C GLN A 188 0.89 18.42 -11.65
N ASN A 189 0.40 17.19 -11.62
CA ASN A 189 -0.85 16.86 -12.30
C ASN A 189 -1.88 16.13 -11.43
N LEU A 190 -1.83 16.34 -10.12
CA LEU A 190 -2.78 15.71 -9.20
C LEU A 190 -4.12 16.44 -9.26
N VAL A 191 -5.21 15.73 -8.99
CA VAL A 191 -6.52 16.37 -9.00
C VAL A 191 -6.48 17.56 -8.05
N PRO A 192 -7.24 18.63 -8.35
CA PRO A 192 -7.24 19.82 -7.49
C PRO A 192 -7.86 19.61 -6.11
N ARG A 193 -7.41 20.41 -5.15
CA ARG A 193 -7.94 20.33 -3.79
C ARG A 193 -9.21 21.18 -3.70
N PRO A 194 -10.05 20.93 -2.70
CA PRO A 194 -9.93 19.91 -1.64
C PRO A 194 -9.94 18.47 -2.13
N TRP A 195 -9.23 17.60 -1.42
CA TRP A 195 -9.15 16.19 -1.77
C TRP A 195 -10.37 15.43 -1.19
N VAL A 196 -10.68 14.27 -1.74
CA VAL A 196 -11.86 13.50 -1.29
C VAL A 196 -11.83 13.32 0.23
N ILE A 197 -10.64 13.38 0.78
CA ILE A 197 -10.38 13.31 2.23
C ILE A 197 -9.13 14.17 2.32
N ASP A 198 -9.23 15.33 2.97
CA ASP A 198 -8.12 16.25 3.02
C ASP A 198 -7.87 16.79 4.44
N ASP A 199 -6.80 16.32 5.07
CA ASP A 199 -6.46 16.76 6.42
C ASP A 199 -5.02 17.26 6.50
N LEU A 200 -4.48 17.70 5.37
CA LEU A 200 -3.09 18.17 5.32
C LEU A 200 -2.81 19.41 6.18
N GLU A 201 -3.80 20.29 6.33
CA GLU A 201 -3.61 21.50 7.12
C GLU A 201 -3.32 21.12 8.57
N ASN A 202 -4.05 20.16 9.11
CA ASN A 202 -3.83 19.75 10.49
C ASN A 202 -2.51 19.02 10.67
N PHE A 203 -2.21 18.11 9.75
CA PHE A 203 -0.98 17.34 9.84
C PHE A 203 0.21 18.27 9.87
N GLN A 204 0.18 19.27 8.98
CA GLN A 204 1.24 20.26 8.88
C GLN A 204 1.35 21.05 10.19
N ALA A 205 0.22 21.54 10.68
CA ALA A 205 0.20 22.31 11.92
C ALA A 205 0.97 21.56 13.01
N LYS A 206 0.79 20.24 13.09
CA LYS A 206 1.52 19.47 14.11
C LYS A 206 2.94 19.16 13.67
N TRP A 207 3.14 19.04 12.37
CA TRP A 207 4.44 18.75 11.80
C TRP A 207 5.41 19.92 12.00
N ILE A 208 4.91 21.14 11.90
CA ILE A 208 5.76 22.32 12.05
C ILE A 208 6.37 22.44 13.45
N ASN A 209 5.71 21.89 14.46
CA ASN A 209 6.28 21.93 15.80
C ASN A 209 7.40 20.89 15.82
N LYS A 210 7.48 20.12 14.74
CA LYS A 210 8.46 19.05 14.59
C LYS A 210 8.61 18.30 15.92
N SER A 211 7.65 17.43 16.17
CA SER A 211 7.61 16.65 17.40
C SER A 211 7.83 15.16 17.14
N TRP A 212 7.03 14.58 16.26
CA TRP A 212 7.14 13.15 15.95
C TRP A 212 8.57 12.67 15.81
N LYS A 213 8.86 11.50 16.38
CA LYS A 213 10.19 10.91 16.30
C LYS A 213 10.17 9.38 16.32
N LYS A 214 8.98 8.79 16.10
CA LYS A 214 8.83 7.33 16.10
C LYS A 214 7.78 6.85 15.07
N ALA A 215 7.82 7.42 13.88
CA ALA A 215 6.85 7.06 12.83
C ALA A 215 7.03 5.66 12.28
N VAL A 216 5.91 5.04 11.92
CA VAL A 216 5.91 3.71 11.31
C VAL A 216 5.13 3.90 10.02
N ILE A 217 5.70 3.51 8.88
CA ILE A 217 5.06 3.69 7.56
C ILE A 217 4.87 2.39 6.80
N PHE A 218 3.62 2.05 6.49
CA PHE A 218 3.35 0.84 5.72
C PHE A 218 3.49 1.29 4.26
N VAL A 219 4.47 0.75 3.57
CA VAL A 219 4.73 1.16 2.20
C VAL A 219 3.99 0.41 1.10
N ASP A 220 3.84 1.07 -0.04
CA ASP A 220 3.11 0.49 -1.15
C ASP A 220 4.00 -0.30 -2.12
N ASN A 221 4.03 0.11 -3.38
CA ASN A 221 4.77 -0.62 -4.41
C ASN A 221 6.21 -0.19 -4.71
N SER A 222 6.82 -0.91 -5.65
CA SER A 222 8.17 -0.61 -6.13
C SER A 222 8.13 0.59 -7.09
N GLY A 223 9.26 0.88 -7.73
CA GLY A 223 9.28 1.98 -8.68
C GLY A 223 9.42 3.36 -8.06
N ALA A 224 8.82 4.36 -8.69
CA ALA A 224 8.93 5.74 -8.18
C ALA A 224 8.19 5.93 -6.87
N ASP A 225 7.48 4.90 -6.45
CA ASP A 225 6.71 4.99 -5.22
C ASP A 225 7.60 4.97 -4.00
N ILE A 226 8.22 3.83 -3.74
CA ILE A 226 9.09 3.72 -2.58
C ILE A 226 10.36 4.57 -2.67
N ILE A 227 10.89 4.75 -3.87
CA ILE A 227 12.15 5.49 -4.05
C ILE A 227 12.08 7.00 -4.21
N LEU A 228 11.04 7.49 -4.89
CA LEU A 228 10.92 8.93 -5.13
C LEU A 228 9.84 9.57 -4.27
N GLY A 229 8.86 8.78 -3.85
CA GLY A 229 7.80 9.33 -3.02
C GLY A 229 8.10 9.08 -1.54
N ILE A 230 8.13 7.82 -1.13
CA ILE A 230 8.38 7.48 0.26
C ILE A 230 9.75 7.82 0.83
N LEU A 231 10.83 7.39 0.20
CA LEU A 231 12.15 7.65 0.77
C LEU A 231 12.42 9.13 1.02
N PRO A 232 12.18 10.01 0.03
CA PRO A 232 12.42 11.43 0.31
C PRO A 232 11.67 11.91 1.56
N PHE A 233 10.44 11.41 1.72
CA PHE A 233 9.61 11.75 2.86
C PHE A 233 10.27 11.18 4.13
N ALA A 234 10.66 9.92 4.06
CA ALA A 234 11.33 9.26 5.19
C ALA A 234 12.61 10.01 5.56
N ARG A 235 13.35 10.43 4.54
CA ARG A 235 14.59 11.18 4.73
C ARG A 235 14.33 12.49 5.46
N GLU A 236 13.26 13.18 5.06
CA GLU A 236 12.89 14.43 5.69
C GLU A 236 12.58 14.17 7.17
N LEU A 237 11.98 13.01 7.46
CA LEU A 237 11.68 12.65 8.85
C LEU A 237 12.98 12.33 9.62
N LEU A 238 13.90 11.62 8.97
CA LEU A 238 15.16 11.27 9.61
C LEU A 238 15.95 12.52 9.97
N ARG A 239 16.04 13.44 9.01
CA ARG A 239 16.78 14.67 9.22
C ARG A 239 16.12 15.53 10.29
N ARG A 240 14.80 15.42 10.43
CA ARG A 240 14.08 16.19 11.44
C ARG A 240 14.10 15.45 12.78
N GLY A 241 15.12 14.63 12.95
CA GLY A 241 15.31 13.89 14.19
C GLY A 241 14.33 12.78 14.51
N ALA A 242 13.50 12.38 13.55
CA ALA A 242 12.57 11.31 13.84
C ALA A 242 13.12 9.95 13.42
N GLN A 243 12.71 8.93 14.16
CA GLN A 243 13.07 7.55 13.84
C GLN A 243 11.95 7.12 12.88
N VAL A 244 12.28 6.31 11.88
CA VAL A 244 11.27 5.85 10.91
C VAL A 244 11.41 4.37 10.63
N VAL A 245 10.29 3.65 10.74
CA VAL A 245 10.25 2.22 10.45
C VAL A 245 9.44 2.00 9.15
N LEU A 246 10.08 1.44 8.12
CA LEU A 246 9.38 1.18 6.86
C LEU A 246 8.99 -0.31 6.86
N ALA A 247 7.69 -0.56 6.89
CA ALA A 247 7.18 -1.92 6.92
C ALA A 247 6.75 -2.36 5.54
N ALA A 248 7.36 -3.44 5.04
CA ALA A 248 7.06 -3.94 3.70
C ALA A 248 6.70 -5.42 3.66
N ASN A 249 5.94 -5.83 2.63
CA ASN A 249 5.53 -7.20 2.43
C ASN A 249 6.66 -8.20 2.58
N GLU A 250 6.28 -9.43 2.88
CA GLU A 250 7.21 -10.53 3.02
C GLU A 250 7.31 -11.22 1.66
N LEU A 251 6.15 -11.43 1.03
CA LEU A 251 6.08 -12.09 -0.27
C LEU A 251 5.57 -11.18 -1.37
N PRO A 252 6.03 -11.40 -2.59
CA PRO A 252 5.62 -10.60 -3.74
C PRO A 252 4.11 -10.68 -3.96
N SER A 253 3.48 -9.51 -4.14
CA SER A 253 2.05 -9.42 -4.43
C SER A 253 1.96 -8.26 -5.44
N ILE A 254 1.52 -8.57 -6.66
CA ILE A 254 1.43 -7.60 -7.75
C ILE A 254 2.81 -6.92 -7.84
N ASN A 255 2.83 -5.59 -7.73
CA ASN A 255 4.08 -4.85 -7.79
C ASN A 255 4.53 -4.25 -6.46
N ASP A 256 3.95 -4.69 -5.35
CA ASP A 256 4.33 -4.15 -4.07
C ASP A 256 5.77 -4.48 -3.74
N ILE A 257 6.40 -3.60 -2.97
CA ILE A 257 7.79 -3.82 -2.60
C ILE A 257 7.87 -4.67 -1.32
N THR A 258 8.67 -5.74 -1.37
CA THR A 258 8.86 -6.62 -0.22
C THR A 258 10.07 -6.09 0.53
N CYS A 259 10.18 -6.39 1.81
CA CYS A 259 11.32 -5.90 2.56
C CYS A 259 12.65 -6.38 1.95
N THR A 260 12.66 -7.61 1.45
CA THR A 260 13.86 -8.16 0.84
C THR A 260 14.37 -7.34 -0.36
N GLU A 261 13.44 -6.91 -1.22
CA GLU A 261 13.80 -6.15 -2.41
C GLU A 261 14.01 -4.67 -2.10
N LEU A 262 13.69 -4.27 -0.88
CA LEU A 262 13.84 -2.89 -0.43
C LEU A 262 15.17 -2.83 0.34
N THR A 263 15.44 -3.86 1.14
CA THR A 263 16.68 -3.92 1.91
C THR A 263 17.86 -3.57 1.01
N GLU A 264 17.77 -3.99 -0.25
CA GLU A 264 18.83 -3.69 -1.22
C GLU A 264 18.76 -2.22 -1.60
N ILE A 265 17.56 -1.77 -1.96
CA ILE A 265 17.36 -0.38 -2.35
C ILE A 265 18.08 0.59 -1.42
N LEU A 266 17.88 0.43 -0.12
CA LEU A 266 18.51 1.30 0.86
C LEU A 266 20.02 1.37 0.64
N SER A 267 20.61 0.21 0.38
CA SER A 267 22.05 0.11 0.11
C SER A 267 22.35 0.69 -1.27
N GLN A 268 21.49 0.37 -2.22
CA GLN A 268 21.63 0.85 -3.60
C GLN A 268 21.65 2.37 -3.69
N LEU A 269 21.03 3.04 -2.72
CA LEU A 269 20.96 4.49 -2.72
C LEU A 269 21.99 5.15 -1.82
N LYS A 270 22.42 4.46 -0.78
CA LYS A 270 23.39 4.97 0.18
C LYS A 270 24.72 5.30 -0.51
N ASN A 273 29.01 6.83 3.58
CA ASN A 273 28.88 7.06 5.01
C ASN A 273 27.57 6.44 5.50
N GLY A 274 26.95 5.65 4.64
CA GLY A 274 25.68 5.03 4.99
C GLY A 274 24.61 6.08 5.06
N GLN A 275 24.88 7.23 4.46
CA GLN A 275 23.91 8.33 4.46
C GLN A 275 23.10 8.35 3.18
N LEU A 276 21.90 8.92 3.27
CA LEU A 276 21.05 9.06 2.09
C LEU A 276 21.19 10.51 1.67
N LEU A 277 22.03 10.75 0.67
CA LEU A 277 22.28 12.10 0.18
C LEU A 277 22.62 13.05 1.31
N GLY A 278 23.57 12.63 2.15
CA GLY A 278 23.99 13.45 3.26
C GLY A 278 23.18 13.39 4.54
N VAL A 279 22.20 12.50 4.63
CA VAL A 279 21.39 12.39 5.84
C VAL A 279 21.66 11.08 6.57
N ASP A 280 21.88 11.18 7.87
CA ASP A 280 22.17 10.03 8.72
C ASP A 280 20.92 9.15 8.76
N THR A 281 21.13 7.83 8.65
CA THR A 281 20.05 6.85 8.63
C THR A 281 20.04 5.95 9.86
N SER A 282 20.86 6.28 10.85
CA SER A 282 20.91 5.47 12.07
C SER A 282 19.55 5.30 12.75
N LYS A 283 18.57 6.14 12.38
CA LYS A 283 17.23 6.08 12.96
C LYS A 283 16.16 5.53 12.00
N LEU A 284 16.61 5.00 10.86
CA LEU A 284 15.72 4.39 9.88
C LEU A 284 15.81 2.86 10.02
N LEU A 285 14.66 2.19 10.02
CA LEU A 285 14.65 0.73 10.15
C LEU A 285 13.67 0.08 9.15
N ILE A 286 14.04 -1.08 8.60
CA ILE A 286 13.21 -1.81 7.65
C ILE A 286 12.58 -3.02 8.37
N ALA A 287 11.31 -3.29 8.11
CA ALA A 287 10.62 -4.41 8.75
C ALA A 287 9.82 -5.27 7.78
N ASN A 288 9.63 -6.54 8.14
CA ASN A 288 8.87 -7.52 7.36
C ASN A 288 7.48 -7.64 8.00
N SER A 289 6.53 -6.85 7.51
CA SER A 289 5.18 -6.86 8.08
C SER A 289 4.56 -8.26 8.16
N GLY A 290 5.15 -9.20 7.43
CA GLY A 290 4.62 -10.56 7.41
C GLY A 290 3.46 -10.69 6.45
N ASN A 291 3.13 -9.60 5.74
CA ASN A 291 1.99 -9.61 4.83
C ASN A 291 2.35 -10.18 3.46
N ASP A 292 1.35 -10.67 2.74
CA ASP A 292 1.59 -11.28 1.43
C ASP A 292 0.53 -10.86 0.44
N LEU A 293 -0.14 -9.73 0.72
CA LEU A 293 -1.21 -9.23 -0.14
C LEU A 293 -0.97 -7.75 -0.46
N PRO A 294 -1.82 -7.16 -1.34
CA PRO A 294 -1.69 -5.74 -1.71
C PRO A 294 -2.56 -4.86 -0.79
N VAL A 295 -3.18 -5.51 0.18
CA VAL A 295 -4.00 -4.87 1.21
C VAL A 295 -3.44 -5.47 2.51
N ILE A 296 -3.91 -5.02 3.67
CA ILE A 296 -3.38 -5.61 4.91
C ILE A 296 -4.36 -5.65 6.08
N ASP A 297 -4.30 -6.75 6.83
CA ASP A 297 -5.11 -6.96 8.02
C ASP A 297 -4.16 -6.64 9.17
N LEU A 298 -4.43 -5.54 9.87
CA LEU A 298 -3.57 -5.07 10.96
C LEU A 298 -3.67 -5.85 12.25
N SER A 299 -4.62 -6.78 12.33
CA SER A 299 -4.73 -7.60 13.54
C SER A 299 -3.72 -8.75 13.45
N ARG A 300 -3.09 -8.90 12.29
CA ARG A 300 -2.11 -9.96 12.06
C ARG A 300 -0.83 -9.45 11.40
N VAL A 301 0.16 -9.08 12.21
CA VAL A 301 1.44 -8.60 11.67
C VAL A 301 2.57 -9.36 12.38
N SER A 302 3.71 -9.47 11.70
CA SER A 302 4.85 -10.18 12.27
C SER A 302 5.13 -9.68 13.69
N GLN A 303 5.66 -10.55 14.54
CA GLN A 303 5.98 -10.13 15.91
C GLN A 303 7.12 -9.13 15.82
N GLU A 304 7.90 -9.27 14.75
CA GLU A 304 9.01 -8.38 14.45
C GLU A 304 8.45 -6.96 14.29
N LEU A 305 7.46 -6.80 13.40
CA LEU A 305 6.88 -5.49 13.19
C LEU A 305 6.28 -4.95 14.49
N ALA A 306 5.65 -5.83 15.27
CA ALA A 306 5.06 -5.41 16.53
C ALA A 306 6.19 -4.88 17.42
N TYR A 307 7.28 -5.63 17.52
CA TYR A 307 8.41 -5.19 18.34
C TYR A 307 8.95 -3.85 17.84
N LEU A 308 9.11 -3.70 16.53
CA LEU A 308 9.63 -2.46 15.97
C LEU A 308 8.69 -1.26 16.03
N SER A 309 7.39 -1.52 16.26
CA SER A 309 6.43 -0.44 16.34
C SER A 309 5.73 -0.39 17.68
N SER A 310 6.23 -1.17 18.64
CA SER A 310 5.61 -1.18 19.96
C SER A 310 5.70 0.19 20.65
N ASP A 311 6.59 1.06 20.17
CA ASP A 311 6.71 2.40 20.74
C ASP A 311 6.43 3.45 19.65
N ALA A 312 5.51 3.13 18.75
CA ALA A 312 5.15 4.05 17.66
C ALA A 312 4.51 5.35 18.12
N ASP A 313 4.82 6.45 17.44
CA ASP A 313 4.22 7.74 17.77
C ASP A 313 3.32 8.21 16.61
N LEU A 314 3.72 7.89 15.39
CA LEU A 314 2.89 8.23 14.21
C LEU A 314 2.70 6.96 13.39
N VAL A 315 1.47 6.70 12.94
CA VAL A 315 1.20 5.53 12.12
C VAL A 315 0.67 6.01 10.78
N ILE A 316 1.50 5.92 9.75
CA ILE A 316 1.15 6.35 8.37
C ILE A 316 1.00 5.11 7.48
N VAL A 317 -0.18 4.92 6.86
CA VAL A 317 -0.40 3.76 6.01
C VAL A 317 -0.62 4.26 4.58
N GLU A 318 0.23 3.81 3.66
CA GLU A 318 0.17 4.27 2.27
C GLU A 318 -0.54 3.36 1.27
N GLY A 319 -1.28 3.99 0.35
CA GLY A 319 -1.94 3.23 -0.69
C GLY A 319 -3.41 2.90 -0.58
N MET A 320 -4.00 2.53 -1.71
CA MET A 320 -5.42 2.19 -1.77
C MET A 320 -5.76 0.76 -1.36
N GLY A 321 -4.77 -0.10 -1.28
CA GLY A 321 -5.08 -1.46 -0.88
C GLY A 321 -5.00 -1.64 0.63
N ARG A 322 -3.85 -1.28 1.18
CA ARG A 322 -3.59 -1.41 2.61
C ARG A 322 -4.11 -0.24 3.43
N GLY A 323 -4.25 0.92 2.77
CA GLY A 323 -4.68 2.12 3.45
C GLY A 323 -6.02 2.69 3.04
N ILE A 324 -6.59 2.18 1.95
CA ILE A 324 -7.89 2.71 1.50
C ILE A 324 -8.96 1.61 1.42
N GLU A 325 -8.62 0.46 0.83
CA GLU A 325 -9.59 -0.65 0.75
C GLU A 325 -9.61 -1.36 2.09
N THR A 326 -8.57 -1.11 2.88
CA THR A 326 -8.50 -1.61 4.25
C THR A 326 -8.03 -0.45 5.10
N ASN A 327 -8.33 -0.52 6.40
CA ASN A 327 -7.89 0.43 7.40
C ASN A 327 -8.22 1.91 7.34
N LEU A 328 -8.81 2.39 6.24
CA LEU A 328 -9.14 3.82 6.17
C LEU A 328 -9.74 4.40 7.46
N TYR A 329 -10.66 3.66 8.09
CA TYR A 329 -11.28 4.13 9.33
C TYR A 329 -10.72 3.46 10.57
N ALA A 330 -9.54 2.82 10.47
CA ALA A 330 -8.97 2.17 11.65
C ALA A 330 -8.67 3.20 12.73
N GLN A 331 -8.83 2.78 13.97
CA GLN A 331 -8.55 3.64 15.11
C GLN A 331 -7.20 3.28 15.68
N PHE A 332 -6.43 4.29 16.07
CA PHE A 332 -5.11 4.07 16.64
C PHE A 332 -4.96 4.84 17.94
N LYS A 333 -4.32 4.24 18.95
CA LYS A 333 -4.13 4.94 20.22
C LYS A 333 -3.11 6.04 20.02
N CYS A 334 -2.66 6.23 18.78
CA CYS A 334 -1.64 7.22 18.47
C CYS A 334 -2.01 8.02 17.21
N ASP A 335 -1.06 8.83 16.76
CA ASP A 335 -1.29 9.63 15.55
C ASP A 335 -1.27 8.75 14.33
N SER A 336 -2.21 8.97 13.42
CA SER A 336 -2.25 8.14 12.23
C SER A 336 -2.57 8.94 10.98
N LEU A 337 -2.05 8.44 9.86
CA LEU A 337 -2.23 9.04 8.55
C LEU A 337 -2.37 7.94 7.48
N LYS A 338 -3.49 7.94 6.75
CA LYS A 338 -3.70 7.00 5.65
C LYS A 338 -3.59 7.88 4.42
N ILE A 339 -2.66 7.52 3.55
CA ILE A 339 -2.41 8.33 2.36
C ILE A 339 -2.29 7.47 1.09
N GLY A 340 -3.16 7.72 0.12
CA GLY A 340 -3.05 6.93 -1.11
C GLY A 340 -3.85 7.52 -2.23
N MET A 341 -3.58 7.03 -3.44
CA MET A 341 -4.30 7.47 -4.64
C MET A 341 -5.43 6.50 -4.97
N VAL A 342 -6.62 7.03 -5.27
CA VAL A 342 -7.79 6.21 -5.60
C VAL A 342 -7.72 5.73 -7.05
N LYS A 343 -7.66 4.42 -7.25
CA LYS A 343 -7.55 3.85 -8.60
C LYS A 343 -8.79 3.09 -9.10
N HIS A 344 -9.68 2.71 -8.19
CA HIS A 344 -10.93 2.02 -8.56
C HIS A 344 -12.08 3.02 -8.58
N LEU A 345 -13.03 2.81 -9.49
CA LEU A 345 -14.21 3.69 -9.58
C LEU A 345 -15.12 3.49 -8.38
N GLU A 346 -15.28 2.22 -7.98
CA GLU A 346 -16.13 1.85 -6.85
C GLU A 346 -15.64 2.60 -5.62
N VAL A 347 -14.33 2.50 -5.38
CA VAL A 347 -13.72 3.18 -4.24
C VAL A 347 -14.00 4.69 -4.34
N ALA A 348 -13.67 5.28 -5.50
CA ALA A 348 -13.93 6.70 -5.70
C ALA A 348 -15.40 6.96 -5.42
N GLU A 349 -16.26 6.06 -5.90
CA GLU A 349 -17.70 6.21 -5.70
C GLU A 349 -18.05 6.05 -4.22
N PHE A 350 -17.41 5.09 -3.56
CA PHE A 350 -17.64 4.85 -2.13
C PHE A 350 -17.29 6.10 -1.32
N LEU A 351 -16.28 6.84 -1.75
CA LEU A 351 -15.82 8.04 -1.04
C LEU A 351 -16.43 9.34 -1.55
N GLY A 352 -17.15 9.26 -2.65
CA GLY A 352 -17.74 10.45 -3.25
C GLY A 352 -16.64 11.28 -3.90
N GLY A 353 -15.62 10.61 -4.42
CA GLY A 353 -14.52 11.31 -5.05
C GLY A 353 -14.30 11.05 -6.53
N ARG A 354 -13.20 11.57 -7.05
CA ARG A 354 -12.81 11.45 -8.46
C ARG A 354 -11.86 10.27 -8.66
N LEU A 355 -11.76 9.77 -9.89
CA LEU A 355 -10.79 8.72 -10.14
C LEU A 355 -9.46 9.47 -9.99
N TYR A 356 -8.47 8.83 -9.38
CA TYR A 356 -7.15 9.43 -9.14
C TYR A 356 -7.19 10.52 -8.08
N ASP A 357 -8.23 10.52 -7.25
CA ASP A 357 -8.33 11.51 -6.18
C ASP A 357 -7.21 11.20 -5.18
N CYS A 358 -6.93 12.15 -4.31
CA CYS A 358 -5.88 11.96 -3.30
C CYS A 358 -6.49 11.79 -1.92
N VAL A 359 -6.03 10.79 -1.17
CA VAL A 359 -6.55 10.59 0.17
C VAL A 359 -5.43 10.91 1.14
N PHE A 360 -5.71 11.85 2.05
CA PHE A 360 -4.76 12.28 3.09
C PHE A 360 -5.64 12.39 4.34
N LYS A 361 -5.80 11.27 5.05
CA LYS A 361 -6.66 11.25 6.23
C LYS A 361 -5.83 11.16 7.50
N PHE A 362 -5.84 12.24 8.26
CA PHE A 362 -5.08 12.35 9.50
C PHE A 362 -5.97 12.39 10.73
N ASN A 363 -5.62 11.57 11.73
CA ASN A 363 -6.35 11.49 12.99
C ASN A 363 -5.32 11.52 14.12
N GLU A 364 -5.37 12.56 14.93
CA GLU A 364 -4.40 12.73 16.03
C GLU A 364 -4.76 11.98 17.30
N VAL A 365 -3.81 11.95 18.23
CA VAL A 365 -3.96 11.30 19.53
C VAL A 365 -3.92 9.78 19.45
MG MG B . -0.25 -1.14 -4.02
MG MG C . -6.56 -4.60 -4.64
N GLU A 6 1.85 -17.07 16.23
CA GLU A 6 2.96 -16.51 15.39
C GLU A 6 2.71 -15.04 15.12
N MET A 7 1.59 -14.74 14.48
CA MET A 7 1.21 -13.37 14.17
C MET A 7 0.52 -12.72 15.36
N VAL A 8 0.80 -11.45 15.57
CA VAL A 8 0.21 -10.70 16.68
C VAL A 8 -0.40 -9.40 16.16
N PRO A 9 -1.33 -8.81 16.90
CA PRO A 9 -2.01 -7.55 16.54
C PRO A 9 -1.08 -6.35 16.56
N PHE A 10 -1.14 -5.52 15.52
CA PHE A 10 -0.32 -4.32 15.44
C PHE A 10 -0.50 -3.61 16.80
N PRO A 11 0.62 -3.31 17.50
CA PRO A 11 0.55 -2.66 18.82
C PRO A 11 -0.17 -1.33 18.96
N GLN A 12 -0.35 -0.59 17.86
CA GLN A 12 -1.02 0.68 17.95
C GLN A 12 -2.54 0.62 17.80
N LEU A 13 -3.09 -0.59 17.71
CA LEU A 13 -4.55 -0.74 17.64
C LEU A 13 -5.10 -0.81 19.07
N PRO A 14 -5.95 0.14 19.46
CA PRO A 14 -6.52 0.14 20.81
C PRO A 14 -7.22 -1.17 21.11
N MET A 15 -6.94 -1.74 22.28
CA MET A 15 -7.54 -3.01 22.69
C MET A 15 -8.90 -2.73 23.34
N PRO A 16 -9.85 -3.68 23.25
CA PRO A 16 -9.75 -5.00 22.59
C PRO A 16 -9.87 -4.85 21.07
N ILE A 17 -9.32 -5.81 20.33
CA ILE A 17 -9.36 -5.79 18.87
C ILE A 17 -10.08 -7.00 18.26
N GLU A 18 -10.15 -8.09 19.02
CA GLU A 18 -10.82 -9.30 18.56
C GLU A 18 -12.21 -8.99 18.03
N ASN A 19 -12.47 -9.41 16.79
CA ASN A 19 -13.75 -9.18 16.14
C ASN A 19 -14.05 -7.70 15.95
N ASN A 20 -13.54 -6.86 16.85
CA ASN A 20 -13.74 -5.42 16.75
C ASN A 20 -13.15 -4.97 15.44
N TYR A 21 -11.89 -4.54 15.45
CA TYR A 21 -11.19 -4.11 14.24
C TYR A 21 -11.64 -5.00 13.07
N ARG A 22 -12.03 -4.37 11.97
CA ARG A 22 -12.44 -5.10 10.78
C ARG A 22 -11.67 -4.40 9.66
N ALA A 23 -10.60 -5.04 9.22
CA ALA A 23 -9.72 -4.48 8.19
C ALA A 23 -10.39 -3.92 6.93
N CYS A 24 -11.22 -4.75 6.29
CA CYS A 24 -11.90 -4.36 5.05
C CYS A 24 -12.88 -3.23 5.24
N THR A 25 -12.70 -2.17 4.44
CA THR A 25 -13.54 -0.99 4.54
C THR A 25 -14.90 -1.15 3.89
N ILE A 26 -14.96 -0.85 2.60
CA ILE A 26 -16.22 -0.93 1.86
C ILE A 26 -16.96 -2.24 2.14
N PRO A 27 -18.09 -2.17 2.87
CA PRO A 27 -18.88 -3.37 3.21
C PRO A 27 -19.53 -3.96 1.96
N TYR A 28 -19.68 -5.28 1.92
CA TYR A 28 -20.29 -5.94 0.76
C TYR A 28 -21.70 -6.45 1.06
N ARG A 29 -21.91 -6.84 2.31
CA ARG A 29 -23.19 -7.43 2.73
C ARG A 29 -23.45 -7.26 4.22
N PHE A 30 -24.73 -7.33 4.61
CA PHE A 30 -25.11 -7.23 6.02
C PHE A 30 -25.66 -8.62 6.36
N PRO A 31 -25.54 -9.07 7.62
CA PRO A 31 -26.06 -10.39 7.99
C PRO A 31 -27.54 -10.60 7.65
N SER A 32 -28.24 -9.52 7.31
CA SER A 32 -29.66 -9.62 6.99
C SER A 32 -30.01 -9.88 5.53
N ASP A 33 -29.02 -9.83 4.63
CA ASP A 33 -29.29 -10.08 3.22
C ASP A 33 -29.46 -11.57 2.96
N ASP A 34 -30.17 -11.90 1.89
CA ASP A 34 -30.38 -13.31 1.51
C ASP A 34 -29.01 -13.95 1.48
N PRO A 35 -28.78 -14.98 2.31
CA PRO A 35 -27.46 -15.62 2.31
C PRO A 35 -27.10 -16.55 1.15
N LYS A 36 -28.05 -16.83 0.26
CA LYS A 36 -27.79 -17.72 -0.87
C LYS A 36 -27.76 -16.98 -2.22
N LYS A 37 -27.75 -15.66 -2.16
CA LYS A 37 -27.72 -14.84 -3.37
C LYS A 37 -26.66 -13.75 -3.23
N ALA A 38 -25.76 -13.64 -4.21
CA ALA A 38 -24.73 -12.62 -4.13
C ALA A 38 -25.33 -11.22 -4.14
N THR A 39 -24.82 -10.35 -3.27
CA THR A 39 -25.30 -8.96 -3.17
C THR A 39 -24.68 -8.08 -4.25
N PRO A 40 -25.25 -6.88 -4.46
CA PRO A 40 -24.72 -5.96 -5.48
C PRO A 40 -23.25 -5.57 -5.28
N ASN A 41 -22.85 -5.34 -4.03
CA ASN A 41 -21.46 -4.99 -3.79
C ASN A 41 -20.57 -6.21 -4.00
N GLU A 42 -21.09 -7.40 -3.77
CA GLU A 42 -20.28 -8.58 -4.01
C GLU A 42 -20.09 -8.77 -5.51
N ILE A 43 -21.20 -8.71 -6.27
CA ILE A 43 -21.10 -8.89 -7.71
C ILE A 43 -20.23 -7.80 -8.32
N SER A 44 -20.46 -6.56 -7.90
CA SER A 44 -19.67 -5.45 -8.41
C SER A 44 -18.19 -5.62 -8.12
N TRP A 45 -17.86 -6.03 -6.90
CA TRP A 45 -16.47 -6.20 -6.55
C TRP A 45 -15.82 -7.43 -7.14
N ILE A 46 -16.59 -8.50 -7.31
CA ILE A 46 -16.05 -9.71 -7.93
C ILE A 46 -15.66 -9.30 -9.36
N ASN A 47 -16.48 -8.47 -10.00
CA ASN A 47 -16.18 -8.00 -11.36
C ASN A 47 -14.84 -7.24 -11.37
N VAL A 48 -14.60 -6.38 -10.40
CA VAL A 48 -13.32 -5.66 -10.35
C VAL A 48 -12.19 -6.69 -10.44
N PHE A 49 -12.24 -7.71 -9.59
CA PHE A 49 -11.19 -8.72 -9.62
C PHE A 49 -11.19 -9.52 -10.92
N ALA A 50 -12.37 -9.73 -11.51
CA ALA A 50 -12.42 -10.46 -12.78
C ALA A 50 -11.75 -9.62 -13.88
N ASN A 51 -11.87 -8.30 -13.77
CA ASN A 51 -11.26 -7.43 -14.78
C ASN A 51 -9.74 -7.32 -14.59
N SER A 52 -9.21 -7.91 -13.53
CA SER A 52 -7.77 -7.89 -13.29
C SER A 52 -7.10 -9.10 -13.92
N ILE A 53 -7.89 -10.06 -14.36
CA ILE A 53 -7.35 -11.29 -14.93
C ILE A 53 -6.52 -11.10 -16.21
N PRO A 54 -7.00 -10.27 -17.15
CA PRO A 54 -6.18 -10.11 -18.36
C PRO A 54 -4.76 -9.61 -18.09
N SER A 55 -4.63 -8.65 -17.16
CA SER A 55 -3.33 -8.09 -16.82
C SER A 55 -2.45 -9.12 -16.13
N PHE A 56 -2.97 -9.78 -15.10
CA PHE A 56 -2.22 -10.82 -14.40
C PHE A 56 -1.84 -11.96 -15.37
N LYS A 57 -2.78 -12.41 -16.20
CA LYS A 57 -2.47 -13.48 -17.16
C LYS A 57 -1.37 -13.03 -18.11
N LYS A 58 -1.59 -11.91 -18.82
CA LYS A 58 -0.61 -11.39 -19.77
C LYS A 58 0.76 -11.27 -19.10
N ARG A 59 0.74 -10.86 -17.84
CA ARG A 59 1.97 -10.71 -17.11
C ARG A 59 2.52 -12.09 -16.75
N ALA A 60 1.62 -13.01 -16.41
CA ALA A 60 2.05 -14.36 -16.03
C ALA A 60 2.61 -15.16 -17.20
N GLU A 61 1.95 -15.07 -18.35
CA GLU A 61 2.38 -15.81 -19.52
C GLU A 61 3.76 -15.43 -20.03
N SER A 62 4.17 -14.20 -19.78
CA SER A 62 5.48 -13.77 -20.24
C SER A 62 6.57 -13.93 -19.18
N ASP A 63 6.22 -14.59 -18.08
CA ASP A 63 7.18 -14.82 -17.01
C ASP A 63 8.09 -15.95 -17.48
N ILE A 64 9.13 -15.58 -18.23
CA ILE A 64 10.06 -16.55 -18.79
C ILE A 64 10.78 -17.40 -17.76
N THR A 65 10.81 -16.95 -16.51
CA THR A 65 11.49 -17.72 -15.48
C THR A 65 10.68 -18.97 -15.21
N VAL A 66 9.46 -18.99 -15.72
CA VAL A 66 8.58 -20.13 -15.54
C VAL A 66 8.51 -20.89 -16.87
N PRO A 67 8.84 -22.19 -16.84
CA PRO A 67 8.80 -22.95 -18.08
C PRO A 67 7.36 -23.24 -18.49
N ASP A 68 7.04 -22.99 -19.76
CA ASP A 68 5.68 -23.26 -20.25
C ASP A 68 4.70 -22.30 -19.56
N ALA A 69 5.17 -21.08 -19.31
CA ALA A 69 4.37 -20.05 -18.66
C ALA A 69 3.00 -19.83 -19.33
N PRO A 70 2.97 -19.72 -20.66
CA PRO A 70 1.70 -19.50 -21.37
C PRO A 70 0.57 -20.46 -21.00
N ALA A 71 0.86 -21.77 -20.94
CA ALA A 71 -0.16 -22.75 -20.59
C ALA A 71 -0.59 -22.56 -19.14
N ARG A 72 0.39 -22.31 -18.28
CA ARG A 72 0.11 -22.12 -16.86
C ARG A 72 -0.71 -20.85 -16.61
N ALA A 73 -0.49 -19.84 -17.44
CA ALA A 73 -1.22 -18.57 -17.31
C ALA A 73 -2.66 -18.71 -17.78
N GLU A 74 -2.87 -19.51 -18.82
CA GLU A 74 -4.22 -19.73 -19.33
C GLU A 74 -5.01 -20.46 -18.25
N LYS A 75 -4.33 -21.38 -17.56
CA LYS A 75 -4.97 -22.14 -16.47
C LYS A 75 -5.37 -21.17 -15.36
N PHE A 76 -4.49 -20.19 -15.09
CA PHE A 76 -4.76 -19.18 -14.05
C PHE A 76 -6.05 -18.44 -14.38
N ALA A 77 -6.08 -17.81 -15.54
CA ALA A 77 -7.25 -17.05 -15.96
C ALA A 77 -8.50 -17.90 -15.83
N GLU A 78 -8.41 -19.14 -16.31
CA GLU A 78 -9.53 -20.08 -16.27
C GLU A 78 -9.95 -20.40 -14.86
N ARG A 79 -9.00 -20.80 -14.02
CA ARG A 79 -9.29 -21.15 -12.63
C ARG A 79 -9.81 -19.98 -11.83
N TYR A 80 -9.21 -18.81 -12.04
CA TYR A 80 -9.63 -17.62 -11.28
C TYR A 80 -11.05 -17.23 -11.66
N ALA A 81 -11.35 -17.25 -12.95
CA ALA A 81 -12.69 -16.92 -13.41
C ALA A 81 -13.70 -17.88 -12.79
N GLY A 82 -13.45 -19.18 -12.92
CA GLY A 82 -14.37 -20.17 -12.36
C GLY A 82 -14.71 -19.89 -10.90
N ILE A 83 -13.70 -19.57 -10.11
CA ILE A 83 -13.85 -19.28 -8.69
C ILE A 83 -14.74 -18.05 -8.52
N LEU A 84 -14.40 -16.98 -9.22
CA LEU A 84 -15.19 -15.77 -9.13
C LEU A 84 -16.64 -16.02 -9.59
N GLU A 85 -16.80 -16.88 -10.61
CA GLU A 85 -18.15 -17.23 -11.08
C GLU A 85 -18.88 -18.05 -10.03
N ASP A 86 -18.15 -18.89 -9.30
CA ASP A 86 -18.77 -19.69 -8.25
C ASP A 86 -19.26 -18.77 -7.11
N LEU A 87 -18.45 -17.76 -6.79
CA LEU A 87 -18.82 -16.81 -5.73
C LEU A 87 -20.10 -16.04 -6.08
N LYS A 88 -20.35 -15.81 -7.37
CA LYS A 88 -21.58 -15.13 -7.78
C LYS A 88 -22.78 -16.06 -7.58
N LYS A 89 -22.56 -17.36 -7.76
CA LYS A 89 -23.65 -18.34 -7.61
C LYS A 89 -23.81 -18.90 -6.20
N ASP A 90 -22.81 -18.70 -5.35
CA ASP A 90 -22.86 -19.22 -3.98
C ASP A 90 -21.89 -18.46 -3.09
N PRO A 91 -22.36 -17.38 -2.46
CA PRO A 91 -21.54 -16.54 -1.57
C PRO A 91 -20.75 -17.33 -0.52
N GLU A 92 -21.24 -18.52 -0.15
CA GLU A 92 -20.57 -19.32 0.87
C GLU A 92 -19.47 -20.21 0.30
N SER A 93 -19.31 -20.21 -1.02
CA SER A 93 -18.28 -21.04 -1.64
C SER A 93 -16.89 -20.41 -1.53
N HIS A 94 -15.87 -21.21 -1.85
CA HIS A 94 -14.49 -20.75 -1.84
C HIS A 94 -14.02 -19.93 -0.63
N GLY A 95 -14.65 -20.17 0.52
CA GLY A 95 -14.29 -19.45 1.73
C GLY A 95 -15.14 -18.23 2.04
N GLY A 96 -16.12 -17.96 1.18
CA GLY A 96 -17.00 -16.81 1.36
C GLY A 96 -17.87 -16.81 2.60
N PRO A 97 -18.68 -15.75 2.82
CA PRO A 97 -18.85 -14.54 2.02
C PRO A 97 -17.54 -13.84 1.69
N PRO A 98 -17.42 -13.31 0.47
CA PRO A 98 -16.15 -12.66 0.14
C PRO A 98 -15.97 -11.22 0.63
N ASP A 99 -14.71 -10.78 0.51
CA ASP A 99 -14.29 -9.42 0.83
C ASP A 99 -13.03 -9.20 0.03
N GLY A 100 -12.47 -7.99 0.07
CA GLY A 100 -11.28 -7.71 -0.70
C GLY A 100 -10.12 -8.63 -0.35
N ILE A 101 -9.93 -8.88 0.95
CA ILE A 101 -8.86 -9.74 1.37
C ILE A 101 -8.99 -11.13 0.75
N LEU A 102 -10.21 -11.64 0.64
CA LEU A 102 -10.39 -12.97 0.06
C LEU A 102 -10.23 -12.93 -1.48
N LEU A 103 -10.89 -11.99 -2.13
CA LEU A 103 -10.82 -11.89 -3.58
C LEU A 103 -9.42 -11.70 -4.15
N CYS A 104 -8.57 -10.97 -3.43
CA CYS A 104 -7.20 -10.75 -3.90
C CYS A 104 -6.34 -11.96 -3.49
N ARG A 105 -6.70 -12.63 -2.40
CA ARG A 105 -5.89 -13.77 -1.97
C ARG A 105 -6.12 -14.97 -2.88
N LEU A 106 -7.36 -15.17 -3.31
CA LEU A 106 -7.68 -16.25 -4.22
C LEU A 106 -6.92 -16.02 -5.52
N ARG A 107 -6.74 -14.76 -5.90
CA ARG A 107 -6.03 -14.46 -7.13
C ARG A 107 -4.57 -14.81 -7.02
N GLU A 108 -4.01 -14.68 -5.82
CA GLU A 108 -2.61 -15.00 -5.59
C GLU A 108 -2.37 -16.50 -5.47
N GLN A 109 -3.25 -17.18 -4.75
CA GLN A 109 -3.08 -18.62 -4.55
C GLN A 109 -3.21 -19.40 -5.84
N VAL A 110 -4.08 -18.95 -6.74
CA VAL A 110 -4.23 -19.66 -8.00
C VAL A 110 -2.90 -19.54 -8.76
N LEU A 111 -2.32 -18.34 -8.76
CA LEU A 111 -1.05 -18.10 -9.43
C LEU A 111 0.11 -18.87 -8.79
N ARG A 112 0.16 -18.87 -7.47
CA ARG A 112 1.24 -19.55 -6.77
C ARG A 112 1.08 -21.06 -6.92
N GLU A 113 -0.15 -21.53 -6.83
CA GLU A 113 -0.38 -22.97 -6.96
C GLU A 113 -0.03 -23.49 -8.33
N LEU A 114 0.18 -22.57 -9.26
CA LEU A 114 0.57 -22.91 -10.62
C LEU A 114 2.05 -22.71 -10.86
N GLY A 115 2.77 -22.35 -9.80
CA GLY A 115 4.21 -22.18 -9.92
C GLY A 115 4.71 -20.77 -10.15
N PHE A 116 3.81 -19.79 -10.15
CA PHE A 116 4.22 -18.40 -10.34
C PHE A 116 4.53 -17.85 -8.95
N ARG A 117 5.66 -17.14 -8.83
CA ARG A 117 6.05 -16.58 -7.53
C ARG A 117 6.13 -15.07 -7.55
N ASP A 118 6.46 -14.50 -8.70
CA ASP A 118 6.53 -13.04 -8.83
C ASP A 118 6.61 -12.67 -10.29
N ILE A 119 5.44 -12.61 -10.95
CA ILE A 119 5.45 -12.29 -12.37
C ILE A 119 5.91 -10.85 -12.61
N PHE A 120 5.79 -9.97 -11.60
CA PHE A 120 6.22 -8.59 -11.76
C PHE A 120 7.69 -8.35 -11.39
N LYS A 121 8.45 -9.41 -11.16
CA LYS A 121 9.82 -9.23 -10.73
C LYS A 121 10.69 -8.38 -11.65
N LYS A 122 10.66 -8.66 -12.94
CA LYS A 122 11.48 -7.89 -13.87
C LYS A 122 11.01 -6.43 -13.98
N VAL A 123 9.69 -6.23 -14.09
CA VAL A 123 9.14 -4.88 -14.22
C VAL A 123 9.44 -4.06 -12.96
N LYS A 124 9.46 -4.74 -11.82
CA LYS A 124 9.79 -4.08 -10.55
C LYS A 124 11.25 -3.63 -10.59
N ASP A 125 12.17 -4.59 -10.66
CA ASP A 125 13.59 -4.26 -10.70
C ASP A 125 13.89 -3.14 -11.70
N GLU A 126 13.20 -3.17 -12.84
CA GLU A 126 13.40 -2.14 -13.87
C GLU A 126 12.97 -0.77 -13.38
N GLU A 127 11.83 -0.72 -12.70
CA GLU A 127 11.33 0.54 -12.19
C GLU A 127 12.13 1.08 -11.02
N ASN A 128 12.74 0.18 -10.23
CA ASN A 128 13.53 0.63 -9.10
C ASN A 128 14.80 1.30 -9.61
N ALA A 129 15.38 0.70 -10.65
CA ALA A 129 16.60 1.24 -11.25
C ALA A 129 16.36 2.62 -11.86
N LYS A 130 15.26 2.77 -12.59
CA LYS A 130 14.93 4.05 -13.22
C LYS A 130 14.57 5.12 -12.20
N ALA A 131 14.27 4.71 -10.97
CA ALA A 131 13.93 5.66 -9.92
C ALA A 131 15.16 6.02 -9.08
N ILE A 132 15.97 5.03 -8.77
CA ILE A 132 17.18 5.22 -7.96
C ILE A 132 18.13 6.32 -8.49
N SER A 133 18.16 6.49 -9.82
CA SER A 133 19.03 7.50 -10.44
C SER A 133 18.50 8.94 -10.39
N LEU A 134 17.25 9.12 -9.94
CA LEU A 134 16.63 10.43 -9.84
C LEU A 134 16.52 10.87 -8.38
N PHE A 135 16.88 9.96 -7.48
CA PHE A 135 16.78 10.23 -6.05
C PHE A 135 17.47 11.56 -5.66
N PRO A 136 18.68 11.82 -6.18
CA PRO A 136 19.27 13.10 -5.77
C PRO A 136 18.51 14.30 -6.34
N GLN A 137 18.14 14.20 -7.62
CA GLN A 137 17.42 15.24 -8.33
C GLN A 137 16.12 15.62 -7.60
N VAL A 138 15.28 14.62 -7.35
CA VAL A 138 14.01 14.84 -6.67
C VAL A 138 14.23 15.38 -5.25
N VAL A 139 15.15 14.77 -4.52
CA VAL A 139 15.48 15.23 -3.17
C VAL A 139 16.01 16.67 -3.23
N SER A 140 16.81 16.96 -4.26
CA SER A 140 17.34 18.32 -4.41
C SER A 140 16.22 19.34 -4.51
N LEU A 141 15.20 19.00 -5.29
CA LEU A 141 14.05 19.87 -5.50
C LEU A 141 13.32 20.16 -4.18
N SER A 142 13.28 19.18 -3.28
CA SER A 142 12.61 19.39 -2.01
C SER A 142 13.51 20.06 -0.96
N ASP A 143 14.75 19.61 -0.85
CA ASP A 143 15.69 20.16 0.13
C ASP A 143 15.89 21.67 -0.04
N ALA A 144 15.71 22.14 -1.28
CA ALA A 144 15.90 23.56 -1.59
C ALA A 144 14.67 24.42 -1.34
N ILE A 145 13.68 23.84 -0.67
CA ILE A 145 12.46 24.56 -0.32
C ILE A 145 12.65 25.17 1.07
N GLU A 146 12.78 26.50 1.12
CA GLU A 146 13.00 27.24 2.36
C GLU A 146 12.00 26.94 3.48
N ASP A 147 10.72 27.14 3.23
CA ASP A 147 9.71 26.92 4.25
C ASP A 147 9.52 25.43 4.50
N ASP A 148 9.67 25.01 5.76
CA ASP A 148 9.52 23.60 6.11
C ASP A 148 8.14 23.04 5.80
N GLY A 149 7.11 23.86 5.96
CA GLY A 149 5.76 23.40 5.69
C GLY A 149 5.55 23.12 4.20
N LYS A 150 6.00 24.04 3.36
CA LYS A 150 5.86 23.85 1.92
C LYS A 150 6.70 22.66 1.45
N ARG A 151 7.82 22.39 2.12
CA ARG A 151 8.62 21.24 1.73
C ARG A 151 7.84 19.97 2.03
N LEU A 152 6.99 20.05 3.04
CA LEU A 152 6.15 18.92 3.42
C LEU A 152 5.12 18.69 2.33
N GLU A 153 4.40 19.76 1.97
CA GLU A 153 3.38 19.63 0.94
C GLU A 153 3.99 19.07 -0.36
N ASN A 154 5.26 19.39 -0.60
CA ASN A 154 5.92 18.91 -1.80
C ASN A 154 6.25 17.42 -1.67
N LEU A 155 6.63 16.98 -0.47
CA LEU A 155 6.93 15.55 -0.26
C LEU A 155 5.66 14.72 -0.27
N VAL A 156 4.57 15.29 0.23
CA VAL A 156 3.26 14.60 0.21
C VAL A 156 2.78 14.49 -1.24
N ARG A 157 2.84 15.59 -2.00
CA ARG A 157 2.43 15.50 -3.39
C ARG A 157 3.30 14.47 -4.12
N GLY A 158 4.54 14.28 -3.65
CA GLY A 158 5.41 13.29 -4.25
C GLY A 158 4.97 11.87 -3.91
N ILE A 159 4.35 11.68 -2.75
CA ILE A 159 3.88 10.36 -2.37
C ILE A 159 2.66 10.01 -3.23
N PHE A 160 1.77 10.97 -3.42
CA PHE A 160 0.60 10.74 -4.26
C PHE A 160 0.99 10.40 -5.70
N ALA A 161 1.89 11.20 -6.29
CA ALA A 161 2.33 10.99 -7.66
C ALA A 161 2.90 9.59 -7.84
N GLY A 162 4.03 9.30 -7.19
CA GLY A 162 4.65 7.99 -7.32
C GLY A 162 3.72 6.84 -7.02
N ASN A 163 2.68 7.06 -6.22
CA ASN A 163 1.75 5.98 -5.88
C ASN A 163 0.90 5.67 -7.12
N ILE A 164 0.96 6.56 -8.11
CA ILE A 164 0.24 6.37 -9.37
C ILE A 164 1.19 6.29 -10.58
N PHE A 165 2.45 6.69 -10.40
CA PHE A 165 3.41 6.64 -11.50
C PHE A 165 4.12 5.29 -11.53
N MET A 181 6.25 13.58 -19.86
CA MET A 181 5.72 12.69 -18.84
C MET A 181 6.84 12.15 -17.94
N SER A 182 6.65 12.25 -16.63
CA SER A 182 7.63 11.77 -15.66
C SER A 182 7.09 11.88 -14.26
N PHE A 183 7.79 11.29 -13.30
CA PHE A 183 7.38 11.35 -11.91
C PHE A 183 7.22 12.82 -11.51
N LEU A 184 8.23 13.64 -11.80
CA LEU A 184 8.14 15.06 -11.44
C LEU A 184 6.94 15.74 -12.12
N ALA A 185 6.61 15.30 -13.33
CA ALA A 185 5.47 15.88 -14.05
C ALA A 185 4.18 15.52 -13.29
N SER A 186 4.02 14.24 -12.98
CA SER A 186 2.82 13.79 -12.27
C SER A 186 2.63 14.54 -10.95
N CYS A 187 3.72 14.88 -10.28
CA CYS A 187 3.63 15.64 -9.03
C CYS A 187 2.86 16.92 -9.29
N GLN A 188 2.82 17.34 -10.55
CA GLN A 188 2.16 18.57 -10.94
C GLN A 188 0.73 18.39 -11.43
N ASN A 189 0.37 17.18 -11.85
CA ASN A 189 -0.98 16.93 -12.35
C ASN A 189 -1.92 16.14 -11.44
N LEU A 190 -1.91 16.44 -10.15
CA LEU A 190 -2.81 15.78 -9.21
C LEU A 190 -4.16 16.48 -9.23
N VAL A 191 -5.24 15.75 -8.97
CA VAL A 191 -6.56 16.38 -8.96
C VAL A 191 -6.54 17.57 -7.98
N PRO A 192 -7.26 18.65 -8.30
CA PRO A 192 -7.28 19.82 -7.43
C PRO A 192 -7.89 19.60 -6.05
N ARG A 193 -7.50 20.44 -5.09
CA ARG A 193 -8.02 20.34 -3.74
C ARG A 193 -9.29 21.21 -3.64
N PRO A 194 -10.15 20.92 -2.65
CA PRO A 194 -10.07 19.90 -1.62
C PRO A 194 -10.03 18.47 -2.18
N TRP A 195 -9.50 17.55 -1.39
CA TRP A 195 -9.40 16.15 -1.81
C TRP A 195 -10.59 15.34 -1.30
N VAL A 196 -10.71 14.08 -1.74
CA VAL A 196 -11.84 13.27 -1.32
C VAL A 196 -11.80 13.03 0.19
N ILE A 197 -10.69 13.45 0.79
CA ILE A 197 -10.39 13.42 2.23
C ILE A 197 -9.13 14.27 2.31
N ASP A 198 -9.22 15.42 2.96
CA ASP A 198 -8.09 16.35 3.01
C ASP A 198 -7.83 16.87 4.43
N ASP A 199 -6.81 16.32 5.08
CA ASP A 199 -6.45 16.73 6.44
C ASP A 199 -5.01 17.22 6.51
N LEU A 200 -4.47 17.65 5.38
CA LEU A 200 -3.08 18.10 5.31
C LEU A 200 -2.77 19.39 6.09
N GLU A 201 -3.75 20.27 6.23
CA GLU A 201 -3.53 21.51 6.98
C GLU A 201 -3.35 21.17 8.44
N ASN A 202 -4.25 20.36 8.98
CA ASN A 202 -4.17 19.97 10.38
C ASN A 202 -2.91 19.18 10.66
N PHE A 203 -2.40 18.51 9.62
CA PHE A 203 -1.21 17.70 9.77
C PHE A 203 0.05 18.53 9.64
N GLN A 204 0.03 19.50 8.73
CA GLN A 204 1.18 20.35 8.49
C GLN A 204 1.43 21.19 9.74
N ALA A 205 0.37 21.48 10.49
CA ALA A 205 0.49 22.25 11.72
C ALA A 205 1.29 21.46 12.74
N LYS A 206 0.82 20.27 13.12
CA LYS A 206 1.54 19.47 14.11
C LYS A 206 2.96 19.16 13.66
N TRP A 207 3.13 19.01 12.35
CA TRP A 207 4.43 18.72 11.77
C TRP A 207 5.43 19.83 12.12
N ILE A 208 4.93 21.06 12.30
CA ILE A 208 5.80 22.18 12.65
C ILE A 208 6.28 22.06 14.09
N ASN A 209 5.66 21.15 14.85
CA ASN A 209 6.04 20.92 16.25
C ASN A 209 7.02 19.77 16.38
N LYS A 210 7.14 18.95 15.33
CA LYS A 210 8.04 17.81 15.30
C LYS A 210 8.07 17.05 16.63
N SER A 211 6.90 16.56 17.01
CA SER A 211 6.72 15.82 18.26
C SER A 211 6.73 14.30 18.05
N TRP A 212 6.88 13.86 16.80
CA TRP A 212 6.92 12.43 16.50
C TRP A 212 8.35 11.93 16.48
N LYS A 213 8.60 10.80 17.13
CA LYS A 213 9.94 10.24 17.17
C LYS A 213 9.98 8.77 16.77
N LYS A 214 8.81 8.19 16.52
CA LYS A 214 8.71 6.78 16.17
C LYS A 214 7.68 6.52 15.05
N ALA A 215 8.01 6.90 13.81
CA ALA A 215 7.11 6.69 12.67
C ALA A 215 7.29 5.31 11.99
N VAL A 216 6.17 4.62 11.76
CA VAL A 216 6.19 3.32 11.08
C VAL A 216 5.39 3.58 9.81
N ILE A 217 5.83 3.03 8.69
CA ILE A 217 5.16 3.23 7.39
C ILE A 217 4.97 1.90 6.63
N PHE A 218 3.73 1.62 6.25
CA PHE A 218 3.41 0.42 5.49
C PHE A 218 3.49 0.82 4.02
N VAL A 219 4.63 0.54 3.38
CA VAL A 219 4.86 0.91 2.01
C VAL A 219 4.04 0.14 0.99
N ASP A 220 4.04 0.61 -0.24
CA ASP A 220 3.22 0.02 -1.28
C ASP A 220 4.00 -0.49 -2.49
N ASN A 221 4.06 0.29 -3.54
CA ASN A 221 4.72 -0.18 -4.76
C ASN A 221 6.22 0.04 -4.85
N SER A 222 6.85 -0.74 -5.73
CA SER A 222 8.27 -0.64 -6.01
C SER A 222 8.51 0.68 -6.74
N GLY A 223 9.45 0.64 -7.68
CA GLY A 223 9.77 1.80 -8.48
C GLY A 223 9.74 3.18 -7.86
N ALA A 224 9.09 4.12 -8.54
CA ALA A 224 9.01 5.50 -8.07
C ALA A 224 8.29 5.60 -6.74
N ASP A 225 7.28 4.78 -6.57
CA ASP A 225 6.51 4.82 -5.34
C ASP A 225 7.43 4.80 -4.11
N ILE A 226 8.13 3.69 -3.92
CA ILE A 226 9.02 3.60 -2.77
C ILE A 226 10.22 4.54 -2.90
N ILE A 227 10.90 4.50 -4.05
CA ILE A 227 12.11 5.32 -4.26
C ILE A 227 11.94 6.83 -4.26
N LEU A 228 11.07 7.34 -5.13
CA LEU A 228 10.90 8.79 -5.24
C LEU A 228 9.84 9.38 -4.34
N GLY A 229 8.82 8.59 -4.01
CA GLY A 229 7.77 9.10 -3.14
C GLY A 229 8.10 8.90 -1.67
N ILE A 230 8.10 7.65 -1.22
CA ILE A 230 8.36 7.36 0.18
C ILE A 230 9.76 7.63 0.71
N LEU A 231 10.80 7.18 0.02
CA LEU A 231 12.12 7.39 0.60
C LEU A 231 12.49 8.86 0.87
N PRO A 232 12.17 9.77 -0.06
CA PRO A 232 12.51 11.17 0.23
C PRO A 232 11.73 11.67 1.45
N PHE A 233 10.49 11.21 1.59
CA PHE A 233 9.66 11.61 2.73
C PHE A 233 10.31 11.09 4.01
N ALA A 234 10.71 9.82 4.00
CA ALA A 234 11.36 9.20 5.15
C ALA A 234 12.64 9.97 5.52
N ARG A 235 13.38 10.38 4.49
CA ARG A 235 14.62 11.13 4.69
C ARG A 235 14.35 12.46 5.40
N GLU A 236 13.30 13.15 4.99
CA GLU A 236 12.94 14.41 5.62
C GLU A 236 12.58 14.17 7.09
N LEU A 237 12.07 12.97 7.39
CA LEU A 237 11.74 12.62 8.78
C LEU A 237 13.02 12.30 9.56
N LEU A 238 13.95 11.59 8.91
CA LEU A 238 15.21 11.24 9.57
C LEU A 238 16.01 12.48 9.92
N ARG A 239 16.03 13.43 8.99
CA ARG A 239 16.78 14.67 9.21
C ARG A 239 16.13 15.51 10.30
N ARG A 240 14.81 15.44 10.41
CA ARG A 240 14.08 16.18 11.43
C ARG A 240 14.14 15.43 12.76
N GLY A 241 15.08 14.49 12.85
CA GLY A 241 15.28 13.74 14.07
C GLY A 241 14.31 12.63 14.45
N ALA A 242 13.65 12.01 13.47
CA ALA A 242 12.73 10.93 13.80
C ALA A 242 13.26 9.55 13.39
N GLN A 243 12.81 8.53 14.10
CA GLN A 243 13.15 7.15 13.77
C GLN A 243 12.07 6.71 12.77
N VAL A 244 12.44 5.90 11.77
CA VAL A 244 11.46 5.45 10.78
C VAL A 244 11.66 3.97 10.46
N VAL A 245 10.56 3.23 10.50
CA VAL A 245 10.57 1.80 10.20
C VAL A 245 9.80 1.61 8.89
N LEU A 246 10.36 0.85 7.95
CA LEU A 246 9.64 0.62 6.69
C LEU A 246 9.13 -0.83 6.71
N ALA A 247 7.81 -1.00 6.67
CA ALA A 247 7.20 -2.32 6.70
C ALA A 247 6.75 -2.76 5.31
N ALA A 248 7.36 -3.84 4.83
CA ALA A 248 7.05 -4.36 3.50
C ALA A 248 6.64 -5.83 3.46
N ASN A 249 5.89 -6.17 2.41
CA ASN A 249 5.40 -7.53 2.19
C ASN A 249 6.52 -8.56 2.26
N GLU A 250 6.21 -9.72 2.81
CA GLU A 250 7.21 -10.76 2.87
C GLU A 250 7.28 -11.41 1.49
N LEU A 251 6.13 -11.59 0.87
CA LEU A 251 6.04 -12.23 -0.44
C LEU A 251 5.56 -11.24 -1.49
N PRO A 252 5.85 -11.53 -2.76
CA PRO A 252 5.42 -10.66 -3.84
C PRO A 252 3.90 -10.68 -4.02
N SER A 253 3.35 -9.51 -4.33
CA SER A 253 1.92 -9.33 -4.59
C SER A 253 1.88 -8.16 -5.57
N ILE A 254 1.49 -8.43 -6.81
CA ILE A 254 1.46 -7.43 -7.89
C ILE A 254 2.88 -6.85 -7.95
N ASN A 255 3.01 -5.52 -7.94
CA ASN A 255 4.32 -4.90 -8.00
C ASN A 255 4.73 -4.30 -6.65
N ASP A 256 4.08 -4.73 -5.57
CA ASP A 256 4.41 -4.20 -4.26
C ASP A 256 5.82 -4.55 -3.83
N ILE A 257 6.45 -3.64 -3.10
CA ILE A 257 7.82 -3.85 -2.65
C ILE A 257 7.86 -4.84 -1.48
N THR A 258 8.82 -5.76 -1.50
CA THR A 258 8.97 -6.76 -0.43
C THR A 258 10.11 -6.29 0.45
N CYS A 259 10.19 -6.82 1.65
CA CYS A 259 11.26 -6.41 2.56
C CYS A 259 12.63 -6.68 1.91
N THR A 260 12.77 -7.86 1.31
CA THR A 260 14.04 -8.20 0.66
C THR A 260 14.50 -7.17 -0.36
N GLU A 261 13.60 -6.75 -1.23
CA GLU A 261 13.96 -5.78 -2.26
C GLU A 261 14.27 -4.41 -1.64
N LEU A 262 13.47 -3.98 -0.67
CA LEU A 262 13.66 -2.69 -0.02
C LEU A 262 15.05 -2.62 0.63
N THR A 263 15.57 -3.78 1.01
CA THR A 263 16.89 -3.82 1.61
C THR A 263 17.92 -3.70 0.51
N GLU A 264 17.68 -4.37 -0.61
CA GLU A 264 18.59 -4.30 -1.74
C GLU A 264 18.60 -2.88 -2.31
N ILE A 265 17.41 -2.27 -2.43
CA ILE A 265 17.31 -0.90 -2.94
C ILE A 265 17.94 0.14 -2.00
N LEU A 266 17.84 -0.09 -0.69
CA LEU A 266 18.41 0.86 0.27
C LEU A 266 19.94 0.71 0.33
N SER A 267 20.45 -0.44 -0.09
CA SER A 267 21.90 -0.68 -0.11
C SER A 267 22.46 -0.16 -1.41
N GLN A 268 21.58 0.37 -2.26
CA GLN A 268 22.00 0.91 -3.54
C GLN A 268 21.92 2.42 -3.61
N LEU A 269 21.09 3.01 -2.75
CA LEU A 269 20.93 4.47 -2.74
C LEU A 269 21.95 5.19 -1.87
N LYS A 270 22.42 4.52 -0.83
CA LYS A 270 23.39 5.11 0.09
C LYS A 270 24.75 5.25 -0.57
N ASN A 273 29.09 6.88 3.53
CA ASN A 273 28.93 7.09 4.96
C ASN A 273 27.64 6.44 5.43
N GLY A 274 27.03 5.65 4.54
CA GLY A 274 25.79 4.98 4.86
C GLY A 274 24.67 5.99 5.00
N GLN A 275 24.88 7.17 4.40
CA GLN A 275 23.88 8.23 4.46
C GLN A 275 23.09 8.38 3.16
N LEU A 276 21.91 8.99 3.27
CA LEU A 276 21.08 9.24 2.09
C LEU A 276 21.20 10.71 1.78
N LEU A 277 22.09 11.04 0.84
CA LEU A 277 22.32 12.42 0.45
C LEU A 277 22.57 13.32 1.66
N GLY A 278 23.57 12.93 2.45
CA GLY A 278 23.93 13.70 3.63
C GLY A 278 23.13 13.47 4.89
N VAL A 279 22.18 12.53 4.86
CA VAL A 279 21.38 12.24 6.03
C VAL A 279 21.67 10.85 6.58
N ASP A 280 21.97 10.79 7.88
CA ASP A 280 22.27 9.54 8.55
C ASP A 280 21.06 8.61 8.55
N THR A 281 21.31 7.32 8.31
CA THR A 281 20.23 6.33 8.25
C THR A 281 20.31 5.28 9.37
N SER A 282 20.95 5.64 10.48
CA SER A 282 21.08 4.72 11.61
C SER A 282 19.71 4.41 12.22
N LYS A 283 18.79 5.37 12.15
CA LYS A 283 17.45 5.18 12.69
C LYS A 283 16.42 4.83 11.61
N LEU A 284 16.90 4.25 10.51
CA LEU A 284 16.04 3.82 9.42
C LEU A 284 16.07 2.29 9.38
N LEU A 285 14.96 1.68 9.79
CA LEU A 285 14.86 0.23 9.82
C LEU A 285 13.90 -0.30 8.75
N ILE A 286 14.29 -1.38 8.09
CA ILE A 286 13.47 -2.01 7.05
C ILE A 286 12.88 -3.27 7.71
N ALA A 287 11.56 -3.31 7.86
CA ALA A 287 10.88 -4.43 8.50
C ALA A 287 10.06 -5.29 7.56
N ASN A 288 9.91 -6.56 7.93
CA ASN A 288 9.12 -7.53 7.18
C ASN A 288 7.78 -7.67 7.91
N SER A 289 6.69 -7.33 7.23
CA SER A 289 5.36 -7.41 7.83
C SER A 289 4.76 -8.80 7.75
N GLY A 290 5.37 -9.64 6.91
CA GLY A 290 4.86 -10.98 6.74
C GLY A 290 3.66 -11.04 5.81
N ASN A 291 3.33 -9.91 5.17
CA ASN A 291 2.16 -9.87 4.28
C ASN A 291 2.46 -10.38 2.88
N ASP A 292 1.44 -10.84 2.16
CA ASP A 292 1.64 -11.37 0.81
C ASP A 292 0.46 -11.01 -0.10
N LEU A 293 -0.21 -9.91 0.24
CA LEU A 293 -1.36 -9.43 -0.53
C LEU A 293 -1.28 -7.89 -0.56
N PRO A 294 -2.17 -7.22 -1.30
CA PRO A 294 -2.16 -5.75 -1.39
C PRO A 294 -2.84 -5.07 -0.18
N VAL A 295 -3.97 -5.62 0.27
CA VAL A 295 -4.70 -5.05 1.41
C VAL A 295 -4.14 -5.70 2.68
N ILE A 296 -3.97 -4.92 3.74
CA ILE A 296 -3.41 -5.49 4.97
C ILE A 296 -4.36 -5.53 6.16
N ASP A 297 -4.36 -6.68 6.84
CA ASP A 297 -5.16 -6.94 8.02
C ASP A 297 -4.18 -6.65 9.17
N LEU A 298 -4.40 -5.53 9.86
CA LEU A 298 -3.51 -5.09 10.94
C LEU A 298 -3.68 -5.87 12.25
N SER A 299 -4.61 -6.82 12.28
CA SER A 299 -4.76 -7.63 13.49
C SER A 299 -3.81 -8.82 13.42
N ARG A 300 -3.20 -9.03 12.25
CA ARG A 300 -2.26 -10.13 12.03
C ARG A 300 -0.97 -9.68 11.34
N VAL A 301 0.02 -9.30 12.13
CA VAL A 301 1.32 -8.88 11.59
C VAL A 301 2.43 -9.63 12.31
N SER A 302 3.66 -9.37 11.89
CA SER A 302 4.83 -10.03 12.47
C SER A 302 5.23 -9.47 13.83
N GLN A 303 5.85 -10.33 14.65
CA GLN A 303 6.31 -9.91 15.97
C GLN A 303 7.45 -8.91 15.77
N GLU A 304 8.13 -9.05 14.64
CA GLU A 304 9.22 -8.15 14.26
C GLU A 304 8.64 -6.73 14.20
N LEU A 305 7.57 -6.56 13.42
CA LEU A 305 6.93 -5.25 13.28
C LEU A 305 6.29 -4.83 14.60
N ALA A 306 5.64 -5.77 15.28
CA ALA A 306 5.02 -5.47 16.56
C ALA A 306 6.09 -4.91 17.48
N TYR A 307 7.24 -5.58 17.56
CA TYR A 307 8.33 -5.10 18.40
C TYR A 307 8.87 -3.77 17.88
N LEU A 308 9.07 -3.64 16.58
CA LEU A 308 9.60 -2.41 16.00
C LEU A 308 8.63 -1.22 16.05
N SER A 309 7.35 -1.50 16.28
CA SER A 309 6.36 -0.44 16.34
C SER A 309 5.67 -0.39 17.69
N SER A 310 6.13 -1.22 18.63
CA SER A 310 5.52 -1.26 19.94
C SER A 310 5.63 0.11 20.64
N ASP A 311 6.54 0.96 20.15
CA ASP A 311 6.70 2.30 20.71
C ASP A 311 6.46 3.38 19.64
N ALA A 312 5.60 3.07 18.68
CA ALA A 312 5.31 4.04 17.61
C ALA A 312 4.40 5.17 18.06
N ASP A 313 4.62 6.36 17.52
CA ASP A 313 3.78 7.52 17.85
C ASP A 313 3.02 8.03 16.63
N LEU A 314 3.43 7.57 15.45
CA LEU A 314 2.74 7.92 14.20
C LEU A 314 2.62 6.65 13.37
N VAL A 315 1.42 6.38 12.87
CA VAL A 315 1.17 5.21 12.05
C VAL A 315 0.67 5.74 10.70
N ILE A 316 1.50 5.59 9.67
CA ILE A 316 1.15 6.03 8.30
C ILE A 316 0.88 4.81 7.43
N VAL A 317 -0.29 4.73 6.81
CA VAL A 317 -0.60 3.57 5.98
C VAL A 317 -0.76 4.09 4.54
N GLU A 318 0.09 3.63 3.64
CA GLU A 318 0.08 4.10 2.25
C GLU A 318 -0.60 3.23 1.22
N GLY A 319 -1.31 3.88 0.29
CA GLY A 319 -1.95 3.15 -0.79
C GLY A 319 -3.41 2.78 -0.67
N MET A 320 -4.09 2.73 -1.81
CA MET A 320 -5.51 2.38 -1.83
C MET A 320 -5.82 1.10 -1.08
N GLY A 321 -5.01 0.07 -1.30
CA GLY A 321 -5.23 -1.22 -0.64
C GLY A 321 -5.14 -1.21 0.88
N ARG A 322 -3.99 -0.76 1.39
CA ARG A 322 -3.71 -0.72 2.83
C ARG A 322 -4.41 0.38 3.65
N GLY A 323 -4.63 1.55 3.02
CA GLY A 323 -5.25 2.67 3.70
C GLY A 323 -6.69 3.02 3.39
N ILE A 324 -7.17 2.56 2.22
CA ILE A 324 -8.56 2.81 1.82
C ILE A 324 -9.42 1.55 1.86
N GLU A 325 -9.16 0.60 0.95
CA GLU A 325 -9.92 -0.66 0.90
C GLU A 325 -9.86 -1.27 2.29
N THR A 326 -8.71 -1.15 2.94
CA THR A 326 -8.58 -1.60 4.32
C THR A 326 -8.07 -0.42 5.14
N ASN A 327 -8.35 -0.48 6.45
CA ASN A 327 -7.88 0.48 7.42
C ASN A 327 -8.25 1.96 7.37
N LEU A 328 -8.91 2.42 6.31
CA LEU A 328 -9.28 3.84 6.26
C LEU A 328 -9.81 4.33 7.60
N TYR A 329 -10.70 3.55 8.20
CA TYR A 329 -11.28 3.93 9.48
C TYR A 329 -10.69 3.12 10.64
N ALA A 330 -9.50 2.53 10.46
CA ALA A 330 -8.91 1.78 11.56
C ALA A 330 -8.50 2.74 12.66
N GLN A 331 -8.63 2.27 13.91
CA GLN A 331 -8.27 3.08 15.05
C GLN A 331 -6.91 2.71 15.59
N PHE A 332 -6.15 3.73 15.98
CA PHE A 332 -4.83 3.55 16.55
C PHE A 332 -4.74 4.30 17.88
N LYS A 333 -3.73 3.95 18.68
CA LYS A 333 -3.47 4.58 19.98
C LYS A 333 -2.65 5.86 19.82
N CYS A 334 -2.05 6.02 18.64
CA CYS A 334 -1.22 7.18 18.35
C CYS A 334 -1.76 7.89 17.11
N ASP A 335 -1.21 9.05 16.83
CA ASP A 335 -1.62 9.82 15.65
C ASP A 335 -1.43 8.98 14.40
N SER A 336 -2.40 9.00 13.49
CA SER A 336 -2.27 8.18 12.28
C SER A 336 -2.62 8.91 11.00
N LEU A 337 -1.99 8.48 9.91
CA LEU A 337 -2.20 9.02 8.57
C LEU A 337 -2.37 7.92 7.53
N LYS A 338 -3.46 7.99 6.75
CA LYS A 338 -3.71 7.04 5.67
C LYS A 338 -3.59 7.89 4.42
N ILE A 339 -2.69 7.50 3.52
CA ILE A 339 -2.43 8.28 2.32
C ILE A 339 -2.45 7.43 1.06
N GLY A 340 -3.41 7.71 0.16
CA GLY A 340 -3.47 6.94 -1.05
C GLY A 340 -4.06 7.69 -2.23
N MET A 341 -4.20 6.97 -3.33
CA MET A 341 -4.76 7.48 -4.57
C MET A 341 -6.01 6.69 -4.91
N VAL A 342 -7.13 7.37 -5.06
CA VAL A 342 -8.37 6.68 -5.38
C VAL A 342 -8.27 6.30 -6.85
N LYS A 343 -7.77 5.08 -7.11
CA LYS A 343 -7.57 4.60 -8.48
C LYS A 343 -8.60 3.55 -8.88
N HIS A 344 -9.81 3.70 -8.35
CA HIS A 344 -10.91 2.77 -8.65
C HIS A 344 -12.28 3.43 -8.53
N LEU A 345 -13.04 3.42 -9.62
CA LEU A 345 -14.39 3.98 -9.59
C LEU A 345 -15.21 3.39 -8.44
N GLU A 346 -15.06 2.09 -8.19
CA GLU A 346 -15.81 1.44 -7.12
C GLU A 346 -15.45 2.05 -5.76
N VAL A 347 -14.18 2.44 -5.63
CA VAL A 347 -13.70 3.07 -4.39
C VAL A 347 -14.04 4.56 -4.47
N ALA A 348 -14.00 5.12 -5.68
CA ALA A 348 -14.32 6.53 -5.85
C ALA A 348 -15.74 6.81 -5.44
N GLU A 349 -16.65 5.93 -5.86
CA GLU A 349 -18.05 6.10 -5.53
C GLU A 349 -18.27 6.01 -4.03
N PHE A 350 -17.57 5.05 -3.41
CA PHE A 350 -17.66 4.89 -1.96
C PHE A 350 -17.33 6.20 -1.25
N LEU A 351 -16.23 6.83 -1.67
CA LEU A 351 -15.76 8.07 -1.06
C LEU A 351 -16.39 9.34 -1.61
N GLY A 352 -17.09 9.19 -2.73
CA GLY A 352 -17.72 10.35 -3.38
C GLY A 352 -16.62 11.20 -4.01
N GLY A 353 -15.55 10.56 -4.46
CA GLY A 353 -14.45 11.28 -5.07
C GLY A 353 -14.23 11.04 -6.56
N ARG A 354 -13.15 11.64 -7.06
CA ARG A 354 -12.76 11.54 -8.47
C ARG A 354 -11.80 10.37 -8.69
N LEU A 355 -11.67 9.90 -9.93
CA LEU A 355 -10.71 8.85 -10.17
C LEU A 355 -9.38 9.61 -10.02
N TYR A 356 -8.41 8.98 -9.36
CA TYR A 356 -7.10 9.58 -9.11
C TYR A 356 -7.13 10.69 -8.05
N ASP A 357 -8.15 10.69 -7.20
CA ASP A 357 -8.24 11.69 -6.14
C ASP A 357 -7.10 11.41 -5.16
N CYS A 358 -6.77 12.40 -4.34
CA CYS A 358 -5.70 12.26 -3.36
C CYS A 358 -6.32 11.98 -1.99
N VAL A 359 -5.83 10.96 -1.27
CA VAL A 359 -6.39 10.70 0.05
C VAL A 359 -5.30 10.96 1.06
N PHE A 360 -5.58 11.88 1.99
CA PHE A 360 -4.65 12.28 3.06
C PHE A 360 -5.54 12.38 4.32
N LYS A 361 -5.73 11.25 5.01
CA LYS A 361 -6.59 11.23 6.20
C LYS A 361 -5.77 11.10 7.48
N PHE A 362 -5.70 12.20 8.22
CA PHE A 362 -4.94 12.27 9.46
C PHE A 362 -5.83 12.40 10.68
N ASN A 363 -5.66 11.46 11.62
CA ASN A 363 -6.42 11.46 12.88
C ASN A 363 -5.44 11.63 14.03
N GLU A 364 -5.52 12.77 14.70
CA GLU A 364 -4.63 13.08 15.82
C GLU A 364 -5.23 12.49 17.09
N VAL A 365 -4.36 11.91 17.91
CA VAL A 365 -4.74 11.29 19.18
C VAL A 365 -5.66 10.10 18.96
MG MG B . 0.61 -1.85 -4.91
MG MG C . -6.56 -4.60 -4.64
N GLU A 6 4.31 -16.85 15.68
CA GLU A 6 3.36 -16.49 14.58
C GLU A 6 2.96 -15.02 14.65
N MET A 7 1.93 -14.68 13.89
CA MET A 7 1.43 -13.30 13.82
C MET A 7 0.89 -12.82 15.16
N VAL A 8 0.68 -11.51 15.24
CA VAL A 8 0.15 -10.85 16.43
C VAL A 8 -0.48 -9.53 15.99
N PRO A 9 -1.39 -8.97 16.79
CA PRO A 9 -2.06 -7.72 16.48
C PRO A 9 -1.10 -6.54 16.48
N PHE A 10 -1.11 -5.76 15.40
CA PHE A 10 -0.24 -4.57 15.32
C PHE A 10 -0.43 -3.84 16.66
N PRO A 11 0.67 -3.59 17.40
CA PRO A 11 0.62 -2.92 18.71
C PRO A 11 -0.15 -1.62 18.89
N GLN A 12 -0.33 -0.86 17.80
CA GLN A 12 -1.06 0.39 17.92
C GLN A 12 -2.58 0.21 17.77
N LEU A 13 -3.05 -1.01 17.58
CA LEU A 13 -4.50 -1.21 17.52
C LEU A 13 -5.01 -1.33 18.95
N PRO A 14 -5.88 -0.41 19.40
CA PRO A 14 -6.42 -0.46 20.77
C PRO A 14 -7.08 -1.81 21.04
N MET A 15 -6.97 -2.29 22.27
CA MET A 15 -7.57 -3.58 22.63
C MET A 15 -8.84 -3.31 23.44
N PRO A 16 -9.87 -4.18 23.29
CA PRO A 16 -9.91 -5.36 22.43
C PRO A 16 -10.15 -4.97 20.98
N ILE A 17 -9.53 -5.71 20.06
CA ILE A 17 -9.69 -5.44 18.63
C ILE A 17 -10.84 -6.26 18.07
N GLU A 18 -11.08 -7.43 18.67
CA GLU A 18 -12.14 -8.33 18.25
C GLU A 18 -13.48 -7.59 18.31
N ASN A 19 -14.34 -7.86 17.34
CA ASN A 19 -15.66 -7.23 17.28
C ASN A 19 -15.61 -5.71 17.15
N ASN A 20 -14.41 -5.18 16.91
CA ASN A 20 -14.22 -3.73 16.75
C ASN A 20 -13.45 -3.41 15.47
N TYR A 21 -12.15 -3.67 15.48
CA TYR A 21 -11.33 -3.43 14.30
C TYR A 21 -11.72 -4.44 13.21
N ARG A 22 -12.08 -3.94 12.03
CA ARG A 22 -12.40 -4.81 10.89
C ARG A 22 -11.49 -4.25 9.80
N ALA A 23 -10.65 -5.09 9.21
CA ALA A 23 -9.70 -4.62 8.20
C ALA A 23 -10.32 -4.00 6.95
N CYS A 24 -11.27 -4.71 6.34
CA CYS A 24 -11.90 -4.24 5.12
C CYS A 24 -12.89 -3.12 5.32
N THR A 25 -12.65 -2.03 4.60
CA THR A 25 -13.46 -0.82 4.69
C THR A 25 -14.85 -0.93 4.09
N ILE A 26 -14.89 -1.03 2.77
CA ILE A 26 -16.16 -1.09 2.02
C ILE A 26 -16.90 -2.38 2.32
N PRO A 27 -17.96 -2.31 3.16
CA PRO A 27 -18.72 -3.54 3.48
C PRO A 27 -19.44 -4.08 2.25
N TYR A 28 -19.49 -5.40 2.10
CA TYR A 28 -20.17 -6.00 0.97
C TYR A 28 -21.48 -6.64 1.41
N ARG A 29 -21.57 -6.99 2.69
CA ARG A 29 -22.76 -7.70 3.14
C ARG A 29 -23.12 -7.52 4.60
N PHE A 30 -24.41 -7.54 4.89
CA PHE A 30 -24.93 -7.42 6.24
C PHE A 30 -25.54 -8.79 6.53
N PRO A 31 -25.49 -9.24 7.79
CA PRO A 31 -26.06 -10.54 8.17
C PRO A 31 -27.52 -10.73 7.76
N SER A 32 -28.26 -9.64 7.60
CA SER A 32 -29.68 -9.75 7.24
C SER A 32 -29.97 -9.93 5.75
N ASP A 33 -28.94 -9.98 4.91
CA ASP A 33 -29.17 -10.18 3.49
C ASP A 33 -29.29 -11.68 3.19
N ASP A 34 -30.02 -12.00 2.12
CA ASP A 34 -30.22 -13.38 1.69
C ASP A 34 -28.86 -14.05 1.49
N PRO A 35 -28.57 -15.10 2.28
CA PRO A 35 -27.27 -15.75 2.13
C PRO A 35 -27.04 -16.60 0.86
N LYS A 36 -28.12 -17.04 0.23
CA LYS A 36 -28.01 -17.87 -0.97
C LYS A 36 -27.53 -17.11 -2.21
N LYS A 37 -27.96 -15.87 -2.35
CA LYS A 37 -27.58 -15.08 -3.51
C LYS A 37 -26.51 -14.05 -3.15
N ALA A 38 -25.58 -13.81 -4.07
CA ALA A 38 -24.54 -12.82 -3.82
C ALA A 38 -25.22 -11.46 -3.90
N THR A 39 -24.69 -10.47 -3.17
CA THR A 39 -25.26 -9.11 -3.14
C THR A 39 -24.76 -8.24 -4.29
N PRO A 40 -25.43 -7.11 -4.55
CA PRO A 40 -25.03 -6.20 -5.63
C PRO A 40 -23.58 -5.72 -5.54
N ASN A 41 -23.10 -5.45 -4.32
CA ASN A 41 -21.73 -5.01 -4.16
C ASN A 41 -20.77 -6.19 -4.28
N GLU A 42 -21.22 -7.38 -3.87
CA GLU A 42 -20.36 -8.54 -4.04
C GLU A 42 -20.18 -8.80 -5.52
N ILE A 43 -21.27 -8.69 -6.27
CA ILE A 43 -21.19 -8.93 -7.73
C ILE A 43 -20.28 -7.93 -8.40
N SER A 44 -20.40 -6.66 -8.04
CA SER A 44 -19.54 -5.63 -8.62
C SER A 44 -18.07 -5.88 -8.28
N TRP A 45 -17.80 -6.02 -6.99
CA TRP A 45 -16.43 -6.23 -6.57
C TRP A 45 -15.82 -7.51 -7.11
N ILE A 46 -16.62 -8.57 -7.19
CA ILE A 46 -16.11 -9.82 -7.76
C ILE A 46 -15.77 -9.53 -9.23
N ASN A 47 -16.64 -8.79 -9.91
CA ASN A 47 -16.38 -8.45 -11.32
C ASN A 47 -15.18 -7.53 -11.48
N VAL A 48 -14.85 -6.79 -10.43
CA VAL A 48 -13.69 -5.91 -10.44
C VAL A 48 -12.42 -6.77 -10.47
N PHE A 49 -12.30 -7.69 -9.51
CA PHE A 49 -11.13 -8.55 -9.43
C PHE A 49 -10.96 -9.41 -10.67
N ALA A 50 -12.07 -9.82 -11.26
CA ALA A 50 -11.97 -10.63 -12.48
C ALA A 50 -11.31 -9.78 -13.57
N ASN A 51 -11.76 -8.53 -13.70
CA ASN A 51 -11.22 -7.61 -14.72
C ASN A 51 -9.70 -7.39 -14.61
N SER A 52 -9.10 -7.80 -13.51
CA SER A 52 -7.66 -7.63 -13.33
C SER A 52 -6.91 -8.84 -13.91
N ILE A 53 -7.66 -9.87 -14.27
CA ILE A 53 -7.05 -11.09 -14.80
C ILE A 53 -6.31 -10.92 -16.13
N PRO A 54 -6.77 -10.01 -17.01
CA PRO A 54 -5.99 -9.93 -18.24
C PRO A 54 -4.57 -9.44 -17.99
N SER A 55 -4.44 -8.47 -17.08
CA SER A 55 -3.12 -7.92 -16.74
C SER A 55 -2.28 -9.00 -16.11
N PHE A 56 -2.82 -9.68 -15.10
CA PHE A 56 -2.11 -10.77 -14.46
C PHE A 56 -1.89 -11.93 -15.46
N LYS A 57 -2.88 -12.20 -16.33
CA LYS A 57 -2.73 -13.28 -17.32
C LYS A 57 -1.50 -13.05 -18.18
N LYS A 58 -1.36 -11.83 -18.69
CA LYS A 58 -0.23 -11.49 -19.56
C LYS A 58 1.07 -11.38 -18.77
N ARG A 59 0.98 -10.88 -17.55
CA ARG A 59 2.16 -10.73 -16.72
C ARG A 59 2.64 -12.13 -16.30
N ALA A 60 1.74 -13.11 -16.37
CA ALA A 60 2.10 -14.47 -15.97
C ALA A 60 2.80 -15.24 -17.10
N GLU A 61 2.31 -15.07 -18.32
CA GLU A 61 2.91 -15.79 -19.45
C GLU A 61 4.39 -15.47 -19.57
N SER A 62 4.75 -14.23 -19.28
CA SER A 62 6.14 -13.81 -19.39
C SER A 62 7.00 -14.17 -18.17
N ASP A 63 6.48 -15.04 -17.33
CA ASP A 63 7.25 -15.47 -16.16
C ASP A 63 8.12 -16.63 -16.60
N ILE A 64 9.27 -16.34 -17.20
CA ILE A 64 10.15 -17.39 -17.68
C ILE A 64 10.73 -18.26 -16.55
N THR A 65 11.01 -17.67 -15.39
CA THR A 65 11.57 -18.42 -14.26
C THR A 65 10.70 -19.61 -13.85
N VAL A 66 9.51 -19.66 -14.44
CA VAL A 66 8.58 -20.75 -14.19
C VAL A 66 8.43 -21.56 -15.46
N PRO A 67 8.85 -22.83 -15.43
CA PRO A 67 8.71 -23.61 -16.66
C PRO A 67 7.25 -23.75 -17.07
N ASP A 68 6.99 -23.58 -18.36
CA ASP A 68 5.64 -23.71 -18.90
C ASP A 68 4.76 -22.57 -18.37
N ALA A 69 5.34 -21.38 -18.21
CA ALA A 69 4.60 -20.24 -17.71
C ALA A 69 3.33 -19.93 -18.51
N PRO A 70 3.42 -19.95 -19.86
CA PRO A 70 2.26 -19.68 -20.71
C PRO A 70 1.05 -20.58 -20.47
N ALA A 71 1.26 -21.89 -20.44
CA ALA A 71 0.15 -22.81 -20.21
C ALA A 71 -0.47 -22.54 -18.85
N ARG A 72 0.37 -22.43 -17.83
CA ARG A 72 -0.09 -22.18 -16.47
C ARG A 72 -0.86 -20.85 -16.42
N ALA A 73 -0.43 -19.90 -17.25
CA ALA A 73 -1.09 -18.59 -17.29
C ALA A 73 -2.54 -18.71 -17.74
N GLU A 74 -2.78 -19.62 -18.68
CA GLU A 74 -4.15 -19.84 -19.16
C GLU A 74 -4.92 -20.54 -18.05
N LYS A 75 -4.26 -21.46 -17.34
CA LYS A 75 -4.90 -22.17 -16.24
C LYS A 75 -5.32 -21.22 -15.11
N PHE A 76 -4.40 -20.35 -14.67
CA PHE A 76 -4.71 -19.37 -13.62
C PHE A 76 -5.90 -18.51 -14.05
N ALA A 77 -5.74 -17.79 -15.15
CA ALA A 77 -6.79 -16.91 -15.65
C ALA A 77 -8.09 -17.68 -15.83
N GLU A 78 -7.96 -18.90 -16.32
CA GLU A 78 -9.11 -19.76 -16.57
C GLU A 78 -9.77 -20.23 -15.28
N ARG A 79 -8.95 -20.56 -14.28
CA ARG A 79 -9.46 -21.05 -12.99
C ARG A 79 -9.99 -19.93 -12.11
N TYR A 80 -9.23 -18.85 -12.01
CA TYR A 80 -9.65 -17.73 -11.16
C TYR A 80 -10.93 -17.11 -11.71
N ALA A 81 -10.99 -16.92 -13.03
CA ALA A 81 -12.20 -16.34 -13.61
C ALA A 81 -13.39 -17.20 -13.21
N GLY A 82 -13.19 -18.51 -13.25
CA GLY A 82 -14.27 -19.43 -12.91
C GLY A 82 -14.68 -19.28 -11.46
N ILE A 83 -13.68 -19.28 -10.58
CA ILE A 83 -13.90 -19.15 -9.15
C ILE A 83 -14.73 -17.88 -8.90
N LEU A 84 -14.38 -16.80 -9.59
CA LEU A 84 -15.13 -15.57 -9.43
C LEU A 84 -16.50 -15.66 -10.09
N GLU A 85 -16.68 -16.60 -11.00
CA GLU A 85 -17.97 -16.80 -11.64
C GLU A 85 -18.87 -17.48 -10.62
N ASP A 86 -18.28 -18.44 -9.91
CA ASP A 86 -18.97 -19.23 -8.90
C ASP A 86 -19.31 -18.42 -7.65
N LEU A 87 -18.47 -17.45 -7.33
CA LEU A 87 -18.72 -16.64 -6.14
C LEU A 87 -20.04 -15.89 -6.31
N LYS A 88 -20.39 -15.57 -7.55
CA LYS A 88 -21.65 -14.88 -7.82
C LYS A 88 -22.80 -15.78 -7.41
N LYS A 89 -22.69 -17.07 -7.75
CA LYS A 89 -23.74 -18.03 -7.40
C LYS A 89 -23.88 -18.09 -5.88
N ASP A 90 -23.21 -19.05 -5.25
CA ASP A 90 -23.28 -19.24 -3.82
C ASP A 90 -22.19 -18.45 -3.07
N PRO A 91 -22.58 -17.43 -2.31
CA PRO A 91 -21.65 -16.59 -1.55
C PRO A 91 -20.80 -17.36 -0.52
N GLU A 92 -21.27 -18.52 -0.09
CA GLU A 92 -20.53 -19.30 0.89
C GLU A 92 -19.44 -20.19 0.29
N SER A 93 -19.31 -20.18 -1.03
CA SER A 93 -18.31 -21.01 -1.69
C SER A 93 -16.91 -20.39 -1.63
N HIS A 94 -15.91 -21.20 -1.95
CA HIS A 94 -14.52 -20.75 -1.99
C HIS A 94 -14.03 -20.00 -0.74
N GLY A 95 -14.67 -20.26 0.39
CA GLY A 95 -14.28 -19.62 1.64
C GLY A 95 -15.08 -18.38 2.01
N GLY A 96 -16.08 -18.04 1.19
CA GLY A 96 -16.90 -16.87 1.43
C GLY A 96 -17.80 -16.87 2.66
N PRO A 97 -18.63 -15.83 2.85
CA PRO A 97 -18.83 -14.63 2.04
C PRO A 97 -17.51 -13.91 1.75
N PRO A 98 -17.39 -13.34 0.54
CA PRO A 98 -16.12 -12.66 0.27
C PRO A 98 -16.00 -11.22 0.72
N ASP A 99 -14.77 -10.76 0.75
CA ASP A 99 -14.42 -9.37 1.05
C ASP A 99 -13.17 -9.08 0.24
N GLY A 100 -12.66 -7.86 0.34
CA GLY A 100 -11.47 -7.53 -0.44
C GLY A 100 -10.29 -8.43 -0.14
N ILE A 101 -10.07 -8.72 1.13
CA ILE A 101 -8.96 -9.58 1.50
C ILE A 101 -9.10 -10.98 0.88
N LEU A 102 -10.28 -11.59 1.03
CA LEU A 102 -10.47 -12.94 0.48
C LEU A 102 -10.25 -12.98 -1.03
N LEU A 103 -10.83 -12.00 -1.74
CA LEU A 103 -10.68 -11.97 -3.18
C LEU A 103 -9.21 -11.81 -3.59
N CYS A 104 -8.48 -10.93 -2.90
CA CYS A 104 -7.07 -10.74 -3.22
C CYS A 104 -6.29 -12.03 -3.01
N ARG A 105 -6.59 -12.72 -1.91
CA ARG A 105 -5.89 -13.95 -1.58
C ARG A 105 -6.15 -15.04 -2.61
N LEU A 106 -7.40 -15.21 -3.02
CA LEU A 106 -7.70 -16.22 -4.02
C LEU A 106 -6.87 -16.01 -5.29
N ARG A 107 -6.65 -14.75 -5.67
CA ARG A 107 -5.87 -14.47 -6.87
C ARG A 107 -4.42 -14.90 -6.66
N GLU A 108 -3.89 -14.60 -5.48
CA GLU A 108 -2.51 -14.95 -5.15
C GLU A 108 -2.32 -16.47 -5.05
N GLN A 109 -3.24 -17.14 -4.38
CA GLN A 109 -3.11 -18.57 -4.20
C GLN A 109 -3.20 -19.38 -5.48
N VAL A 110 -4.05 -18.97 -6.42
CA VAL A 110 -4.11 -19.72 -7.67
C VAL A 110 -2.77 -19.56 -8.38
N LEU A 111 -2.27 -18.34 -8.45
CA LEU A 111 -0.99 -18.08 -9.11
C LEU A 111 0.15 -18.89 -8.48
N ARG A 112 0.26 -18.84 -7.16
CA ARG A 112 1.34 -19.54 -6.47
C ARG A 112 1.23 -21.04 -6.61
N GLU A 113 0.00 -21.56 -6.58
CA GLU A 113 -0.18 -23.00 -6.72
C GLU A 113 0.35 -23.50 -8.06
N LEU A 114 0.21 -22.66 -9.07
CA LEU A 114 0.67 -22.97 -10.42
C LEU A 114 2.17 -22.79 -10.57
N GLY A 115 2.83 -22.37 -9.50
CA GLY A 115 4.27 -22.22 -9.54
C GLY A 115 4.83 -20.85 -9.81
N PHE A 116 3.96 -19.89 -10.12
CA PHE A 116 4.42 -18.52 -10.39
C PHE A 116 4.95 -17.98 -9.06
N ARG A 117 6.06 -17.24 -9.11
CA ARG A 117 6.65 -16.69 -7.91
C ARG A 117 6.53 -15.17 -7.83
N ASP A 118 7.04 -14.51 -8.85
CA ASP A 118 6.95 -13.05 -8.89
C ASP A 118 6.79 -12.63 -10.35
N ILE A 119 5.56 -12.74 -10.85
CA ILE A 119 5.29 -12.42 -12.25
C ILE A 119 5.56 -10.96 -12.58
N PHE A 120 5.82 -10.15 -11.55
CA PHE A 120 6.12 -8.73 -11.74
C PHE A 120 7.58 -8.39 -11.44
N LYS A 121 8.40 -9.40 -11.13
CA LYS A 121 9.79 -9.15 -10.77
C LYS A 121 10.62 -8.43 -11.81
N LYS A 122 10.53 -8.86 -13.06
CA LYS A 122 11.30 -8.20 -14.11
C LYS A 122 11.04 -6.70 -14.10
N VAL A 123 9.76 -6.33 -14.16
CA VAL A 123 9.40 -4.91 -14.18
C VAL A 123 9.68 -4.16 -12.87
N LYS A 124 9.49 -4.82 -11.73
CA LYS A 124 9.79 -4.17 -10.45
C LYS A 124 11.25 -3.75 -10.48
N ASP A 125 12.13 -4.67 -10.88
CA ASP A 125 13.55 -4.34 -10.95
C ASP A 125 13.75 -3.19 -11.93
N GLU A 126 12.96 -3.16 -12.99
CA GLU A 126 13.09 -2.12 -14.00
C GLU A 126 12.54 -0.78 -13.49
N GLU A 127 11.43 -0.83 -12.78
CA GLU A 127 10.81 0.39 -12.24
C GLU A 127 11.81 1.03 -11.30
N ASN A 128 12.44 0.19 -10.49
CA ASN A 128 13.43 0.68 -9.53
C ASN A 128 14.66 1.21 -10.25
N ALA A 129 15.14 0.50 -11.27
CA ALA A 129 16.33 0.97 -11.99
C ALA A 129 16.15 2.36 -12.57
N LYS A 130 14.90 2.70 -12.90
CA LYS A 130 14.61 4.02 -13.47
C LYS A 130 14.35 5.05 -12.37
N ALA A 131 13.92 4.59 -11.20
CA ALA A 131 13.66 5.50 -10.10
C ALA A 131 14.95 5.92 -9.42
N ILE A 132 15.81 4.93 -9.11
CA ILE A 132 17.08 5.21 -8.44
C ILE A 132 17.88 6.28 -9.18
N SER A 133 17.82 6.27 -10.51
CA SER A 133 18.52 7.26 -11.32
C SER A 133 18.07 8.70 -11.06
N LEU A 134 16.89 8.88 -10.45
CA LEU A 134 16.37 10.21 -10.18
C LEU A 134 16.32 10.63 -8.72
N PHE A 135 16.68 9.72 -7.83
CA PHE A 135 16.61 10.03 -6.39
C PHE A 135 17.34 11.33 -6.02
N PRO A 136 18.60 11.52 -6.44
CA PRO A 136 19.27 12.76 -6.06
C PRO A 136 18.55 14.03 -6.54
N GLN A 137 18.09 14.01 -7.79
CA GLN A 137 17.39 15.14 -8.39
C GLN A 137 16.12 15.50 -7.63
N VAL A 138 15.28 14.49 -7.40
CA VAL A 138 14.01 14.70 -6.70
C VAL A 138 14.24 15.23 -5.29
N VAL A 139 15.17 14.63 -4.57
CA VAL A 139 15.48 15.09 -3.21
C VAL A 139 16.01 16.52 -3.27
N SER A 140 16.84 16.83 -4.28
CA SER A 140 17.37 18.19 -4.41
C SER A 140 16.26 19.23 -4.55
N LEU A 141 15.22 18.88 -5.30
CA LEU A 141 14.09 19.77 -5.51
C LEU A 141 13.36 20.07 -4.20
N SER A 142 13.26 19.09 -3.31
CA SER A 142 12.58 19.33 -2.05
C SER A 142 13.49 20.06 -1.06
N ASP A 143 14.74 19.62 -0.94
CA ASP A 143 15.68 20.24 0.00
C ASP A 143 15.86 21.73 -0.30
N ALA A 144 15.63 22.12 -1.55
CA ALA A 144 15.80 23.53 -1.95
C ALA A 144 14.63 24.42 -1.56
N ILE A 145 13.60 23.82 -0.97
CA ILE A 145 12.44 24.58 -0.53
C ILE A 145 12.70 25.14 0.86
N GLU A 146 12.72 26.47 0.96
CA GLU A 146 13.00 27.17 2.20
C GLU A 146 12.05 26.88 3.36
N ASP A 147 10.76 27.10 3.16
CA ASP A 147 9.79 26.88 4.24
C ASP A 147 9.58 25.40 4.50
N ASP A 148 9.71 24.99 5.76
CA ASP A 148 9.54 23.58 6.12
C ASP A 148 8.15 23.03 5.81
N GLY A 149 7.13 23.87 5.97
CA GLY A 149 5.76 23.42 5.69
C GLY A 149 5.54 23.16 4.21
N LYS A 150 6.00 24.07 3.36
CA LYS A 150 5.84 23.89 1.93
C LYS A 150 6.66 22.69 1.44
N ARG A 151 7.78 22.41 2.10
CA ARG A 151 8.59 21.27 1.69
C ARG A 151 7.81 19.99 2.02
N LEU A 152 6.97 20.06 3.05
CA LEU A 152 6.16 18.92 3.44
C LEU A 152 5.13 18.69 2.35
N GLU A 153 4.45 19.76 1.95
CA GLU A 153 3.43 19.63 0.91
C GLU A 153 4.04 19.08 -0.39
N ASN A 154 5.32 19.38 -0.62
CA ASN A 154 5.98 18.91 -1.82
C ASN A 154 6.21 17.40 -1.73
N LEU A 155 6.68 16.92 -0.57
CA LEU A 155 6.92 15.49 -0.36
C LEU A 155 5.63 14.70 -0.42
N VAL A 156 4.57 15.20 0.23
CA VAL A 156 3.26 14.53 0.18
C VAL A 156 2.82 14.47 -1.29
N ARG A 157 2.82 15.60 -1.98
CA ARG A 157 2.44 15.55 -3.40
C ARG A 157 3.38 14.57 -4.13
N GLY A 158 4.59 14.39 -3.59
CA GLY A 158 5.51 13.44 -4.19
C GLY A 158 5.12 12.01 -3.84
N ILE A 159 4.38 11.82 -2.75
CA ILE A 159 3.95 10.47 -2.37
C ILE A 159 2.72 10.09 -3.18
N PHE A 160 1.81 11.03 -3.38
CA PHE A 160 0.61 10.74 -4.17
C PHE A 160 0.96 10.37 -5.60
N ALA A 161 1.95 11.03 -6.18
CA ALA A 161 2.39 10.77 -7.55
C ALA A 161 3.30 9.53 -7.56
N GLY A 162 4.02 9.30 -6.47
CA GLY A 162 4.88 8.13 -6.41
C GLY A 162 4.04 6.87 -6.27
N ASN A 163 2.89 6.98 -5.62
CA ASN A 163 2.01 5.83 -5.41
C ASN A 163 1.19 5.47 -6.65
N ILE A 164 1.77 5.73 -7.82
CA ILE A 164 1.15 5.41 -9.11
C ILE A 164 2.19 5.33 -10.22
N PHE A 165 2.99 6.39 -10.38
CA PHE A 165 4.02 6.46 -11.42
C PHE A 165 5.20 5.56 -11.08
N MET A 181 6.23 13.64 -19.82
CA MET A 181 5.70 12.73 -18.82
C MET A 181 6.82 12.19 -17.91
N SER A 182 6.62 12.30 -16.59
CA SER A 182 7.61 11.84 -15.62
C SER A 182 7.05 11.96 -14.22
N PHE A 183 7.74 11.34 -13.26
CA PHE A 183 7.33 11.40 -11.86
C PHE A 183 7.23 12.87 -11.44
N LEU A 184 8.24 13.67 -11.79
CA LEU A 184 8.21 15.08 -11.40
C LEU A 184 7.04 15.82 -12.07
N ALA A 185 6.72 15.46 -13.30
CA ALA A 185 5.60 16.09 -14.00
C ALA A 185 4.31 15.63 -13.33
N SER A 186 4.21 14.32 -13.09
CA SER A 186 3.02 13.76 -12.46
C SER A 186 2.80 14.40 -11.09
N CYS A 187 3.87 14.91 -10.48
CA CYS A 187 3.77 15.55 -9.18
C CYS A 187 3.01 16.87 -9.26
N GLN A 188 2.98 17.46 -10.44
CA GLN A 188 2.30 18.74 -10.61
C GLN A 188 0.94 18.62 -11.29
N ASN A 189 0.57 17.39 -11.63
CA ASN A 189 -0.71 17.15 -12.28
C ASN A 189 -1.78 16.62 -11.34
N LEU A 190 -1.43 16.37 -10.07
CA LEU A 190 -2.40 15.87 -9.12
C LEU A 190 -3.63 16.78 -9.11
N VAL A 191 -4.80 16.18 -8.92
CA VAL A 191 -6.04 16.92 -8.86
C VAL A 191 -5.93 18.03 -7.79
N PRO A 192 -6.39 19.25 -8.13
CA PRO A 192 -6.34 20.38 -7.20
C PRO A 192 -7.02 20.15 -5.86
N ARG A 193 -6.44 20.71 -4.81
CA ARG A 193 -7.01 20.61 -3.48
C ARG A 193 -8.21 21.57 -3.43
N PRO A 194 -9.14 21.34 -2.49
CA PRO A 194 -9.12 20.25 -1.51
C PRO A 194 -9.19 18.85 -2.12
N TRP A 195 -8.55 17.89 -1.47
CA TRP A 195 -8.61 16.51 -1.93
C TRP A 195 -9.87 15.90 -1.30
N VAL A 196 -10.26 14.69 -1.73
CA VAL A 196 -11.49 14.07 -1.21
C VAL A 196 -11.44 13.94 0.32
N ILE A 197 -10.24 13.68 0.83
CA ILE A 197 -9.99 13.64 2.27
C ILE A 197 -8.72 14.49 2.34
N ASP A 198 -8.85 15.67 2.94
CA ASP A 198 -7.77 16.64 3.00
C ASP A 198 -7.47 17.14 4.42
N ASP A 199 -6.72 16.34 5.17
CA ASP A 199 -6.36 16.69 6.54
C ASP A 199 -4.93 17.24 6.59
N LEU A 200 -4.42 17.67 5.44
CA LEU A 200 -3.06 18.17 5.35
C LEU A 200 -2.77 19.41 6.22
N GLU A 201 -3.70 20.36 6.24
CA GLU A 201 -3.52 21.56 7.04
C GLU A 201 -3.33 21.18 8.51
N ASN A 202 -4.21 20.33 9.02
CA ASN A 202 -4.11 19.91 10.41
C ASN A 202 -2.84 19.13 10.67
N PHE A 203 -2.36 18.42 9.65
CA PHE A 203 -1.16 17.62 9.77
C PHE A 203 0.08 18.49 9.80
N GLN A 204 0.14 19.45 8.89
CA GLN A 204 1.27 20.37 8.79
C GLN A 204 1.40 21.13 10.11
N ALA A 205 0.28 21.54 10.68
CA ALA A 205 0.29 22.26 11.93
C ALA A 205 1.08 21.50 12.98
N LYS A 206 0.83 20.19 13.11
CA LYS A 206 1.56 19.39 14.10
C LYS A 206 2.97 19.06 13.67
N TRP A 207 3.17 18.96 12.36
CA TRP A 207 4.48 18.67 11.78
C TRP A 207 5.48 19.78 12.09
N ILE A 208 5.00 21.03 12.07
CA ILE A 208 5.88 22.18 12.33
C ILE A 208 6.33 22.23 13.80
N ASN A 209 5.60 21.57 14.69
CA ASN A 209 6.01 21.54 16.09
C ASN A 209 7.08 20.45 16.22
N LYS A 210 7.17 19.64 15.18
CA LYS A 210 8.12 18.52 15.10
C LYS A 210 8.17 17.76 16.41
N SER A 211 7.11 17.01 16.67
CA SER A 211 6.96 16.21 17.88
C SER A 211 7.22 14.71 17.67
N TRP A 212 6.64 14.14 16.61
CA TRP A 212 6.81 12.72 16.31
C TRP A 212 8.26 12.29 16.28
N LYS A 213 8.58 11.20 16.97
CA LYS A 213 9.96 10.71 17.01
C LYS A 213 10.13 9.26 16.53
N LYS A 214 9.03 8.59 16.19
CA LYS A 214 9.10 7.21 15.71
C LYS A 214 8.02 6.91 14.66
N ALA A 215 8.43 6.66 13.43
CA ALA A 215 7.51 6.33 12.34
C ALA A 215 7.64 4.88 11.84
N VAL A 216 6.53 4.33 11.36
CA VAL A 216 6.48 2.98 10.82
C VAL A 216 5.64 3.07 9.55
N ILE A 217 6.27 2.99 8.39
CA ILE A 217 5.52 3.10 7.12
C ILE A 217 5.24 1.74 6.46
N PHE A 218 3.96 1.52 6.08
CA PHE A 218 3.54 0.30 5.41
C PHE A 218 3.64 0.56 3.90
N VAL A 219 4.74 0.08 3.34
CA VAL A 219 5.12 0.22 1.93
C VAL A 219 4.10 -0.40 0.98
N ASP A 220 3.99 0.18 -0.21
CA ASP A 220 3.02 -0.25 -1.21
C ASP A 220 3.70 -0.71 -2.51
N ASN A 221 4.07 0.24 -3.36
CA ASN A 221 4.65 -0.13 -4.66
C ASN A 221 6.15 0.06 -4.84
N SER A 222 6.69 -0.67 -5.81
CA SER A 222 8.09 -0.56 -6.18
C SER A 222 8.27 0.69 -7.04
N GLY A 223 9.47 0.86 -7.57
CA GLY A 223 9.74 1.99 -8.44
C GLY A 223 9.71 3.36 -7.80
N ALA A 224 9.05 4.30 -8.48
CA ALA A 224 8.97 5.68 -7.99
C ALA A 224 8.23 5.82 -6.67
N ASP A 225 7.37 4.86 -6.38
CA ASP A 225 6.60 4.92 -5.15
C ASP A 225 7.52 4.93 -3.95
N ILE A 226 8.16 3.79 -3.71
CA ILE A 226 9.06 3.69 -2.57
C ILE A 226 10.30 4.57 -2.69
N ILE A 227 10.86 4.69 -3.90
CA ILE A 227 12.10 5.46 -4.10
C ILE A 227 11.98 6.97 -4.21
N LEU A 228 11.00 7.45 -4.97
CA LEU A 228 10.87 8.89 -5.17
C LEU A 228 9.78 9.53 -4.33
N GLY A 229 8.82 8.71 -3.88
CA GLY A 229 7.75 9.25 -3.05
C GLY A 229 8.05 9.06 -1.57
N ILE A 230 8.07 7.79 -1.14
CA ILE A 230 8.31 7.49 0.28
C ILE A 230 9.70 7.79 0.83
N LEU A 231 10.76 7.33 0.16
CA LEU A 231 12.09 7.55 0.73
C LEU A 231 12.43 9.02 0.97
N PRO A 232 12.13 9.91 0.00
CA PRO A 232 12.47 11.32 0.29
C PRO A 232 11.70 11.82 1.52
N PHE A 233 10.46 11.34 1.67
CA PHE A 233 9.63 11.72 2.80
C PHE A 233 10.27 11.17 4.08
N ALA A 234 10.67 9.90 4.04
CA ALA A 234 11.32 9.27 5.19
C ALA A 234 12.58 10.04 5.56
N ARG A 235 13.38 10.40 4.56
CA ARG A 235 14.60 11.15 4.77
C ARG A 235 14.33 12.51 5.41
N GLU A 236 13.25 13.15 5.01
CA GLU A 236 12.88 14.45 5.57
C GLU A 236 12.32 14.32 6.99
N LEU A 237 11.98 13.10 7.41
CA LEU A 237 11.48 12.87 8.78
C LEU A 237 12.70 12.66 9.65
N LEU A 238 13.66 11.88 9.15
CA LEU A 238 14.89 11.60 9.89
C LEU A 238 15.58 12.91 10.23
N ARG A 239 15.76 13.76 9.22
CA ARG A 239 16.43 15.03 9.41
C ARG A 239 15.79 15.90 10.49
N ARG A 240 14.50 15.73 10.70
CA ARG A 240 13.79 16.50 11.72
C ARG A 240 13.90 15.75 13.05
N GLY A 241 14.53 14.58 12.99
CA GLY A 241 14.77 13.78 14.18
C GLY A 241 13.80 12.66 14.52
N ALA A 242 13.78 11.59 13.73
CA ALA A 242 12.89 10.47 14.02
C ALA A 242 13.39 9.10 13.52
N GLN A 243 12.89 8.03 14.14
CA GLN A 243 13.23 6.68 13.72
C GLN A 243 12.19 6.31 12.65
N VAL A 244 12.55 5.46 11.68
CA VAL A 244 11.60 5.07 10.65
C VAL A 244 11.75 3.60 10.28
N VAL A 245 10.67 2.84 10.46
CA VAL A 245 10.61 1.42 10.17
C VAL A 245 9.74 1.19 8.92
N LEU A 246 10.34 1.11 7.73
CA LEU A 246 9.53 0.91 6.51
C LEU A 246 9.02 -0.53 6.35
N ALA A 247 7.90 -0.79 7.01
CA ALA A 247 7.23 -2.10 7.02
C ALA A 247 6.75 -2.50 5.65
N ALA A 248 7.38 -3.54 5.08
CA ALA A 248 7.03 -4.03 3.76
C ALA A 248 6.43 -5.44 3.79
N ASN A 249 6.10 -5.95 2.60
CA ASN A 249 5.54 -7.28 2.43
C ASN A 249 6.56 -8.39 2.58
N GLU A 250 6.21 -9.41 3.36
CA GLU A 250 7.10 -10.54 3.50
C GLU A 250 7.25 -11.14 2.11
N LEU A 251 6.10 -11.33 1.45
CA LEU A 251 6.04 -11.91 0.11
C LEU A 251 5.53 -10.95 -0.95
N PRO A 252 6.04 -11.07 -2.19
CA PRO A 252 5.57 -10.17 -3.24
C PRO A 252 4.06 -10.28 -3.49
N SER A 253 3.47 -9.17 -3.91
CA SER A 253 2.04 -9.09 -4.25
C SER A 253 1.94 -8.06 -5.37
N ILE A 254 1.54 -8.50 -6.57
CA ILE A 254 1.46 -7.62 -7.74
C ILE A 254 2.85 -6.97 -7.82
N ASN A 255 2.90 -5.64 -7.85
CA ASN A 255 4.18 -4.95 -7.89
C ASN A 255 4.64 -4.43 -6.53
N ASP A 256 3.93 -4.80 -5.46
CA ASP A 256 4.33 -4.35 -4.14
C ASP A 256 5.72 -4.88 -3.83
N ILE A 257 6.61 -3.98 -3.46
CA ILE A 257 7.99 -4.34 -3.14
C ILE A 257 8.03 -5.07 -1.79
N THR A 258 8.86 -6.10 -1.68
CA THR A 258 8.99 -6.86 -0.43
C THR A 258 10.11 -6.27 0.41
N CYS A 259 10.18 -6.67 1.67
CA CYS A 259 11.21 -6.17 2.56
C CYS A 259 12.59 -6.50 2.02
N THR A 260 12.78 -7.75 1.61
CA THR A 260 14.05 -8.19 1.07
C THR A 260 14.52 -7.31 -0.08
N GLU A 261 13.59 -6.59 -0.70
CA GLU A 261 13.96 -5.74 -1.82
C GLU A 261 14.26 -4.32 -1.33
N LEU A 262 13.51 -3.84 -0.34
CA LEU A 262 13.70 -2.49 0.20
C LEU A 262 15.08 -2.35 0.85
N THR A 263 15.51 -3.41 1.54
CA THR A 263 16.83 -3.39 2.15
C THR A 263 17.88 -3.29 1.05
N GLU A 264 17.68 -4.07 -0.02
CA GLU A 264 18.60 -4.08 -1.15
C GLU A 264 18.62 -2.72 -1.86
N ILE A 265 17.44 -2.15 -2.09
CA ILE A 265 17.35 -0.84 -2.74
C ILE A 265 17.97 0.25 -1.85
N LEU A 266 17.82 0.11 -0.53
CA LEU A 266 18.39 1.10 0.39
C LEU A 266 19.91 1.04 0.38
N SER A 267 20.45 -0.18 0.36
CA SER A 267 21.90 -0.37 0.32
C SER A 267 22.45 0.38 -0.90
N GLN A 268 21.74 0.27 -2.02
CA GLN A 268 22.16 0.91 -3.25
C GLN A 268 22.11 2.43 -3.25
N LEU A 269 21.05 3.00 -2.65
CA LEU A 269 20.92 4.45 -2.62
C LEU A 269 21.97 5.10 -1.72
N LYS A 270 22.43 4.35 -0.73
CA LYS A 270 23.44 4.82 0.22
C LYS A 270 24.79 4.94 -0.46
N ASN A 273 29.25 7.80 1.83
CA ASN A 273 29.45 7.75 3.28
C ASN A 273 28.42 6.86 3.98
N GLY A 274 27.54 6.24 3.20
CA GLY A 274 26.53 5.38 3.77
C GLY A 274 25.34 6.19 4.25
N GLN A 275 25.16 7.36 3.66
CA GLN A 275 24.08 8.27 4.02
C GLN A 275 23.14 8.51 2.84
N LEU A 276 22.04 9.22 3.10
CA LEU A 276 21.07 9.57 2.06
C LEU A 276 21.20 11.07 1.88
N LEU A 277 22.15 11.50 1.05
CA LEU A 277 22.38 12.91 0.80
C LEU A 277 22.53 13.73 2.08
N GLY A 278 23.49 13.35 2.92
CA GLY A 278 23.72 14.09 4.16
C GLY A 278 23.05 13.55 5.40
N VAL A 279 21.74 13.76 5.48
CA VAL A 279 20.94 13.29 6.60
C VAL A 279 21.41 11.90 6.97
N ASP A 280 21.44 11.61 8.26
CA ASP A 280 21.90 10.31 8.72
C ASP A 280 20.73 9.35 8.76
N THR A 281 21.03 8.06 8.62
CA THR A 281 20.02 7.00 8.60
C THR A 281 20.11 6.07 9.79
N SER A 282 20.96 6.39 10.76
CA SER A 282 21.08 5.51 11.91
C SER A 282 19.76 5.39 12.68
N LYS A 283 18.68 5.94 12.13
CA LYS A 283 17.37 5.86 12.76
C LYS A 283 16.31 5.31 11.79
N LEU A 284 16.77 4.74 10.69
CA LEU A 284 15.90 4.12 9.67
C LEU A 284 16.01 2.59 9.73
N LEU A 285 14.87 1.91 9.84
CA LEU A 285 14.85 0.45 9.89
C LEU A 285 13.93 -0.14 8.81
N ILE A 286 14.41 -1.12 8.05
CA ILE A 286 13.60 -1.76 7.01
C ILE A 286 13.09 -3.07 7.62
N ALA A 287 11.77 -3.24 7.64
CA ALA A 287 11.18 -4.41 8.27
C ALA A 287 10.13 -5.18 7.47
N ASN A 288 9.94 -6.44 7.86
CA ASN A 288 8.93 -7.32 7.25
C ASN A 288 7.66 -7.16 8.07
N SER A 289 6.53 -6.91 7.41
CA SER A 289 5.27 -6.74 8.12
C SER A 289 4.56 -8.08 8.35
N GLY A 290 5.00 -9.11 7.65
CA GLY A 290 4.39 -10.43 7.78
C GLY A 290 3.24 -10.64 6.82
N ASN A 291 2.81 -9.56 6.17
CA ASN A 291 1.69 -9.60 5.22
C ASN A 291 2.13 -10.24 3.92
N ASP A 292 1.18 -10.50 3.04
CA ASP A 292 1.52 -11.15 1.77
C ASP A 292 0.55 -10.75 0.66
N LEU A 293 -0.20 -9.66 0.90
CA LEU A 293 -1.21 -9.17 -0.04
C LEU A 293 -0.98 -7.70 -0.41
N PRO A 294 -1.83 -7.13 -1.28
CA PRO A 294 -1.74 -5.73 -1.71
C PRO A 294 -2.54 -4.85 -0.75
N VAL A 295 -3.27 -5.51 0.14
CA VAL A 295 -4.05 -4.86 1.19
C VAL A 295 -3.46 -5.47 2.47
N ILE A 296 -4.05 -5.19 3.63
CA ILE A 296 -3.49 -5.80 4.85
C ILE A 296 -4.46 -5.84 6.03
N ASP A 297 -4.33 -6.91 6.81
CA ASP A 297 -5.12 -7.11 8.02
C ASP A 297 -4.12 -6.75 9.13
N LEU A 298 -4.38 -5.63 9.82
CA LEU A 298 -3.49 -5.14 10.87
C LEU A 298 -3.53 -5.94 12.15
N SER A 299 -4.57 -6.76 12.33
CA SER A 299 -4.63 -7.57 13.54
C SER A 299 -3.67 -8.76 13.41
N ARG A 300 -2.98 -8.84 12.26
CA ARG A 300 -2.02 -9.91 12.01
C ARG A 300 -0.74 -9.39 11.38
N VAL A 301 0.24 -9.01 12.20
CA VAL A 301 1.52 -8.53 11.69
C VAL A 301 2.64 -9.33 12.35
N SER A 302 3.71 -9.57 11.60
CA SER A 302 4.84 -10.33 12.12
C SER A 302 5.26 -9.83 13.50
N GLN A 303 5.92 -10.69 14.29
CA GLN A 303 6.38 -10.27 15.59
C GLN A 303 7.51 -9.26 15.41
N GLU A 304 8.23 -9.41 14.31
CA GLU A 304 9.32 -8.51 13.95
C GLU A 304 8.76 -7.10 13.84
N LEU A 305 7.73 -6.95 13.01
CA LEU A 305 7.12 -5.63 12.82
C LEU A 305 6.60 -5.06 14.14
N ALA A 306 5.87 -5.87 14.90
CA ALA A 306 5.31 -5.43 16.17
C ALA A 306 6.41 -4.99 17.15
N TYR A 307 7.49 -5.76 17.23
CA TYR A 307 8.58 -5.38 18.11
C TYR A 307 9.10 -4.00 17.70
N LEU A 308 9.26 -3.78 16.40
CA LEU A 308 9.75 -2.50 15.89
C LEU A 308 8.74 -1.36 15.97
N SER A 309 7.46 -1.72 16.08
CA SER A 309 6.40 -0.71 16.15
C SER A 309 5.73 -0.71 17.52
N SER A 310 6.31 -1.44 18.47
CA SER A 310 5.72 -1.52 19.80
C SER A 310 5.72 -0.17 20.50
N ASP A 311 6.61 0.74 20.07
CA ASP A 311 6.67 2.07 20.66
C ASP A 311 6.45 3.15 19.59
N ALA A 312 5.65 2.85 18.58
CA ALA A 312 5.40 3.84 17.52
C ALA A 312 4.51 4.99 17.97
N ASP A 313 4.79 6.18 17.44
CA ASP A 313 4.00 7.37 17.73
C ASP A 313 3.27 7.87 16.49
N LEU A 314 3.12 6.97 15.52
CA LEU A 314 2.43 7.27 14.26
C LEU A 314 2.50 6.02 13.40
N VAL A 315 1.43 5.80 12.64
CA VAL A 315 1.32 4.64 11.76
C VAL A 315 0.89 5.07 10.35
N ILE A 316 1.80 5.65 9.57
CA ILE A 316 1.45 6.08 8.21
C ILE A 316 1.11 4.86 7.36
N VAL A 317 -0.08 4.84 6.75
CA VAL A 317 -0.50 3.70 5.94
C VAL A 317 -0.86 4.24 4.55
N GLU A 318 -0.05 3.88 3.55
CA GLU A 318 -0.26 4.38 2.19
C GLU A 318 -1.23 3.63 1.28
N GLY A 319 -1.27 4.12 0.05
CA GLY A 319 -2.08 3.55 -1.03
C GLY A 319 -3.43 2.92 -0.80
N MET A 320 -4.23 2.88 -1.86
CA MET A 320 -5.58 2.31 -1.80
C MET A 320 -5.58 0.90 -1.22
N GLY A 321 -4.58 0.10 -1.56
CA GLY A 321 -4.55 -1.25 -1.03
C GLY A 321 -4.63 -1.34 0.48
N ARG A 322 -3.54 -0.97 1.16
CA ARG A 322 -3.49 -1.06 2.62
C ARG A 322 -3.99 0.17 3.37
N GLY A 323 -4.30 1.24 2.65
CA GLY A 323 -4.74 2.47 3.29
C GLY A 323 -6.19 2.86 3.09
N ILE A 324 -6.79 2.40 1.99
CA ILE A 324 -8.19 2.75 1.72
C ILE A 324 -9.12 1.52 1.74
N GLU A 325 -8.86 0.54 0.88
CA GLU A 325 -9.70 -0.67 0.84
C GLU A 325 -9.64 -1.32 2.22
N THR A 326 -8.56 -1.06 2.93
CA THR A 326 -8.43 -1.50 4.32
C THR A 326 -7.89 -0.31 5.11
N ASN A 327 -8.13 -0.36 6.42
CA ASN A 327 -7.65 0.62 7.38
C ASN A 327 -8.13 2.07 7.38
N LEU A 328 -8.76 2.52 6.31
CA LEU A 328 -9.23 3.91 6.26
C LEU A 328 -9.85 4.39 7.59
N TYR A 329 -10.67 3.54 8.20
CA TYR A 329 -11.31 3.89 9.46
C TYR A 329 -10.75 3.10 10.65
N ALA A 330 -9.59 2.47 10.48
CA ALA A 330 -9.02 1.71 11.60
C ALA A 330 -8.63 2.66 12.72
N GLN A 331 -8.95 2.26 13.94
CA GLN A 331 -8.59 3.07 15.10
C GLN A 331 -7.26 2.58 15.65
N PHE A 332 -6.36 3.52 15.91
CA PHE A 332 -5.04 3.23 16.45
C PHE A 332 -4.90 3.92 17.81
N LYS A 333 -3.94 3.47 18.60
CA LYS A 333 -3.66 4.03 19.91
C LYS A 333 -2.85 5.32 19.74
N CYS A 334 -2.16 5.43 18.60
CA CYS A 334 -1.35 6.60 18.29
C CYS A 334 -1.94 7.31 17.07
N ASP A 335 -1.41 8.49 16.77
CA ASP A 335 -1.87 9.28 15.61
C ASP A 335 -1.55 8.50 14.33
N SER A 336 -2.51 8.42 13.40
CA SER A 336 -2.28 7.70 12.16
C SER A 336 -2.67 8.48 10.91
N LEU A 337 -1.97 8.19 9.83
CA LEU A 337 -2.20 8.81 8.54
C LEU A 337 -2.43 7.73 7.48
N LYS A 338 -3.52 7.87 6.73
CA LYS A 338 -3.84 6.95 5.63
C LYS A 338 -3.69 7.84 4.41
N ILE A 339 -2.74 7.51 3.55
CA ILE A 339 -2.45 8.33 2.38
C ILE A 339 -2.35 7.51 1.10
N GLY A 340 -3.27 7.75 0.15
CA GLY A 340 -3.20 7.00 -1.09
C GLY A 340 -4.06 7.63 -2.15
N MET A 341 -3.73 7.36 -3.41
CA MET A 341 -4.51 7.90 -4.52
C MET A 341 -5.60 6.91 -4.91
N VAL A 342 -6.82 7.41 -5.15
CA VAL A 342 -7.94 6.53 -5.54
C VAL A 342 -7.73 6.13 -6.99
N LYS A 343 -7.50 4.84 -7.23
CA LYS A 343 -7.21 4.34 -8.56
C LYS A 343 -8.24 3.34 -9.12
N HIS A 344 -9.44 3.35 -8.55
CA HIS A 344 -10.52 2.46 -8.97
C HIS A 344 -11.88 3.15 -8.82
N LEU A 345 -12.64 3.26 -9.91
CA LEU A 345 -13.96 3.87 -9.85
C LEU A 345 -14.83 3.30 -8.72
N GLU A 346 -14.65 2.04 -8.36
CA GLU A 346 -15.45 1.45 -7.29
C GLU A 346 -15.12 2.11 -5.95
N VAL A 347 -13.85 2.49 -5.79
CA VAL A 347 -13.42 3.14 -4.56
C VAL A 347 -13.85 4.61 -4.61
N ALA A 348 -13.74 5.23 -5.78
CA ALA A 348 -14.16 6.62 -5.88
C ALA A 348 -15.63 6.75 -5.51
N GLU A 349 -16.44 5.82 -5.99
CA GLU A 349 -17.87 5.85 -5.72
C GLU A 349 -18.14 5.79 -4.22
N PHE A 350 -17.45 4.90 -3.53
CA PHE A 350 -17.60 4.77 -2.08
C PHE A 350 -17.20 6.07 -1.36
N LEU A 351 -16.06 6.65 -1.76
CA LEU A 351 -15.54 7.86 -1.14
C LEU A 351 -16.29 9.15 -1.44
N GLY A 352 -16.92 9.19 -2.61
CA GLY A 352 -17.63 10.39 -3.02
C GLY A 352 -16.64 11.46 -3.46
N GLY A 353 -15.71 11.10 -4.33
CA GLY A 353 -14.72 12.04 -4.84
C GLY A 353 -14.31 11.78 -6.28
N ARG A 354 -13.40 12.61 -6.82
CA ARG A 354 -12.95 12.48 -8.20
C ARG A 354 -12.08 11.25 -8.44
N LEU A 355 -12.24 10.56 -9.57
CA LEU A 355 -11.36 9.43 -9.79
C LEU A 355 -9.98 10.08 -9.75
N TYR A 356 -9.04 9.39 -9.11
CA TYR A 356 -7.69 9.86 -8.92
C TYR A 356 -7.54 10.88 -7.80
N ASP A 357 -8.62 11.15 -7.07
CA ASP A 357 -8.55 12.08 -5.93
C ASP A 357 -7.57 11.37 -4.98
N CYS A 358 -6.61 12.11 -4.41
CA CYS A 358 -5.65 11.53 -3.47
C CYS A 358 -6.24 11.62 -2.09
N VAL A 359 -5.98 10.63 -1.24
CA VAL A 359 -6.54 10.68 0.11
C VAL A 359 -5.43 10.98 1.08
N PHE A 360 -5.67 11.94 1.98
CA PHE A 360 -4.72 12.33 3.03
C PHE A 360 -5.61 12.46 4.29
N LYS A 361 -5.76 11.35 5.01
CA LYS A 361 -6.61 11.33 6.19
C LYS A 361 -5.76 11.27 7.45
N PHE A 362 -5.81 12.35 8.21
CA PHE A 362 -5.03 12.47 9.44
C PHE A 362 -5.90 12.60 10.67
N ASN A 363 -5.60 11.79 11.69
CA ASN A 363 -6.35 11.79 12.95
C ASN A 363 -5.35 11.96 14.10
N GLU A 364 -5.43 13.10 14.76
CA GLU A 364 -4.54 13.42 15.88
C GLU A 364 -5.10 12.80 17.14
N VAL A 365 -4.18 12.34 18.00
CA VAL A 365 -4.51 11.71 19.29
C VAL A 365 -5.00 10.29 19.08
MG MG B . 0.78 -1.84 -4.89
MG MG C . -6.56 -4.60 -4.64
N GLU A 6 2.55 -17.22 15.92
CA GLU A 6 2.94 -16.88 14.51
C GLU A 6 2.92 -15.36 14.35
N MET A 7 1.72 -14.83 14.16
CA MET A 7 1.54 -13.39 14.00
C MET A 7 0.62 -12.86 15.09
N VAL A 8 0.76 -11.57 15.38
CA VAL A 8 -0.05 -10.93 16.40
C VAL A 8 -0.54 -9.61 15.86
N PRO A 9 -1.55 -9.04 16.51
CA PRO A 9 -2.10 -7.75 16.07
C PRO A 9 -1.00 -6.70 16.07
N PHE A 10 -1.10 -5.75 15.16
CA PHE A 10 -0.13 -4.65 15.13
C PHE A 10 -0.38 -4.06 16.53
N PRO A 11 0.69 -3.72 17.27
CA PRO A 11 0.54 -3.16 18.63
C PRO A 11 -0.20 -1.84 18.83
N GLN A 12 -0.38 -1.06 17.78
CA GLN A 12 -1.09 0.22 17.93
C GLN A 12 -2.61 0.03 17.79
N LEU A 13 -3.05 -1.19 17.52
CA LEU A 13 -4.51 -1.41 17.47
C LEU A 13 -4.98 -1.56 18.91
N PRO A 14 -5.89 -0.67 19.38
CA PRO A 14 -6.38 -0.75 20.75
C PRO A 14 -7.05 -2.11 20.97
N MET A 15 -6.90 -2.67 22.17
CA MET A 15 -7.51 -3.96 22.47
C MET A 15 -8.67 -3.74 23.45
N PRO A 16 -9.73 -4.55 23.36
CA PRO A 16 -9.92 -5.64 22.40
C PRO A 16 -10.15 -5.13 20.98
N ILE A 17 -9.49 -5.76 20.02
CA ILE A 17 -9.64 -5.37 18.62
C ILE A 17 -10.91 -6.00 18.05
N GLU A 18 -11.31 -7.13 18.62
CA GLU A 18 -12.52 -7.81 18.18
C GLU A 18 -13.73 -6.90 18.36
N ASN A 19 -14.65 -6.95 17.41
CA ASN A 19 -15.87 -6.15 17.43
C ASN A 19 -15.61 -4.65 17.27
N ASN A 20 -14.35 -4.29 17.09
CA ASN A 20 -13.97 -2.89 16.93
C ASN A 20 -13.14 -2.69 15.65
N TYR A 21 -11.94 -3.26 15.61
CA TYR A 21 -11.13 -3.15 14.39
C TYR A 21 -11.62 -4.15 13.34
N ARG A 22 -11.95 -3.65 12.14
CA ARG A 22 -12.37 -4.50 11.04
C ARG A 22 -11.47 -4.04 9.89
N ALA A 23 -10.74 -4.97 9.29
CA ALA A 23 -9.81 -4.61 8.23
C ALA A 23 -10.46 -4.04 6.97
N CYS A 24 -11.40 -4.78 6.40
CA CYS A 24 -12.05 -4.36 5.15
C CYS A 24 -12.97 -3.18 5.35
N THR A 25 -12.72 -2.12 4.58
CA THR A 25 -13.47 -0.88 4.68
C THR A 25 -14.88 -0.90 4.11
N ILE A 26 -14.95 -1.27 2.84
CA ILE A 26 -16.21 -1.29 2.10
C ILE A 26 -17.07 -2.52 2.35
N PRO A 27 -18.24 -2.34 2.99
CA PRO A 27 -19.09 -3.51 3.24
C PRO A 27 -19.73 -3.98 1.95
N TYR A 28 -19.85 -5.31 1.76
CA TYR A 28 -20.45 -5.87 0.56
C TYR A 28 -21.86 -6.38 0.81
N ARG A 29 -22.06 -6.88 2.03
CA ARG A 29 -23.33 -7.49 2.43
C ARG A 29 -23.72 -7.18 3.88
N PHE A 30 -25.02 -7.21 4.16
CA PHE A 30 -25.51 -6.99 5.51
C PHE A 30 -26.10 -8.31 5.99
N PRO A 31 -26.09 -8.56 7.31
CA PRO A 31 -26.61 -9.78 7.94
C PRO A 31 -27.98 -10.23 7.44
N SER A 32 -28.83 -9.29 7.07
CA SER A 32 -30.17 -9.64 6.62
C SER A 32 -30.37 -9.83 5.11
N ASP A 33 -29.30 -9.79 4.33
CA ASP A 33 -29.46 -9.98 2.88
C ASP A 33 -29.59 -11.47 2.61
N ASP A 34 -30.22 -11.85 1.51
CA ASP A 34 -30.37 -13.26 1.17
C ASP A 34 -29.00 -13.93 1.32
N PRO A 35 -28.93 -15.06 2.03
CA PRO A 35 -27.69 -15.82 2.27
C PRO A 35 -27.04 -16.55 1.07
N LYS A 36 -27.85 -16.97 0.10
CA LYS A 36 -27.33 -17.67 -1.07
C LYS A 36 -27.39 -16.86 -2.35
N LYS A 37 -27.73 -15.59 -2.24
CA LYS A 37 -27.82 -14.71 -3.40
C LYS A 37 -26.76 -13.61 -3.35
N ALA A 38 -25.95 -13.54 -4.40
CA ALA A 38 -24.89 -12.53 -4.46
C ALA A 38 -25.44 -11.12 -4.34
N THR A 39 -24.90 -10.34 -3.41
CA THR A 39 -25.34 -8.95 -3.21
C THR A 39 -24.70 -8.04 -4.25
N PRO A 40 -25.24 -6.82 -4.44
CA PRO A 40 -24.70 -5.89 -5.43
C PRO A 40 -23.22 -5.53 -5.22
N ASN A 41 -22.82 -5.26 -3.97
CA ASN A 41 -21.42 -4.92 -3.73
C ASN A 41 -20.56 -6.15 -4.00
N GLU A 42 -21.09 -7.34 -3.76
CA GLU A 42 -20.31 -8.53 -4.03
C GLU A 42 -20.16 -8.71 -5.55
N ILE A 43 -21.27 -8.70 -6.27
CA ILE A 43 -21.21 -8.88 -7.72
C ILE A 43 -20.30 -7.84 -8.35
N SER A 44 -20.48 -6.59 -7.96
CA SER A 44 -19.64 -5.51 -8.50
C SER A 44 -18.17 -5.72 -8.19
N TRP A 45 -17.89 -6.04 -6.93
CA TRP A 45 -16.50 -6.24 -6.54
C TRP A 45 -15.88 -7.50 -7.10
N ILE A 46 -16.67 -8.57 -7.20
CA ILE A 46 -16.14 -9.81 -7.79
C ILE A 46 -15.78 -9.49 -9.24
N ASN A 47 -16.63 -8.73 -9.92
CA ASN A 47 -16.37 -8.37 -11.32
C ASN A 47 -15.13 -7.50 -11.45
N VAL A 48 -14.89 -6.63 -10.47
CA VAL A 48 -13.68 -5.81 -10.51
C VAL A 48 -12.49 -6.75 -10.56
N PHE A 49 -12.49 -7.77 -9.69
CA PHE A 49 -11.38 -8.72 -9.69
C PHE A 49 -11.33 -9.55 -10.96
N ALA A 50 -12.48 -9.84 -11.57
CA ALA A 50 -12.46 -10.61 -12.82
C ALA A 50 -11.84 -9.74 -13.93
N ASN A 51 -12.09 -8.45 -13.88
CA ASN A 51 -11.52 -7.56 -14.90
C ASN A 51 -10.01 -7.41 -14.72
N SER A 52 -9.49 -7.91 -13.60
CA SER A 52 -8.05 -7.86 -13.35
C SER A 52 -7.35 -9.01 -14.09
N ILE A 53 -8.12 -10.04 -14.42
CA ILE A 53 -7.55 -11.22 -15.07
C ILE A 53 -6.68 -10.96 -16.31
N PRO A 54 -7.11 -10.08 -17.23
CA PRO A 54 -6.24 -9.86 -18.39
C PRO A 54 -4.83 -9.40 -18.02
N SER A 55 -4.74 -8.38 -17.17
CA SER A 55 -3.45 -7.84 -16.75
C SER A 55 -2.54 -8.91 -16.14
N PHE A 56 -3.07 -9.64 -15.15
CA PHE A 56 -2.30 -10.71 -14.53
C PHE A 56 -2.06 -11.87 -15.53
N LYS A 57 -2.94 -12.01 -16.53
CA LYS A 57 -2.76 -13.09 -17.53
C LYS A 57 -1.52 -12.81 -18.35
N LYS A 58 -1.51 -11.65 -18.99
CA LYS A 58 -0.40 -11.24 -19.83
C LYS A 58 0.93 -11.23 -19.07
N ARG A 59 0.86 -10.86 -17.80
CA ARG A 59 2.07 -10.82 -17.00
C ARG A 59 2.57 -12.22 -16.71
N ALA A 60 1.68 -13.10 -16.24
CA ALA A 60 2.06 -14.46 -15.90
C ALA A 60 2.61 -15.27 -17.07
N GLU A 61 2.00 -15.08 -18.24
CA GLU A 61 2.41 -15.83 -19.41
C GLU A 61 3.70 -15.30 -20.03
N SER A 62 4.20 -14.21 -19.46
CA SER A 62 5.44 -13.60 -19.95
C SER A 62 6.54 -13.77 -18.90
N ASP A 63 6.30 -14.67 -17.95
CA ASP A 63 7.27 -14.95 -16.88
C ASP A 63 7.99 -16.26 -17.16
N ILE A 64 9.21 -16.16 -17.69
CA ILE A 64 10.00 -17.34 -18.05
C ILE A 64 10.64 -18.15 -16.91
N THR A 65 10.88 -17.53 -15.77
CA THR A 65 11.50 -18.24 -14.63
C THR A 65 10.63 -19.41 -14.16
N VAL A 66 9.46 -19.55 -14.79
CA VAL A 66 8.55 -20.62 -14.46
C VAL A 66 8.35 -21.49 -15.69
N PRO A 67 8.66 -22.78 -15.57
CA PRO A 67 8.48 -23.65 -16.74
C PRO A 67 7.01 -23.75 -17.16
N ASP A 68 6.77 -23.71 -18.47
CA ASP A 68 5.42 -23.81 -19.01
C ASP A 68 4.56 -22.67 -18.46
N ALA A 69 5.11 -21.46 -18.43
CA ALA A 69 4.38 -20.29 -17.93
C ALA A 69 3.11 -19.99 -18.73
N PRO A 70 3.19 -20.02 -20.08
CA PRO A 70 2.00 -19.74 -20.89
C PRO A 70 0.81 -20.63 -20.56
N ALA A 71 1.04 -21.94 -20.43
CA ALA A 71 -0.05 -22.86 -20.10
C ALA A 71 -0.55 -22.57 -18.68
N ARG A 72 0.39 -22.41 -17.75
CA ARG A 72 0.03 -22.13 -16.37
C ARG A 72 -0.77 -20.83 -16.25
N ALA A 73 -0.42 -19.85 -17.08
CA ALA A 73 -1.12 -18.55 -17.05
C ALA A 73 -2.57 -18.73 -17.49
N GLU A 74 -2.78 -19.56 -18.50
CA GLU A 74 -4.13 -19.83 -18.99
C GLU A 74 -4.88 -20.58 -17.88
N LYS A 75 -4.15 -21.42 -17.16
CA LYS A 75 -4.74 -22.20 -16.06
C LYS A 75 -5.13 -21.29 -14.88
N PHE A 76 -4.22 -20.42 -14.45
CA PHE A 76 -4.52 -19.49 -13.35
C PHE A 76 -5.70 -18.59 -13.73
N ALA A 77 -5.82 -18.29 -15.02
CA ALA A 77 -6.90 -17.43 -15.49
C ALA A 77 -8.25 -18.16 -15.45
N GLU A 78 -8.26 -19.41 -15.93
CA GLU A 78 -9.49 -20.20 -15.92
C GLU A 78 -9.87 -20.63 -14.51
N ARG A 79 -8.89 -20.87 -13.66
CA ARG A 79 -9.17 -21.29 -12.29
C ARG A 79 -9.73 -20.15 -11.43
N TYR A 80 -9.00 -19.04 -11.38
CA TYR A 80 -9.44 -17.90 -10.57
C TYR A 80 -10.72 -17.30 -11.14
N ALA A 81 -10.94 -17.40 -12.45
CA ALA A 81 -12.17 -16.87 -13.03
C ALA A 81 -13.34 -17.75 -12.63
N GLY A 82 -13.05 -19.01 -12.33
CA GLY A 82 -14.09 -19.94 -11.94
C GLY A 82 -14.42 -19.85 -10.45
N ILE A 83 -13.41 -19.52 -9.65
CA ILE A 83 -13.57 -19.37 -8.21
C ILE A 83 -14.46 -18.16 -8.01
N LEU A 84 -14.35 -17.22 -8.94
CA LEU A 84 -15.14 -15.99 -8.91
C LEU A 84 -16.64 -16.25 -9.08
N GLU A 85 -17.03 -16.88 -10.18
CA GLU A 85 -18.46 -17.18 -10.39
C GLU A 85 -18.89 -18.13 -9.28
N ASP A 86 -17.98 -18.97 -8.78
CA ASP A 86 -18.34 -19.87 -7.69
C ASP A 86 -18.91 -19.04 -6.54
N LEU A 87 -18.33 -17.86 -6.30
CA LEU A 87 -18.77 -16.95 -5.24
C LEU A 87 -20.00 -16.13 -5.69
N LYS A 88 -20.14 -15.91 -6.99
CA LYS A 88 -21.26 -15.17 -7.54
C LYS A 88 -22.52 -16.06 -7.58
N LYS A 89 -22.30 -17.38 -7.57
CA LYS A 89 -23.42 -18.32 -7.61
C LYS A 89 -23.67 -18.92 -6.21
N ASP A 90 -22.66 -18.84 -5.36
CA ASP A 90 -22.73 -19.37 -4.01
C ASP A 90 -21.76 -18.57 -3.16
N PRO A 91 -22.16 -17.36 -2.76
CA PRO A 91 -21.33 -16.48 -1.92
C PRO A 91 -20.83 -17.14 -0.64
N GLU A 92 -21.17 -18.41 -0.45
CA GLU A 92 -20.76 -19.13 0.75
C GLU A 92 -19.54 -20.01 0.58
N SER A 93 -19.24 -20.38 -0.66
CA SER A 93 -18.08 -21.24 -0.90
C SER A 93 -16.78 -20.48 -0.82
N HIS A 94 -15.68 -21.22 -0.94
CA HIS A 94 -14.34 -20.63 -0.90
C HIS A 94 -14.09 -19.75 0.33
N GLY A 95 -14.82 -20.02 1.41
CA GLY A 95 -14.64 -19.25 2.63
C GLY A 95 -15.42 -17.95 2.67
N GLY A 96 -16.35 -17.79 1.72
CA GLY A 96 -17.15 -16.59 1.67
C GLY A 96 -18.12 -16.43 2.83
N PRO A 97 -18.97 -15.38 2.82
CA PRO A 97 -19.09 -14.33 1.80
C PRO A 97 -17.76 -13.62 1.55
N PRO A 98 -17.55 -13.14 0.32
CA PRO A 98 -16.27 -12.48 0.05
C PRO A 98 -16.13 -11.02 0.46
N ASP A 99 -14.90 -10.67 0.82
CA ASP A 99 -14.56 -9.28 1.15
C ASP A 99 -13.31 -8.99 0.35
N GLY A 100 -12.79 -7.78 0.44
CA GLY A 100 -11.61 -7.45 -0.33
C GLY A 100 -10.40 -8.33 -0.04
N ILE A 101 -10.14 -8.57 1.24
CA ILE A 101 -9.00 -9.41 1.61
C ILE A 101 -9.16 -10.82 1.04
N LEU A 102 -10.34 -11.40 1.20
CA LEU A 102 -10.57 -12.76 0.72
C LEU A 102 -10.32 -12.88 -0.79
N LEU A 103 -10.78 -11.90 -1.54
CA LEU A 103 -10.59 -11.93 -2.99
C LEU A 103 -9.11 -11.77 -3.36
N CYS A 104 -8.38 -10.94 -2.62
CA CYS A 104 -6.95 -10.79 -2.93
C CYS A 104 -6.24 -12.08 -2.57
N ARG A 105 -6.61 -12.62 -1.42
CA ARG A 105 -6.02 -13.86 -0.94
C ARG A 105 -6.24 -15.00 -1.93
N LEU A 106 -7.46 -15.15 -2.44
CA LEU A 106 -7.71 -16.21 -3.41
C LEU A 106 -6.82 -16.07 -4.65
N ARG A 107 -6.62 -14.83 -5.10
CA ARG A 107 -5.79 -14.55 -6.27
C ARG A 107 -4.33 -14.96 -6.01
N GLU A 108 -3.80 -14.59 -4.84
CA GLU A 108 -2.43 -14.93 -4.47
C GLU A 108 -2.31 -16.44 -4.33
N GLN A 109 -3.31 -17.07 -3.72
CA GLN A 109 -3.26 -18.51 -3.55
C GLN A 109 -3.13 -19.25 -4.88
N VAL A 110 -3.99 -18.93 -5.84
CA VAL A 110 -3.94 -19.61 -7.13
C VAL A 110 -2.57 -19.48 -7.81
N LEU A 111 -1.93 -18.31 -7.67
CA LEU A 111 -0.63 -18.10 -8.26
C LEU A 111 0.47 -18.87 -7.56
N ARG A 112 0.41 -18.93 -6.24
CA ARG A 112 1.45 -19.61 -5.49
C ARG A 112 1.33 -21.11 -5.61
N GLU A 113 0.12 -21.60 -5.81
CA GLU A 113 -0.07 -23.05 -5.96
C GLU A 113 0.54 -23.50 -7.28
N LEU A 114 0.36 -22.69 -8.34
CA LEU A 114 0.90 -23.01 -9.66
C LEU A 114 2.41 -22.84 -9.73
N GLY A 115 3.02 -22.39 -8.63
CA GLY A 115 4.46 -22.23 -8.60
C GLY A 115 5.03 -20.85 -8.80
N PHE A 116 4.23 -19.92 -9.32
CA PHE A 116 4.70 -18.55 -9.56
C PHE A 116 5.17 -17.92 -8.25
N ARG A 117 6.26 -17.17 -8.32
CA ARG A 117 6.77 -16.53 -7.11
C ARG A 117 7.05 -15.05 -7.24
N ASP A 118 6.96 -14.50 -8.45
CA ASP A 118 7.17 -13.06 -8.65
C ASP A 118 6.91 -12.70 -10.11
N ILE A 119 5.63 -12.71 -10.50
CA ILE A 119 5.29 -12.41 -11.88
C ILE A 119 5.59 -10.99 -12.37
N PHE A 120 5.75 -10.04 -11.45
CA PHE A 120 6.07 -8.66 -11.84
C PHE A 120 7.55 -8.38 -11.65
N LYS A 121 8.39 -9.40 -11.71
CA LYS A 121 9.81 -9.18 -11.47
C LYS A 121 10.52 -8.22 -12.42
N LYS A 122 10.67 -8.61 -13.67
CA LYS A 122 11.36 -7.75 -14.62
C LYS A 122 10.95 -6.29 -14.44
N VAL A 123 9.64 -6.04 -14.38
CA VAL A 123 9.15 -4.67 -14.24
C VAL A 123 9.54 -4.02 -12.91
N LYS A 124 9.45 -4.78 -11.81
CA LYS A 124 9.82 -4.26 -10.49
C LYS A 124 11.30 -3.85 -10.47
N ASP A 125 12.18 -4.75 -10.92
CA ASP A 125 13.61 -4.47 -10.94
C ASP A 125 13.94 -3.18 -11.71
N GLU A 126 13.44 -3.10 -12.93
CA GLU A 126 13.67 -1.91 -13.75
C GLU A 126 12.95 -0.76 -13.08
N GLU A 127 11.74 -1.05 -12.61
CA GLU A 127 10.92 -0.08 -11.91
C GLU A 127 11.87 0.66 -10.96
N ASN A 128 12.59 -0.09 -10.16
CA ASN A 128 13.52 0.51 -9.20
C ASN A 128 14.72 1.15 -9.91
N ALA A 129 15.15 0.58 -11.03
CA ALA A 129 16.31 1.11 -11.75
C ALA A 129 16.07 2.53 -12.28
N LYS A 130 14.95 2.73 -12.95
CA LYS A 130 14.63 4.05 -13.49
C LYS A 130 14.35 5.05 -12.39
N ALA A 131 13.95 4.58 -11.21
CA ALA A 131 13.67 5.49 -10.11
C ALA A 131 14.97 5.90 -9.41
N ILE A 132 15.81 4.93 -9.08
CA ILE A 132 17.09 5.21 -8.39
C ILE A 132 17.89 6.29 -9.13
N SER A 133 17.83 6.27 -10.45
CA SER A 133 18.55 7.26 -11.26
C SER A 133 18.10 8.70 -11.00
N LEU A 134 16.88 8.86 -10.46
CA LEU A 134 16.34 10.19 -10.20
C LEU A 134 16.32 10.62 -8.73
N PHE A 135 16.63 9.70 -7.84
CA PHE A 135 16.58 10.00 -6.42
C PHE A 135 17.37 11.26 -6.05
N PRO A 136 18.58 11.44 -6.60
CA PRO A 136 19.30 12.67 -6.23
C PRO A 136 18.56 13.94 -6.65
N GLN A 137 18.10 13.96 -7.90
CA GLN A 137 17.39 15.11 -8.45
C GLN A 137 16.11 15.43 -7.67
N VAL A 138 15.31 14.40 -7.43
CA VAL A 138 14.05 14.58 -6.71
C VAL A 138 14.30 15.08 -5.29
N VAL A 139 15.24 14.47 -4.58
CA VAL A 139 15.57 14.90 -3.22
C VAL A 139 16.12 16.33 -3.27
N SER A 140 16.98 16.61 -4.25
CA SER A 140 17.56 17.95 -4.38
C SER A 140 16.48 19.01 -4.49
N LEU A 141 15.43 18.70 -5.25
CA LEU A 141 14.32 19.63 -5.44
C LEU A 141 13.57 19.93 -4.14
N SER A 142 13.33 18.91 -3.33
CA SER A 142 12.63 19.19 -2.07
C SER A 142 13.52 19.98 -1.13
N ASP A 143 14.81 19.65 -1.10
CA ASP A 143 15.72 20.35 -0.20
C ASP A 143 15.79 21.85 -0.55
N ALA A 144 15.56 22.19 -1.82
CA ALA A 144 15.63 23.60 -2.23
C ALA A 144 14.54 24.46 -1.61
N ILE A 145 13.38 23.88 -1.32
CA ILE A 145 12.29 24.64 -0.74
C ILE A 145 12.67 25.16 0.62
N GLU A 146 12.52 26.47 0.80
CA GLU A 146 12.89 27.15 2.03
C GLU A 146 12.00 26.86 3.24
N ASP A 147 10.71 27.09 3.10
CA ASP A 147 9.78 26.87 4.22
C ASP A 147 9.56 25.39 4.50
N ASP A 148 9.64 24.99 5.78
CA ASP A 148 9.46 23.60 6.15
C ASP A 148 8.08 23.04 5.81
N GLY A 149 7.04 23.83 6.03
CA GLY A 149 5.70 23.38 5.72
C GLY A 149 5.52 23.19 4.23
N LYS A 150 6.11 24.10 3.45
CA LYS A 150 6.01 23.99 2.00
C LYS A 150 6.80 22.78 1.51
N ARG A 151 7.89 22.44 2.19
CA ARG A 151 8.67 21.29 1.78
C ARG A 151 7.85 20.02 2.04
N LEU A 152 7.17 20.00 3.19
CA LEU A 152 6.33 18.86 3.52
C LEU A 152 5.28 18.68 2.44
N GLU A 153 4.73 19.77 1.95
CA GLU A 153 3.71 19.68 0.91
C GLU A 153 4.27 19.03 -0.35
N ASN A 154 5.46 19.44 -0.77
CA ASN A 154 6.07 18.88 -1.97
C ASN A 154 6.20 17.36 -1.80
N LEU A 155 6.77 16.93 -0.67
CA LEU A 155 6.95 15.49 -0.39
C LEU A 155 5.63 14.74 -0.42
N VAL A 156 4.61 15.29 0.24
CA VAL A 156 3.28 14.66 0.25
C VAL A 156 2.77 14.53 -1.19
N ARG A 157 2.91 15.58 -1.99
CA ARG A 157 2.48 15.47 -3.38
C ARG A 157 3.33 14.43 -4.11
N GLY A 158 4.58 14.26 -3.64
CA GLY A 158 5.45 13.26 -4.25
C GLY A 158 4.99 11.84 -3.91
N ILE A 159 4.54 11.62 -2.69
CA ILE A 159 4.06 10.29 -2.32
C ILE A 159 2.92 9.90 -3.26
N PHE A 160 1.96 10.81 -3.43
CA PHE A 160 0.84 10.58 -4.34
C PHE A 160 1.38 10.25 -5.74
N ALA A 161 1.99 11.24 -6.38
CA ALA A 161 2.55 11.05 -7.72
C ALA A 161 3.22 9.68 -7.87
N GLY A 162 4.07 9.31 -6.91
CA GLY A 162 4.73 8.03 -7.00
C GLY A 162 3.78 6.86 -6.86
N ASN A 163 2.69 7.05 -6.12
CA ASN A 163 1.71 5.99 -5.89
C ASN A 163 1.02 5.59 -7.21
N ILE A 164 1.04 6.49 -8.19
CA ILE A 164 0.47 6.18 -9.50
C ILE A 164 1.50 6.16 -10.64
N PHE A 165 2.73 6.57 -10.34
CA PHE A 165 3.78 6.56 -11.35
C PHE A 165 4.75 5.42 -11.04
N MET A 181 6.26 13.57 -19.85
CA MET A 181 5.71 12.69 -18.81
C MET A 181 6.83 12.13 -17.93
N SER A 182 6.65 12.25 -16.62
CA SER A 182 7.63 11.75 -15.66
C SER A 182 7.08 11.86 -14.24
N PHE A 183 7.80 11.29 -13.28
CA PHE A 183 7.40 11.36 -11.90
C PHE A 183 7.25 12.82 -11.49
N LEU A 184 8.25 13.64 -11.82
CA LEU A 184 8.18 15.05 -11.46
C LEU A 184 6.99 15.75 -12.12
N ALA A 185 6.62 15.30 -13.31
CA ALA A 185 5.47 15.88 -14.01
C ALA A 185 4.21 15.48 -13.25
N SER A 186 4.12 14.21 -12.86
CA SER A 186 2.95 13.73 -12.13
C SER A 186 2.75 14.52 -10.84
N CYS A 187 3.84 14.89 -10.18
CA CYS A 187 3.75 15.67 -8.94
C CYS A 187 2.98 16.96 -9.18
N GLN A 188 3.07 17.47 -10.41
CA GLN A 188 2.42 18.72 -10.75
C GLN A 188 1.01 18.54 -11.31
N ASN A 189 0.72 17.34 -11.80
CA ASN A 189 -0.59 17.07 -12.38
C ASN A 189 -1.63 16.48 -11.43
N LEU A 190 -1.32 16.43 -10.14
CA LEU A 190 -2.28 15.90 -9.16
C LEU A 190 -3.50 16.80 -9.14
N VAL A 191 -4.67 16.21 -8.95
CA VAL A 191 -5.92 16.96 -8.87
C VAL A 191 -5.81 18.04 -7.79
N PRO A 192 -6.29 19.27 -8.09
CA PRO A 192 -6.24 20.38 -7.15
C PRO A 192 -6.96 20.14 -5.82
N ARG A 193 -6.41 20.71 -4.76
CA ARG A 193 -7.01 20.61 -3.43
C ARG A 193 -8.19 21.56 -3.38
N PRO A 194 -9.13 21.33 -2.45
CA PRO A 194 -9.13 20.25 -1.46
C PRO A 194 -9.19 18.85 -2.06
N TRP A 195 -9.00 17.85 -1.22
CA TRP A 195 -9.06 16.45 -1.64
C TRP A 195 -10.35 15.84 -1.08
N VAL A 196 -10.71 14.64 -1.54
CA VAL A 196 -11.95 13.99 -1.10
C VAL A 196 -11.98 13.88 0.43
N ILE A 197 -10.82 13.64 1.00
CA ILE A 197 -10.61 13.61 2.44
C ILE A 197 -9.30 14.36 2.48
N ASP A 198 -9.29 15.55 3.08
CA ASP A 198 -8.08 16.38 3.08
C ASP A 198 -7.77 16.94 4.47
N ASP A 199 -6.80 16.33 5.14
CA ASP A 199 -6.41 16.74 6.48
C ASP A 199 -4.97 17.25 6.53
N LEU A 200 -4.45 17.69 5.39
CA LEU A 200 -3.08 18.16 5.33
C LEU A 200 -2.79 19.42 6.17
N GLU A 201 -3.76 20.31 6.28
CA GLU A 201 -3.58 21.52 7.07
C GLU A 201 -3.32 21.16 8.52
N ASN A 202 -4.11 20.24 9.06
CA ASN A 202 -3.94 19.84 10.45
C ASN A 202 -2.63 19.08 10.67
N PHE A 203 -2.27 18.26 9.69
CA PHE A 203 -1.05 17.47 9.80
C PHE A 203 0.18 18.37 9.78
N GLN A 204 0.14 19.36 8.90
CA GLN A 204 1.24 20.30 8.76
C GLN A 204 1.40 21.12 10.05
N ALA A 205 0.28 21.49 10.65
CA ALA A 205 0.30 22.26 11.88
C ALA A 205 1.10 21.50 12.93
N LYS A 206 0.84 20.21 13.10
CA LYS A 206 1.58 19.42 14.09
C LYS A 206 3.01 19.13 13.66
N TRP A 207 3.19 18.92 12.36
CA TRP A 207 4.50 18.64 11.78
C TRP A 207 5.50 19.73 12.13
N ILE A 208 5.05 20.99 12.13
CA ILE A 208 5.93 22.10 12.44
C ILE A 208 6.33 22.15 13.93
N ASN A 209 5.57 21.45 14.78
CA ASN A 209 5.91 21.40 16.20
C ASN A 209 6.96 20.30 16.39
N LYS A 210 7.03 19.41 15.40
CA LYS A 210 7.96 18.28 15.39
C LYS A 210 8.03 17.58 16.74
N SER A 211 6.92 16.93 17.09
CA SER A 211 6.77 16.23 18.35
C SER A 211 6.85 14.70 18.26
N TRP A 212 6.86 14.12 17.06
CA TRP A 212 6.93 12.66 16.94
C TRP A 212 8.33 12.17 17.23
N LYS A 213 8.45 10.87 17.44
CA LYS A 213 9.76 10.27 17.72
C LYS A 213 9.94 8.95 17.00
N LYS A 214 8.83 8.26 16.73
CA LYS A 214 8.87 6.95 16.09
C LYS A 214 7.77 6.78 15.04
N ALA A 215 8.04 7.19 13.80
CA ALA A 215 7.07 7.06 12.70
C ALA A 215 7.04 5.63 12.15
N VAL A 216 5.83 5.07 12.03
CA VAL A 216 5.65 3.73 11.51
C VAL A 216 4.85 3.84 10.20
N ILE A 217 5.55 3.82 9.07
CA ILE A 217 4.95 3.98 7.73
C ILE A 217 4.74 2.69 6.95
N PHE A 218 3.49 2.32 6.69
CA PHE A 218 3.18 1.11 5.93
C PHE A 218 3.31 1.45 4.45
N VAL A 219 4.38 0.98 3.82
CA VAL A 219 4.65 1.26 2.42
C VAL A 219 3.91 0.39 1.40
N ASP A 220 3.83 0.88 0.16
CA ASP A 220 3.10 0.19 -0.91
C ASP A 220 3.93 -0.26 -2.14
N ASN A 221 3.94 0.53 -3.20
CA ASN A 221 4.63 0.10 -4.43
C ASN A 221 6.13 0.26 -4.58
N SER A 222 6.67 -0.57 -5.46
CA SER A 222 8.08 -0.54 -5.82
C SER A 222 8.29 0.64 -6.76
N GLY A 223 9.54 1.00 -7.00
CA GLY A 223 9.84 2.08 -7.91
C GLY A 223 9.56 3.52 -7.50
N ALA A 224 9.05 4.32 -8.43
CA ALA A 224 8.77 5.74 -8.18
C ALA A 224 8.10 5.98 -6.84
N ASP A 225 7.35 5.01 -6.37
CA ASP A 225 6.63 5.14 -5.11
C ASP A 225 7.58 5.10 -3.92
N ILE A 226 8.11 3.92 -3.63
CA ILE A 226 9.01 3.76 -2.51
C ILE A 226 10.29 4.62 -2.61
N ILE A 227 10.82 4.80 -3.82
CA ILE A 227 12.08 5.54 -3.98
C ILE A 227 11.99 7.05 -4.19
N LEU A 228 10.95 7.51 -4.87
CA LEU A 228 10.82 8.94 -5.15
C LEU A 228 9.71 9.60 -4.35
N GLY A 229 8.82 8.79 -3.79
CA GLY A 229 7.73 9.33 -2.99
C GLY A 229 8.02 9.14 -1.51
N ILE A 230 8.06 7.89 -1.06
CA ILE A 230 8.29 7.58 0.34
C ILE A 230 9.67 7.92 0.92
N LEU A 231 10.74 7.44 0.30
CA LEU A 231 12.06 7.68 0.85
C LEU A 231 12.35 9.17 1.10
N PRO A 232 12.17 10.03 0.08
CA PRO A 232 12.44 11.46 0.35
C PRO A 232 11.66 11.95 1.58
N PHE A 233 10.43 11.46 1.74
CA PHE A 233 9.59 11.83 2.86
C PHE A 233 10.20 11.27 4.14
N ALA A 234 10.59 9.99 4.09
CA ALA A 234 11.21 9.33 5.23
C ALA A 234 12.49 10.07 5.64
N ARG A 235 13.22 10.57 4.65
CA ARG A 235 14.45 11.31 4.87
C ARG A 235 14.20 12.64 5.58
N GLU A 236 13.09 13.29 5.23
CA GLU A 236 12.73 14.56 5.86
C GLU A 236 12.42 14.31 7.34
N LEU A 237 11.68 13.24 7.64
CA LEU A 237 11.36 12.90 9.04
C LEU A 237 12.65 12.73 9.84
N LEU A 238 13.58 11.95 9.29
CA LEU A 238 14.85 11.71 9.96
C LEU A 238 15.55 13.04 10.18
N ARG A 239 15.56 13.87 9.14
CA ARG A 239 16.20 15.18 9.19
C ARG A 239 15.51 16.13 10.17
N ARG A 240 14.37 15.72 10.71
CA ARG A 240 13.64 16.54 11.66
C ARG A 240 13.63 15.96 13.07
N GLY A 241 14.26 14.80 13.23
CA GLY A 241 14.35 14.19 14.54
C GLY A 241 13.55 12.95 14.87
N ALA A 242 13.22 12.12 13.87
CA ALA A 242 12.45 10.92 14.13
C ALA A 242 13.08 9.61 13.63
N GLN A 243 12.68 8.50 14.26
CA GLN A 243 13.12 7.17 13.84
C GLN A 243 12.06 6.75 12.79
N VAL A 244 12.46 6.04 11.75
CA VAL A 244 11.51 5.63 10.72
C VAL A 244 11.62 4.14 10.41
N VAL A 245 10.51 3.42 10.57
CA VAL A 245 10.43 2.00 10.28
C VAL A 245 9.60 1.80 9.01
N LEU A 246 10.20 1.25 7.95
CA LEU A 246 9.45 1.01 6.72
C LEU A 246 9.03 -0.47 6.69
N ALA A 247 7.73 -0.71 6.85
CA ALA A 247 7.19 -2.06 6.87
C ALA A 247 6.75 -2.49 5.48
N ALA A 248 7.39 -3.55 4.96
CA ALA A 248 7.09 -4.05 3.63
C ALA A 248 6.71 -5.53 3.58
N ASN A 249 5.95 -5.91 2.56
CA ASN A 249 5.51 -7.29 2.34
C ASN A 249 6.64 -8.29 2.50
N GLU A 250 6.25 -9.49 2.92
CA GLU A 250 7.18 -10.58 3.08
C GLU A 250 7.31 -11.25 1.70
N LEU A 251 6.16 -11.43 1.05
CA LEU A 251 6.09 -12.07 -0.27
C LEU A 251 5.60 -11.11 -1.33
N PRO A 252 5.93 -11.40 -2.60
CA PRO A 252 5.49 -10.56 -3.71
C PRO A 252 3.98 -10.57 -3.88
N SER A 253 3.44 -9.42 -4.29
CA SER A 253 2.02 -9.26 -4.58
C SER A 253 1.93 -8.19 -5.67
N ILE A 254 1.38 -8.56 -6.83
CA ILE A 254 1.27 -7.67 -7.97
C ILE A 254 2.65 -7.05 -8.16
N ASN A 255 2.77 -5.74 -8.00
CA ASN A 255 4.05 -5.07 -8.14
C ASN A 255 4.48 -4.37 -6.85
N ASP A 256 4.12 -4.93 -5.69
CA ASP A 256 4.50 -4.30 -4.44
C ASP A 256 5.94 -4.57 -4.01
N ILE A 257 6.43 -3.72 -3.12
CA ILE A 257 7.81 -3.86 -2.64
C ILE A 257 7.85 -4.77 -1.41
N THR A 258 8.82 -5.70 -1.36
CA THR A 258 8.96 -6.63 -0.24
C THR A 258 10.11 -6.13 0.64
N CYS A 259 10.10 -6.56 1.89
CA CYS A 259 11.15 -6.15 2.83
C CYS A 259 12.55 -6.44 2.28
N THR A 260 12.71 -7.61 1.67
CA THR A 260 14.00 -8.01 1.09
C THR A 260 14.47 -7.07 -0.02
N GLU A 261 13.59 -6.77 -0.97
CA GLU A 261 13.95 -5.91 -2.08
C GLU A 261 14.25 -4.50 -1.56
N LEU A 262 13.52 -4.07 -0.52
CA LEU A 262 13.72 -2.75 0.05
C LEU A 262 15.10 -2.61 0.70
N THR A 263 15.47 -3.60 1.50
CA THR A 263 16.79 -3.57 2.13
C THR A 263 17.85 -3.41 1.04
N GLU A 264 17.66 -4.07 -0.10
CA GLU A 264 18.60 -3.99 -1.22
C GLU A 264 18.61 -2.58 -1.81
N ILE A 265 17.44 -1.98 -1.94
CA ILE A 265 17.30 -0.62 -2.47
C ILE A 265 18.10 0.38 -1.64
N LEU A 266 17.88 0.37 -0.34
CA LEU A 266 18.58 1.29 0.56
C LEU A 266 20.09 1.03 0.53
N SER A 267 20.46 -0.24 0.36
CA SER A 267 21.86 -0.63 0.29
C SER A 267 22.51 -0.04 -0.97
N GLN A 268 21.67 0.33 -1.94
CA GLN A 268 22.18 0.90 -3.18
C GLN A 268 22.14 2.42 -3.17
N LEU A 269 21.19 3.00 -2.43
CA LEU A 269 21.07 4.45 -2.35
C LEU A 269 22.01 5.05 -1.29
N LYS A 270 22.41 4.25 -0.32
CA LYS A 270 23.30 4.70 0.76
C LYS A 270 24.75 4.58 0.34
N ASN A 273 29.24 7.78 1.86
CA ASN A 273 29.46 7.72 3.30
C ASN A 273 28.47 6.81 4.01
N GLY A 274 27.56 6.22 3.25
CA GLY A 274 26.56 5.33 3.83
C GLY A 274 25.36 6.13 4.30
N GLN A 275 25.20 7.32 3.75
CA GLN A 275 24.10 8.22 4.10
C GLN A 275 23.19 8.43 2.90
N LEU A 276 22.03 9.07 3.15
CA LEU A 276 21.09 9.37 2.08
C LEU A 276 21.22 10.86 1.80
N LEU A 277 22.11 11.22 0.89
CA LEU A 277 22.33 12.61 0.53
C LEU A 277 22.53 13.49 1.77
N GLY A 278 23.54 13.11 2.57
CA GLY A 278 23.85 13.88 3.76
C GLY A 278 23.02 13.61 5.00
N VAL A 279 22.18 12.58 4.97
CA VAL A 279 21.35 12.25 6.12
C VAL A 279 21.64 10.84 6.62
N ASP A 280 21.93 10.73 7.92
CA ASP A 280 22.24 9.45 8.54
C ASP A 280 21.03 8.52 8.55
N THR A 281 21.28 7.23 8.34
CA THR A 281 20.20 6.24 8.29
C THR A 281 20.21 5.25 9.47
N SER A 282 20.89 5.61 10.55
CA SER A 282 20.95 4.74 11.73
C SER A 282 19.57 4.58 12.39
N LYS A 283 18.68 5.54 12.16
CA LYS A 283 17.34 5.49 12.74
C LYS A 283 16.30 5.07 11.71
N LEU A 284 16.78 4.57 10.57
CA LEU A 284 15.92 4.08 9.50
C LEU A 284 15.97 2.55 9.50
N LEU A 285 14.86 1.91 9.89
CA LEU A 285 14.79 0.46 9.93
C LEU A 285 13.84 -0.07 8.86
N ILE A 286 14.21 -1.19 8.24
CA ILE A 286 13.39 -1.83 7.21
C ILE A 286 12.85 -3.12 7.85
N ALA A 287 11.53 -3.20 7.99
CA ALA A 287 10.89 -4.34 8.64
C ALA A 287 9.96 -5.15 7.77
N ASN A 288 9.87 -6.45 8.05
CA ASN A 288 8.96 -7.36 7.34
C ASN A 288 7.65 -7.25 8.12
N SER A 289 6.55 -6.99 7.40
CA SER A 289 5.25 -6.88 8.07
C SER A 289 4.56 -8.23 8.20
N GLY A 290 5.07 -9.22 7.49
CA GLY A 290 4.48 -10.55 7.52
C GLY A 290 3.32 -10.70 6.56
N ASN A 291 3.02 -9.64 5.81
CA ASN A 291 1.90 -9.65 4.87
C ASN A 291 2.30 -10.22 3.51
N ASP A 292 1.30 -10.68 2.76
CA ASP A 292 1.57 -11.29 1.46
C ASP A 292 0.53 -10.85 0.45
N LEU A 293 -0.15 -9.74 0.74
CA LEU A 293 -1.21 -9.23 -0.12
C LEU A 293 -0.97 -7.75 -0.44
N PRO A 294 -1.81 -7.15 -1.31
CA PRO A 294 -1.70 -5.74 -1.68
C PRO A 294 -2.60 -4.87 -0.80
N VAL A 295 -3.20 -5.52 0.20
CA VAL A 295 -4.04 -4.87 1.21
C VAL A 295 -3.52 -5.46 2.52
N ILE A 296 -3.90 -4.89 3.67
CA ILE A 296 -3.40 -5.46 4.93
C ILE A 296 -4.39 -5.40 6.10
N ASP A 297 -4.64 -6.58 6.71
CA ASP A 297 -5.50 -6.75 7.87
C ASP A 297 -4.56 -6.77 9.07
N LEU A 298 -4.48 -5.63 9.75
CA LEU A 298 -3.58 -5.41 10.89
C LEU A 298 -3.74 -6.42 12.02
N SER A 299 -4.69 -7.34 11.92
CA SER A 299 -4.83 -8.32 12.99
C SER A 299 -3.86 -9.50 12.78
N ARG A 300 -2.98 -9.39 11.81
CA ARG A 300 -2.03 -10.47 11.53
C ARG A 300 -0.69 -9.98 10.97
N VAL A 301 0.11 -9.36 11.82
CA VAL A 301 1.43 -8.86 11.41
C VAL A 301 2.51 -9.56 12.22
N SER A 302 3.71 -9.63 11.64
CA SER A 302 4.83 -10.28 12.29
C SER A 302 5.07 -9.75 13.70
N GLN A 303 5.64 -10.57 14.58
CA GLN A 303 5.92 -10.11 15.94
C GLN A 303 7.06 -9.10 15.86
N GLU A 304 7.86 -9.25 14.82
CA GLU A 304 8.99 -8.35 14.53
C GLU A 304 8.44 -6.92 14.38
N LEU A 305 7.48 -6.75 13.47
CA LEU A 305 6.90 -5.43 13.25
C LEU A 305 6.26 -4.91 14.53
N ALA A 306 5.66 -5.81 15.30
CA ALA A 306 5.02 -5.42 16.55
C ALA A 306 6.06 -4.85 17.51
N TYR A 307 7.21 -5.52 17.62
CA TYR A 307 8.28 -5.05 18.50
C TYR A 307 8.68 -3.61 18.20
N LEU A 308 9.06 -3.33 16.94
CA LEU A 308 9.48 -1.98 16.56
C LEU A 308 8.33 -0.96 16.56
N SER A 309 7.09 -1.44 16.62
CA SER A 309 5.93 -0.55 16.60
C SER A 309 5.22 -0.38 17.95
N SER A 310 5.80 -0.93 19.01
CA SER A 310 5.19 -0.79 20.33
C SER A 310 5.41 0.60 20.95
N ASP A 311 6.35 1.37 20.41
CA ASP A 311 6.61 2.72 20.90
C ASP A 311 6.42 3.77 19.78
N ALA A 312 5.30 3.70 19.09
CA ALA A 312 5.04 4.64 17.98
C ALA A 312 4.14 5.79 18.38
N ASP A 313 4.29 6.93 17.71
CA ASP A 313 3.43 8.10 18.00
C ASP A 313 2.79 8.68 16.73
N LEU A 314 3.17 8.11 15.59
CA LEU A 314 2.60 8.53 14.30
C LEU A 314 2.58 7.30 13.40
N VAL A 315 1.39 6.87 12.98
CA VAL A 315 1.29 5.72 12.11
C VAL A 315 0.80 6.20 10.74
N ILE A 316 1.57 5.90 9.70
CA ILE A 316 1.24 6.29 8.31
C ILE A 316 1.09 5.05 7.43
N VAL A 317 -0.07 4.88 6.79
CA VAL A 317 -0.28 3.70 5.94
C VAL A 317 -0.37 4.25 4.51
N GLU A 318 0.40 3.70 3.58
CA GLU A 318 0.41 4.21 2.21
C GLU A 318 -0.24 3.32 1.15
N GLY A 319 -1.02 3.95 0.26
CA GLY A 319 -1.64 3.21 -0.82
C GLY A 319 -3.14 2.99 -0.65
N MET A 320 -3.81 2.72 -1.76
CA MET A 320 -5.26 2.48 -1.74
C MET A 320 -5.67 1.15 -1.10
N GLY A 321 -4.89 0.11 -1.33
CA GLY A 321 -5.23 -1.19 -0.77
C GLY A 321 -5.08 -1.33 0.74
N ARG A 322 -3.97 -0.81 1.25
CA ARG A 322 -3.65 -0.88 2.69
C ARG A 322 -4.29 0.23 3.53
N GLY A 323 -4.53 1.39 2.90
CA GLY A 323 -5.11 2.53 3.62
C GLY A 323 -6.53 2.92 3.29
N ILE A 324 -7.04 2.47 2.14
CA ILE A 324 -8.41 2.80 1.75
C ILE A 324 -9.33 1.56 1.76
N GLU A 325 -9.03 0.57 0.93
CA GLU A 325 -9.83 -0.66 0.87
C GLU A 325 -9.79 -1.32 2.25
N THR A 326 -8.70 -1.06 2.98
CA THR A 326 -8.56 -1.51 4.35
C THR A 326 -8.02 -0.34 5.16
N ASN A 327 -8.28 -0.39 6.47
CA ASN A 327 -7.77 0.57 7.43
C ASN A 327 -8.18 2.05 7.40
N LEU A 328 -8.67 2.52 6.27
CA LEU A 328 -9.07 3.94 6.18
C LEU A 328 -9.74 4.54 7.44
N TYR A 329 -10.61 3.77 8.09
CA TYR A 329 -11.29 4.27 9.29
C TYR A 329 -10.75 3.68 10.58
N ALA A 330 -9.65 2.93 10.51
CA ALA A 330 -9.10 2.33 11.72
C ALA A 330 -8.61 3.39 12.70
N GLN A 331 -8.93 3.19 13.97
CA GLN A 331 -8.51 4.12 15.01
C GLN A 331 -7.26 3.54 15.63
N PHE A 332 -6.29 4.39 15.92
CA PHE A 332 -5.04 3.95 16.53
C PHE A 332 -4.83 4.62 17.88
N LYS A 333 -3.95 4.05 18.69
CA LYS A 333 -3.63 4.60 20.02
C LYS A 333 -2.88 5.92 19.89
N CYS A 334 -2.20 6.10 18.74
CA CYS A 334 -1.43 7.30 18.46
C CYS A 334 -1.97 7.97 17.22
N ASP A 335 -1.36 9.07 16.83
CA ASP A 335 -1.80 9.79 15.64
C ASP A 335 -1.99 8.81 14.49
N SER A 336 -2.73 9.22 13.48
CA SER A 336 -2.91 8.35 12.34
C SER A 336 -3.05 9.19 11.08
N LEU A 337 -2.63 8.62 9.95
CA LEU A 337 -2.70 9.29 8.66
C LEU A 337 -2.61 8.23 7.58
N LYS A 338 -3.66 8.05 6.78
CA LYS A 338 -3.60 7.09 5.68
C LYS A 338 -3.39 7.92 4.42
N ILE A 339 -2.66 7.38 3.46
CA ILE A 339 -2.38 8.15 2.26
C ILE A 339 -2.24 7.24 1.04
N GLY A 340 -2.63 7.75 -0.13
CA GLY A 340 -2.53 6.95 -1.33
C GLY A 340 -3.47 7.44 -2.39
N MET A 341 -3.07 7.27 -3.65
CA MET A 341 -3.92 7.70 -4.77
C MET A 341 -5.15 6.79 -4.87
N VAL A 342 -6.30 7.35 -5.25
CA VAL A 342 -7.56 6.58 -5.39
C VAL A 342 -7.66 6.04 -6.82
N LYS A 343 -7.62 4.72 -7.00
CA LYS A 343 -7.64 4.11 -8.32
C LYS A 343 -8.72 3.03 -8.58
N HIS A 344 -9.91 3.22 -8.03
CA HIS A 344 -11.03 2.30 -8.23
C HIS A 344 -12.33 3.11 -8.31
N LEU A 345 -13.08 2.95 -9.41
CA LEU A 345 -14.35 3.66 -9.54
C LEU A 345 -15.25 3.28 -8.38
N GLU A 346 -15.24 2.00 -8.02
CA GLU A 346 -16.06 1.51 -6.92
C GLU A 346 -15.62 2.22 -5.63
N VAL A 347 -14.32 2.44 -5.50
CA VAL A 347 -13.78 3.13 -4.33
C VAL A 347 -14.04 4.64 -4.51
N ALA A 348 -14.26 5.07 -5.74
CA ALA A 348 -14.54 6.49 -5.96
C ALA A 348 -15.94 6.81 -5.47
N GLU A 349 -16.89 5.94 -5.80
CA GLU A 349 -18.27 6.13 -5.42
C GLU A 349 -18.37 6.07 -3.90
N PHE A 350 -17.59 5.18 -3.32
CA PHE A 350 -17.58 5.04 -1.87
C PHE A 350 -17.28 6.39 -1.22
N LEU A 351 -16.13 6.96 -1.56
CA LEU A 351 -15.66 8.23 -1.00
C LEU A 351 -16.35 9.46 -1.61
N GLY A 352 -17.13 9.24 -2.66
CA GLY A 352 -17.79 10.34 -3.34
C GLY A 352 -16.70 11.15 -4.04
N GLY A 353 -15.61 10.48 -4.39
CA GLY A 353 -14.51 11.14 -5.05
C GLY A 353 -14.37 10.92 -6.55
N ARG A 354 -13.23 11.36 -7.08
CA ARG A 354 -12.87 11.25 -8.49
C ARG A 354 -11.87 10.12 -8.70
N LEU A 355 -11.78 9.60 -9.93
CA LEU A 355 -10.77 8.58 -10.17
C LEU A 355 -9.46 9.37 -10.01
N TYR A 356 -8.45 8.73 -9.42
CA TYR A 356 -7.14 9.35 -9.18
C TYR A 356 -7.22 10.43 -8.11
N ASP A 357 -8.26 10.37 -7.28
CA ASP A 357 -8.40 11.34 -6.19
C ASP A 357 -7.29 11.08 -5.18
N CYS A 358 -7.05 12.04 -4.29
CA CYS A 358 -6.03 11.90 -3.26
C CYS A 358 -6.64 11.77 -1.88
N VAL A 359 -6.17 10.78 -1.10
CA VAL A 359 -6.69 10.61 0.25
C VAL A 359 -5.53 10.94 1.19
N PHE A 360 -5.72 11.94 2.04
CA PHE A 360 -4.72 12.36 3.05
C PHE A 360 -5.56 12.59 4.32
N LYS A 361 -5.89 11.51 5.01
CA LYS A 361 -6.72 11.58 6.21
C LYS A 361 -5.83 11.52 7.44
N PHE A 362 -6.00 12.49 8.32
CA PHE A 362 -5.20 12.58 9.53
C PHE A 362 -6.07 12.61 10.78
N ASN A 363 -5.64 11.84 11.79
CA ASN A 363 -6.36 11.75 13.05
C ASN A 363 -5.32 11.79 14.17
N GLU A 364 -5.42 12.78 15.05
CA GLU A 364 -4.45 12.94 16.13
C GLU A 364 -4.77 12.14 17.39
N VAL A 365 -3.79 12.06 18.27
CA VAL A 365 -3.90 11.38 19.56
C VAL A 365 -3.85 9.86 19.46
MG MG B . 0.37 -1.20 -4.28
MG MG C . -6.56 -4.60 -4.64
N GLU A 6 1.95 -17.28 15.71
CA GLU A 6 2.73 -17.00 14.46
C GLU A 6 2.82 -15.48 14.29
N MET A 7 1.67 -14.86 14.13
CA MET A 7 1.58 -13.42 13.96
C MET A 7 0.68 -12.86 15.06
N VAL A 8 0.85 -11.59 15.37
CA VAL A 8 0.07 -10.94 16.40
C VAL A 8 -0.45 -9.63 15.87
N PRO A 9 -1.55 -9.14 16.45
CA PRO A 9 -2.11 -7.86 15.99
C PRO A 9 -1.02 -6.82 15.98
N PHE A 10 -1.13 -5.84 15.09
CA PHE A 10 -0.15 -4.76 15.07
C PHE A 10 -0.41 -4.23 16.48
N PRO A 11 0.66 -3.92 17.24
CA PRO A 11 0.48 -3.43 18.61
C PRO A 11 -0.23 -2.08 18.85
N GLN A 12 -0.49 -1.33 17.78
CA GLN A 12 -1.20 -0.05 17.93
C GLN A 12 -2.72 -0.22 17.80
N LEU A 13 -3.18 -1.41 17.45
CA LEU A 13 -4.63 -1.60 17.40
C LEU A 13 -5.10 -1.66 18.85
N PRO A 14 -6.06 -0.80 19.24
CA PRO A 14 -6.57 -0.82 20.61
C PRO A 14 -7.12 -2.21 20.94
N MET A 15 -6.97 -2.61 22.19
CA MET A 15 -7.47 -3.91 22.61
C MET A 15 -8.68 -3.67 23.51
N PRO A 16 -9.72 -4.50 23.38
CA PRO A 16 -9.82 -5.64 22.46
C PRO A 16 -10.10 -5.16 21.03
N ILE A 17 -9.45 -5.79 20.06
CA ILE A 17 -9.67 -5.43 18.66
C ILE A 17 -10.95 -6.09 18.16
N GLU A 18 -11.40 -7.12 18.86
CA GLU A 18 -12.62 -7.82 18.51
C GLU A 18 -13.79 -6.84 18.49
N ASN A 19 -14.65 -6.96 17.48
CA ASN A 19 -15.82 -6.10 17.32
C ASN A 19 -15.49 -4.62 17.23
N ASN A 20 -14.21 -4.29 17.12
CA ASN A 20 -13.78 -2.90 17.00
C ASN A 20 -12.94 -2.71 15.73
N TYR A 21 -11.94 -3.55 15.52
CA TYR A 21 -11.15 -3.46 14.28
C TYR A 21 -11.73 -4.41 13.23
N ARG A 22 -12.03 -3.87 12.05
CA ARG A 22 -12.51 -4.66 10.92
C ARG A 22 -11.62 -4.14 9.80
N ALA A 23 -10.78 -5.01 9.25
CA ALA A 23 -9.84 -4.59 8.21
C ALA A 23 -10.48 -3.98 6.97
N CYS A 24 -11.46 -4.67 6.40
CA CYS A 24 -12.11 -4.21 5.18
C CYS A 24 -12.84 -2.88 5.40
N THR A 25 -12.83 -2.02 4.39
CA THR A 25 -13.46 -0.71 4.54
C THR A 25 -14.86 -0.62 3.97
N ILE A 26 -15.07 -1.33 2.88
CA ILE A 26 -16.36 -1.28 2.19
C ILE A 26 -17.11 -2.61 2.29
N PRO A 27 -18.30 -2.61 2.92
CA PRO A 27 -19.07 -3.86 3.04
C PRO A 27 -19.92 -4.04 1.78
N TYR A 28 -20.14 -5.31 1.38
CA TYR A 28 -20.97 -5.58 0.21
C TYR A 28 -22.12 -6.50 0.64
N ARG A 29 -22.31 -6.62 1.95
CA ARG A 29 -23.34 -7.50 2.49
C ARG A 29 -23.72 -7.19 3.93
N PHE A 30 -25.02 -7.15 4.21
CA PHE A 30 -25.50 -6.92 5.58
C PHE A 30 -26.14 -8.24 6.02
N PRO A 31 -26.16 -8.50 7.34
CA PRO A 31 -26.74 -9.73 7.91
C PRO A 31 -28.15 -10.00 7.36
N SER A 32 -28.89 -8.93 7.08
CA SER A 32 -30.24 -9.05 6.56
C SER A 32 -30.33 -9.64 5.16
N ASP A 33 -29.22 -9.70 4.45
CA ASP A 33 -29.24 -10.24 3.09
C ASP A 33 -29.32 -11.76 3.06
N ASP A 34 -29.92 -12.29 1.99
CA ASP A 34 -30.06 -13.73 1.79
C ASP A 34 -28.67 -14.32 1.63
N PRO A 35 -28.30 -15.27 2.51
CA PRO A 35 -26.98 -15.89 2.44
C PRO A 35 -26.65 -16.74 1.21
N LYS A 36 -27.67 -17.16 0.46
CA LYS A 36 -27.48 -18.00 -0.71
C LYS A 36 -27.49 -17.23 -2.05
N LYS A 37 -27.63 -15.91 -1.98
CA LYS A 37 -27.64 -15.08 -3.19
C LYS A 37 -26.62 -13.97 -3.08
N ALA A 38 -25.75 -13.83 -4.09
CA ALA A 38 -24.77 -12.76 -4.05
C ALA A 38 -25.47 -11.42 -4.18
N THR A 39 -24.95 -10.41 -3.48
CA THR A 39 -25.53 -9.06 -3.51
C THR A 39 -24.96 -8.22 -4.65
N PRO A 40 -25.68 -7.16 -5.06
CA PRO A 40 -25.21 -6.29 -6.15
C PRO A 40 -23.77 -5.84 -5.93
N ASN A 41 -23.45 -5.52 -4.67
CA ASN A 41 -22.12 -5.07 -4.31
C ASN A 41 -21.06 -6.15 -4.47
N GLU A 42 -21.31 -7.35 -3.94
CA GLU A 42 -20.34 -8.44 -4.10
C GLU A 42 -20.03 -8.60 -5.58
N ILE A 43 -21.01 -8.27 -6.42
CA ILE A 43 -20.85 -8.36 -7.87
C ILE A 43 -19.88 -7.29 -8.37
N SER A 44 -20.01 -6.10 -7.81
CA SER A 44 -19.12 -5.00 -8.20
C SER A 44 -17.68 -5.37 -7.98
N TRP A 45 -17.39 -5.99 -6.84
CA TRP A 45 -16.02 -6.36 -6.53
C TRP A 45 -15.60 -7.66 -7.16
N ILE A 46 -16.50 -8.63 -7.25
CA ILE A 46 -16.15 -9.89 -7.91
C ILE A 46 -15.75 -9.53 -9.34
N ASN A 47 -16.44 -8.55 -9.93
CA ASN A 47 -16.13 -8.10 -11.28
C ASN A 47 -14.79 -7.34 -11.31
N VAL A 48 -14.57 -6.43 -10.36
CA VAL A 48 -13.29 -5.71 -10.34
C VAL A 48 -12.14 -6.72 -10.40
N PHE A 49 -12.17 -7.72 -9.52
CA PHE A 49 -11.10 -8.72 -9.50
C PHE A 49 -11.04 -9.55 -10.77
N ALA A 50 -12.21 -9.93 -11.31
CA ALA A 50 -12.20 -10.72 -12.56
C ALA A 50 -11.59 -9.87 -13.68
N ASN A 51 -11.82 -8.56 -13.64
CA ASN A 51 -11.29 -7.67 -14.67
C ASN A 51 -9.78 -7.46 -14.52
N SER A 52 -9.20 -7.97 -13.44
CA SER A 52 -7.75 -7.84 -13.23
C SER A 52 -6.99 -9.00 -13.86
N ILE A 53 -7.71 -10.07 -14.18
CA ILE A 53 -7.10 -11.27 -14.75
C ILE A 53 -6.37 -11.08 -16.08
N PRO A 54 -6.95 -10.35 -17.04
CA PRO A 54 -6.19 -10.21 -18.29
C PRO A 54 -4.78 -9.66 -18.06
N SER A 55 -4.65 -8.71 -17.14
CA SER A 55 -3.36 -8.10 -16.84
C SER A 55 -2.45 -9.10 -16.14
N PHE A 56 -2.97 -9.75 -15.09
CA PHE A 56 -2.20 -10.75 -14.37
C PHE A 56 -1.77 -11.90 -15.31
N LYS A 57 -2.68 -12.33 -16.20
CA LYS A 57 -2.34 -13.41 -17.13
C LYS A 57 -1.42 -12.87 -18.25
N LYS A 58 -1.81 -11.77 -18.89
CA LYS A 58 -0.99 -11.18 -19.95
C LYS A 58 0.38 -10.82 -19.40
N ARG A 59 0.50 -10.93 -18.08
CA ARG A 59 1.76 -10.65 -17.40
C ARG A 59 2.38 -11.99 -17.02
N ALA A 60 1.53 -12.94 -16.63
CA ALA A 60 2.00 -14.26 -16.23
C ALA A 60 2.56 -15.02 -17.43
N GLU A 61 1.80 -14.99 -18.53
CA GLU A 61 2.19 -15.69 -19.74
C GLU A 61 3.61 -15.37 -20.17
N SER A 62 4.03 -14.13 -19.94
CA SER A 62 5.38 -13.74 -20.35
C SER A 62 6.41 -13.80 -19.24
N ASP A 63 6.16 -14.65 -18.23
CA ASP A 63 7.12 -14.81 -17.13
C ASP A 63 8.09 -15.91 -17.58
N ILE A 64 9.10 -15.51 -18.33
CA ILE A 64 10.08 -16.45 -18.88
C ILE A 64 10.80 -17.31 -17.84
N THR A 65 10.80 -16.86 -16.59
CA THR A 65 11.46 -17.63 -15.54
C THR A 65 10.67 -18.90 -15.24
N VAL A 66 9.44 -18.94 -15.74
CA VAL A 66 8.58 -20.08 -15.52
C VAL A 66 8.52 -20.90 -16.81
N PRO A 67 8.80 -22.20 -16.73
CA PRO A 67 8.77 -23.03 -17.93
C PRO A 67 7.34 -23.26 -18.40
N ASP A 68 7.08 -23.01 -19.68
CA ASP A 68 5.74 -23.23 -20.23
C ASP A 68 4.76 -22.27 -19.57
N ALA A 69 5.21 -21.03 -19.37
CA ALA A 69 4.39 -19.99 -18.75
C ALA A 69 3.02 -19.79 -19.40
N PRO A 70 2.98 -19.68 -20.74
CA PRO A 70 1.69 -19.48 -21.43
C PRO A 70 0.58 -20.45 -21.04
N ALA A 71 0.87 -21.74 -20.97
CA ALA A 71 -0.14 -22.74 -20.60
C ALA A 71 -0.57 -22.55 -19.15
N ARG A 72 0.40 -22.30 -18.28
CA ARG A 72 0.14 -22.12 -16.86
C ARG A 72 -0.70 -20.87 -16.60
N ALA A 73 -0.50 -19.84 -17.42
CA ALA A 73 -1.26 -18.59 -17.27
C ALA A 73 -2.71 -18.84 -17.63
N GLU A 74 -2.92 -19.82 -18.53
CA GLU A 74 -4.27 -20.19 -18.94
C GLU A 74 -4.96 -20.86 -17.76
N LYS A 75 -4.24 -21.74 -17.07
CA LYS A 75 -4.80 -22.43 -15.91
C LYS A 75 -5.08 -21.39 -14.82
N PHE A 76 -4.40 -20.24 -14.91
CA PHE A 76 -4.63 -19.16 -13.96
C PHE A 76 -5.96 -18.50 -14.25
N ALA A 77 -6.11 -18.01 -15.48
CA ALA A 77 -7.33 -17.34 -15.89
C ALA A 77 -8.50 -18.31 -15.87
N GLU A 78 -8.24 -19.53 -15.40
CA GLU A 78 -9.28 -20.55 -15.32
C GLU A 78 -9.67 -20.86 -13.88
N ARG A 79 -8.68 -21.15 -13.04
CA ARG A 79 -8.96 -21.47 -11.64
C ARG A 79 -9.47 -20.27 -10.85
N TYR A 80 -8.70 -19.19 -10.82
CA TYR A 80 -9.12 -18.00 -10.07
C TYR A 80 -10.52 -17.54 -10.45
N ALA A 81 -10.75 -17.35 -11.74
CA ALA A 81 -12.05 -16.92 -12.24
C ALA A 81 -13.10 -17.96 -11.87
N GLY A 82 -12.71 -19.22 -11.89
CA GLY A 82 -13.63 -20.29 -11.55
C GLY A 82 -14.12 -20.08 -10.13
N ILE A 83 -13.22 -19.61 -9.29
CA ILE A 83 -13.53 -19.33 -7.89
C ILE A 83 -14.46 -18.12 -7.87
N LEU A 84 -14.23 -17.20 -8.79
CA LEU A 84 -15.06 -15.98 -8.88
C LEU A 84 -16.45 -16.31 -9.46
N GLU A 85 -16.49 -17.15 -10.49
CA GLU A 85 -17.76 -17.55 -11.10
C GLU A 85 -18.63 -18.21 -10.02
N ASP A 86 -18.02 -19.10 -9.22
CA ASP A 86 -18.76 -19.77 -8.15
C ASP A 86 -19.25 -18.79 -7.08
N LEU A 87 -18.42 -17.82 -6.73
CA LEU A 87 -18.79 -16.83 -5.72
C LEU A 87 -20.08 -16.08 -6.08
N LYS A 88 -20.30 -15.79 -7.35
CA LYS A 88 -21.53 -15.12 -7.77
C LYS A 88 -22.72 -16.06 -7.56
N LYS A 89 -22.53 -17.35 -7.85
CA LYS A 89 -23.62 -18.32 -7.68
C LYS A 89 -23.88 -18.74 -6.25
N ASP A 90 -22.85 -18.74 -5.40
CA ASP A 90 -23.01 -19.14 -4.01
C ASP A 90 -21.99 -18.40 -3.14
N PRO A 91 -22.44 -17.34 -2.46
CA PRO A 91 -21.58 -16.54 -1.57
C PRO A 91 -20.77 -17.36 -0.55
N GLU A 92 -21.28 -18.51 -0.15
CA GLU A 92 -20.61 -19.33 0.83
C GLU A 92 -19.50 -20.21 0.24
N SER A 93 -19.36 -20.21 -1.08
CA SER A 93 -18.32 -21.03 -1.71
C SER A 93 -16.92 -20.42 -1.54
N HIS A 94 -15.90 -21.25 -1.74
CA HIS A 94 -14.52 -20.80 -1.66
C HIS A 94 -14.13 -20.00 -0.41
N GLY A 95 -14.81 -20.27 0.70
CA GLY A 95 -14.51 -19.58 1.94
C GLY A 95 -15.24 -18.26 2.12
N GLY A 96 -16.20 -18.00 1.25
CA GLY A 96 -16.97 -16.77 1.32
C GLY A 96 -17.96 -16.67 2.47
N PRO A 97 -18.83 -15.63 2.48
CA PRO A 97 -18.97 -14.56 1.50
C PRO A 97 -17.69 -13.77 1.23
N PRO A 98 -17.57 -13.20 0.03
CA PRO A 98 -16.35 -12.44 -0.30
C PRO A 98 -16.11 -11.19 0.54
N ASP A 99 -14.90 -10.67 0.40
CA ASP A 99 -14.44 -9.43 1.06
C ASP A 99 -13.14 -9.04 0.40
N GLY A 100 -12.76 -7.77 0.55
CA GLY A 100 -11.54 -7.28 -0.07
C GLY A 100 -10.34 -8.19 0.07
N ILE A 101 -10.13 -8.75 1.25
CA ILE A 101 -8.99 -9.63 1.44
C ILE A 101 -9.15 -10.99 0.78
N LEU A 102 -10.28 -11.66 1.00
CA LEU A 102 -10.48 -12.98 0.40
C LEU A 102 -10.24 -12.98 -1.11
N LEU A 103 -10.83 -12.02 -1.80
CA LEU A 103 -10.66 -11.94 -3.25
C LEU A 103 -9.18 -11.79 -3.61
N CYS A 104 -8.47 -10.95 -2.87
CA CYS A 104 -7.03 -10.76 -3.13
C CYS A 104 -6.27 -12.05 -2.89
N ARG A 105 -6.51 -12.66 -1.73
CA ARG A 105 -5.81 -13.88 -1.37
C ARG A 105 -6.09 -15.00 -2.38
N LEU A 106 -7.35 -15.19 -2.74
CA LEU A 106 -7.66 -16.23 -3.73
C LEU A 106 -6.86 -16.06 -5.01
N ARG A 107 -6.68 -14.81 -5.46
CA ARG A 107 -5.94 -14.55 -6.69
C ARG A 107 -4.48 -14.98 -6.57
N GLU A 108 -3.85 -14.61 -5.45
CA GLU A 108 -2.46 -14.95 -5.22
C GLU A 108 -2.25 -16.46 -5.14
N GLN A 109 -3.20 -17.16 -4.52
CA GLN A 109 -3.07 -18.59 -4.35
C GLN A 109 -3.19 -19.37 -5.64
N VAL A 110 -4.06 -18.93 -6.55
CA VAL A 110 -4.17 -19.65 -7.81
C VAL A 110 -2.83 -19.53 -8.54
N LEU A 111 -2.33 -18.31 -8.67
CA LEU A 111 -1.05 -18.07 -9.33
C LEU A 111 0.08 -18.86 -8.70
N ARG A 112 0.15 -18.86 -7.37
CA ARG A 112 1.22 -19.56 -6.69
C ARG A 112 1.03 -21.06 -6.84
N GLU A 113 -0.22 -21.52 -6.85
CA GLU A 113 -0.47 -22.95 -7.01
C GLU A 113 -0.13 -23.49 -8.39
N LEU A 114 0.34 -22.60 -9.24
CA LEU A 114 0.72 -22.95 -10.61
C LEU A 114 2.20 -22.70 -10.87
N GLY A 115 2.93 -22.39 -9.81
CA GLY A 115 4.36 -22.19 -9.95
C GLY A 115 4.84 -20.76 -10.16
N PHE A 116 3.91 -19.81 -10.19
CA PHE A 116 4.29 -18.42 -10.36
C PHE A 116 4.65 -17.89 -8.99
N ARG A 117 5.73 -17.12 -8.89
CA ARG A 117 6.16 -16.58 -7.61
C ARG A 117 6.28 -15.06 -7.62
N ASP A 118 6.36 -14.50 -8.83
CA ASP A 118 6.45 -13.04 -8.98
C ASP A 118 6.46 -12.70 -10.47
N ILE A 119 5.29 -12.59 -11.07
CA ILE A 119 5.23 -12.30 -12.51
C ILE A 119 5.57 -10.86 -12.87
N PHE A 120 5.79 -10.02 -11.86
CA PHE A 120 6.16 -8.61 -12.06
C PHE A 120 7.62 -8.35 -11.66
N LYS A 121 8.39 -9.40 -11.39
CA LYS A 121 9.77 -9.20 -10.92
C LYS A 121 10.65 -8.34 -11.82
N LYS A 122 10.62 -8.61 -13.11
CA LYS A 122 11.45 -7.82 -14.01
C LYS A 122 10.94 -6.38 -14.13
N VAL A 123 9.61 -6.21 -14.19
CA VAL A 123 9.01 -4.89 -14.33
C VAL A 123 9.31 -4.05 -13.08
N LYS A 124 9.37 -4.71 -11.93
CA LYS A 124 9.69 -4.06 -10.67
C LYS A 124 11.19 -3.72 -10.64
N ASP A 125 12.02 -4.64 -11.14
CA ASP A 125 13.46 -4.37 -11.15
C ASP A 125 13.79 -3.15 -12.01
N GLU A 126 13.10 -3.02 -13.14
CA GLU A 126 13.37 -1.89 -14.03
C GLU A 126 13.03 -0.55 -13.37
N GLU A 127 11.82 -0.45 -12.84
CA GLU A 127 11.41 0.79 -12.22
C GLU A 127 12.21 1.12 -10.96
N ASN A 128 12.71 0.09 -10.30
CA ASN A 128 13.53 0.32 -9.10
C ASN A 128 14.82 1.00 -9.52
N ALA A 129 15.53 0.37 -10.45
CA ALA A 129 16.79 0.92 -10.96
C ALA A 129 16.61 2.36 -11.47
N LYS A 130 15.58 2.59 -12.29
CA LYS A 130 15.35 3.95 -12.82
C LYS A 130 15.16 4.97 -11.71
N ALA A 131 14.24 4.71 -10.79
CA ALA A 131 13.98 5.64 -9.70
C ALA A 131 15.24 5.90 -8.87
N ILE A 132 16.06 4.87 -8.70
CA ILE A 132 17.30 5.00 -7.93
C ILE A 132 18.23 6.08 -8.52
N SER A 133 18.33 6.12 -9.85
CA SER A 133 19.21 7.11 -10.48
C SER A 133 18.67 8.54 -10.41
N LEU A 134 17.37 8.68 -10.11
CA LEU A 134 16.74 9.99 -10.00
C LEU A 134 16.57 10.47 -8.56
N PHE A 135 16.94 9.61 -7.61
CA PHE A 135 16.77 9.96 -6.21
C PHE A 135 17.44 11.31 -5.86
N PRO A 136 18.77 11.45 -6.07
CA PRO A 136 19.39 12.73 -5.73
C PRO A 136 18.68 13.93 -6.37
N GLN A 137 18.24 13.77 -7.61
CA GLN A 137 17.55 14.85 -8.31
C GLN A 137 16.28 15.24 -7.57
N VAL A 138 15.44 14.24 -7.32
CA VAL A 138 14.17 14.49 -6.64
C VAL A 138 14.36 15.05 -5.24
N VAL A 139 15.31 14.49 -4.49
CA VAL A 139 15.59 14.97 -3.14
C VAL A 139 16.14 16.41 -3.20
N SER A 140 17.03 16.69 -4.16
CA SER A 140 17.57 18.03 -4.29
C SER A 140 16.48 19.08 -4.41
N LEU A 141 15.45 18.77 -5.18
CA LEU A 141 14.34 19.70 -5.38
C LEU A 141 13.59 19.98 -4.07
N SER A 142 13.32 18.95 -3.28
CA SER A 142 12.62 19.21 -2.02
C SER A 142 13.52 20.00 -1.09
N ASP A 143 14.80 19.65 -1.03
CA ASP A 143 15.72 20.35 -0.13
C ASP A 143 15.80 21.84 -0.48
N ALA A 144 15.57 22.19 -1.74
CA ALA A 144 15.65 23.59 -2.17
C ALA A 144 14.52 24.47 -1.65
N ILE A 145 13.47 23.86 -1.12
CA ILE A 145 12.34 24.62 -0.61
C ILE A 145 12.68 25.15 0.77
N GLU A 146 12.62 26.47 0.91
CA GLU A 146 12.95 27.17 2.15
C GLU A 146 12.02 26.88 3.32
N ASP A 147 10.72 27.11 3.14
CA ASP A 147 9.78 26.89 4.24
C ASP A 147 9.56 25.41 4.50
N ASP A 148 9.69 25.00 5.76
CA ASP A 148 9.51 23.60 6.12
C ASP A 148 8.11 23.07 5.82
N GLY A 149 7.10 23.93 5.92
CA GLY A 149 5.74 23.51 5.66
C GLY A 149 5.51 23.18 4.19
N LYS A 150 5.94 24.07 3.30
CA LYS A 150 5.77 23.83 1.87
C LYS A 150 6.61 22.64 1.42
N ARG A 151 7.75 22.41 2.06
CA ARG A 151 8.57 21.26 1.67
C ARG A 151 7.80 19.99 2.01
N LEU A 152 6.98 20.06 3.05
CA LEU A 152 6.18 18.92 3.46
C LEU A 152 5.13 18.69 2.38
N GLU A 153 4.44 19.76 2.00
CA GLU A 153 3.42 19.62 0.98
C GLU A 153 4.01 19.07 -0.32
N ASN A 154 5.28 19.40 -0.58
CA ASN A 154 5.93 18.91 -1.79
C ASN A 154 6.24 17.42 -1.65
N LEU A 155 6.62 16.98 -0.45
CA LEU A 155 6.91 15.55 -0.23
C LEU A 155 5.63 14.72 -0.26
N VAL A 156 4.55 15.29 0.28
CA VAL A 156 3.25 14.60 0.25
C VAL A 156 2.78 14.50 -1.20
N ARG A 157 2.83 15.61 -1.94
CA ARG A 157 2.43 15.55 -3.35
C ARG A 157 3.34 14.54 -4.07
N GLY A 158 4.56 14.38 -3.56
CA GLY A 158 5.47 13.41 -4.15
C GLY A 158 5.06 11.99 -3.82
N ILE A 159 4.29 11.80 -2.75
CA ILE A 159 3.84 10.46 -2.38
C ILE A 159 2.62 10.07 -3.21
N PHE A 160 1.71 11.01 -3.42
CA PHE A 160 0.53 10.71 -4.24
C PHE A 160 0.90 10.38 -5.68
N ALA A 161 1.83 11.14 -6.26
CA ALA A 161 2.26 10.93 -7.65
C ALA A 161 3.08 9.64 -7.78
N GLY A 162 3.88 9.32 -6.77
CA GLY A 162 4.67 8.11 -6.86
C GLY A 162 3.77 6.88 -6.74
N ASN A 163 2.68 6.99 -5.98
CA ASN A 163 1.76 5.86 -5.79
C ASN A 163 0.68 5.81 -6.87
N ILE A 164 1.03 6.32 -8.05
CA ILE A 164 0.19 6.32 -9.23
C ILE A 164 1.05 6.35 -10.50
N PHE A 165 2.35 6.61 -10.33
CA PHE A 165 3.29 6.62 -11.46
C PHE A 165 4.00 5.28 -11.57
N MET A 181 6.24 13.60 -19.82
CA MET A 181 5.68 12.71 -18.78
C MET A 181 6.80 12.17 -17.88
N SER A 182 6.61 12.32 -16.57
CA SER A 182 7.60 11.84 -15.60
C SER A 182 7.05 11.99 -14.19
N PHE A 183 7.72 11.35 -13.23
CA PHE A 183 7.32 11.43 -11.83
C PHE A 183 7.21 12.91 -11.42
N LEU A 184 8.22 13.70 -11.77
CA LEU A 184 8.18 15.12 -11.41
C LEU A 184 7.00 15.84 -12.05
N ALA A 185 6.70 15.50 -13.30
CA ALA A 185 5.58 16.11 -13.99
C ALA A 185 4.29 15.64 -13.32
N SER A 186 4.19 14.34 -13.08
CA SER A 186 3.01 13.77 -12.42
C SER A 186 2.79 14.42 -11.05
N CYS A 187 3.86 14.92 -10.45
CA CYS A 187 3.77 15.57 -9.14
C CYS A 187 2.98 16.88 -9.23
N GLN A 188 2.93 17.47 -10.42
CA GLN A 188 2.24 18.74 -10.59
C GLN A 188 0.91 18.61 -11.31
N ASN A 189 0.45 17.37 -11.47
CA ASN A 189 -0.81 17.14 -12.16
C ASN A 189 -1.86 16.40 -11.35
N LEU A 190 -1.74 16.42 -10.02
CA LEU A 190 -2.71 15.75 -9.16
C LEU A 190 -4.05 16.49 -9.25
N VAL A 191 -5.14 15.77 -9.00
CA VAL A 191 -6.46 16.42 -9.03
C VAL A 191 -6.37 17.62 -8.08
N PRO A 192 -7.11 18.70 -8.39
CA PRO A 192 -7.06 19.87 -7.52
C PRO A 192 -7.74 19.70 -6.16
N ARG A 193 -7.22 20.40 -5.16
CA ARG A 193 -7.79 20.33 -3.81
C ARG A 193 -9.02 21.22 -3.77
N PRO A 194 -9.90 21.02 -2.78
CA PRO A 194 -9.84 20.03 -1.69
C PRO A 194 -9.86 18.59 -2.18
N TRP A 195 -9.42 17.67 -1.32
CA TRP A 195 -9.39 16.24 -1.64
C TRP A 195 -10.64 15.54 -1.11
N VAL A 196 -10.95 14.36 -1.62
CA VAL A 196 -12.16 13.65 -1.20
C VAL A 196 -12.17 13.53 0.33
N ILE A 197 -10.98 13.48 0.89
CA ILE A 197 -10.73 13.45 2.34
C ILE A 197 -9.42 14.22 2.40
N ASP A 198 -9.43 15.41 2.99
CA ASP A 198 -8.22 16.23 3.01
C ASP A 198 -7.94 16.80 4.40
N ASP A 199 -6.89 16.28 5.05
CA ASP A 199 -6.52 16.71 6.39
C ASP A 199 -5.09 17.26 6.43
N LEU A 200 -4.59 17.73 5.30
CA LEU A 200 -3.22 18.24 5.23
C LEU A 200 -2.94 19.43 6.15
N GLU A 201 -3.88 20.37 6.23
CA GLU A 201 -3.69 21.54 7.09
C GLU A 201 -3.40 21.14 8.53
N ASN A 202 -4.22 20.24 9.07
CA ASN A 202 -4.02 19.82 10.46
C ASN A 202 -2.71 19.09 10.65
N PHE A 203 -2.30 18.33 9.65
CA PHE A 203 -1.07 17.55 9.74
C PHE A 203 0.16 18.43 9.65
N GLN A 204 0.08 19.47 8.82
CA GLN A 204 1.20 20.38 8.64
C GLN A 204 1.42 21.18 9.92
N ALA A 205 0.34 21.57 10.58
CA ALA A 205 0.44 22.32 11.82
C ALA A 205 1.19 21.47 12.85
N LYS A 206 0.83 20.19 12.94
CA LYS A 206 1.51 19.30 13.89
C LYS A 206 2.98 19.09 13.57
N TRP A 207 3.26 18.75 12.32
CA TRP A 207 4.62 18.51 11.85
C TRP A 207 5.55 19.64 12.29
N ILE A 208 5.12 20.89 12.15
CA ILE A 208 5.94 22.03 12.55
C ILE A 208 6.16 22.03 14.07
N ASN A 209 5.25 21.37 14.80
CA ASN A 209 5.37 21.24 16.24
C ASN A 209 5.91 19.84 16.53
N LYS A 210 6.83 19.40 15.67
CA LYS A 210 7.47 18.09 15.77
C LYS A 210 6.92 17.22 16.88
N SER A 211 5.74 16.65 16.65
CA SER A 211 5.10 15.83 17.67
C SER A 211 5.29 14.33 17.48
N TRP A 212 6.20 13.94 16.59
CA TRP A 212 6.45 12.52 16.33
C TRP A 212 7.92 12.16 16.36
N LYS A 213 8.25 11.09 17.06
CA LYS A 213 9.63 10.63 17.17
C LYS A 213 9.83 9.19 16.72
N LYS A 214 8.73 8.49 16.44
CA LYS A 214 8.79 7.09 16.03
C LYS A 214 7.69 6.74 15.01
N ALA A 215 7.90 7.07 13.74
CA ALA A 215 6.92 6.78 12.68
C ALA A 215 7.11 5.43 11.98
N VAL A 216 6.03 4.65 11.89
CA VAL A 216 6.06 3.36 11.20
C VAL A 216 5.24 3.63 9.93
N ILE A 217 5.57 2.96 8.83
CA ILE A 217 4.88 3.17 7.56
C ILE A 217 4.76 1.88 6.75
N PHE A 218 3.56 1.60 6.26
CA PHE A 218 3.33 0.42 5.44
C PHE A 218 3.49 0.95 4.02
N VAL A 219 4.26 0.27 3.18
CA VAL A 219 4.54 0.77 1.85
C VAL A 219 3.85 0.14 0.65
N ASP A 220 4.22 0.60 -0.54
CA ASP A 220 3.55 0.10 -1.73
C ASP A 220 4.47 -0.48 -2.78
N ASN A 221 3.92 -0.62 -3.99
CA ASN A 221 4.64 -1.16 -5.13
C ASN A 221 6.05 -0.62 -5.26
N SER A 222 6.74 -1.10 -6.29
CA SER A 222 8.10 -0.64 -6.61
C SER A 222 8.02 0.65 -7.42
N GLY A 223 9.01 0.92 -8.26
CA GLY A 223 8.95 2.12 -9.06
C GLY A 223 9.20 3.42 -8.31
N ALA A 224 8.56 4.50 -8.75
CA ALA A 224 8.77 5.83 -8.14
C ALA A 224 8.03 6.11 -6.83
N ASP A 225 7.42 5.08 -6.25
CA ASP A 225 6.66 5.27 -5.02
C ASP A 225 7.57 5.31 -3.80
N ILE A 226 8.03 4.13 -3.41
CA ILE A 226 8.90 3.99 -2.26
C ILE A 226 10.20 4.82 -2.35
N ILE A 227 10.70 5.03 -3.57
CA ILE A 227 11.98 5.72 -3.73
C ILE A 227 11.95 7.21 -4.02
N LEU A 228 10.89 7.67 -4.66
CA LEU A 228 10.79 9.09 -5.01
C LEU A 228 9.65 9.78 -4.26
N GLY A 229 8.79 8.99 -3.63
CA GLY A 229 7.68 9.54 -2.87
C GLY A 229 7.94 9.35 -1.38
N ILE A 230 7.89 8.08 -0.93
CA ILE A 230 8.09 7.75 0.48
C ILE A 230 9.43 8.22 1.08
N LEU A 231 10.54 7.78 0.49
CA LEU A 231 11.87 8.10 0.99
C LEU A 231 12.14 9.58 1.27
N PRO A 232 12.05 10.43 0.23
CA PRO A 232 12.30 11.86 0.47
C PRO A 232 11.54 12.37 1.68
N PHE A 233 10.37 11.76 1.92
CA PHE A 233 9.50 12.08 3.03
C PHE A 233 10.11 11.46 4.29
N ALA A 234 10.53 10.20 4.18
CA ALA A 234 11.15 9.48 5.29
C ALA A 234 12.45 10.19 5.68
N ARG A 235 13.21 10.59 4.68
CA ARG A 235 14.48 11.30 4.88
C ARG A 235 14.23 12.63 5.60
N GLU A 236 13.15 13.30 5.21
CA GLU A 236 12.80 14.57 5.85
C GLU A 236 12.51 14.28 7.32
N LEU A 237 11.82 13.17 7.60
CA LEU A 237 11.51 12.78 8.98
C LEU A 237 12.82 12.52 9.75
N LEU A 238 13.73 11.77 9.14
CA LEU A 238 15.00 11.45 9.79
C LEU A 238 15.75 12.73 10.16
N ARG A 239 15.84 13.64 9.20
CA ARG A 239 16.55 14.89 9.41
C ARG A 239 15.90 15.78 10.46
N ARG A 240 14.61 15.60 10.69
CA ARG A 240 13.91 16.39 11.68
C ARG A 240 14.02 15.74 13.06
N GLY A 241 14.67 14.58 13.10
CA GLY A 241 14.90 13.89 14.35
C GLY A 241 14.09 12.64 14.67
N ALA A 242 13.22 12.21 13.77
CA ALA A 242 12.43 11.03 14.05
C ALA A 242 13.04 9.71 13.57
N GLN A 243 12.68 8.62 14.24
CA GLN A 243 13.10 7.29 13.84
C GLN A 243 12.01 6.89 12.82
N VAL A 244 12.38 6.13 11.80
CA VAL A 244 11.39 5.71 10.79
C VAL A 244 11.51 4.23 10.49
N VAL A 245 10.40 3.51 10.64
CA VAL A 245 10.36 2.08 10.35
C VAL A 245 9.53 1.88 9.06
N LEU A 246 10.13 1.30 8.03
CA LEU A 246 9.41 1.05 6.78
C LEU A 246 9.01 -0.43 6.77
N ALA A 247 7.72 -0.69 6.80
CA ALA A 247 7.20 -2.05 6.83
C ALA A 247 6.75 -2.48 5.45
N ALA A 248 7.38 -3.54 4.92
CA ALA A 248 7.08 -4.04 3.59
C ALA A 248 6.70 -5.52 3.57
N ASN A 249 5.90 -5.92 2.58
CA ASN A 249 5.48 -7.30 2.41
C ASN A 249 6.63 -8.28 2.53
N GLU A 250 6.26 -9.52 2.83
CA GLU A 250 7.23 -10.60 2.93
C GLU A 250 7.32 -11.27 1.56
N LEU A 251 6.16 -11.49 0.94
CA LEU A 251 6.09 -12.14 -0.37
C LEU A 251 5.59 -11.18 -1.43
N PRO A 252 5.96 -11.43 -2.68
CA PRO A 252 5.54 -10.59 -3.80
C PRO A 252 4.02 -10.62 -3.98
N SER A 253 3.47 -9.48 -4.38
CA SER A 253 2.04 -9.35 -4.66
C SER A 253 1.90 -8.27 -5.73
N ILE A 254 1.34 -8.65 -6.89
CA ILE A 254 1.17 -7.75 -8.02
C ILE A 254 2.53 -7.11 -8.27
N ASN A 255 2.65 -5.82 -7.98
CA ASN A 255 3.91 -5.12 -8.15
C ASN A 255 4.37 -4.44 -6.87
N ASP A 256 3.98 -4.96 -5.71
CA ASP A 256 4.39 -4.35 -4.45
C ASP A 256 5.84 -4.61 -4.09
N ILE A 257 6.37 -3.83 -3.15
CA ILE A 257 7.77 -4.02 -2.73
C ILE A 257 7.83 -4.80 -1.41
N THR A 258 8.70 -5.82 -1.36
CA THR A 258 8.88 -6.63 -0.16
C THR A 258 10.10 -6.04 0.58
N CYS A 259 10.19 -6.25 1.88
CA CYS A 259 11.32 -5.72 2.62
C CYS A 259 12.65 -6.23 2.04
N THR A 260 12.64 -7.47 1.54
CA THR A 260 13.83 -8.07 0.94
C THR A 260 14.34 -7.31 -0.28
N GLU A 261 13.44 -6.88 -1.16
CA GLU A 261 13.81 -6.17 -2.37
C GLU A 261 14.01 -4.68 -2.10
N LEU A 262 13.68 -4.26 -0.88
CA LEU A 262 13.82 -2.87 -0.47
C LEU A 262 15.17 -2.76 0.22
N THR A 263 15.48 -3.72 1.09
CA THR A 263 16.76 -3.71 1.80
C THR A 263 17.88 -3.47 0.80
N GLU A 264 17.75 -4.06 -0.39
CA GLU A 264 18.74 -3.88 -1.45
C GLU A 264 18.72 -2.43 -1.92
N ILE A 265 17.52 -1.89 -2.13
CA ILE A 265 17.37 -0.50 -2.57
C ILE A 265 18.12 0.49 -1.69
N LEU A 266 17.84 0.46 -0.40
CA LEU A 266 18.49 1.37 0.56
C LEU A 266 19.99 1.14 0.62
N SER A 267 20.38 -0.13 0.66
CA SER A 267 21.80 -0.50 0.70
C SER A 267 22.53 0.00 -0.55
N GLN A 268 21.76 0.39 -1.58
CA GLN A 268 22.34 0.89 -2.83
C GLN A 268 22.22 2.39 -3.03
N LEU A 269 21.15 2.99 -2.50
CA LEU A 269 20.95 4.44 -2.64
C LEU A 269 21.85 5.24 -1.70
N LYS A 270 22.43 4.55 -0.74
CA LYS A 270 23.29 5.20 0.25
C LYS A 270 24.49 5.93 -0.33
N ASN A 273 28.82 8.36 5.07
CA ASN A 273 28.96 6.93 5.33
C ASN A 273 27.60 6.34 5.66
N GLY A 274 27.04 5.60 4.70
CA GLY A 274 25.74 5.00 4.91
C GLY A 274 24.67 6.06 4.99
N GLN A 275 24.92 7.20 4.35
CA GLN A 275 23.97 8.30 4.37
C GLN A 275 23.13 8.35 3.10
N LEU A 276 21.94 8.94 3.21
CA LEU A 276 21.06 9.10 2.06
C LEU A 276 21.20 10.56 1.67
N LEU A 277 22.07 10.84 0.72
CA LEU A 277 22.30 12.21 0.27
C LEU A 277 22.61 13.14 1.43
N GLY A 278 23.61 12.74 2.23
CA GLY A 278 24.01 13.54 3.36
C GLY A 278 23.22 13.36 4.64
N VAL A 279 22.21 12.48 4.63
CA VAL A 279 21.42 12.25 5.82
C VAL A 279 21.70 10.88 6.44
N ASP A 280 21.87 10.87 7.76
CA ASP A 280 22.16 9.66 8.51
C ASP A 280 20.96 8.72 8.54
N THR A 281 21.20 7.43 8.34
CA THR A 281 20.15 6.42 8.32
C THR A 281 20.11 5.53 9.56
N SER A 282 20.84 5.92 10.61
CA SER A 282 20.86 5.14 11.83
C SER A 282 19.49 5.02 12.53
N LYS A 283 18.61 6.00 12.32
CA LYS A 283 17.28 5.97 12.95
C LYS A 283 16.19 5.49 11.99
N LEU A 284 16.61 4.94 10.86
CA LEU A 284 15.72 4.37 9.86
C LEU A 284 15.81 2.85 9.96
N LEU A 285 14.66 2.16 10.02
CA LEU A 285 14.66 0.70 10.12
C LEU A 285 13.68 0.08 9.11
N ILE A 286 13.99 -1.14 8.64
CA ILE A 286 13.15 -1.87 7.70
C ILE A 286 12.54 -3.08 8.42
N ALA A 287 11.24 -3.29 8.24
CA ALA A 287 10.56 -4.41 8.88
C ALA A 287 9.79 -5.28 7.90
N ASN A 288 9.74 -6.58 8.19
CA ASN A 288 9.03 -7.56 7.38
C ASN A 288 7.64 -7.76 8.01
N SER A 289 6.61 -7.26 7.34
CA SER A 289 5.25 -7.37 7.86
C SER A 289 4.68 -8.77 7.78
N GLY A 290 5.32 -9.62 6.99
CA GLY A 290 4.84 -10.97 6.81
C GLY A 290 3.68 -10.98 5.83
N ASN A 291 3.37 -9.81 5.26
CA ASN A 291 2.24 -9.68 4.33
C ASN A 291 2.47 -10.34 2.97
N ASP A 292 1.38 -10.70 2.29
CA ASP A 292 1.52 -11.38 1.00
C ASP A 292 0.39 -11.02 0.02
N LEU A 293 -0.35 -9.95 0.32
CA LEU A 293 -1.45 -9.50 -0.54
C LEU A 293 -1.26 -8.02 -0.80
N PRO A 294 -2.09 -7.44 -1.70
CA PRO A 294 -1.95 -6.00 -1.96
C PRO A 294 -2.82 -5.19 -0.99
N VAL A 295 -3.40 -5.89 -0.03
CA VAL A 295 -4.20 -5.28 1.02
C VAL A 295 -3.54 -5.85 2.28
N ILE A 296 -4.10 -5.58 3.45
CA ILE A 296 -3.48 -6.11 4.66
C ILE A 296 -4.39 -6.10 5.88
N ASP A 297 -4.34 -7.19 6.63
CA ASP A 297 -5.11 -7.33 7.86
C ASP A 297 -4.12 -6.97 8.97
N LEU A 298 -4.38 -5.85 9.67
CA LEU A 298 -3.49 -5.35 10.72
C LEU A 298 -3.54 -6.16 12.00
N SER A 299 -4.63 -6.90 12.21
CA SER A 299 -4.72 -7.71 13.42
C SER A 299 -3.81 -8.93 13.27
N ARG A 300 -3.05 -8.96 12.19
CA ARG A 300 -2.12 -10.07 11.93
C ARG A 300 -0.81 -9.57 11.32
N VAL A 301 0.11 -9.11 12.16
CA VAL A 301 1.42 -8.65 11.66
C VAL A 301 2.50 -9.40 12.40
N SER A 302 3.71 -9.37 11.84
CA SER A 302 4.84 -10.06 12.43
C SER A 302 5.17 -9.52 13.82
N GLN A 303 5.70 -10.38 14.69
CA GLN A 303 6.08 -9.95 16.03
C GLN A 303 7.26 -9.00 15.88
N GLU A 304 7.98 -9.18 14.79
CA GLU A 304 9.12 -8.33 14.43
C GLU A 304 8.59 -6.90 14.24
N LEU A 305 7.66 -6.74 13.31
CA LEU A 305 7.09 -5.41 13.08
C LEU A 305 6.46 -4.89 14.36
N ALA A 306 5.81 -5.76 15.12
CA ALA A 306 5.18 -5.36 16.37
C ALA A 306 6.24 -4.82 17.34
N TYR A 307 7.39 -5.49 17.40
CA TYR A 307 8.46 -5.03 18.28
C TYR A 307 8.89 -3.61 17.95
N LEU A 308 9.20 -3.35 16.68
CA LEU A 308 9.64 -2.02 16.27
C LEU A 308 8.52 -0.96 16.29
N SER A 309 7.27 -1.41 16.43
CA SER A 309 6.14 -0.51 16.43
C SER A 309 5.54 -0.33 17.82
N SER A 310 6.10 -1.02 18.81
CA SER A 310 5.58 -0.92 20.18
C SER A 310 5.80 0.46 20.79
N ASP A 311 6.69 1.28 20.21
CA ASP A 311 6.89 2.63 20.75
C ASP A 311 6.55 3.68 19.68
N ALA A 312 6.01 3.23 18.56
CA ALA A 312 5.66 4.17 17.51
C ALA A 312 4.52 5.08 17.95
N ASP A 313 4.59 6.35 17.56
CA ASP A 313 3.56 7.32 17.89
C ASP A 313 3.00 7.94 16.61
N LEU A 314 3.35 7.32 15.47
CA LEU A 314 2.87 7.73 14.14
C LEU A 314 2.81 6.46 13.30
N VAL A 315 1.62 6.15 12.81
CA VAL A 315 1.37 4.99 11.96
C VAL A 315 0.86 5.56 10.63
N ILE A 316 1.58 5.28 9.54
CA ILE A 316 1.19 5.76 8.21
C ILE A 316 0.90 4.55 7.33
N VAL A 317 -0.28 4.53 6.69
CA VAL A 317 -0.61 3.40 5.83
C VAL A 317 -0.68 3.97 4.41
N GLU A 318 0.27 3.58 3.57
CA GLU A 318 0.36 4.10 2.21
C GLU A 318 -0.30 3.29 1.13
N GLY A 319 -0.92 3.99 0.17
CA GLY A 319 -1.55 3.33 -0.95
C GLY A 319 -3.02 3.04 -0.78
N MET A 320 -3.72 2.91 -1.90
CA MET A 320 -5.15 2.65 -1.89
C MET A 320 -5.54 1.37 -1.15
N GLY A 321 -4.73 0.32 -1.31
CA GLY A 321 -5.04 -0.94 -0.65
C GLY A 321 -4.98 -0.94 0.87
N ARG A 322 -3.77 -0.82 1.39
CA ARG A 322 -3.51 -0.83 2.84
C ARG A 322 -3.98 0.44 3.56
N GLY A 323 -4.39 1.45 2.79
CA GLY A 323 -4.83 2.70 3.35
C GLY A 323 -6.28 3.08 3.10
N ILE A 324 -6.89 2.51 2.08
CA ILE A 324 -8.29 2.83 1.78
C ILE A 324 -9.23 1.61 1.80
N GLU A 325 -9.04 0.67 0.87
CA GLU A 325 -9.89 -0.53 0.83
C GLU A 325 -9.83 -1.21 2.19
N THR A 326 -8.64 -1.60 2.63
CA THR A 326 -8.55 -2.18 3.97
C THR A 326 -7.91 -1.11 4.81
N ASN A 327 -8.36 -1.00 6.06
CA ASN A 327 -7.74 -0.06 6.99
C ASN A 327 -8.00 1.44 6.96
N LEU A 328 -8.91 1.96 6.14
CA LEU A 328 -9.18 3.42 6.16
C LEU A 328 -9.75 3.94 7.49
N TYR A 329 -10.68 3.22 8.10
CA TYR A 329 -11.27 3.68 9.36
C TYR A 329 -10.76 2.94 10.61
N ALA A 330 -9.63 2.25 10.50
CA ALA A 330 -9.11 1.53 11.67
C ALA A 330 -8.69 2.51 12.74
N GLN A 331 -9.05 2.20 13.98
CA GLN A 331 -8.66 3.04 15.11
C GLN A 331 -7.32 2.55 15.63
N PHE A 332 -6.42 3.50 15.89
CA PHE A 332 -5.09 3.21 16.40
C PHE A 332 -4.93 3.86 17.77
N LYS A 333 -3.96 3.37 18.54
CA LYS A 333 -3.66 3.91 19.86
C LYS A 333 -2.85 5.21 19.72
N CYS A 334 -2.13 5.33 18.62
CA CYS A 334 -1.32 6.52 18.33
C CYS A 334 -1.82 7.17 17.04
N ASP A 335 -1.26 8.32 16.69
CA ASP A 335 -1.65 9.04 15.46
C ASP A 335 -1.51 8.11 14.26
N SER A 336 -2.47 8.17 13.32
CA SER A 336 -2.45 7.34 12.13
C SER A 336 -2.95 8.06 10.89
N LEU A 337 -2.03 8.37 9.98
CA LEU A 337 -2.37 9.03 8.73
C LEU A 337 -2.77 7.97 7.71
N LYS A 338 -3.82 8.26 6.93
CA LYS A 338 -4.28 7.40 5.86
C LYS A 338 -4.07 8.27 4.63
N ILE A 339 -3.12 7.86 3.78
CA ILE A 339 -2.74 8.61 2.59
C ILE A 339 -2.81 7.72 1.34
N GLY A 340 -3.61 8.14 0.36
CA GLY A 340 -3.74 7.34 -0.83
C GLY A 340 -4.50 7.98 -1.98
N MET A 341 -4.23 7.45 -3.17
CA MET A 341 -4.84 7.88 -4.42
C MET A 341 -5.89 6.85 -4.85
N VAL A 342 -7.07 7.32 -5.25
CA VAL A 342 -8.14 6.40 -5.68
C VAL A 342 -7.80 5.83 -7.06
N LYS A 343 -7.77 4.51 -7.18
CA LYS A 343 -7.43 3.88 -8.46
C LYS A 343 -8.59 3.10 -9.09
N HIS A 344 -9.56 2.69 -8.27
CA HIS A 344 -10.73 1.97 -8.75
C HIS A 344 -11.90 2.95 -8.77
N LEU A 345 -12.74 2.89 -9.81
CA LEU A 345 -13.91 3.75 -9.87
C LEU A 345 -14.83 3.46 -8.68
N GLU A 346 -14.91 2.18 -8.30
CA GLU A 346 -15.77 1.76 -7.19
C GLU A 346 -15.34 2.44 -5.89
N VAL A 347 -14.04 2.41 -5.62
CA VAL A 347 -13.53 3.04 -4.41
C VAL A 347 -13.89 4.53 -4.47
N ALA A 348 -13.62 5.17 -5.61
CA ALA A 348 -13.96 6.58 -5.75
C ALA A 348 -15.45 6.77 -5.45
N GLU A 349 -16.26 5.86 -5.97
CA GLU A 349 -17.71 5.95 -5.78
C GLU A 349 -18.05 5.85 -4.29
N PHE A 350 -17.32 4.99 -3.58
CA PHE A 350 -17.53 4.82 -2.14
C PHE A 350 -17.18 6.11 -1.39
N LEU A 351 -16.06 6.73 -1.74
CA LEU A 351 -15.58 7.93 -1.07
C LEU A 351 -16.39 9.19 -1.38
N GLY A 352 -17.19 9.11 -2.42
CA GLY A 352 -18.00 10.25 -2.82
C GLY A 352 -17.26 11.09 -3.85
N GLY A 353 -15.97 10.78 -4.06
CA GLY A 353 -15.16 11.50 -5.03
C GLY A 353 -15.13 10.77 -6.36
N ARG A 354 -14.01 10.86 -7.10
CA ARG A 354 -13.86 10.20 -8.41
C ARG A 354 -12.46 9.60 -8.61
N LEU A 355 -12.19 9.06 -9.80
CA LEU A 355 -10.88 8.46 -10.08
C LEU A 355 -9.76 9.49 -9.87
N TYR A 356 -8.58 9.00 -9.48
CA TYR A 356 -7.40 9.81 -9.16
C TYR A 356 -7.68 10.84 -8.08
N ASP A 357 -8.65 10.51 -7.22
CA ASP A 357 -9.00 11.36 -6.09
C ASP A 357 -8.02 10.98 -4.99
N CYS A 358 -7.54 11.96 -4.23
CA CYS A 358 -6.57 11.72 -3.16
C CYS A 358 -7.18 11.81 -1.78
N VAL A 359 -6.82 10.85 -0.92
CA VAL A 359 -7.34 10.87 0.44
C VAL A 359 -6.17 11.11 1.39
N PHE A 360 -6.22 12.20 2.16
CA PHE A 360 -5.17 12.50 3.14
C PHE A 360 -5.99 12.59 4.42
N LYS A 361 -6.06 11.45 5.11
CA LYS A 361 -6.84 11.34 6.32
C LYS A 361 -5.92 11.39 7.53
N PHE A 362 -6.06 12.43 8.32
CA PHE A 362 -5.25 12.64 9.50
C PHE A 362 -6.13 12.58 10.74
N ASN A 363 -5.54 12.14 11.85
CA ASN A 363 -6.26 12.04 13.11
C ASN A 363 -5.22 12.06 14.22
N GLU A 364 -5.16 13.16 14.96
CA GLU A 364 -4.19 13.31 16.04
C GLU A 364 -4.77 12.87 17.37
N VAL A 365 -5.67 13.69 17.90
CA VAL A 365 -6.30 13.45 19.19
C VAL A 365 -5.32 13.69 20.33
MG MG B . 0.81 -1.92 -4.95
MG MG C . -6.56 -4.60 -4.64
N GLU A 6 1.55 -17.23 15.83
CA GLU A 6 2.42 -16.75 14.72
C GLU A 6 2.35 -15.22 14.62
N MET A 7 1.23 -14.72 14.11
CA MET A 7 1.00 -13.28 13.96
C MET A 7 0.47 -12.73 15.27
N VAL A 8 0.51 -11.41 15.41
CA VAL A 8 0.02 -10.75 16.62
C VAL A 8 -0.63 -9.41 16.29
N PRO A 9 -1.43 -8.86 17.21
CA PRO A 9 -2.10 -7.58 16.98
C PRO A 9 -1.12 -6.46 16.72
N PHE A 10 -1.66 -5.31 16.32
CA PHE A 10 -0.87 -4.13 16.04
C PHE A 10 -1.00 -3.33 17.32
N PRO A 11 0.13 -3.02 17.99
CA PRO A 11 0.16 -2.27 19.24
C PRO A 11 -0.51 -0.90 19.30
N GLN A 12 -0.70 -0.25 18.16
CA GLN A 12 -1.32 1.07 18.18
C GLN A 12 -2.85 1.01 18.08
N LEU A 13 -3.37 -0.16 17.75
CA LEU A 13 -4.81 -0.36 17.66
C LEU A 13 -5.33 -0.34 19.09
N PRO A 14 -6.42 0.40 19.35
CA PRO A 14 -6.97 0.45 20.72
C PRO A 14 -7.54 -0.90 21.09
N MET A 15 -7.09 -1.43 22.23
CA MET A 15 -7.57 -2.73 22.72
C MET A 15 -8.88 -2.43 23.47
N PRO A 16 -9.85 -3.34 23.41
CA PRO A 16 -9.85 -4.63 22.69
C PRO A 16 -10.10 -4.45 21.19
N ILE A 17 -9.59 -5.38 20.40
CA ILE A 17 -9.74 -5.34 18.95
C ILE A 17 -10.80 -6.32 18.46
N GLU A 18 -11.15 -7.28 19.31
CA GLU A 18 -12.16 -8.27 18.95
C GLU A 18 -13.48 -7.57 18.65
N ASN A 19 -14.12 -7.97 17.57
CA ASN A 19 -15.40 -7.38 17.17
C ASN A 19 -15.35 -5.86 17.07
N ASN A 20 -14.14 -5.31 16.94
CA ASN A 20 -13.98 -3.86 16.82
C ASN A 20 -13.19 -3.50 15.56
N TYR A 21 -12.00 -4.07 15.41
CA TYR A 21 -11.21 -3.82 14.21
C TYR A 21 -11.76 -4.74 13.12
N ARG A 22 -11.96 -4.20 11.93
CA ARG A 22 -12.44 -4.98 10.80
C ARG A 22 -11.52 -4.51 9.68
N ALA A 23 -10.77 -5.42 9.07
CA ALA A 23 -9.81 -5.03 8.04
C ALA A 23 -10.40 -4.37 6.80
N CYS A 24 -11.41 -4.99 6.21
CA CYS A 24 -12.00 -4.44 4.99
C CYS A 24 -12.83 -3.20 5.28
N THR A 25 -12.72 -2.21 4.42
CA THR A 25 -13.41 -0.93 4.62
C THR A 25 -14.85 -0.88 4.11
N ILE A 26 -15.02 -1.34 2.88
CA ILE A 26 -16.32 -1.29 2.22
C ILE A 26 -17.06 -2.64 2.30
N PRO A 27 -18.23 -2.66 2.95
CA PRO A 27 -18.98 -3.93 3.05
C PRO A 27 -19.82 -4.09 1.79
N TYR A 28 -20.02 -5.34 1.34
CA TYR A 28 -20.84 -5.57 0.14
C TYR A 28 -22.07 -6.35 0.58
N ARG A 29 -22.09 -6.75 1.84
CA ARG A 29 -23.18 -7.54 2.41
C ARG A 29 -23.62 -7.00 3.78
N PHE A 30 -24.77 -7.49 4.24
CA PHE A 30 -25.33 -7.13 5.54
C PHE A 30 -26.22 -8.29 5.95
N PRO A 31 -26.31 -8.56 7.26
CA PRO A 31 -27.13 -9.65 7.81
C PRO A 31 -28.50 -9.83 7.15
N SER A 32 -29.14 -8.72 6.82
CA SER A 32 -30.48 -8.75 6.21
C SER A 32 -30.57 -9.38 4.83
N ASP A 33 -29.45 -9.52 4.14
CA ASP A 33 -29.47 -10.10 2.80
C ASP A 33 -29.47 -11.63 2.90
N ASP A 34 -29.98 -12.29 1.85
CA ASP A 34 -30.03 -13.75 1.78
C ASP A 34 -28.61 -14.32 1.68
N PRO A 35 -28.26 -15.27 2.57
CA PRO A 35 -26.93 -15.88 2.58
C PRO A 35 -26.51 -16.76 1.39
N LYS A 36 -27.48 -17.31 0.67
CA LYS A 36 -27.20 -18.19 -0.47
C LYS A 36 -27.09 -17.42 -1.78
N LYS A 37 -27.67 -16.22 -1.83
CA LYS A 37 -27.62 -15.40 -3.04
C LYS A 37 -26.58 -14.30 -2.88
N ALA A 38 -25.83 -14.00 -3.94
CA ALA A 38 -24.85 -12.92 -3.88
C ALA A 38 -25.66 -11.65 -4.12
N THR A 39 -25.19 -10.52 -3.59
CA THR A 39 -25.89 -9.23 -3.77
C THR A 39 -25.36 -8.55 -5.03
N PRO A 40 -26.09 -7.57 -5.56
CA PRO A 40 -25.60 -6.88 -6.77
C PRO A 40 -24.24 -6.30 -6.45
N ASN A 41 -24.08 -5.74 -5.26
CA ASN A 41 -22.81 -5.15 -4.87
C ASN A 41 -21.68 -6.18 -4.82
N GLU A 42 -21.97 -7.38 -4.32
CA GLU A 42 -20.94 -8.41 -4.28
C GLU A 42 -20.56 -8.66 -5.72
N ILE A 43 -21.57 -8.88 -6.56
CA ILE A 43 -21.31 -9.16 -7.97
C ILE A 43 -20.54 -8.03 -8.67
N SER A 44 -20.64 -6.80 -8.17
CA SER A 44 -19.88 -5.72 -8.80
C SER A 44 -18.41 -5.81 -8.41
N TRP A 45 -18.14 -6.08 -7.14
CA TRP A 45 -16.76 -6.18 -6.70
C TRP A 45 -16.08 -7.45 -7.18
N ILE A 46 -16.83 -8.55 -7.28
CA ILE A 46 -16.25 -9.78 -7.79
C ILE A 46 -15.83 -9.51 -9.24
N ASN A 47 -16.67 -8.78 -9.98
CA ASN A 47 -16.37 -8.45 -11.37
C ASN A 47 -15.16 -7.55 -11.48
N VAL A 48 -14.90 -6.77 -10.44
CA VAL A 48 -13.74 -5.89 -10.41
C VAL A 48 -12.48 -6.75 -10.45
N PHE A 49 -12.37 -7.70 -9.50
CA PHE A 49 -11.20 -8.57 -9.45
C PHE A 49 -11.03 -9.44 -10.67
N ALA A 50 -12.14 -9.88 -11.26
CA ALA A 50 -12.05 -10.70 -12.47
C ALA A 50 -11.39 -9.85 -13.56
N ASN A 51 -11.84 -8.60 -13.69
CA ASN A 51 -11.29 -7.69 -14.71
C ASN A 51 -9.78 -7.45 -14.58
N SER A 52 -9.18 -7.93 -13.50
CA SER A 52 -7.74 -7.76 -13.31
C SER A 52 -6.97 -8.95 -13.90
N ILE A 53 -7.70 -10.01 -14.22
CA ILE A 53 -7.07 -11.22 -14.75
C ILE A 53 -6.32 -11.05 -16.08
N PRO A 54 -6.93 -10.36 -17.06
CA PRO A 54 -6.17 -10.23 -18.32
C PRO A 54 -4.75 -9.67 -18.11
N SER A 55 -4.61 -8.74 -17.15
CA SER A 55 -3.32 -8.14 -16.86
C SER A 55 -2.41 -9.12 -16.12
N PHE A 56 -2.94 -9.76 -15.08
CA PHE A 56 -2.17 -10.73 -14.33
C PHE A 56 -1.73 -11.90 -15.22
N LYS A 57 -2.61 -12.33 -16.13
CA LYS A 57 -2.25 -13.43 -17.04
C LYS A 57 -1.30 -12.92 -18.13
N LYS A 58 -1.67 -11.84 -18.82
CA LYS A 58 -0.82 -11.27 -19.88
C LYS A 58 0.58 -11.07 -19.31
N ARG A 59 0.64 -10.86 -18.01
CA ARG A 59 1.91 -10.66 -17.33
C ARG A 59 2.53 -12.01 -16.97
N ALA A 60 1.72 -12.89 -16.38
CA ALA A 60 2.18 -14.21 -15.94
C ALA A 60 2.61 -15.10 -17.10
N GLU A 61 1.91 -14.98 -18.23
CA GLU A 61 2.21 -15.81 -19.38
C GLU A 61 3.53 -15.45 -20.05
N SER A 62 3.94 -14.20 -19.88
CA SER A 62 5.20 -13.78 -20.47
C SER A 62 6.35 -13.88 -19.48
N ASP A 63 6.08 -14.44 -18.31
CA ASP A 63 7.14 -14.60 -17.31
C ASP A 63 8.12 -15.55 -17.99
N ILE A 64 9.39 -15.15 -18.08
CA ILE A 64 10.38 -15.98 -18.74
C ILE A 64 11.10 -16.93 -17.80
N THR A 65 10.89 -16.77 -16.50
CA THR A 65 11.54 -17.64 -15.53
C THR A 65 10.74 -18.91 -15.39
N VAL A 66 9.51 -18.88 -15.90
CA VAL A 66 8.62 -20.03 -15.85
C VAL A 66 8.57 -20.69 -17.22
N PRO A 67 8.93 -21.99 -17.28
CA PRO A 67 8.91 -22.71 -18.54
C PRO A 67 7.47 -23.06 -18.89
N ASP A 68 7.07 -22.82 -20.14
CA ASP A 68 5.72 -23.13 -20.59
C ASP A 68 4.75 -22.17 -19.88
N ALA A 69 5.21 -20.94 -19.67
CA ALA A 69 4.42 -19.92 -19.00
C ALA A 69 3.02 -19.72 -19.59
N PRO A 70 2.93 -19.50 -20.92
CA PRO A 70 1.61 -19.30 -21.54
C PRO A 70 0.54 -20.33 -21.15
N ALA A 71 0.91 -21.60 -21.06
CA ALA A 71 -0.05 -22.63 -20.70
C ALA A 71 -0.48 -22.48 -19.24
N ARG A 72 0.49 -22.26 -18.36
CA ARG A 72 0.21 -22.11 -16.94
C ARG A 72 -0.63 -20.88 -16.63
N ALA A 73 -0.46 -19.83 -17.43
CA ALA A 73 -1.23 -18.59 -17.23
C ALA A 73 -2.69 -18.89 -17.51
N GLU A 74 -2.95 -19.91 -18.33
CA GLU A 74 -4.31 -20.32 -18.64
C GLU A 74 -4.94 -20.95 -17.40
N LYS A 75 -4.20 -21.85 -16.76
CA LYS A 75 -4.73 -22.49 -15.55
C LYS A 75 -5.03 -21.40 -14.54
N PHE A 76 -4.24 -20.33 -14.58
CA PHE A 76 -4.45 -19.19 -13.69
C PHE A 76 -5.83 -18.58 -13.95
N ALA A 77 -6.02 -18.09 -15.17
CA ALA A 77 -7.28 -17.47 -15.53
C ALA A 77 -8.41 -18.42 -15.16
N GLU A 78 -8.31 -19.65 -15.65
CA GLU A 78 -9.28 -20.70 -15.39
C GLU A 78 -9.67 -20.89 -13.92
N ARG A 79 -8.70 -21.23 -13.08
CA ARG A 79 -8.98 -21.46 -11.67
C ARG A 79 -9.49 -20.22 -10.94
N TYR A 80 -8.83 -19.08 -11.14
CA TYR A 80 -9.28 -17.88 -10.44
C TYR A 80 -10.67 -17.42 -10.93
N ALA A 81 -10.84 -17.30 -12.24
CA ALA A 81 -12.14 -16.88 -12.78
C ALA A 81 -13.23 -17.87 -12.39
N GLY A 82 -12.82 -19.08 -12.01
CA GLY A 82 -13.78 -20.09 -11.62
C GLY A 82 -14.19 -19.95 -10.17
N ILE A 83 -13.22 -19.53 -9.36
CA ILE A 83 -13.44 -19.33 -7.93
C ILE A 83 -14.33 -18.10 -7.76
N LEU A 84 -14.05 -17.05 -8.53
CA LEU A 84 -14.83 -15.82 -8.46
C LEU A 84 -16.30 -16.04 -8.78
N GLU A 85 -16.59 -16.66 -9.93
CA GLU A 85 -17.96 -16.92 -10.36
C GLU A 85 -18.63 -17.99 -9.48
N ASP A 86 -17.83 -18.76 -8.75
CA ASP A 86 -18.43 -19.75 -7.84
C ASP A 86 -19.07 -18.90 -6.71
N LEU A 87 -18.43 -17.76 -6.43
CA LEU A 87 -18.90 -16.83 -5.40
C LEU A 87 -20.08 -15.99 -5.88
N LYS A 88 -20.20 -15.79 -7.19
CA LYS A 88 -21.29 -15.01 -7.77
C LYS A 88 -22.60 -15.81 -7.83
N LYS A 89 -22.48 -17.14 -7.91
CA LYS A 89 -23.67 -17.99 -7.95
C LYS A 89 -23.87 -18.58 -6.56
N ASP A 90 -22.83 -18.52 -5.74
CA ASP A 90 -22.87 -19.07 -4.39
C ASP A 90 -21.87 -18.37 -3.48
N PRO A 91 -22.31 -17.32 -2.78
CA PRO A 91 -21.45 -16.55 -1.87
C PRO A 91 -20.79 -17.40 -0.78
N GLU A 92 -21.36 -18.55 -0.48
CA GLU A 92 -20.82 -19.42 0.56
C GLU A 92 -19.62 -20.24 0.09
N SER A 93 -19.40 -20.31 -1.21
CA SER A 93 -18.28 -21.09 -1.74
C SER A 93 -16.93 -20.45 -1.37
N HIS A 94 -15.87 -21.26 -1.45
CA HIS A 94 -14.52 -20.80 -1.17
C HIS A 94 -14.35 -20.03 0.15
N GLY A 95 -15.22 -20.32 1.12
CA GLY A 95 -15.12 -19.68 2.41
C GLY A 95 -15.58 -18.23 2.47
N GLY A 96 -16.54 -17.90 1.61
CA GLY A 96 -17.08 -16.55 1.58
C GLY A 96 -18.09 -16.32 2.68
N PRO A 97 -18.98 -15.30 2.55
CA PRO A 97 -19.07 -14.35 1.45
C PRO A 97 -17.77 -13.60 1.19
N PRO A 98 -17.58 -13.11 -0.04
CA PRO A 98 -16.36 -12.39 -0.35
C PRO A 98 -16.10 -11.10 0.44
N ASP A 99 -14.84 -10.71 0.48
CA ASP A 99 -14.39 -9.47 1.12
C ASP A 99 -13.12 -9.04 0.43
N GLY A 100 -12.74 -7.77 0.63
CA GLY A 100 -11.54 -7.23 0.00
C GLY A 100 -10.32 -8.12 0.07
N ILE A 101 -10.15 -8.84 1.17
CA ILE A 101 -8.99 -9.72 1.30
C ILE A 101 -9.19 -11.06 0.58
N LEU A 102 -10.39 -11.62 0.66
CA LEU A 102 -10.64 -12.90 0.01
C LEU A 102 -10.39 -12.89 -1.50
N LEU A 103 -11.13 -12.08 -2.22
CA LEU A 103 -10.99 -12.00 -3.67
C LEU A 103 -9.55 -11.84 -4.13
N CYS A 104 -8.76 -11.19 -3.28
CA CYS A 104 -7.35 -10.97 -3.56
C CYS A 104 -6.48 -12.14 -3.12
N ARG A 105 -6.82 -12.76 -2.00
CA ARG A 105 -6.02 -13.89 -1.52
C ARG A 105 -6.28 -15.10 -2.41
N LEU A 106 -7.44 -15.14 -3.04
CA LEU A 106 -7.74 -16.24 -3.95
C LEU A 106 -6.88 -16.09 -5.19
N ARG A 107 -6.69 -14.85 -5.65
CA ARG A 107 -5.90 -14.59 -6.84
C ARG A 107 -4.45 -14.99 -6.62
N GLU A 108 -3.89 -14.62 -5.46
CA GLU A 108 -2.51 -14.95 -5.14
C GLU A 108 -2.29 -16.46 -5.05
N GLN A 109 -3.21 -17.16 -4.40
CA GLN A 109 -3.06 -18.59 -4.23
C GLN A 109 -3.18 -19.39 -5.51
N VAL A 110 -4.05 -18.95 -6.43
CA VAL A 110 -4.14 -19.70 -7.68
C VAL A 110 -2.79 -19.56 -8.40
N LEU A 111 -2.27 -18.34 -8.46
CA LEU A 111 -0.99 -18.09 -9.12
C LEU A 111 0.14 -18.89 -8.48
N ARG A 112 0.25 -18.85 -7.16
CA ARG A 112 1.32 -19.53 -6.47
C ARG A 112 1.24 -21.05 -6.62
N GLU A 113 0.02 -21.57 -6.62
CA GLU A 113 -0.16 -23.01 -6.76
C GLU A 113 0.38 -23.51 -8.10
N LEU A 114 0.26 -22.65 -9.11
CA LEU A 114 0.74 -22.96 -10.45
C LEU A 114 2.25 -22.80 -10.58
N GLY A 115 2.89 -22.40 -9.48
CA GLY A 115 4.33 -22.26 -9.51
C GLY A 115 4.90 -20.87 -9.70
N PHE A 116 4.04 -19.88 -9.97
CA PHE A 116 4.53 -18.52 -10.14
C PHE A 116 4.94 -18.00 -8.77
N ARG A 117 5.97 -17.17 -8.73
CA ARG A 117 6.44 -16.64 -7.46
C ARG A 117 6.58 -15.12 -7.47
N ASP A 118 6.60 -14.53 -8.66
CA ASP A 118 6.69 -13.09 -8.80
C ASP A 118 6.62 -12.72 -10.27
N ILE A 119 5.40 -12.74 -10.82
CA ILE A 119 5.26 -12.43 -12.25
C ILE A 119 5.55 -10.97 -12.57
N PHE A 120 5.80 -10.18 -11.52
CA PHE A 120 6.10 -8.75 -11.69
C PHE A 120 7.55 -8.39 -11.39
N LYS A 121 8.35 -9.38 -11.00
CA LYS A 121 9.75 -9.14 -10.63
C LYS A 121 10.59 -8.41 -11.67
N LYS A 122 10.49 -8.81 -12.93
CA LYS A 122 11.28 -8.16 -13.96
C LYS A 122 11.02 -6.65 -13.99
N VAL A 123 9.73 -6.27 -14.07
CA VAL A 123 9.39 -4.85 -14.12
C VAL A 123 9.66 -4.09 -12.83
N LYS A 124 9.53 -4.77 -11.69
CA LYS A 124 9.82 -4.11 -10.41
C LYS A 124 11.28 -3.68 -10.45
N ASP A 125 12.15 -4.60 -10.88
CA ASP A 125 13.57 -4.27 -10.96
C ASP A 125 13.83 -3.18 -11.99
N GLU A 126 13.12 -3.24 -13.12
CA GLU A 126 13.31 -2.25 -14.18
C GLU A 126 12.87 -0.85 -13.78
N GLU A 127 11.92 -0.78 -12.86
CA GLU A 127 11.43 0.52 -12.44
C GLU A 127 12.11 1.06 -11.18
N ASN A 128 12.73 0.18 -10.41
CA ASN A 128 13.45 0.62 -9.22
C ASN A 128 14.73 1.29 -9.68
N ALA A 129 15.31 0.74 -10.75
CA ALA A 129 16.54 1.28 -11.30
C ALA A 129 16.30 2.66 -11.90
N LYS A 130 15.23 2.79 -12.67
CA LYS A 130 14.89 4.07 -13.29
C LYS A 130 14.56 5.13 -12.24
N ALA A 131 14.16 4.69 -11.04
CA ALA A 131 13.83 5.63 -9.98
C ALA A 131 15.08 6.01 -9.18
N ILE A 132 15.91 5.02 -8.85
CA ILE A 132 17.14 5.25 -8.08
C ILE A 132 18.05 6.34 -8.69
N SER A 133 18.04 6.47 -10.02
CA SER A 133 18.84 7.47 -10.71
C SER A 133 18.33 8.91 -10.59
N LEU A 134 17.09 9.07 -10.15
CA LEU A 134 16.48 10.39 -10.00
C LEU A 134 16.40 10.83 -8.54
N PHE A 135 16.72 9.90 -7.64
CA PHE A 135 16.64 10.16 -6.22
C PHE A 135 17.40 11.44 -5.82
N PRO A 136 18.60 11.67 -6.36
CA PRO A 136 19.27 12.92 -5.94
C PRO A 136 18.53 14.17 -6.46
N GLN A 137 18.10 14.10 -7.72
CA GLN A 137 17.40 15.21 -8.36
C GLN A 137 16.12 15.56 -7.61
N VAL A 138 15.27 14.56 -7.40
CA VAL A 138 14.01 14.76 -6.70
C VAL A 138 14.25 15.27 -5.29
N VAL A 139 15.17 14.64 -4.56
CA VAL A 139 15.50 15.08 -3.21
C VAL A 139 16.01 16.52 -3.25
N SER A 140 16.83 16.84 -4.25
CA SER A 140 17.35 18.21 -4.37
C SER A 140 16.24 19.23 -4.57
N LEU A 141 15.23 18.86 -5.36
CA LEU A 141 14.12 19.77 -5.62
C LEU A 141 13.34 20.07 -4.34
N SER A 142 13.31 19.12 -3.40
CA SER A 142 12.60 19.36 -2.15
C SER A 142 13.51 20.05 -1.14
N ASP A 143 14.76 19.60 -1.01
CA ASP A 143 15.69 20.22 -0.07
C ASP A 143 15.87 21.70 -0.38
N ALA A 144 15.71 22.06 -1.64
CA ALA A 144 15.88 23.46 -2.07
C ALA A 144 14.75 24.34 -1.55
N ILE A 145 13.65 23.72 -1.12
CA ILE A 145 12.51 24.49 -0.61
C ILE A 145 12.83 24.96 0.80
N GLU A 146 12.92 26.28 0.94
CA GLU A 146 13.25 26.93 2.20
C GLU A 146 12.33 26.59 3.37
N ASP A 147 11.04 26.93 3.24
CA ASP A 147 10.10 26.69 4.35
C ASP A 147 9.82 25.21 4.57
N ASP A 148 9.85 24.78 5.83
CA ASP A 148 9.61 23.39 6.16
C ASP A 148 8.20 22.91 5.83
N GLY A 149 7.21 23.77 6.03
CA GLY A 149 5.83 23.39 5.74
C GLY A 149 5.58 23.18 4.26
N LYS A 150 6.04 24.11 3.44
CA LYS A 150 5.87 23.96 2.00
C LYS A 150 6.66 22.76 1.48
N ARG A 151 7.77 22.45 2.14
CA ARG A 151 8.56 21.30 1.71
C ARG A 151 7.77 20.03 2.01
N LEU A 152 6.97 20.07 3.07
CA LEU A 152 6.15 18.93 3.44
C LEU A 152 5.10 18.71 2.37
N GLU A 153 4.37 19.78 2.04
CA GLU A 153 3.34 19.63 1.02
C GLU A 153 3.91 19.07 -0.28
N ASN A 154 5.12 19.51 -0.62
CA ASN A 154 5.77 19.02 -1.83
C ASN A 154 6.11 17.54 -1.70
N LEU A 155 6.54 17.12 -0.51
CA LEU A 155 6.89 15.71 -0.29
C LEU A 155 5.63 14.85 -0.29
N VAL A 156 4.49 15.46 0.03
CA VAL A 156 3.20 14.74 0.02
C VAL A 156 2.72 14.54 -1.42
N ARG A 157 2.92 15.52 -2.30
CA ARG A 157 2.52 15.32 -3.69
C ARG A 157 3.32 14.14 -4.29
N GLY A 158 4.62 14.10 -4.00
CA GLY A 158 5.46 13.03 -4.50
C GLY A 158 4.94 11.64 -4.14
N ILE A 159 4.54 11.44 -2.88
CA ILE A 159 4.01 10.14 -2.47
C ILE A 159 2.85 9.77 -3.40
N PHE A 160 1.96 10.74 -3.63
CA PHE A 160 0.81 10.56 -4.49
C PHE A 160 1.24 10.25 -5.93
N ALA A 161 2.10 11.09 -6.50
CA ALA A 161 2.58 10.89 -7.86
C ALA A 161 3.37 9.58 -7.96
N GLY A 162 4.04 9.20 -6.88
CA GLY A 162 4.78 7.96 -6.89
C GLY A 162 3.86 6.77 -6.77
N ASN A 163 2.72 6.96 -6.10
CA ASN A 163 1.76 5.88 -5.89
C ASN A 163 0.93 5.64 -7.16
N ILE A 164 0.98 6.60 -8.10
CA ILE A 164 0.28 6.46 -9.38
C ILE A 164 1.26 6.16 -10.53
N PHE A 165 2.43 6.80 -10.49
CA PHE A 165 3.44 6.60 -11.52
C PHE A 165 4.08 5.22 -11.40
N MET A 181 6.26 13.55 -19.85
CA MET A 181 5.72 12.68 -18.81
C MET A 181 6.83 12.14 -17.90
N SER A 182 6.64 12.26 -16.60
CA SER A 182 7.62 11.79 -15.63
C SER A 182 7.06 11.92 -14.21
N PHE A 183 7.76 11.31 -13.25
CA PHE A 183 7.35 11.39 -11.87
C PHE A 183 7.24 12.85 -11.45
N LEU A 184 8.25 13.64 -11.79
CA LEU A 184 8.22 15.05 -11.42
C LEU A 184 7.05 15.81 -12.08
N ALA A 185 6.73 15.43 -13.32
CA ALA A 185 5.62 16.06 -14.01
C ALA A 185 4.32 15.60 -13.35
N SER A 186 4.23 14.29 -13.10
CA SER A 186 3.03 13.74 -12.45
C SER A 186 2.82 14.39 -11.09
N CYS A 187 3.89 14.88 -10.49
CA CYS A 187 3.79 15.55 -9.18
C CYS A 187 3.02 16.86 -9.29
N GLN A 188 3.03 17.46 -10.48
CA GLN A 188 2.35 18.73 -10.68
C GLN A 188 1.00 18.56 -11.35
N ASN A 189 0.69 17.33 -11.74
CA ASN A 189 -0.58 17.05 -12.40
C ASN A 189 -1.62 16.45 -11.46
N LEU A 190 -1.34 16.43 -10.16
CA LEU A 190 -2.30 15.90 -9.19
C LEU A 190 -3.50 16.84 -9.13
N VAL A 191 -4.67 16.26 -8.91
CA VAL A 191 -5.89 17.05 -8.79
C VAL A 191 -5.75 18.08 -7.66
N PRO A 192 -6.02 19.37 -7.97
CA PRO A 192 -5.92 20.44 -6.99
C PRO A 192 -6.72 20.24 -5.70
N ARG A 193 -6.18 20.76 -4.60
CA ARG A 193 -6.84 20.68 -3.32
C ARG A 193 -8.05 21.62 -3.33
N PRO A 194 -9.03 21.37 -2.44
CA PRO A 194 -9.03 20.29 -1.46
C PRO A 194 -9.07 18.90 -2.09
N TRP A 195 -8.84 17.89 -1.25
CA TRP A 195 -8.90 16.50 -1.69
C TRP A 195 -10.19 15.89 -1.13
N VAL A 196 -10.57 14.70 -1.58
CA VAL A 196 -11.84 14.09 -1.14
C VAL A 196 -11.91 13.96 0.39
N ILE A 197 -10.76 13.67 1.00
CA ILE A 197 -10.62 13.60 2.45
C ILE A 197 -9.27 14.30 2.60
N ASP A 198 -9.19 15.35 3.44
CA ASP A 198 -7.93 16.09 3.56
C ASP A 198 -7.50 16.34 5.02
N ASP A 199 -6.20 16.35 5.26
CA ASP A 199 -5.68 16.58 6.61
C ASP A 199 -4.19 16.97 6.60
N LEU A 200 -3.73 17.49 5.47
CA LEU A 200 -2.34 17.90 5.33
C LEU A 200 -2.02 19.12 6.20
N GLU A 201 -2.93 20.09 6.22
CA GLU A 201 -2.76 21.32 7.01
C GLU A 201 -2.40 20.97 8.45
N ASN A 202 -3.21 20.12 9.08
CA ASN A 202 -2.99 19.72 10.47
C ASN A 202 -1.80 18.80 10.66
N PHE A 203 -1.72 17.74 9.87
CA PHE A 203 -0.62 16.79 9.97
C PHE A 203 0.69 17.57 9.83
N GLN A 204 0.57 18.81 9.39
CA GLN A 204 1.69 19.71 9.20
C GLN A 204 1.94 20.48 10.49
N ALA A 205 0.87 20.70 11.25
CA ALA A 205 0.95 21.40 12.53
C ALA A 205 1.88 20.67 13.48
N LYS A 206 1.63 19.37 13.68
CA LYS A 206 2.48 18.58 14.56
C LYS A 206 3.83 18.32 13.90
N TRP A 207 3.84 18.37 12.57
CA TRP A 207 5.06 18.15 11.81
C TRP A 207 6.12 19.22 12.02
N ILE A 208 5.76 20.48 11.83
CA ILE A 208 6.72 21.57 12.00
C ILE A 208 7.31 21.60 13.40
N ASN A 209 6.45 21.52 14.41
CA ASN A 209 6.91 21.53 15.80
C ASN A 209 7.78 20.30 16.04
N LYS A 210 7.76 19.38 15.07
CA LYS A 210 8.52 18.12 15.13
C LYS A 210 8.47 17.48 16.51
N SER A 211 7.42 16.71 16.74
CA SER A 211 7.19 16.06 18.02
C SER A 211 7.22 14.53 18.00
N TRP A 212 7.14 13.91 16.82
CA TRP A 212 7.16 12.44 16.74
C TRP A 212 8.57 11.92 16.90
N LYS A 213 8.69 10.64 17.27
CA LYS A 213 10.01 10.05 17.45
C LYS A 213 10.11 8.65 16.85
N LYS A 214 8.95 8.04 16.57
CA LYS A 214 8.91 6.70 16.02
C LYS A 214 7.84 6.55 14.93
N ALA A 215 8.28 6.28 13.70
CA ALA A 215 7.40 6.12 12.55
C ALA A 215 7.46 4.68 12.00
N VAL A 216 6.29 4.18 11.60
CA VAL A 216 6.16 2.86 11.02
C VAL A 216 5.28 3.05 9.78
N ILE A 217 5.89 2.94 8.60
CA ILE A 217 5.19 3.13 7.32
C ILE A 217 5.01 1.80 6.58
N PHE A 218 3.76 1.51 6.20
CA PHE A 218 3.44 0.31 5.44
C PHE A 218 3.51 0.74 3.98
N VAL A 219 4.64 0.47 3.33
CA VAL A 219 4.87 0.85 1.95
C VAL A 219 4.03 0.11 0.94
N ASP A 220 4.07 0.60 -0.30
CA ASP A 220 3.23 0.03 -1.35
C ASP A 220 4.03 -0.52 -2.53
N ASN A 221 4.07 0.24 -3.62
CA ASN A 221 4.74 -0.26 -4.82
C ASN A 221 6.25 -0.03 -4.91
N SER A 222 6.88 -0.79 -5.81
CA SER A 222 8.31 -0.67 -6.08
C SER A 222 8.57 0.67 -6.77
N GLY A 223 9.18 0.61 -7.96
CA GLY A 223 9.47 1.79 -8.75
C GLY A 223 9.55 3.15 -8.07
N ALA A 224 8.91 4.15 -8.67
CA ALA A 224 8.94 5.51 -8.12
C ALA A 224 8.27 5.59 -6.77
N ASP A 225 7.23 4.78 -6.59
CA ASP A 225 6.49 4.81 -5.34
C ASP A 225 7.43 4.79 -4.13
N ILE A 226 8.12 3.67 -3.93
CA ILE A 226 9.02 3.59 -2.79
C ILE A 226 10.21 4.55 -2.91
N ILE A 227 10.91 4.50 -4.05
CA ILE A 227 12.11 5.31 -4.26
C ILE A 227 11.94 6.82 -4.25
N LEU A 228 11.08 7.33 -5.12
CA LEU A 228 10.91 8.79 -5.22
C LEU A 228 9.85 9.37 -4.32
N GLY A 229 8.82 8.59 -4.00
CA GLY A 229 7.77 9.11 -3.13
C GLY A 229 8.10 8.92 -1.66
N ILE A 230 8.09 7.67 -1.21
CA ILE A 230 8.34 7.37 0.20
C ILE A 230 9.75 7.65 0.72
N LEU A 231 10.79 7.20 0.04
CA LEU A 231 12.11 7.41 0.63
C LEU A 231 12.49 8.87 0.87
N PRO A 232 12.16 9.79 -0.05
CA PRO A 232 12.51 11.18 0.24
C PRO A 232 11.73 11.69 1.46
N PHE A 233 10.49 11.22 1.60
CA PHE A 233 9.66 11.62 2.74
C PHE A 233 10.31 11.10 4.02
N ALA A 234 10.70 9.82 4.00
CA ALA A 234 11.35 9.21 5.16
C ALA A 234 12.62 9.98 5.53
N ARG A 235 13.36 10.40 4.51
CA ARG A 235 14.60 11.16 4.71
C ARG A 235 14.33 12.48 5.42
N GLU A 236 13.26 13.17 5.03
CA GLU A 236 12.89 14.44 5.65
C GLU A 236 12.54 14.18 7.12
N LEU A 237 11.99 13.01 7.43
CA LEU A 237 11.66 12.65 8.82
C LEU A 237 12.95 12.37 9.60
N LEU A 238 13.89 11.67 8.97
CA LEU A 238 15.15 11.35 9.64
C LEU A 238 15.86 12.64 10.04
N ARG A 239 15.96 13.57 9.10
CA ARG A 239 16.62 14.83 9.36
C ARG A 239 15.95 15.55 10.52
N ARG A 240 14.62 15.65 10.46
CA ARG A 240 13.84 16.29 11.52
C ARG A 240 13.69 15.27 12.64
N GLY A 241 14.74 14.50 12.83
CA GLY A 241 14.75 13.48 13.86
C GLY A 241 13.58 12.52 13.78
N ALA A 242 13.88 11.23 13.82
CA ALA A 242 12.85 10.20 13.80
C ALA A 242 13.42 8.85 13.43
N GLN A 243 12.91 7.80 14.08
CA GLN A 243 13.35 6.46 13.76
C GLN A 243 12.35 5.97 12.70
N VAL A 244 12.65 6.24 11.43
CA VAL A 244 11.74 5.83 10.36
C VAL A 244 11.80 4.32 10.09
N VAL A 245 10.71 3.62 10.40
CA VAL A 245 10.62 2.18 10.17
C VAL A 245 9.74 1.93 8.93
N LEU A 246 10.26 1.21 7.94
CA LEU A 246 9.46 0.92 6.75
C LEU A 246 9.07 -0.56 6.77
N ALA A 247 7.77 -0.83 6.67
CA ALA A 247 7.26 -2.19 6.71
C ALA A 247 6.78 -2.64 5.34
N ALA A 248 7.40 -3.71 4.83
CA ALA A 248 7.07 -4.23 3.51
C ALA A 248 6.67 -5.70 3.51
N ASN A 249 5.90 -6.09 2.49
CA ASN A 249 5.43 -7.46 2.31
C ASN A 249 6.58 -8.45 2.39
N GLU A 250 6.26 -9.65 2.82
CA GLU A 250 7.27 -10.69 2.86
C GLU A 250 7.32 -11.36 1.50
N LEU A 251 6.14 -11.55 0.90
CA LEU A 251 6.03 -12.22 -0.40
C LEU A 251 5.54 -11.29 -1.49
N PRO A 252 5.98 -11.52 -2.72
CA PRO A 252 5.57 -10.73 -3.88
C PRO A 252 4.06 -10.79 -4.08
N SER A 253 3.49 -9.64 -4.44
CA SER A 253 2.07 -9.50 -4.73
C SER A 253 2.03 -8.22 -5.57
N ILE A 254 1.61 -8.34 -6.83
CA ILE A 254 1.59 -7.25 -7.80
C ILE A 254 3.02 -6.65 -7.81
N ASN A 255 3.14 -5.34 -7.83
CA ASN A 255 4.46 -4.72 -7.84
C ASN A 255 4.83 -4.12 -6.48
N ASP A 256 4.20 -4.62 -5.42
CA ASP A 256 4.47 -4.10 -4.09
C ASP A 256 5.85 -4.50 -3.59
N ILE A 257 6.57 -3.51 -3.10
CA ILE A 257 7.94 -3.72 -2.61
C ILE A 257 7.94 -4.72 -1.44
N THR A 258 8.88 -5.67 -1.46
CA THR A 258 8.98 -6.66 -0.40
C THR A 258 10.14 -6.30 0.54
N CYS A 259 10.18 -6.94 1.69
CA CYS A 259 11.22 -6.69 2.67
C CYS A 259 12.58 -6.85 2.01
N THR A 260 12.80 -7.99 1.36
CA THR A 260 14.07 -8.27 0.71
C THR A 260 14.47 -7.26 -0.35
N GLU A 261 13.54 -6.89 -1.22
CA GLU A 261 13.84 -5.95 -2.27
C GLU A 261 14.17 -4.56 -1.70
N LEU A 262 13.44 -4.14 -0.68
CA LEU A 262 13.68 -2.83 -0.08
C LEU A 262 15.07 -2.82 0.57
N THR A 263 15.60 -4.00 0.83
CA THR A 263 16.93 -4.07 1.43
C THR A 263 17.95 -3.67 0.38
N GLU A 264 17.88 -4.29 -0.79
CA GLU A 264 18.81 -3.97 -1.87
C GLU A 264 18.71 -2.50 -2.22
N ILE A 265 17.48 -1.98 -2.31
CA ILE A 265 17.29 -0.58 -2.63
C ILE A 265 18.03 0.37 -1.68
N LEU A 266 17.81 0.21 -0.38
CA LEU A 266 18.46 1.08 0.59
C LEU A 266 19.97 0.88 0.56
N SER A 267 20.40 -0.37 0.39
CA SER A 267 21.83 -0.69 0.32
C SER A 267 22.46 0.09 -0.82
N GLN A 268 21.78 0.14 -1.96
CA GLN A 268 22.30 0.86 -3.12
C GLN A 268 22.29 2.36 -2.91
N LEU A 269 21.18 2.90 -2.41
CA LEU A 269 21.08 4.33 -2.17
C LEU A 269 22.11 4.79 -1.12
N LYS A 270 22.33 3.96 -0.10
CA LYS A 270 23.28 4.29 0.96
C LYS A 270 24.65 4.61 0.38
N ASN A 273 29.07 6.85 3.54
CA ASN A 273 28.91 7.08 4.97
C ASN A 273 27.61 6.45 5.43
N GLY A 274 26.99 5.66 4.56
CA GLY A 274 25.75 5.02 4.88
C GLY A 274 24.65 6.07 5.00
N GLN A 275 24.89 7.23 4.37
CA GLN A 275 23.93 8.31 4.42
C GLN A 275 23.10 8.41 3.15
N LEU A 276 21.93 9.05 3.26
CA LEU A 276 21.07 9.26 2.10
C LEU A 276 21.19 10.72 1.75
N LEU A 277 22.09 11.03 0.83
CA LEU A 277 22.32 12.40 0.42
C LEU A 277 22.57 13.32 1.60
N GLY A 278 23.55 12.94 2.43
CA GLY A 278 23.91 13.73 3.58
C GLY A 278 23.13 13.50 4.86
N VAL A 279 22.16 12.58 4.83
CA VAL A 279 21.38 12.30 6.02
C VAL A 279 21.68 10.90 6.58
N ASP A 280 21.96 10.84 7.86
CA ASP A 280 22.27 9.58 8.53
C ASP A 280 21.06 8.65 8.53
N THR A 281 21.30 7.37 8.28
CA THR A 281 20.24 6.37 8.24
C THR A 281 20.34 5.30 9.33
N SER A 282 20.95 5.66 10.46
CA SER A 282 21.09 4.72 11.57
C SER A 282 19.73 4.40 12.18
N LYS A 283 18.81 5.35 12.12
CA LYS A 283 17.47 5.14 12.67
C LYS A 283 16.44 4.80 11.59
N LEU A 284 16.92 4.22 10.49
CA LEU A 284 16.05 3.80 9.39
C LEU A 284 16.08 2.27 9.34
N LEU A 285 14.97 1.66 9.75
CA LEU A 285 14.86 0.21 9.78
C LEU A 285 13.89 -0.33 8.73
N ILE A 286 14.32 -1.32 7.97
CA ILE A 286 13.48 -1.93 6.94
C ILE A 286 12.93 -3.21 7.60
N ALA A 287 11.61 -3.29 7.75
CA ALA A 287 10.98 -4.43 8.40
C ALA A 287 10.08 -5.26 7.50
N ASN A 288 9.93 -6.53 7.88
CA ASN A 288 9.07 -7.49 7.18
C ASN A 288 7.75 -7.52 7.95
N SER A 289 6.64 -7.31 7.25
CA SER A 289 5.33 -7.30 7.89
C SER A 289 4.66 -8.67 7.90
N GLY A 290 5.25 -9.59 7.16
CA GLY A 290 4.70 -10.92 7.05
C GLY A 290 3.59 -10.95 6.01
N ASN A 291 3.24 -9.77 5.47
CA ASN A 291 2.15 -9.65 4.50
C ASN A 291 2.46 -10.26 3.14
N ASP A 292 1.45 -10.82 2.48
CA ASP A 292 1.66 -11.46 1.18
C ASP A 292 0.58 -11.03 0.20
N LEU A 293 -0.16 -9.99 0.59
CA LEU A 293 -1.22 -9.44 -0.24
C LEU A 293 -0.79 -8.01 -0.51
N PRO A 294 -1.36 -7.36 -1.53
CA PRO A 294 -0.94 -5.99 -1.78
C PRO A 294 -1.76 -5.11 -0.83
N VAL A 295 -2.56 -5.78 0.00
CA VAL A 295 -3.45 -5.19 1.03
C VAL A 295 -3.01 -5.74 2.41
N ILE A 296 -3.81 -5.57 3.46
CA ILE A 296 -3.40 -6.10 4.79
C ILE A 296 -4.43 -6.11 5.93
N ASP A 297 -4.14 -6.90 6.96
CA ASP A 297 -4.96 -7.02 8.16
C ASP A 297 -4.04 -6.58 9.30
N LEU A 298 -4.36 -5.46 9.94
CA LEU A 298 -3.51 -4.93 11.02
C LEU A 298 -3.63 -5.66 12.34
N SER A 299 -4.72 -6.39 12.54
CA SER A 299 -4.85 -7.15 13.79
C SER A 299 -3.98 -8.41 13.70
N ARG A 300 -3.16 -8.47 12.66
CA ARG A 300 -2.26 -9.59 12.43
C ARG A 300 -0.92 -9.17 11.80
N VAL A 301 0.03 -8.74 12.63
CA VAL A 301 1.34 -8.36 12.09
C VAL A 301 2.41 -9.28 12.69
N SER A 302 3.62 -9.12 12.21
CA SER A 302 4.75 -9.93 12.68
C SER A 302 5.34 -9.36 13.96
N GLN A 303 5.90 -10.25 14.80
CA GLN A 303 6.53 -9.84 16.03
C GLN A 303 7.64 -8.86 15.72
N GLU A 304 8.26 -9.05 14.55
CA GLU A 304 9.32 -8.16 14.10
C GLU A 304 8.76 -6.73 14.04
N LEU A 305 7.66 -6.55 13.32
CA LEU A 305 7.02 -5.24 13.21
C LEU A 305 6.40 -4.80 14.53
N ALA A 306 5.71 -5.73 15.20
CA ALA A 306 5.08 -5.41 16.47
C ALA A 306 6.16 -4.86 17.42
N TYR A 307 7.31 -5.52 17.45
CA TYR A 307 8.40 -5.06 18.30
C TYR A 307 8.90 -3.68 17.88
N LEU A 308 9.11 -3.48 16.57
CA LEU A 308 9.61 -2.20 16.07
C LEU A 308 8.60 -1.05 16.18
N SER A 309 7.32 -1.36 16.37
CA SER A 309 6.31 -0.33 16.49
C SER A 309 5.93 -0.11 17.95
N SER A 310 6.66 -0.78 18.85
CA SER A 310 6.44 -0.71 20.28
C SER A 310 6.30 0.70 20.86
N ASP A 311 7.05 1.63 20.32
CA ASP A 311 7.01 3.00 20.82
C ASP A 311 6.52 3.93 19.73
N ALA A 312 6.15 3.35 18.60
CA ALA A 312 5.69 4.15 17.46
C ALA A 312 4.58 5.09 17.88
N ASP A 313 4.72 6.35 17.49
CA ASP A 313 3.72 7.38 17.76
C ASP A 313 3.35 8.00 16.40
N LEU A 314 3.67 7.26 15.33
CA LEU A 314 3.33 7.63 13.95
C LEU A 314 3.18 6.35 13.13
N VAL A 315 1.95 6.11 12.70
CA VAL A 315 1.59 4.94 11.88
C VAL A 315 1.01 5.52 10.59
N ILE A 316 1.75 5.39 9.50
CA ILE A 316 1.31 5.88 8.19
C ILE A 316 0.96 4.66 7.34
N VAL A 317 -0.25 4.62 6.79
CA VAL A 317 -0.64 3.47 5.98
C VAL A 317 -0.80 4.01 4.55
N GLU A 318 0.07 3.57 3.65
CA GLU A 318 0.09 4.04 2.27
C GLU A 318 -0.67 3.23 1.26
N GLY A 319 -1.43 3.92 0.39
CA GLY A 319 -2.13 3.23 -0.67
C GLY A 319 -3.60 2.92 -0.49
N MET A 320 -4.26 2.63 -1.61
CA MET A 320 -5.68 2.31 -1.61
C MET A 320 -5.98 0.95 -0.98
N GLY A 321 -5.13 -0.04 -1.25
CA GLY A 321 -5.35 -1.37 -0.70
C GLY A 321 -5.15 -1.48 0.79
N ARG A 322 -4.08 -0.87 1.29
CA ARG A 322 -3.73 -0.91 2.71
C ARG A 322 -4.39 0.19 3.55
N GLY A 323 -4.62 1.35 2.93
CA GLY A 323 -5.20 2.48 3.64
C GLY A 323 -6.64 2.85 3.32
N ILE A 324 -7.12 2.43 2.16
CA ILE A 324 -8.50 2.73 1.76
C ILE A 324 -9.40 1.49 1.77
N GLU A 325 -9.12 0.52 0.91
CA GLU A 325 -9.92 -0.72 0.85
C GLU A 325 -9.88 -1.40 2.21
N THR A 326 -8.76 -1.23 2.90
CA THR A 326 -8.63 -1.72 4.28
C THR A 326 -8.11 -0.56 5.10
N ASN A 327 -8.40 -0.61 6.40
CA ASN A 327 -7.90 0.35 7.37
C ASN A 327 -8.24 1.84 7.31
N LEU A 328 -9.06 2.26 6.36
CA LEU A 328 -9.42 3.69 6.29
C LEU A 328 -9.86 4.26 7.64
N TYR A 329 -10.92 3.70 8.19
CA TYR A 329 -11.44 4.17 9.48
C TYR A 329 -10.85 3.46 10.70
N ALA A 330 -9.65 2.88 10.55
CA ALA A 330 -9.04 2.21 11.71
C ALA A 330 -8.71 3.24 12.77
N GLN A 331 -8.83 2.81 14.02
CA GLN A 331 -8.53 3.69 15.15
C GLN A 331 -7.14 3.36 15.67
N PHE A 332 -6.40 4.37 16.07
CA PHE A 332 -5.05 4.16 16.60
C PHE A 332 -4.84 4.90 17.92
N LYS A 333 -4.07 4.30 18.82
CA LYS A 333 -3.75 4.90 20.12
C LYS A 333 -2.93 6.18 19.94
N CYS A 334 -2.28 6.29 18.78
CA CYS A 334 -1.42 7.42 18.47
C CYS A 334 -1.87 8.11 17.18
N ASP A 335 -1.01 8.98 16.67
CA ASP A 335 -1.33 9.68 15.43
C ASP A 335 -1.26 8.70 14.26
N SER A 336 -2.16 8.87 13.30
CA SER A 336 -2.17 7.96 12.16
C SER A 336 -2.56 8.65 10.88
N LEU A 337 -1.81 8.35 9.82
CA LEU A 337 -2.04 8.90 8.49
C LEU A 337 -2.23 7.79 7.45
N LYS A 338 -3.34 7.88 6.69
CA LYS A 338 -3.63 6.93 5.62
C LYS A 338 -3.53 7.82 4.39
N ILE A 339 -2.61 7.48 3.51
CA ILE A 339 -2.38 8.29 2.32
C ILE A 339 -2.23 7.44 1.07
N GLY A 340 -3.08 7.69 0.07
CA GLY A 340 -2.96 6.90 -1.14
C GLY A 340 -3.78 7.47 -2.28
N MET A 341 -3.56 6.95 -3.47
CA MET A 341 -4.30 7.38 -4.66
C MET A 341 -5.41 6.40 -5.02
N VAL A 342 -6.61 6.93 -5.26
CA VAL A 342 -7.79 6.12 -5.61
C VAL A 342 -7.70 5.68 -7.07
N LYS A 343 -7.63 4.37 -7.29
CA LYS A 343 -7.51 3.83 -8.65
C LYS A 343 -8.75 3.08 -9.15
N HIS A 344 -9.62 2.66 -8.25
CA HIS A 344 -10.86 1.97 -8.64
C HIS A 344 -12.00 2.98 -8.66
N LEU A 345 -12.95 2.80 -9.58
CA LEU A 345 -14.10 3.69 -9.66
C LEU A 345 -15.03 3.41 -8.47
N GLU A 346 -15.12 2.14 -8.11
CA GLU A 346 -15.98 1.71 -7.00
C GLU A 346 -15.48 2.29 -5.67
N VAL A 347 -14.21 2.68 -5.65
CA VAL A 347 -13.61 3.27 -4.45
C VAL A 347 -13.81 4.79 -4.52
N ALA A 348 -13.42 5.41 -5.63
CA ALA A 348 -13.62 6.85 -5.75
C ALA A 348 -15.11 7.10 -5.50
N GLU A 349 -15.96 6.22 -6.01
CA GLU A 349 -17.40 6.36 -5.83
C GLU A 349 -17.74 6.24 -4.34
N PHE A 350 -17.18 5.23 -3.68
CA PHE A 350 -17.42 5.00 -2.24
C PHE A 350 -17.10 6.24 -1.42
N LEU A 351 -16.08 6.99 -1.84
CA LEU A 351 -15.65 8.19 -1.10
C LEU A 351 -16.25 9.49 -1.61
N GLY A 352 -16.92 9.41 -2.74
CA GLY A 352 -17.52 10.60 -3.34
C GLY A 352 -16.43 11.51 -3.89
N GLY A 353 -15.41 10.93 -4.51
CA GLY A 353 -14.32 11.72 -5.06
C GLY A 353 -13.94 11.44 -6.50
N ARG A 354 -12.97 12.18 -7.01
CA ARG A 354 -12.49 12.03 -8.39
C ARG A 354 -11.64 10.81 -8.63
N LEU A 355 -11.44 10.47 -9.90
CA LEU A 355 -10.57 9.33 -10.21
C LEU A 355 -9.19 9.95 -10.13
N TYR A 356 -8.37 9.45 -9.21
CA TYR A 356 -7.02 9.94 -8.97
C TYR A 356 -7.07 11.12 -7.99
N ASP A 357 -8.08 11.14 -7.12
CA ASP A 357 -8.20 12.20 -6.13
C ASP A 357 -7.24 11.83 -5.01
N CYS A 358 -7.38 12.47 -3.86
CA CYS A 358 -6.51 12.16 -2.73
C CYS A 358 -7.29 11.94 -1.44
N VAL A 359 -6.77 11.03 -0.63
CA VAL A 359 -7.36 10.68 0.64
C VAL A 359 -6.27 10.85 1.69
N PHE A 360 -6.10 12.06 2.22
CA PHE A 360 -5.07 12.27 3.25
C PHE A 360 -5.91 12.24 4.52
N LYS A 361 -5.96 11.07 5.15
CA LYS A 361 -6.74 10.89 6.35
C LYS A 361 -5.84 10.73 7.56
N PHE A 362 -5.77 11.79 8.36
CA PHE A 362 -4.93 11.84 9.57
C PHE A 362 -5.79 11.96 10.82
N ASN A 363 -5.70 10.97 11.70
CA ASN A 363 -6.43 10.95 12.96
C ASN A 363 -5.40 11.23 14.07
N GLU A 364 -5.47 12.40 14.69
CA GLU A 364 -4.53 12.78 15.74
C GLU A 364 -4.95 12.30 17.11
N VAL A 365 -3.95 11.98 17.93
CA VAL A 365 -4.07 11.49 19.31
C VAL A 365 -4.01 9.97 19.41
MG MG B . 0.60 -1.87 -4.95
MG MG C . -6.56 -4.60 -4.64
N GLU A 6 1.81 -17.17 15.95
CA GLU A 6 2.56 -16.78 14.71
C GLU A 6 2.55 -15.25 14.61
N MET A 7 1.46 -14.71 14.06
CA MET A 7 1.30 -13.27 13.92
C MET A 7 0.80 -12.74 15.26
N VAL A 8 0.63 -11.42 15.34
CA VAL A 8 0.16 -10.76 16.55
C VAL A 8 -0.52 -9.43 16.18
N PRO A 9 -1.29 -8.84 17.10
CA PRO A 9 -1.98 -7.57 16.83
C PRO A 9 -1.03 -6.38 16.71
N PHE A 10 -1.50 -5.35 16.01
CA PHE A 10 -0.73 -4.14 15.82
C PHE A 10 -0.83 -3.41 17.15
N PRO A 11 0.32 -3.08 17.77
CA PRO A 11 0.28 -2.40 19.07
C PRO A 11 -0.42 -1.07 19.19
N GLN A 12 -0.64 -0.38 18.07
CA GLN A 12 -1.30 0.92 18.14
C GLN A 12 -2.83 0.86 18.02
N LEU A 13 -3.38 -0.31 17.69
CA LEU A 13 -4.82 -0.47 17.60
C LEU A 13 -5.34 -0.32 19.04
N PRO A 14 -6.46 0.40 19.22
CA PRO A 14 -7.00 0.58 20.57
C PRO A 14 -7.50 -0.76 21.07
N MET A 15 -7.08 -1.14 22.26
CA MET A 15 -7.49 -2.40 22.84
C MET A 15 -8.79 -2.10 23.60
N PRO A 16 -9.78 -3.02 23.55
CA PRO A 16 -9.77 -4.31 22.85
C PRO A 16 -10.02 -4.17 21.35
N ILE A 17 -9.38 -5.03 20.57
CA ILE A 17 -9.53 -5.02 19.11
C ILE A 17 -10.68 -5.94 18.75
N GLU A 18 -10.94 -6.91 19.63
CA GLU A 18 -12.02 -7.87 19.43
C GLU A 18 -13.30 -7.09 19.17
N ASN A 19 -13.91 -7.32 18.02
CA ASN A 19 -15.14 -6.64 17.67
C ASN A 19 -14.92 -5.12 17.67
N ASN A 20 -13.68 -4.72 17.39
CA ASN A 20 -13.32 -3.32 17.33
C ASN A 20 -12.40 -3.05 16.13
N TYR A 21 -11.90 -4.12 15.53
CA TYR A 21 -11.08 -3.97 14.34
C TYR A 21 -11.80 -4.69 13.20
N ARG A 22 -12.02 -3.97 12.10
CA ARG A 22 -12.64 -4.51 10.90
C ARG A 22 -11.72 -3.96 9.82
N ALA A 23 -10.89 -4.82 9.27
CA ALA A 23 -9.91 -4.38 8.27
C ALA A 23 -10.56 -3.84 6.99
N CYS A 24 -11.51 -4.59 6.46
CA CYS A 24 -12.15 -4.22 5.20
C CYS A 24 -13.14 -3.06 5.40
N THR A 25 -12.95 -2.01 4.61
CA THR A 25 -13.73 -0.78 4.73
C THR A 25 -15.03 -0.72 3.95
N ILE A 26 -15.15 -1.60 2.97
CA ILE A 26 -16.30 -1.60 2.07
C ILE A 26 -17.29 -2.74 2.29
N PRO A 27 -18.49 -2.43 2.80
CA PRO A 27 -19.40 -3.57 2.99
C PRO A 27 -20.04 -3.91 1.65
N TYR A 28 -20.17 -5.22 1.37
CA TYR A 28 -20.78 -5.68 0.13
C TYR A 28 -22.18 -6.23 0.42
N ARG A 29 -22.42 -6.56 1.68
CA ARG A 29 -23.67 -7.18 2.15
C ARG A 29 -23.99 -6.79 3.59
N PHE A 30 -25.22 -7.12 4.01
CA PHE A 30 -25.67 -6.89 5.38
C PHE A 30 -26.29 -8.20 5.87
N PRO A 31 -26.29 -8.45 7.19
CA PRO A 31 -26.83 -9.66 7.82
C PRO A 31 -28.18 -10.16 7.30
N SER A 32 -29.06 -9.25 6.90
CA SER A 32 -30.36 -9.68 6.40
C SER A 32 -30.55 -9.80 4.88
N ASP A 33 -29.46 -9.77 4.11
CA ASP A 33 -29.62 -9.92 2.65
C ASP A 33 -29.71 -11.43 2.42
N ASP A 34 -30.35 -11.87 1.34
CA ASP A 34 -30.44 -13.31 1.09
C ASP A 34 -29.04 -13.93 1.27
N PRO A 35 -28.95 -15.06 1.99
CA PRO A 35 -27.69 -15.77 2.25
C PRO A 35 -27.02 -16.55 1.10
N LYS A 36 -27.82 -17.01 0.14
CA LYS A 36 -27.27 -17.76 -1.00
C LYS A 36 -27.36 -16.96 -2.32
N LYS A 37 -27.77 -15.70 -2.23
CA LYS A 37 -27.88 -14.85 -3.42
C LYS A 37 -26.84 -13.73 -3.40
N ALA A 38 -26.06 -13.64 -4.47
CA ALA A 38 -25.02 -12.62 -4.58
C ALA A 38 -25.57 -11.21 -4.47
N THR A 39 -25.03 -10.40 -3.55
CA THR A 39 -25.47 -9.01 -3.38
C THR A 39 -24.85 -8.12 -4.45
N PRO A 40 -25.50 -7.00 -4.79
CA PRO A 40 -24.96 -6.09 -5.81
C PRO A 40 -23.52 -5.64 -5.55
N ASN A 41 -23.17 -5.41 -4.29
CA ASN A 41 -21.82 -4.98 -3.96
C ASN A 41 -20.84 -6.12 -4.21
N GLU A 42 -21.17 -7.34 -3.77
CA GLU A 42 -20.27 -8.46 -4.04
C GLU A 42 -20.08 -8.57 -5.55
N ILE A 43 -21.18 -8.50 -6.30
CA ILE A 43 -21.09 -8.60 -7.76
C ILE A 43 -20.09 -7.60 -8.30
N SER A 44 -20.24 -6.36 -7.87
CA SER A 44 -19.34 -5.30 -8.30
C SER A 44 -17.87 -5.60 -8.03
N TRP A 45 -17.57 -6.00 -6.80
CA TRP A 45 -16.18 -6.28 -6.49
C TRP A 45 -15.67 -7.55 -7.15
N ILE A 46 -16.55 -8.53 -7.31
CA ILE A 46 -16.15 -9.76 -8.00
C ILE A 46 -15.69 -9.31 -9.40
N ASN A 47 -16.46 -8.43 -10.04
CA ASN A 47 -16.10 -7.91 -11.36
C ASN A 47 -14.73 -7.19 -11.31
N VAL A 48 -14.51 -6.37 -10.28
CA VAL A 48 -13.20 -5.69 -10.17
C VAL A 48 -12.09 -6.75 -10.19
N PHE A 49 -12.39 -7.92 -9.61
CA PHE A 49 -11.37 -8.97 -9.62
C PHE A 49 -11.36 -9.78 -10.90
N ALA A 50 -12.52 -10.14 -11.44
CA ALA A 50 -12.52 -10.90 -12.70
C ALA A 50 -11.96 -10.00 -13.82
N ASN A 51 -12.21 -8.70 -13.75
CA ASN A 51 -11.74 -7.77 -14.78
C ASN A 51 -10.23 -7.58 -14.81
N SER A 52 -9.55 -7.96 -13.72
CA SER A 52 -8.09 -7.84 -13.70
C SER A 52 -7.50 -9.13 -14.28
N ILE A 53 -8.35 -10.09 -14.64
CA ILE A 53 -7.82 -11.36 -15.15
C ILE A 53 -6.94 -11.23 -16.40
N PRO A 54 -7.31 -10.36 -17.36
CA PRO A 54 -6.47 -10.22 -18.55
C PRO A 54 -5.05 -9.75 -18.22
N SER A 55 -4.93 -8.67 -17.46
CA SER A 55 -3.61 -8.14 -17.09
C SER A 55 -2.74 -9.16 -16.37
N PHE A 56 -3.29 -9.85 -15.37
CA PHE A 56 -2.52 -10.85 -14.66
C PHE A 56 -2.14 -11.98 -15.63
N LYS A 57 -3.05 -12.30 -16.55
CA LYS A 57 -2.77 -13.37 -17.52
C LYS A 57 -1.58 -12.97 -18.40
N LYS A 58 -1.57 -11.70 -18.83
CA LYS A 58 -0.50 -11.20 -19.69
C LYS A 58 0.84 -11.22 -18.96
N ARG A 59 0.83 -10.81 -17.70
CA ARG A 59 2.06 -10.80 -16.94
C ARG A 59 2.56 -12.22 -16.73
N ALA A 60 1.68 -13.10 -16.27
CA ALA A 60 2.08 -14.50 -16.02
C ALA A 60 2.68 -15.16 -17.26
N GLU A 61 2.10 -14.89 -18.42
CA GLU A 61 2.58 -15.49 -19.66
C GLU A 61 3.83 -14.80 -20.17
N SER A 62 4.64 -14.27 -19.27
CA SER A 62 5.88 -13.61 -19.65
C SER A 62 6.93 -13.93 -18.59
N ASP A 63 6.49 -14.61 -17.54
CA ASP A 63 7.36 -15.00 -16.44
C ASP A 63 8.12 -16.25 -16.86
N ILE A 64 9.06 -16.07 -17.78
CA ILE A 64 9.87 -17.17 -18.31
C ILE A 64 10.64 -17.95 -17.25
N THR A 65 10.82 -17.37 -16.07
CA THR A 65 11.54 -18.08 -15.03
C THR A 65 10.83 -19.41 -14.75
N VAL A 66 9.54 -19.34 -14.44
CA VAL A 66 8.74 -20.53 -14.18
C VAL A 66 8.61 -21.37 -15.45
N PRO A 67 8.93 -22.68 -15.35
CA PRO A 67 8.82 -23.49 -16.56
C PRO A 67 7.36 -23.71 -16.96
N ASP A 68 7.08 -23.53 -18.25
CA ASP A 68 5.74 -23.70 -18.79
C ASP A 68 4.87 -22.55 -18.26
N ALA A 69 5.49 -21.38 -18.08
CA ALA A 69 4.78 -20.21 -17.58
C ALA A 69 3.48 -19.94 -18.32
N PRO A 70 3.49 -20.03 -19.67
CA PRO A 70 2.27 -19.79 -20.45
C PRO A 70 1.07 -20.67 -20.08
N ALA A 71 1.23 -21.99 -20.11
CA ALA A 71 0.10 -22.87 -19.79
C ALA A 71 -0.40 -22.71 -18.37
N ARG A 72 0.52 -22.40 -17.45
CA ARG A 72 0.14 -22.21 -16.05
C ARG A 72 -0.65 -20.92 -15.91
N ALA A 73 -0.45 -19.99 -16.84
CA ALA A 73 -1.16 -18.70 -16.81
C ALA A 73 -2.57 -18.86 -17.36
N GLU A 74 -2.72 -19.72 -18.36
CA GLU A 74 -4.02 -20.00 -18.96
C GLU A 74 -4.86 -20.69 -17.88
N LYS A 75 -4.26 -21.65 -17.19
CA LYS A 75 -4.97 -22.37 -16.12
C LYS A 75 -5.35 -21.36 -15.04
N PHE A 76 -4.46 -20.40 -14.77
CA PHE A 76 -4.74 -19.36 -13.78
C PHE A 76 -5.99 -18.58 -14.16
N ALA A 77 -6.03 -18.12 -15.41
CA ALA A 77 -7.17 -17.35 -15.89
C ALA A 77 -8.49 -18.08 -15.72
N GLU A 78 -8.57 -19.30 -16.24
CA GLU A 78 -9.80 -20.09 -16.14
C GLU A 78 -10.08 -20.54 -14.72
N ARG A 79 -9.03 -20.78 -13.95
CA ARG A 79 -9.24 -21.24 -12.57
C ARG A 79 -9.78 -20.13 -11.67
N TYR A 80 -9.16 -18.95 -11.73
CA TYR A 80 -9.62 -17.83 -10.89
C TYR A 80 -10.94 -17.30 -11.44
N ALA A 81 -11.13 -17.33 -12.76
CA ALA A 81 -12.39 -16.86 -13.32
C ALA A 81 -13.53 -17.74 -12.85
N GLY A 82 -13.30 -19.05 -12.84
CA GLY A 82 -14.33 -19.97 -12.40
C GLY A 82 -14.69 -19.76 -10.94
N ILE A 83 -13.68 -19.50 -10.12
CA ILE A 83 -13.86 -19.26 -8.69
C ILE A 83 -14.75 -18.02 -8.52
N LEU A 84 -14.40 -16.96 -9.23
CA LEU A 84 -15.20 -15.74 -9.15
C LEU A 84 -16.63 -15.98 -9.67
N GLU A 85 -16.79 -16.72 -10.75
CA GLU A 85 -18.13 -17.03 -11.26
C GLU A 85 -18.87 -17.85 -10.20
N ASP A 86 -18.13 -18.67 -9.47
CA ASP A 86 -18.72 -19.48 -8.40
C ASP A 86 -19.28 -18.58 -7.29
N LEU A 87 -18.54 -17.50 -6.98
CA LEU A 87 -19.00 -16.57 -5.94
C LEU A 87 -20.26 -15.81 -6.35
N LYS A 88 -20.47 -15.61 -7.65
CA LYS A 88 -21.67 -14.90 -8.13
C LYS A 88 -22.93 -15.76 -8.02
N LYS A 89 -22.76 -17.07 -8.05
CA LYS A 89 -23.87 -18.00 -7.94
C LYS A 89 -23.95 -18.61 -6.54
N ASP A 90 -22.89 -18.47 -5.76
CA ASP A 90 -22.87 -19.05 -4.41
C ASP A 90 -21.90 -18.30 -3.51
N PRO A 91 -22.40 -17.31 -2.77
CA PRO A 91 -21.55 -16.51 -1.86
C PRO A 91 -20.76 -17.36 -0.84
N GLU A 92 -21.26 -18.55 -0.52
CA GLU A 92 -20.58 -19.40 0.45
C GLU A 92 -19.43 -20.24 -0.14
N SER A 93 -19.32 -20.24 -1.46
CA SER A 93 -18.27 -21.02 -2.12
C SER A 93 -16.87 -20.40 -1.98
N HIS A 94 -15.85 -21.24 -2.03
CA HIS A 94 -14.47 -20.76 -1.98
C HIS A 94 -14.03 -19.94 -0.75
N GLY A 95 -14.66 -20.20 0.39
CA GLY A 95 -14.31 -19.50 1.61
C GLY A 95 -15.14 -18.27 1.93
N GLY A 96 -16.13 -17.98 1.09
CA GLY A 96 -16.97 -16.80 1.29
C GLY A 96 -17.96 -16.82 2.44
N PRO A 97 -18.84 -15.79 2.54
CA PRO A 97 -18.99 -14.62 1.68
C PRO A 97 -17.68 -13.86 1.48
N PRO A 98 -17.50 -13.23 0.31
CA PRO A 98 -16.25 -12.51 0.11
C PRO A 98 -16.12 -11.09 0.63
N ASP A 99 -14.87 -10.66 0.67
CA ASP A 99 -14.47 -9.29 1.04
C ASP A 99 -13.19 -9.07 0.28
N GLY A 100 -12.65 -7.86 0.32
CA GLY A 100 -11.42 -7.61 -0.42
C GLY A 100 -10.25 -8.51 -0.06
N ILE A 101 -10.07 -8.75 1.23
CA ILE A 101 -8.97 -9.62 1.66
C ILE A 101 -9.10 -11.03 1.10
N LEU A 102 -10.19 -11.72 1.42
CA LEU A 102 -10.41 -13.08 0.94
C LEU A 102 -10.10 -13.12 -0.55
N LEU A 103 -10.67 -12.16 -1.26
CA LEU A 103 -10.49 -12.06 -2.70
C LEU A 103 -9.03 -11.74 -3.05
N CYS A 104 -8.36 -10.93 -2.24
CA CYS A 104 -6.96 -10.63 -2.55
C CYS A 104 -6.17 -11.90 -2.37
N ARG A 105 -6.66 -12.77 -1.50
CA ARG A 105 -5.98 -14.02 -1.24
C ARG A 105 -6.25 -15.09 -2.30
N LEU A 106 -7.45 -15.12 -2.87
CA LEU A 106 -7.72 -16.12 -3.91
C LEU A 106 -6.85 -15.93 -5.16
N ARG A 107 -6.62 -14.68 -5.57
CA ARG A 107 -5.82 -14.42 -6.75
C ARG A 107 -4.39 -14.91 -6.57
N GLU A 108 -3.79 -14.55 -5.43
CA GLU A 108 -2.43 -14.95 -5.14
C GLU A 108 -2.30 -16.47 -4.99
N GLN A 109 -3.42 -17.13 -4.77
CA GLN A 109 -3.38 -18.57 -4.59
C GLN A 109 -3.44 -19.31 -5.91
N VAL A 110 -4.31 -18.86 -6.81
CA VAL A 110 -4.38 -19.55 -8.10
C VAL A 110 -2.99 -19.48 -8.73
N LEU A 111 -2.37 -18.31 -8.64
CA LEU A 111 -1.03 -18.10 -9.19
C LEU A 111 0.06 -18.91 -8.48
N ARG A 112 0.13 -18.81 -7.15
CA ARG A 112 1.18 -19.51 -6.43
C ARG A 112 1.10 -21.02 -6.57
N GLU A 113 -0.07 -21.59 -6.32
CA GLU A 113 -0.21 -23.05 -6.43
C GLU A 113 0.37 -23.53 -7.75
N LEU A 114 0.16 -22.73 -8.80
CA LEU A 114 0.64 -23.06 -10.14
C LEU A 114 2.13 -22.85 -10.34
N GLY A 115 2.82 -22.39 -9.30
CA GLY A 115 4.26 -22.24 -9.42
C GLY A 115 4.84 -20.86 -9.69
N PHE A 116 3.99 -19.89 -10.02
CA PHE A 116 4.50 -18.54 -10.28
C PHE A 116 4.95 -18.01 -8.93
N ARG A 117 6.04 -17.23 -8.91
CA ARG A 117 6.53 -16.69 -7.65
C ARG A 117 6.50 -15.18 -7.61
N ASP A 118 7.13 -14.54 -8.58
CA ASP A 118 7.12 -13.07 -8.61
C ASP A 118 7.00 -12.62 -10.05
N ILE A 119 5.77 -12.65 -10.56
CA ILE A 119 5.54 -12.27 -11.94
C ILE A 119 6.01 -10.85 -12.26
N PHE A 120 5.87 -9.90 -11.34
CA PHE A 120 6.33 -8.52 -11.62
C PHE A 120 7.80 -8.38 -11.27
N LYS A 121 8.59 -9.42 -11.48
CA LYS A 121 9.99 -9.29 -11.10
C LYS A 121 10.78 -8.35 -12.00
N LYS A 122 10.75 -8.61 -13.30
CA LYS A 122 11.50 -7.75 -14.20
C LYS A 122 11.02 -6.30 -14.10
N VAL A 123 9.70 -6.10 -13.97
CA VAL A 123 9.15 -4.75 -13.90
C VAL A 123 9.54 -4.01 -12.60
N LYS A 124 9.49 -4.69 -11.46
CA LYS A 124 9.89 -4.05 -10.19
C LYS A 124 11.36 -3.66 -10.32
N ASP A 125 12.19 -4.62 -10.74
CA ASP A 125 13.60 -4.34 -10.92
C ASP A 125 13.77 -3.20 -11.92
N GLU A 126 12.96 -3.21 -12.97
CA GLU A 126 13.03 -2.18 -13.99
C GLU A 126 12.71 -0.81 -13.40
N GLU A 127 11.53 -0.71 -12.80
CA GLU A 127 11.09 0.55 -12.21
C GLU A 127 12.02 0.98 -11.09
N ASN A 128 12.58 0.02 -10.36
CA ASN A 128 13.48 0.37 -9.27
C ASN A 128 14.75 1.01 -9.81
N ALA A 129 15.31 0.45 -10.88
CA ALA A 129 16.54 1.01 -11.46
C ALA A 129 16.34 2.44 -11.96
N LYS A 130 15.26 2.66 -12.71
CA LYS A 130 14.98 4.01 -13.21
C LYS A 130 14.82 4.98 -12.05
N ALA A 131 13.97 4.63 -11.08
CA ALA A 131 13.77 5.52 -9.94
C ALA A 131 15.08 5.86 -9.24
N ILE A 132 15.92 4.84 -9.02
CA ILE A 132 17.20 5.07 -8.34
C ILE A 132 18.02 6.17 -9.02
N SER A 133 18.06 6.14 -10.35
CA SER A 133 18.82 7.17 -11.08
C SER A 133 18.29 8.58 -10.83
N LEU A 134 16.98 8.71 -10.58
CA LEU A 134 16.39 10.02 -10.36
C LEU A 134 16.32 10.43 -8.90
N PHE A 135 16.69 9.54 -7.99
CA PHE A 135 16.58 9.88 -6.58
C PHE A 135 17.33 11.17 -6.22
N PRO A 136 18.60 11.32 -6.64
CA PRO A 136 19.28 12.57 -6.28
C PRO A 136 18.62 13.84 -6.81
N GLN A 137 18.12 13.78 -8.05
CA GLN A 137 17.48 14.95 -8.66
C GLN A 137 16.08 15.17 -8.11
N VAL A 138 15.35 14.07 -7.92
CA VAL A 138 13.99 14.15 -7.40
C VAL A 138 14.01 14.93 -6.10
N VAL A 139 14.90 14.54 -5.19
CA VAL A 139 15.05 15.20 -3.89
C VAL A 139 15.47 16.68 -3.99
N SER A 140 16.26 17.03 -5.00
CA SER A 140 16.71 18.44 -5.14
C SER A 140 15.57 19.45 -5.08
N LEU A 141 14.47 19.12 -5.76
CA LEU A 141 13.28 19.98 -5.78
C LEU A 141 12.88 20.38 -4.36
N SER A 142 12.50 19.40 -3.55
CA SER A 142 12.12 19.73 -2.19
C SER A 142 13.31 20.17 -1.36
N ASP A 143 14.52 19.71 -1.66
CA ASP A 143 15.65 20.15 -0.87
C ASP A 143 15.98 21.61 -1.16
N ALA A 144 15.30 22.18 -2.15
CA ALA A 144 15.50 23.59 -2.50
C ALA A 144 14.50 24.50 -1.78
N ILE A 145 13.29 23.99 -1.58
CA ILE A 145 12.25 24.77 -0.92
C ILE A 145 12.69 24.99 0.51
N GLU A 146 12.54 26.22 1.00
CA GLU A 146 13.01 26.60 2.33
C GLU A 146 11.97 26.59 3.44
N ASP A 147 10.72 26.87 3.08
CA ASP A 147 9.62 26.93 4.05
C ASP A 147 9.17 25.50 4.42
N ASP A 148 9.03 25.19 5.72
CA ASP A 148 8.60 23.86 6.18
C ASP A 148 7.14 23.55 5.84
N GLY A 149 6.44 24.52 5.27
CA GLY A 149 5.06 24.28 4.89
C GLY A 149 5.15 23.61 3.53
N LYS A 150 5.70 24.36 2.59
CA LYS A 150 5.90 23.90 1.22
C LYS A 150 6.85 22.69 1.21
N ARG A 151 7.76 22.59 2.18
CA ARG A 151 8.65 21.42 2.22
C ARG A 151 7.78 20.18 2.32
N LEU A 152 7.40 19.82 3.54
CA LEU A 152 6.53 18.66 3.75
C LEU A 152 5.42 18.62 2.70
N GLU A 153 4.85 19.77 2.37
CA GLU A 153 3.76 19.80 1.38
C GLU A 153 4.24 19.24 0.04
N ASN A 154 5.40 19.68 -0.43
CA ASN A 154 5.89 19.15 -1.69
C ASN A 154 5.93 17.65 -1.48
N LEU A 155 6.59 17.21 -0.40
CA LEU A 155 6.68 15.78 -0.10
C LEU A 155 5.28 15.21 -0.07
N VAL A 156 4.32 15.96 0.46
CA VAL A 156 2.94 15.48 0.46
C VAL A 156 2.46 15.20 -0.98
N ARG A 157 2.90 15.99 -1.97
CA ARG A 157 2.53 15.69 -3.36
C ARG A 157 3.39 14.52 -3.87
N GLY A 158 4.68 14.55 -3.55
CA GLY A 158 5.55 13.47 -3.98
C GLY A 158 5.00 12.13 -3.50
N ILE A 159 4.21 12.15 -2.42
CA ILE A 159 3.67 10.89 -1.93
C ILE A 159 2.72 10.35 -2.97
N PHE A 160 1.72 11.15 -3.36
CA PHE A 160 0.77 10.74 -4.39
C PHE A 160 1.44 10.60 -5.76
N ALA A 161 2.48 11.40 -6.02
CA ALA A 161 3.14 11.31 -7.32
C ALA A 161 3.69 9.89 -7.54
N GLY A 162 4.27 9.31 -6.49
CA GLY A 162 4.79 7.98 -6.62
C GLY A 162 3.70 6.91 -6.77
N ASN A 163 2.50 7.20 -6.26
CA ASN A 163 1.38 6.24 -6.32
C ASN A 163 0.83 5.95 -7.72
N ILE A 164 0.85 6.95 -8.59
CA ILE A 164 0.32 6.79 -9.96
C ILE A 164 1.39 6.45 -11.01
N PHE A 165 2.51 7.16 -10.98
CA PHE A 165 3.56 6.91 -11.94
C PHE A 165 4.13 5.52 -11.74
N MET A 181 6.96 10.84 -19.97
CA MET A 181 6.52 12.07 -19.32
C MET A 181 7.57 12.62 -18.35
N SER A 182 7.55 13.93 -18.17
CA SER A 182 8.48 14.63 -17.28
C SER A 182 8.06 14.46 -15.82
N PHE A 183 8.38 15.45 -14.99
CA PHE A 183 8.04 15.41 -13.57
C PHE A 183 8.41 16.71 -12.85
N LEU A 184 9.11 17.59 -13.56
CA LEU A 184 9.50 18.88 -13.02
C LEU A 184 8.20 19.62 -12.71
N ALA A 185 7.08 19.05 -13.14
CA ALA A 185 5.77 19.66 -12.92
C ALA A 185 4.82 18.72 -12.17
N SER A 186 5.31 18.13 -11.07
CA SER A 186 4.52 17.22 -10.24
C SER A 186 3.35 17.93 -9.53
N CYS A 187 3.20 19.22 -9.85
CA CYS A 187 2.13 20.04 -9.29
C CYS A 187 1.04 20.26 -10.33
N GLN A 188 1.27 19.72 -11.53
CA GLN A 188 0.32 19.91 -12.63
C GLN A 188 -0.23 18.60 -13.20
N ASN A 189 -0.68 17.72 -12.32
CA ASN A 189 -1.25 16.45 -12.77
C ASN A 189 -2.20 15.88 -11.72
N LEU A 190 -1.88 16.02 -10.44
CA LEU A 190 -2.75 15.53 -9.37
C LEU A 190 -4.08 16.28 -9.41
N VAL A 191 -5.17 15.59 -9.13
CA VAL A 191 -6.46 16.27 -9.12
C VAL A 191 -6.30 17.50 -8.23
N PRO A 192 -7.10 18.55 -8.44
CA PRO A 192 -6.94 19.74 -7.60
C PRO A 192 -7.63 19.66 -6.24
N ARG A 193 -7.03 20.31 -5.25
CA ARG A 193 -7.61 20.32 -3.91
C ARG A 193 -8.84 21.21 -3.91
N PRO A 194 -9.71 21.05 -2.91
CA PRO A 194 -9.61 20.11 -1.79
C PRO A 194 -9.61 18.65 -2.22
N TRP A 195 -8.70 17.84 -1.64
CA TRP A 195 -8.68 16.42 -1.99
C TRP A 195 -9.92 15.78 -1.37
N VAL A 196 -10.37 14.62 -1.88
CA VAL A 196 -11.60 13.98 -1.40
C VAL A 196 -11.61 13.92 0.12
N ILE A 197 -10.65 13.20 0.68
CA ILE A 197 -10.45 13.16 2.13
C ILE A 197 -9.19 13.99 2.16
N ASP A 198 -9.31 15.22 2.64
CA ASP A 198 -8.20 16.16 2.65
C ASP A 198 -8.06 16.76 4.06
N ASP A 199 -7.10 16.25 4.84
CA ASP A 199 -6.86 16.72 6.21
C ASP A 199 -5.40 17.10 6.40
N LEU A 200 -4.78 17.69 5.38
CA LEU A 200 -3.35 18.06 5.44
C LEU A 200 -3.05 19.26 6.34
N GLU A 201 -3.66 20.40 6.08
CA GLU A 201 -3.41 21.60 6.90
C GLU A 201 -3.21 21.23 8.37
N ASN A 202 -4.14 20.44 8.91
CA ASN A 202 -4.02 20.05 10.31
C ASN A 202 -2.76 19.25 10.59
N PHE A 203 -2.30 18.54 9.57
CA PHE A 203 -1.10 17.71 9.71
C PHE A 203 0.15 18.55 9.57
N GLN A 204 0.08 19.59 8.75
CA GLN A 204 1.24 20.44 8.54
C GLN A 204 1.50 21.22 9.82
N ALA A 205 0.41 21.51 10.55
CA ALA A 205 0.52 22.23 11.80
C ALA A 205 1.34 21.44 12.81
N LYS A 206 0.94 20.19 13.07
CA LYS A 206 1.70 19.38 14.04
C LYS A 206 3.15 19.17 13.61
N TRP A 207 3.34 18.61 12.42
CA TRP A 207 4.66 18.38 11.86
C TRP A 207 5.61 19.53 12.20
N ILE A 208 5.20 20.75 11.87
CA ILE A 208 6.02 21.91 12.16
C ILE A 208 5.94 22.19 13.66
N ASN A 209 6.84 21.56 14.40
CA ASN A 209 6.90 21.68 15.86
C ASN A 209 7.79 20.54 16.37
N LYS A 210 7.96 19.51 15.55
CA LYS A 210 8.78 18.35 15.86
C LYS A 210 8.22 17.52 17.01
N SER A 211 6.93 17.22 16.90
CA SER A 211 6.20 16.45 17.89
C SER A 211 6.24 14.93 17.69
N TRP A 212 6.65 14.47 16.51
CA TRP A 212 6.72 13.03 16.22
C TRP A 212 8.14 12.51 16.29
N LYS A 213 8.34 11.44 17.07
CA LYS A 213 9.68 10.87 17.23
C LYS A 213 9.88 9.50 16.58
N LYS A 214 8.80 8.87 16.10
CA LYS A 214 8.91 7.56 15.47
C LYS A 214 7.69 7.16 14.64
N ALA A 215 7.89 6.99 13.33
CA ALA A 215 6.80 6.58 12.41
C ALA A 215 7.01 5.15 11.89
N VAL A 216 5.90 4.43 11.68
CA VAL A 216 5.91 3.07 11.12
C VAL A 216 5.20 3.21 9.74
N ILE A 217 5.98 3.34 8.67
CA ILE A 217 5.45 3.52 7.28
C ILE A 217 5.15 2.19 6.55
N PHE A 218 3.86 1.88 6.36
CA PHE A 218 3.42 0.67 5.65
C PHE A 218 3.46 1.04 4.16
N VAL A 219 4.42 0.47 3.41
CA VAL A 219 4.60 0.81 2.00
C VAL A 219 4.03 -0.13 0.93
N ASP A 220 4.19 0.24 -0.34
CA ASP A 220 3.59 -0.53 -1.43
C ASP A 220 4.34 -0.65 -2.75
N ASN A 221 3.99 0.20 -3.71
CA ASN A 221 4.57 0.13 -5.05
C ASN A 221 6.04 0.31 -5.26
N SER A 222 6.72 -0.80 -5.55
CA SER A 222 8.14 -0.75 -5.87
C SER A 222 8.23 0.32 -6.96
N GLY A 223 9.39 0.95 -7.10
CA GLY A 223 9.54 1.95 -8.15
C GLY A 223 9.40 3.43 -7.77
N ALA A 224 8.69 4.20 -8.60
CA ALA A 224 8.54 5.64 -8.34
C ALA A 224 8.00 5.92 -6.94
N ASP A 225 7.19 5.00 -6.45
CA ASP A 225 6.58 5.16 -5.15
C ASP A 225 7.55 5.07 -3.98
N ILE A 226 7.99 3.86 -3.66
CA ILE A 226 8.91 3.69 -2.53
C ILE A 226 10.14 4.60 -2.56
N ILE A 227 10.75 4.81 -3.73
CA ILE A 227 11.99 5.59 -3.80
C ILE A 227 11.90 7.09 -4.06
N LEU A 228 10.93 7.51 -4.85
CA LEU A 228 10.83 8.94 -5.17
C LEU A 228 9.68 9.59 -4.43
N GLY A 229 8.83 8.76 -3.83
CA GLY A 229 7.71 9.29 -3.05
C GLY A 229 8.03 9.04 -1.58
N ILE A 230 8.10 7.76 -1.21
CA ILE A 230 8.35 7.40 0.19
C ILE A 230 9.77 7.63 0.68
N LEU A 231 10.80 7.27 -0.09
CA LEU A 231 12.10 7.43 0.51
C LEU A 231 12.54 8.87 0.80
N PRO A 232 12.09 9.84 -0.02
CA PRO A 232 12.49 11.23 0.30
C PRO A 232 11.72 11.70 1.54
N PHE A 233 10.46 11.28 1.64
CA PHE A 233 9.62 11.64 2.78
C PHE A 233 10.29 11.09 4.05
N ALA A 234 10.68 9.81 4.01
CA ALA A 234 11.34 9.18 5.15
C ALA A 234 12.62 9.93 5.52
N ARG A 235 13.33 10.43 4.50
CA ARG A 235 14.56 11.18 4.70
C ARG A 235 14.30 12.48 5.47
N GLU A 236 13.23 13.19 5.10
CA GLU A 236 12.90 14.42 5.79
C GLU A 236 12.66 14.10 7.27
N LEU A 237 11.87 13.07 7.55
CA LEU A 237 11.63 12.65 8.95
C LEU A 237 12.94 12.35 9.67
N LEU A 238 13.86 11.65 9.01
CA LEU A 238 15.13 11.31 9.64
C LEU A 238 15.93 12.56 9.99
N ARG A 239 15.98 13.49 9.05
CA ARG A 239 16.72 14.73 9.24
C ARG A 239 16.06 15.63 10.28
N ARG A 240 14.76 15.43 10.52
CA ARG A 240 14.04 16.23 11.51
C ARG A 240 14.05 15.55 12.88
N GLY A 241 14.93 14.57 13.04
CA GLY A 241 15.09 13.89 14.31
C GLY A 241 14.23 12.67 14.58
N ALA A 242 13.22 12.44 13.76
CA ALA A 242 12.38 11.28 14.01
C ALA A 242 13.07 9.99 13.60
N GLN A 243 12.62 8.91 14.21
CA GLN A 243 13.07 7.57 13.88
C GLN A 243 11.95 7.16 12.89
N VAL A 244 12.26 6.32 11.92
CA VAL A 244 11.26 5.88 10.94
C VAL A 244 11.42 4.42 10.63
N VAL A 245 10.33 3.67 10.77
CA VAL A 245 10.32 2.23 10.46
C VAL A 245 9.52 2.05 9.14
N LEU A 246 10.17 1.54 8.10
CA LEU A 246 9.45 1.30 6.84
C LEU A 246 9.07 -0.17 6.86
N ALA A 247 7.77 -0.41 6.95
CA ALA A 247 7.26 -1.78 7.04
C ALA A 247 6.73 -2.23 5.69
N ALA A 248 7.27 -3.34 5.19
CA ALA A 248 6.88 -3.88 3.88
C ALA A 248 6.40 -5.33 3.96
N ASN A 249 5.83 -5.83 2.86
CA ASN A 249 5.37 -7.22 2.78
C ASN A 249 6.51 -8.17 3.04
N GLU A 250 6.19 -9.29 3.67
CA GLU A 250 7.20 -10.29 3.91
C GLU A 250 7.34 -10.94 2.54
N LEU A 251 6.19 -11.26 1.96
CA LEU A 251 6.05 -11.89 0.65
C LEU A 251 5.52 -10.95 -0.43
N PRO A 252 5.92 -11.16 -1.69
CA PRO A 252 5.42 -10.25 -2.72
C PRO A 252 3.96 -10.45 -3.15
N SER A 253 3.37 -9.36 -3.62
CA SER A 253 2.00 -9.33 -4.14
C SER A 253 2.11 -8.28 -5.25
N ILE A 254 1.49 -8.53 -6.40
CA ILE A 254 1.56 -7.65 -7.57
C ILE A 254 2.97 -7.05 -7.68
N ASN A 255 3.09 -5.75 -7.95
CA ASN A 255 4.39 -5.10 -8.07
C ASN A 255 4.82 -4.42 -6.77
N ASP A 256 4.24 -4.85 -5.66
CA ASP A 256 4.57 -4.24 -4.38
C ASP A 256 5.99 -4.51 -3.92
N ILE A 257 6.47 -3.67 -3.01
CA ILE A 257 7.83 -3.83 -2.51
C ILE A 257 7.84 -4.56 -1.17
N THR A 258 8.87 -5.38 -0.93
CA THR A 258 8.98 -6.13 0.33
C THR A 258 10.12 -5.49 1.15
N CYS A 259 10.29 -5.97 2.37
CA CYS A 259 11.33 -5.45 3.24
C CYS A 259 12.75 -5.88 2.87
N THR A 260 12.89 -7.00 2.17
CA THR A 260 14.21 -7.48 1.77
C THR A 260 14.64 -6.73 0.52
N GLU A 261 13.71 -6.49 -0.40
CA GLU A 261 14.04 -5.76 -1.61
C GLU A 261 14.33 -4.32 -1.20
N LEU A 262 13.57 -3.81 -0.23
CA LEU A 262 13.74 -2.44 0.24
C LEU A 262 15.09 -2.27 0.95
N THR A 263 15.43 -3.24 1.77
CA THR A 263 16.72 -3.21 2.45
C THR A 263 17.83 -3.13 1.39
N GLU A 264 17.65 -3.86 0.30
CA GLU A 264 18.60 -3.90 -0.80
C GLU A 264 18.62 -2.55 -1.55
N ILE A 265 17.43 -1.97 -1.74
CA ILE A 265 17.31 -0.68 -2.41
C ILE A 265 18.07 0.39 -1.63
N LEU A 266 17.87 0.41 -0.31
CA LEU A 266 18.54 1.39 0.55
C LEU A 266 20.06 1.29 0.37
N SER A 267 20.54 0.06 0.22
CA SER A 267 21.96 -0.18 0.01
C SER A 267 22.42 0.51 -1.27
N GLN A 268 21.69 0.26 -2.36
CA GLN A 268 22.03 0.83 -3.64
C GLN A 268 21.88 2.36 -3.69
N LEU A 269 21.21 2.93 -2.69
CA LEU A 269 21.01 4.37 -2.63
C LEU A 269 21.97 5.05 -1.64
N LYS A 270 22.38 4.31 -0.62
CA LYS A 270 23.27 4.83 0.43
C LYS A 270 24.72 4.70 0.00
N ASN A 273 29.46 7.94 1.77
CA ASN A 273 29.56 7.85 3.22
C ASN A 273 28.58 6.84 3.82
N GLY A 274 27.58 6.46 3.02
CA GLY A 274 26.60 5.49 3.50
C GLY A 274 25.37 6.21 4.01
N GLN A 275 25.23 7.47 3.60
CA GLN A 275 24.11 8.32 3.99
C GLN A 275 23.16 8.53 2.82
N LEU A 276 22.05 9.23 3.07
CA LEU A 276 21.08 9.56 2.01
C LEU A 276 21.20 11.06 1.83
N LEU A 277 22.02 11.50 0.88
CA LEU A 277 22.23 12.92 0.64
C LEU A 277 22.47 13.68 1.95
N GLY A 278 23.43 13.19 2.73
CA GLY A 278 23.77 13.86 3.98
C GLY A 278 22.85 13.70 5.17
N VAL A 279 22.15 12.58 5.25
CA VAL A 279 21.26 12.31 6.37
C VAL A 279 21.49 10.89 6.87
N ASP A 280 21.98 10.76 8.10
CA ASP A 280 22.24 9.44 8.68
C ASP A 280 21.02 8.52 8.63
N THR A 281 21.26 7.24 8.44
CA THR A 281 20.19 6.24 8.36
C THR A 281 20.19 5.22 9.51
N SER A 282 20.89 5.55 10.59
CA SER A 282 20.96 4.65 11.74
C SER A 282 19.58 4.43 12.37
N LYS A 283 18.69 5.42 12.23
CA LYS A 283 17.35 5.31 12.80
C LYS A 283 16.31 5.01 11.73
N LEU A 284 16.77 4.47 10.60
CA LEU A 284 15.91 4.07 9.49
C LEU A 284 15.95 2.54 9.41
N LEU A 285 14.89 1.90 9.91
CA LEU A 285 14.79 0.45 9.90
C LEU A 285 13.84 -0.03 8.82
N ILE A 286 14.12 -1.19 8.24
CA ILE A 286 13.28 -1.79 7.20
C ILE A 286 12.68 -3.03 7.89
N ALA A 287 11.43 -2.91 8.30
CA ALA A 287 10.74 -3.98 9.02
C ALA A 287 9.87 -4.86 8.17
N ASN A 288 9.96 -6.16 8.42
CA ASN A 288 9.14 -7.16 7.74
C ASN A 288 7.78 -7.05 8.44
N SER A 289 6.77 -6.50 7.75
CA SER A 289 5.44 -6.39 8.36
C SER A 289 4.80 -7.78 8.43
N GLY A 290 5.43 -8.74 7.78
CA GLY A 290 4.93 -10.10 7.72
C GLY A 290 3.74 -10.25 6.81
N ASN A 291 3.35 -9.17 6.13
CA ASN A 291 2.18 -9.25 5.27
C ASN A 291 2.49 -9.76 3.88
N ASP A 292 1.52 -10.47 3.29
CA ASP A 292 1.69 -11.04 1.95
C ASP A 292 0.49 -10.73 1.07
N LEU A 293 0.05 -9.46 1.09
CA LEU A 293 -1.12 -8.99 0.35
C LEU A 293 -1.00 -7.51 -0.08
N PRO A 294 -1.91 -7.04 -0.97
CA PRO A 294 -1.97 -5.65 -1.50
C PRO A 294 -2.81 -4.73 -0.59
N VAL A 295 -3.53 -5.34 0.33
CA VAL A 295 -4.35 -4.66 1.34
C VAL A 295 -3.80 -5.19 2.66
N ILE A 296 -4.46 -4.95 3.78
CA ILE A 296 -3.89 -5.51 5.02
C ILE A 296 -4.84 -5.75 6.19
N ASP A 297 -4.73 -6.95 6.76
CA ASP A 297 -5.50 -7.37 7.93
C ASP A 297 -4.47 -7.18 9.05
N LEU A 298 -4.50 -5.99 9.67
CA LEU A 298 -3.53 -5.60 10.70
C LEU A 298 -3.71 -6.37 12.00
N SER A 299 -4.78 -7.16 12.09
CA SER A 299 -4.95 -7.94 13.32
C SER A 299 -3.89 -9.04 13.31
N ARG A 300 -3.21 -9.20 12.17
CA ARG A 300 -2.16 -10.22 12.00
C ARG A 300 -0.93 -9.69 11.27
N VAL A 301 0.17 -9.50 12.01
CA VAL A 301 1.43 -9.03 11.43
C VAL A 301 2.62 -9.79 12.02
N SER A 302 3.80 -9.54 11.46
CA SER A 302 5.01 -10.20 11.92
C SER A 302 5.32 -9.90 13.39
N GLN A 303 5.98 -10.83 14.08
CA GLN A 303 6.32 -10.59 15.47
C GLN A 303 7.14 -9.30 15.58
N GLU A 304 8.16 -9.21 14.74
CA GLU A 304 9.07 -8.07 14.66
C GLU A 304 8.38 -6.71 14.50
N LEU A 305 7.49 -6.59 13.50
CA LEU A 305 6.80 -5.31 13.30
C LEU A 305 6.17 -4.86 14.61
N ALA A 306 5.58 -5.81 15.33
CA ALA A 306 4.96 -5.47 16.60
C ALA A 306 6.10 -4.95 17.49
N TYR A 307 7.19 -5.72 17.59
CA TYR A 307 8.33 -5.26 18.38
C TYR A 307 8.79 -3.86 17.96
N LEU A 308 8.94 -3.62 16.65
CA LEU A 308 9.39 -2.32 16.17
C LEU A 308 8.37 -1.17 16.24
N SER A 309 7.10 -1.48 16.52
CA SER A 309 6.08 -0.44 16.60
C SER A 309 5.39 -0.32 17.95
N SER A 310 5.99 -0.89 19.00
CA SER A 310 5.42 -0.84 20.34
C SER A 310 5.36 0.59 20.92
N ASP A 311 6.32 1.44 20.51
CA ASP A 311 6.37 2.83 20.98
C ASP A 311 6.12 3.84 19.86
N ALA A 312 5.78 3.35 18.67
CA ALA A 312 5.54 4.28 17.57
C ALA A 312 4.51 5.31 18.01
N ASP A 313 4.65 6.55 17.53
CA ASP A 313 3.68 7.61 17.87
C ASP A 313 3.09 8.20 16.57
N LEU A 314 3.31 7.47 15.47
CA LEU A 314 2.78 7.82 14.14
C LEU A 314 2.89 6.60 13.24
N VAL A 315 1.74 6.11 12.79
CA VAL A 315 1.67 4.98 11.88
C VAL A 315 1.05 5.54 10.61
N ILE A 316 1.56 5.10 9.47
CA ILE A 316 1.06 5.56 8.17
C ILE A 316 0.55 4.36 7.40
N VAL A 317 -0.53 4.52 6.64
CA VAL A 317 -1.01 3.39 5.88
C VAL A 317 -1.01 3.93 4.44
N GLU A 318 -0.04 3.49 3.63
CA GLU A 318 0.13 4.00 2.26
C GLU A 318 -0.57 3.30 1.12
N GLY A 319 -1.10 4.11 0.20
CA GLY A 319 -1.73 3.59 -0.99
C GLY A 319 -3.14 3.06 -0.84
N MET A 320 -3.86 2.96 -1.94
CA MET A 320 -5.23 2.46 -1.88
C MET A 320 -5.25 1.06 -1.29
N GLY A 321 -4.45 0.15 -1.84
CA GLY A 321 -4.42 -1.19 -1.28
C GLY A 321 -4.38 -1.15 0.24
N ARG A 322 -3.35 -0.52 0.81
CA ARG A 322 -3.25 -0.47 2.28
C ARG A 322 -3.97 0.61 3.07
N GLY A 323 -3.95 1.86 2.59
CA GLY A 323 -4.59 2.98 3.27
C GLY A 323 -6.08 3.25 3.12
N ILE A 324 -6.67 2.82 2.00
CA ILE A 324 -8.09 3.06 1.78
C ILE A 324 -8.90 1.73 1.59
N GLU A 325 -8.34 0.77 0.86
CA GLU A 325 -8.99 -0.51 0.64
C GLU A 325 -9.12 -1.29 1.94
N THR A 326 -8.17 -1.10 2.84
CA THR A 326 -8.30 -1.70 4.17
C THR A 326 -8.09 -0.55 5.16
N ASN A 327 -8.54 -0.76 6.39
CA ASN A 327 -8.33 0.16 7.50
C ASN A 327 -8.62 1.65 7.34
N LEU A 328 -9.52 2.05 6.44
CA LEU A 328 -9.77 3.48 6.29
C LEU A 328 -10.17 4.12 7.61
N TYR A 329 -11.05 3.44 8.31
CA TYR A 329 -11.55 3.94 9.58
C TYR A 329 -10.98 3.27 10.82
N ALA A 330 -9.78 2.70 10.71
CA ALA A 330 -9.16 2.08 11.88
C ALA A 330 -8.60 3.20 12.77
N GLN A 331 -8.97 3.15 14.03
CA GLN A 331 -8.50 4.16 14.97
C GLN A 331 -7.23 3.63 15.61
N PHE A 332 -6.35 4.53 15.98
CA PHE A 332 -5.09 4.15 16.60
C PHE A 332 -4.86 4.91 17.89
N LYS A 333 -4.18 4.29 18.85
CA LYS A 333 -3.89 4.96 20.12
C LYS A 333 -3.32 6.34 19.82
N CYS A 334 -2.25 6.38 19.02
CA CYS A 334 -1.59 7.62 18.65
C CYS A 334 -2.02 8.06 17.25
N ASP A 335 -1.41 9.13 16.79
CA ASP A 335 -1.74 9.67 15.47
C ASP A 335 -1.61 8.61 14.38
N SER A 336 -1.79 9.01 13.12
CA SER A 336 -1.65 8.03 12.06
C SER A 336 -2.07 8.69 10.77
N LEU A 337 -1.49 8.21 9.68
CA LEU A 337 -1.77 8.71 8.34
C LEU A 337 -2.19 7.58 7.39
N LYS A 338 -3.02 7.94 6.42
CA LYS A 338 -3.54 7.03 5.40
C LYS A 338 -3.64 7.89 4.15
N ILE A 339 -2.48 8.39 3.74
CA ILE A 339 -2.40 9.23 2.57
C ILE A 339 -2.43 8.26 1.43
N GLY A 340 -3.33 8.47 0.46
CA GLY A 340 -3.41 7.52 -0.61
C GLY A 340 -4.06 8.03 -1.88
N MET A 341 -3.65 7.43 -2.99
CA MET A 341 -4.18 7.78 -4.30
C MET A 341 -5.29 6.81 -4.72
N VAL A 342 -6.44 7.34 -5.15
CA VAL A 342 -7.58 6.50 -5.59
C VAL A 342 -7.33 6.01 -7.01
N LYS A 343 -7.47 4.69 -7.23
CA LYS A 343 -7.19 4.10 -8.54
C LYS A 343 -8.23 3.06 -9.01
N HIS A 344 -9.33 2.95 -8.28
CA HIS A 344 -10.42 2.03 -8.61
C HIS A 344 -11.63 2.93 -8.83
N LEU A 345 -12.36 2.77 -9.93
CA LEU A 345 -13.54 3.58 -10.12
C LEU A 345 -14.51 3.28 -8.97
N GLU A 346 -14.52 2.03 -8.50
CA GLU A 346 -15.43 1.66 -7.42
C GLU A 346 -15.04 2.29 -6.09
N VAL A 347 -13.75 2.53 -5.88
CA VAL A 347 -13.34 3.15 -4.64
C VAL A 347 -13.82 4.62 -4.66
N ALA A 348 -13.77 5.25 -5.82
CA ALA A 348 -14.23 6.63 -5.90
C ALA A 348 -15.71 6.69 -5.53
N GLU A 349 -16.47 5.71 -5.98
CA GLU A 349 -17.90 5.66 -5.72
C GLU A 349 -18.22 5.60 -4.23
N PHE A 350 -17.78 4.55 -3.56
CA PHE A 350 -18.01 4.40 -2.13
C PHE A 350 -17.54 5.65 -1.37
N LEU A 351 -16.41 6.22 -1.80
CA LEU A 351 -15.83 7.41 -1.16
C LEU A 351 -16.62 8.70 -1.38
N GLY A 352 -17.32 8.74 -2.50
CA GLY A 352 -18.10 9.93 -2.83
C GLY A 352 -17.14 10.98 -3.36
N GLY A 353 -16.13 10.51 -4.09
CA GLY A 353 -15.12 11.36 -4.69
C GLY A 353 -14.93 11.07 -6.16
N ARG A 354 -13.74 11.36 -6.70
CA ARG A 354 -13.39 11.18 -8.11
C ARG A 354 -12.38 10.06 -8.32
N LEU A 355 -12.32 9.50 -9.52
CA LEU A 355 -11.29 8.49 -9.81
C LEU A 355 -10.02 9.34 -9.77
N TYR A 356 -8.93 8.76 -9.25
CA TYR A 356 -7.65 9.43 -9.07
C TYR A 356 -7.67 10.46 -7.95
N ASP A 357 -8.77 10.55 -7.20
CA ASP A 357 -8.81 11.49 -6.08
C ASP A 357 -7.76 11.05 -5.06
N CYS A 358 -7.37 11.97 -4.18
CA CYS A 358 -6.37 11.66 -3.16
C CYS A 358 -7.02 11.62 -1.79
N VAL A 359 -6.62 10.65 -0.96
CA VAL A 359 -7.16 10.55 0.39
C VAL A 359 -6.01 10.85 1.35
N PHE A 360 -6.18 11.83 2.25
CA PHE A 360 -5.15 12.11 3.28
C PHE A 360 -5.97 12.04 4.57
N LYS A 361 -6.08 10.83 5.10
CA LYS A 361 -6.84 10.58 6.30
C LYS A 361 -5.93 10.54 7.52
N PHE A 362 -6.05 11.56 8.37
CA PHE A 362 -5.23 11.69 9.58
C PHE A 362 -6.10 11.73 10.83
N ASN A 363 -5.53 11.23 11.91
CA ASN A 363 -6.18 11.16 13.23
C ASN A 363 -5.20 11.81 14.22
N GLU A 364 -5.69 12.63 15.13
CA GLU A 364 -4.79 13.29 16.07
C GLU A 364 -5.12 12.96 17.52
N VAL A 365 -4.08 12.62 18.29
CA VAL A 365 -4.14 12.26 19.72
C VAL A 365 -4.09 10.75 19.91
MG MG B . 0.75 -1.82 -4.95
MG MG C . -6.25 -4.38 -4.20
N GLU A 6 2.46 -17.22 15.95
CA GLU A 6 3.31 -16.52 14.93
C GLU A 6 2.90 -15.06 14.82
N MET A 7 1.87 -14.78 14.05
CA MET A 7 1.37 -13.43 13.85
C MET A 7 0.79 -12.88 15.15
N VAL A 8 0.70 -11.57 15.23
CA VAL A 8 0.14 -10.90 16.40
C VAL A 8 -0.48 -9.58 15.93
N PRO A 9 -1.33 -8.97 16.76
CA PRO A 9 -1.96 -7.71 16.38
C PRO A 9 -0.95 -6.59 16.31
N PHE A 10 -1.04 -5.76 15.29
CA PHE A 10 -0.12 -4.62 15.19
C PHE A 10 -0.36 -3.93 16.54
N PRO A 11 0.72 -3.65 17.30
CA PRO A 11 0.61 -3.02 18.61
C PRO A 11 -0.02 -1.65 18.78
N GLN A 12 -0.23 -0.91 17.68
CA GLN A 12 -0.87 0.39 17.82
C GLN A 12 -2.37 0.36 17.62
N LEU A 13 -2.96 -0.83 17.65
CA LEU A 13 -4.42 -0.99 17.57
C LEU A 13 -4.93 -1.16 19.00
N PRO A 14 -5.85 -0.27 19.46
CA PRO A 14 -6.40 -0.37 20.82
C PRO A 14 -7.07 -1.72 21.03
N MET A 15 -6.81 -2.36 22.17
CA MET A 15 -7.40 -3.67 22.46
C MET A 15 -8.64 -3.47 23.35
N PRO A 16 -9.63 -4.37 23.26
CA PRO A 16 -9.69 -5.56 22.40
C PRO A 16 -10.02 -5.15 20.97
N ILE A 17 -9.41 -5.81 19.99
CA ILE A 17 -9.68 -5.49 18.59
C ILE A 17 -10.94 -6.20 18.10
N GLU A 18 -11.24 -7.35 18.68
CA GLU A 18 -12.43 -8.12 18.32
C GLU A 18 -13.67 -7.23 18.38
N ASN A 19 -14.53 -7.38 17.38
CA ASN A 19 -15.78 -6.61 17.30
C ASN A 19 -15.58 -5.10 17.20
N ASN A 20 -14.35 -4.68 16.95
CA ASN A 20 -14.02 -3.26 16.83
C ASN A 20 -13.19 -2.99 15.57
N TYR A 21 -11.98 -3.53 15.51
CA TYR A 21 -11.16 -3.37 14.30
C TYR A 21 -11.67 -4.36 13.25
N ARG A 22 -12.02 -3.89 12.06
CA ARG A 22 -12.46 -4.77 10.97
C ARG A 22 -11.54 -4.38 9.81
N ALA A 23 -10.90 -5.37 9.19
CA ALA A 23 -9.95 -5.07 8.13
C ALA A 23 -10.50 -4.41 6.87
N CYS A 24 -11.61 -4.91 6.34
CA CYS A 24 -12.13 -4.33 5.11
C CYS A 24 -13.10 -3.19 5.34
N THR A 25 -12.90 -2.11 4.59
CA THR A 25 -13.65 -0.87 4.75
C THR A 25 -15.00 -0.76 4.04
N ILE A 26 -15.20 -1.63 3.06
CA ILE A 26 -16.38 -1.58 2.23
C ILE A 26 -17.33 -2.78 2.41
N PRO A 27 -18.50 -2.56 3.00
CA PRO A 27 -19.38 -3.71 3.17
C PRO A 27 -19.97 -4.10 1.82
N TYR A 28 -20.08 -5.40 1.55
CA TYR A 28 -20.65 -5.88 0.30
C TYR A 28 -22.13 -6.25 0.48
N ARG A 29 -22.49 -6.54 1.73
CA ARG A 29 -23.85 -6.93 2.15
C ARG A 29 -23.93 -6.81 3.67
N PHE A 30 -25.10 -7.11 4.25
CA PHE A 30 -25.28 -7.10 5.71
C PHE A 30 -25.82 -8.47 6.11
N PRO A 31 -25.59 -8.92 7.36
CA PRO A 31 -26.07 -10.23 7.83
C PRO A 31 -27.56 -10.49 7.52
N SER A 32 -28.31 -9.44 7.21
CA SER A 32 -29.74 -9.58 6.92
C SER A 32 -30.08 -9.83 5.45
N ASP A 33 -29.11 -9.78 4.56
CA ASP A 33 -29.38 -10.02 3.14
C ASP A 33 -29.53 -11.52 2.89
N ASP A 34 -30.24 -11.88 1.84
CA ASP A 34 -30.42 -13.31 1.50
C ASP A 34 -29.02 -13.94 1.48
N PRO A 35 -28.80 -14.98 2.28
CA PRO A 35 -27.47 -15.60 2.28
C PRO A 35 -27.11 -16.55 1.14
N LYS A 36 -28.06 -16.89 0.28
CA LYS A 36 -27.79 -17.82 -0.82
C LYS A 36 -27.76 -17.13 -2.19
N LYS A 37 -27.76 -15.80 -2.18
CA LYS A 37 -27.72 -15.03 -3.41
C LYS A 37 -26.70 -13.88 -3.26
N ALA A 38 -25.70 -13.84 -4.14
CA ALA A 38 -24.74 -12.75 -4.03
C ALA A 38 -25.52 -11.46 -4.26
N THR A 39 -25.17 -10.40 -3.54
CA THR A 39 -25.85 -9.12 -3.70
C THR A 39 -25.35 -8.47 -4.99
N PRO A 40 -26.10 -7.51 -5.54
CA PRO A 40 -25.59 -6.88 -6.77
C PRO A 40 -24.24 -6.28 -6.44
N ASN A 41 -24.06 -5.84 -5.20
CA ASN A 41 -22.78 -5.25 -4.80
C ASN A 41 -21.62 -6.25 -4.67
N GLU A 42 -21.90 -7.48 -4.24
CA GLU A 42 -20.81 -8.45 -4.16
C GLU A 42 -20.37 -8.71 -5.60
N ILE A 43 -21.21 -8.30 -6.54
CA ILE A 43 -20.94 -8.48 -7.96
C ILE A 43 -19.92 -7.46 -8.48
N SER A 44 -20.11 -6.22 -8.08
CA SER A 44 -19.22 -5.14 -8.50
C SER A 44 -17.77 -5.38 -8.15
N TRP A 45 -17.54 -5.89 -6.94
CA TRP A 45 -16.19 -6.10 -6.49
C TRP A 45 -15.55 -7.35 -7.06
N ILE A 46 -16.37 -8.38 -7.27
CA ILE A 46 -15.89 -9.61 -7.89
C ILE A 46 -15.52 -9.18 -9.33
N ASN A 47 -16.40 -8.43 -10.00
CA ASN A 47 -16.12 -7.95 -11.35
C ASN A 47 -14.77 -7.20 -11.35
N VAL A 48 -14.54 -6.37 -10.33
CA VAL A 48 -13.24 -5.67 -10.27
C VAL A 48 -12.12 -6.72 -10.32
N PHE A 49 -12.32 -7.84 -9.63
CA PHE A 49 -11.30 -8.88 -9.64
C PHE A 49 -11.38 -9.78 -10.86
N ALA A 50 -12.58 -10.23 -11.21
CA ALA A 50 -12.69 -11.09 -12.39
C ALA A 50 -12.21 -10.33 -13.64
N ASN A 51 -12.25 -8.99 -13.57
CA ASN A 51 -11.81 -8.14 -14.70
C ASN A 51 -10.32 -7.84 -14.69
N SER A 52 -9.64 -8.20 -13.60
CA SER A 52 -8.19 -7.99 -13.55
C SER A 52 -7.53 -9.18 -14.23
N ILE A 53 -8.31 -10.23 -14.49
CA ILE A 53 -7.76 -11.45 -15.09
C ILE A 53 -6.94 -11.21 -16.35
N PRO A 54 -7.51 -10.55 -17.38
CA PRO A 54 -6.74 -10.30 -18.60
C PRO A 54 -5.33 -9.74 -18.37
N SER A 55 -5.23 -8.54 -17.78
CA SER A 55 -3.91 -7.94 -17.54
C SER A 55 -3.09 -8.67 -16.48
N PHE A 56 -3.69 -9.66 -15.83
CA PHE A 56 -2.98 -10.45 -14.82
C PHE A 56 -2.64 -11.81 -15.43
N LYS A 57 -3.05 -12.04 -16.67
CA LYS A 57 -2.73 -13.33 -17.32
C LYS A 57 -1.62 -13.06 -18.31
N LYS A 58 -1.45 -11.78 -18.66
CA LYS A 58 -0.41 -11.38 -19.61
C LYS A 58 0.94 -11.33 -18.92
N ARG A 59 0.95 -10.85 -17.69
CA ARG A 59 2.18 -10.76 -16.94
C ARG A 59 2.69 -12.20 -16.71
N ALA A 60 1.88 -13.01 -16.04
CA ALA A 60 2.22 -14.39 -15.73
C ALA A 60 2.64 -15.23 -16.94
N GLU A 61 1.97 -15.03 -18.06
CA GLU A 61 2.26 -15.81 -19.26
C GLU A 61 3.58 -15.44 -19.91
N SER A 62 3.97 -14.19 -19.80
CA SER A 62 5.23 -13.76 -20.40
C SER A 62 6.33 -13.75 -19.36
N ASP A 63 6.14 -14.52 -18.28
CA ASP A 63 7.15 -14.63 -17.23
C ASP A 63 8.18 -15.58 -17.82
N ILE A 64 9.36 -15.08 -18.15
CA ILE A 64 10.38 -15.92 -18.76
C ILE A 64 11.25 -16.70 -17.78
N THR A 65 10.76 -16.86 -16.56
CA THR A 65 11.50 -17.63 -15.57
C THR A 65 10.77 -18.94 -15.37
N VAL A 66 9.47 -18.91 -15.63
CA VAL A 66 8.61 -20.08 -15.47
C VAL A 66 8.63 -20.88 -16.77
N PRO A 67 8.89 -22.19 -16.67
CA PRO A 67 8.93 -23.02 -17.86
C PRO A 67 7.57 -23.07 -18.55
N ASP A 68 7.50 -22.54 -19.76
CA ASP A 68 6.24 -22.55 -20.51
C ASP A 68 5.14 -21.86 -19.70
N ALA A 69 5.48 -20.73 -19.12
CA ALA A 69 4.54 -19.95 -18.31
C ALA A 69 3.18 -19.73 -18.98
N PRO A 70 3.15 -19.63 -20.33
CA PRO A 70 1.84 -19.41 -20.96
C PRO A 70 0.80 -20.46 -20.57
N ALA A 71 1.24 -21.68 -20.24
CA ALA A 71 0.33 -22.75 -19.86
C ALA A 71 -0.19 -22.59 -18.42
N ARG A 72 0.71 -22.28 -17.49
CA ARG A 72 0.31 -22.10 -16.11
C ARG A 72 -0.50 -20.83 -15.94
N ALA A 73 -0.09 -19.77 -16.65
CA ALA A 73 -0.80 -18.49 -16.59
C ALA A 73 -2.25 -18.69 -17.01
N GLU A 74 -2.45 -19.59 -17.98
CA GLU A 74 -3.78 -19.91 -18.49
C GLU A 74 -4.56 -20.63 -17.38
N LYS A 75 -3.92 -21.61 -16.75
CA LYS A 75 -4.58 -22.34 -15.67
C LYS A 75 -4.96 -21.36 -14.57
N PHE A 76 -4.06 -20.43 -14.24
CA PHE A 76 -4.36 -19.42 -13.22
C PHE A 76 -5.64 -18.67 -13.59
N ALA A 77 -5.77 -18.29 -14.86
CA ALA A 77 -6.94 -17.55 -15.31
C ALA A 77 -8.19 -18.41 -15.13
N GLU A 78 -8.14 -19.63 -15.64
CA GLU A 78 -9.27 -20.57 -15.53
C GLU A 78 -9.70 -20.80 -14.09
N ARG A 79 -8.74 -21.11 -13.22
CA ARG A 79 -9.07 -21.37 -11.81
C ARG A 79 -9.54 -20.13 -11.07
N TYR A 80 -8.87 -19.01 -11.27
CA TYR A 80 -9.30 -17.80 -10.56
C TYR A 80 -10.52 -17.13 -11.20
N ALA A 81 -10.92 -17.56 -12.39
CA ALA A 81 -12.11 -16.99 -13.02
C ALA A 81 -13.31 -17.82 -12.61
N GLY A 82 -13.09 -19.13 -12.49
CA GLY A 82 -14.16 -20.03 -12.10
C GLY A 82 -14.55 -19.85 -10.65
N ILE A 83 -13.56 -19.53 -9.82
CA ILE A 83 -13.76 -19.30 -8.38
C ILE A 83 -14.68 -18.09 -8.26
N LEU A 84 -14.34 -17.04 -9.00
CA LEU A 84 -15.16 -15.82 -8.97
C LEU A 84 -16.59 -16.09 -9.50
N GLU A 85 -16.71 -16.96 -10.51
CA GLU A 85 -18.04 -17.30 -11.03
C GLU A 85 -18.77 -18.12 -9.94
N ASP A 86 -18.03 -18.93 -9.19
CA ASP A 86 -18.67 -19.71 -8.10
C ASP A 86 -19.24 -18.76 -7.04
N LEU A 87 -18.47 -17.75 -6.64
CA LEU A 87 -18.91 -16.78 -5.64
C LEU A 87 -20.13 -15.95 -6.09
N LYS A 88 -20.29 -15.75 -7.40
CA LYS A 88 -21.42 -14.99 -7.93
C LYS A 88 -22.72 -15.81 -7.93
N LYS A 89 -22.58 -17.13 -7.95
CA LYS A 89 -23.75 -18.02 -7.92
C LYS A 89 -23.91 -18.62 -6.53
N ASP A 90 -22.86 -18.53 -5.72
CA ASP A 90 -22.89 -19.09 -4.37
C ASP A 90 -21.91 -18.34 -3.46
N PRO A 91 -22.41 -17.31 -2.77
CA PRO A 91 -21.58 -16.50 -1.85
C PRO A 91 -20.83 -17.32 -0.79
N GLU A 92 -21.40 -18.43 -0.35
CA GLU A 92 -20.77 -19.24 0.69
C GLU A 92 -19.61 -20.12 0.19
N SER A 93 -19.41 -20.18 -1.12
CA SER A 93 -18.33 -21.01 -1.67
C SER A 93 -16.96 -20.41 -1.40
N HIS A 94 -15.92 -21.21 -1.65
CA HIS A 94 -14.54 -20.77 -1.50
C HIS A 94 -14.20 -19.97 -0.24
N GLY A 95 -14.95 -20.19 0.83
CA GLY A 95 -14.69 -19.49 2.07
C GLY A 95 -15.39 -18.16 2.21
N GLY A 96 -16.32 -17.88 1.29
CA GLY A 96 -17.06 -16.64 1.31
C GLY A 96 -18.09 -16.55 2.43
N PRO A 97 -18.97 -15.52 2.42
CA PRO A 97 -19.08 -14.42 1.44
C PRO A 97 -17.78 -13.65 1.23
N PRO A 98 -17.60 -13.10 0.03
CA PRO A 98 -16.37 -12.36 -0.25
C PRO A 98 -16.29 -10.95 0.31
N ASP A 99 -15.10 -10.60 0.81
CA ASP A 99 -14.86 -9.23 1.27
C ASP A 99 -13.51 -8.89 0.67
N GLY A 100 -13.21 -7.59 0.56
CA GLY A 100 -11.97 -7.11 -0.02
C GLY A 100 -10.73 -7.95 0.13
N ILE A 101 -10.41 -8.34 1.36
CA ILE A 101 -9.22 -9.15 1.58
C ILE A 101 -9.36 -10.52 0.93
N LEU A 102 -10.54 -11.15 1.04
CA LEU A 102 -10.72 -12.47 0.48
C LEU A 102 -10.47 -12.53 -1.02
N LEU A 103 -10.89 -11.52 -1.77
CA LEU A 103 -10.63 -11.59 -3.20
C LEU A 103 -9.12 -11.53 -3.43
N CYS A 104 -8.40 -10.81 -2.55
CA CYS A 104 -6.93 -10.71 -2.70
C CYS A 104 -6.27 -12.00 -2.24
N ARG A 105 -6.69 -12.48 -1.08
CA ARG A 105 -6.14 -13.70 -0.52
C ARG A 105 -6.24 -14.89 -1.49
N LEU A 106 -7.43 -15.14 -2.01
CA LEU A 106 -7.62 -16.25 -2.93
C LEU A 106 -6.81 -16.10 -4.21
N ARG A 107 -6.47 -14.86 -4.54
CA ARG A 107 -5.67 -14.54 -5.72
C ARG A 107 -4.18 -14.86 -5.47
N GLU A 108 -3.68 -14.57 -4.26
CA GLU A 108 -2.29 -14.91 -3.96
C GLU A 108 -2.18 -16.43 -3.91
N GLN A 109 -3.19 -17.09 -3.35
CA GLN A 109 -3.13 -18.54 -3.26
C GLN A 109 -3.01 -19.22 -4.62
N VAL A 110 -3.88 -18.85 -5.56
CA VAL A 110 -3.84 -19.47 -6.89
C VAL A 110 -2.41 -19.43 -7.45
N LEU A 111 -1.94 -18.23 -7.80
CA LEU A 111 -0.59 -18.07 -8.32
C LEU A 111 0.49 -18.81 -7.55
N ARG A 112 0.34 -18.91 -6.24
CA ARG A 112 1.38 -19.56 -5.47
C ARG A 112 1.30 -21.07 -5.60
N GLU A 113 0.08 -21.58 -5.74
CA GLU A 113 -0.08 -23.03 -5.90
C GLU A 113 0.52 -23.49 -7.24
N LEU A 114 0.31 -22.70 -8.29
CA LEU A 114 0.82 -23.03 -9.63
C LEU A 114 2.33 -22.87 -9.75
N GLY A 115 2.97 -22.37 -8.70
CA GLY A 115 4.42 -22.23 -8.72
C GLY A 115 5.00 -20.86 -9.05
N PHE A 116 4.17 -19.90 -9.44
CA PHE A 116 4.68 -18.57 -9.73
C PHE A 116 5.19 -17.95 -8.44
N ARG A 117 6.31 -17.25 -8.51
CA ARG A 117 6.84 -16.65 -7.30
C ARG A 117 6.98 -15.14 -7.33
N ASP A 118 6.86 -14.54 -8.52
CA ASP A 118 6.94 -13.08 -8.64
C ASP A 118 6.87 -12.68 -10.10
N ILE A 119 5.67 -12.71 -10.67
CA ILE A 119 5.55 -12.37 -12.08
C ILE A 119 5.97 -10.92 -12.35
N PHE A 120 5.83 -10.04 -11.36
CA PHE A 120 6.23 -8.64 -11.56
C PHE A 120 7.69 -8.37 -11.24
N LYS A 121 8.45 -9.42 -10.92
CA LYS A 121 9.84 -9.23 -10.54
C LYS A 121 10.67 -8.37 -11.50
N LYS A 122 10.55 -8.62 -12.81
CA LYS A 122 11.32 -7.83 -13.75
C LYS A 122 10.74 -6.44 -14.00
N VAL A 123 9.41 -6.35 -14.11
CA VAL A 123 8.76 -5.06 -14.38
C VAL A 123 9.01 -4.12 -13.19
N LYS A 124 9.23 -4.72 -12.02
CA LYS A 124 9.55 -3.98 -10.80
C LYS A 124 11.02 -3.56 -10.93
N ASP A 125 11.94 -4.54 -10.83
CA ASP A 125 13.37 -4.26 -10.93
C ASP A 125 13.68 -3.18 -11.97
N GLU A 126 12.95 -3.15 -13.08
CA GLU A 126 13.21 -2.15 -14.11
C GLU A 126 12.90 -0.74 -13.62
N GLU A 127 11.87 -0.62 -12.79
CA GLU A 127 11.51 0.70 -12.27
C GLU A 127 12.25 1.05 -10.98
N ASN A 128 12.77 0.03 -10.29
CA ASN A 128 13.54 0.28 -9.06
C ASN A 128 14.81 1.01 -9.47
N ALA A 129 15.58 0.35 -10.33
CA ALA A 129 16.84 0.92 -10.82
C ALA A 129 16.66 2.35 -11.35
N LYS A 130 15.64 2.58 -12.19
CA LYS A 130 15.43 3.94 -12.71
C LYS A 130 15.22 4.98 -11.62
N ALA A 131 14.30 4.71 -10.69
CA ALA A 131 14.03 5.66 -9.62
C ALA A 131 15.30 5.92 -8.77
N ILE A 132 16.10 4.89 -8.57
CA ILE A 132 17.32 5.03 -7.78
C ILE A 132 18.29 6.08 -8.36
N SER A 133 18.41 6.10 -9.69
CA SER A 133 19.31 7.07 -10.33
C SER A 133 18.79 8.51 -10.25
N LEU A 134 17.50 8.67 -9.93
CA LEU A 134 16.87 9.98 -9.82
C LEU A 134 16.69 10.43 -8.37
N PHE A 135 17.07 9.57 -7.43
CA PHE A 135 16.90 9.92 -6.02
C PHE A 135 17.63 11.21 -5.66
N PRO A 136 18.97 11.26 -5.84
CA PRO A 136 19.64 12.51 -5.48
C PRO A 136 19.00 13.70 -6.15
N GLN A 137 18.50 13.49 -7.36
CA GLN A 137 17.87 14.58 -8.08
C GLN A 137 16.55 14.93 -7.42
N VAL A 138 15.70 13.92 -7.25
CA VAL A 138 14.40 14.19 -6.64
C VAL A 138 14.48 14.78 -5.25
N VAL A 139 15.48 14.36 -4.48
CA VAL A 139 15.66 14.90 -3.12
C VAL A 139 16.24 16.30 -3.17
N SER A 140 17.19 16.55 -4.08
CA SER A 140 17.79 17.88 -4.19
C SER A 140 16.71 18.95 -4.27
N LEU A 141 15.70 18.69 -5.08
CA LEU A 141 14.60 19.65 -5.25
C LEU A 141 13.93 19.91 -3.90
N SER A 142 13.31 18.90 -3.30
CA SER A 142 12.66 19.15 -2.02
C SER A 142 13.56 19.94 -1.08
N ASP A 143 14.84 19.60 -1.03
CA ASP A 143 15.75 20.30 -0.13
C ASP A 143 15.84 21.79 -0.45
N ALA A 144 15.54 22.18 -1.68
CA ALA A 144 15.61 23.60 -2.08
C ALA A 144 14.48 24.50 -1.62
N ILE A 145 13.39 23.89 -1.14
CA ILE A 145 12.25 24.69 -0.67
C ILE A 145 12.58 25.20 0.71
N GLU A 146 12.49 26.52 0.89
CA GLU A 146 12.81 27.20 2.14
C GLU A 146 11.83 26.97 3.28
N ASP A 147 10.54 27.15 2.98
CA ASP A 147 9.51 27.00 4.02
C ASP A 147 9.32 25.53 4.38
N ASP A 148 9.39 25.20 5.68
CA ASP A 148 9.23 23.83 6.15
C ASP A 148 7.87 23.25 5.83
N GLY A 149 6.82 24.05 5.95
CA GLY A 149 5.49 23.56 5.65
C GLY A 149 5.34 23.28 4.17
N LYS A 150 5.82 24.20 3.34
CA LYS A 150 5.73 24.01 1.90
C LYS A 150 6.55 22.81 1.45
N ARG A 151 7.68 22.55 2.10
CA ARG A 151 8.47 21.39 1.71
C ARG A 151 7.72 20.12 2.08
N LEU A 152 6.99 20.17 3.19
CA LEU A 152 6.20 19.01 3.60
C LEU A 152 5.23 18.73 2.48
N GLU A 153 4.65 19.80 1.92
CA GLU A 153 3.69 19.60 0.85
C GLU A 153 4.34 18.96 -0.37
N ASN A 154 5.50 19.45 -0.79
CA ASN A 154 6.19 18.90 -1.95
C ASN A 154 6.24 17.38 -1.86
N LEU A 155 6.86 16.85 -0.79
CA LEU A 155 6.97 15.39 -0.58
C LEU A 155 5.62 14.71 -0.78
N VAL A 156 4.69 14.97 0.15
CA VAL A 156 3.34 14.40 0.05
C VAL A 156 2.95 14.37 -1.44
N ARG A 157 2.72 15.53 -2.06
CA ARG A 157 2.39 15.51 -3.49
C ARG A 157 3.25 14.47 -4.25
N GLY A 158 4.50 14.29 -3.81
CA GLY A 158 5.36 13.29 -4.43
C GLY A 158 4.93 11.88 -4.03
N ILE A 159 4.46 11.70 -2.80
CA ILE A 159 4.00 10.37 -2.40
C ILE A 159 2.69 10.11 -3.15
N PHE A 160 1.90 11.16 -3.35
CA PHE A 160 0.68 10.96 -4.11
C PHE A 160 0.96 10.55 -5.55
N ALA A 161 1.91 11.22 -6.19
CA ALA A 161 2.28 10.93 -7.57
C ALA A 161 3.06 9.61 -7.68
N GLY A 162 3.61 9.16 -6.55
CA GLY A 162 4.33 7.90 -6.58
C GLY A 162 3.31 6.78 -6.78
N ASN A 163 2.08 7.00 -6.33
CA ASN A 163 1.01 6.00 -6.48
C ASN A 163 0.65 5.69 -7.94
N ILE A 164 0.77 6.68 -8.81
CA ILE A 164 0.47 6.48 -10.24
C ILE A 164 1.71 6.25 -11.11
N PHE A 165 2.76 7.02 -10.85
CA PHE A 165 4.01 6.93 -11.61
C PHE A 165 5.09 6.24 -10.79
N MET A 181 6.19 13.69 -19.80
CA MET A 181 5.65 12.80 -18.79
C MET A 181 6.76 12.24 -17.88
N SER A 182 6.57 12.36 -16.57
CA SER A 182 7.56 11.87 -15.61
C SER A 182 7.01 12.03 -14.20
N PHE A 183 7.68 11.38 -13.24
CA PHE A 183 7.29 11.46 -11.84
C PHE A 183 7.18 12.93 -11.42
N LEU A 184 8.19 13.73 -11.76
CA LEU A 184 8.16 15.14 -11.38
C LEU A 184 6.98 15.90 -12.01
N ALA A 185 6.72 15.64 -13.29
CA ALA A 185 5.62 16.32 -13.96
C ALA A 185 4.34 15.77 -13.31
N SER A 186 4.30 14.46 -13.10
CA SER A 186 3.16 13.80 -12.48
C SER A 186 2.87 14.39 -11.09
N CYS A 187 3.89 14.93 -10.44
CA CYS A 187 3.73 15.54 -9.11
C CYS A 187 2.84 16.78 -9.14
N GLN A 188 3.27 17.80 -9.88
CA GLN A 188 2.53 19.03 -9.96
C GLN A 188 1.19 18.91 -10.70
N ASN A 189 0.76 17.68 -10.99
CA ASN A 189 -0.48 17.49 -11.72
C ASN A 189 -1.57 16.63 -11.09
N LEU A 190 -1.69 16.65 -9.76
CA LEU A 190 -2.73 15.87 -9.09
C LEU A 190 -4.09 16.53 -9.24
N VAL A 191 -5.16 15.77 -8.98
CA VAL A 191 -6.49 16.34 -9.06
C VAL A 191 -6.47 17.56 -8.13
N PRO A 192 -7.27 18.59 -8.43
CA PRO A 192 -7.30 19.79 -7.59
C PRO A 192 -7.86 19.62 -6.18
N ARG A 193 -7.32 20.38 -5.24
CA ARG A 193 -7.80 20.34 -3.86
C ARG A 193 -9.05 21.22 -3.80
N PRO A 194 -9.87 21.03 -2.76
CA PRO A 194 -9.73 20.08 -1.65
C PRO A 194 -9.73 18.62 -2.10
N TRP A 195 -8.81 17.82 -1.53
CA TRP A 195 -8.79 16.40 -1.85
C TRP A 195 -10.02 15.75 -1.20
N VAL A 196 -10.43 14.58 -1.70
CA VAL A 196 -11.66 13.92 -1.20
C VAL A 196 -11.63 13.79 0.33
N ILE A 197 -10.45 13.47 0.87
CA ILE A 197 -10.21 13.44 2.31
C ILE A 197 -8.95 14.28 2.34
N ASP A 198 -9.03 15.44 2.98
CA ASP A 198 -7.94 16.39 2.96
C ASP A 198 -7.62 16.97 4.35
N ASP A 199 -6.82 16.24 5.11
CA ASP A 199 -6.44 16.66 6.46
C ASP A 199 -5.03 17.27 6.46
N LEU A 200 -4.57 17.73 5.32
CA LEU A 200 -3.21 18.28 5.21
C LEU A 200 -2.93 19.49 6.11
N GLU A 201 -3.95 20.28 6.40
CA GLU A 201 -3.76 21.45 7.25
C GLU A 201 -3.41 21.04 8.68
N ASN A 202 -4.12 20.05 9.20
CA ASN A 202 -3.87 19.60 10.57
C ASN A 202 -2.50 18.94 10.71
N PHE A 203 -2.20 18.03 9.81
CA PHE A 203 -0.93 17.30 9.88
C PHE A 203 0.22 18.30 9.94
N GLN A 204 0.27 19.18 8.95
CA GLN A 204 1.31 20.20 8.84
C GLN A 204 1.36 21.04 10.13
N ALA A 205 0.21 21.46 10.63
CA ALA A 205 0.16 22.26 11.85
C ALA A 205 0.90 21.53 12.95
N LYS A 206 0.75 20.20 13.03
CA LYS A 206 1.47 19.45 14.06
C LYS A 206 2.87 19.07 13.63
N TRP A 207 3.10 19.11 12.33
CA TRP A 207 4.39 18.78 11.75
C TRP A 207 5.42 19.89 12.00
N ILE A 208 5.02 21.15 11.82
CA ILE A 208 5.95 22.25 12.01
C ILE A 208 6.29 22.44 13.49
N ASN A 209 5.42 22.02 14.39
CA ASN A 209 5.75 22.12 15.80
C ASN A 209 6.75 21.00 16.02
N LYS A 210 6.84 20.13 15.00
CA LYS A 210 7.72 18.97 14.99
C LYS A 210 7.68 18.25 16.32
N SER A 211 6.69 17.38 16.48
CA SER A 211 6.50 16.64 17.71
C SER A 211 6.52 15.11 17.59
N TRP A 212 6.61 14.59 16.36
CA TRP A 212 6.65 13.14 16.16
C TRP A 212 8.05 12.57 16.30
N LYS A 213 8.18 11.51 17.09
CA LYS A 213 9.48 10.89 17.34
C LYS A 213 9.70 9.50 16.74
N LYS A 214 8.62 8.79 16.44
CA LYS A 214 8.74 7.44 15.90
C LYS A 214 7.59 7.09 14.94
N ALA A 215 7.89 7.08 13.64
CA ALA A 215 6.87 6.75 12.60
C ALA A 215 6.96 5.30 12.11
N VAL A 216 5.79 4.67 11.92
CA VAL A 216 5.69 3.30 11.40
C VAL A 216 4.86 3.46 10.12
N ILE A 217 5.48 3.24 8.96
CA ILE A 217 4.84 3.40 7.64
C ILE A 217 4.74 2.07 6.89
N PHE A 218 3.56 1.80 6.33
CA PHE A 218 3.35 0.58 5.56
C PHE A 218 3.47 1.00 4.10
N VAL A 219 4.44 0.43 3.40
CA VAL A 219 4.68 0.80 2.02
C VAL A 219 3.99 -0.08 0.99
N ASP A 220 3.82 0.49 -0.19
CA ASP A 220 3.09 -0.15 -1.28
C ASP A 220 3.92 -0.52 -2.51
N ASN A 221 3.92 0.33 -3.52
CA ASN A 221 4.61 -0.03 -4.76
C ASN A 221 6.11 0.16 -4.85
N SER A 222 6.69 -0.59 -5.79
CA SER A 222 8.10 -0.52 -6.07
C SER A 222 8.38 0.70 -6.94
N GLY A 223 9.61 0.73 -7.46
CA GLY A 223 10.03 1.79 -8.34
C GLY A 223 9.78 3.23 -7.94
N ALA A 224 9.30 4.02 -8.89
CA ALA A 224 9.08 5.45 -8.64
C ALA A 224 8.40 5.71 -7.31
N ASP A 225 7.78 4.67 -6.75
CA ASP A 225 7.06 4.84 -5.50
C ASP A 225 7.91 4.70 -4.25
N ILE A 226 8.43 3.49 -4.01
CA ILE A 226 9.22 3.25 -2.79
C ILE A 226 10.61 3.89 -2.81
N ILE A 227 10.71 5.07 -3.42
CA ILE A 227 12.04 5.71 -3.50
C ILE A 227 12.03 7.21 -3.64
N LEU A 228 11.10 7.73 -4.42
CA LEU A 228 11.03 9.16 -4.70
C LEU A 228 9.93 9.87 -3.92
N GLY A 229 9.01 9.09 -3.38
CA GLY A 229 7.90 9.63 -2.60
C GLY A 229 8.15 9.21 -1.16
N ILE A 230 8.05 7.92 -0.89
CA ILE A 230 8.26 7.40 0.46
C ILE A 230 9.69 7.58 0.95
N LEU A 231 10.68 7.60 0.06
CA LEU A 231 12.02 7.73 0.60
C LEU A 231 12.53 9.16 0.81
N PRO A 232 11.88 10.17 0.23
CA PRO A 232 12.42 11.52 0.51
C PRO A 232 11.69 12.06 1.74
N PHE A 233 10.42 11.69 1.86
CA PHE A 233 9.56 12.07 2.98
C PHE A 233 10.12 11.42 4.24
N ALA A 234 10.49 10.14 4.14
CA ALA A 234 11.07 9.40 5.25
C ALA A 234 12.37 10.08 5.68
N ARG A 235 13.06 10.65 4.71
CA ARG A 235 14.33 11.35 4.95
C ARG A 235 14.11 12.66 5.68
N GLU A 236 13.01 13.35 5.35
CA GLU A 236 12.69 14.60 6.02
C GLU A 236 12.44 14.31 7.49
N LEU A 237 11.58 13.33 7.78
CA LEU A 237 11.30 12.97 9.18
C LEU A 237 12.60 12.82 9.98
N LEU A 238 13.52 12.03 9.43
CA LEU A 238 14.80 11.81 10.09
C LEU A 238 15.48 13.15 10.28
N ARG A 239 15.61 13.88 9.17
CA ARG A 239 16.25 15.19 9.18
C ARG A 239 15.68 16.10 10.26
N ARG A 240 14.48 15.75 10.74
CA ARG A 240 13.83 16.52 11.78
C ARG A 240 13.96 15.85 13.16
N GLY A 241 14.50 14.64 13.17
CA GLY A 241 14.72 13.95 14.44
C GLY A 241 14.01 12.64 14.73
N ALA A 242 13.00 12.30 13.97
CA ALA A 242 12.28 11.07 14.24
C ALA A 242 12.98 9.81 13.75
N GLN A 243 12.61 8.67 14.33
CA GLN A 243 13.11 7.37 13.89
C GLN A 243 12.05 6.99 12.82
N VAL A 244 12.46 6.34 11.75
CA VAL A 244 11.51 5.95 10.70
C VAL A 244 11.50 4.46 10.46
N VAL A 245 10.38 3.81 10.77
CA VAL A 245 10.24 2.36 10.53
C VAL A 245 9.44 2.19 9.21
N LEU A 246 10.06 1.63 8.18
CA LEU A 246 9.36 1.39 6.92
C LEU A 246 8.97 -0.08 6.94
N ALA A 247 7.68 -0.34 7.07
CA ALA A 247 7.17 -1.70 7.14
C ALA A 247 6.75 -2.14 5.76
N ALA A 248 7.28 -3.27 5.29
CA ALA A 248 6.97 -3.77 3.96
C ALA A 248 6.53 -5.24 3.92
N ASN A 249 5.91 -5.63 2.81
CA ASN A 249 5.45 -6.99 2.56
C ASN A 249 6.57 -8.01 2.73
N GLU A 250 6.21 -9.19 3.26
CA GLU A 250 7.18 -10.28 3.43
C GLU A 250 7.35 -10.93 2.06
N LEU A 251 6.20 -11.18 1.42
CA LEU A 251 6.13 -11.84 0.12
C LEU A 251 5.61 -10.95 -1.01
N PRO A 252 6.00 -11.26 -2.25
CA PRO A 252 5.53 -10.45 -3.39
C PRO A 252 4.00 -10.46 -3.56
N SER A 253 3.47 -9.32 -3.97
CA SER A 253 2.04 -9.16 -4.26
C SER A 253 1.96 -8.02 -5.29
N ILE A 254 1.64 -8.37 -6.55
CA ILE A 254 1.56 -7.41 -7.65
C ILE A 254 2.93 -6.71 -7.76
N ASN A 255 2.93 -5.39 -7.94
CA ASN A 255 4.19 -4.64 -8.05
C ASN A 255 4.71 -4.18 -6.69
N ASP A 256 4.11 -4.65 -5.61
CA ASP A 256 4.56 -4.23 -4.30
C ASP A 256 5.96 -4.73 -4.03
N ILE A 257 6.72 -3.93 -3.31
CA ILE A 257 8.10 -4.27 -2.97
C ILE A 257 8.07 -5.02 -1.63
N THR A 258 9.15 -5.73 -1.30
CA THR A 258 9.20 -6.47 -0.04
C THR A 258 10.22 -5.87 0.92
N CYS A 259 10.24 -6.43 2.12
CA CYS A 259 11.14 -6.01 3.18
C CYS A 259 12.61 -6.16 2.79
N THR A 260 12.94 -7.30 2.17
CA THR A 260 14.31 -7.56 1.75
C THR A 260 14.67 -6.72 0.52
N GLU A 261 13.71 -6.51 -0.37
CA GLU A 261 13.98 -5.72 -1.56
C GLU A 261 14.29 -4.28 -1.14
N LEU A 262 13.53 -3.77 -0.17
CA LEU A 262 13.72 -2.40 0.31
C LEU A 262 15.08 -2.23 0.97
N THR A 263 15.46 -3.24 1.77
CA THR A 263 16.76 -3.20 2.42
C THR A 263 17.85 -3.13 1.34
N GLU A 264 17.66 -3.89 0.26
CA GLU A 264 18.59 -3.93 -0.86
C GLU A 264 18.60 -2.59 -1.61
N ILE A 265 17.42 -2.03 -1.84
CA ILE A 265 17.31 -0.73 -2.51
C ILE A 265 18.05 0.34 -1.70
N LEU A 266 17.86 0.32 -0.38
CA LEU A 266 18.51 1.29 0.49
C LEU A 266 20.03 1.16 0.36
N SER A 267 20.50 -0.08 0.32
CA SER A 267 21.93 -0.34 0.15
C SER A 267 22.43 0.41 -1.07
N GLN A 268 21.72 0.23 -2.18
CA GLN A 268 22.12 0.88 -3.43
C GLN A 268 22.07 2.40 -3.35
N LEU A 269 21.20 2.94 -2.50
CA LEU A 269 21.09 4.38 -2.36
C LEU A 269 22.07 4.97 -1.34
N LYS A 270 22.35 4.23 -0.27
CA LYS A 270 23.26 4.68 0.78
C LYS A 270 24.72 4.54 0.34
N ASN A 273 29.01 6.79 3.63
CA ASN A 273 28.87 7.02 5.07
C ASN A 273 27.56 6.43 5.54
N GLY A 274 26.91 5.66 4.66
CA GLY A 274 25.63 5.06 5.01
C GLY A 274 24.58 6.15 5.06
N GLN A 275 24.88 7.28 4.44
CA GLN A 275 23.95 8.41 4.42
C GLN A 275 23.09 8.42 3.17
N LEU A 276 21.94 9.08 3.26
CA LEU A 276 21.06 9.23 2.12
C LEU A 276 21.18 10.70 1.76
N LEU A 277 22.10 11.01 0.84
CA LEU A 277 22.32 12.39 0.43
C LEU A 277 22.59 13.28 1.63
N GLY A 278 23.58 12.88 2.44
CA GLY A 278 23.96 13.65 3.59
C GLY A 278 23.19 13.40 4.88
N VAL A 279 22.16 12.57 4.83
CA VAL A 279 21.37 12.28 6.03
C VAL A 279 21.67 10.88 6.56
N ASP A 280 21.93 10.81 7.86
CA ASP A 280 22.23 9.55 8.52
C ASP A 280 21.02 8.62 8.55
N THR A 281 21.27 7.33 8.34
CA THR A 281 20.20 6.33 8.31
C THR A 281 20.21 5.35 9.49
N SER A 282 20.92 5.71 10.56
CA SER A 282 20.98 4.84 11.74
C SER A 282 19.60 4.60 12.36
N LYS A 283 18.69 5.56 12.19
CA LYS A 283 17.34 5.42 12.75
C LYS A 283 16.31 5.01 11.70
N LEU A 284 16.79 4.54 10.56
CA LEU A 284 15.94 4.05 9.48
C LEU A 284 15.97 2.51 9.51
N LEU A 285 14.86 1.91 9.91
CA LEU A 285 14.77 0.45 9.98
C LEU A 285 13.80 -0.08 8.93
N ILE A 286 14.16 -1.19 8.30
CA ILE A 286 13.32 -1.84 7.28
C ILE A 286 12.76 -3.10 7.94
N ALA A 287 11.44 -3.14 8.11
CA ALA A 287 10.78 -4.25 8.77
C ALA A 287 9.91 -5.10 7.85
N ASN A 288 9.92 -6.40 8.10
CA ASN A 288 9.09 -7.36 7.36
C ASN A 288 7.76 -7.27 8.09
N SER A 289 6.67 -7.04 7.36
CA SER A 289 5.36 -6.91 8.00
C SER A 289 4.63 -8.24 8.17
N GLY A 290 5.10 -9.25 7.46
CA GLY A 290 4.46 -10.56 7.50
C GLY A 290 3.33 -10.71 6.52
N ASN A 291 3.06 -9.67 5.73
CA ASN A 291 1.94 -9.72 4.78
C ASN A 291 2.32 -10.25 3.42
N ASP A 292 1.34 -10.74 2.68
CA ASP A 292 1.60 -11.33 1.37
C ASP A 292 0.51 -10.88 0.41
N LEU A 293 -0.10 -9.74 0.72
CA LEU A 293 -1.21 -9.20 -0.07
C LEU A 293 -0.97 -7.73 -0.42
N PRO A 294 -1.87 -7.13 -1.24
CA PRO A 294 -1.78 -5.72 -1.64
C PRO A 294 -2.70 -4.83 -0.78
N VAL A 295 -3.21 -5.40 0.30
CA VAL A 295 -4.04 -4.73 1.30
C VAL A 295 -3.55 -5.33 2.63
N ILE A 296 -3.89 -4.75 3.77
CA ILE A 296 -3.40 -5.38 5.02
C ILE A 296 -4.40 -5.47 6.17
N ASP A 297 -4.43 -6.65 6.79
CA ASP A 297 -5.25 -6.95 7.95
C ASP A 297 -4.26 -6.75 9.09
N LEU A 298 -4.38 -5.61 9.79
CA LEU A 298 -3.44 -5.24 10.86
C LEU A 298 -3.61 -6.06 12.13
N SER A 299 -4.67 -6.86 12.21
CA SER A 299 -4.84 -7.70 13.41
C SER A 299 -3.87 -8.89 13.36
N ARG A 300 -3.21 -9.07 12.21
CA ARG A 300 -2.26 -10.16 12.00
C ARG A 300 -0.98 -9.71 11.31
N VAL A 301 0.02 -9.32 12.10
CA VAL A 301 1.32 -8.91 11.56
C VAL A 301 2.43 -9.65 12.28
N SER A 302 3.65 -9.40 11.87
CA SER A 302 4.82 -10.06 12.45
C SER A 302 5.26 -9.50 13.81
N GLN A 303 5.92 -10.34 14.61
CA GLN A 303 6.42 -9.92 15.91
C GLN A 303 7.55 -8.92 15.67
N GLU A 304 8.20 -9.09 14.53
CA GLU A 304 9.29 -8.20 14.12
C GLU A 304 8.72 -6.77 14.06
N LEU A 305 7.59 -6.59 13.38
CA LEU A 305 6.96 -5.28 13.26
C LEU A 305 6.27 -4.89 14.57
N ALA A 306 5.67 -5.86 15.24
CA ALA A 306 5.00 -5.59 16.50
C ALA A 306 6.01 -5.01 17.49
N TYR A 307 7.20 -5.59 17.54
CA TYR A 307 8.25 -5.08 18.42
C TYR A 307 8.70 -3.67 18.03
N LEU A 308 9.01 -3.46 16.74
CA LEU A 308 9.46 -2.14 16.29
C LEU A 308 8.41 -1.02 16.38
N SER A 309 7.14 -1.38 16.58
CA SER A 309 6.10 -0.36 16.67
C SER A 309 5.52 -0.14 18.06
N SER A 310 5.95 -0.93 19.03
CA SER A 310 5.44 -0.80 20.40
C SER A 310 5.45 0.63 20.96
N ASP A 311 6.43 1.43 20.55
CA ASP A 311 6.55 2.82 20.99
C ASP A 311 6.38 3.78 19.81
N ALA A 312 5.18 3.82 19.25
CA ALA A 312 4.95 4.69 18.08
C ALA A 312 4.09 5.89 18.41
N ASP A 313 4.30 6.99 17.69
CA ASP A 313 3.48 8.20 17.91
C ASP A 313 2.94 8.74 16.59
N LEU A 314 3.00 7.91 15.56
CA LEU A 314 2.50 8.23 14.22
C LEU A 314 2.59 6.96 13.36
N VAL A 315 1.45 6.49 12.87
CA VAL A 315 1.45 5.29 12.01
C VAL A 315 1.04 5.78 10.61
N ILE A 316 1.39 5.03 9.57
CA ILE A 316 1.07 5.39 8.17
C ILE A 316 1.02 4.16 7.26
N VAL A 317 -0.12 3.94 6.60
CA VAL A 317 -0.30 2.81 5.69
C VAL A 317 -0.45 3.41 4.29
N GLU A 318 0.52 3.10 3.43
CA GLU A 318 0.55 3.65 2.06
C GLU A 318 -0.18 2.85 0.99
N GLY A 319 -0.51 3.55 -0.09
CA GLY A 319 -1.20 2.93 -1.21
C GLY A 319 -2.69 2.86 -1.00
N MET A 320 -3.44 2.82 -2.10
CA MET A 320 -4.88 2.72 -1.99
C MET A 320 -5.18 1.42 -1.25
N GLY A 321 -4.34 0.42 -1.48
CA GLY A 321 -4.52 -0.88 -0.83
C GLY A 321 -4.44 -0.86 0.68
N ARG A 322 -3.40 -0.25 1.22
CA ARG A 322 -3.24 -0.19 2.69
C ARG A 322 -3.87 1.00 3.44
N GLY A 323 -4.14 2.08 2.71
CA GLY A 323 -4.73 3.25 3.31
C GLY A 323 -6.24 3.47 3.16
N ILE A 324 -6.86 2.89 2.14
CA ILE A 324 -8.30 3.07 1.93
C ILE A 324 -9.18 1.78 1.89
N GLU A 325 -8.94 0.85 0.96
CA GLU A 325 -9.74 -0.39 0.89
C GLU A 325 -9.61 -1.24 2.14
N THR A 326 -8.53 -1.02 2.86
CA THR A 326 -8.30 -1.65 4.14
C THR A 326 -7.54 -0.57 4.87
N ASN A 327 -8.03 -0.16 6.04
CA ASN A 327 -7.37 0.83 6.87
C ASN A 327 -7.51 2.32 6.49
N LEU A 328 -8.73 2.84 6.66
CA LEU A 328 -9.03 4.23 6.37
C LEU A 328 -9.55 4.94 7.62
N TYR A 329 -10.60 4.34 8.20
CA TYR A 329 -11.27 4.82 9.41
C TYR A 329 -10.78 4.11 10.66
N ALA A 330 -9.69 3.35 10.54
CA ALA A 330 -9.18 2.64 11.73
C ALA A 330 -8.88 3.68 12.78
N GLN A 331 -8.81 3.23 14.02
CA GLN A 331 -8.50 4.16 15.10
C GLN A 331 -7.22 3.63 15.72
N PHE A 332 -6.30 4.53 16.02
CA PHE A 332 -5.03 4.13 16.60
C PHE A 332 -4.76 4.86 17.91
N LYS A 333 -4.01 4.20 18.81
CA LYS A 333 -3.65 4.79 20.12
C LYS A 333 -2.85 6.07 19.92
N CYS A 334 -2.18 6.17 18.77
CA CYS A 334 -1.33 7.31 18.44
C CYS A 334 -1.81 7.95 17.14
N ASP A 335 -1.06 8.95 16.71
CA ASP A 335 -1.41 9.63 15.46
C ASP A 335 -1.23 8.68 14.28
N SER A 336 -2.13 8.76 13.30
CA SER A 336 -2.02 7.89 12.14
C SER A 336 -2.25 8.67 10.88
N LEU A 337 -2.17 7.97 9.77
CA LEU A 337 -2.35 8.54 8.44
C LEU A 337 -2.57 7.42 7.44
N LYS A 338 -3.55 7.61 6.56
CA LYS A 338 -3.86 6.68 5.49
C LYS A 338 -3.54 7.47 4.23
N ILE A 339 -2.77 6.89 3.33
CA ILE A 339 -2.36 7.61 2.10
C ILE A 339 -2.26 6.73 0.84
N GLY A 340 -3.21 6.91 -0.06
CA GLY A 340 -3.18 6.11 -1.26
C GLY A 340 -4.05 6.64 -2.38
N MET A 341 -3.41 7.16 -3.43
CA MET A 341 -4.19 7.65 -4.58
C MET A 341 -5.29 6.65 -4.92
N VAL A 342 -6.48 7.15 -5.24
CA VAL A 342 -7.63 6.27 -5.57
C VAL A 342 -7.54 5.82 -7.02
N LYS A 343 -7.41 4.51 -7.24
CA LYS A 343 -7.26 3.93 -8.58
C LYS A 343 -8.39 3.03 -9.08
N HIS A 344 -9.43 2.89 -8.26
CA HIS A 344 -10.62 2.11 -8.63
C HIS A 344 -11.76 3.12 -8.73
N LEU A 345 -12.39 3.25 -9.91
CA LEU A 345 -13.51 4.18 -10.03
C LEU A 345 -14.51 3.91 -8.89
N GLU A 346 -14.59 2.63 -8.50
CA GLU A 346 -15.50 2.15 -7.46
C GLU A 346 -15.09 2.59 -6.06
N VAL A 347 -13.81 2.94 -5.91
CA VAL A 347 -13.34 3.43 -4.63
C VAL A 347 -13.56 4.95 -4.66
N ALA A 348 -13.25 5.59 -5.79
CA ALA A 348 -13.52 7.01 -5.86
C ALA A 348 -15.03 7.15 -5.58
N GLU A 349 -15.82 6.24 -6.14
CA GLU A 349 -17.28 6.25 -5.96
C GLU A 349 -17.65 6.18 -4.48
N PHE A 350 -17.29 5.07 -3.82
CA PHE A 350 -17.58 4.86 -2.39
C PHE A 350 -17.26 6.08 -1.52
N LEU A 351 -16.21 6.83 -1.88
CA LEU A 351 -15.79 7.99 -1.10
C LEU A 351 -16.41 9.32 -1.53
N GLY A 352 -17.14 9.28 -2.63
CA GLY A 352 -17.74 10.50 -3.17
C GLY A 352 -16.64 11.31 -3.84
N GLY A 353 -15.65 10.60 -4.37
CA GLY A 353 -14.53 11.27 -5.03
C GLY A 353 -14.37 11.02 -6.52
N ARG A 354 -13.26 11.51 -7.06
CA ARG A 354 -12.89 11.39 -8.47
C ARG A 354 -11.94 10.22 -8.69
N LEU A 355 -11.90 9.67 -9.91
CA LEU A 355 -10.91 8.63 -10.14
C LEU A 355 -9.64 9.47 -9.96
N TYR A 356 -8.62 8.87 -9.33
CA TYR A 356 -7.36 9.53 -9.04
C TYR A 356 -7.43 10.59 -7.92
N ASP A 357 -8.53 10.64 -7.17
CA ASP A 357 -8.61 11.61 -6.07
C ASP A 357 -7.55 11.16 -5.06
N CYS A 358 -6.99 12.10 -4.31
CA CYS A 358 -5.98 11.77 -3.29
C CYS A 358 -6.60 11.81 -1.93
N VAL A 359 -6.38 10.77 -1.13
CA VAL A 359 -6.92 10.73 0.22
C VAL A 359 -5.77 11.04 1.17
N PHE A 360 -6.00 11.96 2.11
CA PHE A 360 -5.01 12.32 3.14
C PHE A 360 -5.90 12.41 4.38
N LYS A 361 -5.94 11.31 5.14
CA LYS A 361 -6.79 11.23 6.32
C LYS A 361 -5.96 11.16 7.60
N PHE A 362 -5.84 12.31 8.24
CA PHE A 362 -5.06 12.45 9.46
C PHE A 362 -5.93 12.58 10.70
N ASN A 363 -5.61 11.78 11.71
CA ASN A 363 -6.34 11.78 12.98
C ASN A 363 -5.32 11.90 14.11
N GLU A 364 -5.42 12.98 14.87
CA GLU A 364 -4.48 13.24 15.96
C GLU A 364 -5.06 12.89 17.32
N VAL A 365 -4.27 12.18 18.12
CA VAL A 365 -4.60 11.77 19.49
C VAL A 365 -5.51 10.55 19.56
MG MG B . 0.62 -1.85 -5.00
MG MG C . -6.25 -4.38 -4.20
N GLU A 6 1.77 -17.49 14.37
CA GLU A 6 2.99 -16.73 14.79
C GLU A 6 2.87 -15.24 14.49
N MET A 7 1.63 -14.80 14.29
CA MET A 7 1.33 -13.41 14.02
C MET A 7 0.60 -12.81 15.21
N VAL A 8 0.78 -11.52 15.41
CA VAL A 8 0.13 -10.82 16.51
C VAL A 8 -0.45 -9.51 15.99
N PRO A 9 -1.34 -8.89 16.78
CA PRO A 9 -1.95 -7.62 16.38
C PRO A 9 -0.94 -6.49 16.35
N PHE A 10 -1.00 -5.64 15.33
CA PHE A 10 -0.10 -4.50 15.25
C PHE A 10 -0.35 -3.79 16.60
N PRO A 11 0.73 -3.52 17.37
CA PRO A 11 0.62 -2.87 18.68
C PRO A 11 -0.10 -1.55 18.85
N GLN A 12 -0.27 -0.78 17.77
CA GLN A 12 -0.96 0.49 17.89
C GLN A 12 -2.48 0.37 17.71
N LEU A 13 -2.99 -0.85 17.58
CA LEU A 13 -4.45 -1.05 17.52
C LEU A 13 -4.94 -1.18 18.96
N PRO A 14 -5.90 -0.34 19.40
CA PRO A 14 -6.40 -0.44 20.78
C PRO A 14 -6.90 -1.86 21.02
N MET A 15 -6.39 -2.50 22.07
CA MET A 15 -6.78 -3.87 22.41
C MET A 15 -7.74 -3.81 23.61
N PRO A 16 -8.80 -4.63 23.60
CA PRO A 16 -9.18 -5.59 22.56
C PRO A 16 -9.63 -5.00 21.21
N ILE A 17 -9.15 -5.60 20.13
CA ILE A 17 -9.50 -5.16 18.79
C ILE A 17 -10.82 -5.82 18.41
N GLU A 18 -11.20 -6.82 19.19
CA GLU A 18 -12.45 -7.54 18.98
C GLU A 18 -13.61 -6.54 18.95
N ASN A 19 -14.41 -6.61 17.90
CA ASN A 19 -15.56 -5.73 17.73
C ASN A 19 -15.25 -4.26 17.47
N ASN A 20 -13.97 -3.90 17.45
CA ASN A 20 -13.57 -2.51 17.18
C ASN A 20 -12.87 -2.42 15.82
N TYR A 21 -11.75 -3.12 15.67
CA TYR A 21 -11.04 -3.12 14.38
C TYR A 21 -11.85 -3.90 13.34
N ARG A 22 -11.83 -3.43 12.11
CA ARG A 22 -12.52 -4.10 11.02
C ARG A 22 -11.71 -3.62 9.81
N ALA A 23 -10.67 -4.38 9.49
CA ALA A 23 -9.77 -4.03 8.40
C ALA A 23 -10.48 -3.58 7.15
N CYS A 24 -11.55 -4.29 6.80
CA CYS A 24 -12.31 -4.00 5.58
C CYS A 24 -13.17 -2.72 5.61
N THR A 25 -12.83 -1.84 4.69
CA THR A 25 -13.48 -0.53 4.58
C THR A 25 -14.83 -0.55 3.91
N ILE A 26 -14.95 -1.39 2.90
CA ILE A 26 -16.17 -1.46 2.09
C ILE A 26 -17.09 -2.66 2.38
N PRO A 27 -18.22 -2.44 3.07
CA PRO A 27 -19.07 -3.61 3.31
C PRO A 27 -19.76 -4.04 2.01
N TYR A 28 -19.84 -5.35 1.77
CA TYR A 28 -20.51 -5.84 0.55
C TYR A 28 -21.87 -6.42 0.90
N ARG A 29 -21.95 -6.97 2.10
CA ARG A 29 -23.15 -7.66 2.59
C ARG A 29 -23.56 -7.25 3.99
N PHE A 30 -24.86 -7.31 4.26
CA PHE A 30 -25.40 -7.02 5.59
C PHE A 30 -25.99 -8.34 6.07
N PRO A 31 -26.04 -8.56 7.39
CA PRO A 31 -26.58 -9.78 8.01
C PRO A 31 -27.96 -10.22 7.50
N SER A 32 -28.83 -9.27 7.22
CA SER A 32 -30.17 -9.61 6.74
C SER A 32 -30.31 -9.85 5.24
N ASP A 33 -29.21 -9.87 4.50
CA ASP A 33 -29.31 -10.11 3.06
C ASP A 33 -29.49 -11.61 2.85
N ASP A 34 -30.22 -11.99 1.80
CA ASP A 34 -30.40 -13.42 1.50
C ASP A 34 -29.01 -14.04 1.45
N PRO A 35 -28.76 -15.06 2.29
CA PRO A 35 -27.41 -15.64 2.26
C PRO A 35 -27.08 -16.58 1.09
N LYS A 36 -28.07 -16.89 0.26
CA LYS A 36 -27.85 -17.80 -0.88
C LYS A 36 -27.79 -17.08 -2.23
N LYS A 37 -27.75 -15.76 -2.20
CA LYS A 37 -27.67 -14.96 -3.42
C LYS A 37 -26.63 -13.86 -3.23
N ALA A 38 -25.56 -13.87 -4.04
CA ALA A 38 -24.55 -12.82 -3.90
C ALA A 38 -25.23 -11.45 -3.94
N THR A 39 -24.68 -10.49 -3.20
CA THR A 39 -25.22 -9.12 -3.14
C THR A 39 -24.69 -8.21 -4.25
N PRO A 40 -25.27 -7.00 -4.38
CA PRO A 40 -24.83 -6.05 -5.42
C PRO A 40 -23.36 -5.62 -5.30
N ASN A 41 -22.88 -5.36 -4.09
CA ASN A 41 -21.49 -4.98 -3.96
C ASN A 41 -20.61 -6.22 -4.07
N GLU A 42 -21.17 -7.39 -3.83
CA GLU A 42 -20.36 -8.60 -4.00
C GLU A 42 -20.14 -8.86 -5.48
N ILE A 43 -21.21 -8.78 -6.28
CA ILE A 43 -21.06 -9.04 -7.71
C ILE A 43 -20.25 -7.91 -8.34
N SER A 44 -20.52 -6.68 -7.90
CA SER A 44 -19.77 -5.54 -8.40
C SER A 44 -18.29 -5.68 -8.15
N TRP A 45 -17.93 -6.05 -6.92
CA TRP A 45 -16.52 -6.19 -6.58
C TRP A 45 -15.85 -7.43 -7.16
N ILE A 46 -16.61 -8.51 -7.30
CA ILE A 46 -16.04 -9.72 -7.91
C ILE A 46 -15.63 -9.30 -9.34
N ASN A 47 -16.46 -8.48 -9.98
CA ASN A 47 -16.15 -8.01 -11.34
C ASN A 47 -14.82 -7.23 -11.34
N VAL A 48 -14.57 -6.40 -10.34
CA VAL A 48 -13.28 -5.69 -10.29
C VAL A 48 -12.17 -6.75 -10.33
N PHE A 49 -12.38 -7.85 -9.62
CA PHE A 49 -11.35 -8.89 -9.63
C PHE A 49 -11.33 -9.71 -10.92
N ALA A 50 -12.49 -10.06 -11.46
CA ALA A 50 -12.48 -10.81 -12.71
C ALA A 50 -11.87 -9.93 -13.83
N ASN A 51 -12.13 -8.63 -13.75
CA ASN A 51 -11.59 -7.72 -14.76
C ASN A 51 -10.08 -7.56 -14.66
N SER A 52 -9.49 -8.03 -13.55
CA SER A 52 -8.04 -7.94 -13.39
C SER A 52 -7.37 -9.11 -14.12
N ILE A 53 -8.13 -10.17 -14.36
CA ILE A 53 -7.55 -11.36 -15.01
C ILE A 53 -6.79 -11.04 -16.30
N PRO A 54 -7.47 -10.58 -17.36
CA PRO A 54 -6.74 -10.27 -18.60
C PRO A 54 -5.34 -9.65 -18.41
N SER A 55 -5.22 -8.65 -17.52
CA SER A 55 -3.91 -8.03 -17.30
C SER A 55 -2.99 -8.81 -16.36
N PHE A 56 -3.54 -9.84 -15.72
CA PHE A 56 -2.73 -10.69 -14.83
C PHE A 56 -2.26 -11.90 -15.62
N LYS A 57 -3.07 -12.36 -16.55
CA LYS A 57 -2.69 -13.51 -17.36
C LYS A 57 -1.52 -13.13 -18.26
N LYS A 58 -1.29 -11.83 -18.41
CA LYS A 58 -0.20 -11.35 -19.27
C LYS A 58 1.14 -11.40 -18.54
N ARG A 59 1.19 -10.76 -17.38
CA ARG A 59 2.41 -10.72 -16.59
C ARG A 59 2.82 -12.15 -16.24
N ALA A 60 1.87 -13.08 -16.35
CA ALA A 60 2.14 -14.48 -16.02
C ALA A 60 2.63 -15.27 -17.23
N GLU A 61 1.97 -15.06 -18.37
CA GLU A 61 2.32 -15.79 -19.58
C GLU A 61 3.72 -15.42 -20.05
N SER A 62 4.06 -14.15 -19.93
CA SER A 62 5.38 -13.71 -20.35
C SER A 62 6.36 -13.68 -19.18
N ASP A 63 6.23 -14.69 -18.32
CA ASP A 63 7.09 -14.86 -17.16
C ASP A 63 8.00 -16.06 -17.43
N ILE A 64 8.95 -15.85 -18.33
CA ILE A 64 9.90 -16.86 -18.79
C ILE A 64 10.62 -17.62 -17.68
N THR A 65 10.72 -17.02 -16.50
CA THR A 65 11.39 -17.68 -15.38
C THR A 65 10.56 -18.87 -14.90
N VAL A 66 9.44 -19.12 -15.58
CA VAL A 66 8.57 -20.22 -15.20
C VAL A 66 8.40 -21.18 -16.38
N PRO A 67 8.72 -22.46 -16.16
CA PRO A 67 8.57 -23.42 -17.25
C PRO A 67 7.14 -23.48 -17.79
N ASP A 68 7.00 -23.32 -19.10
CA ASP A 68 5.69 -23.36 -19.73
C ASP A 68 4.83 -22.30 -19.04
N ALA A 69 5.20 -21.04 -19.22
CA ALA A 69 4.47 -19.93 -18.62
C ALA A 69 3.08 -19.74 -19.25
N PRO A 70 3.00 -19.73 -20.58
CA PRO A 70 1.71 -19.54 -21.27
C PRO A 70 0.59 -20.51 -20.86
N ALA A 71 0.87 -21.81 -20.84
CA ALA A 71 -0.16 -22.79 -20.48
C ALA A 71 -0.61 -22.58 -19.04
N ARG A 72 0.36 -22.34 -18.15
CA ARG A 72 0.06 -22.13 -16.75
C ARG A 72 -0.75 -20.85 -16.53
N ALA A 73 -0.50 -19.84 -17.37
CA ALA A 73 -1.22 -18.57 -17.26
C ALA A 73 -2.62 -18.71 -17.84
N GLU A 74 -2.76 -19.57 -18.85
CA GLU A 74 -4.05 -19.83 -19.47
C GLU A 74 -4.94 -20.46 -18.40
N LYS A 75 -4.36 -21.40 -17.66
CA LYS A 75 -5.08 -22.10 -16.59
C LYS A 75 -5.46 -21.10 -15.48
N PHE A 76 -4.53 -20.20 -15.16
CA PHE A 76 -4.78 -19.18 -14.13
C PHE A 76 -6.07 -18.45 -14.41
N ALA A 77 -6.20 -17.94 -15.63
CA ALA A 77 -7.39 -17.21 -16.01
C ALA A 77 -8.63 -18.06 -15.75
N GLU A 78 -8.56 -19.33 -16.12
CA GLU A 78 -9.68 -20.25 -15.96
C GLU A 78 -9.97 -20.61 -14.51
N ARG A 79 -8.94 -20.90 -13.72
CA ARG A 79 -9.17 -21.27 -12.33
C ARG A 79 -9.71 -20.09 -11.51
N TYR A 80 -9.10 -18.92 -11.70
CA TYR A 80 -9.55 -17.75 -10.94
C TYR A 80 -10.98 -17.37 -11.33
N ALA A 81 -11.26 -17.31 -12.63
CA ALA A 81 -12.61 -16.98 -13.07
C ALA A 81 -13.57 -18.01 -12.48
N GLY A 82 -13.08 -19.22 -12.29
CA GLY A 82 -13.90 -20.28 -11.74
C GLY A 82 -14.32 -20.04 -10.30
N ILE A 83 -13.34 -19.63 -9.48
CA ILE A 83 -13.58 -19.35 -8.07
C ILE A 83 -14.49 -18.14 -7.97
N LEU A 84 -14.22 -17.13 -8.78
CA LEU A 84 -15.05 -15.91 -8.77
C LEU A 84 -16.51 -16.19 -9.14
N GLU A 85 -16.75 -16.91 -10.23
CA GLU A 85 -18.14 -17.25 -10.62
C GLU A 85 -18.71 -18.16 -9.54
N ASP A 86 -17.87 -18.97 -8.91
CA ASP A 86 -18.34 -19.85 -7.84
C ASP A 86 -18.98 -18.95 -6.75
N LEU A 87 -18.27 -17.88 -6.37
CA LEU A 87 -18.75 -16.95 -5.36
C LEU A 87 -20.05 -16.23 -5.77
N LYS A 88 -20.18 -15.86 -7.04
CA LYS A 88 -21.42 -15.22 -7.49
C LYS A 88 -22.60 -16.19 -7.31
N LYS A 89 -22.39 -17.48 -7.56
CA LYS A 89 -23.48 -18.46 -7.42
C LYS A 89 -23.84 -18.79 -5.98
N ASP A 90 -22.83 -18.95 -5.12
CA ASP A 90 -23.05 -19.27 -3.72
C ASP A 90 -22.01 -18.50 -2.90
N PRO A 91 -22.46 -17.45 -2.19
CA PRO A 91 -21.59 -16.60 -1.36
C PRO A 91 -20.78 -17.34 -0.29
N GLU A 92 -21.33 -18.43 0.25
CA GLU A 92 -20.64 -19.16 1.30
C GLU A 92 -19.46 -20.01 0.82
N SER A 93 -19.36 -20.21 -0.49
CA SER A 93 -18.26 -21.03 -1.03
C SER A 93 -16.91 -20.37 -0.82
N HIS A 94 -15.86 -21.15 -1.03
CA HIS A 94 -14.49 -20.68 -0.89
C HIS A 94 -14.23 -19.83 0.36
N GLY A 95 -15.02 -20.07 1.41
CA GLY A 95 -14.83 -19.35 2.66
C GLY A 95 -15.40 -17.96 2.68
N GLY A 96 -16.43 -17.73 1.86
CA GLY A 96 -17.06 -16.42 1.81
C GLY A 96 -18.12 -16.20 2.89
N PRO A 97 -19.01 -15.21 2.71
CA PRO A 97 -19.13 -14.30 1.57
C PRO A 97 -17.83 -13.53 1.36
N PRO A 98 -17.63 -13.02 0.13
CA PRO A 98 -16.40 -12.29 -0.13
C PRO A 98 -16.24 -10.87 0.39
N ASP A 99 -15.02 -10.57 0.80
CA ASP A 99 -14.65 -9.21 1.20
C ASP A 99 -13.37 -9.01 0.42
N GLY A 100 -12.87 -7.78 0.33
CA GLY A 100 -11.66 -7.55 -0.44
C GLY A 100 -10.46 -8.38 -0.02
N ILE A 101 -10.29 -8.56 1.28
CA ILE A 101 -9.18 -9.35 1.77
C ILE A 101 -9.23 -10.74 1.16
N LEU A 102 -10.44 -11.23 0.85
CA LEU A 102 -10.53 -12.54 0.24
C LEU A 102 -10.37 -12.50 -1.28
N LEU A 103 -10.93 -11.49 -1.94
CA LEU A 103 -10.78 -11.49 -3.39
C LEU A 103 -9.33 -11.42 -3.86
N CYS A 104 -8.48 -10.71 -3.13
CA CYS A 104 -7.06 -10.70 -3.53
C CYS A 104 -6.30 -11.86 -2.89
N ARG A 105 -6.94 -12.61 -1.99
CA ARG A 105 -6.25 -13.74 -1.36
C ARG A 105 -6.45 -14.99 -2.22
N LEU A 106 -7.53 -15.01 -2.98
CA LEU A 106 -7.76 -16.15 -3.87
C LEU A 106 -6.94 -16.00 -5.16
N ARG A 107 -6.73 -14.77 -5.61
CA ARG A 107 -5.99 -14.52 -6.85
C ARG A 107 -4.52 -14.92 -6.72
N GLU A 108 -3.92 -14.60 -5.57
CA GLU A 108 -2.52 -14.93 -5.35
C GLU A 108 -2.29 -16.44 -5.30
N GLN A 109 -3.21 -17.15 -4.66
CA GLN A 109 -3.06 -18.58 -4.51
C GLN A 109 -3.22 -19.35 -5.80
N VAL A 110 -4.11 -18.91 -6.68
CA VAL A 110 -4.25 -19.61 -7.94
C VAL A 110 -2.91 -19.53 -8.66
N LEU A 111 -2.34 -18.33 -8.70
CA LEU A 111 -1.05 -18.10 -9.35
C LEU A 111 0.08 -18.89 -8.69
N ARG A 112 0.15 -18.86 -7.37
CA ARG A 112 1.23 -19.55 -6.68
C ARG A 112 1.06 -21.06 -6.86
N GLU A 113 -0.17 -21.55 -6.73
CA GLU A 113 -0.41 -22.97 -6.89
C GLU A 113 0.05 -23.49 -8.24
N LEU A 114 0.10 -22.59 -9.21
CA LEU A 114 0.53 -22.92 -10.57
C LEU A 114 2.03 -22.73 -10.75
N GLY A 115 2.72 -22.36 -9.69
CA GLY A 115 4.16 -22.21 -9.79
C GLY A 115 4.71 -20.82 -10.02
N PHE A 116 3.83 -19.82 -10.14
CA PHE A 116 4.29 -18.45 -10.35
C PHE A 116 4.66 -17.91 -8.98
N ARG A 117 5.74 -17.15 -8.90
CA ARG A 117 6.16 -16.61 -7.62
C ARG A 117 6.25 -15.09 -7.64
N ASP A 118 6.58 -14.53 -8.80
CA ASP A 118 6.63 -13.07 -8.93
C ASP A 118 6.62 -12.70 -10.40
N ILE A 119 5.42 -12.71 -11.01
CA ILE A 119 5.31 -12.41 -12.43
C ILE A 119 5.63 -10.97 -12.75
N PHE A 120 5.69 -10.13 -11.70
CA PHE A 120 6.00 -8.72 -11.88
C PHE A 120 7.45 -8.41 -11.58
N LYS A 121 8.32 -9.43 -11.50
CA LYS A 121 9.71 -9.16 -11.12
C LYS A 121 10.54 -8.35 -12.08
N LYS A 122 10.44 -8.66 -13.37
CA LYS A 122 11.23 -7.88 -14.32
C LYS A 122 10.94 -6.38 -14.15
N VAL A 123 9.66 -6.04 -14.01
CA VAL A 123 9.29 -4.63 -13.88
C VAL A 123 9.64 -3.96 -12.55
N LYS A 124 9.55 -4.68 -11.43
CA LYS A 124 9.90 -4.07 -10.15
C LYS A 124 11.37 -3.68 -10.22
N ASP A 125 12.18 -4.61 -10.72
CA ASP A 125 13.61 -4.34 -10.87
C ASP A 125 13.80 -3.20 -11.86
N GLU A 126 13.03 -3.19 -12.93
CA GLU A 126 13.16 -2.14 -13.93
C GLU A 126 12.85 -0.78 -13.31
N GLU A 127 11.72 -0.72 -12.61
CA GLU A 127 11.31 0.53 -11.99
C GLU A 127 12.21 1.00 -10.88
N ASN A 128 12.77 0.08 -10.11
CA ASN A 128 13.66 0.47 -9.02
C ASN A 128 14.90 1.14 -9.62
N ALA A 129 15.41 0.55 -10.69
CA ALA A 129 16.60 1.10 -11.35
C ALA A 129 16.36 2.51 -11.87
N LYS A 130 15.30 2.69 -12.68
CA LYS A 130 15.01 4.02 -13.21
C LYS A 130 14.81 5.00 -12.05
N ALA A 131 14.00 4.62 -11.07
CA ALA A 131 13.76 5.51 -9.94
C ALA A 131 15.08 5.86 -9.24
N ILE A 132 15.92 4.85 -9.01
CA ILE A 132 17.20 5.10 -8.34
C ILE A 132 18.01 6.18 -9.05
N SER A 133 18.08 6.10 -10.37
CA SER A 133 18.82 7.13 -11.13
C SER A 133 18.29 8.53 -10.86
N LEU A 134 16.98 8.65 -10.66
CA LEU A 134 16.37 9.96 -10.43
C LEU A 134 16.26 10.36 -8.98
N PHE A 135 16.72 9.53 -8.07
CA PHE A 135 16.60 9.88 -6.66
C PHE A 135 17.30 11.20 -6.32
N PRO A 136 18.56 11.39 -6.76
CA PRO A 136 19.24 12.65 -6.44
C PRO A 136 18.50 13.91 -6.90
N GLN A 137 17.99 13.89 -8.12
CA GLN A 137 17.28 15.05 -8.67
C GLN A 137 15.98 15.34 -7.92
N VAL A 138 15.17 14.29 -7.78
CA VAL A 138 13.89 14.40 -7.08
C VAL A 138 14.07 14.88 -5.65
N VAL A 139 15.14 14.43 -5.00
CA VAL A 139 15.43 14.86 -3.62
C VAL A 139 15.92 16.32 -3.59
N SER A 140 16.81 16.69 -4.52
CA SER A 140 17.33 18.06 -4.55
C SER A 140 16.21 19.08 -4.71
N LEU A 141 15.21 18.73 -5.51
CA LEU A 141 14.08 19.61 -5.73
C LEU A 141 13.37 19.84 -4.41
N SER A 142 13.40 18.83 -3.53
CA SER A 142 12.78 18.99 -2.22
C SER A 142 13.75 19.78 -1.36
N ASP A 143 15.04 19.56 -1.55
CA ASP A 143 16.00 20.27 -0.71
C ASP A 143 15.97 21.76 -1.01
N ALA A 144 15.55 22.16 -2.20
CA ALA A 144 15.52 23.60 -2.51
C ALA A 144 14.53 24.45 -1.73
N ILE A 145 13.32 23.95 -1.56
CA ILE A 145 12.28 24.71 -0.86
C ILE A 145 12.74 25.11 0.53
N GLU A 146 12.62 26.40 0.81
CA GLU A 146 13.06 26.99 2.08
C GLU A 146 12.15 26.73 3.26
N ASP A 147 10.86 27.01 3.11
CA ASP A 147 9.91 26.84 4.21
C ASP A 147 9.61 25.37 4.51
N ASP A 148 9.66 25.00 5.78
CA ASP A 148 9.42 23.62 6.19
C ASP A 148 8.00 23.15 5.87
N GLY A 149 7.03 24.05 5.93
CA GLY A 149 5.66 23.68 5.64
C GLY A 149 5.43 23.31 4.18
N LYS A 150 5.94 24.12 3.27
CA LYS A 150 5.77 23.83 1.85
C LYS A 150 6.65 22.66 1.41
N ARG A 151 7.78 22.43 2.07
CA ARG A 151 8.61 21.30 1.66
C ARG A 151 7.80 20.03 1.87
N LEU A 152 7.35 19.80 3.09
CA LEU A 152 6.52 18.63 3.40
C LEU A 152 5.35 18.59 2.42
N GLU A 153 4.70 19.72 2.22
CA GLU A 153 3.56 19.79 1.29
C GLU A 153 4.00 19.28 -0.09
N ASN A 154 5.25 19.56 -0.45
CA ASN A 154 5.77 19.11 -1.73
C ASN A 154 6.07 17.61 -1.60
N LEU A 155 6.43 17.17 -0.40
CA LEU A 155 6.73 15.75 -0.18
C LEU A 155 5.47 14.90 -0.23
N VAL A 156 4.33 15.49 0.11
CA VAL A 156 3.05 14.78 0.04
C VAL A 156 2.64 14.57 -1.42
N ARG A 157 2.76 15.61 -2.26
CA ARG A 157 2.42 15.39 -3.67
C ARG A 157 3.28 14.25 -4.24
N GLY A 158 4.57 14.23 -3.87
CA GLY A 158 5.44 13.17 -4.34
C GLY A 158 4.92 11.79 -3.94
N ILE A 159 4.45 11.64 -2.71
CA ILE A 159 3.91 10.36 -2.29
C ILE A 159 2.66 10.07 -3.12
N PHE A 160 1.70 11.00 -3.12
CA PHE A 160 0.51 10.76 -3.92
C PHE A 160 0.90 10.47 -5.37
N ALA A 161 1.92 11.17 -5.88
CA ALA A 161 2.38 10.98 -7.25
C ALA A 161 3.08 9.64 -7.43
N GLY A 162 3.91 9.24 -6.46
CA GLY A 162 4.56 7.95 -6.58
C GLY A 162 3.51 6.85 -6.76
N ASN A 163 2.29 7.08 -6.30
CA ASN A 163 1.21 6.08 -6.43
C ASN A 163 0.72 5.85 -7.85
N ILE A 164 0.83 6.87 -8.69
CA ILE A 164 0.38 6.76 -10.09
C ILE A 164 1.46 6.30 -11.07
N PHE A 165 2.63 6.92 -11.01
CA PHE A 165 3.72 6.56 -11.91
C PHE A 165 4.15 5.13 -11.63
N MET A 181 5.77 12.30 -19.94
CA MET A 181 5.83 10.98 -19.31
C MET A 181 7.00 10.92 -18.32
N SER A 182 6.70 11.11 -17.04
CA SER A 182 7.73 11.08 -16.01
C SER A 182 7.16 11.11 -14.60
N PHE A 183 8.04 10.98 -13.61
CA PHE A 183 7.63 11.03 -12.23
C PHE A 183 7.36 12.49 -11.88
N LEU A 184 8.32 13.38 -12.16
CA LEU A 184 8.10 14.79 -11.83
C LEU A 184 6.85 15.33 -12.54
N ALA A 185 6.46 14.67 -13.63
CA ALA A 185 5.26 15.09 -14.36
C ALA A 185 4.04 14.70 -13.54
N SER A 186 4.12 13.57 -12.84
CA SER A 186 2.99 13.12 -12.03
C SER A 186 2.68 14.17 -10.98
N CYS A 187 3.70 14.66 -10.31
CA CYS A 187 3.52 15.68 -9.28
C CYS A 187 2.69 16.82 -9.86
N GLN A 188 2.98 17.16 -11.11
CA GLN A 188 2.28 18.25 -11.78
C GLN A 188 1.04 17.78 -12.53
N ASN A 189 0.49 16.66 -12.08
CA ASN A 189 -0.72 16.13 -12.69
C ASN A 189 -1.78 15.75 -11.66
N LEU A 190 -1.47 15.89 -10.37
CA LEU A 190 -2.44 15.58 -9.32
C LEU A 190 -3.65 16.49 -9.35
N VAL A 191 -4.82 15.92 -9.09
CA VAL A 191 -6.06 16.69 -9.03
C VAL A 191 -5.86 17.85 -8.05
N PRO A 192 -6.58 18.97 -8.25
CA PRO A 192 -6.46 20.12 -7.36
C PRO A 192 -7.16 19.96 -6.01
N ARG A 193 -6.60 20.56 -4.98
CA ARG A 193 -7.20 20.52 -3.66
C ARG A 193 -8.40 21.47 -3.62
N PRO A 194 -9.29 21.29 -2.65
CA PRO A 194 -9.24 20.25 -1.62
C PRO A 194 -9.26 18.84 -2.17
N TRP A 195 -8.54 17.92 -1.52
CA TRP A 195 -8.56 16.53 -1.95
C TRP A 195 -9.83 15.93 -1.34
N VAL A 196 -10.22 14.71 -1.75
CA VAL A 196 -11.47 14.13 -1.26
C VAL A 196 -11.50 14.05 0.28
N ILE A 197 -10.39 13.64 0.87
CA ILE A 197 -10.22 13.65 2.32
C ILE A 197 -8.93 14.48 2.39
N ASP A 198 -9.01 15.65 3.02
CA ASP A 198 -7.89 16.58 3.05
C ASP A 198 -7.58 17.11 4.44
N ASP A 199 -6.63 16.47 5.13
CA ASP A 199 -6.26 16.88 6.48
C ASP A 199 -4.81 17.31 6.56
N LEU A 200 -4.24 17.67 5.41
CA LEU A 200 -2.84 18.05 5.36
C LEU A 200 -2.51 19.29 6.21
N GLU A 201 -3.37 20.30 6.17
CA GLU A 201 -3.14 21.52 6.96
C GLU A 201 -2.93 21.14 8.43
N ASN A 202 -3.84 20.35 8.98
CA ASN A 202 -3.72 19.95 10.38
C ASN A 202 -2.49 19.08 10.64
N PHE A 203 -2.15 18.23 9.68
CA PHE A 203 -1.00 17.34 9.85
C PHE A 203 0.28 18.15 9.96
N GLN A 204 0.39 19.17 9.13
CA GLN A 204 1.55 20.04 9.11
C GLN A 204 1.77 20.66 10.49
N ALA A 205 0.70 20.70 11.29
CA ALA A 205 0.77 21.27 12.63
C ALA A 205 1.83 20.58 13.50
N LYS A 206 1.67 19.28 13.73
CA LYS A 206 2.62 18.55 14.56
C LYS A 206 3.96 18.32 13.87
N TRP A 207 3.95 18.35 12.54
CA TRP A 207 5.17 18.16 11.76
C TRP A 207 6.13 19.34 11.87
N ILE A 208 5.60 20.53 12.15
CA ILE A 208 6.46 21.69 12.27
C ILE A 208 6.99 21.84 13.71
N ASN A 209 6.15 21.51 14.69
CA ASN A 209 6.60 21.59 16.08
C ASN A 209 7.46 20.37 16.39
N LYS A 210 7.62 19.52 15.38
CA LYS A 210 8.39 18.29 15.44
C LYS A 210 8.04 17.46 16.68
N SER A 211 6.74 17.27 16.86
CA SER A 211 6.18 16.51 17.96
C SER A 211 6.20 15.00 17.71
N TRP A 212 6.61 14.60 16.50
CA TRP A 212 6.67 13.17 16.16
C TRP A 212 8.11 12.68 16.12
N LYS A 213 8.42 11.68 16.95
CA LYS A 213 9.77 11.13 17.01
C LYS A 213 9.81 9.63 16.71
N LYS A 214 8.63 9.01 16.60
CA LYS A 214 8.52 7.58 16.35
C LYS A 214 7.48 7.24 15.27
N ALA A 215 7.86 7.39 14.00
CA ALA A 215 6.95 7.12 12.88
C ALA A 215 7.04 5.68 12.41
N VAL A 216 5.91 5.15 11.96
CA VAL A 216 5.82 3.79 11.42
C VAL A 216 5.03 3.98 10.12
N ILE A 217 5.66 3.69 8.98
CA ILE A 217 5.03 3.87 7.65
C ILE A 217 4.81 2.59 6.88
N PHE A 218 3.56 2.23 6.61
CA PHE A 218 3.26 1.03 5.84
C PHE A 218 3.41 1.43 4.37
N VAL A 219 4.36 0.80 3.68
CA VAL A 219 4.63 1.14 2.30
C VAL A 219 3.94 0.31 1.23
N ASP A 220 3.83 0.91 0.05
CA ASP A 220 3.12 0.30 -1.07
C ASP A 220 3.98 -0.22 -2.23
N ASN A 221 3.93 0.46 -3.37
CA ASN A 221 4.63 -0.02 -4.57
C ASN A 221 6.13 0.13 -4.67
N SER A 222 6.73 -0.76 -5.46
CA SER A 222 8.15 -0.73 -5.76
C SER A 222 8.27 0.28 -6.90
N GLY A 223 9.47 0.82 -7.11
CA GLY A 223 9.66 1.77 -8.20
C GLY A 223 9.52 3.25 -7.85
N ALA A 224 8.80 4.02 -8.66
CA ALA A 224 8.67 5.45 -8.39
C ALA A 224 8.13 5.66 -6.98
N ASP A 225 7.12 4.89 -6.64
CA ASP A 225 6.50 5.02 -5.34
C ASP A 225 7.49 4.86 -4.18
N ILE A 226 8.10 3.69 -4.04
CA ILE A 226 9.03 3.54 -2.91
C ILE A 226 10.22 4.50 -2.97
N ILE A 227 10.93 4.54 -4.10
CA ILE A 227 12.13 5.39 -4.20
C ILE A 227 11.89 6.89 -4.48
N LEU A 228 10.83 7.23 -5.22
CA LEU A 228 10.59 8.66 -5.51
C LEU A 228 9.55 9.24 -4.57
N GLY A 229 8.53 8.46 -4.23
CA GLY A 229 7.53 8.92 -3.29
C GLY A 229 8.04 8.68 -1.88
N ILE A 230 8.13 7.41 -1.48
CA ILE A 230 8.56 7.10 -0.14
C ILE A 230 9.97 7.56 0.19
N LEU A 231 10.93 6.65 0.16
CA LEU A 231 12.30 6.97 0.54
C LEU A 231 12.63 8.45 0.73
N PRO A 232 12.41 9.32 -0.27
CA PRO A 232 12.73 10.72 -0.02
C PRO A 232 11.92 11.27 1.18
N PHE A 233 10.69 10.78 1.39
CA PHE A 233 9.91 11.24 2.53
C PHE A 233 10.60 10.73 3.79
N ALA A 234 10.99 9.46 3.74
CA ALA A 234 11.70 8.83 4.87
C ALA A 234 13.09 9.43 5.03
N ARG A 235 13.68 9.87 3.93
CA ARG A 235 14.99 10.50 4.02
C ARG A 235 14.85 11.79 4.81
N GLU A 236 13.71 12.45 4.65
CA GLU A 236 13.45 13.69 5.35
C GLU A 236 13.23 13.48 6.83
N LEU A 237 12.40 12.49 7.20
CA LEU A 237 12.16 12.24 8.64
C LEU A 237 13.46 11.86 9.35
N LEU A 238 14.32 11.13 8.64
CA LEU A 238 15.59 10.69 9.24
C LEU A 238 16.47 11.87 9.63
N ARG A 239 16.48 12.89 8.79
CA ARG A 239 17.27 14.07 9.09
C ARG A 239 16.63 14.78 10.29
N ARG A 240 15.30 14.84 10.30
CA ARG A 240 14.57 15.50 11.38
C ARG A 240 14.57 14.72 12.69
N GLY A 241 15.59 13.88 12.88
CA GLY A 241 15.71 13.10 14.11
C GLY A 241 14.76 11.94 14.36
N ALA A 242 13.96 11.57 13.38
CA ALA A 242 13.02 10.49 13.62
C ALA A 242 13.54 9.09 13.31
N GLN A 243 12.95 8.10 13.97
CA GLN A 243 13.26 6.70 13.73
C GLN A 243 12.21 6.27 12.70
N VAL A 244 12.62 5.68 11.59
CA VAL A 244 11.65 5.28 10.58
C VAL A 244 11.72 3.80 10.24
N VAL A 245 10.62 3.10 10.51
CA VAL A 245 10.49 1.67 10.24
C VAL A 245 9.64 1.48 8.98
N LEU A 246 10.25 1.15 7.84
CA LEU A 246 9.46 0.94 6.62
C LEU A 246 9.03 -0.54 6.54
N ALA A 247 7.77 -0.79 6.85
CA ALA A 247 7.20 -2.13 6.86
C ALA A 247 6.76 -2.57 5.47
N ALA A 248 7.37 -3.67 5.00
CA ALA A 248 7.08 -4.18 3.66
C ALA A 248 6.67 -5.65 3.61
N ASN A 249 5.96 -6.00 2.54
CA ASN A 249 5.47 -7.35 2.27
C ASN A 249 6.53 -8.42 2.48
N GLU A 250 6.20 -9.40 3.30
CA GLU A 250 7.13 -10.50 3.48
C GLU A 250 7.31 -11.10 2.09
N LEU A 251 6.18 -11.29 1.40
CA LEU A 251 6.13 -11.89 0.07
C LEU A 251 5.64 -10.96 -1.04
N PRO A 252 5.92 -11.31 -2.30
CA PRO A 252 5.46 -10.47 -3.40
C PRO A 252 3.93 -10.47 -3.55
N SER A 253 3.40 -9.31 -3.90
CA SER A 253 1.97 -9.11 -4.16
C SER A 253 1.93 -7.99 -5.20
N ILE A 254 1.64 -8.34 -6.46
CA ILE A 254 1.63 -7.39 -7.57
C ILE A 254 3.06 -6.82 -7.63
N ASN A 255 3.20 -5.52 -7.78
CA ASN A 255 4.53 -4.92 -7.83
C ASN A 255 4.88 -4.26 -6.51
N ASP A 256 4.18 -4.66 -5.45
CA ASP A 256 4.42 -4.10 -4.14
C ASP A 256 5.78 -4.52 -3.61
N ILE A 257 6.48 -3.57 -3.02
CA ILE A 257 7.83 -3.82 -2.50
C ILE A 257 7.81 -4.92 -1.43
N THR A 258 8.85 -5.75 -1.42
CA THR A 258 8.99 -6.83 -0.43
C THR A 258 10.13 -6.42 0.48
N CYS A 259 10.19 -7.01 1.66
CA CYS A 259 11.27 -6.66 2.58
C CYS A 259 12.61 -6.91 1.90
N THR A 260 12.76 -8.06 1.25
CA THR A 260 14.01 -8.37 0.58
C THR A 260 14.46 -7.32 -0.44
N GLU A 261 13.58 -7.00 -1.36
CA GLU A 261 13.89 -6.03 -2.39
C GLU A 261 14.12 -4.68 -1.68
N LEU A 262 13.35 -4.42 -0.63
CA LEU A 262 13.50 -3.18 0.10
C LEU A 262 14.85 -3.13 0.78
N THR A 263 15.62 -4.20 0.65
CA THR A 263 16.96 -4.23 1.25
C THR A 263 17.92 -3.76 0.18
N GLU A 264 17.92 -4.46 -0.95
CA GLU A 264 18.79 -4.11 -2.06
C GLU A 264 18.67 -2.61 -2.35
N ILE A 265 17.45 -2.08 -2.28
CA ILE A 265 17.28 -0.65 -2.52
C ILE A 265 17.96 0.19 -1.43
N LEU A 266 17.89 -0.27 -0.18
CA LEU A 266 18.52 0.48 0.91
C LEU A 266 20.03 0.55 0.66
N SER A 267 20.58 -0.54 0.13
CA SER A 267 22.02 -0.60 -0.16
C SER A 267 22.34 0.23 -1.41
N GLN A 268 21.47 0.13 -2.41
CA GLN A 268 21.63 0.86 -3.66
C GLN A 268 21.82 2.35 -3.38
N LEU A 269 20.87 2.94 -2.64
CA LEU A 269 20.95 4.34 -2.30
C LEU A 269 22.02 4.50 -1.23
N LYS A 270 21.62 4.39 0.04
CA LYS A 270 22.57 4.49 1.15
C LYS A 270 23.75 3.55 0.88
N ASN A 273 28.78 8.55 2.43
CA ASN A 273 29.44 7.69 3.42
C ASN A 273 28.49 6.70 4.07
N GLY A 274 27.53 6.21 3.30
CA GLY A 274 26.58 5.25 3.82
C GLY A 274 25.36 5.97 4.36
N GLN A 275 25.04 7.10 3.75
CA GLN A 275 23.90 7.93 4.17
C GLN A 275 23.08 8.30 2.93
N LEU A 276 21.90 8.89 3.15
CA LEU A 276 21.05 9.32 2.04
C LEU A 276 21.28 10.81 1.82
N LEU A 277 22.07 11.16 0.81
CA LEU A 277 22.39 12.55 0.53
C LEU A 277 22.64 13.34 1.80
N GLY A 278 23.68 12.94 2.54
CA GLY A 278 24.04 13.61 3.76
C GLY A 278 23.31 13.18 5.02
N VAL A 279 22.12 12.61 4.85
CA VAL A 279 21.34 12.19 6.00
C VAL A 279 21.68 10.77 6.43
N ASP A 280 21.94 10.62 7.72
CA ASP A 280 22.30 9.32 8.27
C ASP A 280 21.07 8.45 8.47
N THR A 281 21.24 7.15 8.22
CA THR A 281 20.15 6.18 8.31
C THR A 281 20.08 5.37 9.61
N SER A 282 20.82 5.82 10.62
CA SER A 282 20.84 5.13 11.92
C SER A 282 19.46 4.86 12.50
N LYS A 283 18.51 5.78 12.29
CA LYS A 283 17.15 5.61 12.79
C LYS A 283 16.26 4.87 11.76
N LEU A 284 16.67 4.89 10.50
CA LEU A 284 15.93 4.19 9.44
C LEU A 284 15.97 2.67 9.70
N LEU A 285 14.79 2.07 9.92
CA LEU A 285 14.69 0.64 10.18
C LEU A 285 13.70 -0.06 9.25
N ILE A 286 14.19 -1.03 8.47
CA ILE A 286 13.33 -1.79 7.55
C ILE A 286 12.67 -2.90 8.35
N ALA A 287 11.41 -3.25 8.03
CA ALA A 287 10.72 -4.29 8.78
C ALA A 287 9.79 -5.14 7.95
N ASN A 288 10.00 -6.46 8.00
CA ASN A 288 9.12 -7.40 7.29
C ASN A 288 7.84 -7.32 8.14
N SER A 289 6.85 -6.53 7.71
CA SER A 289 5.62 -6.43 8.49
C SER A 289 4.90 -7.79 8.50
N GLY A 290 5.48 -8.75 7.80
CA GLY A 290 4.91 -10.08 7.70
C GLY A 290 3.68 -10.19 6.82
N ASN A 291 3.38 -9.14 6.05
CA ASN A 291 2.18 -9.21 5.23
C ASN A 291 2.44 -9.74 3.81
N ASP A 292 1.45 -10.43 3.24
CA ASP A 292 1.59 -11.00 1.90
C ASP A 292 0.39 -10.72 1.00
N LEU A 293 -0.07 -9.47 0.97
CA LEU A 293 -1.26 -9.10 0.18
C LEU A 293 -1.18 -7.72 -0.49
N PRO A 294 -2.27 -7.27 -1.15
CA PRO A 294 -2.31 -5.95 -1.79
C PRO A 294 -3.02 -4.99 -0.80
N VAL A 295 -3.59 -5.58 0.25
CA VAL A 295 -4.28 -4.86 1.33
C VAL A 295 -3.69 -5.41 2.65
N ILE A 296 -3.99 -4.79 3.80
CA ILE A 296 -3.42 -5.33 5.06
C ILE A 296 -4.40 -5.34 6.24
N ASP A 297 -4.47 -6.50 6.90
CA ASP A 297 -5.28 -6.72 8.09
C ASP A 297 -4.31 -6.54 9.25
N LEU A 298 -4.36 -5.38 9.89
CA LEU A 298 -3.44 -5.01 10.96
C LEU A 298 -3.59 -5.80 12.25
N SER A 299 -4.55 -6.72 12.30
CA SER A 299 -4.67 -7.55 13.52
C SER A 299 -3.67 -8.71 13.42
N ARG A 300 -2.97 -8.80 12.28
CA ARG A 300 -1.98 -9.84 12.05
C ARG A 300 -0.68 -9.30 11.42
N VAL A 301 0.30 -8.97 12.26
CA VAL A 301 1.59 -8.48 11.73
C VAL A 301 2.70 -9.32 12.35
N SER A 302 3.73 -9.61 11.57
CA SER A 302 4.84 -10.42 12.07
C SER A 302 5.35 -9.92 13.44
N GLN A 303 6.04 -10.80 14.18
CA GLN A 303 6.58 -10.36 15.47
C GLN A 303 7.63 -9.29 15.23
N GLU A 304 8.28 -9.35 14.08
CA GLU A 304 9.28 -8.37 13.68
C GLU A 304 8.70 -6.94 13.77
N LEU A 305 7.53 -6.75 13.17
CA LEU A 305 6.87 -5.43 13.17
C LEU A 305 6.25 -5.05 14.50
N ALA A 306 5.65 -6.02 15.19
CA ALA A 306 5.02 -5.76 16.47
C ALA A 306 6.06 -5.15 17.42
N TYR A 307 7.24 -5.78 17.52
CA TYR A 307 8.30 -5.24 18.37
C TYR A 307 8.73 -3.83 17.96
N LEU A 308 9.06 -3.63 16.68
CA LEU A 308 9.49 -2.31 16.21
C LEU A 308 8.44 -1.21 16.25
N SER A 309 7.18 -1.59 16.47
CA SER A 309 6.09 -0.62 16.49
C SER A 309 5.45 -0.40 17.86
N SER A 310 6.04 -0.96 18.92
CA SER A 310 5.47 -0.78 20.26
C SER A 310 5.73 0.60 20.88
N ASP A 311 6.60 1.41 20.29
CA ASP A 311 6.84 2.75 20.82
C ASP A 311 6.62 3.78 19.71
N ALA A 312 5.39 3.86 19.21
CA ALA A 312 5.10 4.78 18.09
C ALA A 312 4.18 5.95 18.44
N ASP A 313 4.34 7.07 17.74
CA ASP A 313 3.49 8.25 17.99
C ASP A 313 2.86 8.80 16.72
N LEU A 314 3.16 8.16 15.59
CA LEU A 314 2.58 8.54 14.29
C LEU A 314 2.56 7.30 13.41
N VAL A 315 1.37 6.88 12.97
CA VAL A 315 1.29 5.72 12.11
C VAL A 315 0.81 6.19 10.73
N ILE A 316 1.58 5.87 9.70
CA ILE A 316 1.25 6.25 8.30
C ILE A 316 1.07 5.01 7.43
N VAL A 317 -0.09 4.87 6.78
CA VAL A 317 -0.34 3.70 5.95
C VAL A 317 -0.46 4.29 4.53
N GLU A 318 0.40 3.85 3.62
CA GLU A 318 0.41 4.42 2.27
C GLU A 318 -0.16 3.54 1.16
N GLY A 319 -0.93 4.16 0.25
CA GLY A 319 -1.49 3.42 -0.86
C GLY A 319 -2.95 3.06 -0.74
N MET A 320 -3.60 2.81 -1.88
CA MET A 320 -5.01 2.45 -1.91
C MET A 320 -5.41 1.14 -1.23
N GLY A 321 -4.69 0.05 -1.50
CA GLY A 321 -5.06 -1.22 -0.88
C GLY A 321 -5.01 -1.31 0.64
N ARG A 322 -3.79 -1.35 1.16
CA ARG A 322 -3.54 -1.49 2.59
C ARG A 322 -4.09 -0.32 3.40
N GLY A 323 -4.26 0.82 2.72
CA GLY A 323 -4.72 2.02 3.38
C GLY A 323 -6.16 2.36 3.12
N ILE A 324 -6.61 2.11 1.89
CA ILE A 324 -8.00 2.45 1.54
C ILE A 324 -8.96 1.23 1.50
N GLU A 325 -8.70 0.21 0.69
CA GLU A 325 -9.63 -0.92 0.71
C GLU A 325 -9.66 -1.63 2.05
N THR A 326 -8.59 -1.42 2.81
CA THR A 326 -8.55 -1.91 4.18
C THR A 326 -7.99 -0.72 4.96
N ASN A 327 -8.22 -0.76 6.27
CA ASN A 327 -7.67 0.22 7.18
C ASN A 327 -7.98 1.72 7.12
N LEU A 328 -8.71 2.21 6.13
CA LEU A 328 -9.00 3.66 6.10
C LEU A 328 -9.62 4.29 7.36
N TYR A 329 -10.62 3.64 7.97
CA TYR A 329 -11.25 4.18 9.18
C TYR A 329 -10.71 3.66 10.51
N ALA A 330 -9.60 2.92 10.47
CA ALA A 330 -9.06 2.38 11.73
C ALA A 330 -8.60 3.47 12.70
N GLN A 331 -8.90 3.25 13.97
CA GLN A 331 -8.50 4.19 15.02
C GLN A 331 -7.24 3.62 15.64
N PHE A 332 -6.29 4.49 15.95
CA PHE A 332 -5.04 4.06 16.55
C PHE A 332 -4.82 4.75 17.90
N LYS A 333 -3.97 4.16 18.74
CA LYS A 333 -3.63 4.71 20.06
C LYS A 333 -2.86 6.03 19.91
N CYS A 334 -2.16 6.16 18.80
CA CYS A 334 -1.34 7.34 18.49
C CYS A 334 -1.90 7.99 17.25
N ASP A 335 -1.49 9.23 16.99
CA ASP A 335 -1.98 9.91 15.82
C ASP A 335 -1.95 9.01 14.61
N SER A 336 -2.74 9.32 13.59
CA SER A 336 -2.71 8.45 12.44
C SER A 336 -3.16 9.23 11.22
N LEU A 337 -2.50 8.95 10.09
CA LEU A 337 -2.78 9.57 8.77
C LEU A 337 -3.02 8.44 7.80
N LYS A 338 -3.91 8.69 6.81
CA LYS A 338 -4.17 7.72 5.74
C LYS A 338 -3.78 8.52 4.49
N ILE A 339 -2.94 7.93 3.64
CA ILE A 339 -2.45 8.63 2.47
C ILE A 339 -2.31 7.77 1.23
N GLY A 340 -3.08 8.06 0.18
CA GLY A 340 -2.93 7.26 -1.01
C GLY A 340 -3.87 7.71 -2.11
N MET A 341 -3.52 7.36 -3.34
CA MET A 341 -4.39 7.74 -4.47
C MET A 341 -5.43 6.67 -4.78
N VAL A 342 -6.57 7.09 -5.32
CA VAL A 342 -7.68 6.16 -5.66
C VAL A 342 -7.58 5.69 -7.11
N LYS A 343 -7.54 4.37 -7.31
CA LYS A 343 -7.41 3.78 -8.64
C LYS A 343 -8.67 3.13 -9.22
N HIS A 344 -9.54 2.58 -8.36
CA HIS A 344 -10.79 1.97 -8.83
C HIS A 344 -11.89 3.04 -8.79
N LEU A 345 -12.84 2.94 -9.71
CA LEU A 345 -13.98 3.86 -9.74
C LEU A 345 -14.91 3.61 -8.55
N GLU A 346 -15.03 2.34 -8.19
CA GLU A 346 -15.90 1.89 -7.10
C GLU A 346 -15.40 2.38 -5.75
N VAL A 347 -14.28 3.09 -5.77
CA VAL A 347 -13.69 3.65 -4.55
C VAL A 347 -13.81 5.17 -4.61
N ALA A 348 -13.63 5.75 -5.78
CA ALA A 348 -13.80 7.20 -5.88
C ALA A 348 -15.28 7.41 -5.54
N GLU A 349 -16.12 6.45 -5.95
CA GLU A 349 -17.56 6.53 -5.69
C GLU A 349 -17.88 6.27 -4.22
N PHE A 350 -17.09 5.41 -3.57
CA PHE A 350 -17.31 5.08 -2.14
C PHE A 350 -16.95 6.27 -1.24
N LEU A 351 -16.12 7.18 -1.76
CA LEU A 351 -15.68 8.32 -0.95
C LEU A 351 -16.24 9.67 -1.41
N GLY A 352 -17.06 9.64 -2.46
CA GLY A 352 -17.61 10.87 -3.00
C GLY A 352 -16.50 11.67 -3.68
N GLY A 353 -15.59 10.96 -4.35
CA GLY A 353 -14.49 11.65 -5.03
C GLY A 353 -14.25 11.31 -6.49
N ARG A 354 -13.17 11.87 -7.02
CA ARG A 354 -12.76 11.68 -8.42
C ARG A 354 -11.90 10.45 -8.63
N LEU A 355 -11.85 9.94 -9.86
CA LEU A 355 -10.95 8.83 -10.10
C LEU A 355 -9.62 9.58 -9.96
N TYR A 356 -8.64 8.97 -9.29
CA TYR A 356 -7.34 9.57 -9.04
C TYR A 356 -7.36 10.66 -7.96
N ASP A 357 -8.43 10.76 -7.17
CA ASP A 357 -8.47 11.76 -6.09
C ASP A 357 -7.34 11.36 -5.12
N CYS A 358 -6.99 12.27 -4.21
CA CYS A 358 -5.95 11.98 -3.24
C CYS A 358 -6.55 11.82 -1.87
N VAL A 359 -6.09 10.83 -1.10
CA VAL A 359 -6.63 10.66 0.25
C VAL A 359 -5.52 10.99 1.22
N PHE A 360 -5.75 11.99 2.07
CA PHE A 360 -4.80 12.43 3.12
C PHE A 360 -5.72 12.68 4.34
N LYS A 361 -5.93 11.65 5.16
CA LYS A 361 -6.83 11.78 6.30
C LYS A 361 -6.07 11.63 7.61
N PHE A 362 -5.96 12.75 8.28
CA PHE A 362 -5.24 12.87 9.54
C PHE A 362 -6.14 12.84 10.76
N ASN A 363 -5.71 12.09 11.77
CA ASN A 363 -6.44 11.96 13.03
C ASN A 363 -5.41 12.07 14.15
N GLU A 364 -5.53 13.14 14.94
CA GLU A 364 -4.59 13.37 16.03
C GLU A 364 -5.18 12.93 17.36
N VAL A 365 -4.32 12.39 18.21
CA VAL A 365 -4.66 11.91 19.56
C VAL A 365 -5.41 10.60 19.55
MG MG B . 0.58 -1.82 -4.99
MG MG C . -6.25 -4.38 -4.20
N GLU A 6 3.44 -17.23 15.77
CA GLU A 6 3.34 -16.80 14.35
C GLU A 6 3.10 -15.28 14.30
N MET A 7 1.88 -14.87 13.97
CA MET A 7 1.56 -13.45 13.89
C MET A 7 1.00 -12.92 15.20
N VAL A 8 0.72 -11.62 15.22
CA VAL A 8 0.17 -10.94 16.39
C VAL A 8 -0.47 -9.65 15.91
N PRO A 9 -1.32 -9.04 16.74
CA PRO A 9 -1.96 -7.78 16.34
C PRO A 9 -0.94 -6.68 16.24
N PHE A 10 -1.05 -5.82 15.23
CA PHE A 10 -0.13 -4.69 15.14
C PHE A 10 -0.38 -4.04 16.50
N PRO A 11 0.69 -3.70 17.24
CA PRO A 11 0.54 -3.10 18.56
C PRO A 11 0.06 -1.65 18.72
N GLN A 12 -0.41 -1.02 17.64
CA GLN A 12 -0.91 0.34 17.77
C GLN A 12 -2.44 0.41 17.62
N LEU A 13 -3.11 -0.74 17.61
CA LEU A 13 -4.59 -0.76 17.55
C LEU A 13 -5.10 -0.61 19.00
N PRO A 14 -6.27 0.01 19.19
CA PRO A 14 -6.78 0.16 20.56
C PRO A 14 -7.21 -1.22 21.06
N MET A 15 -7.21 -1.42 22.37
CA MET A 15 -7.60 -2.72 22.91
C MET A 15 -9.02 -2.62 23.47
N PRO A 16 -9.81 -3.70 23.34
CA PRO A 16 -9.50 -4.97 22.69
C PRO A 16 -9.63 -4.86 21.15
N ILE A 17 -9.16 -5.88 20.43
CA ILE A 17 -9.24 -5.88 18.97
C ILE A 17 -10.58 -6.46 18.48
N GLU A 18 -11.03 -7.53 19.11
CA GLU A 18 -12.29 -8.19 18.76
C GLU A 18 -13.43 -7.16 18.85
N ASN A 19 -14.15 -6.99 17.76
CA ASN A 19 -15.26 -6.02 17.72
C ASN A 19 -14.73 -4.62 17.97
N ASN A 20 -13.58 -4.32 17.37
CA ASN A 20 -12.94 -3.02 17.49
C ASN A 20 -12.02 -2.81 16.27
N TYR A 21 -11.99 -3.80 15.40
CA TYR A 21 -11.20 -3.73 14.16
C TYR A 21 -11.79 -4.68 13.13
N ARG A 22 -11.94 -4.18 11.91
CA ARG A 22 -12.44 -4.97 10.79
C ARG A 22 -11.53 -4.39 9.70
N ALA A 23 -10.66 -5.22 9.13
CA ALA A 23 -9.71 -4.71 8.15
C ALA A 23 -10.34 -4.05 6.91
N CYS A 24 -11.33 -4.72 6.34
CA CYS A 24 -11.96 -4.23 5.11
C CYS A 24 -12.80 -2.99 5.35
N THR A 25 -12.71 -2.03 4.43
CA THR A 25 -13.41 -0.77 4.59
C THR A 25 -14.84 -0.75 4.09
N ILE A 26 -15.06 -1.37 2.96
CA ILE A 26 -16.38 -1.38 2.33
C ILE A 26 -17.10 -2.72 2.51
N PRO A 27 -18.12 -2.77 3.38
CA PRO A 27 -18.79 -4.08 3.53
C PRO A 27 -19.65 -4.44 2.31
N TYR A 28 -19.55 -5.67 1.82
CA TYR A 28 -20.41 -6.01 0.67
C TYR A 28 -21.60 -6.81 1.19
N ARG A 29 -21.66 -7.01 2.50
CA ARG A 29 -22.75 -7.81 3.04
C ARG A 29 -23.09 -7.49 4.49
N PHE A 30 -24.35 -7.65 4.82
CA PHE A 30 -24.86 -7.41 6.17
C PHE A 30 -25.50 -8.75 6.52
N PRO A 31 -25.46 -9.16 7.80
CA PRO A 31 -26.04 -10.44 8.23
C PRO A 31 -27.50 -10.69 7.80
N SER A 32 -28.34 -9.67 7.81
CA SER A 32 -29.74 -9.84 7.44
C SER A 32 -29.91 -10.00 5.95
N ASP A 33 -28.79 -10.08 5.23
CA ASP A 33 -28.85 -10.25 3.79
C ASP A 33 -29.14 -11.71 3.42
N ASP A 34 -29.89 -11.87 2.33
CA ASP A 34 -30.25 -13.18 1.79
C ASP A 34 -28.95 -13.92 1.51
N PRO A 35 -28.67 -14.98 2.27
CA PRO A 35 -27.42 -15.70 2.01
C PRO A 35 -27.35 -16.59 0.77
N LYS A 36 -28.49 -16.87 0.15
CA LYS A 36 -28.53 -17.75 -1.02
C LYS A 36 -28.17 -17.08 -2.34
N LYS A 37 -27.92 -15.78 -2.29
CA LYS A 37 -27.59 -15.05 -3.51
C LYS A 37 -26.51 -14.03 -3.21
N ALA A 38 -25.77 -13.63 -4.23
CA ALA A 38 -24.73 -12.61 -4.06
C ALA A 38 -25.34 -11.26 -4.40
N THR A 39 -25.40 -10.38 -3.43
CA THR A 39 -25.95 -9.05 -3.64
C THR A 39 -25.37 -8.44 -4.91
N PRO A 40 -26.09 -7.50 -5.54
CA PRO A 40 -25.56 -6.89 -6.77
C PRO A 40 -24.21 -6.29 -6.44
N ASN A 41 -24.04 -5.86 -5.19
CA ASN A 41 -22.77 -5.27 -4.78
C ASN A 41 -21.61 -6.27 -4.69
N GLU A 42 -21.89 -7.49 -4.25
CA GLU A 42 -20.82 -8.50 -4.19
C GLU A 42 -20.36 -8.71 -5.64
N ILE A 43 -21.20 -8.28 -6.58
CA ILE A 43 -20.90 -8.42 -7.99
C ILE A 43 -19.86 -7.39 -8.46
N SER A 44 -19.97 -6.18 -7.93
CA SER A 44 -19.03 -5.12 -8.30
C SER A 44 -17.61 -5.57 -8.05
N TRP A 45 -17.31 -5.93 -6.82
CA TRP A 45 -15.95 -6.32 -6.49
C TRP A 45 -15.54 -7.63 -7.13
N ILE A 46 -16.45 -8.60 -7.20
CA ILE A 46 -16.10 -9.85 -7.87
C ILE A 46 -15.79 -9.46 -9.33
N ASN A 47 -16.70 -8.73 -9.97
CA ASN A 47 -16.46 -8.31 -11.35
C ASN A 47 -15.25 -7.43 -11.52
N VAL A 48 -14.90 -6.64 -10.49
CA VAL A 48 -13.69 -5.83 -10.59
C VAL A 48 -12.52 -6.82 -10.69
N PHE A 49 -12.56 -7.86 -9.83
CA PHE A 49 -11.49 -8.85 -9.85
C PHE A 49 -11.55 -9.76 -11.08
N ALA A 50 -12.73 -10.26 -11.41
CA ALA A 50 -12.80 -11.12 -12.59
C ALA A 50 -12.27 -10.35 -13.81
N ASN A 51 -12.42 -9.02 -13.80
CA ASN A 51 -11.96 -8.16 -14.90
C ASN A 51 -10.48 -7.81 -14.82
N SER A 52 -9.82 -8.31 -13.78
CA SER A 52 -8.39 -8.09 -13.59
C SER A 52 -7.64 -9.25 -14.27
N ILE A 53 -8.30 -10.39 -14.36
CA ILE A 53 -7.67 -11.61 -14.90
C ILE A 53 -6.79 -11.47 -16.14
N PRO A 54 -7.18 -10.61 -17.11
CA PRO A 54 -6.33 -10.47 -18.32
C PRO A 54 -4.93 -9.88 -18.05
N SER A 55 -4.88 -8.83 -17.23
CA SER A 55 -3.59 -8.18 -16.91
C SER A 55 -2.64 -9.11 -16.18
N PHE A 56 -3.13 -9.79 -15.15
CA PHE A 56 -2.31 -10.75 -14.42
C PHE A 56 -1.93 -11.94 -15.32
N LYS A 57 -2.84 -12.35 -16.21
CA LYS A 57 -2.56 -13.47 -17.12
C LYS A 57 -1.40 -13.09 -18.05
N LYS A 58 -1.19 -11.80 -18.26
CA LYS A 58 -0.11 -11.34 -19.12
C LYS A 58 1.25 -11.48 -18.47
N ARG A 59 1.38 -10.93 -17.26
CA ARG A 59 2.63 -10.98 -16.53
C ARG A 59 3.00 -12.44 -16.23
N ALA A 60 1.98 -13.27 -16.05
CA ALA A 60 2.22 -14.68 -15.74
C ALA A 60 2.82 -15.44 -16.93
N GLU A 61 2.28 -15.21 -18.13
CA GLU A 61 2.76 -15.91 -19.31
C GLU A 61 4.10 -15.39 -19.79
N SER A 62 4.45 -14.18 -19.38
CA SER A 62 5.72 -13.58 -19.78
C SER A 62 6.79 -13.93 -18.74
N ASP A 63 6.39 -14.58 -17.67
CA ASP A 63 7.30 -14.97 -16.62
C ASP A 63 8.11 -16.18 -17.10
N ILE A 64 9.09 -15.91 -17.95
CA ILE A 64 9.93 -16.96 -18.54
C ILE A 64 10.72 -17.76 -17.50
N THR A 65 10.75 -17.28 -16.25
CA THR A 65 11.49 -18.01 -15.24
C THR A 65 10.81 -19.35 -14.95
N VAL A 66 9.49 -19.34 -14.78
CA VAL A 66 8.71 -20.55 -14.50
C VAL A 66 8.49 -21.41 -15.75
N PRO A 67 8.62 -22.74 -15.61
CA PRO A 67 8.42 -23.67 -16.73
C PRO A 67 7.01 -23.60 -17.33
N ASP A 68 6.96 -23.52 -18.66
CA ASP A 68 5.71 -23.46 -19.39
C ASP A 68 4.90 -22.28 -18.85
N ALA A 69 5.39 -21.07 -19.11
CA ALA A 69 4.74 -19.85 -18.65
C ALA A 69 3.33 -19.70 -19.22
N PRO A 70 3.17 -19.83 -20.56
CA PRO A 70 1.84 -19.69 -21.16
C PRO A 70 0.80 -20.60 -20.51
N ALA A 71 1.18 -21.83 -20.16
CA ALA A 71 0.24 -22.73 -19.51
C ALA A 71 0.21 -22.47 -17.99
N ARG A 72 1.28 -21.88 -17.47
CA ARG A 72 1.34 -21.58 -16.06
C ARG A 72 0.49 -20.35 -15.80
N ALA A 73 0.19 -19.59 -16.86
CA ALA A 73 -0.63 -18.38 -16.75
C ALA A 73 -2.10 -18.61 -17.11
N GLU A 74 -2.32 -19.45 -18.12
CA GLU A 74 -3.67 -19.77 -18.60
C GLU A 74 -4.50 -20.49 -17.54
N LYS A 75 -3.93 -21.53 -16.93
CA LYS A 75 -4.64 -22.27 -15.90
C LYS A 75 -5.03 -21.35 -14.75
N PHE A 76 -4.17 -20.40 -14.41
CA PHE A 76 -4.49 -19.43 -13.36
C PHE A 76 -5.74 -18.65 -13.77
N ALA A 77 -5.82 -18.26 -15.03
CA ALA A 77 -6.96 -17.47 -15.53
C ALA A 77 -8.27 -18.24 -15.42
N GLU A 78 -8.30 -19.45 -15.95
CA GLU A 78 -9.51 -20.28 -15.90
C GLU A 78 -9.89 -20.64 -14.48
N ARG A 79 -8.89 -20.93 -13.64
CA ARG A 79 -9.18 -21.32 -12.25
C ARG A 79 -9.73 -20.16 -11.43
N TYR A 80 -9.06 -19.03 -11.48
CA TYR A 80 -9.51 -17.87 -10.71
C TYR A 80 -10.83 -17.31 -11.26
N ALA A 81 -11.03 -17.39 -12.57
CA ALA A 81 -12.30 -16.89 -13.13
C ALA A 81 -13.43 -17.79 -12.67
N GLY A 82 -13.12 -19.06 -12.42
CA GLY A 82 -14.14 -19.99 -11.99
C GLY A 82 -14.47 -19.88 -10.50
N ILE A 83 -13.46 -19.55 -9.71
CA ILE A 83 -13.61 -19.38 -8.26
C ILE A 83 -14.52 -18.17 -8.07
N LEU A 84 -14.40 -17.22 -8.98
CA LEU A 84 -15.19 -15.99 -8.92
C LEU A 84 -16.68 -16.22 -9.22
N GLU A 85 -17.01 -16.90 -10.32
CA GLU A 85 -18.42 -17.14 -10.62
C GLU A 85 -18.96 -18.07 -9.52
N ASP A 86 -18.17 -19.01 -9.03
CA ASP A 86 -18.67 -19.85 -7.95
C ASP A 86 -19.22 -18.93 -6.84
N LEU A 87 -18.53 -17.80 -6.63
CA LEU A 87 -18.93 -16.82 -5.61
C LEU A 87 -20.12 -15.95 -6.07
N LYS A 88 -20.24 -15.70 -7.37
CA LYS A 88 -21.33 -14.88 -7.92
C LYS A 88 -22.66 -15.65 -7.98
N LYS A 89 -22.55 -16.96 -8.21
CA LYS A 89 -23.75 -17.80 -8.28
C LYS A 89 -24.01 -18.36 -6.89
N ASP A 90 -22.94 -18.45 -6.09
CA ASP A 90 -22.98 -18.99 -4.73
C ASP A 90 -21.99 -18.24 -3.84
N PRO A 91 -22.48 -17.25 -3.10
CA PRO A 91 -21.63 -16.47 -2.19
C PRO A 91 -20.87 -17.27 -1.14
N GLU A 92 -21.47 -18.35 -0.63
CA GLU A 92 -20.83 -19.14 0.41
C GLU A 92 -19.70 -20.06 -0.03
N SER A 93 -19.41 -20.09 -1.33
CA SER A 93 -18.34 -20.97 -1.83
C SER A 93 -16.95 -20.37 -1.59
N HIS A 94 -15.93 -21.19 -1.75
CA HIS A 94 -14.54 -20.76 -1.61
C HIS A 94 -14.17 -19.95 -0.37
N GLY A 95 -14.93 -20.11 0.71
CA GLY A 95 -14.63 -19.40 1.94
C GLY A 95 -15.41 -18.12 2.16
N GLY A 96 -16.26 -17.76 1.18
CA GLY A 96 -17.04 -16.55 1.30
C GLY A 96 -18.22 -16.67 2.26
N PRO A 97 -19.13 -15.68 2.33
CA PRO A 97 -19.18 -14.43 1.57
C PRO A 97 -17.90 -13.63 1.78
N PRO A 98 -17.18 -13.39 0.69
CA PRO A 98 -15.90 -12.68 0.61
C PRO A 98 -15.93 -11.19 0.99
N ASP A 99 -14.75 -10.63 1.22
CA ASP A 99 -14.60 -9.20 1.48
C ASP A 99 -13.52 -8.63 0.55
N GLY A 100 -12.67 -7.72 1.05
CA GLY A 100 -11.62 -7.12 0.21
C GLY A 100 -10.25 -7.77 0.35
N ILE A 101 -10.23 -8.82 1.15
CA ILE A 101 -9.01 -9.58 1.39
C ILE A 101 -9.15 -10.95 0.75
N LEU A 102 -10.30 -11.62 0.95
CA LEU A 102 -10.46 -12.93 0.36
C LEU A 102 -10.28 -12.85 -1.15
N LEU A 103 -10.82 -11.81 -1.77
CA LEU A 103 -10.67 -11.69 -3.20
C LEU A 103 -9.20 -11.55 -3.60
N CYS A 104 -8.45 -10.65 -2.94
CA CYS A 104 -7.04 -10.55 -3.31
C CYS A 104 -6.18 -11.67 -2.68
N ARG A 105 -6.74 -12.39 -1.72
CA ARG A 105 -5.99 -13.49 -1.08
C ARG A 105 -6.15 -14.79 -1.89
N LEU A 106 -7.37 -15.08 -2.31
CA LEU A 106 -7.59 -16.30 -3.10
C LEU A 106 -6.84 -16.25 -4.43
N ARG A 107 -6.69 -15.04 -4.98
CA ARG A 107 -5.99 -14.79 -6.25
C ARG A 107 -4.50 -15.16 -6.15
N GLU A 108 -3.86 -14.67 -5.09
CA GLU A 108 -2.45 -14.96 -4.86
C GLU A 108 -2.27 -16.47 -4.70
N GLN A 109 -3.27 -17.12 -4.13
CA GLN A 109 -3.16 -18.56 -3.93
C GLN A 109 -3.22 -19.35 -5.22
N VAL A 110 -4.07 -18.94 -6.17
CA VAL A 110 -4.10 -19.69 -7.43
C VAL A 110 -2.75 -19.52 -8.12
N LEU A 111 -2.23 -18.30 -8.13
CA LEU A 111 -0.95 -18.06 -8.76
C LEU A 111 0.17 -18.90 -8.12
N ARG A 112 0.30 -18.80 -6.80
CA ARG A 112 1.37 -19.50 -6.10
C ARG A 112 1.25 -21.00 -6.21
N GLU A 113 0.02 -21.49 -6.15
CA GLU A 113 -0.22 -22.92 -6.27
C GLU A 113 0.50 -23.44 -7.51
N LEU A 114 0.44 -22.65 -8.58
CA LEU A 114 1.06 -22.96 -9.87
C LEU A 114 2.57 -22.77 -9.85
N GLY A 115 3.13 -22.45 -8.68
CA GLY A 115 4.57 -22.29 -8.56
C GLY A 115 5.14 -20.91 -8.81
N PHE A 116 4.36 -19.87 -8.49
CA PHE A 116 4.81 -18.50 -8.66
C PHE A 116 5.23 -17.91 -7.32
N ARG A 117 6.36 -17.20 -7.32
CA ARG A 117 6.88 -16.58 -6.10
C ARG A 117 6.83 -15.06 -6.22
N ASP A 118 7.24 -14.58 -7.39
CA ASP A 118 7.22 -13.15 -7.67
C ASP A 118 7.13 -12.85 -9.14
N ILE A 119 5.91 -12.80 -9.67
CA ILE A 119 5.73 -12.51 -11.08
C ILE A 119 6.11 -11.08 -11.48
N PHE A 120 5.98 -10.12 -10.58
CA PHE A 120 6.35 -8.75 -10.93
C PHE A 120 7.83 -8.48 -10.67
N LYS A 121 8.66 -9.51 -10.80
CA LYS A 121 10.08 -9.28 -10.55
C LYS A 121 10.72 -8.40 -11.61
N LYS A 122 10.41 -8.63 -12.89
CA LYS A 122 11.01 -7.78 -13.92
C LYS A 122 10.53 -6.34 -13.84
N VAL A 123 9.21 -6.14 -13.75
CA VAL A 123 8.65 -4.78 -13.67
C VAL A 123 9.26 -4.00 -12.50
N LYS A 124 9.28 -4.61 -11.31
CA LYS A 124 9.86 -3.96 -10.14
C LYS A 124 11.30 -3.63 -10.47
N ASP A 125 11.94 -4.50 -11.26
CA ASP A 125 13.32 -4.27 -11.64
C ASP A 125 13.50 -3.13 -12.63
N GLU A 126 12.62 -3.04 -13.62
CA GLU A 126 12.72 -2.00 -14.64
C GLU A 126 12.36 -0.63 -14.08
N GLU A 127 11.30 -0.57 -13.28
CA GLU A 127 10.88 0.71 -12.71
C GLU A 127 11.79 1.13 -11.57
N ASN A 128 12.36 0.16 -10.86
CA ASN A 128 13.29 0.48 -9.78
C ASN A 128 14.54 1.09 -10.39
N ALA A 129 15.07 0.47 -11.45
CA ALA A 129 16.28 0.97 -12.10
C ALA A 129 16.13 2.44 -12.46
N LYS A 130 14.97 2.80 -12.97
CA LYS A 130 14.70 4.18 -13.35
C LYS A 130 14.67 5.07 -12.12
N ALA A 131 13.83 4.73 -11.16
CA ALA A 131 13.73 5.55 -9.96
C ALA A 131 15.10 5.76 -9.30
N ILE A 132 15.93 4.73 -9.31
CA ILE A 132 17.25 4.88 -8.68
C ILE A 132 18.06 5.98 -9.34
N SER A 133 17.99 6.07 -10.67
CA SER A 133 18.73 7.11 -11.38
C SER A 133 18.20 8.50 -11.06
N LEU A 134 16.89 8.61 -10.81
CA LEU A 134 16.30 9.92 -10.54
C LEU A 134 16.21 10.28 -9.08
N PHE A 135 16.64 9.40 -8.19
CA PHE A 135 16.51 9.71 -6.77
C PHE A 135 17.29 10.96 -6.39
N PRO A 136 18.60 11.01 -6.72
CA PRO A 136 19.35 12.21 -6.34
C PRO A 136 18.66 13.53 -6.71
N GLN A 137 18.21 13.65 -7.95
CA GLN A 137 17.55 14.88 -8.40
C GLN A 137 16.26 15.14 -7.64
N VAL A 138 15.50 14.08 -7.40
CA VAL A 138 14.24 14.25 -6.70
C VAL A 138 14.48 14.73 -5.29
N VAL A 139 15.45 14.14 -4.61
CA VAL A 139 15.78 14.56 -3.25
C VAL A 139 16.40 15.96 -3.33
N SER A 140 17.00 16.29 -4.48
CA SER A 140 17.61 17.59 -4.64
C SER A 140 16.56 18.69 -4.75
N LEU A 141 15.46 18.39 -5.43
CA LEU A 141 14.38 19.35 -5.63
C LEU A 141 13.57 19.70 -4.39
N SER A 142 13.44 18.77 -3.45
CA SER A 142 12.70 19.10 -2.23
C SER A 142 13.60 19.90 -1.30
N ASP A 143 14.88 19.58 -1.28
CA ASP A 143 15.79 20.30 -0.40
C ASP A 143 15.85 21.78 -0.74
N ALA A 144 15.59 22.14 -1.99
CA ALA A 144 15.65 23.56 -2.37
C ALA A 144 14.57 24.43 -1.74
N ILE A 145 13.37 23.88 -1.58
CA ILE A 145 12.26 24.65 -1.02
C ILE A 145 12.62 25.17 0.35
N GLU A 146 12.40 26.47 0.55
CA GLU A 146 12.75 27.16 1.78
C GLU A 146 11.85 26.88 2.98
N ASP A 147 10.55 27.15 2.84
CA ASP A 147 9.60 26.98 3.93
C ASP A 147 9.38 25.50 4.31
N ASP A 148 9.41 25.20 5.61
CA ASP A 148 9.23 23.84 6.12
C ASP A 148 7.83 23.30 5.82
N GLY A 149 6.82 24.15 6.00
CA GLY A 149 5.45 23.72 5.73
C GLY A 149 5.23 23.45 4.26
N LYS A 150 5.92 24.19 3.40
CA LYS A 150 5.79 24.01 1.97
C LYS A 150 6.60 22.80 1.50
N ARG A 151 7.71 22.50 2.18
CA ARG A 151 8.48 21.34 1.78
C ARG A 151 7.72 20.07 2.16
N LEU A 152 7.03 20.13 3.31
CA LEU A 152 6.23 18.99 3.74
C LEU A 152 5.07 18.80 2.77
N GLU A 153 4.88 19.77 1.89
CA GLU A 153 3.81 19.64 0.93
C GLU A 153 4.37 18.94 -0.31
N ASN A 154 5.48 19.44 -0.85
CA ASN A 154 6.09 18.84 -2.02
C ASN A 154 6.26 17.33 -1.80
N LEU A 155 6.75 16.94 -0.62
CA LEU A 155 6.95 15.50 -0.32
C LEU A 155 5.62 14.74 -0.28
N VAL A 156 4.62 15.30 0.39
CA VAL A 156 3.29 14.65 0.41
C VAL A 156 2.77 14.55 -1.03
N ARG A 157 2.91 15.61 -1.82
CA ARG A 157 2.47 15.54 -3.21
C ARG A 157 3.30 14.48 -3.94
N GLY A 158 4.56 14.31 -3.53
CA GLY A 158 5.40 13.31 -4.15
C GLY A 158 4.92 11.90 -3.80
N ILE A 159 4.25 11.74 -2.66
CA ILE A 159 3.75 10.42 -2.28
C ILE A 159 2.52 10.13 -3.15
N PHE A 160 1.71 11.13 -3.40
CA PHE A 160 0.55 10.88 -4.25
C PHE A 160 0.97 10.52 -5.67
N ALA A 161 1.96 11.22 -6.21
CA ALA A 161 2.46 10.94 -7.57
C ALA A 161 3.15 9.58 -7.66
N GLY A 162 3.73 9.13 -6.55
CA GLY A 162 4.38 7.83 -6.56
C GLY A 162 3.34 6.74 -6.78
N ASN A 163 2.10 6.98 -6.34
CA ASN A 163 1.01 6.00 -6.52
C ASN A 163 0.54 5.83 -7.96
N ILE A 164 0.78 6.84 -8.79
CA ILE A 164 0.36 6.79 -10.19
C ILE A 164 1.46 6.36 -11.17
N PHE A 165 2.58 7.07 -11.15
CA PHE A 165 3.67 6.77 -12.05
C PHE A 165 4.26 5.39 -11.75
N MET A 181 6.22 13.63 -19.85
CA MET A 181 5.69 12.75 -18.81
C MET A 181 6.81 12.19 -17.93
N SER A 182 6.63 12.29 -16.62
CA SER A 182 7.63 11.80 -15.66
C SER A 182 7.08 11.90 -14.25
N PHE A 183 7.78 11.27 -13.31
CA PHE A 183 7.37 11.34 -11.92
C PHE A 183 7.22 12.81 -11.54
N LEU A 184 8.29 13.58 -11.72
CA LEU A 184 8.25 15.00 -11.37
C LEU A 184 7.10 15.77 -12.04
N ALA A 185 6.75 15.39 -13.26
CA ALA A 185 5.64 16.04 -13.96
C ALA A 185 4.34 15.54 -13.35
N SER A 186 4.29 14.24 -13.04
CA SER A 186 3.09 13.65 -12.45
C SER A 186 2.87 14.07 -10.99
N CYS A 187 3.56 15.12 -10.56
CA CYS A 187 3.45 15.64 -9.20
C CYS A 187 2.70 16.97 -9.19
N GLN A 188 2.74 17.67 -10.31
CA GLN A 188 2.09 18.97 -10.38
C GLN A 188 0.76 18.87 -11.09
N ASN A 189 0.33 17.64 -11.36
CA ASN A 189 -0.93 17.43 -12.05
C ASN A 189 -2.00 16.72 -11.23
N LEU A 190 -1.73 16.45 -9.95
CA LEU A 190 -2.72 15.78 -9.11
C LEU A 190 -4.06 16.49 -9.22
N VAL A 191 -5.15 15.76 -9.01
CA VAL A 191 -6.45 16.40 -9.05
C VAL A 191 -6.34 17.62 -8.12
N PRO A 192 -7.05 18.72 -8.44
CA PRO A 192 -6.94 19.88 -7.57
C PRO A 192 -7.63 19.75 -6.22
N ARG A 193 -7.06 20.37 -5.20
CA ARG A 193 -7.65 20.33 -3.87
C ARG A 193 -8.89 21.21 -3.88
N PRO A 194 -9.75 21.06 -2.88
CA PRO A 194 -9.66 20.12 -1.75
C PRO A 194 -9.65 18.65 -2.17
N TRP A 195 -8.78 17.85 -1.56
CA TRP A 195 -8.74 16.43 -1.87
C TRP A 195 -9.98 15.78 -1.23
N VAL A 196 -10.40 14.61 -1.70
CA VAL A 196 -11.61 13.96 -1.19
C VAL A 196 -11.60 13.83 0.33
N ILE A 197 -10.43 13.51 0.87
CA ILE A 197 -10.20 13.47 2.32
C ILE A 197 -8.93 14.32 2.35
N ASP A 198 -9.03 15.47 3.00
CA ASP A 198 -7.93 16.43 3.00
C ASP A 198 -7.62 17.00 4.38
N ASP A 199 -6.79 16.27 5.13
CA ASP A 199 -6.41 16.69 6.48
C ASP A 199 -4.99 17.25 6.51
N LEU A 200 -4.49 17.69 5.36
CA LEU A 200 -3.12 18.20 5.29
C LEU A 200 -2.84 19.41 6.19
N GLU A 201 -3.70 20.43 6.14
CA GLU A 201 -3.49 21.61 6.98
C GLU A 201 -3.28 21.22 8.44
N ASN A 202 -4.14 20.35 8.96
CA ASN A 202 -4.00 19.93 10.35
C ASN A 202 -2.73 19.15 10.60
N PHE A 203 -2.25 18.46 9.56
CA PHE A 203 -1.06 17.65 9.69
C PHE A 203 0.20 18.48 9.70
N GLN A 204 0.19 19.59 8.97
CA GLN A 204 1.37 20.46 8.91
C GLN A 204 1.62 21.04 10.30
N ALA A 205 0.56 21.47 10.97
CA ALA A 205 0.69 22.02 12.30
C ALA A 205 1.48 21.06 13.19
N LYS A 206 1.00 19.83 13.32
CA LYS A 206 1.68 18.83 14.15
C LYS A 206 3.13 18.69 13.74
N TRP A 207 3.36 18.56 12.44
CA TRP A 207 4.70 18.42 11.88
C TRP A 207 5.58 19.64 12.21
N ILE A 208 5.01 20.83 12.11
CA ILE A 208 5.76 22.06 12.38
C ILE A 208 6.17 22.16 13.87
N ASN A 209 5.51 21.41 14.74
CA ASN A 209 5.87 21.40 16.15
C ASN A 209 6.95 20.33 16.35
N LYS A 210 7.02 19.41 15.37
CA LYS A 210 7.96 18.30 15.35
C LYS A 210 8.03 17.60 16.71
N SER A 211 6.93 16.92 17.03
CA SER A 211 6.78 16.20 18.29
C SER A 211 6.83 14.67 18.21
N TRP A 212 6.99 14.08 17.04
CA TRP A 212 7.05 12.61 16.94
C TRP A 212 8.44 12.10 17.21
N LYS A 213 8.54 10.80 17.47
CA LYS A 213 9.83 10.19 17.74
C LYS A 213 10.00 8.87 16.99
N LYS A 214 8.87 8.23 16.68
CA LYS A 214 8.90 6.94 16.01
C LYS A 214 7.81 6.79 14.93
N ALA A 215 8.22 6.72 13.66
CA ALA A 215 7.31 6.54 12.53
C ALA A 215 7.42 5.14 11.93
N VAL A 216 6.29 4.51 11.65
CA VAL A 216 6.25 3.19 11.02
C VAL A 216 5.43 3.47 9.76
N ILE A 217 5.85 2.91 8.63
CA ILE A 217 5.18 3.14 7.33
C ILE A 217 4.92 1.82 6.57
N PHE A 218 3.66 1.53 6.30
CA PHE A 218 3.28 0.35 5.55
C PHE A 218 3.37 0.77 4.09
N VAL A 219 4.43 0.34 3.42
CA VAL A 219 4.68 0.74 2.05
C VAL A 219 4.00 -0.14 1.00
N ASP A 220 3.77 0.52 -0.13
CA ASP A 220 3.05 -0.02 -1.27
C ASP A 220 3.91 -0.50 -2.44
N ASN A 221 3.88 0.23 -3.55
CA ASN A 221 4.59 -0.20 -4.75
C ASN A 221 6.09 0.04 -4.83
N SER A 222 6.72 -0.74 -5.71
CA SER A 222 8.14 -0.60 -5.99
C SER A 222 8.31 0.61 -6.92
N GLY A 223 9.55 0.85 -7.32
CA GLY A 223 9.82 1.93 -8.24
C GLY A 223 9.68 3.37 -7.72
N ALA A 224 9.05 4.22 -8.52
CA ALA A 224 8.90 5.64 -8.15
C ALA A 224 8.18 5.85 -6.83
N ASP A 225 7.35 4.89 -6.46
CA ASP A 225 6.60 5.01 -5.23
C ASP A 225 7.50 4.96 -4.01
N ILE A 226 8.04 3.78 -3.73
CA ILE A 226 8.92 3.65 -2.56
C ILE A 226 10.12 4.61 -2.60
N ILE A 227 10.77 4.75 -3.75
CA ILE A 227 11.98 5.58 -3.85
C ILE A 227 11.81 7.08 -4.08
N LEU A 228 10.87 7.47 -4.93
CA LEU A 228 10.73 8.90 -5.23
C LEU A 228 9.61 9.56 -4.44
N GLY A 229 8.73 8.74 -3.87
CA GLY A 229 7.66 9.27 -3.05
C GLY A 229 8.00 9.02 -1.59
N ILE A 230 8.07 7.74 -1.20
CA ILE A 230 8.35 7.39 0.18
C ILE A 230 9.78 7.63 0.67
N LEU A 231 10.79 7.33 -0.13
CA LEU A 231 12.11 7.51 0.47
C LEU A 231 12.53 8.96 0.76
N PRO A 232 12.01 9.94 0.01
CA PRO A 232 12.42 11.32 0.33
C PRO A 232 11.68 11.77 1.60
N PHE A 233 10.42 11.36 1.71
CA PHE A 233 9.58 11.69 2.86
C PHE A 233 10.25 11.12 4.11
N ALA A 234 10.62 9.85 4.04
CA ALA A 234 11.30 9.18 5.17
C ALA A 234 12.58 9.92 5.55
N ARG A 235 13.26 10.46 4.54
CA ARG A 235 14.51 11.20 4.75
C ARG A 235 14.25 12.50 5.50
N GLU A 236 13.15 13.17 5.19
CA GLU A 236 12.81 14.41 5.87
C GLU A 236 12.57 14.12 7.36
N LEU A 237 11.65 13.19 7.66
CA LEU A 237 11.39 12.82 9.06
C LEU A 237 12.69 12.67 9.84
N LEU A 238 13.63 11.91 9.26
CA LEU A 238 14.91 11.70 9.91
C LEU A 238 15.59 13.03 10.12
N ARG A 239 15.65 13.82 9.05
CA ARG A 239 16.29 15.13 9.06
C ARG A 239 15.71 16.03 10.16
N ARG A 240 14.49 15.71 10.61
CA ARG A 240 13.83 16.49 11.65
C ARG A 240 13.95 15.83 13.02
N GLY A 241 14.62 14.69 13.06
CA GLY A 241 14.86 14.00 14.33
C GLY A 241 14.07 12.75 14.64
N ALA A 242 13.15 12.36 13.77
CA ALA A 242 12.38 11.16 14.06
C ALA A 242 13.06 9.87 13.63
N GLN A 243 12.62 8.77 14.21
CA GLN A 243 13.08 7.43 13.86
C GLN A 243 11.97 7.03 12.84
N VAL A 244 12.28 6.17 11.89
CA VAL A 244 11.29 5.74 10.90
C VAL A 244 11.50 4.28 10.56
N VAL A 245 10.42 3.51 10.64
CA VAL A 245 10.46 2.09 10.32
C VAL A 245 9.63 1.89 9.03
N LEU A 246 10.23 1.31 7.98
CA LEU A 246 9.46 1.07 6.75
C LEU A 246 9.07 -0.41 6.75
N ALA A 247 7.77 -0.66 6.79
CA ALA A 247 7.24 -2.02 6.84
C ALA A 247 6.76 -2.46 5.47
N ALA A 248 7.40 -3.50 4.93
CA ALA A 248 7.06 -4.02 3.60
C ALA A 248 6.69 -5.50 3.61
N ASN A 249 5.84 -5.91 2.67
CA ASN A 249 5.42 -7.31 2.55
C ASN A 249 6.62 -8.24 2.63
N GLU A 250 6.33 -9.46 3.01
CA GLU A 250 7.37 -10.48 3.06
C GLU A 250 7.40 -11.15 1.69
N LEU A 251 6.21 -11.39 1.16
CA LEU A 251 6.04 -12.06 -0.13
C LEU A 251 5.52 -11.17 -1.24
N PRO A 252 6.06 -11.35 -2.44
CA PRO A 252 5.65 -10.56 -3.60
C PRO A 252 4.13 -10.65 -3.84
N SER A 253 3.49 -9.49 -3.92
CA SER A 253 2.07 -9.38 -4.23
C SER A 253 2.10 -8.19 -5.21
N ILE A 254 1.60 -8.39 -6.44
CA ILE A 254 1.62 -7.37 -7.49
C ILE A 254 3.06 -6.81 -7.57
N ASN A 255 3.19 -5.50 -7.82
CA ASN A 255 4.53 -4.92 -7.91
C ASN A 255 4.94 -4.30 -6.59
N ASP A 256 4.22 -4.67 -5.52
CA ASP A 256 4.53 -4.14 -4.21
C ASP A 256 5.92 -4.53 -3.77
N ILE A 257 6.57 -3.62 -3.06
CA ILE A 257 7.94 -3.86 -2.62
C ILE A 257 7.97 -4.89 -1.49
N THR A 258 9.15 -5.47 -1.19
CA THR A 258 9.22 -6.45 -0.11
C THR A 258 10.27 -5.96 0.88
N CYS A 259 10.24 -6.51 2.09
CA CYS A 259 11.17 -6.13 3.14
C CYS A 259 12.64 -6.26 2.74
N THR A 260 12.96 -7.36 2.07
CA THR A 260 14.34 -7.61 1.62
C THR A 260 14.64 -6.75 0.40
N GLU A 261 13.66 -6.60 -0.49
CA GLU A 261 13.85 -5.81 -1.69
C GLU A 261 14.18 -4.37 -1.27
N LEU A 262 13.45 -3.85 -0.27
CA LEU A 262 13.67 -2.47 0.21
C LEU A 262 15.09 -2.37 0.78
N THR A 263 15.61 -3.52 1.19
CA THR A 263 16.96 -3.60 1.71
C THR A 263 17.92 -3.64 0.54
N GLU A 264 17.59 -4.45 -0.46
CA GLU A 264 18.45 -4.56 -1.64
C GLU A 264 18.39 -3.26 -2.46
N ILE A 265 17.40 -2.42 -2.19
CA ILE A 265 17.27 -1.13 -2.88
C ILE A 265 17.84 0.04 -2.06
N LEU A 266 17.83 -0.07 -0.72
CA LEU A 266 18.35 1.00 0.14
C LEU A 266 19.89 1.01 0.08
N SER A 267 20.48 -0.18 0.01
CA SER A 267 21.93 -0.30 -0.09
C SER A 267 22.40 0.42 -1.34
N GLN A 268 21.62 0.30 -2.40
CA GLN A 268 21.97 0.91 -3.67
C GLN A 268 21.84 2.43 -3.73
N LEU A 269 21.21 3.03 -2.71
CA LEU A 269 21.02 4.49 -2.68
C LEU A 269 21.84 5.22 -1.63
N LYS A 270 22.46 4.47 -0.72
CA LYS A 270 23.23 5.05 0.38
C LYS A 270 24.33 6.01 -0.05
N ASN A 273 28.98 6.78 3.65
CA ASN A 273 28.86 7.01 5.09
C ASN A 273 27.55 6.42 5.59
N GLY A 274 26.90 5.64 4.73
CA GLY A 274 25.63 5.04 5.10
C GLY A 274 24.56 6.11 5.11
N GLN A 275 24.87 7.25 4.51
CA GLN A 275 23.93 8.36 4.46
C GLN A 275 23.10 8.31 3.19
N LEU A 276 21.86 8.79 3.27
CA LEU A 276 21.01 8.84 2.09
C LEU A 276 21.20 10.27 1.60
N LEU A 277 22.02 10.42 0.56
CA LEU A 277 22.31 11.74 0.00
C LEU A 277 22.65 12.72 1.11
N GLY A 278 23.61 12.36 1.95
CA GLY A 278 24.02 13.23 3.03
C GLY A 278 23.21 13.21 4.31
N VAL A 279 22.28 12.25 4.45
CA VAL A 279 21.47 12.17 5.66
C VAL A 279 21.73 10.88 6.44
N ASP A 280 21.97 11.04 7.74
CA ASP A 280 22.25 9.92 8.64
C ASP A 280 21.01 9.03 8.68
N THR A 281 21.24 7.72 8.53
CA THR A 281 20.17 6.73 8.52
C THR A 281 20.12 5.81 9.73
N SER A 282 21.01 6.00 10.69
CA SER A 282 20.99 5.14 11.86
C SER A 282 19.68 5.21 12.67
N LYS A 283 18.68 5.93 12.14
CA LYS A 283 17.37 6.04 12.81
C LYS A 283 16.25 5.52 11.92
N LEU A 284 16.65 4.96 10.77
CA LEU A 284 15.74 4.36 9.81
C LEU A 284 15.81 2.83 9.97
N LEU A 285 14.66 2.17 10.06
CA LEU A 285 14.62 0.71 10.22
C LEU A 285 13.63 0.05 9.26
N ILE A 286 14.06 -1.04 8.61
CA ILE A 286 13.21 -1.78 7.67
C ILE A 286 12.60 -2.99 8.39
N ALA A 287 11.28 -3.15 8.29
CA ALA A 287 10.59 -4.26 8.95
C ALA A 287 9.84 -5.13 7.96
N ASN A 288 9.85 -6.44 8.24
CA ASN A 288 9.15 -7.43 7.44
C ASN A 288 7.75 -7.58 8.06
N SER A 289 6.70 -7.45 7.25
CA SER A 289 5.33 -7.59 7.74
C SER A 289 4.84 -9.02 7.55
N GLY A 290 5.49 -9.72 6.62
CA GLY A 290 5.09 -11.08 6.34
C GLY A 290 3.77 -11.10 5.58
N ASN A 291 3.41 -10.00 4.91
CA ASN A 291 2.14 -9.96 4.16
C ASN A 291 2.33 -10.44 2.72
N ASP A 292 1.28 -11.02 2.13
CA ASP A 292 1.38 -11.51 0.77
C ASP A 292 0.23 -11.01 -0.12
N LEU A 293 -0.35 -9.88 0.27
CA LEU A 293 -1.46 -9.25 -0.46
C LEU A 293 -1.14 -7.75 -0.51
N PRO A 294 -2.00 -6.95 -1.17
CA PRO A 294 -1.78 -5.50 -1.26
C PRO A 294 -2.48 -4.75 -0.10
N VAL A 295 -3.60 -5.29 0.38
CA VAL A 295 -4.35 -4.70 1.49
C VAL A 295 -3.76 -5.29 2.78
N ILE A 296 -4.00 -4.67 3.94
CA ILE A 296 -3.46 -5.25 5.18
C ILE A 296 -4.44 -5.24 6.34
N ASP A 297 -4.53 -6.41 6.99
CA ASP A 297 -5.35 -6.65 8.18
C ASP A 297 -4.37 -6.51 9.33
N LEU A 298 -4.27 -5.29 9.88
CA LEU A 298 -3.32 -4.96 10.93
C LEU A 298 -3.47 -5.71 12.25
N SER A 299 -4.36 -6.69 12.27
CA SER A 299 -4.50 -7.50 13.50
C SER A 299 -3.57 -8.71 13.43
N ARG A 300 -3.04 -8.96 12.23
CA ARG A 300 -2.13 -10.08 12.01
C ARG A 300 -0.82 -9.62 11.37
N VAL A 301 0.09 -9.14 12.20
CA VAL A 301 1.40 -8.70 11.70
C VAL A 301 2.49 -9.45 12.46
N SER A 302 3.73 -9.08 12.19
CA SER A 302 4.87 -9.75 12.79
C SER A 302 5.46 -9.19 14.06
N GLN A 303 6.04 -10.10 14.86
CA GLN A 303 6.71 -9.76 16.10
C GLN A 303 7.79 -8.78 15.70
N GLU A 304 8.35 -8.99 14.52
CA GLU A 304 9.38 -8.09 13.99
C GLU A 304 8.79 -6.67 14.00
N LEU A 305 7.64 -6.50 13.34
CA LEU A 305 6.97 -5.20 13.28
C LEU A 305 6.30 -4.84 14.60
N ALA A 306 5.68 -5.83 15.24
CA ALA A 306 5.01 -5.61 16.51
C ALA A 306 6.04 -5.03 17.48
N TYR A 307 7.21 -5.68 17.58
CA TYR A 307 8.27 -5.16 18.44
C TYR A 307 8.76 -3.80 17.95
N LEU A 308 8.97 -3.65 16.65
CA LEU A 308 9.45 -2.39 16.09
C LEU A 308 8.43 -1.24 16.13
N SER A 309 7.15 -1.55 16.36
CA SER A 309 6.12 -0.52 16.40
C SER A 309 5.57 -0.31 17.79
N SER A 310 6.09 -1.04 18.78
CA SER A 310 5.60 -0.90 20.15
C SER A 310 5.83 0.48 20.77
N ASP A 311 6.68 1.32 20.17
CA ASP A 311 6.86 2.67 20.73
C ASP A 311 6.56 3.75 19.69
N ALA A 312 6.17 3.32 18.49
CA ALA A 312 5.87 4.29 17.45
C ALA A 312 4.78 5.26 17.88
N ASP A 313 4.88 6.51 17.43
CA ASP A 313 3.85 7.50 17.72
C ASP A 313 3.29 8.08 16.40
N LEU A 314 3.67 7.46 15.28
CA LEU A 314 3.15 7.83 13.95
C LEU A 314 3.29 6.68 12.94
N VAL A 315 2.16 6.01 12.69
CA VAL A 315 2.06 4.91 11.75
C VAL A 315 1.30 5.39 10.52
N ILE A 316 1.81 5.03 9.35
CA ILE A 316 1.20 5.44 8.08
C ILE A 316 0.65 4.22 7.36
N VAL A 317 -0.40 4.39 6.56
CA VAL A 317 -0.94 3.27 5.83
C VAL A 317 -0.93 3.83 4.40
N GLU A 318 0.07 3.44 3.61
CA GLU A 318 0.24 3.96 2.24
C GLU A 318 -0.35 3.15 1.10
N GLY A 319 -0.91 3.88 0.13
CA GLY A 319 -1.47 3.26 -1.05
C GLY A 319 -2.94 2.89 -0.93
N MET A 320 -3.58 2.63 -2.07
CA MET A 320 -4.99 2.28 -2.05
C MET A 320 -5.32 1.00 -1.27
N GLY A 321 -4.68 -0.11 -1.61
CA GLY A 321 -4.99 -1.35 -0.89
C GLY A 321 -4.99 -1.31 0.64
N ARG A 322 -3.88 -0.83 1.22
CA ARG A 322 -3.69 -0.78 2.68
C ARG A 322 -4.46 0.24 3.52
N GLY A 323 -4.63 1.47 2.99
CA GLY A 323 -5.29 2.53 3.75
C GLY A 323 -6.69 2.95 3.37
N ILE A 324 -7.15 2.55 2.19
CA ILE A 324 -8.49 2.88 1.72
C ILE A 324 -9.44 1.66 1.70
N GLU A 325 -9.11 0.64 0.90
CA GLU A 325 -9.92 -0.59 0.83
C GLU A 325 -9.85 -1.24 2.21
N THR A 326 -8.65 -1.34 2.76
CA THR A 326 -8.55 -1.83 4.13
C THR A 326 -8.08 -0.66 4.97
N ASN A 327 -8.38 -0.73 6.26
CA ASN A 327 -7.91 0.23 7.25
C ASN A 327 -8.28 1.72 7.22
N LEU A 328 -9.03 2.20 6.25
CA LEU A 328 -9.36 3.64 6.25
C LEU A 328 -10.11 4.14 7.50
N TYR A 329 -10.80 3.24 8.21
CA TYR A 329 -11.52 3.67 9.40
C TYR A 329 -11.01 3.08 10.71
N ALA A 330 -9.87 2.38 10.66
CA ALA A 330 -9.32 1.81 11.90
C ALA A 330 -8.70 2.92 12.75
N GLN A 331 -9.16 3.02 13.98
CA GLN A 331 -8.62 4.03 14.89
C GLN A 331 -7.39 3.42 15.53
N PHE A 332 -6.40 4.25 15.82
CA PHE A 332 -5.16 3.79 16.43
C PHE A 332 -4.96 4.41 17.81
N LYS A 333 -4.12 3.78 18.63
CA LYS A 333 -3.80 4.27 19.96
C LYS A 333 -2.80 5.43 19.79
N CYS A 334 -2.31 5.61 18.56
CA CYS A 334 -1.35 6.65 18.25
C CYS A 334 -1.77 7.37 16.98
N ASP A 335 -0.99 8.34 16.55
CA ASP A 335 -1.27 9.06 15.31
C ASP A 335 -1.13 8.06 14.17
N SER A 336 -1.99 8.17 13.15
CA SER A 336 -1.94 7.30 12.01
C SER A 336 -2.29 8.09 10.76
N LEU A 337 -1.72 7.64 9.65
CA LEU A 337 -1.94 8.25 8.35
C LEU A 337 -2.23 7.16 7.34
N LYS A 338 -3.29 7.37 6.56
CA LYS A 338 -3.71 6.48 5.48
C LYS A 338 -3.65 7.48 4.36
N ILE A 339 -2.66 7.31 3.51
CA ILE A 339 -2.42 8.24 2.41
C ILE A 339 -2.20 7.46 1.11
N GLY A 340 -3.09 7.64 0.13
CA GLY A 340 -2.89 6.94 -1.11
C GLY A 340 -3.84 7.49 -2.14
N MET A 341 -3.55 7.24 -3.41
CA MET A 341 -4.46 7.74 -4.45
C MET A 341 -5.53 6.72 -4.79
N VAL A 342 -6.72 7.20 -5.17
CA VAL A 342 -7.85 6.33 -5.56
C VAL A 342 -7.62 5.90 -7.01
N LYS A 343 -7.46 4.60 -7.23
CA LYS A 343 -7.17 4.07 -8.57
C LYS A 343 -8.17 3.06 -9.14
N HIS A 344 -9.36 2.99 -8.54
CA HIS A 344 -10.44 2.10 -8.99
C HIS A 344 -11.73 2.92 -8.94
N LEU A 345 -12.48 3.00 -10.04
CA LEU A 345 -13.73 3.73 -10.01
C LEU A 345 -14.65 3.24 -8.87
N GLU A 346 -14.49 1.99 -8.44
CA GLU A 346 -15.34 1.49 -7.37
C GLU A 346 -14.96 2.15 -6.05
N VAL A 347 -13.67 2.42 -5.89
CA VAL A 347 -13.21 3.08 -4.68
C VAL A 347 -13.72 4.52 -4.68
N ALA A 348 -13.55 5.22 -5.80
CA ALA A 348 -14.04 6.59 -5.86
C ALA A 348 -15.52 6.65 -5.50
N GLU A 349 -16.30 5.71 -6.04
CA GLU A 349 -17.73 5.70 -5.79
C GLU A 349 -18.07 5.69 -4.31
N PHE A 350 -17.74 4.60 -3.62
CA PHE A 350 -17.99 4.47 -2.17
C PHE A 350 -17.52 5.72 -1.42
N LEU A 351 -16.39 6.30 -1.84
CA LEU A 351 -15.82 7.49 -1.21
C LEU A 351 -16.59 8.76 -1.51
N GLY A 352 -17.28 8.73 -2.65
CA GLY A 352 -18.05 9.90 -3.10
C GLY A 352 -17.10 10.93 -3.69
N GLY A 353 -16.00 10.43 -4.24
CA GLY A 353 -14.98 11.27 -4.85
C GLY A 353 -14.78 11.02 -6.35
N ARG A 354 -13.58 11.33 -6.85
CA ARG A 354 -13.22 11.19 -8.26
C ARG A 354 -12.21 10.06 -8.49
N LEU A 355 -12.18 9.49 -9.69
CA LEU A 355 -11.15 8.48 -9.96
C LEU A 355 -9.89 9.33 -9.85
N TYR A 356 -8.81 8.75 -9.33
CA TYR A 356 -7.53 9.42 -9.10
C TYR A 356 -7.59 10.45 -7.97
N ASP A 357 -8.70 10.51 -7.24
CA ASP A 357 -8.78 11.44 -6.10
C ASP A 357 -7.75 10.95 -5.09
N CYS A 358 -7.25 11.86 -4.25
CA CYS A 358 -6.26 11.49 -3.24
C CYS A 358 -6.88 11.36 -1.87
N VAL A 359 -6.34 10.45 -1.05
CA VAL A 359 -6.84 10.31 0.33
C VAL A 359 -5.66 10.65 1.24
N PHE A 360 -5.85 11.62 2.13
CA PHE A 360 -4.84 12.02 3.12
C PHE A 360 -5.67 12.05 4.41
N LYS A 361 -5.79 10.89 5.04
CA LYS A 361 -6.59 10.77 6.25
C LYS A 361 -5.66 10.64 7.45
N PHE A 362 -5.84 11.57 8.39
CA PHE A 362 -5.02 11.66 9.61
C PHE A 362 -5.92 11.72 10.85
N ASN A 363 -5.47 11.08 11.92
CA ASN A 363 -6.18 11.05 13.20
C ASN A 363 -5.19 11.61 14.23
N GLU A 364 -5.64 12.51 15.10
CA GLU A 364 -4.73 13.10 16.08
C GLU A 364 -5.24 13.07 17.51
N VAL A 365 -4.90 12.02 18.25
CA VAL A 365 -5.29 11.89 19.66
C VAL A 365 -6.79 11.91 19.95
MG MG B . 0.58 -1.85 -5.01
MG MG C . -6.25 -4.38 -4.20
#